data_5BK4
#
_entry.id   5BK4
#
_cell.length_a   1
_cell.length_b   1
_cell.length_c   1
_cell.angle_alpha   90.00
_cell.angle_beta   90.00
_cell.angle_gamma   90.00
#
_symmetry.space_group_name_H-M   'P 1'
#
loop_
_entity.id
_entity.type
_entity.pdbx_description
1 polymer 'DNA replication licensing factor MCM2'
2 polymer 'DNA replication licensing factor MCM3'
3 polymer 'DNA replication licensing factor MCM4'
4 polymer 'DNA replication licensing factor MCM5'
5 polymer 'DNA replication licensing factor MCM6'
6 polymer 'DNA replication licensing factor MCM7'
7 polymer 'DNA (60-mer), strand 1'
8 polymer 'DNA (60-mer), strand 2'
9 non-polymer "ADENOSINE-5'-DIPHOSPHATE"
#
loop_
_entity_poly.entity_id
_entity_poly.type
_entity_poly.pdbx_seq_one_letter_code
_entity_poly.pdbx_strand_id
1 'polypeptide(L)'
;MSDNRRRRREEDDSDSENELPPSSPQQHFRGGMNPVSSPIGSPDMINPEGDDNEVDDVPDIDEVEEQMNEVDLMDDNMYE
DYAADHNRDRYDPDQVDDREQQELSLSERRRIDAQLNERDRLLRNVAYIDDEDEEQEGAAQLDEMGLPVQRRRRRRQYED
LENSDDDLLSDMDIDPLREELTLESLSNVKANSYSEWITQPNVSRTIARELKSFLLEYTDETGRSVYGARIRTLGEMNSE
SLEVNYRHLAESKAILALFLAKCPEEMLKIFDLVAMEATELHYPDYARIHSEIHVRISDFPTIYSLRELRESNLSSLVRV
TGVVTRRTGVFPQLKYVKFNCLKCGSILGPFFQDSNEEIRISFCTNCKSKGPFRVNGEKTVYRNYQRVTLQEAPGTVPPG
RLPRHREVILLADLVDVSKPGEEVEVTGIYKNNYDGNLNAKNGFPVFATIIEANSIKRREGNTANEGEEGLDVFSWTEEE
EREFRKISRDRGIIDKIISSMAPSIYGHRDIKTAVACSLFGGVPKNVNGKHSIRGDINVLLLGDPGTAKSQILKYVEKTA
HRAVFATGQGASAVGLTASVRKDPITKEWTLEGGALVLADKGVCLIDEFDKMNDQDRTSIHEAMEQQSISISKAGIVTTL
QARCSIIAAANPNGGRYNSTLPLAQNVSLTEPILSRFDILCVVRDLVDEEADERLATFVVDSHVRSHPENDEDREGEELK
NNGESAIEQGEDEINEQLNARQRRLQRQRKKEEEISPIPQELLMKYIHYARTKIYPKLHQMDMDKVSRVYADLRRESIST
GSFPITVRHLESILRIAESFAKMRLSEFVSSYDLDRAIKVVVDSFVDAQKVSVRRQLRRSFAIYTLGH
;
2,A
2 'polypeptide(L)'
;MEGSTGFDGDATTFFAPDAVFGDRVRRFQEFLDTFTSYRDSVRSIQVYNSNNAANYNDDQDDADERDLLGDDDGDDLEKE
KKAASSTSLNILPHRIIISLDDLREFDRSFWSGILVEPAYFIPPAEKALTDLADSMDDVPHPNASAVSSRHPWKLSFKGS
FGAHALSPRTLTAQHLNKLVSVEGIVTKTSLVRPKLIRSVHYAAKTGRFHYRDYTDATTTLTTRIPTPAIYPTEDTEGNK
LTTEYGYSTFIDHQRITVQEMPEMAPAGQLPRSIDVILDDDLVDKTKPGDRVNVVGVFKSLGAGGMNQSNSNTLIGFKTL
ILGNTVYPLHARSTGVAARQMLTDFDIRNINKLSKKKDIFDILSQSLAPSIYGHDHIKKAILLMLMGGVEKNLENGSHLR
GDINILMVGDPSTAKSQLLRFVLNTASLAIATTGRGSSGVGLTAAVTTDRETGERRLEAGAMVLADRGVVCIDEFDKMTD
VDRVAIHEVMEQQTVTIAKAGIHTTLNARCSVIAAANPVFGQYDVNRDPHQNIALPDSLLSRFDLLFVVTDDINEIRDRS
ISEHVLRTHRYLPPGYLEGEPVRERLNLSLAVGEDADINPEEHSNSGAGVENEGEDDEDHVFEKFNPLLQAGAKLAKNKG
NYNGTEIPKLVTIPFLRKYVQYAKERVIPQLTQEAINVIVKNYTDLRNDDNTKKSPITARTLETLIRLATAHAKVRLSKT
VNKVDAKVAANLLRFALLGEDIGNDIDEEESEYEEALSKRSPQKSPKKRQRVRQPASNSGSPIKSTPRRSTASSVNATPS
SARRILRFQDDEQNAGEDDNDIMSPLPADEEAELQRRLQLGLRVSPRRREHLHAPEEGSSGPLTEVGTPRLPNVSSAGQD
DEQQQSVISFDNVEPGTISTGRLSLISGIIARLMQTEIFEEESYPVASLFERINEELPEEEKFSAQEYLAGLKIMSDRNN
LMVADDKVWRV
;
3,B
3 'polypeptide(L)'
;MSQQSSSPTKEDNNSSSPVVPNPDSVPPQLSSPALFYSSSSSQGDIYGRNNSQNLSQGEGNIRAAIGSSPLNFPSSSQRQ
NSDVFQSQGRQGRIRSSASASGRSRYHSDLRSDRALPTSSSSLGRNGQNRVHMRRNDIHTSDLSSPRRIVDFDTRSGVNT
LDTSSSSAPPSEASEPLRIIWGTNVSIQECTTNFRNFLMSFKYKFRKILDEREEFINNTTDEELYYIKQLNEMRELGTSN
LNLDARNLLAYKQTEDLYHQLLNYPQEVISIMDQTIKDCMVSLIVDNNLDYDLDEIETKFYKVRPYNVGSCKGMRELNPN
DIDKLINLKGLVLRSTPVIPDMKVAFFKCNVCDHTMAVEIDRGVIQEPARCERIDCNEPNSMSLIHNRCSFADKQVIKLQ
ETPDFVPDGQTPHSISLCVYDELVDSCRAGDRIEVTGTFRSIPIRANSRQRVLKSLYKTYVDVVHVKKVSDKRLDVDTST
IEQELMQNKVDHNEVEEVRQITDQDLAKIREVAAREDLYSLLARSIAPSIYELEDVKKGILLQLFGGTNKTFTKGGRYRG
DINILLCGDPSTSKSQILQYVHKITPRGVYTSGKGSSAVGLTAYITRDVDTKQLVLESGALVLSDGGVCCIDEFDKMSDS
TRSVLHEVMEQQTISIAKAGIITTLNARSSILASANPIGSRYNPNLPVTENIDLPPPLLSRFDLVYLVLDKVDEKNDREL
AKHLTNLYLEDKPEHISQDDVLPVEFLTMYISYAKEHIHPIITEAAKTELVRAYVGMRKMGDDSRSDEKRITATTRQLES
MIRLAEAHAKMKLKNVVELEDVQEAVRLIRSAIKDYATDPKTGKIDMNLVQTGKSVIQRKLQEDLSREIMNVLKDQASDS
MSFNELIKQINEHSQDRVESSDIQEALSRLQQEDKVIVLGEGVRRSVRLNNRV
;
4,C
4 'polypeptide(L)'
;MSFDRPEIYSAPVLQGESPNDDDNTEIIKSFKNFILEFRLDSQFIYRDQLRNNILVKNYSLTVNMEHLIGYNEDIYKKLS
DEPSDIIPLFETAITQVAKRISILSRAQSANNNDKDPENTSMDTDSLLLNSLPTFQLILNSNANQIPLRDLDSEHVSKIV
RLSGIIISTSVLSSRATYLSIMCRNCRHTTSITINNFNSITGNTVSLPRSCLSTIESESSMANESNIGDESTKKNCGPDP
YIIIHESSKFIDQQFLKLQEIPELVPVGEMPRNLTMTCDRYLTNKVIPGTRVTIVGIYSIYNSKNGAGSGRSGGGNGGSG
VAIRTPYIKILGIQSDVETSSIWNSVTMFTEEEEEEFLQLSRNPKLYEILTNSIAPSIFGNEDIKKAIVCLLMGGSKKIL
PDGMRLRGDINVLLLGDPGTAKSQLLKFVEKVSPIAVYTSGKGSSAAGLTASVQRDPMTREFYLEGGAMVLADGGVVCID
EFDKMRDEDRVAIHEAMEQQTISIAKAGITTVLNSRTSVLAAANPIYGRYDDLKSPGDNIDFQTTILSRFDMIFIVKDDH
NEERDISIANHVINIHTGNANAMQNQQEENGSEISIEKMKRYITYCRLKCAPRLSPQAAEKLSSNFVTIRKQLLINELES
TERSSIPITIRQLEAIIRITESLAKLELSPIAQERHVDEAIRLFQASTMDAASQDPIGGLNQASGTSLSEIRRFEQELKR
RLPIGWSTSYQTLRREFVDTHRFSQLALDKALYALEKHETIQLRHQGQNIYRSGV
;
5,D
5 'polypeptide(L)'
;MSSPFPADTPSSNRPSNSSPPPSSIGAGFGSSSGLDSQIGSRLHFPSSSQPHVSNSQTGPFVNDSTQFSSQRLQTDGSAT
NDMEGNEPARSFKSRALNHVKKVDDVTGEKVREAFEQFLEDFSVQSTDTGEVEKVYRAQIEFMKIYDLNTIYIDYQHLSM
RENGALAMAISEQYYRFLPFLQKGLRRVVRKYAPELLNTSDSLKRSEGDEGQADEDEQQDDDMNGSSLPRDSGSSAAPGN
GTSAMATRSITTSTSPEQTERVFQISFFNLPTVHRIRDIRSEKIGSLLSISGTVTRTSEVRPELYKASFTCDMCRAIVDN
VEQSFKYTEPTFCPNPSCENRAFWTLNVTRSRFLDWQKVRIQENANEIPTGSMPRTLDVILRGDSVERAKPGDRCKFTGV
EIVVPDVTQLGLPGVKPSSTLDTRGISKTTEGLNSGVTGLRSLGVRDLTYKISFLACHVISIGSNIGASSPDANSNNRET
ELQMAANLQANNVYQDNERDQEVFLNSLSSDEINELKEMVKDEHIYDKLVRSIAPAVFGHEAVKKGILLQMLGGVHKSTV
EGIKLRGDINICVVGDPSTSKSQFLKYVVGFAPRSVYTSGKASSAAGLTAAVVRDEEGGDYTIEAGALMLADNGICCIDE
FDKMDISDQVAIHEAMEQQTISIAKAGIHATLNARTSILAAANPVGGRYNRKLSLRGNLNMTAPIMSRFDLFFVILDDCN
EKIDTELASHIVDLHMKRDEAIEPPFSAEQLRRYIKYARTFKPILTKEARSYLVEKYKELRKDDAQGFSRSSYRITVRQL
ESMIRLSEAIARANCVDEITPSFIAEAYDLLRQSIIRVDVDDVEMDEEFDNIESQSHAASGNNDDNDDGTGSGVITSEPP
ADIEEGQSEATARPGTSEKKKTTVTYDKYVSMMNMIVRKIAEVDREGAEELTAVDIVDWYLLQKENDLGSLAEYWEERRL
AFKVIKRLVKDRILMEIHGTRHNLRDLENEENENNKTVYVIHPNCEVLDQLEPQDSS
;
6,E
6 'polypeptide(L)'
;MSAALPSIQLPVDYNNLFNEITDFLVTFKQDTLSSDATRNENEDENLDAENIEQHLLEKGPKYMAMLQKVANRELNSVII
DLDDILQYQNEKFLQGTQADDLVSAIQQNANHFTELFCRAIDNNMPLPTKEIDYKDDVLDVILNQRRLRNERMLSDRTNE
IRSENLMDTTMDPPSSMNDALREVVEDETELFPPNLTRRYFLYFKPLSQNCARRYRKKAISSKPLSVRQIKGDFLGQLIT
VRGIITRVSDVKPAVEVIAYTCDQCGYEVFQEVNSRTFTPLSECTSEECSQNQTKGQLFMSTRASKFSAFQECKIQELSQ
QVPVGHIPRSLNIHVNGTLVRSLSPGDIVDVTGIFLPAPYTGFKALKAGLLTETYLEAQFVRQHKKKFASFSLTSDVEER
VMELITSGDVYNRLAKSIAPEIYGNLDVKKALLLLLVGGVDKRVGDGMKIRGDINVCLMGDPGVAKSQLLKAICKISPRG
VYTTGKGSSGVGLTAAVMKDPVTDEMILEGGALVLADNGICCIDEFDKMDESDRTAIHEVMEQQTISISKAGINTTLNAR
TSILAAANPLYGRYNPRLSPLDNINLPAALLSRFDILFLMLDIPSRDDDEKLAEHVTYVHMHNKQPDLDFTPVEPSKMRE
YIAYAKTKRPVMSEAVNDYVVQAYIRLRQDSKREMDSKFSFGQATPRTLLGIIRLSQALAKLRLADMVDIDDVEEALRLV
RVSKESLYQETNKSKEDESPTTKIFTIIKKMLQETGKNTLSYENIVKTVRLRGFTMLQLSNCIQEYSYLNVWHLINEGNT
LKFVDDGTMDTDQEDSLVSTPKLAPQTTASANVSAQDSDIDLQDA
;
7,F
7 'polydeoxyribonucleotide'
;(DC)(DA)(DG)(DT)(DC)(DA)(DG)(DT)(DC)(DA)(DG)(DT)(DC)(DA)(DG)(DT)(DC)(DA)(DG)(DT)
(DC)(DA)(DG)(DT)(DC)(DA)(DG)(DT)(DC)(DA)(DG)(DT)(DC)(DA)(DG)(DT)(DC)(DA)(DG)(DT)
(DC)(DA)(DG)(DT)(DC)(DA)(DG)(DT)(DC)(DA)(DG)(DT)(DC)(DA)(DG)(DT)(DC)(DA)(DG)(DT)
;
S
8 'polydeoxyribonucleotide'
;(DA)(DC)(DT)(DG)(DA)(DC)(DT)(DG)(DA)(DC)(DT)(DG)(DA)(DC)(DT)(DG)(DA)(DC)(DT)(DG)
(DA)(DC)(DT)(DG)(DA)(DC)(DT)(DG)(DA)(DC)(DT)(DG)(DA)(DC)(DT)(DG)(DA)(DC)(DT)(DG)
(DA)(DC)(DT)(DG)(DA)(DC)(DT)(DG)(DA)(DC)(DT)(DG)(DA)(DC)(DT)(DG)(DA)(DC)(DT)(DG)
;
O
#
# COMPACT_ATOMS: atom_id res chain seq x y z
N PRO A 201 -10.77 47.74 -3.74
CA PRO A 201 -12.08 47.89 -3.13
C PRO A 201 -13.16 48.32 -4.11
N ASN A 202 -14.39 48.47 -3.64
CA ASN A 202 -15.53 48.79 -4.50
C ASN A 202 -15.60 50.26 -4.87
N VAL A 203 -14.77 51.11 -4.26
CA VAL A 203 -14.74 52.53 -4.55
C VAL A 203 -14.27 52.78 -5.96
N SER A 204 -13.39 51.92 -6.46
CA SER A 204 -12.65 52.17 -7.68
C SER A 204 -13.47 52.02 -8.95
N ARG A 205 -14.72 51.55 -8.86
CA ARG A 205 -15.57 51.58 -10.05
C ARG A 205 -15.95 53.02 -10.39
N THR A 206 -16.09 53.87 -9.38
CA THR A 206 -16.25 55.30 -9.61
C THR A 206 -14.99 55.89 -10.22
N ILE A 207 -13.83 55.51 -9.68
CA ILE A 207 -12.53 56.00 -10.12
C ILE A 207 -12.27 55.60 -11.57
N ALA A 208 -12.81 54.46 -11.99
CA ALA A 208 -12.69 54.03 -13.38
C ALA A 208 -13.36 55.01 -14.34
N ARG A 209 -14.57 55.42 -14.03
CA ARG A 209 -15.23 56.40 -14.88
C ARG A 209 -14.71 57.80 -14.63
N GLU A 210 -13.96 58.02 -13.55
CA GLU A 210 -13.25 59.28 -13.36
C GLU A 210 -12.04 59.38 -14.27
N LEU A 211 -11.32 58.27 -14.45
CA LEU A 211 -10.21 58.30 -15.38
C LEU A 211 -10.66 58.14 -16.83
N LYS A 212 -11.88 57.65 -17.07
CA LYS A 212 -12.43 57.83 -18.40
C LYS A 212 -13.04 59.21 -18.57
N SER A 213 -13.31 59.89 -17.46
CA SER A 213 -13.54 61.33 -17.53
C SER A 213 -12.24 62.10 -17.67
N PHE A 214 -11.10 61.46 -17.45
CA PHE A 214 -9.80 62.06 -17.70
C PHE A 214 -9.25 61.73 -19.08
N LEU A 215 -9.64 60.58 -19.64
CA LEU A 215 -8.89 60.02 -20.76
C LEU A 215 -9.16 60.76 -22.06
N LEU A 216 -10.40 60.72 -22.53
CA LEU A 216 -10.72 61.11 -23.89
C LEU A 216 -11.14 62.56 -24.03
N GLU A 217 -11.12 63.34 -22.95
CA GLU A 217 -11.41 64.76 -23.06
C GLU A 217 -10.41 65.62 -22.29
N TYR A 218 -9.24 65.08 -21.97
CA TYR A 218 -8.12 65.92 -21.57
C TYR A 218 -7.66 66.67 -22.81
N THR A 219 -8.07 67.92 -22.94
CA THR A 219 -7.76 68.72 -24.11
C THR A 219 -6.78 69.81 -23.71
N ASP A 220 -5.74 70.00 -24.53
CA ASP A 220 -4.70 70.97 -24.22
C ASP A 220 -3.96 71.26 -25.52
N GLU A 221 -3.59 72.54 -25.71
CA GLU A 221 -2.94 73.05 -26.93
C GLU A 221 -3.80 72.78 -28.17
N THR A 222 -4.89 73.56 -28.24
CA THR A 222 -5.85 73.64 -29.33
C THR A 222 -6.61 72.33 -29.46
N GLY A 223 -7.34 71.97 -28.40
CA GLY A 223 -8.07 70.71 -28.39
C GLY A 223 -7.11 69.55 -28.33
N ARG A 224 -7.32 68.59 -29.23
CA ARG A 224 -6.36 67.52 -29.55
C ARG A 224 -6.06 66.67 -28.31
N SER A 225 -7.08 65.91 -27.89
CA SER A 225 -6.89 64.93 -26.83
C SER A 225 -5.85 63.91 -27.27
N VAL A 226 -4.67 63.97 -26.66
CA VAL A 226 -3.50 63.23 -27.14
C VAL A 226 -3.66 61.74 -26.87
N TYR A 227 -4.42 61.38 -25.85
CA TYR A 227 -4.53 59.98 -25.47
C TYR A 227 -5.41 59.21 -26.44
N GLY A 228 -6.50 59.81 -26.90
CA GLY A 228 -7.30 59.19 -27.94
C GLY A 228 -6.60 59.15 -29.28
N ALA A 229 -5.76 60.16 -29.56
CA ALA A 229 -4.91 60.10 -30.75
C ALA A 229 -3.94 58.93 -30.64
N ARG A 230 -3.45 58.66 -29.43
CA ARG A 230 -2.59 57.51 -29.21
C ARG A 230 -3.36 56.20 -29.35
N ILE A 231 -4.66 56.20 -29.04
CA ILE A 231 -5.47 55.00 -29.27
C ILE A 231 -5.66 54.77 -30.76
N ARG A 232 -5.90 55.84 -31.52
CA ARG A 232 -6.08 55.65 -32.96
C ARG A 232 -4.76 55.60 -33.73
N THR A 233 -3.61 55.66 -33.06
CA THR A 233 -2.37 55.29 -33.73
C THR A 233 -1.91 53.86 -33.44
N LEU A 234 -2.39 53.24 -32.36
CA LEU A 234 -2.11 51.83 -32.12
C LEU A 234 -3.42 51.04 -31.95
N GLY A 235 -4.00 50.60 -33.06
CA GLY A 235 -3.62 50.98 -34.41
C GLY A 235 -3.02 49.89 -35.27
N GLU A 236 -2.46 50.31 -36.40
CA GLU A 236 -1.82 49.38 -37.30
C GLU A 236 -0.45 48.93 -36.80
N MET A 237 0.13 49.68 -35.87
CA MET A 237 1.41 49.29 -35.29
C MET A 237 1.27 48.05 -34.42
N ASN A 238 0.13 47.92 -33.74
CA ASN A 238 -0.24 46.79 -32.88
C ASN A 238 0.81 46.57 -31.79
N SER A 239 0.95 47.59 -30.93
CA SER A 239 1.96 47.58 -29.89
C SER A 239 1.45 47.04 -28.56
N GLU A 240 0.12 46.96 -28.39
CA GLU A 240 -0.60 46.54 -27.18
C GLU A 240 -0.05 47.17 -25.89
N SER A 241 0.42 48.42 -25.98
CA SER A 241 0.92 49.16 -24.83
C SER A 241 0.59 50.63 -25.03
N LEU A 242 0.18 51.29 -23.95
CA LEU A 242 -0.36 52.64 -24.03
C LEU A 242 0.39 53.57 -23.07
N GLU A 243 0.58 54.80 -23.50
CA GLU A 243 1.35 55.78 -22.74
C GLU A 243 0.42 56.73 -22.01
N VAL A 244 0.77 57.02 -20.75
CA VAL A 244 0.08 58.01 -19.91
C VAL A 244 1.14 58.79 -19.17
N ASN A 245 1.22 60.10 -19.40
CA ASN A 245 2.14 60.93 -18.63
C ASN A 245 1.67 61.09 -17.19
N TYR A 246 2.57 61.56 -16.36
CA TYR A 246 2.25 61.79 -14.97
C TYR A 246 1.98 63.26 -14.67
N ARG A 247 2.46 64.17 -15.51
CA ARG A 247 2.23 65.59 -15.30
C ARG A 247 0.77 65.96 -15.53
N HIS A 248 0.09 65.20 -16.39
CA HIS A 248 -1.27 65.56 -16.79
C HIS A 248 -2.29 65.00 -15.83
N LEU A 249 -2.06 63.76 -15.37
CA LEU A 249 -2.85 63.23 -14.27
C LEU A 249 -2.56 63.99 -12.98
N ALA A 250 -1.34 64.50 -12.82
CA ALA A 250 -1.08 65.41 -11.72
C ALA A 250 -1.75 66.76 -11.92
N GLU A 251 -2.01 67.12 -13.18
CA GLU A 251 -2.61 68.41 -13.50
C GLU A 251 -4.10 68.43 -13.22
N SER A 252 -4.82 67.38 -13.61
CA SER A 252 -6.26 67.37 -13.39
C SER A 252 -6.59 67.12 -11.92
N LYS A 253 -6.18 65.97 -11.39
CA LYS A 253 -6.58 65.51 -10.06
C LYS A 253 -5.34 65.05 -9.31
N ALA A 254 -4.96 65.79 -8.27
CA ALA A 254 -3.81 65.40 -7.48
C ALA A 254 -4.07 64.15 -6.62
N ILE A 255 -5.34 63.81 -6.39
CA ILE A 255 -5.64 62.69 -5.50
C ILE A 255 -5.29 61.36 -6.14
N LEU A 256 -5.34 61.28 -7.48
CA LEU A 256 -4.87 60.06 -8.12
C LEU A 256 -3.37 60.04 -8.29
N ALA A 257 -2.70 61.19 -8.23
CA ALA A 257 -1.24 61.18 -8.13
C ALA A 257 -0.80 60.62 -6.79
N LEU A 258 -1.45 61.09 -5.71
CA LEU A 258 -1.17 60.55 -4.39
C LEU A 258 -1.69 59.12 -4.25
N PHE A 259 -2.63 58.72 -5.09
CA PHE A 259 -3.11 57.35 -5.10
C PHE A 259 -2.56 56.52 -6.25
N LEU A 260 -1.50 56.98 -6.90
CA LEU A 260 -0.56 56.10 -7.57
C LEU A 260 0.70 55.92 -6.75
N ALA A 261 1.13 56.98 -6.06
CA ALA A 261 2.34 56.86 -5.24
C ALA A 261 2.13 55.99 -4.01
N LYS A 262 0.89 55.74 -3.59
CA LYS A 262 0.71 54.93 -2.39
C LYS A 262 0.77 53.44 -2.72
N CYS A 263 -0.11 52.97 -3.61
CA CYS A 263 -0.17 51.56 -3.98
C CYS A 263 -0.53 51.44 -5.44
N PRO A 264 0.44 51.24 -6.33
CA PRO A 264 0.13 51.22 -7.77
C PRO A 264 -0.41 49.90 -8.26
N GLU A 265 -0.42 48.87 -7.40
CA GLU A 265 -0.78 47.53 -7.82
C GLU A 265 -2.23 47.44 -8.28
N GLU A 266 -3.15 47.71 -7.35
CA GLU A 266 -4.56 47.64 -7.69
C GLU A 266 -4.99 48.78 -8.60
N MET A 267 -4.28 49.91 -8.57
CA MET A 267 -4.69 51.04 -9.40
C MET A 267 -4.39 50.78 -10.88
N LEU A 268 -3.22 50.20 -11.16
CA LEU A 268 -2.97 49.74 -12.52
C LEU A 268 -3.87 48.57 -12.86
N LYS A 269 -4.11 47.69 -11.88
CA LYS A 269 -4.90 46.48 -12.07
C LYS A 269 -6.36 46.75 -12.40
N ILE A 270 -6.88 47.93 -12.04
CA ILE A 270 -8.25 48.32 -12.34
C ILE A 270 -8.24 49.27 -13.54
N PHE A 271 -7.12 49.99 -13.68
CA PHE A 271 -6.92 50.94 -14.78
C PHE A 271 -6.96 50.24 -16.13
N ASP A 272 -6.23 49.12 -16.26
CA ASP A 272 -6.02 48.49 -17.55
C ASP A 272 -7.28 47.82 -18.10
N LEU A 273 -8.19 47.38 -17.23
CA LEU A 273 -9.44 46.79 -17.67
C LEU A 273 -10.29 47.82 -18.40
N VAL A 274 -10.43 48.99 -17.80
CA VAL A 274 -11.30 50.00 -18.39
C VAL A 274 -10.61 50.65 -19.58
N ALA A 275 -9.27 50.69 -19.60
CA ALA A 275 -8.56 51.09 -20.81
C ALA A 275 -8.79 50.10 -21.94
N MET A 276 -8.86 48.82 -21.61
CA MET A 276 -9.18 47.79 -22.59
C MET A 276 -10.57 47.97 -23.17
N GLU A 277 -11.57 48.15 -22.31
CA GLU A 277 -12.92 48.29 -22.85
C GLU A 277 -13.16 49.65 -23.51
N ALA A 278 -12.37 50.68 -23.18
CA ALA A 278 -12.46 51.95 -23.91
C ALA A 278 -11.86 51.80 -25.29
N THR A 279 -10.77 51.03 -25.38
CA THR A 279 -10.20 50.68 -26.68
C THR A 279 -11.20 49.86 -27.48
N GLU A 280 -11.93 48.98 -26.82
CA GLU A 280 -12.93 48.16 -27.50
C GLU A 280 -14.13 48.99 -27.93
N LEU A 281 -14.45 50.06 -27.20
CA LEU A 281 -15.50 50.91 -27.74
C LEU A 281 -14.96 51.87 -28.79
N HIS A 282 -13.64 51.94 -29.01
CA HIS A 282 -13.17 52.58 -30.23
C HIS A 282 -12.81 51.59 -31.33
N TYR A 283 -12.34 50.39 -30.99
CA TYR A 283 -11.95 49.40 -31.98
C TYR A 283 -12.90 48.21 -31.95
N PRO A 284 -13.54 47.88 -33.07
CA PRO A 284 -14.68 46.96 -33.01
C PRO A 284 -14.31 45.51 -32.78
N ASP A 285 -13.11 45.08 -33.17
CA ASP A 285 -12.75 43.66 -33.16
C ASP A 285 -11.38 43.41 -32.54
N TYR A 286 -10.92 44.28 -31.66
CA TYR A 286 -9.55 44.17 -31.16
C TYR A 286 -9.46 43.19 -30.00
N ALA A 287 -10.60 42.90 -29.35
CA ALA A 287 -10.61 42.02 -28.19
C ALA A 287 -10.44 40.55 -28.59
N ARG A 288 -10.53 40.26 -29.88
CA ARG A 288 -10.30 38.90 -30.34
C ARG A 288 -8.80 38.59 -30.39
N ILE A 289 -7.99 39.56 -30.81
CA ILE A 289 -6.58 39.28 -31.07
C ILE A 289 -5.78 39.24 -29.79
N HIS A 290 -5.83 40.31 -28.99
CA HIS A 290 -4.98 40.41 -27.81
C HIS A 290 -5.74 40.27 -26.50
N SER A 291 -6.82 41.01 -26.34
CA SER A 291 -7.65 41.14 -25.14
C SER A 291 -6.87 41.66 -23.94
N GLU A 292 -5.76 42.37 -24.13
CA GLU A 292 -4.99 42.93 -23.03
C GLU A 292 -4.11 44.06 -23.55
N ILE A 293 -4.17 45.19 -22.86
CA ILE A 293 -3.17 46.23 -22.98
C ILE A 293 -2.73 46.66 -21.58
N HIS A 294 -1.44 46.50 -21.29
CA HIS A 294 -0.89 47.10 -20.09
C HIS A 294 -0.24 48.43 -20.47
N VAL A 295 -0.20 49.34 -19.50
CA VAL A 295 0.03 50.75 -19.77
C VAL A 295 1.39 51.17 -19.24
N ARG A 296 1.84 52.33 -19.70
CA ARG A 296 3.11 52.91 -19.31
C ARG A 296 2.84 54.07 -18.36
N ILE A 297 3.87 54.44 -17.60
CA ILE A 297 3.88 55.65 -16.79
C ILE A 297 5.22 56.32 -16.98
N SER A 298 5.20 57.56 -17.48
CA SER A 298 6.43 58.10 -18.01
C SER A 298 7.25 58.88 -16.99
N ASP A 299 6.75 59.98 -16.47
CA ASP A 299 7.62 61.01 -15.90
C ASP A 299 7.37 61.16 -14.41
N PHE A 300 8.04 60.35 -13.60
CA PHE A 300 7.82 60.34 -12.18
C PHE A 300 8.96 61.07 -11.49
N PRO A 301 8.71 62.26 -10.94
CA PRO A 301 9.80 63.23 -10.67
C PRO A 301 10.40 63.13 -9.27
N THR A 302 11.02 61.98 -8.96
CA THR A 302 11.91 61.84 -7.80
C THR A 302 12.92 60.73 -8.06
N ILE A 303 14.10 61.11 -8.54
CA ILE A 303 15.14 60.18 -8.91
C ILE A 303 15.95 59.86 -7.66
N TYR A 304 15.80 58.65 -7.15
CA TYR A 304 16.72 58.09 -6.17
C TYR A 304 17.76 57.30 -6.94
N SER A 305 19.03 57.68 -6.78
CA SER A 305 20.09 57.10 -7.61
C SER A 305 20.26 55.62 -7.34
N LEU A 306 20.82 55.27 -6.19
CA LEU A 306 20.73 53.98 -5.51
C LEU A 306 20.98 54.30 -4.06
N ARG A 307 21.11 53.25 -3.25
CA ARG A 307 21.51 53.24 -1.82
C ARG A 307 20.64 54.13 -0.93
N GLU A 308 19.55 54.67 -1.46
CA GLU A 308 18.54 55.39 -0.72
C GLU A 308 17.28 54.56 -0.61
N LEU A 309 17.27 53.37 -1.18
CA LEU A 309 16.22 52.41 -0.95
C LEU A 309 16.26 51.96 0.50
N ARG A 310 15.15 52.10 1.19
CA ARG A 310 15.06 51.68 2.58
C ARG A 310 13.83 50.82 2.75
N GLU A 311 13.47 50.56 4.01
CA GLU A 311 12.38 49.64 4.30
C GLU A 311 11.04 50.24 3.93
N SER A 312 10.95 51.57 3.88
CA SER A 312 9.64 52.20 3.75
C SER A 312 9.20 52.23 2.29
N ASN A 313 10.12 51.99 1.36
CA ASN A 313 9.80 52.19 -0.04
C ASN A 313 9.22 50.93 -0.67
N LEU A 314 8.91 49.91 0.13
CA LEU A 314 8.37 48.71 -0.49
C LEU A 314 6.89 48.86 -0.80
N SER A 315 6.46 48.18 -1.85
CA SER A 315 5.16 48.37 -2.51
C SER A 315 4.91 49.85 -2.81
N SER A 316 5.88 50.46 -3.48
CA SER A 316 5.77 51.84 -3.91
C SER A 316 6.11 51.94 -5.38
N LEU A 317 6.35 53.15 -5.88
CA LEU A 317 6.68 53.36 -7.28
C LEU A 317 7.95 54.21 -7.33
N VAL A 318 9.03 53.65 -7.87
CA VAL A 318 10.38 54.18 -7.72
C VAL A 318 11.01 54.34 -9.09
N ARG A 319 11.70 55.46 -9.30
CA ARG A 319 12.54 55.66 -10.49
C ARG A 319 14.01 55.58 -10.10
N VAL A 320 14.77 54.75 -10.82
CA VAL A 320 16.18 54.49 -10.54
C VAL A 320 16.97 54.63 -11.85
N THR A 321 18.18 55.14 -11.77
CA THR A 321 19.13 55.10 -12.88
C THR A 321 20.22 54.07 -12.64
N GLY A 322 20.86 53.64 -13.73
CA GLY A 322 21.91 52.63 -13.61
C GLY A 322 22.46 52.24 -14.96
N VAL A 323 23.40 51.30 -14.92
CA VAL A 323 24.04 50.76 -16.12
C VAL A 323 23.87 49.24 -16.12
N VAL A 324 23.44 48.70 -17.26
CA VAL A 324 23.03 47.30 -17.36
C VAL A 324 24.25 46.40 -17.42
N THR A 325 24.28 45.42 -16.52
CA THR A 325 25.30 44.37 -16.46
C THR A 325 24.77 43.17 -17.25
N ARG A 326 25.26 41.96 -16.97
CA ARG A 326 24.85 40.74 -17.66
C ARG A 326 23.35 40.46 -17.53
N ARG A 327 22.89 39.48 -18.29
CA ARG A 327 21.49 39.12 -18.27
C ARG A 327 21.35 37.64 -18.60
N THR A 328 20.12 37.19 -18.84
CA THR A 328 19.81 35.84 -19.24
C THR A 328 19.11 35.84 -20.59
N GLY A 329 18.63 34.67 -21.01
CA GLY A 329 17.93 34.52 -22.27
C GLY A 329 16.48 34.97 -22.23
N VAL A 330 15.59 34.29 -22.93
CA VAL A 330 14.17 34.60 -22.92
C VAL A 330 13.42 33.31 -22.67
N PHE A 331 12.77 33.19 -21.53
CA PHE A 331 12.05 31.99 -21.19
C PHE A 331 10.55 32.26 -21.20
N PRO A 332 9.73 31.28 -21.52
CA PRO A 332 8.28 31.48 -21.38
C PRO A 332 7.76 31.18 -19.98
N GLN A 333 6.75 31.97 -19.59
CA GLN A 333 6.04 31.84 -18.32
C GLN A 333 4.57 31.67 -18.63
N LEU A 334 3.89 30.82 -17.86
CA LEU A 334 2.49 30.52 -18.12
C LEU A 334 1.54 31.62 -17.66
N LYS A 335 0.48 31.84 -18.44
CA LYS A 335 -0.47 32.91 -18.20
C LYS A 335 -1.92 32.46 -18.14
N TYR A 336 -2.34 31.55 -19.01
CA TYR A 336 -3.63 30.87 -18.91
C TYR A 336 -3.37 29.39 -18.81
N VAL A 337 -3.98 28.73 -17.83
CA VAL A 337 -3.69 27.34 -17.54
C VAL A 337 -4.93 26.51 -17.86
N LYS A 338 -4.73 25.36 -18.51
CA LYS A 338 -5.83 24.45 -18.79
C LYS A 338 -5.39 23.04 -18.42
N PHE A 339 -5.89 22.53 -17.31
CA PHE A 339 -5.57 21.19 -16.82
C PHE A 339 -6.40 20.17 -17.58
N ASN A 340 -6.15 18.88 -17.33
CA ASN A 340 -7.06 17.82 -17.73
C ASN A 340 -6.95 16.66 -16.76
N CYS A 341 -8.08 16.31 -16.13
CA CYS A 341 -8.12 15.19 -15.22
C CYS A 341 -7.93 13.90 -15.98
N LEU A 342 -6.99 13.09 -15.51
CA LEU A 342 -6.73 11.82 -16.19
C LEU A 342 -7.83 10.82 -15.88
N LYS A 343 -8.48 10.98 -14.73
CA LYS A 343 -9.55 10.07 -14.36
C LYS A 343 -10.82 10.36 -15.16
N CYS A 344 -11.38 11.56 -15.00
CA CYS A 344 -12.69 11.88 -15.55
C CYS A 344 -12.56 12.50 -16.94
N GLY A 345 -11.80 11.83 -17.80
CA GLY A 345 -11.83 12.20 -19.20
C GLY A 345 -11.09 13.49 -19.52
N SER A 346 -11.86 14.56 -19.69
CA SER A 346 -11.53 15.68 -20.55
C SER A 346 -10.92 16.84 -19.78
N ILE A 347 -10.80 17.97 -20.50
CA ILE A 347 -10.13 19.15 -19.98
C ILE A 347 -11.04 19.93 -19.05
N LEU A 348 -10.46 20.77 -18.20
CA LEU A 348 -11.26 21.49 -17.21
C LEU A 348 -11.65 22.88 -17.67
N GLY A 349 -10.69 23.76 -17.90
CA GLY A 349 -11.02 25.11 -18.31
C GLY A 349 -10.03 26.14 -17.83
N PRO A 350 -10.05 27.32 -18.45
CA PRO A 350 -8.95 28.27 -18.24
C PRO A 350 -9.01 28.95 -16.88
N PHE A 351 -7.88 29.53 -16.50
CA PHE A 351 -7.74 30.33 -15.29
C PHE A 351 -6.82 31.50 -15.61
N PHE A 352 -6.55 32.31 -14.59
CA PHE A 352 -5.63 33.45 -14.73
C PHE A 352 -4.76 33.46 -13.48
N GLN A 353 -3.58 32.85 -13.56
CA GLN A 353 -2.77 32.69 -12.37
C GLN A 353 -1.31 32.52 -12.77
N ASP A 354 -0.41 33.34 -12.22
CA ASP A 354 -0.69 34.48 -11.33
C ASP A 354 0.40 35.51 -11.57
N SER A 355 0.56 36.44 -10.64
CA SER A 355 1.79 37.23 -10.55
C SER A 355 2.00 37.57 -9.07
N ASN A 356 2.75 36.73 -8.36
CA ASN A 356 3.31 35.47 -8.86
C ASN A 356 3.12 34.35 -7.84
N GLU A 357 2.09 33.51 -8.06
CA GLU A 357 1.79 32.38 -7.18
C GLU A 357 1.88 31.04 -7.91
N GLU A 358 1.23 30.93 -9.08
CA GLU A 358 1.32 29.77 -10.00
C GLU A 358 0.88 28.48 -9.32
N ILE A 359 -0.41 28.43 -8.97
CA ILE A 359 -0.91 27.47 -8.00
C ILE A 359 -2.43 27.44 -8.11
N ARG A 360 -3.07 26.40 -7.55
CA ARG A 360 -2.65 24.99 -7.40
C ARG A 360 -3.92 24.16 -7.56
N ILE A 361 -4.73 24.50 -8.57
CA ILE A 361 -6.18 24.22 -8.59
C ILE A 361 -6.47 22.74 -8.42
N SER A 362 -7.28 22.43 -7.40
CA SER A 362 -7.28 21.11 -6.79
C SER A 362 -8.34 20.16 -7.36
N PHE A 363 -9.62 20.51 -7.24
CA PHE A 363 -10.64 19.49 -7.44
C PHE A 363 -11.97 20.12 -7.85
N CYS A 364 -12.56 19.58 -8.92
CA CYS A 364 -13.85 20.01 -9.45
C CYS A 364 -14.31 19.03 -10.52
N THR A 365 -15.58 19.16 -10.90
CA THR A 365 -16.24 18.62 -12.10
C THR A 365 -16.26 17.09 -12.19
N ASN A 366 -15.79 16.38 -11.16
CA ASN A 366 -15.80 14.92 -11.11
C ASN A 366 -16.17 14.46 -9.72
N CYS A 367 -17.03 15.26 -9.05
CA CYS A 367 -17.26 15.21 -7.60
C CYS A 367 -15.96 15.33 -6.82
N LYS A 368 -15.14 16.32 -7.22
CA LYS A 368 -14.01 16.85 -6.44
C LYS A 368 -12.94 15.82 -6.09
N SER A 369 -12.81 14.77 -6.91
CA SER A 369 -11.99 13.61 -6.65
C SER A 369 -11.98 12.79 -7.93
N LYS A 370 -10.88 12.12 -8.22
CA LYS A 370 -9.65 12.01 -7.44
C LYS A 370 -8.52 12.58 -8.27
N GLY A 371 -8.75 13.79 -8.75
CA GLY A 371 -8.03 14.33 -9.86
C GLY A 371 -6.64 14.81 -9.57
N PRO A 372 -5.70 13.87 -9.51
CA PRO A 372 -4.29 14.23 -9.72
C PRO A 372 -4.15 14.84 -11.11
N PHE A 373 -3.82 16.11 -11.17
CA PHE A 373 -3.90 16.82 -12.44
C PHE A 373 -2.54 16.90 -13.11
N ARG A 374 -2.55 17.35 -14.36
CA ARG A 374 -1.33 17.57 -15.11
C ARG A 374 -1.60 18.65 -16.14
N VAL A 375 -0.73 19.66 -16.19
CA VAL A 375 -0.84 20.70 -17.19
C VAL A 375 -0.41 20.15 -18.54
N ASN A 376 -1.19 20.40 -19.58
CA ASN A 376 -0.76 19.95 -20.90
C ASN A 376 0.01 21.05 -21.62
N GLY A 377 0.91 20.63 -22.50
CA GLY A 377 1.71 21.55 -23.26
C GLY A 377 0.99 22.23 -24.40
N GLU A 378 -0.26 21.89 -24.63
CA GLU A 378 -1.09 22.50 -25.65
C GLU A 378 -2.12 23.42 -25.01
N LYS A 379 -2.58 24.40 -25.79
CA LYS A 379 -3.74 25.25 -25.49
C LYS A 379 -3.54 26.15 -24.27
N THR A 380 -2.31 26.35 -23.82
CA THR A 380 -2.03 27.24 -22.69
C THR A 380 -1.15 28.37 -23.19
N VAL A 381 -1.64 29.60 -23.16
CA VAL A 381 -0.89 30.71 -23.72
C VAL A 381 0.22 31.11 -22.76
N TYR A 382 1.43 31.28 -23.29
CA TYR A 382 2.58 31.64 -22.48
C TYR A 382 2.96 33.09 -22.69
N ARG A 383 3.62 33.67 -21.69
CA ARG A 383 4.13 35.03 -21.73
C ARG A 383 5.61 35.03 -21.38
N ASN A 384 6.42 35.68 -22.20
CA ASN A 384 7.87 35.58 -22.08
C ASN A 384 8.44 36.41 -20.94
N TYR A 385 9.63 36.00 -20.49
CA TYR A 385 10.19 36.36 -19.20
C TYR A 385 11.69 36.57 -19.36
N GLN A 386 12.26 37.50 -18.58
CA GLN A 386 13.67 37.80 -18.71
C GLN A 386 14.17 38.49 -17.44
N ARG A 387 15.33 38.07 -16.96
CA ARG A 387 15.90 38.55 -15.70
C ARG A 387 17.19 39.30 -15.99
N VAL A 388 17.25 40.57 -15.60
CA VAL A 388 18.41 41.43 -15.87
C VAL A 388 18.87 42.04 -14.57
N THR A 389 20.12 41.80 -14.20
CA THR A 389 20.62 42.50 -13.03
C THR A 389 21.19 43.85 -13.45
N LEU A 390 21.40 44.73 -12.47
CA LEU A 390 21.67 46.12 -12.77
C LEU A 390 22.57 46.69 -11.69
N GLN A 391 23.57 47.47 -12.10
CA GLN A 391 24.45 48.14 -11.15
C GLN A 391 24.36 49.64 -11.31
N GLU A 392 25.07 50.34 -10.43
CA GLU A 392 25.07 51.78 -10.40
C GLU A 392 26.10 52.32 -11.38
N ALA A 393 25.89 53.54 -11.86
CA ALA A 393 26.72 54.12 -12.91
C ALA A 393 28.11 54.43 -12.38
N PRO A 394 29.16 54.08 -13.13
CA PRO A 394 30.52 54.23 -12.59
C PRO A 394 31.03 55.65 -12.60
N GLY A 395 30.39 56.56 -13.33
CA GLY A 395 30.91 57.91 -13.44
C GLY A 395 30.67 58.75 -12.21
N THR A 396 29.43 58.75 -11.72
CA THR A 396 29.01 59.65 -10.66
C THR A 396 29.06 59.00 -9.28
N VAL A 397 30.04 58.13 -9.05
CA VAL A 397 30.20 57.49 -7.76
C VAL A 397 30.80 58.50 -6.79
N PRO A 398 30.30 58.61 -5.56
CA PRO A 398 31.02 59.39 -4.55
C PRO A 398 32.32 58.71 -4.16
N PRO A 399 33.35 59.47 -3.82
CA PRO A 399 34.67 58.88 -3.63
C PRO A 399 34.78 58.07 -2.34
N GLY A 400 35.36 56.87 -2.47
CA GLY A 400 35.61 56.00 -1.35
C GLY A 400 34.72 54.77 -1.34
N ARG A 401 33.58 54.82 -2.00
CA ARG A 401 32.61 53.74 -1.95
C ARG A 401 32.56 52.96 -3.26
N LEU A 402 31.59 52.05 -3.36
CA LEU A 402 31.53 51.04 -4.39
C LEU A 402 30.14 51.03 -5.00
N PRO A 403 30.01 50.58 -6.25
CA PRO A 403 28.68 50.30 -6.78
C PRO A 403 28.09 49.06 -6.15
N ARG A 404 26.77 48.95 -6.24
CA ARG A 404 26.04 47.81 -5.71
C ARG A 404 25.01 47.37 -6.73
N HIS A 405 24.48 46.17 -6.54
CA HIS A 405 23.63 45.56 -7.56
C HIS A 405 22.19 45.53 -7.07
N ARG A 406 21.27 45.37 -8.03
CA ARG A 406 19.87 45.14 -7.71
C ARG A 406 19.19 44.54 -8.93
N GLU A 407 18.41 43.47 -8.70
CA GLU A 407 17.84 42.69 -9.79
C GLU A 407 16.65 43.40 -10.40
N VAL A 408 16.40 43.13 -11.68
CA VAL A 408 15.28 43.73 -12.40
C VAL A 408 14.63 42.65 -13.25
N ILE A 409 13.37 42.37 -13.01
CA ILE A 409 12.64 41.38 -13.80
C ILE A 409 11.86 42.10 -14.88
N LEU A 410 11.99 41.64 -16.12
CA LEU A 410 11.21 42.20 -17.22
C LEU A 410 10.04 41.28 -17.55
N LEU A 411 9.12 41.79 -18.36
CA LEU A 411 7.98 41.03 -18.85
C LEU A 411 7.75 41.39 -20.32
N ALA A 412 6.54 41.12 -20.80
CA ALA A 412 6.22 40.78 -22.19
C ALA A 412 6.78 41.70 -23.27
N ASP A 413 6.39 42.96 -23.31
CA ASP A 413 6.78 43.81 -24.42
C ASP A 413 8.18 44.37 -24.27
N LEU A 414 8.70 44.45 -23.06
CA LEU A 414 9.93 45.19 -22.81
C LEU A 414 11.17 44.32 -22.99
N VAL A 415 10.98 43.03 -23.28
CA VAL A 415 12.08 42.15 -23.59
C VAL A 415 12.77 42.62 -24.87
N ASP A 416 14.12 42.57 -24.86
CA ASP A 416 14.97 42.82 -26.03
C ASP A 416 14.84 44.26 -26.51
N VAL A 417 15.06 45.19 -25.59
CA VAL A 417 15.21 46.60 -25.92
C VAL A 417 16.60 47.10 -25.55
N SER A 418 17.12 46.69 -24.40
CA SER A 418 18.41 47.13 -23.91
C SER A 418 19.54 46.46 -24.70
N LYS A 419 20.77 46.92 -24.44
CA LYS A 419 21.99 46.41 -25.04
C LYS A 419 22.99 46.55 -23.91
N PRO A 420 23.73 45.49 -23.56
CA PRO A 420 24.45 45.49 -22.28
C PRO A 420 25.66 46.40 -22.30
N GLY A 421 25.97 46.99 -21.16
CA GLY A 421 27.07 47.91 -21.03
C GLY A 421 26.72 49.37 -21.25
N GLU A 422 25.47 49.68 -21.56
CA GLU A 422 25.05 51.06 -21.77
C GLU A 422 24.04 51.49 -20.71
N GLU A 423 23.73 52.78 -20.72
CA GLU A 423 22.87 53.34 -19.69
C GLU A 423 21.42 52.96 -19.92
N VAL A 424 20.59 53.25 -18.93
CA VAL A 424 19.21 52.79 -18.90
C VAL A 424 18.43 53.75 -18.01
N GLU A 425 17.11 53.63 -18.05
CA GLU A 425 16.23 54.41 -17.19
C GLU A 425 15.00 53.57 -16.90
N VAL A 426 14.78 53.22 -15.63
CA VAL A 426 13.68 52.36 -15.25
C VAL A 426 12.74 53.10 -14.31
N THR A 427 11.47 52.71 -14.34
CA THR A 427 10.45 53.18 -13.41
C THR A 427 9.66 51.95 -12.97
N GLY A 428 10.08 51.33 -11.88
CA GLY A 428 9.41 50.12 -11.47
C GLY A 428 8.97 50.08 -10.02
N ILE A 429 8.10 49.14 -9.69
CA ILE A 429 7.67 48.95 -8.32
C ILE A 429 8.71 48.12 -7.59
N TYR A 430 8.58 48.01 -6.27
CA TYR A 430 9.63 47.49 -5.41
C TYR A 430 9.00 46.46 -4.48
N LYS A 431 9.39 45.21 -4.63
CA LYS A 431 8.79 44.09 -3.91
C LYS A 431 9.81 43.42 -3.01
N ASN A 432 9.41 42.26 -2.47
CA ASN A 432 10.34 41.36 -1.80
C ASN A 432 9.86 39.92 -1.96
N ASN A 433 10.76 39.08 -2.47
CA ASN A 433 10.49 37.65 -2.61
C ASN A 433 10.30 37.01 -1.24
N TYR A 434 9.58 35.89 -1.24
CA TYR A 434 9.02 35.44 0.03
C TYR A 434 10.04 34.67 0.85
N ASP A 435 10.32 33.43 0.43
CA ASP A 435 11.30 32.53 1.05
C ASP A 435 11.31 31.21 0.28
N GLY A 436 12.19 30.30 0.66
CA GLY A 436 11.97 28.89 0.45
C GLY A 436 11.17 28.40 1.64
N ASN A 437 11.74 27.54 2.46
CA ASN A 437 11.07 27.06 3.66
C ASN A 437 11.81 27.58 4.89
N LEU A 438 11.05 28.10 5.84
CA LEU A 438 11.61 28.69 7.06
C LEU A 438 11.81 27.59 8.10
N ASN A 439 13.07 27.27 8.39
CA ASN A 439 13.40 26.24 9.36
C ASN A 439 14.34 26.78 10.42
N ALA A 440 14.91 25.88 11.22
CA ALA A 440 15.85 26.27 12.25
C ALA A 440 17.21 26.63 11.63
N LYS A 441 17.39 27.91 11.36
CA LYS A 441 18.66 28.45 10.88
C LYS A 441 19.15 29.46 11.91
N ASN A 442 20.20 30.19 11.58
CA ASN A 442 20.68 31.22 12.48
C ASN A 442 19.88 32.51 12.29
N GLY A 443 20.09 33.44 13.21
CA GLY A 443 19.66 34.81 12.98
C GLY A 443 20.44 35.41 11.83
N PHE A 444 19.77 36.20 11.00
CA PHE A 444 18.45 36.71 11.27
C PHE A 444 17.62 36.46 10.01
N PRO A 445 16.30 36.48 10.10
CA PRO A 445 15.49 36.36 8.87
C PRO A 445 15.71 37.56 7.98
N VAL A 446 16.02 37.29 6.71
CA VAL A 446 16.43 38.30 5.75
C VAL A 446 15.70 38.03 4.45
N PHE A 447 14.97 39.03 3.97
CA PHE A 447 14.23 38.92 2.73
C PHE A 447 14.93 39.74 1.66
N ALA A 448 15.24 39.11 0.52
CA ALA A 448 15.83 39.84 -0.59
C ALA A 448 14.80 40.75 -1.24
N THR A 449 15.26 41.61 -2.13
CA THR A 449 14.42 42.61 -2.78
C THR A 449 14.52 42.49 -4.30
N ILE A 450 13.45 42.87 -4.98
CA ILE A 450 13.29 42.71 -6.41
C ILE A 450 12.62 43.96 -6.97
N ILE A 451 13.28 44.65 -7.89
CA ILE A 451 12.64 45.79 -8.56
C ILE A 451 11.98 45.26 -9.82
N GLU A 452 10.68 45.10 -9.78
CA GLU A 452 9.92 44.63 -10.95
C GLU A 452 9.70 45.83 -11.87
N ALA A 453 10.13 45.72 -13.11
CA ALA A 453 10.13 46.89 -13.99
C ALA A 453 8.78 47.09 -14.65
N ASN A 454 8.53 48.33 -15.10
CA ASN A 454 7.30 48.65 -15.80
C ASN A 454 7.51 49.51 -17.04
N SER A 455 8.61 50.26 -17.12
CA SER A 455 8.92 51.07 -18.30
C SER A 455 10.42 51.31 -18.36
N ILE A 456 10.98 51.14 -19.54
CA ILE A 456 12.43 51.23 -19.72
C ILE A 456 12.74 52.18 -20.86
N LYS A 457 13.58 53.17 -20.57
CA LYS A 457 14.01 54.14 -21.56
C LYS A 457 15.53 54.14 -21.66
N ARG A 458 16.01 54.53 -22.82
CA ARG A 458 17.41 54.87 -23.01
C ARG A 458 17.65 56.27 -22.45
N ARG A 459 18.87 56.48 -21.93
CA ARG A 459 19.34 57.75 -21.39
C ARG A 459 19.13 58.91 -22.37
N GLU A 460 18.35 59.95 -22.02
CA GLU A 460 17.74 60.43 -20.73
C GLU A 460 18.67 60.53 -19.51
N VAL A 473 19.83 50.77 -37.72
CA VAL A 473 19.05 51.82 -37.08
C VAL A 473 19.27 53.09 -37.89
N PHE A 474 20.24 53.03 -38.80
CA PHE A 474 20.40 54.02 -39.85
C PHE A 474 20.18 53.35 -41.19
N SER A 475 19.40 54.00 -42.05
CA SER A 475 19.07 53.51 -43.37
C SER A 475 18.66 54.72 -44.21
N TRP A 476 18.03 54.48 -45.34
CA TRP A 476 17.59 55.56 -46.21
C TRP A 476 16.09 55.47 -46.48
N THR A 477 15.51 56.62 -46.78
CA THR A 477 14.15 56.75 -47.27
C THR A 477 14.24 57.38 -48.66
N GLU A 478 13.12 57.79 -49.23
CA GLU A 478 13.13 58.24 -50.62
C GLU A 478 13.69 59.65 -50.78
N GLU A 479 13.47 60.54 -49.79
CA GLU A 479 13.99 61.89 -49.88
C GLU A 479 15.51 61.94 -49.81
N GLU A 480 16.12 60.89 -49.28
CA GLU A 480 17.57 60.80 -49.20
C GLU A 480 18.18 60.04 -50.36
N GLU A 481 17.38 59.26 -51.10
CA GLU A 481 17.88 58.70 -52.36
C GLU A 481 17.66 59.66 -53.53
N ARG A 482 16.70 60.58 -53.45
CA ARG A 482 16.62 61.64 -54.45
C ARG A 482 17.46 62.84 -54.04
N GLU A 483 17.63 63.08 -52.73
CA GLU A 483 18.55 64.09 -52.24
C GLU A 483 19.99 63.60 -52.34
N PHE A 484 20.15 62.29 -52.42
CA PHE A 484 21.45 61.64 -52.55
C PHE A 484 22.20 62.09 -53.79
N ARG A 485 21.47 62.35 -54.89
CA ARG A 485 22.08 62.48 -56.20
C ARG A 485 22.74 63.83 -56.42
N LYS A 486 22.33 64.87 -55.68
CA LYS A 486 22.82 66.22 -55.98
C LYS A 486 24.26 66.40 -55.53
N ILE A 487 24.66 65.74 -54.45
CA ILE A 487 26.03 65.84 -53.98
C ILE A 487 26.94 64.99 -54.85
N SER A 488 26.35 64.01 -55.53
CA SER A 488 27.12 63.02 -56.28
C SER A 488 27.77 63.61 -57.53
N ARG A 489 27.28 64.74 -58.02
CA ARG A 489 27.74 65.24 -59.30
C ARG A 489 28.91 66.20 -59.22
N ASP A 490 29.29 66.66 -58.02
CA ASP A 490 30.37 67.62 -57.89
C ASP A 490 31.72 66.95 -58.12
N ARG A 491 32.71 67.75 -58.51
CA ARG A 491 34.05 67.24 -58.76
C ARG A 491 34.98 67.36 -57.57
N GLY A 492 34.73 68.31 -56.67
CA GLY A 492 35.52 68.43 -55.47
C GLY A 492 34.96 67.62 -54.31
N ILE A 493 34.30 66.51 -54.62
CA ILE A 493 33.75 65.67 -53.57
C ILE A 493 34.83 64.93 -52.82
N ILE A 494 35.99 64.71 -53.46
CA ILE A 494 36.98 63.77 -52.92
C ILE A 494 37.66 64.37 -51.70
N ASP A 495 38.32 65.52 -51.85
CA ASP A 495 38.96 66.13 -50.70
C ASP A 495 37.95 66.74 -49.73
N LYS A 496 36.71 66.93 -50.17
CA LYS A 496 35.62 67.15 -49.22
C LYS A 496 35.44 65.94 -48.32
N ILE A 497 35.53 64.74 -48.88
CA ILE A 497 35.41 63.53 -48.08
C ILE A 497 36.64 63.34 -47.18
N ILE A 498 37.84 63.63 -47.69
CA ILE A 498 39.05 63.57 -46.86
C ILE A 498 39.00 64.59 -45.73
N SER A 499 38.61 65.83 -46.03
CA SER A 499 38.66 66.89 -45.03
C SER A 499 37.60 66.73 -43.95
N SER A 500 36.56 65.94 -44.21
CA SER A 500 35.51 65.69 -43.24
C SER A 500 35.83 64.54 -42.29
N MET A 501 37.00 63.93 -42.41
CA MET A 501 37.25 62.70 -41.67
C MET A 501 37.65 62.97 -40.24
N ALA A 502 38.80 63.61 -40.03
CA ALA A 502 39.38 63.76 -38.70
C ALA A 502 39.54 65.23 -38.37
N PRO A 503 38.66 65.79 -37.54
CA PRO A 503 38.84 67.20 -37.14
C PRO A 503 39.99 67.40 -36.16
N SER A 504 40.36 66.35 -35.43
CA SER A 504 41.39 66.51 -34.40
C SER A 504 42.78 66.64 -35.00
N ILE A 505 43.10 65.78 -35.97
CA ILE A 505 44.42 65.81 -36.58
C ILE A 505 44.46 66.87 -37.66
N TYR A 506 45.42 67.78 -37.54
CA TYR A 506 45.48 68.95 -38.41
C TYR A 506 45.91 68.61 -39.83
N GLY A 507 46.92 67.78 -40.00
CA GLY A 507 47.43 67.51 -41.34
C GLY A 507 47.21 66.08 -41.78
N HIS A 508 48.23 65.51 -42.43
CA HIS A 508 48.33 64.10 -42.76
C HIS A 508 47.22 63.68 -43.73
N ARG A 509 47.16 64.36 -44.87
CA ARG A 509 46.09 64.10 -45.84
C ARG A 509 46.28 62.76 -46.53
N ASP A 510 47.51 62.25 -46.60
CA ASP A 510 47.78 61.02 -47.33
C ASP A 510 47.27 59.79 -46.60
N ILE A 511 47.58 59.70 -45.30
CA ILE A 511 47.13 58.54 -44.52
C ILE A 511 45.63 58.61 -44.32
N LYS A 512 45.05 59.80 -44.33
CA LYS A 512 43.62 59.94 -44.22
C LYS A 512 42.93 59.53 -45.51
N THR A 513 43.61 59.78 -46.65
CA THR A 513 43.14 59.25 -47.92
C THR A 513 43.18 57.72 -47.91
N ALA A 514 44.23 57.14 -47.33
CA ALA A 514 44.29 55.68 -47.25
C ALA A 514 43.24 55.11 -46.32
N VAL A 515 42.85 55.85 -45.27
CA VAL A 515 41.76 55.40 -44.41
C VAL A 515 40.44 55.42 -45.17
N ALA A 516 40.19 56.48 -45.94
CA ALA A 516 38.93 56.60 -46.68
C ALA A 516 38.81 55.51 -47.74
N CYS A 517 39.87 55.30 -48.51
CA CYS A 517 39.84 54.22 -49.50
C CYS A 517 39.83 52.85 -48.83
N SER A 518 40.34 52.76 -47.61
CA SER A 518 40.29 51.51 -46.86
C SER A 518 38.86 51.13 -46.50
N LEU A 519 38.16 52.02 -45.81
CA LEU A 519 36.82 51.65 -45.39
C LEU A 519 35.78 51.87 -46.48
N PHE A 520 36.18 52.26 -47.68
CA PHE A 520 35.18 52.49 -48.69
C PHE A 520 34.93 51.27 -49.58
N GLY A 521 35.88 50.35 -49.69
CA GLY A 521 35.60 49.02 -50.21
C GLY A 521 35.95 48.85 -51.68
N GLY A 522 35.81 47.60 -52.15
CA GLY A 522 36.08 47.22 -53.51
C GLY A 522 35.34 45.94 -53.90
N VAL A 523 35.51 45.56 -55.17
CA VAL A 523 34.72 44.53 -55.86
C VAL A 523 35.34 43.17 -55.56
N PRO A 524 34.56 42.12 -55.22
CA PRO A 524 35.10 41.02 -54.39
C PRO A 524 36.18 40.12 -55.02
N LYS A 525 36.15 39.65 -56.28
CA LYS A 525 35.05 39.39 -57.20
C LYS A 525 35.32 37.98 -57.73
N ASN A 526 34.30 37.32 -58.28
CA ASN A 526 34.48 35.95 -58.75
C ASN A 526 34.93 35.93 -60.20
N VAL A 527 35.75 34.93 -60.54
CA VAL A 527 36.13 34.65 -61.92
C VAL A 527 35.59 33.29 -62.28
N ASN A 528 34.90 33.20 -63.42
CA ASN A 528 34.26 31.97 -63.86
C ASN A 528 35.33 30.99 -64.33
N GLY A 529 35.44 29.84 -63.65
CA GLY A 529 34.62 29.50 -62.50
C GLY A 529 35.41 29.10 -61.29
N LYS A 530 36.70 29.43 -61.28
CA LYS A 530 37.62 28.84 -60.31
C LYS A 530 37.89 29.72 -59.09
N HIS A 531 38.48 30.89 -59.29
CA HIS A 531 39.14 31.58 -58.20
C HIS A 531 38.66 33.02 -58.10
N SER A 532 38.72 33.55 -56.89
CA SER A 532 38.52 34.97 -56.62
C SER A 532 39.86 35.57 -56.22
N ILE A 533 40.07 36.84 -56.51
CA ILE A 533 41.40 37.39 -56.32
C ILE A 533 41.55 37.95 -54.92
N ARG A 534 40.91 39.10 -54.67
CA ARG A 534 40.70 39.73 -53.36
C ARG A 534 39.85 40.97 -53.59
N GLY A 535 38.94 41.28 -52.67
CA GLY A 535 38.16 42.49 -52.82
C GLY A 535 38.26 43.43 -51.63
N ASP A 536 39.37 43.35 -50.91
CA ASP A 536 39.55 44.09 -49.68
C ASP A 536 40.90 44.80 -49.70
N ILE A 537 40.99 45.88 -48.96
CA ILE A 537 42.22 46.67 -48.89
C ILE A 537 42.75 46.62 -47.47
N ASN A 538 43.97 46.14 -47.31
CA ASN A 538 44.60 46.02 -46.00
C ASN A 538 45.63 47.12 -45.83
N VAL A 539 45.67 47.70 -44.64
CA VAL A 539 46.42 48.92 -44.36
C VAL A 539 47.43 48.64 -43.26
N LEU A 540 48.70 48.87 -43.56
CA LEU A 540 49.74 48.88 -42.55
C LEU A 540 50.15 50.32 -42.30
N LEU A 541 50.27 50.69 -41.02
CA LEU A 541 50.52 52.07 -40.63
C LEU A 541 51.67 52.08 -39.63
N LEU A 542 52.88 52.31 -40.12
CA LEU A 542 54.06 52.36 -39.27
C LEU A 542 54.00 53.61 -38.42
N GLY A 543 53.64 53.45 -37.16
CA GLY A 543 53.43 54.57 -36.27
C GLY A 543 54.69 55.04 -35.58
N ASP A 544 54.48 55.72 -34.45
CA ASP A 544 55.49 56.32 -33.61
C ASP A 544 54.80 56.73 -32.32
N PRO A 545 55.36 56.45 -31.14
CA PRO A 545 54.82 57.06 -29.91
C PRO A 545 54.92 58.57 -29.97
N GLY A 546 53.76 59.22 -29.91
CA GLY A 546 53.68 60.63 -30.16
C GLY A 546 52.98 60.90 -31.48
N THR A 547 51.98 60.08 -31.81
CA THR A 547 51.19 60.26 -33.01
C THR A 547 49.78 59.80 -32.70
N ALA A 548 48.79 60.46 -33.31
CA ALA A 548 47.38 60.29 -32.96
C ALA A 548 46.71 59.15 -33.73
N LYS A 549 47.48 58.11 -34.08
CA LYS A 549 46.95 56.96 -34.81
C LYS A 549 45.81 56.27 -34.07
N SER A 550 45.85 56.26 -32.73
CA SER A 550 44.73 55.73 -31.97
C SER A 550 43.49 56.61 -32.07
N GLN A 551 43.68 57.90 -32.36
CA GLN A 551 42.53 58.76 -32.62
C GLN A 551 41.96 58.56 -34.02
N ILE A 552 42.81 58.28 -35.01
CA ILE A 552 42.31 57.91 -36.34
C ILE A 552 41.49 56.63 -36.26
N LEU A 553 42.11 55.53 -35.81
CA LEU A 553 41.41 54.26 -35.83
C LEU A 553 40.28 54.23 -34.83
N LYS A 554 40.42 54.99 -33.73
CA LYS A 554 39.33 55.11 -32.80
C LYS A 554 38.17 55.88 -33.40
N TYR A 555 38.43 56.76 -34.36
CA TYR A 555 37.32 57.33 -35.12
C TYR A 555 36.72 56.32 -36.09
N VAL A 556 37.57 55.45 -36.66
CA VAL A 556 37.06 54.46 -37.62
C VAL A 556 36.16 53.45 -36.92
N GLU A 557 36.41 53.19 -35.64
CA GLU A 557 35.50 52.38 -34.84
C GLU A 557 34.13 53.05 -34.72
N LYS A 558 34.11 54.38 -34.69
CA LYS A 558 32.84 55.09 -34.61
C LYS A 558 32.12 55.10 -35.94
N THR A 559 32.86 55.05 -37.05
CA THR A 559 32.24 55.32 -38.34
C THR A 559 31.44 54.14 -38.88
N ALA A 560 32.09 52.98 -39.06
CA ALA A 560 31.63 51.98 -40.01
C ALA A 560 30.42 51.20 -39.50
N HIS A 561 29.98 50.24 -40.32
CA HIS A 561 28.78 49.48 -40.02
C HIS A 561 29.05 48.40 -38.99
N ARG A 562 29.98 47.49 -39.30
CA ARG A 562 30.36 46.40 -38.41
C ARG A 562 31.87 46.43 -38.23
N ALA A 563 32.33 46.81 -37.06
CA ALA A 563 33.75 46.87 -36.78
C ALA A 563 34.01 46.46 -35.35
N VAL A 564 35.06 45.67 -35.14
CA VAL A 564 35.38 45.14 -33.82
C VAL A 564 36.79 45.53 -33.46
N PHE A 565 36.93 46.34 -32.42
CA PHE A 565 38.25 46.74 -31.93
C PHE A 565 38.78 45.65 -31.02
N ALA A 566 39.76 44.89 -31.51
CA ALA A 566 40.28 43.73 -30.79
C ALA A 566 41.77 43.89 -30.58
N THR A 567 42.17 44.08 -29.32
CA THR A 567 43.59 44.20 -29.01
C THR A 567 44.25 42.82 -29.07
N GLY A 568 45.57 42.84 -29.03
CA GLY A 568 46.34 41.61 -29.13
C GLY A 568 46.48 40.83 -27.84
N GLN A 569 47.09 41.44 -26.83
CA GLN A 569 47.41 40.75 -25.59
C GLN A 569 47.15 41.68 -24.42
N GLY A 570 46.76 41.11 -23.29
CA GLY A 570 46.39 41.87 -22.10
C GLY A 570 45.13 41.54 -21.30
N ALA A 571 43.95 41.28 -21.86
CA ALA A 571 43.50 41.55 -23.22
C ALA A 571 42.06 42.02 -23.15
N SER A 572 41.39 42.00 -24.30
CA SER A 572 39.94 42.06 -24.37
C SER A 572 39.45 41.04 -25.39
N ALA A 573 38.19 40.65 -25.22
CA ALA A 573 37.62 39.58 -26.03
C ALA A 573 37.30 40.09 -27.44
N VAL A 574 37.68 39.33 -28.46
CA VAL A 574 38.47 38.10 -28.33
C VAL A 574 39.80 38.25 -29.04
N GLY A 575 40.66 37.25 -28.84
CA GLY A 575 42.05 37.36 -29.24
C GLY A 575 42.40 36.68 -30.54
N LEU A 576 41.56 36.88 -31.56
CA LEU A 576 41.76 36.51 -32.97
C LEU A 576 41.70 35.01 -33.23
N THR A 577 41.53 34.17 -32.22
CA THR A 577 41.63 32.72 -32.36
C THR A 577 40.31 32.09 -31.96
N ALA A 578 39.69 31.36 -32.88
CA ALA A 578 38.45 30.68 -32.59
C ALA A 578 38.74 29.36 -31.89
N SER A 579 38.05 29.09 -30.79
CA SER A 579 38.26 27.86 -30.06
C SER A 579 37.02 27.52 -29.25
N VAL A 580 36.77 26.23 -29.08
CA VAL A 580 35.65 25.75 -28.28
C VAL A 580 35.98 25.92 -26.81
N ARG A 581 35.26 26.80 -26.13
CA ARG A 581 35.42 26.98 -24.69
C ARG A 581 34.04 27.06 -24.06
N LYS A 582 34.00 26.82 -22.76
CA LYS A 582 32.75 26.90 -22.03
C LYS A 582 32.32 28.34 -21.84
N ASP A 583 31.13 28.52 -21.33
CA ASP A 583 30.61 29.84 -21.07
C ASP A 583 30.19 29.94 -19.61
N PRO A 584 30.78 30.85 -18.83
CA PRO A 584 30.49 30.85 -17.38
C PRO A 584 29.09 31.33 -17.01
N ILE A 585 28.37 31.96 -17.93
CA ILE A 585 26.97 32.25 -17.65
C ILE A 585 26.12 31.00 -17.88
N THR A 586 26.28 30.37 -19.04
CA THR A 586 25.44 29.26 -19.46
C THR A 586 26.32 28.07 -19.77
N LYS A 587 26.12 26.97 -19.03
CA LYS A 587 27.19 25.99 -18.84
C LYS A 587 27.43 25.12 -20.06
N GLU A 588 26.63 25.26 -21.11
CA GLU A 588 26.85 24.50 -22.32
C GLU A 588 28.07 24.99 -23.08
N TRP A 589 28.77 24.07 -23.71
CA TRP A 589 29.92 24.43 -24.55
C TRP A 589 29.48 25.19 -25.78
N THR A 590 30.27 26.18 -26.16
CA THR A 590 29.95 27.07 -27.27
C THR A 590 31.10 27.11 -28.25
N LEU A 591 30.79 27.05 -29.54
CA LEU A 591 31.79 27.37 -30.53
C LEU A 591 31.92 28.88 -30.64
N GLU A 592 32.98 29.42 -30.06
CA GLU A 592 33.16 30.87 -29.98
C GLU A 592 34.12 31.27 -31.07
N GLY A 593 33.60 31.93 -32.10
CA GLY A 593 34.45 32.35 -33.20
C GLY A 593 35.36 33.49 -32.79
N GLY A 594 36.48 33.61 -33.51
CA GLY A 594 37.42 34.68 -33.25
C GLY A 594 36.92 36.00 -33.80
N ALA A 595 37.75 37.03 -33.61
CA ALA A 595 37.38 38.34 -34.11
C ALA A 595 37.43 38.38 -35.62
N LEU A 596 38.34 37.61 -36.21
CA LEU A 596 38.34 37.45 -37.66
C LEU A 596 37.14 36.65 -38.13
N VAL A 597 36.60 35.78 -37.29
CA VAL A 597 35.32 35.18 -37.62
C VAL A 597 34.21 36.22 -37.49
N LEU A 598 34.31 37.05 -36.46
CA LEU A 598 33.23 37.94 -36.06
C LEU A 598 33.07 39.14 -36.98
N ALA A 599 34.12 39.55 -37.68
CA ALA A 599 34.13 40.80 -38.43
C ALA A 599 34.00 40.58 -39.92
N ASP A 600 33.18 39.63 -40.36
CA ASP A 600 33.04 39.39 -41.79
C ASP A 600 32.26 40.51 -42.46
N LYS A 601 32.75 40.93 -43.64
CA LYS A 601 32.26 42.07 -44.40
C LYS A 601 32.27 43.34 -43.57
N GLY A 602 33.39 43.57 -42.90
CA GLY A 602 33.57 44.74 -42.07
C GLY A 602 35.02 45.11 -42.05
N VAL A 603 35.47 45.73 -40.96
CA VAL A 603 36.87 46.12 -40.77
C VAL A 603 37.27 45.79 -39.34
N CYS A 604 38.30 44.96 -39.18
CA CYS A 604 38.88 44.70 -37.88
C CYS A 604 39.99 45.70 -37.58
N LEU A 605 40.33 45.83 -36.30
CA LEU A 605 41.32 46.80 -35.85
C LEU A 605 42.31 46.10 -34.94
N ILE A 606 43.56 45.95 -35.39
CA ILE A 606 44.61 45.27 -34.65
C ILE A 606 45.77 46.24 -34.51
N ASP A 607 46.36 46.31 -33.32
CA ASP A 607 47.48 47.21 -33.08
C ASP A 607 48.53 46.53 -32.23
N GLU A 608 49.75 47.09 -32.28
CA GLU A 608 50.94 46.60 -31.59
C GLU A 608 51.25 45.15 -31.96
N PHE A 609 51.67 44.97 -33.22
CA PHE A 609 52.09 43.66 -33.70
C PHE A 609 53.22 43.04 -32.88
N ASP A 610 54.12 43.85 -32.34
CA ASP A 610 55.34 43.29 -31.78
C ASP A 610 55.15 42.55 -30.46
N LYS A 611 53.95 42.50 -29.91
CA LYS A 611 53.73 41.82 -28.65
C LYS A 611 52.73 40.69 -28.81
N MET A 612 52.91 39.85 -29.82
CA MET A 612 51.95 38.81 -30.12
C MET A 612 52.63 37.44 -30.13
N ASN A 613 51.82 36.40 -30.01
CA ASN A 613 52.30 35.03 -30.02
C ASN A 613 52.45 34.52 -31.46
N ASP A 614 53.03 33.34 -31.58
CA ASP A 614 53.00 32.66 -32.87
C ASP A 614 51.62 32.09 -33.16
N GLN A 615 50.89 31.73 -32.11
CA GLN A 615 49.55 31.17 -32.26
C GLN A 615 48.60 32.16 -32.90
N ASP A 616 48.76 33.44 -32.58
CA ASP A 616 47.95 34.46 -33.22
C ASP A 616 48.45 34.76 -34.62
N ARG A 617 49.77 34.71 -34.80
CA ARG A 617 50.38 35.08 -36.07
C ARG A 617 50.04 34.09 -37.16
N THR A 618 49.90 32.81 -36.81
CA THR A 618 49.44 31.83 -37.78
C THR A 618 47.98 32.08 -38.15
N SER A 619 47.20 32.68 -37.25
CA SER A 619 45.81 32.95 -37.57
C SER A 619 45.68 34.18 -38.45
N ILE A 620 46.49 35.21 -38.21
CA ILE A 620 46.49 36.37 -39.09
C ILE A 620 47.02 35.99 -40.46
N HIS A 621 48.03 35.14 -40.50
CA HIS A 621 48.52 34.63 -41.77
C HIS A 621 47.48 33.75 -42.44
N GLU A 622 46.65 33.08 -41.65
CA GLU A 622 45.63 32.22 -42.24
C GLU A 622 44.52 33.05 -42.86
N ALA A 623 44.13 34.14 -42.19
CA ALA A 623 42.98 34.91 -42.65
C ALA A 623 43.30 35.74 -43.89
N MET A 624 44.57 36.00 -44.15
CA MET A 624 44.94 36.67 -45.39
C MET A 624 45.35 35.71 -46.48
N GLU A 625 45.48 34.42 -46.15
CA GLU A 625 45.92 33.45 -47.14
C GLU A 625 44.77 33.02 -48.03
N GLN A 626 43.75 32.40 -47.46
CA GLN A 626 42.67 31.85 -48.28
C GLN A 626 41.29 32.17 -47.74
N GLN A 627 41.19 33.15 -46.83
CA GLN A 627 39.93 33.65 -46.28
C GLN A 627 39.10 32.56 -45.60
N SER A 628 39.73 31.62 -44.91
CA SER A 628 38.97 30.55 -44.27
C SER A 628 39.72 30.01 -43.05
N ILE A 629 39.11 30.14 -41.88
CA ILE A 629 39.63 29.55 -40.67
C ILE A 629 38.98 28.19 -40.49
N SER A 630 39.80 27.14 -40.39
CA SER A 630 39.33 25.80 -40.10
C SER A 630 39.83 25.39 -38.72
N ILE A 631 38.96 24.73 -37.95
CA ILE A 631 39.30 24.30 -36.61
C ILE A 631 38.99 22.82 -36.46
N SER A 632 39.71 22.16 -35.56
CA SER A 632 39.61 20.70 -35.45
C SER A 632 39.62 20.17 -34.02
N LYS A 633 39.46 21.01 -33.01
CA LYS A 633 39.40 20.55 -31.64
C LYS A 633 38.11 21.01 -31.00
N ALA A 634 37.48 20.13 -30.21
CA ALA A 634 37.87 18.74 -30.03
C ALA A 634 37.08 17.84 -30.96
N GLY A 635 35.77 17.81 -30.78
CA GLY A 635 34.98 16.90 -31.55
C GLY A 635 34.37 17.50 -32.78
N ILE A 636 34.87 18.63 -33.24
CA ILE A 636 34.26 19.42 -34.29
C ILE A 636 35.24 19.62 -35.43
N VAL A 637 34.75 19.51 -36.67
CA VAL A 637 35.61 19.74 -37.85
C VAL A 637 34.93 20.61 -38.90
N THR A 638 35.18 21.92 -38.87
CA THR A 638 34.52 22.85 -39.78
C THR A 638 35.54 23.67 -40.56
N THR A 639 35.03 24.45 -41.51
CA THR A 639 35.78 25.54 -42.16
C THR A 639 34.88 26.77 -42.14
N LEU A 640 35.05 27.61 -41.14
CA LEU A 640 34.32 28.87 -41.09
C LEU A 640 34.93 29.85 -42.09
N GLN A 641 34.08 30.68 -42.67
CA GLN A 641 34.53 31.66 -43.65
C GLN A 641 34.73 33.02 -43.00
N ALA A 642 35.75 33.74 -43.47
CA ALA A 642 36.16 35.00 -42.88
C ALA A 642 36.78 35.84 -43.97
N ARG A 643 36.19 37.00 -44.27
CA ARG A 643 36.62 37.84 -45.37
C ARG A 643 36.90 39.26 -44.87
N CYS A 644 37.70 39.35 -43.81
CA CYS A 644 37.91 40.62 -43.12
C CYS A 644 38.77 41.59 -43.92
N SER A 645 39.04 42.72 -43.28
CA SER A 645 39.88 43.79 -43.84
C SER A 645 40.59 44.44 -42.66
N ILE A 646 41.89 44.23 -42.56
CA ILE A 646 42.63 44.60 -41.37
C ILE A 646 43.25 45.98 -41.55
N ILE A 647 43.07 46.85 -40.58
CA ILE A 647 43.82 48.09 -40.44
C ILE A 647 44.75 47.92 -39.24
N ALA A 648 46.04 48.00 -39.49
CA ALA A 648 47.03 47.76 -38.46
C ALA A 648 47.48 49.08 -37.83
N ALA A 649 48.37 48.98 -36.83
CA ALA A 649 49.00 50.15 -36.24
C ALA A 649 50.32 49.67 -35.63
N ALA A 650 51.42 49.91 -36.33
CA ALA A 650 52.69 49.33 -35.97
C ALA A 650 53.40 50.16 -34.90
N ASN A 651 54.64 49.78 -34.60
CA ASN A 651 55.46 50.44 -33.60
C ASN A 651 56.92 50.13 -33.89
N PRO A 652 57.76 51.14 -34.08
CA PRO A 652 59.16 50.88 -34.44
C PRO A 652 59.95 50.29 -33.29
N ASN A 653 61.21 49.96 -33.60
CA ASN A 653 62.09 49.32 -32.65
C ASN A 653 62.93 50.38 -31.95
N GLY A 654 62.71 50.55 -30.65
CA GLY A 654 63.47 51.51 -29.88
C GLY A 654 63.13 52.95 -30.26
N GLY A 655 64.03 53.59 -30.99
CA GLY A 655 63.81 54.93 -31.46
C GLY A 655 62.72 55.00 -32.52
N ARG A 656 62.44 56.23 -32.96
CA ARG A 656 61.31 56.46 -33.85
C ARG A 656 61.54 55.92 -35.25
N TYR A 657 62.79 55.98 -35.73
CA TYR A 657 63.12 55.59 -37.09
C TYR A 657 64.61 55.30 -37.05
N ASN A 658 64.97 54.02 -36.99
CA ASN A 658 66.23 53.61 -36.38
C ASN A 658 67.43 54.02 -37.21
N SER A 659 67.36 53.85 -38.53
CA SER A 659 68.47 54.18 -39.39
C SER A 659 67.94 54.55 -40.76
N THR A 660 68.84 54.60 -41.73
CA THR A 660 68.45 54.79 -43.11
C THR A 660 67.82 53.54 -43.71
N LEU A 661 67.93 52.41 -43.01
CA LEU A 661 67.57 51.09 -43.52
C LEU A 661 66.07 50.99 -43.80
N PRO A 662 65.66 50.15 -44.78
CA PRO A 662 64.24 50.11 -45.15
C PRO A 662 63.35 49.48 -44.10
N LEU A 663 62.05 49.41 -44.42
CA LEU A 663 61.03 49.13 -43.43
C LEU A 663 61.10 47.69 -42.94
N ALA A 664 61.38 46.74 -43.83
CA ALA A 664 61.56 45.36 -43.41
C ALA A 664 62.80 45.18 -42.57
N GLN A 665 63.78 46.07 -42.71
CA GLN A 665 64.90 46.07 -41.80
C GLN A 665 64.62 46.90 -40.56
N ASN A 666 63.79 47.93 -40.67
CA ASN A 666 63.54 48.81 -39.54
C ASN A 666 62.62 48.15 -38.52
N VAL A 667 61.50 47.63 -38.97
CA VAL A 667 60.59 46.97 -38.05
C VAL A 667 61.11 45.57 -37.75
N SER A 668 60.62 44.98 -36.67
CA SER A 668 61.04 43.66 -36.22
C SER A 668 60.11 42.56 -36.69
N LEU A 669 59.30 42.82 -37.71
CA LEU A 669 58.36 41.83 -38.22
C LEU A 669 59.06 40.90 -39.21
N THR A 670 58.27 40.14 -39.94
CA THR A 670 58.79 39.20 -40.91
C THR A 670 58.29 39.55 -42.31
N GLU A 671 58.89 38.88 -43.28
CA GLU A 671 58.56 39.12 -44.68
C GLU A 671 57.20 38.56 -45.14
N PRO A 672 56.77 37.33 -44.79
CA PRO A 672 55.45 36.88 -45.29
C PRO A 672 54.27 37.63 -44.72
N ILE A 673 54.41 38.35 -43.61
CA ILE A 673 53.33 39.21 -43.16
C ILE A 673 53.46 40.60 -43.77
N LEU A 674 54.58 40.89 -44.42
CA LEU A 674 54.75 42.13 -45.16
C LEU A 674 54.39 41.97 -46.62
N SER A 675 54.32 40.73 -47.11
CA SER A 675 53.97 40.51 -48.51
C SER A 675 52.49 40.77 -48.77
N ARG A 676 51.63 40.60 -47.76
CA ARG A 676 50.20 40.69 -47.99
C ARG A 676 49.66 42.10 -47.82
N PHE A 677 50.31 42.92 -46.97
CA PHE A 677 49.84 44.27 -46.71
C PHE A 677 50.09 45.14 -47.93
N ASP A 678 49.09 45.92 -48.30
CA ASP A 678 49.15 46.63 -49.56
C ASP A 678 49.74 48.03 -49.41
N ILE A 679 49.10 48.88 -48.61
CA ILE A 679 49.52 50.26 -48.47
C ILE A 679 50.39 50.36 -47.22
N LEU A 680 51.32 51.31 -47.24
CA LEU A 680 52.31 51.43 -46.16
C LEU A 680 52.39 52.91 -45.78
N CYS A 681 52.01 53.23 -44.55
CA CYS A 681 52.00 54.60 -44.06
C CYS A 681 53.13 54.83 -43.07
N VAL A 682 53.80 55.96 -43.21
CA VAL A 682 54.89 56.35 -42.33
C VAL A 682 54.52 57.71 -41.73
N VAL A 683 54.75 57.87 -40.43
CA VAL A 683 54.48 59.13 -39.75
C VAL A 683 55.78 59.88 -39.46
N ARG A 684 55.65 61.20 -39.38
CA ARG A 684 56.74 62.16 -39.49
C ARG A 684 56.39 63.35 -38.61
N ASP A 685 57.38 64.10 -38.09
CA ASP A 685 58.82 64.07 -38.38
C ASP A 685 59.70 64.47 -37.20
N LEU A 686 60.95 64.81 -37.54
CA LEU A 686 61.85 65.49 -36.64
C LEU A 686 61.36 66.93 -36.42
N VAL A 687 61.85 67.54 -35.33
CA VAL A 687 61.34 68.80 -34.80
C VAL A 687 61.43 69.95 -35.81
N ASP A 688 60.28 70.50 -36.18
CA ASP A 688 60.18 71.51 -37.23
C ASP A 688 59.21 72.61 -36.77
N GLU A 689 59.44 73.82 -37.29
CA GLU A 689 58.90 75.03 -36.65
C GLU A 689 57.39 75.16 -36.83
N GLU A 690 56.92 75.10 -38.08
CA GLU A 690 55.53 75.41 -38.39
C GLU A 690 54.57 74.36 -37.83
N ALA A 691 55.02 73.11 -37.72
CA ALA A 691 54.21 72.10 -37.06
C ALA A 691 54.17 72.30 -35.54
N ASP A 692 55.24 72.85 -34.96
CA ASP A 692 55.23 73.18 -33.54
C ASP A 692 54.24 74.30 -33.26
N GLU A 693 54.18 75.28 -34.15
CA GLU A 693 53.25 76.39 -34.00
C GLU A 693 51.81 75.91 -34.18
N ARG A 694 51.50 75.35 -35.35
CA ARG A 694 50.13 74.96 -35.68
C ARG A 694 49.65 73.79 -34.81
N LEU A 695 50.58 73.00 -34.31
CA LEU A 695 50.22 71.91 -33.41
C LEU A 695 49.96 72.44 -32.01
N ALA A 696 50.92 73.18 -31.45
CA ALA A 696 50.85 73.60 -30.05
C ALA A 696 49.72 74.59 -29.82
N THR A 697 49.43 75.45 -30.80
CA THR A 697 48.28 76.32 -30.70
C THR A 697 46.97 75.54 -30.68
N PHE A 698 46.91 74.42 -31.39
CA PHE A 698 45.74 73.57 -31.31
C PHE A 698 45.71 72.79 -30.00
N VAL A 699 46.87 72.54 -29.41
CA VAL A 699 46.93 71.84 -28.13
C VAL A 699 46.37 72.71 -27.03
N VAL A 700 46.83 73.96 -26.94
CA VAL A 700 46.31 74.84 -25.90
C VAL A 700 44.88 75.26 -26.24
N ASP A 701 44.55 75.34 -27.54
CA ASP A 701 43.18 75.53 -27.98
C ASP A 701 42.27 74.41 -27.53
N SER A 702 42.82 73.19 -27.39
CA SER A 702 42.03 72.08 -26.87
C SER A 702 42.01 72.02 -25.36
N HIS A 703 43.06 72.47 -24.68
CA HIS A 703 43.16 72.31 -23.23
C HIS A 703 42.58 73.48 -22.44
N VAL A 704 42.41 74.64 -23.05
CA VAL A 704 41.82 75.78 -22.35
C VAL A 704 40.34 75.53 -22.07
N ARG A 705 39.65 74.86 -22.99
CA ARG A 705 38.22 74.61 -22.90
C ARG A 705 37.92 73.66 -21.74
N SER A 706 37.38 74.22 -20.66
CA SER A 706 37.07 73.45 -19.47
C SER A 706 35.71 72.78 -19.58
N SER A 756 32.50 73.45 -44.45
CA SER A 756 33.42 72.64 -45.25
C SER A 756 33.31 71.09 -45.04
N PRO A 757 33.10 70.58 -43.82
CA PRO A 757 32.74 69.17 -43.71
C PRO A 757 31.24 68.97 -43.77
N ILE A 758 30.86 67.75 -44.14
CA ILE A 758 29.49 67.29 -43.94
C ILE A 758 29.46 66.76 -42.51
N PRO A 759 28.41 67.01 -41.72
CA PRO A 759 28.28 66.31 -40.45
C PRO A 759 28.15 64.81 -40.65
N GLN A 760 28.53 64.07 -39.60
CA GLN A 760 28.94 62.68 -39.76
C GLN A 760 27.79 61.74 -40.08
N GLU A 761 26.55 62.15 -39.87
CA GLU A 761 25.41 61.27 -40.13
C GLU A 761 25.22 61.05 -41.63
N LEU A 762 25.38 62.11 -42.42
CA LEU A 762 25.15 61.97 -43.86
C LEU A 762 26.27 61.20 -44.52
N LEU A 763 27.50 61.32 -44.02
CA LEU A 763 28.57 60.52 -44.60
C LEU A 763 28.49 59.06 -44.16
N MET A 764 28.07 58.80 -42.90
CA MET A 764 27.98 57.42 -42.48
C MET A 764 26.78 56.72 -43.12
N LYS A 765 25.76 57.46 -43.52
CA LYS A 765 24.76 56.86 -44.39
C LYS A 765 25.31 56.71 -45.80
N TYR A 766 26.17 57.65 -46.21
CA TYR A 766 26.62 57.74 -47.60
C TYR A 766 27.49 56.55 -47.97
N ILE A 767 28.47 56.22 -47.11
CA ILE A 767 29.31 55.08 -47.38
C ILE A 767 28.56 53.77 -47.21
N HIS A 768 27.51 53.75 -46.40
CA HIS A 768 26.74 52.52 -46.25
C HIS A 768 25.95 52.21 -47.52
N TYR A 769 25.16 53.18 -47.98
CA TYR A 769 24.41 53.01 -49.23
C TYR A 769 25.35 52.87 -50.42
N ALA A 770 26.55 53.44 -50.32
CA ALA A 770 27.53 53.26 -51.38
C ALA A 770 28.05 51.83 -51.39
N ARG A 771 28.35 51.26 -50.22
CA ARG A 771 28.93 49.92 -50.18
C ARG A 771 27.89 48.84 -50.41
N THR A 772 26.59 49.15 -50.25
CA THR A 772 25.57 48.11 -50.42
C THR A 772 25.44 47.68 -51.87
N LYS A 773 25.21 48.63 -52.78
CA LYS A 773 24.58 48.29 -54.05
C LYS A 773 25.49 48.44 -55.27
N ILE A 774 26.13 49.60 -55.43
CA ILE A 774 26.66 49.99 -56.74
C ILE A 774 27.91 49.18 -57.09
N TYR A 775 27.94 48.68 -58.32
CA TYR A 775 29.02 47.83 -58.83
C TYR A 775 29.61 48.44 -60.09
N PRO A 776 30.86 48.93 -60.05
CA PRO A 776 31.46 49.50 -61.25
C PRO A 776 32.27 48.49 -62.04
N LYS A 777 32.51 48.85 -63.30
CA LYS A 777 33.39 48.11 -64.19
C LYS A 777 34.19 49.12 -65.00
N LEU A 778 35.24 48.64 -65.64
CA LEU A 778 36.01 49.48 -66.54
C LEU A 778 35.99 48.89 -67.93
N HIS A 779 35.90 49.75 -68.94
CA HIS A 779 35.98 49.31 -70.32
C HIS A 779 37.43 49.07 -70.71
N GLN A 780 37.60 48.28 -71.77
CA GLN A 780 38.90 47.74 -72.15
C GLN A 780 39.52 48.52 -73.31
N MET A 781 39.25 49.82 -73.39
CA MET A 781 39.61 50.61 -74.56
C MET A 781 40.76 51.58 -74.33
N ASP A 782 41.00 52.00 -73.09
CA ASP A 782 42.07 52.91 -72.77
C ASP A 782 43.15 52.29 -71.91
N MET A 783 42.94 51.06 -71.43
CA MET A 783 43.73 50.48 -70.37
C MET A 783 45.08 49.94 -70.84
N ASP A 784 45.46 50.16 -72.09
CA ASP A 784 46.70 49.63 -72.60
C ASP A 784 47.89 50.50 -72.27
N LYS A 785 47.68 51.71 -71.77
CA LYS A 785 48.79 52.54 -71.31
C LYS A 785 49.37 51.98 -70.01
N VAL A 786 48.53 51.38 -69.17
CA VAL A 786 48.91 50.99 -67.82
C VAL A 786 49.95 49.87 -67.83
N SER A 787 49.86 48.99 -68.83
CA SER A 787 50.87 47.94 -68.98
C SER A 787 52.23 48.52 -69.31
N ARG A 788 52.26 49.55 -70.15
CA ARG A 788 53.51 50.23 -70.45
C ARG A 788 54.01 51.01 -69.25
N VAL A 789 53.10 51.50 -68.41
CA VAL A 789 53.50 52.17 -67.17
C VAL A 789 54.18 51.18 -66.23
N TYR A 790 53.59 49.99 -66.06
CA TYR A 790 54.18 48.99 -65.17
C TYR A 790 55.50 48.47 -65.71
N ALA A 791 55.60 48.32 -67.03
CA ALA A 791 56.86 47.88 -67.62
C ALA A 791 57.95 48.92 -67.44
N ASP A 792 57.60 50.20 -67.58
CA ASP A 792 58.58 51.25 -67.40
C ASP A 792 58.98 51.41 -65.94
N LEU A 793 58.06 51.16 -65.01
CA LEU A 793 58.43 51.12 -63.60
C LEU A 793 59.36 49.94 -63.32
N ARG A 794 59.06 48.78 -63.90
CA ARG A 794 59.76 47.56 -63.53
C ARG A 794 61.16 47.50 -64.12
N ARG A 795 61.35 48.07 -65.31
CA ARG A 795 62.62 47.90 -66.02
C ARG A 795 63.74 48.71 -65.40
N GLU A 796 63.42 49.80 -64.70
CA GLU A 796 64.45 50.62 -64.09
C GLU A 796 64.64 50.34 -62.61
N SER A 797 63.70 49.62 -62.01
CA SER A 797 63.70 49.34 -60.59
C SER A 797 64.38 48.01 -60.26
N ILE A 798 65.31 47.57 -61.10
CA ILE A 798 66.10 46.39 -60.80
C ILE A 798 67.41 46.76 -60.11
N SER A 799 67.97 47.92 -60.49
CA SER A 799 69.18 48.43 -59.86
C SER A 799 68.97 48.84 -58.41
N THR A 800 67.74 49.14 -58.02
CA THR A 800 67.37 49.43 -56.64
C THR A 800 66.23 48.52 -56.21
N GLY A 801 65.79 48.69 -54.97
CA GLY A 801 64.71 47.88 -54.42
C GLY A 801 65.20 46.53 -53.94
N SER A 802 64.43 45.89 -53.07
CA SER A 802 64.76 44.54 -52.60
C SER A 802 63.48 43.76 -52.28
N PHE A 803 62.95 43.01 -53.25
CA PHE A 803 63.22 43.18 -54.69
C PHE A 803 62.50 44.42 -55.24
N PRO A 804 61.24 44.68 -54.84
CA PRO A 804 60.05 43.95 -54.36
C PRO A 804 58.90 44.06 -55.34
N ILE A 805 59.22 44.38 -56.59
CA ILE A 805 58.21 44.68 -57.59
C ILE A 805 57.60 43.37 -58.06
N THR A 806 56.30 43.23 -57.82
CA THR A 806 55.56 42.02 -58.14
C THR A 806 54.32 42.48 -58.89
N VAL A 807 53.52 41.53 -59.38
CA VAL A 807 52.27 41.93 -60.01
C VAL A 807 51.14 42.08 -59.01
N ARG A 808 51.33 41.66 -57.76
CA ARG A 808 50.45 42.09 -56.67
C ARG A 808 50.45 43.59 -56.58
N HIS A 809 51.63 44.18 -56.73
CA HIS A 809 51.80 45.61 -56.75
C HIS A 809 51.11 46.25 -57.95
N LEU A 810 50.82 45.48 -59.00
CA LEU A 810 49.98 45.95 -60.09
C LEU A 810 48.50 45.79 -59.78
N GLU A 811 48.12 44.71 -59.10
CA GLU A 811 46.72 44.48 -58.78
C GLU A 811 46.20 45.53 -57.80
N SER A 812 47.09 46.04 -56.95
CA SER A 812 46.76 47.13 -56.03
C SER A 812 46.25 48.37 -56.76
N ILE A 813 46.81 48.65 -57.94
CA ILE A 813 46.41 49.79 -58.75
C ILE A 813 44.95 49.67 -59.14
N LEU A 814 44.54 48.49 -59.56
CA LEU A 814 43.17 48.33 -60.01
C LEU A 814 42.19 48.24 -58.84
N ARG A 815 42.61 47.70 -57.70
CA ARG A 815 41.67 47.62 -56.59
C ARG A 815 41.42 48.99 -55.97
N ILE A 816 42.49 49.75 -55.72
CA ILE A 816 42.31 51.12 -55.25
C ILE A 816 41.64 51.98 -56.31
N ALA A 817 41.93 51.69 -57.58
CA ALA A 817 41.35 52.44 -58.69
C ALA A 817 39.84 52.27 -58.76
N GLU A 818 39.35 51.04 -58.62
CA GLU A 818 37.90 50.85 -58.62
C GLU A 818 37.27 51.35 -57.34
N SER A 819 38.02 51.48 -56.25
CA SER A 819 37.44 52.16 -55.10
C SER A 819 37.24 53.64 -55.37
N PHE A 820 38.20 54.26 -56.06
CA PHE A 820 38.04 55.64 -56.51
C PHE A 820 36.88 55.79 -57.49
N ALA A 821 36.62 54.77 -58.31
CA ALA A 821 35.45 54.82 -59.17
C ALA A 821 34.15 54.66 -58.39
N LYS A 822 34.17 53.89 -57.30
CA LYS A 822 33.00 53.85 -56.43
C LYS A 822 32.80 55.13 -55.62
N MET A 823 33.80 56.00 -55.52
CA MET A 823 33.60 57.21 -54.73
C MET A 823 32.61 58.20 -55.37
N ARG A 824 32.33 58.10 -56.66
CA ARG A 824 31.34 58.96 -57.30
C ARG A 824 29.99 58.28 -57.47
N LEU A 825 29.92 56.96 -57.27
CA LEU A 825 28.75 56.11 -57.55
C LEU A 825 28.32 56.25 -59.01
N SER A 826 29.28 56.12 -59.92
CA SER A 826 29.07 56.47 -61.32
C SER A 826 29.12 55.28 -62.28
N GLU A 827 29.60 54.12 -61.81
CA GLU A 827 29.63 52.83 -62.51
C GLU A 827 30.59 52.79 -63.71
N PHE A 828 31.18 53.92 -64.08
CA PHE A 828 32.20 53.98 -65.11
C PHE A 828 33.51 54.49 -64.51
N VAL A 829 34.62 53.93 -64.96
CA VAL A 829 35.93 54.23 -64.41
C VAL A 829 36.57 55.34 -65.21
N SER A 830 36.81 56.48 -64.57
CA SER A 830 37.45 57.62 -65.21
C SER A 830 38.96 57.58 -64.99
N SER A 831 39.66 58.50 -65.63
CA SER A 831 41.11 58.48 -65.58
C SER A 831 41.68 59.06 -64.29
N TYR A 832 40.90 59.90 -63.59
CA TYR A 832 41.31 60.42 -62.28
C TYR A 832 41.51 59.30 -61.27
N ASP A 833 40.74 58.22 -61.41
CA ASP A 833 40.89 57.02 -60.58
C ASP A 833 42.30 56.44 -60.74
N LEU A 834 42.70 56.21 -61.99
CA LEU A 834 44.02 55.65 -62.27
C LEU A 834 45.13 56.61 -61.87
N ASP A 835 44.93 57.91 -62.06
CA ASP A 835 45.99 58.86 -61.76
C ASP A 835 46.24 58.97 -60.26
N ARG A 836 45.16 59.11 -59.47
CA ARG A 836 45.32 59.17 -58.02
C ARG A 836 45.80 57.84 -57.45
N ALA A 837 45.38 56.72 -58.06
CA ALA A 837 45.83 55.40 -57.59
C ALA A 837 47.32 55.21 -57.82
N ILE A 838 47.79 55.57 -59.01
CA ILE A 838 49.21 55.56 -59.33
C ILE A 838 49.98 56.47 -58.36
N LYS A 839 49.38 57.60 -57.97
CA LYS A 839 50.07 58.49 -57.04
C LYS A 839 50.23 57.87 -55.66
N VAL A 840 49.14 57.38 -55.06
CA VAL A 840 49.20 56.89 -53.68
C VAL A 840 50.04 55.61 -53.59
N VAL A 841 49.88 54.71 -54.56
CA VAL A 841 50.65 53.47 -54.50
C VAL A 841 52.13 53.73 -54.78
N VAL A 842 52.42 54.56 -55.77
CA VAL A 842 53.83 54.77 -56.15
C VAL A 842 54.58 55.55 -55.09
N ASP A 843 53.99 56.62 -54.54
CA ASP A 843 54.74 57.30 -53.49
C ASP A 843 54.71 56.55 -52.17
N SER A 844 53.79 55.60 -52.01
CA SER A 844 53.93 54.69 -50.88
C SER A 844 55.08 53.71 -51.09
N PHE A 845 55.31 53.32 -52.35
CA PHE A 845 56.44 52.48 -52.66
C PHE A 845 57.75 53.22 -52.50
N VAL A 846 57.75 54.54 -52.74
CA VAL A 846 58.95 55.34 -52.59
C VAL A 846 59.34 55.46 -51.13
N ASP A 847 58.39 55.84 -50.28
CA ASP A 847 58.67 56.26 -48.92
C ASP A 847 59.07 55.13 -47.98
N ALA A 848 59.04 53.88 -48.42
CA ALA A 848 59.50 52.79 -47.57
C ALA A 848 60.97 52.49 -47.77
N GLN A 849 61.62 53.14 -48.73
CA GLN A 849 62.95 52.75 -49.16
C GLN A 849 64.01 53.38 -48.27
N LYS A 850 65.27 53.28 -48.69
CA LYS A 850 66.43 53.78 -47.97
C LYS A 850 66.58 55.28 -48.26
N VAL A 851 67.63 55.91 -47.73
CA VAL A 851 67.98 57.28 -48.09
C VAL A 851 68.45 57.36 -49.54
N SER A 852 68.88 56.25 -50.13
CA SER A 852 69.23 56.23 -51.54
C SER A 852 68.02 56.14 -52.47
N VAL A 853 66.84 56.52 -51.97
CA VAL A 853 65.65 56.70 -52.79
C VAL A 853 65.68 58.04 -53.54
N ARG A 854 66.67 58.89 -53.28
CA ARG A 854 66.80 60.13 -54.04
C ARG A 854 67.08 59.85 -55.51
N ARG A 855 67.75 58.73 -55.80
CA ARG A 855 67.86 58.22 -57.16
C ARG A 855 66.49 57.90 -57.73
N GLN A 856 65.60 57.34 -56.92
CA GLN A 856 64.25 56.99 -57.34
C GLN A 856 63.37 58.23 -57.52
N LEU A 857 63.72 59.34 -56.86
CA LEU A 857 62.91 60.55 -56.97
C LEU A 857 63.02 61.21 -58.34
N ARG A 858 64.11 60.97 -59.05
CA ARG A 858 64.41 61.72 -60.27
C ARG A 858 63.68 61.20 -61.51
N ARG A 859 62.82 60.20 -61.37
CA ARG A 859 62.17 59.59 -62.52
C ARG A 859 60.65 59.67 -62.51
N SER A 860 60.04 59.85 -61.35
CA SER A 860 58.59 59.80 -61.23
C SER A 860 57.93 61.17 -61.42
N PHE A 861 58.58 62.07 -62.15
CA PHE A 861 58.02 63.40 -62.37
C PHE A 861 57.03 63.40 -63.52
N ALA A 862 57.30 62.60 -64.56
CA ALA A 862 56.27 62.34 -65.56
C ALA A 862 55.14 61.53 -64.97
N ILE A 863 55.44 60.71 -63.95
CA ILE A 863 54.41 60.02 -63.20
C ILE A 863 53.62 61.00 -62.34
N TYR A 864 54.30 62.01 -61.82
CA TYR A 864 53.65 63.09 -61.07
C TYR A 864 52.76 63.94 -62.00
N THR B 13 10.54 -32.11 -9.34
CA THR B 13 10.20 -31.20 -10.44
C THR B 13 10.45 -29.75 -10.05
N PHE B 14 11.26 -29.06 -10.84
CA PHE B 14 11.37 -27.60 -10.69
C PHE B 14 10.05 -26.92 -11.06
N PHE B 15 9.63 -27.08 -12.31
CA PHE B 15 8.31 -26.64 -12.76
C PHE B 15 7.70 -27.66 -13.71
N ALA B 16 8.22 -28.90 -13.71
CA ALA B 16 7.84 -30.05 -14.54
C ALA B 16 7.81 -29.66 -15.99
N PRO B 17 8.98 -29.49 -16.61
CA PRO B 17 9.07 -28.69 -17.83
C PRO B 17 8.40 -29.35 -19.03
N ASP B 18 8.13 -28.52 -20.02
CA ASP B 18 7.27 -28.89 -21.12
C ASP B 18 7.94 -29.88 -22.06
N ALA B 19 7.14 -30.38 -22.99
CA ALA B 19 7.68 -31.23 -24.04
C ALA B 19 8.43 -30.44 -25.10
N VAL B 20 8.33 -29.11 -25.11
CA VAL B 20 9.18 -28.32 -25.98
C VAL B 20 10.64 -28.45 -25.57
N PHE B 21 10.89 -28.29 -24.27
CA PHE B 21 12.22 -28.47 -23.70
C PHE B 21 12.74 -29.88 -23.96
N GLY B 22 11.84 -30.86 -23.93
CA GLY B 22 12.20 -32.21 -24.34
C GLY B 22 12.55 -32.31 -25.82
N ASP B 23 11.90 -31.53 -26.68
CA ASP B 23 12.22 -31.57 -28.09
C ASP B 23 13.60 -31.01 -28.37
N ARG B 24 13.93 -29.87 -27.76
CA ARG B 24 15.25 -29.28 -27.95
C ARG B 24 16.34 -30.19 -27.40
N VAL B 25 16.11 -30.78 -26.23
CA VAL B 25 17.13 -31.62 -25.61
C VAL B 25 17.36 -32.88 -26.44
N ARG B 26 16.29 -33.47 -26.97
CA ARG B 26 16.46 -34.68 -27.76
C ARG B 26 17.16 -34.40 -29.09
N ARG B 27 16.81 -33.28 -29.74
CA ARG B 27 17.43 -32.98 -31.03
C ARG B 27 18.91 -32.66 -30.89
N PHE B 28 19.27 -31.85 -29.89
CA PHE B 28 20.68 -31.53 -29.70
C PHE B 28 21.46 -32.73 -29.20
N GLN B 29 20.80 -33.64 -28.49
CA GLN B 29 21.39 -34.93 -28.16
C GLN B 29 21.76 -35.70 -29.43
N GLU B 30 20.88 -35.68 -30.43
CA GLU B 30 21.16 -36.39 -31.67
C GLU B 30 22.31 -35.76 -32.46
N PHE B 31 22.39 -34.43 -32.48
CA PHE B 31 23.53 -33.78 -33.11
C PHE B 31 24.83 -34.10 -32.40
N LEU B 32 24.82 -34.04 -31.07
CA LEU B 32 26.09 -34.25 -30.35
C LEU B 32 26.54 -35.69 -30.44
N ASP B 33 25.62 -36.63 -30.63
CA ASP B 33 26.06 -37.98 -30.89
C ASP B 33 26.30 -38.25 -32.37
N THR B 34 25.97 -37.30 -33.25
CA THR B 34 26.25 -37.50 -34.68
C THR B 34 27.73 -37.37 -34.98
N PHE B 35 28.32 -36.23 -34.64
CA PHE B 35 29.74 -35.97 -34.85
C PHE B 35 30.44 -36.28 -33.54
N THR B 36 31.50 -37.08 -33.58
CA THR B 36 31.98 -37.74 -32.38
C THR B 36 33.38 -37.29 -31.96
N SER B 37 33.79 -36.08 -32.33
CA SER B 37 35.03 -35.55 -31.77
C SER B 37 34.81 -34.97 -30.39
N TYR B 38 33.61 -34.46 -30.14
CA TYR B 38 33.33 -33.72 -28.92
C TYR B 38 33.30 -34.66 -27.73
N ARG B 39 32.81 -35.88 -27.95
CA ARG B 39 32.87 -36.93 -26.94
C ARG B 39 34.32 -37.23 -26.55
N ASP B 40 35.22 -37.22 -27.52
CA ASP B 40 36.62 -37.46 -27.22
C ASP B 40 37.25 -36.29 -26.48
N SER B 41 36.79 -35.07 -26.75
CA SER B 41 37.30 -33.92 -26.00
C SER B 41 36.85 -33.97 -24.54
N VAL B 42 35.58 -34.30 -24.31
CA VAL B 42 35.06 -34.46 -22.95
C VAL B 42 35.80 -35.56 -22.22
N ARG B 43 36.12 -36.63 -22.95
CA ARG B 43 36.91 -37.71 -22.38
C ARG B 43 38.31 -37.24 -21.99
N SER B 44 38.89 -36.34 -22.80
CA SER B 44 40.23 -35.85 -22.48
C SER B 44 40.24 -34.98 -21.24
N ILE B 45 39.25 -34.09 -21.11
CA ILE B 45 39.15 -33.24 -19.91
C ILE B 45 38.94 -34.09 -18.66
N GLN B 46 38.07 -35.09 -18.78
CA GLN B 46 37.71 -35.89 -17.62
C GLN B 46 38.88 -36.77 -17.16
N VAL B 47 39.61 -37.35 -18.10
CA VAL B 47 40.76 -38.18 -17.76
C VAL B 47 41.88 -37.34 -17.17
N TYR B 48 42.11 -36.15 -17.71
CA TYR B 48 43.18 -35.28 -17.20
C TYR B 48 42.93 -34.86 -15.77
N ASN B 49 41.70 -34.41 -15.47
CA ASN B 49 41.40 -34.07 -14.08
C ASN B 49 41.43 -35.31 -13.17
N SER B 50 41.09 -36.48 -13.72
CA SER B 50 41.14 -37.71 -12.91
C SER B 50 42.55 -38.05 -12.49
N ASN B 51 43.48 -38.07 -13.45
CA ASN B 51 44.86 -38.45 -13.11
C ASN B 51 45.57 -37.37 -12.29
N ASN B 52 45.19 -36.10 -12.49
CA ASN B 52 45.69 -35.06 -11.60
C ASN B 52 45.21 -35.29 -10.17
N ALA B 53 43.94 -35.70 -10.01
CA ALA B 53 43.43 -36.02 -8.69
C ALA B 53 44.13 -37.23 -8.08
N ALA B 54 44.56 -38.18 -8.92
CA ALA B 54 45.34 -39.31 -8.42
C ALA B 54 46.73 -38.88 -7.95
N ASN B 55 47.34 -37.92 -8.65
CA ASN B 55 48.63 -37.41 -8.18
C ASN B 55 48.48 -36.64 -6.88
N TYR B 56 47.41 -35.87 -6.74
CA TYR B 56 47.21 -35.08 -5.53
C TYR B 56 46.64 -35.89 -4.37
N ASN B 57 46.18 -37.12 -4.61
CA ASN B 57 45.73 -38.00 -3.54
C ASN B 57 46.64 -39.20 -3.29
N ASP B 58 47.71 -39.37 -4.07
CA ASP B 58 48.55 -40.54 -3.88
C ASP B 58 50.00 -40.23 -3.55
N ASP B 59 50.61 -39.23 -4.19
CA ASP B 59 52.01 -38.92 -3.91
C ASP B 59 52.16 -38.22 -2.56
N GLN B 60 51.34 -37.22 -2.29
CA GLN B 60 51.50 -36.40 -1.08
C GLN B 60 50.75 -37.07 0.08
N ASP B 61 51.43 -38.04 0.67
CA ASP B 61 50.90 -38.76 1.83
C ASP B 61 52.02 -39.27 2.73
N ILE B 91 41.53 -28.65 -12.21
CA ILE B 91 42.20 -27.41 -12.56
C ILE B 91 41.64 -26.86 -13.87
N LEU B 92 41.53 -27.71 -14.88
CA LEU B 92 40.99 -27.28 -16.16
C LEU B 92 39.51 -26.93 -16.02
N PRO B 93 39.03 -25.91 -16.72
CA PRO B 93 37.63 -25.53 -16.62
C PRO B 93 36.74 -26.48 -17.39
N HIS B 94 35.45 -26.22 -17.34
CA HIS B 94 34.45 -27.08 -17.97
C HIS B 94 33.73 -26.30 -19.07
N ARG B 95 34.28 -26.35 -20.29
CA ARG B 95 33.56 -25.84 -21.46
C ARG B 95 34.11 -26.48 -22.72
N ILE B 96 33.22 -26.77 -23.66
CA ILE B 96 33.55 -27.41 -24.92
C ILE B 96 33.39 -26.39 -26.02
N ILE B 97 34.38 -26.29 -26.89
CA ILE B 97 34.31 -25.34 -28.00
C ILE B 97 33.53 -25.97 -29.14
N ILE B 98 32.36 -25.40 -29.44
CA ILE B 98 31.51 -25.84 -30.54
C ILE B 98 31.64 -24.85 -31.69
N SER B 99 31.94 -25.35 -32.88
CA SER B 99 32.05 -24.51 -34.05
C SER B 99 30.71 -24.45 -34.76
N LEU B 100 30.40 -23.29 -35.34
CA LEU B 100 29.18 -23.15 -36.12
C LEU B 100 29.34 -23.56 -37.57
N ASP B 101 30.33 -24.37 -37.91
CA ASP B 101 30.36 -24.94 -39.24
C ASP B 101 29.29 -26.01 -39.39
N ASP B 102 29.14 -26.84 -38.37
CA ASP B 102 28.45 -28.10 -38.57
C ASP B 102 26.94 -27.94 -38.53
N LEU B 103 26.45 -27.00 -37.72
CA LEU B 103 25.03 -26.83 -37.57
C LEU B 103 24.36 -26.28 -38.82
N ARG B 104 25.12 -25.63 -39.71
CA ARG B 104 24.51 -25.18 -40.95
C ARG B 104 24.21 -26.36 -41.87
N GLU B 105 25.05 -27.39 -41.84
CA GLU B 105 24.75 -28.63 -42.55
C GLU B 105 24.06 -29.67 -41.69
N PHE B 106 23.62 -29.32 -40.48
CA PHE B 106 22.79 -30.25 -39.73
C PHE B 106 21.32 -29.82 -39.72
N ASP B 107 21.03 -28.63 -39.21
CA ASP B 107 19.65 -28.14 -39.11
C ASP B 107 19.63 -26.65 -39.39
N ARG B 108 18.80 -26.23 -40.34
CA ARG B 108 18.60 -24.80 -40.53
C ARG B 108 17.80 -24.21 -39.37
N SER B 109 16.91 -25.01 -38.78
CA SER B 109 16.05 -24.51 -37.71
C SER B 109 16.85 -24.22 -36.46
N PHE B 110 17.81 -25.06 -36.15
CA PHE B 110 18.57 -24.88 -34.93
C PHE B 110 19.60 -23.76 -35.11
N TRP B 111 20.20 -23.70 -36.29
CA TRP B 111 21.11 -22.64 -36.73
C TRP B 111 20.47 -21.28 -36.61
N SER B 112 19.41 -21.03 -37.39
CA SER B 112 18.78 -19.73 -37.35
C SER B 112 17.91 -19.56 -36.13
N GLY B 113 17.80 -20.60 -35.32
CA GLY B 113 17.19 -20.44 -34.02
C GLY B 113 18.12 -19.80 -33.00
N ILE B 114 19.39 -20.22 -32.99
CA ILE B 114 20.33 -19.63 -32.01
C ILE B 114 20.59 -18.16 -32.30
N LEU B 115 20.86 -17.81 -33.56
CA LEU B 115 21.27 -16.46 -33.89
C LEU B 115 20.14 -15.46 -33.90
N VAL B 116 18.95 -15.79 -33.41
CA VAL B 116 17.84 -14.85 -33.33
C VAL B 116 17.34 -14.70 -31.90
N GLU B 117 17.09 -15.82 -31.22
CA GLU B 117 16.55 -15.80 -29.86
C GLU B 117 17.33 -16.78 -28.99
N PRO B 118 18.43 -16.35 -28.41
CA PRO B 118 19.30 -17.30 -27.72
C PRO B 118 18.85 -17.63 -26.32
N ALA B 119 17.85 -16.94 -25.78
CA ALA B 119 17.38 -17.29 -24.45
C ALA B 119 16.41 -18.45 -24.45
N TYR B 120 16.17 -19.07 -25.61
CA TYR B 120 15.33 -20.25 -25.70
C TYR B 120 16.09 -21.48 -26.14
N PHE B 121 17.33 -21.34 -26.55
CA PHE B 121 18.07 -22.42 -27.17
C PHE B 121 19.40 -22.76 -26.51
N ILE B 122 19.94 -21.90 -25.67
CA ILE B 122 21.20 -22.23 -25.00
C ILE B 122 20.99 -23.10 -23.75
N PRO B 123 20.07 -22.82 -22.82
CA PRO B 123 19.90 -23.73 -21.66
C PRO B 123 19.44 -25.15 -21.99
N PRO B 124 18.70 -25.43 -23.09
CA PRO B 124 18.50 -26.86 -23.38
C PRO B 124 19.76 -27.58 -23.80
N ALA B 125 20.58 -26.97 -24.66
CA ALA B 125 21.80 -27.64 -25.12
C ALA B 125 22.79 -27.82 -23.97
N GLU B 126 22.86 -26.86 -23.06
CA GLU B 126 23.69 -27.04 -21.88
C GLU B 126 23.15 -28.17 -21.00
N LYS B 127 21.82 -28.30 -20.91
CA LYS B 127 21.25 -29.39 -20.12
C LYS B 127 21.59 -30.76 -20.72
N ALA B 128 21.53 -30.88 -22.05
CA ALA B 128 21.85 -32.16 -22.66
C ALA B 128 23.33 -32.47 -22.55
N LEU B 129 24.18 -31.45 -22.56
CA LEU B 129 25.60 -31.74 -22.44
C LEU B 129 25.97 -32.16 -21.03
N THR B 130 25.33 -31.60 -20.00
CA THR B 130 25.54 -32.14 -18.67
C THR B 130 24.95 -33.53 -18.52
N ASP B 131 23.92 -33.84 -19.30
CA ASP B 131 23.40 -35.20 -19.29
C ASP B 131 24.42 -36.19 -19.85
N LEU B 132 25.08 -35.81 -20.94
CA LEU B 132 26.07 -36.70 -21.54
C LEU B 132 27.30 -36.84 -20.65
N ALA B 133 27.75 -35.74 -20.05
CA ALA B 133 28.92 -35.80 -19.20
C ALA B 133 28.66 -36.52 -17.90
N ASP B 134 27.44 -36.43 -17.36
CA ASP B 134 27.13 -37.24 -16.18
C ASP B 134 26.96 -38.70 -16.53
N SER B 135 26.42 -38.98 -17.71
CA SER B 135 26.18 -40.38 -18.09
C SER B 135 27.45 -41.10 -18.47
N MET B 136 28.49 -40.38 -18.92
CA MET B 136 29.69 -41.06 -19.36
C MET B 136 30.55 -41.51 -18.18
N ASP B 137 30.67 -40.66 -17.17
CA ASP B 137 31.26 -41.08 -15.90
C ASP B 137 30.16 -41.20 -14.86
N HIS B 151 27.01 -29.48 -11.95
CA HIS B 151 28.10 -28.89 -12.72
C HIS B 151 27.57 -28.18 -13.94
N PRO B 152 28.11 -27.02 -14.21
CA PRO B 152 27.58 -26.21 -15.33
C PRO B 152 27.79 -26.72 -16.75
N TRP B 153 29.03 -26.97 -17.19
CA TRP B 153 29.38 -27.41 -18.56
C TRP B 153 28.83 -26.46 -19.63
N LYS B 154 29.40 -25.26 -19.67
CA LYS B 154 28.97 -24.22 -20.60
C LYS B 154 29.49 -24.51 -22.02
N LEU B 155 29.19 -23.61 -22.96
CA LEU B 155 29.60 -23.77 -24.36
C LEU B 155 30.47 -22.60 -24.80
N SER B 156 30.79 -22.57 -26.10
CA SER B 156 31.63 -21.50 -26.62
C SER B 156 31.05 -20.73 -27.79
N PHE B 157 30.59 -21.42 -28.83
CA PHE B 157 30.18 -20.86 -30.12
C PHE B 157 31.29 -20.06 -30.79
N LYS B 158 32.34 -20.77 -31.22
CA LYS B 158 33.36 -20.18 -32.06
C LYS B 158 32.87 -20.09 -33.50
N GLY B 159 32.97 -18.90 -34.07
CA GLY B 159 32.45 -18.65 -35.41
C GLY B 159 33.45 -17.85 -36.21
N SER B 160 33.13 -17.52 -37.49
CA SER B 160 31.93 -17.73 -38.37
C SER B 160 30.55 -17.25 -37.91
N PHE B 161 30.32 -15.93 -37.89
CA PHE B 161 29.04 -15.37 -37.44
C PHE B 161 28.33 -14.58 -38.52
N GLY B 162 27.52 -15.26 -39.31
CA GLY B 162 26.20 -14.78 -39.69
C GLY B 162 25.86 -13.33 -40.03
N ALA B 163 26.86 -12.56 -40.47
CA ALA B 163 26.78 -11.11 -40.61
C ALA B 163 26.35 -10.43 -39.32
N HIS B 164 26.96 -10.84 -38.21
CA HIS B 164 26.93 -10.08 -36.96
C HIS B 164 28.38 -9.81 -36.53
N ALA B 165 29.18 -9.30 -37.47
CA ALA B 165 30.59 -9.05 -37.27
C ALA B 165 30.87 -7.60 -36.89
N LEU B 166 29.97 -7.00 -36.12
CA LEU B 166 29.87 -5.55 -36.10
C LEU B 166 30.67 -4.93 -34.96
N SER B 167 31.31 -3.82 -35.28
CA SER B 167 32.08 -3.01 -34.37
C SER B 167 31.14 -2.21 -33.48
N PRO B 168 31.56 -1.81 -32.27
CA PRO B 168 30.61 -1.13 -31.38
C PRO B 168 30.30 0.31 -31.74
N ARG B 169 30.61 0.74 -32.96
CA ARG B 169 30.06 1.99 -33.44
C ARG B 169 28.63 1.82 -33.92
N THR B 170 28.36 0.71 -34.59
CA THR B 170 27.06 0.43 -35.20
C THR B 170 26.23 -0.59 -34.44
N LEU B 171 26.28 -0.58 -33.12
CA LEU B 171 25.70 -1.70 -32.37
C LEU B 171 24.21 -1.54 -32.18
N THR B 172 23.79 -0.51 -31.45
CA THR B 172 22.40 -0.29 -31.04
C THR B 172 21.51 -0.03 -32.26
N ALA B 173 20.20 -0.31 -32.16
CA ALA B 173 19.48 -0.93 -31.03
C ALA B 173 18.47 -1.92 -31.53
N GLN B 174 18.39 -2.07 -32.84
CA GLN B 174 17.52 -3.12 -33.36
C GLN B 174 18.22 -4.47 -33.42
N HIS B 175 19.49 -4.53 -33.03
CA HIS B 175 20.18 -5.79 -32.81
C HIS B 175 20.01 -6.32 -31.41
N LEU B 176 19.02 -5.82 -30.67
CA LEU B 176 19.03 -6.07 -29.24
C LEU B 176 18.46 -7.46 -28.95
N ASN B 177 19.02 -8.10 -27.92
CA ASN B 177 18.63 -9.42 -27.42
C ASN B 177 18.82 -10.50 -28.48
N LYS B 178 19.95 -10.44 -29.16
CA LYS B 178 20.40 -11.44 -30.10
C LYS B 178 21.82 -11.83 -29.76
N LEU B 179 22.49 -12.55 -30.65
CA LEU B 179 23.86 -12.94 -30.36
C LEU B 179 24.82 -12.22 -31.29
N VAL B 180 25.71 -11.43 -30.69
CA VAL B 180 26.46 -10.38 -31.36
C VAL B 180 27.94 -10.57 -31.08
N SER B 181 28.79 -10.40 -32.10
CA SER B 181 30.24 -10.47 -31.97
C SER B 181 30.86 -9.08 -32.12
N VAL B 182 31.64 -8.67 -31.13
CA VAL B 182 32.16 -7.30 -31.02
C VAL B 182 33.66 -7.37 -30.82
N GLU B 183 34.42 -6.51 -31.51
CA GLU B 183 35.85 -6.37 -31.24
C GLU B 183 36.23 -4.92 -30.99
N GLY B 184 37.33 -4.73 -30.27
CA GLY B 184 37.83 -3.39 -30.00
C GLY B 184 38.93 -3.41 -28.96
N ILE B 185 39.26 -2.23 -28.49
CA ILE B 185 40.30 -2.00 -27.49
C ILE B 185 39.68 -2.19 -26.11
N VAL B 186 40.46 -2.65 -25.15
CA VAL B 186 39.97 -2.84 -23.79
C VAL B 186 40.52 -1.76 -22.90
N THR B 187 39.61 -0.94 -22.36
CA THR B 187 39.84 0.05 -21.33
C THR B 187 38.47 0.33 -20.75
N LYS B 188 38.32 0.29 -19.43
CA LYS B 188 39.28 0.63 -18.39
C LYS B 188 39.36 -0.34 -17.22
N THR B 189 39.59 -1.62 -17.50
CA THR B 189 39.30 -2.81 -16.67
C THR B 189 39.32 -2.65 -15.14
N SER B 190 38.23 -3.05 -14.48
CA SER B 190 38.08 -2.81 -13.05
C SER B 190 38.72 -3.93 -12.26
N LEU B 191 38.43 -3.95 -10.96
CA LEU B 191 39.07 -4.84 -10.00
C LEU B 191 38.24 -6.12 -9.87
N VAL B 192 38.86 -7.17 -9.36
CA VAL B 192 38.21 -8.47 -9.27
C VAL B 192 37.58 -8.64 -7.89
N ARG B 193 36.27 -8.86 -7.86
CA ARG B 193 35.60 -9.00 -6.58
C ARG B 193 34.84 -10.31 -6.51
N PRO B 194 34.85 -10.98 -5.37
CA PRO B 194 34.11 -12.24 -5.24
C PRO B 194 32.68 -12.03 -4.82
N LYS B 195 31.82 -12.89 -5.36
CA LYS B 195 30.38 -12.81 -5.23
C LYS B 195 29.90 -14.01 -4.44
N LEU B 196 28.86 -13.83 -3.63
CA LEU B 196 28.38 -14.86 -2.74
C LEU B 196 27.20 -15.59 -3.37
N ILE B 197 27.11 -16.90 -3.15
CA ILE B 197 26.03 -17.71 -3.70
C ILE B 197 25.31 -18.50 -2.61
N ARG B 198 26.03 -19.26 -1.81
CA ARG B 198 25.43 -20.14 -0.83
C ARG B 198 26.01 -19.87 0.54
N SER B 199 25.16 -19.67 1.53
CA SER B 199 25.59 -19.54 2.90
C SER B 199 25.51 -20.87 3.61
N VAL B 200 26.23 -20.99 4.72
CA VAL B 200 26.15 -22.13 5.63
C VAL B 200 26.27 -21.60 7.05
N HIS B 201 25.37 -21.99 7.93
CA HIS B 201 25.34 -21.48 9.29
C HIS B 201 25.40 -22.63 10.28
N TYR B 202 26.20 -22.47 11.33
CA TYR B 202 26.17 -23.41 12.43
C TYR B 202 25.20 -22.92 13.48
N ALA B 203 24.50 -23.85 14.11
CA ALA B 203 23.49 -23.50 15.09
C ALA B 203 24.02 -23.82 16.47
N ALA B 204 23.47 -23.17 17.48
CA ALA B 204 23.83 -23.43 18.86
C ALA B 204 22.56 -23.36 19.72
N LYS B 205 22.28 -24.42 20.47
CA LYS B 205 23.21 -25.48 20.78
C LYS B 205 22.86 -26.83 20.16
N THR B 206 21.83 -26.87 19.30
CA THR B 206 21.31 -28.16 18.87
C THR B 206 22.24 -28.88 17.90
N GLY B 207 23.12 -28.17 17.23
CA GLY B 207 24.13 -28.83 16.43
C GLY B 207 23.67 -29.29 15.08
N ARG B 208 23.00 -28.44 14.32
CA ARG B 208 22.62 -28.74 12.96
C ARG B 208 23.09 -27.61 12.07
N PHE B 209 23.70 -27.95 10.94
CA PHE B 209 24.02 -26.91 9.97
C PHE B 209 22.76 -26.40 9.30
N HIS B 210 22.90 -25.30 8.58
CA HIS B 210 21.78 -24.78 7.81
C HIS B 210 22.33 -24.26 6.48
N TYR B 211 21.52 -23.49 5.78
CA TYR B 211 21.63 -23.51 4.33
C TYR B 211 20.70 -22.43 3.80
N ARG B 212 21.06 -21.84 2.68
CA ARG B 212 20.31 -20.74 2.07
C ARG B 212 20.87 -20.52 0.69
N ASP B 213 20.05 -20.06 -0.25
CA ASP B 213 20.53 -19.75 -1.58
C ASP B 213 20.35 -18.28 -1.92
N TYR B 214 21.02 -17.85 -2.99
CA TYR B 214 20.94 -16.48 -3.46
C TYR B 214 21.01 -16.47 -4.96
N THR B 215 20.32 -15.52 -5.58
CA THR B 215 20.31 -15.36 -7.03
C THR B 215 20.39 -13.89 -7.38
N ASP B 216 20.49 -13.62 -8.69
CA ASP B 216 20.60 -12.26 -9.18
C ASP B 216 19.92 -12.08 -10.53
N ALA B 217 20.22 -10.97 -11.20
CA ALA B 217 19.74 -10.72 -12.54
C ALA B 217 20.77 -11.07 -13.61
N THR B 218 22.03 -11.28 -13.23
CA THR B 218 23.06 -11.68 -14.17
C THR B 218 23.30 -13.19 -14.15
N THR B 219 22.25 -13.95 -13.86
CA THR B 219 22.24 -15.40 -13.90
C THR B 219 22.00 -15.90 -15.32
N THR B 220 21.60 -17.16 -15.44
CA THR B 220 21.16 -17.74 -16.70
C THR B 220 20.09 -16.87 -17.36
N LEU B 221 20.03 -16.97 -18.68
CA LEU B 221 19.70 -15.85 -19.52
C LEU B 221 18.21 -15.54 -19.55
N THR B 222 17.36 -16.39 -18.98
CA THR B 222 15.95 -16.10 -18.90
C THR B 222 15.67 -15.07 -17.80
N THR B 223 14.39 -14.78 -17.58
CA THR B 223 13.99 -14.00 -16.42
C THR B 223 13.31 -14.88 -15.39
N ARG B 224 13.04 -14.29 -14.23
CA ARG B 224 12.51 -15.03 -13.11
C ARG B 224 11.86 -14.02 -12.18
N ILE B 225 10.74 -14.39 -11.58
CA ILE B 225 10.05 -13.51 -10.64
C ILE B 225 10.91 -13.38 -9.39
N PRO B 226 11.45 -12.20 -9.11
CA PRO B 226 12.50 -12.09 -8.10
C PRO B 226 11.95 -12.17 -6.69
N THR B 227 12.68 -12.87 -5.84
CA THR B 227 12.38 -12.95 -4.41
C THR B 227 13.65 -12.67 -3.64
N PRO B 228 13.78 -11.50 -3.02
CA PRO B 228 14.90 -11.27 -2.10
C PRO B 228 14.71 -12.09 -0.83
N ALA B 229 15.76 -12.10 -0.01
CA ALA B 229 15.88 -13.04 1.08
C ALA B 229 16.92 -12.53 2.05
N ILE B 230 16.51 -12.28 3.30
CA ILE B 230 17.38 -11.67 4.29
C ILE B 230 18.51 -12.62 4.64
N TYR B 231 19.72 -12.07 4.78
CA TYR B 231 20.85 -12.83 5.30
C TYR B 231 20.48 -13.31 6.70
N PRO B 232 20.28 -14.60 6.89
CA PRO B 232 19.52 -15.08 8.03
C PRO B 232 20.29 -15.01 9.33
N THR B 233 19.52 -14.98 10.40
CA THR B 233 19.95 -14.91 11.80
C THR B 233 18.72 -15.19 12.65
N GLU B 234 18.89 -15.99 13.70
CA GLU B 234 17.84 -16.32 14.66
C GLU B 234 16.67 -17.04 13.99
N ASP B 235 16.93 -18.29 13.67
CA ASP B 235 15.88 -19.21 13.21
C ASP B 235 14.72 -19.36 14.19
N THR B 236 13.66 -20.02 13.75
CA THR B 236 12.67 -20.54 14.68
C THR B 236 13.06 -21.95 15.08
N GLU B 237 13.11 -22.22 16.38
CA GLU B 237 12.86 -21.29 17.49
C GLU B 237 14.10 -20.50 17.83
N GLY B 238 13.95 -19.42 18.60
CA GLY B 238 15.00 -18.42 18.79
C GLY B 238 16.34 -18.90 19.31
N ASN B 239 17.33 -18.94 18.43
CA ASN B 239 18.67 -19.41 18.74
C ASN B 239 19.65 -18.61 17.91
N LYS B 240 20.83 -18.36 18.47
CA LYS B 240 21.83 -17.61 17.75
C LYS B 240 22.43 -18.46 16.64
N LEU B 241 22.58 -17.86 15.46
CA LEU B 241 23.16 -18.54 14.31
C LEU B 241 24.48 -17.89 13.98
N THR B 242 25.56 -18.47 14.48
CA THR B 242 26.89 -17.98 14.17
C THR B 242 27.29 -18.51 12.80
N THR B 243 27.70 -17.62 11.89
CA THR B 243 27.95 -18.05 10.53
C THR B 243 29.27 -18.76 10.42
N GLU B 244 29.59 -19.20 9.21
CA GLU B 244 30.86 -19.83 8.94
C GLU B 244 31.38 -19.43 7.57
N TYR B 245 32.64 -19.75 7.35
CA TYR B 245 33.32 -19.54 6.10
C TYR B 245 34.01 -20.84 5.75
N GLY B 246 34.54 -20.92 4.56
CA GLY B 246 35.23 -22.12 4.14
C GLY B 246 34.31 -23.13 3.50
N TYR B 247 33.08 -23.24 4.00
CA TYR B 247 32.09 -24.09 3.37
C TYR B 247 31.16 -23.30 2.48
N SER B 248 31.00 -22.02 2.73
CA SER B 248 30.16 -21.17 1.91
C SER B 248 30.88 -20.83 0.63
N THR B 249 30.23 -21.08 -0.50
CA THR B 249 30.88 -20.92 -1.78
C THR B 249 31.02 -19.46 -2.17
N PHE B 250 31.90 -19.21 -3.14
CA PHE B 250 32.11 -17.89 -3.71
C PHE B 250 32.57 -18.05 -5.13
N ILE B 251 32.14 -17.14 -6.00
CA ILE B 251 32.42 -17.21 -7.43
C ILE B 251 32.71 -15.82 -7.95
N ASP B 252 33.77 -15.66 -8.72
CA ASP B 252 34.37 -14.37 -9.01
C ASP B 252 33.57 -13.58 -10.04
N HIS B 253 33.90 -12.31 -10.19
CA HIS B 253 33.09 -11.38 -10.96
C HIS B 253 33.91 -10.15 -11.35
N GLN B 254 33.77 -9.70 -12.60
CA GLN B 254 34.64 -8.65 -13.15
C GLN B 254 34.00 -8.06 -14.39
N ARG B 255 34.08 -6.73 -14.54
CA ARG B 255 33.50 -6.08 -15.71
C ARG B 255 34.48 -5.14 -16.40
N ILE B 256 34.52 -5.20 -17.73
CA ILE B 256 35.44 -4.45 -18.57
C ILE B 256 34.63 -3.71 -19.62
N THR B 257 35.18 -2.61 -20.14
CA THR B 257 34.48 -1.84 -21.16
C THR B 257 35.29 -1.81 -22.45
N VAL B 258 34.62 -1.63 -23.58
CA VAL B 258 35.21 -1.83 -24.90
C VAL B 258 34.91 -0.62 -25.76
N GLN B 259 35.96 -0.02 -26.33
CA GLN B 259 35.90 1.09 -27.27
C GLN B 259 36.18 0.56 -28.67
N GLU B 260 35.73 1.28 -29.70
CA GLU B 260 36.01 0.81 -31.05
C GLU B 260 37.46 1.07 -31.43
N MET B 261 37.88 0.42 -32.50
CA MET B 261 39.28 0.36 -32.89
C MET B 261 39.74 1.71 -33.45
N PRO B 262 40.93 2.18 -33.10
CA PRO B 262 41.42 3.43 -33.69
C PRO B 262 41.91 3.27 -35.12
N GLU B 263 42.29 2.07 -35.53
CA GLU B 263 42.66 1.84 -36.92
C GLU B 263 41.45 1.72 -37.83
N MET B 264 40.26 1.56 -37.24
CA MET B 264 39.00 1.39 -37.95
C MET B 264 38.08 2.61 -37.80
N ALA B 265 38.41 3.50 -36.86
CA ALA B 265 37.58 4.64 -36.50
C ALA B 265 37.42 5.62 -37.66
N PRO B 266 36.42 6.51 -37.59
CA PRO B 266 36.40 7.63 -38.53
C PRO B 266 37.50 8.66 -38.30
N ALA B 267 37.47 9.74 -39.07
CA ALA B 267 38.56 10.70 -39.17
C ALA B 267 38.88 11.40 -37.87
N GLY B 268 38.00 12.24 -37.39
CA GLY B 268 38.08 12.61 -35.99
C GLY B 268 36.71 12.87 -35.41
N GLN B 269 36.32 12.05 -34.44
CA GLN B 269 35.01 12.11 -33.81
C GLN B 269 35.19 11.52 -32.43
N LEU B 270 34.21 11.72 -31.58
CA LEU B 270 34.35 11.10 -30.27
C LEU B 270 34.06 9.61 -30.38
N PRO B 271 34.71 8.79 -29.57
CA PRO B 271 34.42 7.36 -29.58
C PRO B 271 33.20 7.07 -28.72
N ARG B 272 32.56 5.95 -29.02
CA ARG B 272 31.39 5.52 -28.27
C ARG B 272 31.58 4.07 -27.86
N SER B 273 31.18 3.73 -26.65
CA SER B 273 31.64 2.50 -26.04
C SER B 273 30.54 1.80 -25.26
N ILE B 274 30.69 0.49 -25.11
CA ILE B 274 29.79 -0.37 -24.33
C ILE B 274 30.59 -1.07 -23.25
N ASP B 275 29.94 -1.96 -22.50
CA ASP B 275 30.58 -2.60 -21.37
C ASP B 275 30.13 -4.04 -21.21
N VAL B 276 31.05 -4.88 -20.75
CA VAL B 276 30.90 -6.32 -20.76
C VAL B 276 31.06 -6.85 -19.35
N ILE B 277 30.17 -7.75 -18.93
CA ILE B 277 30.28 -8.46 -17.66
C ILE B 277 30.93 -9.81 -17.93
N LEU B 278 31.90 -10.20 -17.11
CA LEU B 278 32.47 -11.53 -17.22
C LEU B 278 32.04 -12.41 -16.06
N ASP B 279 32.61 -13.60 -15.99
CA ASP B 279 32.07 -14.70 -15.19
C ASP B 279 33.20 -15.44 -14.51
N ASP B 280 32.91 -16.68 -14.11
CA ASP B 280 33.78 -17.48 -13.26
C ASP B 280 35.13 -17.79 -13.93
N ASP B 281 35.11 -18.51 -15.03
CA ASP B 281 36.34 -18.98 -15.65
C ASP B 281 36.90 -18.02 -16.69
N LEU B 282 36.50 -16.75 -16.66
CA LEU B 282 36.99 -15.77 -17.62
C LEU B 282 37.63 -14.58 -16.93
N VAL B 283 37.89 -14.68 -15.63
CA VAL B 283 38.54 -13.60 -14.91
C VAL B 283 39.99 -13.50 -15.35
N ASP B 284 40.44 -12.28 -15.66
CA ASP B 284 41.84 -11.92 -15.86
C ASP B 284 42.44 -12.65 -17.05
N LYS B 285 41.89 -12.37 -18.22
CA LYS B 285 42.50 -12.78 -19.47
C LYS B 285 43.23 -11.65 -20.15
N THR B 286 42.66 -10.46 -20.13
CA THR B 286 43.07 -9.36 -20.99
C THR B 286 43.53 -8.18 -20.14
N LYS B 287 44.80 -7.85 -20.24
CA LYS B 287 45.28 -6.62 -19.64
C LYS B 287 44.77 -5.43 -20.45
N PRO B 288 44.65 -4.24 -19.83
CA PRO B 288 44.15 -3.09 -20.58
C PRO B 288 45.16 -2.60 -21.59
N GLY B 289 44.75 -2.60 -22.86
CA GLY B 289 45.63 -2.25 -23.95
C GLY B 289 45.61 -3.29 -25.04
N ASP B 290 44.93 -4.40 -24.81
CA ASP B 290 44.92 -5.50 -25.76
C ASP B 290 43.92 -5.22 -26.87
N ARG B 291 43.73 -6.19 -27.76
CA ARG B 291 42.71 -6.13 -28.79
C ARG B 291 41.92 -7.43 -28.76
N VAL B 292 40.62 -7.33 -28.54
CA VAL B 292 39.82 -8.39 -27.97
C VAL B 292 38.57 -8.61 -28.78
N ASN B 293 38.32 -9.85 -29.19
CA ASN B 293 37.06 -10.27 -29.78
C ASN B 293 36.15 -10.80 -28.67
N VAL B 294 34.92 -10.29 -28.60
CA VAL B 294 33.94 -10.72 -27.61
C VAL B 294 32.73 -11.26 -28.34
N VAL B 295 32.25 -12.43 -27.92
CA VAL B 295 31.01 -13.01 -28.43
C VAL B 295 30.06 -13.19 -27.27
N GLY B 296 28.88 -12.60 -27.35
CA GLY B 296 27.98 -12.66 -26.22
C GLY B 296 26.56 -12.37 -26.61
N VAL B 297 25.76 -12.07 -25.59
CA VAL B 297 24.31 -11.87 -25.73
C VAL B 297 23.98 -10.47 -25.27
N PHE B 298 23.26 -9.72 -26.08
CA PHE B 298 23.12 -8.29 -25.84
C PHE B 298 21.88 -8.01 -25.01
N LYS B 299 21.96 -8.39 -23.73
CA LYS B 299 20.85 -8.30 -22.80
C LYS B 299 20.57 -6.84 -22.45
N SER B 300 19.32 -6.55 -22.06
CA SER B 300 18.95 -5.21 -21.61
C SER B 300 18.09 -5.29 -20.36
N LEU B 301 18.72 -5.18 -19.20
CA LEU B 301 18.05 -5.33 -17.92
C LEU B 301 17.75 -3.99 -17.28
N GLY B 302 16.80 -3.99 -16.36
CA GLY B 302 16.46 -2.82 -15.60
C GLY B 302 15.08 -2.31 -15.97
N ALA B 303 14.44 -1.63 -15.01
CA ALA B 303 13.18 -0.94 -15.26
C ALA B 303 13.47 0.52 -15.52
N GLY B 304 13.05 1.02 -16.67
CA GLY B 304 13.56 2.27 -17.18
C GLY B 304 12.77 3.49 -16.80
N GLY B 305 12.55 3.72 -15.51
CA GLY B 305 11.87 4.92 -15.08
C GLY B 305 10.38 4.92 -15.31
N MET B 306 9.81 3.83 -15.80
CA MET B 306 8.37 3.74 -15.91
C MET B 306 7.72 3.27 -14.62
N ASN B 307 8.52 2.98 -13.59
CA ASN B 307 7.98 2.46 -12.34
C ASN B 307 7.33 3.57 -11.53
N GLN B 308 8.10 4.60 -11.19
CA GLN B 308 7.61 5.72 -10.39
C GLN B 308 7.38 6.93 -11.29
N SER B 309 6.36 7.70 -10.99
CA SER B 309 6.04 8.83 -11.86
C SER B 309 6.88 10.04 -11.48
N ASN B 310 6.84 11.04 -12.37
CA ASN B 310 7.72 12.21 -12.38
C ASN B 310 9.18 11.76 -12.33
N SER B 311 9.58 11.07 -13.39
CA SER B 311 10.82 10.33 -13.39
C SER B 311 11.99 11.22 -13.81
N ASN B 312 13.14 10.98 -13.19
CA ASN B 312 14.41 11.45 -13.70
C ASN B 312 15.11 10.26 -14.34
N THR B 313 16.38 10.45 -14.74
CA THR B 313 17.15 9.53 -15.59
C THR B 313 16.35 9.19 -16.86
N LEU B 314 16.20 10.23 -17.69
CA LEU B 314 15.16 10.38 -18.71
C LEU B 314 14.93 9.15 -19.59
N ILE B 315 16.00 8.44 -19.93
CA ILE B 315 15.90 7.23 -20.72
C ILE B 315 16.58 6.12 -19.95
N GLY B 316 15.82 5.10 -19.58
CA GLY B 316 16.42 4.01 -18.84
C GLY B 316 16.93 2.94 -19.77
N PHE B 317 16.75 1.69 -19.34
CA PHE B 317 17.06 0.49 -20.11
C PHE B 317 18.54 0.45 -20.47
N LYS B 318 19.36 0.45 -19.44
CA LYS B 318 20.80 0.34 -19.64
C LYS B 318 21.15 -1.04 -20.19
N THR B 319 22.15 -1.08 -21.04
CA THR B 319 22.48 -2.28 -21.78
C THR B 319 23.87 -2.75 -21.43
N LEU B 320 24.13 -4.02 -21.69
CA LEU B 320 25.43 -4.64 -21.49
C LEU B 320 25.52 -5.88 -22.36
N ILE B 321 26.52 -6.71 -22.13
CA ILE B 321 26.72 -7.96 -22.85
C ILE B 321 27.09 -9.04 -21.86
N LEU B 322 26.37 -10.14 -21.86
CA LEU B 322 26.70 -11.26 -20.99
C LEU B 322 27.68 -12.21 -21.66
N GLY B 323 28.62 -12.72 -20.87
CA GLY B 323 29.56 -13.73 -21.30
C GLY B 323 30.46 -13.19 -22.41
N ASN B 324 30.92 -14.09 -23.28
CA ASN B 324 30.86 -15.53 -23.12
C ASN B 324 32.22 -16.15 -23.41
N THR B 325 32.91 -15.64 -24.43
CA THR B 325 34.11 -16.27 -25.00
C THR B 325 35.19 -15.29 -25.45
N VAL B 326 35.68 -14.45 -24.55
CA VAL B 326 36.74 -13.50 -24.85
C VAL B 326 37.99 -14.15 -25.43
N TYR B 327 38.27 -13.84 -26.70
CA TYR B 327 39.50 -14.26 -27.35
C TYR B 327 40.40 -13.05 -27.48
N PRO B 328 41.65 -13.09 -27.05
CA PRO B 328 42.57 -12.04 -27.49
C PRO B 328 43.15 -12.40 -28.85
N LEU B 329 43.35 -11.39 -29.68
CA LEU B 329 43.82 -11.62 -31.04
C LEU B 329 45.06 -10.79 -31.33
N HIS B 330 45.72 -11.14 -32.43
CA HIS B 330 46.98 -10.52 -32.76
C HIS B 330 46.78 -9.12 -33.29
N ALA B 331 47.70 -8.24 -32.98
CA ALA B 331 47.69 -6.88 -33.50
C ALA B 331 48.94 -6.66 -34.32
N ARG B 332 49.14 -5.42 -34.74
CA ARG B 332 50.36 -5.06 -35.45
C ARG B 332 51.47 -4.72 -34.48
N SER B 333 51.13 -4.26 -33.27
CA SER B 333 52.14 -3.73 -32.37
C SER B 333 51.99 -4.10 -30.89
N THR B 334 50.99 -4.87 -30.49
CA THR B 334 50.84 -5.21 -29.08
C THR B 334 50.15 -6.56 -28.90
N GLY B 335 50.76 -7.45 -28.15
CA GLY B 335 50.14 -8.75 -27.93
C GLY B 335 50.87 -9.86 -28.66
N VAL B 336 50.96 -11.00 -27.98
CA VAL B 336 51.83 -12.08 -28.44
C VAL B 336 51.18 -12.80 -29.62
N ALA B 337 52.00 -13.36 -30.51
CA ALA B 337 51.50 -14.15 -31.63
C ALA B 337 52.15 -15.54 -31.62
N ALA B 338 52.47 -16.03 -30.42
CA ALA B 338 53.13 -17.32 -30.25
C ALA B 338 52.16 -18.49 -30.22
N ARG B 339 50.91 -18.27 -30.58
CA ARG B 339 49.92 -19.33 -30.68
C ARG B 339 49.98 -20.07 -31.99
N GLN B 340 51.04 -19.89 -32.79
CA GLN B 340 51.04 -20.43 -34.14
C GLN B 340 51.22 -21.94 -34.11
N MET B 341 50.41 -22.63 -34.88
CA MET B 341 50.31 -24.08 -34.77
C MET B 341 51.53 -24.78 -35.35
N LEU B 342 51.83 -25.96 -34.79
CA LEU B 342 52.97 -26.77 -35.21
C LEU B 342 52.47 -28.20 -35.37
N THR B 343 52.07 -28.56 -36.58
CA THR B 343 51.68 -29.93 -36.85
C THR B 343 52.92 -30.83 -36.91
N ASP B 344 52.67 -32.13 -36.89
CA ASP B 344 53.78 -33.08 -36.92
C ASP B 344 54.45 -33.11 -38.28
N PHE B 345 53.69 -32.78 -39.33
CA PHE B 345 54.27 -32.55 -40.64
C PHE B 345 55.30 -31.42 -40.60
N ASP B 346 55.01 -30.37 -39.83
CA ASP B 346 55.88 -29.20 -39.80
C ASP B 346 57.18 -29.49 -39.05
N ILE B 347 57.08 -30.13 -37.89
CA ILE B 347 58.30 -30.46 -37.14
C ILE B 347 59.08 -31.58 -37.84
N ARG B 348 58.40 -32.40 -38.63
CA ARG B 348 59.11 -33.38 -39.44
C ARG B 348 59.89 -32.70 -40.55
N ASN B 349 59.34 -31.61 -41.09
CA ASN B 349 60.08 -30.86 -42.10
C ASN B 349 61.24 -30.06 -41.52
N ILE B 350 61.04 -29.49 -40.31
CA ILE B 350 62.13 -28.81 -39.60
C ILE B 350 63.26 -29.77 -39.29
N ASN B 351 62.91 -31.00 -38.90
CA ASN B 351 63.91 -32.03 -38.71
C ASN B 351 64.56 -32.44 -40.03
N LYS B 352 63.83 -32.31 -41.15
CA LYS B 352 64.40 -32.67 -42.43
C LYS B 352 65.43 -31.64 -42.89
N LEU B 353 65.11 -30.35 -42.74
CA LEU B 353 66.05 -29.30 -43.12
C LEU B 353 67.07 -29.00 -42.01
N SER B 354 66.92 -29.63 -40.85
CA SER B 354 67.68 -29.25 -39.67
C SER B 354 69.13 -29.68 -39.72
N LYS B 355 69.46 -30.67 -40.54
CA LYS B 355 70.77 -31.33 -40.43
C LYS B 355 71.67 -31.04 -41.62
N LYS B 356 71.39 -29.99 -42.38
CA LYS B 356 72.25 -29.65 -43.51
C LYS B 356 73.47 -28.87 -43.04
N LYS B 357 74.23 -28.36 -44.00
CA LYS B 357 75.46 -27.62 -43.72
C LYS B 357 75.51 -26.27 -44.40
N ASP B 358 74.38 -25.79 -44.92
CA ASP B 358 74.36 -24.51 -45.59
C ASP B 358 73.19 -23.65 -45.11
N ILE B 359 72.48 -24.10 -44.06
CA ILE B 359 71.25 -23.46 -43.64
C ILE B 359 71.47 -22.08 -43.05
N PHE B 360 72.66 -21.79 -42.54
CA PHE B 360 72.92 -20.44 -42.09
C PHE B 360 73.10 -19.51 -43.28
N ASP B 361 73.57 -20.06 -44.40
CA ASP B 361 73.71 -19.29 -45.62
C ASP B 361 72.44 -19.33 -46.46
N ILE B 362 71.53 -20.27 -46.19
CA ILE B 362 70.19 -20.21 -46.77
C ILE B 362 69.36 -19.16 -46.04
N LEU B 363 69.30 -19.27 -44.71
CA LEU B 363 68.52 -18.34 -43.91
C LEU B 363 69.16 -16.96 -43.83
N SER B 364 70.43 -16.82 -44.20
CA SER B 364 70.99 -15.49 -44.41
C SER B 364 70.25 -14.77 -45.50
N GLN B 365 70.14 -15.40 -46.66
CA GLN B 365 69.54 -14.78 -47.84
C GLN B 365 68.03 -14.94 -47.87
N SER B 366 67.40 -15.19 -46.73
CA SER B 366 65.95 -15.33 -46.69
C SER B 366 65.25 -14.04 -46.31
N LEU B 367 65.87 -13.21 -45.48
CA LEU B 367 65.25 -11.97 -45.07
C LEU B 367 65.33 -10.89 -46.14
N ALA B 368 66.03 -11.14 -47.24
CA ALA B 368 66.15 -10.18 -48.34
C ALA B 368 65.53 -10.79 -49.59
N PRO B 369 64.21 -10.69 -49.76
CA PRO B 369 63.65 -11.02 -51.06
C PRO B 369 63.85 -9.93 -52.08
N SER B 370 64.00 -8.68 -51.65
CA SER B 370 64.04 -7.56 -52.59
C SER B 370 65.05 -6.50 -52.19
N ILE B 371 66.13 -6.89 -51.52
CA ILE B 371 67.19 -5.97 -51.13
C ILE B 371 68.51 -6.56 -51.56
N TYR B 372 69.30 -5.79 -52.29
CA TYR B 372 70.58 -6.28 -52.77
C TYR B 372 71.65 -6.11 -51.70
N GLY B 373 72.58 -7.07 -51.66
CA GLY B 373 73.75 -6.97 -50.80
C GLY B 373 73.44 -7.12 -49.32
N HIS B 374 74.46 -6.76 -48.52
CA HIS B 374 74.40 -6.68 -47.06
C HIS B 374 74.06 -8.03 -46.43
N ASP B 375 74.94 -9.01 -46.61
CA ASP B 375 74.70 -10.32 -46.01
C ASP B 375 74.94 -10.27 -44.51
N HIS B 376 75.94 -9.51 -44.08
CA HIS B 376 76.38 -9.59 -42.70
C HIS B 376 75.39 -8.91 -41.76
N ILE B 377 74.64 -7.93 -42.28
CA ILE B 377 73.53 -7.36 -41.54
C ILE B 377 72.45 -8.41 -41.31
N LYS B 378 72.15 -9.21 -42.33
CA LYS B 378 71.12 -10.25 -42.21
C LYS B 378 71.53 -11.32 -41.21
N LYS B 379 72.82 -11.69 -41.22
CA LYS B 379 73.33 -12.63 -40.24
C LYS B 379 73.20 -12.07 -38.84
N ALA B 380 73.46 -10.78 -38.67
CA ALA B 380 73.29 -10.16 -37.36
C ALA B 380 71.83 -10.13 -36.93
N ILE B 381 70.91 -9.98 -37.86
CA ILE B 381 69.50 -9.89 -37.48
C ILE B 381 68.94 -11.26 -37.08
N LEU B 382 69.35 -12.34 -37.77
CA LEU B 382 68.97 -13.67 -37.28
C LEU B 382 69.59 -13.97 -35.93
N LEU B 383 70.84 -13.55 -35.72
CA LEU B 383 71.41 -13.75 -34.40
C LEU B 383 70.71 -12.92 -33.34
N MET B 384 70.07 -11.81 -33.72
CA MET B 384 69.27 -11.10 -32.73
C MET B 384 67.97 -11.84 -32.44
N LEU B 385 67.32 -12.37 -33.49
CA LEU B 385 66.03 -13.02 -33.27
C LEU B 385 66.16 -14.31 -32.47
N MET B 386 67.30 -14.99 -32.57
CA MET B 386 67.50 -16.12 -31.67
C MET B 386 67.79 -15.65 -30.25
N GLY B 387 68.63 -14.63 -30.12
CA GLY B 387 68.72 -13.88 -28.88
C GLY B 387 69.62 -14.44 -27.81
N GLY B 388 70.29 -15.56 -28.04
CA GLY B 388 71.15 -16.05 -26.98
C GLY B 388 70.35 -16.74 -25.88
N VAL B 389 71.01 -16.92 -24.74
CA VAL B 389 70.40 -17.60 -23.60
C VAL B 389 70.56 -16.69 -22.39
N GLU B 390 69.68 -16.85 -21.41
CA GLU B 390 69.68 -16.04 -20.21
C GLU B 390 70.10 -16.88 -19.02
N LYS B 391 71.19 -16.50 -18.37
CA LYS B 391 71.68 -17.23 -17.21
C LYS B 391 71.56 -16.34 -15.99
N ASN B 392 70.66 -16.74 -15.10
CA ASN B 392 70.53 -16.12 -13.80
C ASN B 392 71.38 -16.91 -12.81
N LEU B 393 72.19 -16.20 -12.04
CA LEU B 393 73.01 -16.86 -11.05
C LEU B 393 72.19 -17.26 -9.85
N GLU B 394 72.84 -17.97 -8.94
CA GLU B 394 72.31 -18.17 -7.61
C GLU B 394 72.84 -17.06 -6.71
N ASN B 395 71.94 -16.53 -5.87
CA ASN B 395 72.11 -15.41 -4.90
C ASN B 395 73.02 -14.29 -5.39
N GLY B 396 72.76 -13.84 -6.60
CA GLY B 396 73.47 -12.71 -7.17
C GLY B 396 72.56 -11.97 -8.13
N SER B 397 73.16 -11.41 -9.17
CA SER B 397 72.44 -10.73 -10.22
C SER B 397 72.60 -11.47 -11.54
N HIS B 398 71.55 -11.43 -12.36
CA HIS B 398 71.56 -12.15 -13.61
C HIS B 398 72.49 -11.47 -14.62
N LEU B 399 72.77 -12.19 -15.70
CA LEU B 399 73.65 -11.70 -16.74
C LEU B 399 72.90 -11.70 -18.06
N ARG B 400 73.11 -10.66 -18.86
CA ARG B 400 72.21 -10.31 -19.94
C ARG B 400 72.37 -11.26 -21.12
N GLY B 401 71.29 -11.48 -21.85
CA GLY B 401 71.30 -12.50 -22.88
C GLY B 401 71.29 -12.04 -24.33
N ASP B 402 70.61 -10.95 -24.64
CA ASP B 402 70.32 -10.61 -26.02
C ASP B 402 71.45 -9.79 -26.66
N ILE B 403 71.17 -9.25 -27.83
CA ILE B 403 72.13 -8.53 -28.67
C ILE B 403 71.50 -7.20 -29.04
N ASN B 404 72.31 -6.13 -29.07
CA ASN B 404 71.83 -4.81 -29.45
C ASN B 404 72.64 -4.29 -30.62
N ILE B 405 71.95 -3.72 -31.61
CA ILE B 405 72.54 -3.43 -32.91
C ILE B 405 72.23 -1.97 -33.24
N LEU B 406 73.25 -1.24 -33.65
CA LEU B 406 73.08 0.09 -34.23
C LEU B 406 73.60 0.13 -35.65
N MET B 407 72.77 0.60 -36.57
CA MET B 407 73.20 0.95 -37.91
C MET B 407 73.48 2.44 -37.94
N VAL B 408 74.39 2.83 -38.82
CA VAL B 408 74.64 4.24 -39.09
C VAL B 408 75.19 4.35 -40.51
N GLY B 409 74.71 5.32 -41.27
CA GLY B 409 75.24 5.51 -42.60
C GLY B 409 74.51 6.57 -43.39
N ASP B 410 74.82 6.58 -44.67
CA ASP B 410 74.36 7.60 -45.59
C ASP B 410 72.86 7.44 -45.85
N PRO B 411 72.18 8.51 -46.24
CA PRO B 411 70.77 8.39 -46.61
C PRO B 411 70.59 7.59 -47.89
N SER B 412 69.34 7.14 -48.10
CA SER B 412 68.91 6.29 -49.21
C SER B 412 69.72 5.00 -49.27
N THR B 413 69.74 4.30 -48.14
CA THR B 413 70.53 3.10 -48.04
C THR B 413 69.71 1.95 -47.49
N ALA B 414 68.38 2.03 -47.58
CA ALA B 414 67.41 1.03 -47.11
C ALA B 414 67.56 0.75 -45.61
N LYS B 415 68.01 1.75 -44.85
CA LYS B 415 68.10 1.57 -43.43
C LYS B 415 66.74 1.68 -42.75
N SER B 416 65.79 2.40 -43.36
CA SER B 416 64.45 2.46 -42.80
C SER B 416 63.55 1.39 -43.37
N GLN B 417 63.88 0.84 -44.53
CA GLN B 417 63.04 -0.20 -45.10
C GLN B 417 63.27 -1.51 -44.37
N LEU B 418 64.45 -1.70 -43.80
CA LEU B 418 64.79 -2.96 -43.14
C LEU B 418 64.02 -3.11 -41.83
N LEU B 419 63.85 -2.01 -41.10
CA LEU B 419 63.29 -2.09 -39.77
C LEU B 419 61.79 -2.36 -39.79
N ARG B 420 61.11 -2.00 -40.87
CA ARG B 420 59.73 -2.44 -41.02
C ARG B 420 59.65 -3.94 -41.24
N PHE B 421 60.64 -4.50 -41.92
CA PHE B 421 60.63 -5.93 -42.17
C PHE B 421 60.90 -6.71 -40.88
N VAL B 422 61.81 -6.21 -40.05
CA VAL B 422 61.98 -6.79 -38.72
C VAL B 422 60.74 -6.53 -37.87
N LEU B 423 60.03 -5.43 -38.14
CA LEU B 423 58.81 -5.15 -37.42
C LEU B 423 57.68 -6.10 -37.83
N ASN B 424 57.77 -6.70 -39.00
CA ASN B 424 56.71 -7.62 -39.39
C ASN B 424 57.03 -9.07 -39.01
N THR B 425 58.28 -9.51 -39.23
CA THR B 425 58.53 -10.95 -39.09
C THR B 425 58.63 -11.37 -37.63
N ALA B 426 59.03 -10.46 -36.75
CA ALA B 426 59.21 -10.84 -35.36
C ALA B 426 57.88 -10.90 -34.63
N SER B 427 57.95 -11.15 -33.33
CA SER B 427 56.79 -11.06 -32.47
C SER B 427 57.05 -10.07 -31.34
N LEU B 428 56.01 -9.29 -31.03
CA LEU B 428 56.08 -8.13 -30.11
C LEU B 428 57.09 -7.10 -30.59
N ALA B 429 56.81 -6.47 -31.72
CA ALA B 429 57.60 -5.33 -32.15
C ALA B 429 56.87 -4.04 -31.82
N ILE B 430 57.60 -3.06 -31.30
CA ILE B 430 57.03 -1.76 -30.95
C ILE B 430 57.99 -0.68 -31.47
N ALA B 431 57.47 0.24 -32.28
CA ALA B 431 58.29 1.25 -32.94
C ALA B 431 58.05 2.63 -32.33
N THR B 432 59.13 3.29 -31.94
CA THR B 432 59.09 4.64 -31.41
C THR B 432 60.03 5.50 -32.24
N THR B 433 59.50 6.52 -32.90
CA THR B 433 60.30 7.41 -33.73
C THR B 433 60.28 8.78 -33.10
N GLY B 434 61.46 9.37 -32.89
CA GLY B 434 61.50 10.74 -32.42
C GLY B 434 61.20 10.88 -30.95
N ARG B 435 59.97 11.31 -30.65
CA ARG B 435 59.47 11.39 -29.28
C ARG B 435 58.41 10.32 -29.06
N GLY B 436 58.38 9.73 -27.86
CA GLY B 436 59.38 9.94 -26.83
C GLY B 436 58.78 10.41 -25.52
N SER B 437 59.34 11.49 -24.98
CA SER B 437 58.92 12.02 -23.69
C SER B 437 57.48 12.55 -23.77
N SER B 438 56.68 12.29 -22.73
CA SER B 438 57.09 11.57 -21.52
C SER B 438 56.51 10.17 -21.46
N GLY B 439 57.22 9.28 -20.78
CA GLY B 439 56.72 7.93 -20.64
C GLY B 439 56.90 7.07 -21.87
N VAL B 440 58.15 6.79 -22.23
CA VAL B 440 58.47 5.64 -23.05
C VAL B 440 59.08 4.61 -22.12
N GLY B 441 60.15 4.99 -21.45
CA GLY B 441 60.79 4.11 -20.50
C GLY B 441 60.13 4.08 -19.14
N LEU B 442 59.13 4.93 -18.90
CA LEU B 442 58.48 4.95 -17.61
C LEU B 442 56.97 4.81 -17.79
N THR B 443 56.23 5.07 -16.72
CA THR B 443 54.79 4.88 -16.71
C THR B 443 54.01 6.17 -16.56
N ALA B 444 54.62 7.20 -16.00
CA ALA B 444 54.10 8.56 -15.78
C ALA B 444 53.02 8.66 -14.71
N ALA B 445 52.53 7.51 -14.21
CA ALA B 445 51.72 7.38 -13.00
C ALA B 445 50.45 8.21 -13.00
N VAL B 446 49.92 8.57 -14.17
CA VAL B 446 48.77 9.44 -14.20
C VAL B 446 47.54 8.58 -13.96
N THR B 447 47.18 8.40 -12.70
CA THR B 447 45.99 7.64 -12.37
C THR B 447 45.16 8.41 -11.35
N THR B 448 43.87 8.45 -11.61
CA THR B 448 42.91 9.23 -10.84
C THR B 448 41.74 8.31 -10.50
N ASP B 449 42.08 7.18 -9.85
CA ASP B 449 41.14 6.10 -9.61
C ASP B 449 39.95 6.55 -8.78
N ARG B 450 38.76 6.30 -9.32
CA ARG B 450 37.55 6.96 -8.83
C ARG B 450 37.06 6.37 -7.51
N GLU B 451 37.29 5.08 -7.27
CA GLU B 451 36.71 4.42 -6.11
C GLU B 451 37.37 4.84 -4.80
N THR B 452 38.67 5.15 -4.83
CA THR B 452 39.42 5.51 -3.65
C THR B 452 40.70 6.21 -4.07
N GLY B 453 41.27 6.97 -3.15
CA GLY B 453 42.51 7.66 -3.44
C GLY B 453 43.66 6.70 -3.51
N GLU B 454 44.11 6.41 -4.72
CA GLU B 454 45.19 5.45 -4.94
C GLU B 454 45.83 5.74 -6.28
N ARG B 455 47.10 5.38 -6.39
CA ARG B 455 47.91 5.72 -7.54
C ARG B 455 48.34 4.43 -8.22
N ARG B 456 47.90 4.23 -9.45
CA ARG B 456 48.34 3.07 -10.20
C ARG B 456 49.37 3.48 -11.25
N LEU B 457 49.85 2.49 -11.99
CA LEU B 457 50.84 2.71 -13.04
C LEU B 457 50.24 2.34 -14.38
N GLU B 458 50.71 3.01 -15.42
CA GLU B 458 50.21 2.79 -16.79
C GLU B 458 51.43 2.66 -17.69
N ALA B 459 51.71 1.44 -18.14
CA ALA B 459 53.00 1.11 -18.74
C ALA B 459 53.23 1.87 -20.04
N GLY B 460 54.50 2.18 -20.30
CA GLY B 460 54.85 2.92 -21.49
C GLY B 460 55.12 2.02 -22.67
N ALA B 461 56.24 2.24 -23.35
CA ALA B 461 56.63 1.39 -24.46
C ALA B 461 57.71 0.40 -24.06
N MET B 462 58.42 0.67 -22.98
CA MET B 462 59.53 -0.17 -22.61
C MET B 462 59.09 -1.33 -21.73
N VAL B 463 58.10 -1.12 -20.88
CA VAL B 463 57.61 -2.20 -20.03
C VAL B 463 56.82 -3.19 -20.85
N LEU B 464 56.08 -2.70 -21.82
CA LEU B 464 55.11 -3.47 -22.56
C LEU B 464 55.74 -4.37 -23.61
N ALA B 465 56.98 -4.09 -24.02
CA ALA B 465 57.66 -4.85 -25.06
C ALA B 465 58.57 -5.92 -24.49
N ASP B 466 58.18 -6.54 -23.38
CA ASP B 466 59.01 -7.53 -22.73
C ASP B 466 59.19 -8.75 -23.62
N ARG B 467 60.41 -9.31 -23.61
CA ARG B 467 60.86 -10.40 -24.48
C ARG B 467 60.74 -10.04 -25.95
N GLY B 468 60.91 -8.76 -26.31
CA GLY B 468 60.60 -8.35 -27.65
C GLY B 468 61.67 -7.55 -28.34
N VAL B 469 61.27 -6.75 -29.32
CA VAL B 469 62.17 -5.97 -30.14
C VAL B 469 61.63 -4.54 -30.14
N VAL B 470 62.49 -3.57 -29.83
CA VAL B 470 62.13 -2.17 -29.90
C VAL B 470 62.86 -1.54 -31.08
N CYS B 471 62.13 -0.97 -32.01
CA CYS B 471 62.68 -0.42 -33.24
C CYS B 471 62.64 1.10 -33.18
N ILE B 472 63.73 1.71 -32.74
CA ILE B 472 63.81 3.16 -32.60
C ILE B 472 64.41 3.74 -33.87
N ASP B 473 63.77 4.75 -34.42
CA ASP B 473 64.31 5.46 -35.56
C ASP B 473 64.71 6.87 -35.15
N GLU B 474 65.68 7.43 -35.89
CA GLU B 474 66.23 8.77 -35.66
C GLU B 474 66.78 8.91 -34.25
N PHE B 475 67.82 8.14 -33.98
CA PHE B 475 68.33 7.99 -32.63
C PHE B 475 69.11 9.21 -32.17
N ASP B 476 69.59 10.04 -33.09
CA ASP B 476 70.31 11.23 -32.68
C ASP B 476 69.39 12.32 -32.17
N LYS B 477 68.14 12.34 -32.65
CA LYS B 477 67.20 13.39 -32.28
C LYS B 477 66.71 13.27 -30.85
N MET B 478 67.02 12.18 -30.16
CA MET B 478 66.63 12.06 -28.77
C MET B 478 67.47 12.99 -27.90
N THR B 479 66.82 13.66 -26.96
CA THR B 479 67.55 14.44 -25.99
C THR B 479 68.16 13.52 -24.94
N ASP B 480 69.14 14.05 -24.22
CA ASP B 480 69.90 13.23 -23.27
C ASP B 480 69.09 12.82 -22.05
N VAL B 481 68.00 13.53 -21.74
CA VAL B 481 67.20 13.21 -20.57
C VAL B 481 66.51 11.87 -20.75
N ASP B 482 66.09 11.55 -21.97
CA ASP B 482 65.61 10.19 -22.18
C ASP B 482 66.77 9.20 -22.32
N ARG B 483 67.95 9.68 -22.72
CA ARG B 483 69.12 8.81 -22.82
C ARG B 483 69.58 8.34 -21.45
N VAL B 484 69.24 9.07 -20.39
CA VAL B 484 69.40 8.54 -19.04
C VAL B 484 68.58 7.27 -18.86
N ALA B 485 67.33 7.29 -19.35
CA ALA B 485 66.48 6.10 -19.23
C ALA B 485 66.98 4.97 -20.12
N ILE B 486 67.63 5.28 -21.24
CA ILE B 486 68.19 4.21 -22.05
C ILE B 486 69.42 3.61 -21.39
N HIS B 487 70.21 4.44 -20.68
CA HIS B 487 71.27 3.92 -19.82
C HIS B 487 70.71 3.02 -18.73
N GLU B 488 69.52 3.35 -18.21
CA GLU B 488 68.93 2.50 -17.18
C GLU B 488 68.43 1.19 -17.76
N VAL B 489 67.94 1.19 -18.99
CA VAL B 489 67.37 -0.04 -19.52
C VAL B 489 68.45 -0.99 -20.00
N MET B 490 69.41 -0.49 -20.78
CA MET B 490 70.16 -1.41 -21.65
C MET B 490 71.22 -2.24 -20.94
N GLU B 491 71.51 -2.01 -19.66
CA GLU B 491 72.28 -3.01 -18.94
C GLU B 491 71.69 -3.39 -17.60
N GLN B 492 71.11 -2.42 -16.89
CA GLN B 492 70.56 -2.69 -15.56
C GLN B 492 69.31 -3.57 -15.65
N GLN B 493 68.60 -3.54 -16.79
CA GLN B 493 67.45 -4.38 -17.12
C GLN B 493 66.26 -4.17 -16.19
N THR B 494 66.25 -3.08 -15.42
CA THR B 494 65.15 -2.75 -14.54
C THR B 494 64.82 -1.27 -14.68
N VAL B 495 63.61 -0.90 -14.30
CA VAL B 495 63.17 0.48 -14.35
C VAL B 495 62.66 0.84 -12.98
N THR B 496 63.33 1.75 -12.29
CA THR B 496 62.96 2.16 -10.94
C THR B 496 62.22 3.48 -11.02
N ILE B 497 60.99 3.51 -10.52
CA ILE B 497 60.15 4.70 -10.55
C ILE B 497 59.73 5.02 -9.12
N ALA B 498 60.10 6.21 -8.65
CA ALA B 498 59.79 6.68 -7.30
C ALA B 498 59.29 8.11 -7.36
N LYS B 499 58.30 8.37 -8.21
CA LYS B 499 57.95 9.73 -8.57
C LYS B 499 57.25 10.52 -7.46
N ALA B 500 56.06 10.11 -7.04
CA ALA B 500 55.29 10.93 -6.11
C ALA B 500 55.15 10.36 -4.70
N GLY B 501 54.68 9.12 -4.45
CA GLY B 501 54.25 8.07 -5.36
C GLY B 501 54.36 6.73 -4.69
N ILE B 502 54.80 5.74 -5.45
CA ILE B 502 55.12 4.42 -4.92
C ILE B 502 56.47 4.04 -5.49
N HIS B 503 57.46 3.87 -4.64
CA HIS B 503 58.75 3.45 -5.16
C HIS B 503 58.68 1.97 -5.52
N THR B 504 58.97 1.67 -6.78
CA THR B 504 58.84 0.33 -7.31
C THR B 504 60.13 -0.06 -8.00
N THR B 505 60.20 -1.33 -8.40
CA THR B 505 61.23 -1.78 -9.33
C THR B 505 60.57 -2.88 -10.18
N LEU B 506 60.02 -2.49 -11.31
CA LEU B 506 59.44 -3.47 -12.22
C LEU B 506 60.53 -4.07 -13.10
N ASN B 507 60.13 -4.82 -14.11
CA ASN B 507 61.08 -5.51 -14.97
C ASN B 507 60.80 -5.23 -16.43
N ALA B 508 61.87 -5.06 -17.20
CA ALA B 508 61.79 -4.84 -18.65
C ALA B 508 63.13 -5.23 -19.23
N ARG B 509 63.14 -6.19 -20.16
CA ARG B 509 64.37 -6.74 -20.70
C ARG B 509 64.32 -6.81 -22.22
N CYS B 510 64.01 -5.67 -22.83
CA CYS B 510 63.83 -5.56 -24.26
C CYS B 510 65.17 -5.66 -25.01
N SER B 511 65.08 -5.62 -26.34
CA SER B 511 66.23 -5.55 -27.22
C SER B 511 66.04 -4.39 -28.19
N VAL B 512 67.12 -3.70 -28.52
CA VAL B 512 67.06 -2.37 -29.12
C VAL B 512 67.73 -2.40 -30.49
N ILE B 513 67.08 -1.81 -31.49
CA ILE B 513 67.67 -1.53 -32.79
C ILE B 513 67.51 -0.05 -33.08
N ALA B 514 68.58 0.63 -33.47
CA ALA B 514 68.48 2.03 -33.82
C ALA B 514 69.15 2.29 -35.15
N ALA B 515 68.90 3.46 -35.72
CA ALA B 515 69.49 3.84 -37.00
C ALA B 515 69.66 5.35 -37.05
N ALA B 516 70.86 5.82 -36.71
CA ALA B 516 71.14 7.23 -36.57
C ALA B 516 71.80 7.79 -37.83
N ASN B 517 71.63 9.09 -38.04
CA ASN B 517 72.27 9.79 -39.13
C ASN B 517 73.67 10.23 -38.75
N PRO B 518 74.53 10.51 -39.72
CA PRO B 518 75.82 11.16 -39.42
C PRO B 518 75.61 12.59 -38.96
N VAL B 519 76.70 13.18 -38.47
CA VAL B 519 76.63 14.52 -37.88
C VAL B 519 76.37 15.58 -38.93
N PHE B 520 77.22 15.63 -39.96
CA PHE B 520 77.00 16.57 -41.05
C PHE B 520 77.42 15.91 -42.35
N GLY B 521 76.54 15.99 -43.34
CA GLY B 521 76.75 15.35 -44.62
C GLY B 521 76.75 13.83 -44.53
N GLN B 522 77.17 13.24 -45.64
CA GLN B 522 77.35 11.80 -45.75
C GLN B 522 78.78 11.37 -45.45
N TYR B 523 79.53 12.18 -44.69
CA TYR B 523 80.98 12.05 -44.55
C TYR B 523 81.32 10.89 -43.62
N ASP B 524 81.07 9.68 -44.10
CA ASP B 524 81.22 8.51 -43.25
C ASP B 524 82.65 8.00 -43.22
N VAL B 525 83.50 8.39 -44.17
CA VAL B 525 84.87 7.91 -44.27
C VAL B 525 85.87 9.03 -44.48
N ASN B 526 85.42 10.27 -44.63
CA ASN B 526 86.27 11.33 -45.20
C ASN B 526 87.33 11.80 -44.20
N ARG B 527 86.90 12.31 -43.06
CA ARG B 527 87.83 12.94 -42.12
C ARG B 527 88.44 11.92 -41.16
N ASP B 528 87.61 11.27 -40.34
CA ASP B 528 87.98 10.29 -39.34
C ASP B 528 86.73 9.61 -38.79
N PRO B 529 86.83 8.40 -38.25
CA PRO B 529 85.70 7.84 -37.49
C PRO B 529 85.47 8.51 -36.15
N HIS B 530 86.44 9.28 -35.66
CA HIS B 530 86.32 9.97 -34.38
C HIS B 530 85.31 11.10 -34.52
N GLN B 531 84.08 10.82 -34.08
CA GLN B 531 82.91 11.70 -34.19
C GLN B 531 82.59 12.08 -35.64
N ASN B 532 82.22 11.07 -36.43
CA ASN B 532 81.21 11.24 -37.46
C ASN B 532 79.83 10.94 -36.91
N ILE B 533 79.75 10.44 -35.69
CA ILE B 533 78.50 10.05 -35.05
C ILE B 533 78.18 10.95 -33.87
N ALA B 534 79.14 11.08 -32.94
CA ALA B 534 79.14 12.08 -31.86
C ALA B 534 77.94 11.95 -30.92
N LEU B 535 77.86 10.80 -30.26
CA LEU B 535 77.00 10.67 -29.10
C LEU B 535 77.76 10.02 -27.95
N PRO B 536 78.84 10.66 -27.47
CA PRO B 536 79.82 9.96 -26.64
C PRO B 536 79.33 9.76 -25.21
N ASP B 537 79.85 8.75 -24.53
CA ASP B 537 80.72 7.70 -25.07
C ASP B 537 80.25 6.35 -24.60
N SER B 538 79.53 6.37 -23.47
CA SER B 538 78.97 5.16 -22.92
C SER B 538 77.92 4.58 -23.84
N LEU B 539 77.23 5.42 -24.60
CA LEU B 539 76.25 4.96 -25.57
C LEU B 539 76.91 4.21 -26.72
N LEU B 540 78.16 4.53 -27.02
CA LEU B 540 78.86 3.72 -28.01
C LEU B 540 79.28 2.38 -27.44
N SER B 541 79.47 2.29 -26.12
CA SER B 541 79.97 1.06 -25.53
C SER B 541 78.85 0.09 -25.20
N ARG B 542 77.66 0.61 -24.89
CA ARG B 542 76.51 -0.27 -24.59
C ARG B 542 76.11 -1.08 -25.81
N PHE B 543 76.21 -0.48 -26.99
CA PHE B 543 75.85 -1.17 -28.22
C PHE B 543 76.91 -2.20 -28.57
N ASP B 544 76.45 -3.36 -29.02
CA ASP B 544 77.36 -4.45 -29.33
C ASP B 544 78.08 -4.20 -30.64
N LEU B 545 77.31 -3.99 -31.70
CA LEU B 545 77.84 -3.92 -33.05
C LEU B 545 77.58 -2.55 -33.63
N LEU B 546 78.50 -2.08 -34.48
CA LEU B 546 78.44 -0.75 -35.07
C LEU B 546 78.65 -0.89 -36.57
N PHE B 547 77.57 -1.17 -37.30
CA PHE B 547 77.67 -1.33 -38.74
C PHE B 547 77.76 0.04 -39.39
N VAL B 548 78.77 0.23 -40.22
CA VAL B 548 79.06 1.51 -40.84
C VAL B 548 78.87 1.36 -42.34
N VAL B 549 77.83 1.98 -42.87
CA VAL B 549 77.38 1.70 -44.22
C VAL B 549 77.73 2.90 -45.09
N THR B 550 78.40 2.64 -46.21
CA THR B 550 78.82 3.71 -47.12
C THR B 550 78.05 3.66 -48.42
N ASP B 551 78.41 4.59 -49.32
CA ASP B 551 77.69 4.83 -50.55
C ASP B 551 78.66 4.86 -51.73
N ASP B 552 79.48 3.82 -51.87
CA ASP B 552 80.47 3.74 -52.94
C ASP B 552 79.81 3.75 -54.31
N ILE B 553 80.48 4.42 -55.25
CA ILE B 553 80.03 4.50 -56.65
C ILE B 553 80.89 3.59 -57.49
N ASN B 554 80.25 2.86 -58.40
CA ASN B 554 80.91 1.90 -59.29
C ASN B 554 80.12 1.86 -60.60
N GLU B 555 80.38 0.83 -61.39
CA GLU B 555 79.63 0.58 -62.63
C GLU B 555 79.00 -0.80 -62.62
N ILE B 556 79.69 -1.79 -62.07
CA ILE B 556 79.11 -3.13 -61.92
C ILE B 556 78.04 -3.11 -60.85
N ARG B 557 78.28 -2.33 -59.78
CA ARG B 557 77.30 -2.16 -58.72
C ARG B 557 76.04 -1.48 -59.25
N ASP B 558 76.19 -0.57 -60.21
CA ASP B 558 75.05 0.06 -60.84
C ASP B 558 74.23 -0.93 -61.66
N ARG B 559 74.91 -1.89 -62.28
CA ARG B 559 74.21 -2.92 -63.05
C ARG B 559 73.43 -3.86 -62.12
N SER B 560 74.12 -4.42 -61.11
CA SER B 560 73.51 -5.37 -60.19
C SER B 560 72.38 -4.74 -59.38
N ILE B 561 72.47 -3.44 -59.08
CA ILE B 561 71.32 -2.74 -58.52
C ILE B 561 70.22 -2.60 -59.57
N SER B 562 70.62 -2.34 -60.82
CA SER B 562 69.66 -1.91 -61.84
C SER B 562 68.67 -3.03 -62.20
N GLU B 563 69.17 -4.21 -62.60
CA GLU B 563 68.21 -5.24 -62.97
C GLU B 563 67.43 -5.80 -61.78
N HIS B 564 67.99 -5.68 -60.58
CA HIS B 564 67.25 -6.10 -59.38
C HIS B 564 66.04 -5.20 -59.14
N VAL B 565 66.26 -3.89 -59.17
CA VAL B 565 65.16 -2.95 -58.96
C VAL B 565 64.17 -3.02 -60.11
N LEU B 566 64.65 -3.26 -61.34
CA LEU B 566 63.73 -3.34 -62.47
C LEU B 566 62.87 -4.59 -62.43
N ARG B 567 63.44 -5.75 -62.14
CA ARG B 567 62.60 -6.94 -62.13
C ARG B 567 61.79 -7.09 -60.87
N THR B 568 62.09 -6.31 -59.83
CA THR B 568 61.29 -6.40 -58.60
C THR B 568 59.87 -5.92 -58.81
N HIS B 569 59.65 -4.99 -59.73
CA HIS B 569 58.32 -4.45 -60.02
C HIS B 569 57.41 -5.41 -60.73
N ARG B 570 57.72 -6.68 -60.97
CA ARG B 570 56.82 -7.54 -61.73
C ARG B 570 56.54 -8.84 -60.98
N VAL B 651 62.42 -20.96 -46.43
CA VAL B 651 62.71 -19.88 -47.36
C VAL B 651 61.54 -18.90 -47.39
N THR B 652 60.32 -19.40 -47.44
CA THR B 652 59.16 -18.52 -47.34
C THR B 652 58.87 -18.21 -45.88
N ILE B 653 58.54 -16.96 -45.61
CA ILE B 653 58.49 -16.39 -44.26
C ILE B 653 57.47 -17.03 -43.32
N PRO B 654 56.21 -17.33 -43.70
CA PRO B 654 55.34 -18.07 -42.76
C PRO B 654 55.77 -19.50 -42.49
N PHE B 655 56.78 -20.02 -43.17
CA PHE B 655 57.49 -21.15 -42.61
C PHE B 655 58.60 -20.71 -41.68
N LEU B 656 59.22 -19.56 -41.96
CA LEU B 656 60.43 -19.17 -41.26
C LEU B 656 60.14 -18.80 -39.81
N ARG B 657 58.99 -18.19 -39.53
CA ARG B 657 58.72 -17.91 -38.12
C ARG B 657 58.36 -19.18 -37.36
N LYS B 658 57.74 -20.16 -38.03
CA LYS B 658 57.54 -21.46 -37.37
C LYS B 658 58.84 -22.18 -37.14
N TYR B 659 59.85 -21.91 -37.97
CA TYR B 659 61.18 -22.39 -37.63
C TYR B 659 61.71 -21.66 -36.41
N VAL B 660 61.40 -20.37 -36.29
CA VAL B 660 62.01 -19.54 -35.26
C VAL B 660 61.51 -19.95 -33.88
N GLN B 661 60.20 -20.10 -33.71
CA GLN B 661 59.72 -20.32 -32.34
C GLN B 661 60.08 -21.71 -31.83
N TYR B 662 60.08 -22.71 -32.70
CA TYR B 662 60.56 -24.03 -32.29
C TYR B 662 62.07 -24.03 -32.03
N ALA B 663 62.81 -23.19 -32.75
CA ALA B 663 64.20 -23.00 -32.40
C ALA B 663 64.36 -22.30 -31.06
N LYS B 664 63.38 -21.52 -30.63
CA LYS B 664 63.52 -20.76 -29.39
C LYS B 664 63.17 -21.58 -28.16
N GLU B 665 62.04 -22.30 -28.17
CA GLU B 665 61.68 -22.96 -26.92
C GLU B 665 62.51 -24.21 -26.64
N ARG B 666 63.14 -24.79 -27.65
CA ARG B 666 63.87 -26.03 -27.49
C ARG B 666 65.14 -26.00 -28.33
N VAL B 667 66.29 -26.31 -27.74
CA VAL B 667 66.46 -26.45 -26.30
C VAL B 667 67.61 -25.48 -26.04
N ILE B 668 67.84 -25.11 -24.78
CA ILE B 668 68.97 -24.24 -24.45
C ILE B 668 70.26 -25.03 -24.57
N PRO B 669 71.34 -24.45 -25.11
CA PRO B 669 72.61 -25.15 -25.16
C PRO B 669 73.49 -24.84 -23.96
N GLN B 670 74.50 -25.70 -23.78
CA GLN B 670 75.57 -25.45 -22.84
C GLN B 670 76.87 -25.28 -23.61
N LEU B 671 77.77 -24.48 -23.05
CA LEU B 671 79.05 -24.24 -23.66
C LEU B 671 80.03 -25.33 -23.23
N THR B 672 80.98 -25.66 -24.09
CA THR B 672 81.92 -26.75 -23.85
C THR B 672 83.35 -26.27 -24.00
N GLN B 673 84.28 -27.20 -23.76
CA GLN B 673 85.71 -26.89 -23.63
C GLN B 673 86.33 -26.49 -24.96
N GLU B 674 85.74 -26.95 -26.06
CA GLU B 674 86.30 -26.75 -27.41
C GLU B 674 86.27 -25.30 -27.87
N ALA B 675 85.62 -24.39 -27.16
CA ALA B 675 85.41 -23.04 -27.64
C ALA B 675 86.02 -21.96 -26.77
N ILE B 676 86.63 -22.32 -25.64
CA ILE B 676 87.22 -21.30 -24.76
C ILE B 676 88.45 -20.69 -25.42
N ASN B 677 89.36 -21.52 -25.90
CA ASN B 677 90.67 -21.04 -26.30
C ASN B 677 90.63 -20.20 -27.57
N VAL B 678 89.59 -20.38 -28.39
CA VAL B 678 89.47 -19.59 -29.60
C VAL B 678 89.11 -18.15 -29.28
N ILE B 679 88.18 -17.95 -28.35
CA ILE B 679 87.82 -16.59 -27.99
C ILE B 679 88.79 -15.99 -26.98
N VAL B 680 89.57 -16.81 -26.27
CA VAL B 680 90.61 -16.28 -25.41
C VAL B 680 91.75 -15.73 -26.24
N LYS B 681 92.28 -16.54 -27.18
CA LYS B 681 93.32 -16.09 -28.08
C LYS B 681 92.83 -14.95 -28.96
N ASN B 682 91.58 -15.04 -29.40
CA ASN B 682 91.01 -13.99 -30.24
C ASN B 682 90.81 -12.69 -29.45
N TYR B 683 90.49 -12.77 -28.17
CA TYR B 683 90.26 -11.58 -27.39
C TYR B 683 91.56 -10.89 -27.00
N THR B 684 92.60 -11.66 -26.62
CA THR B 684 93.90 -11.04 -26.37
C THR B 684 94.48 -10.46 -27.65
N ASP B 685 94.17 -11.08 -28.79
CA ASP B 685 94.51 -10.51 -30.09
C ASP B 685 93.85 -9.16 -30.28
N LEU B 686 92.53 -9.09 -30.05
CA LEU B 686 91.79 -7.85 -30.30
C LEU B 686 92.18 -6.74 -29.34
N ARG B 687 92.60 -7.07 -28.13
CA ARG B 687 93.10 -6.00 -27.28
C ARG B 687 94.47 -5.54 -27.73
N ASN B 688 95.42 -6.48 -27.88
CA ASN B 688 96.80 -6.10 -28.16
C ASN B 688 97.00 -5.47 -29.53
N ASP B 689 96.07 -5.66 -30.46
CA ASP B 689 96.19 -5.05 -31.78
C ASP B 689 95.09 -4.05 -32.09
N ASP B 690 93.85 -4.31 -31.70
CA ASP B 690 92.80 -3.32 -31.94
C ASP B 690 92.90 -2.16 -30.96
N ASN B 691 93.60 -2.34 -29.84
CA ASN B 691 94.01 -1.18 -29.06
C ASN B 691 95.16 -0.42 -29.71
N THR B 692 95.79 -0.97 -30.75
CA THR B 692 96.72 -0.21 -31.58
C THR B 692 96.07 0.36 -32.83
N LYS B 693 94.87 -0.11 -33.20
CA LYS B 693 94.17 0.42 -34.36
C LYS B 693 93.04 1.38 -33.98
N LYS B 694 92.07 0.93 -33.19
CA LYS B 694 90.82 1.67 -33.00
C LYS B 694 90.45 1.71 -31.52
N SER B 695 89.20 2.07 -31.24
CA SER B 695 88.70 2.25 -29.89
C SER B 695 87.20 2.08 -29.89
N PRO B 696 86.58 1.68 -28.76
CA PRO B 696 87.14 1.12 -27.52
C PRO B 696 86.88 -0.38 -27.40
N ILE B 697 87.57 -1.05 -26.47
CA ILE B 697 87.39 -2.48 -26.21
C ILE B 697 87.29 -2.69 -24.71
N THR B 698 86.17 -3.23 -24.26
CA THR B 698 85.94 -3.56 -22.86
C THR B 698 85.70 -5.06 -22.71
N ALA B 699 85.35 -5.47 -21.50
CA ALA B 699 85.00 -6.88 -21.27
C ALA B 699 83.64 -7.22 -21.86
N ARG B 700 82.85 -6.20 -22.16
CA ARG B 700 81.55 -6.39 -22.79
C ARG B 700 81.68 -7.01 -24.18
N THR B 701 82.80 -6.76 -24.85
CA THR B 701 83.07 -7.43 -26.13
C THR B 701 83.23 -8.93 -25.93
N LEU B 702 83.91 -9.33 -24.86
CA LEU B 702 84.06 -10.74 -24.53
C LEU B 702 82.70 -11.38 -24.24
N GLU B 703 81.86 -10.67 -23.49
CA GLU B 703 80.54 -11.20 -23.18
C GLU B 703 79.68 -11.33 -24.43
N THR B 704 79.80 -10.39 -25.36
CA THR B 704 79.02 -10.51 -26.60
C THR B 704 79.58 -11.58 -27.52
N LEU B 705 80.88 -11.87 -27.43
CA LEU B 705 81.42 -13.04 -28.10
C LEU B 705 80.76 -14.32 -27.61
N ILE B 706 80.59 -14.42 -26.29
CA ILE B 706 79.93 -15.60 -25.75
C ILE B 706 78.47 -15.66 -26.18
N ARG B 707 77.82 -14.49 -26.30
CA ARG B 707 76.41 -14.49 -26.70
C ARG B 707 76.22 -14.90 -28.15
N LEU B 708 77.06 -14.39 -29.06
CA LEU B 708 76.92 -14.81 -30.46
C LEU B 708 77.32 -16.26 -30.66
N ALA B 709 78.24 -16.77 -29.85
CA ALA B 709 78.57 -18.18 -29.93
C ALA B 709 77.37 -19.04 -29.54
N THR B 710 76.69 -18.65 -28.46
CA THR B 710 75.53 -19.40 -28.02
C THR B 710 74.39 -19.33 -29.03
N ALA B 711 74.19 -18.17 -29.64
CA ALA B 711 73.10 -18.03 -30.61
C ALA B 711 73.35 -18.84 -31.87
N HIS B 712 74.59 -18.80 -32.38
CA HIS B 712 74.90 -19.61 -33.56
C HIS B 712 74.86 -21.10 -33.23
N ALA B 713 75.06 -21.45 -31.97
CA ALA B 713 74.81 -22.82 -31.56
C ALA B 713 73.32 -23.14 -31.55
N LYS B 714 72.47 -22.16 -31.22
CA LYS B 714 71.02 -22.42 -31.25
C LYS B 714 70.50 -22.61 -32.65
N VAL B 715 71.15 -21.99 -33.65
CA VAL B 715 70.61 -22.02 -35.01
C VAL B 715 70.58 -23.44 -35.57
N ARG B 716 71.64 -24.19 -35.38
CA ARG B 716 71.76 -25.52 -35.98
C ARG B 716 71.01 -26.60 -35.19
N LEU B 717 70.20 -26.22 -34.20
CA LEU B 717 69.39 -27.13 -33.37
C LEU B 717 70.26 -28.18 -32.67
N SER B 718 71.37 -27.73 -32.10
CA SER B 718 72.29 -28.62 -31.42
C SER B 718 72.08 -28.53 -29.91
N LYS B 719 73.00 -29.15 -29.19
CA LYS B 719 73.02 -29.10 -27.74
C LYS B 719 74.32 -28.54 -27.18
N THR B 720 75.43 -28.84 -27.82
CA THR B 720 76.74 -28.40 -27.34
C THR B 720 77.26 -27.27 -28.22
N VAL B 721 78.49 -26.85 -27.95
CA VAL B 721 79.12 -25.74 -28.64
C VAL B 721 80.40 -26.21 -29.29
N ASN B 722 80.53 -25.94 -30.58
CA ASN B 722 81.63 -26.38 -31.42
C ASN B 722 82.57 -25.21 -31.70
N LYS B 723 83.71 -25.51 -32.32
CA LYS B 723 84.65 -24.47 -32.72
C LYS B 723 84.11 -23.64 -33.89
N VAL B 724 83.19 -24.22 -34.67
CA VAL B 724 82.59 -23.57 -35.83
C VAL B 724 81.89 -22.28 -35.43
N ASP B 725 81.21 -22.31 -34.28
CA ASP B 725 80.50 -21.14 -33.77
C ASP B 725 81.45 -20.00 -33.45
N ALA B 726 82.59 -20.32 -32.83
CA ALA B 726 83.57 -19.30 -32.51
C ALA B 726 84.23 -18.73 -33.76
N LYS B 727 84.38 -19.55 -34.79
CA LYS B 727 84.89 -19.03 -36.06
C LYS B 727 83.92 -18.04 -36.69
N VAL B 728 82.62 -18.37 -36.69
CA VAL B 728 81.63 -17.54 -37.36
C VAL B 728 81.43 -16.22 -36.62
N ALA B 729 81.29 -16.29 -35.30
CA ALA B 729 81.14 -15.07 -34.51
C ALA B 729 82.41 -14.22 -34.54
N ALA B 730 83.57 -14.87 -34.61
CA ALA B 730 84.83 -14.15 -34.76
C ALA B 730 84.87 -13.36 -36.05
N ASN B 731 84.42 -13.98 -37.15
CA ASN B 731 84.42 -13.30 -38.43
C ASN B 731 83.42 -12.14 -38.46
N LEU B 732 82.26 -12.33 -37.81
CA LEU B 732 81.27 -11.24 -37.74
C LEU B 732 81.78 -10.07 -36.92
N LEU B 733 82.54 -10.33 -35.86
CA LEU B 733 83.06 -9.20 -35.12
C LEU B 733 84.22 -8.54 -35.84
N ARG B 734 84.95 -9.29 -36.66
CA ARG B 734 85.98 -8.67 -37.50
C ARG B 734 85.37 -7.72 -38.52
N PHE B 735 84.34 -8.18 -39.25
CA PHE B 735 83.71 -7.30 -40.22
C PHE B 735 82.97 -6.15 -39.54
N ALA B 736 82.47 -6.39 -38.33
CA ALA B 736 81.74 -5.33 -37.64
C ALA B 736 82.68 -4.22 -37.18
N LEU B 737 83.83 -4.57 -36.63
CA LEU B 737 84.73 -3.54 -36.14
C LEU B 737 85.66 -3.01 -37.22
N LEU B 738 86.37 -3.87 -37.92
CA LEU B 738 87.31 -3.42 -38.93
C LEU B 738 86.58 -3.12 -40.24
N LEU C 177 37.42 -1.76 54.53
CA LEU C 177 37.84 -0.42 54.16
C LEU C 177 37.16 0.07 52.89
N ARG C 178 36.89 1.36 52.83
CA ARG C 178 36.23 1.95 51.67
C ARG C 178 37.20 2.01 50.49
N ILE C 179 36.63 2.04 49.29
CA ILE C 179 37.43 2.06 48.08
C ILE C 179 36.58 2.66 46.98
N ILE C 180 37.20 3.10 45.88
CA ILE C 180 36.46 3.64 44.75
C ILE C 180 36.45 2.56 43.68
N TRP C 181 35.44 2.58 42.81
CA TRP C 181 35.18 1.41 41.96
C TRP C 181 36.22 1.24 40.86
N GLY C 182 36.68 2.33 40.27
CA GLY C 182 37.64 2.18 39.19
C GLY C 182 39.06 1.93 39.67
N THR C 183 39.31 2.18 40.96
CA THR C 183 40.68 2.37 41.43
C THR C 183 41.05 1.45 42.56
N ASN C 184 42.19 1.74 43.18
CA ASN C 184 42.44 1.41 44.58
C ASN C 184 43.01 2.65 45.28
N VAL C 185 42.11 3.54 45.72
CA VAL C 185 42.46 4.67 46.57
C VAL C 185 41.47 4.72 47.73
N SER C 186 41.84 5.41 48.80
CA SER C 186 40.95 5.67 49.92
C SER C 186 41.16 7.11 50.36
N ILE C 187 40.07 7.75 50.77
CA ILE C 187 40.12 9.19 51.04
C ILE C 187 40.88 9.47 52.32
N GLN C 188 40.81 8.56 53.28
CA GLN C 188 41.42 8.80 54.59
C GLN C 188 42.94 8.76 54.51
N GLU C 189 43.51 7.73 53.90
CA GLU C 189 44.96 7.57 53.88
C GLU C 189 45.63 8.62 53.01
N CYS C 190 44.98 8.98 51.90
CA CYS C 190 45.50 10.03 51.05
C CYS C 190 45.43 11.39 51.74
N THR C 191 44.33 11.67 52.43
CA THR C 191 44.17 12.97 53.06
C THR C 191 45.13 13.15 54.21
N THR C 192 45.11 12.21 55.17
CA THR C 192 45.97 12.33 56.34
C THR C 192 47.42 12.16 55.98
N ASN C 193 47.72 11.35 54.98
CA ASN C 193 49.13 11.14 54.67
C ASN C 193 49.70 12.31 53.89
N PHE C 194 48.87 12.99 53.09
CA PHE C 194 49.34 14.18 52.39
C PHE C 194 49.44 15.38 53.31
N ARG C 195 48.51 15.49 54.27
CA ARG C 195 48.66 16.44 55.37
C ARG C 195 49.95 16.20 56.13
N ASN C 196 50.31 14.94 56.33
CA ASN C 196 51.59 14.61 56.93
C ASN C 196 52.76 14.95 56.01
N PHE C 197 52.53 15.06 54.69
CA PHE C 197 53.60 15.53 53.81
C PHE C 197 53.82 17.03 53.94
N LEU C 198 52.74 17.83 53.96
CA LEU C 198 52.92 19.27 53.89
C LEU C 198 53.41 19.92 55.17
N MET C 199 53.81 19.16 56.18
CA MET C 199 54.31 19.77 57.40
C MET C 199 55.76 19.44 57.67
N SER C 200 56.43 18.69 56.79
CA SER C 200 57.81 18.30 57.01
C SER C 200 58.47 18.04 55.67
N PHE C 201 59.45 18.87 55.31
CA PHE C 201 60.15 18.69 54.05
C PHE C 201 61.50 19.39 54.15
N LYS C 202 62.58 18.61 54.24
CA LYS C 202 63.90 19.11 54.61
C LYS C 202 64.96 18.67 53.60
N TYR C 203 64.70 18.95 52.32
CA TYR C 203 65.69 18.83 51.23
C TYR C 203 66.14 17.40 50.97
N LYS C 204 65.19 16.46 51.03
CA LYS C 204 65.49 15.09 50.67
C LYS C 204 65.77 14.95 49.18
N PHE C 205 65.21 15.86 48.38
CA PHE C 205 65.57 15.96 46.96
C PHE C 205 67.05 16.27 46.80
N ARG C 206 67.64 17.01 47.76
CA ARG C 206 69.08 17.14 47.77
C ARG C 206 69.77 15.87 48.27
N LYS C 207 69.10 15.08 49.10
CA LYS C 207 69.69 13.80 49.50
C LYS C 207 69.74 12.82 48.36
N ILE C 208 68.89 12.98 47.34
CA ILE C 208 69.14 12.26 46.09
C ILE C 208 70.17 13.00 45.24
N LEU C 209 70.16 14.35 45.29
CA LEU C 209 71.07 15.15 44.47
C LEU C 209 72.53 15.13 44.97
N ASP C 210 72.78 14.52 46.14
CA ASP C 210 74.10 14.22 46.69
C ASP C 210 74.86 15.46 47.14
N GLU C 211 74.13 16.56 47.43
CA GLU C 211 74.51 17.64 48.35
C GLU C 211 75.61 18.59 47.85
N ARG C 212 76.30 18.21 46.78
CA ARG C 212 77.56 18.81 46.28
C ARG C 212 78.47 19.50 47.31
N ASP C 221 68.20 28.13 54.97
CA ASP C 221 67.46 27.29 54.02
C ASP C 221 66.91 26.00 54.64
N GLU C 222 67.12 25.81 55.94
CA GLU C 222 66.70 24.57 56.57
C GLU C 222 65.20 24.55 56.86
N GLU C 223 64.54 25.69 56.71
CA GLU C 223 63.09 25.76 56.84
C GLU C 223 62.43 25.18 55.60
N LEU C 224 61.28 24.52 55.81
CA LEU C 224 60.59 23.81 54.75
C LEU C 224 59.96 24.78 53.76
N TYR C 225 59.57 24.25 52.60
CA TYR C 225 59.07 25.09 51.51
C TYR C 225 57.71 25.67 51.84
N TYR C 226 56.74 24.81 52.08
CA TYR C 226 55.35 25.16 51.82
C TYR C 226 54.75 26.04 52.89
N ILE C 227 55.45 26.26 54.00
CA ILE C 227 55.10 27.39 54.86
C ILE C 227 55.49 28.70 54.20
N LYS C 228 56.70 28.77 53.63
CA LYS C 228 57.12 29.97 52.93
C LYS C 228 56.27 30.25 51.70
N GLN C 229 56.09 29.22 50.85
CA GLN C 229 55.30 29.44 49.65
C GLN C 229 53.82 29.54 49.96
N LEU C 230 53.40 29.04 51.11
CA LEU C 230 52.02 29.25 51.51
C LEU C 230 51.83 30.66 52.06
N ASN C 231 52.88 31.27 52.59
CA ASN C 231 52.77 32.67 52.96
C ASN C 231 52.81 33.56 51.73
N GLU C 232 53.67 33.23 50.74
CA GLU C 232 53.70 33.97 49.49
C GLU C 232 52.37 33.84 48.74
N MET C 233 51.73 32.69 48.85
CA MET C 233 50.36 32.56 48.38
C MET C 233 49.40 33.35 49.26
N ARG C 234 49.76 33.55 50.52
CA ARG C 234 48.83 34.14 51.48
C ARG C 234 48.73 35.66 51.35
N GLU C 235 49.86 36.38 51.54
CA GLU C 235 49.80 37.83 51.58
C GLU C 235 49.57 38.45 50.20
N LEU C 236 50.19 37.92 49.16
CA LEU C 236 50.07 38.49 47.82
C LEU C 236 48.70 38.28 47.19
N GLY C 237 47.89 37.38 47.73
CA GLY C 237 46.56 37.14 47.22
C GLY C 237 46.47 36.27 46.00
N THR C 238 47.60 35.86 45.42
CA THR C 238 47.57 34.98 44.27
C THR C 238 47.17 33.58 44.71
N SER C 239 46.45 32.91 43.83
CA SER C 239 46.10 31.50 43.99
C SER C 239 47.20 30.65 43.34
N ASN C 240 46.87 29.40 43.02
CA ASN C 240 47.63 28.51 42.15
C ASN C 240 48.99 28.11 42.72
N LEU C 241 48.98 27.39 43.84
CA LEU C 241 50.18 26.71 44.30
C LEU C 241 50.58 25.63 43.31
N ASN C 242 51.88 25.38 43.21
CA ASN C 242 52.42 24.35 42.33
C ASN C 242 53.61 23.66 42.97
N LEU C 243 53.69 22.36 42.79
CA LEU C 243 54.74 21.53 43.39
C LEU C 243 55.30 20.60 42.34
N ASP C 244 56.43 19.97 42.66
CA ASP C 244 57.06 19.03 41.73
C ASP C 244 56.52 17.63 41.95
N ALA C 245 57.21 16.65 41.39
CA ALA C 245 56.86 15.27 41.68
C ALA C 245 58.00 14.55 42.37
N ARG C 246 59.23 14.88 41.99
CA ARG C 246 60.41 14.29 42.62
C ARG C 246 60.45 14.60 44.10
N ASN C 247 59.86 15.73 44.49
CA ASN C 247 59.66 16.01 45.89
C ASN C 247 58.73 14.98 46.54
N LEU C 248 57.74 14.46 45.79
CA LEU C 248 56.93 13.40 46.38
C LEU C 248 57.67 12.07 46.36
N LEU C 249 58.66 11.93 45.48
CA LEU C 249 59.47 10.72 45.53
C LEU C 249 60.37 10.69 46.74
N ALA C 250 61.05 11.80 47.03
CA ALA C 250 62.21 11.78 47.91
C ALA C 250 61.80 11.52 49.36
N TYR C 251 60.66 12.04 49.76
CA TYR C 251 60.19 11.87 51.12
C TYR C 251 59.70 10.44 51.30
N LYS C 252 60.00 9.87 52.47
CA LYS C 252 59.49 8.55 52.86
C LYS C 252 58.90 8.72 54.24
N GLN C 253 57.58 8.50 54.39
CA GLN C 253 56.63 7.90 53.45
C GLN C 253 56.07 8.78 52.34
N THR C 254 54.94 8.34 51.78
CA THR C 254 54.32 8.81 50.54
C THR C 254 55.22 8.61 49.35
N GLU C 255 55.92 7.48 49.31
CA GLU C 255 56.41 6.96 48.04
C GLU C 255 55.28 6.31 47.27
N ASP C 256 54.16 6.07 47.95
CA ASP C 256 53.01 5.39 47.38
C ASP C 256 52.10 6.37 46.64
N LEU C 257 51.97 7.58 47.18
CA LEU C 257 51.03 8.56 46.63
C LEU C 257 51.47 9.02 45.25
N TYR C 258 52.77 8.94 44.96
CA TYR C 258 53.25 9.27 43.62
C TYR C 258 52.69 8.31 42.59
N HIS C 259 52.78 7.02 42.85
CA HIS C 259 52.25 6.04 41.91
C HIS C 259 50.73 6.06 41.89
N GLN C 260 50.11 6.54 42.96
CA GLN C 260 48.68 6.81 42.87
C GLN C 260 48.39 8.02 42.00
N LEU C 261 49.30 8.99 41.97
CA LEU C 261 49.01 10.23 41.27
C LEU C 261 49.21 10.07 39.78
N LEU C 262 50.25 9.35 39.40
CA LEU C 262 50.60 9.22 37.99
C LEU C 262 49.57 8.40 37.24
N ASN C 263 48.78 7.59 37.95
CA ASN C 263 47.76 6.80 37.28
C ASN C 263 46.40 7.49 37.30
N TYR C 264 46.04 8.13 38.40
CA TYR C 264 44.66 8.55 38.62
C TYR C 264 44.63 10.04 38.87
N PRO C 265 44.56 10.85 37.82
CA PRO C 265 44.81 12.29 38.01
C PRO C 265 43.67 13.02 38.69
N GLN C 266 42.44 12.75 38.29
CA GLN C 266 41.33 13.65 38.57
C GLN C 266 40.92 13.58 40.04
N GLU C 267 40.79 12.35 40.55
CA GLU C 267 40.34 12.14 41.92
C GLU C 267 41.38 12.61 42.93
N VAL C 268 42.65 12.27 42.68
CA VAL C 268 43.72 12.62 43.60
C VAL C 268 43.94 14.13 43.62
N ILE C 269 43.84 14.78 42.45
CA ILE C 269 43.94 16.23 42.41
C ILE C 269 42.81 16.89 43.18
N SER C 270 41.59 16.33 43.10
CA SER C 270 40.49 16.87 43.90
C SER C 270 40.75 16.74 45.40
N ILE C 271 41.34 15.61 45.81
CA ILE C 271 41.65 15.40 47.23
C ILE C 271 42.68 16.40 47.74
N MET C 272 43.76 16.62 46.96
CA MET C 272 44.77 17.58 47.37
C MET C 272 44.22 19.01 47.41
N ASP C 273 43.24 19.31 46.57
CA ASP C 273 42.57 20.60 46.67
C ASP C 273 41.86 20.76 48.01
N GLN C 274 41.13 19.72 48.42
CA GLN C 274 40.37 19.80 49.67
C GLN C 274 41.29 19.95 50.87
N THR C 275 42.38 19.19 50.91
CA THR C 275 43.26 19.32 52.06
C THR C 275 44.12 20.57 52.02
N ILE C 276 44.30 21.20 50.85
CA ILE C 276 44.96 22.51 50.87
C ILE C 276 44.04 23.55 51.49
N LYS C 277 42.74 23.49 51.17
CA LYS C 277 41.81 24.44 51.77
C LYS C 277 41.71 24.28 53.28
N ASP C 278 41.67 23.02 53.74
CA ASP C 278 41.67 22.83 55.18
C ASP C 278 43.02 23.12 55.82
N CYS C 279 44.11 23.12 55.06
CA CYS C 279 45.36 23.55 55.66
C CYS C 279 45.40 25.07 55.84
N MET C 280 44.77 25.81 54.93
CA MET C 280 44.67 27.26 55.10
C MET C 280 43.81 27.60 56.31
N VAL C 281 42.70 26.88 56.48
CA VAL C 281 41.88 27.03 57.68
C VAL C 281 42.68 26.67 58.93
N SER C 282 43.49 25.60 58.87
CA SER C 282 44.28 25.24 60.03
C SER C 282 45.43 26.21 60.30
N LEU C 283 45.79 27.05 59.33
CA LEU C 283 46.74 28.11 59.63
C LEU C 283 46.08 29.32 60.28
N ILE C 284 44.89 29.72 59.79
CA ILE C 284 44.30 30.99 60.20
C ILE C 284 43.85 31.04 61.65
N VAL C 285 43.86 29.91 62.35
CA VAL C 285 43.39 29.86 63.73
C VAL C 285 44.54 30.10 64.70
N ASP C 286 45.61 30.73 64.21
CA ASP C 286 46.72 31.15 65.05
C ASP C 286 46.58 32.58 65.54
N ASN C 287 46.03 33.48 64.72
CA ASN C 287 45.94 34.89 65.09
C ASN C 287 44.54 35.46 65.05
N ASN C 288 43.59 34.76 64.40
CA ASN C 288 42.14 34.92 64.51
C ASN C 288 41.55 36.17 63.85
N LEU C 289 42.38 37.13 63.43
CA LEU C 289 41.88 38.34 62.78
C LEU C 289 42.68 38.53 61.50
N ASP C 290 42.25 37.85 60.44
CA ASP C 290 43.05 37.70 59.24
C ASP C 290 42.15 37.77 58.02
N TYR C 291 42.22 38.89 57.29
CA TYR C 291 41.83 39.02 55.89
C TYR C 291 40.34 38.83 55.63
N ASP C 292 39.47 39.21 56.60
CA ASP C 292 38.01 39.11 56.50
C ASP C 292 37.61 37.67 56.20
N LEU C 293 37.80 36.80 57.20
CA LEU C 293 37.97 35.34 57.07
C LEU C 293 37.05 34.55 56.14
N ASP C 294 35.91 35.12 55.75
CA ASP C 294 34.91 34.37 55.02
C ASP C 294 35.30 34.17 53.56
N GLU C 295 35.62 35.26 52.84
CA GLU C 295 35.81 35.17 51.39
C GLU C 295 37.13 34.51 51.02
N ILE C 296 38.18 34.78 51.79
CA ILE C 296 39.47 34.18 51.48
C ILE C 296 39.47 32.70 51.85
N GLU C 297 38.56 32.28 52.71
CA GLU C 297 38.27 30.87 52.84
C GLU C 297 37.36 30.38 51.72
N THR C 298 36.56 31.27 51.14
CA THR C 298 35.61 30.83 50.12
C THR C 298 36.28 30.64 48.76
N LYS C 299 37.38 31.34 48.52
CA LYS C 299 37.97 31.39 47.19
C LYS C 299 38.67 30.08 46.83
N PHE C 300 38.43 29.61 45.59
CA PHE C 300 38.93 28.32 45.15
C PHE C 300 40.44 28.29 45.06
N TYR C 301 41.05 27.30 45.71
CA TYR C 301 42.48 27.10 45.57
C TYR C 301 42.68 25.80 44.79
N LYS C 302 43.77 25.72 44.04
CA LYS C 302 43.98 24.57 43.17
C LYS C 302 45.45 24.23 43.06
N VAL C 303 45.72 23.04 42.53
CA VAL C 303 47.03 22.42 42.48
C VAL C 303 47.43 22.22 41.03
N ARG C 304 48.67 22.54 40.70
CA ARG C 304 49.22 22.27 39.37
C ARG C 304 50.53 21.52 39.50
N PRO C 305 50.54 20.22 39.25
CA PRO C 305 51.79 19.47 39.32
C PRO C 305 52.49 19.45 37.98
N TYR C 306 53.79 19.18 38.03
CA TYR C 306 54.57 19.00 36.81
C TYR C 306 55.78 18.14 37.09
N ASN C 307 56.63 18.01 36.08
CA ASN C 307 57.86 17.21 36.06
C ASN C 307 57.58 15.73 36.36
N VAL C 308 56.44 15.21 35.93
CA VAL C 308 56.05 13.83 36.25
C VAL C 308 56.62 12.95 35.13
N GLY C 309 57.93 12.71 35.22
CA GLY C 309 58.58 11.73 34.35
C GLY C 309 58.66 12.01 32.85
N SER C 310 59.63 11.39 32.18
CA SER C 310 59.64 11.36 30.72
C SER C 310 60.37 10.10 30.28
N CYS C 311 59.63 9.01 30.09
CA CYS C 311 60.26 7.77 29.70
C CYS C 311 60.24 7.57 28.18
N LYS C 312 59.05 7.49 27.61
CA LYS C 312 58.88 7.20 26.19
C LYS C 312 57.95 8.23 25.58
N GLY C 313 58.26 8.63 24.35
CA GLY C 313 57.58 9.74 23.72
C GLY C 313 56.16 9.44 23.30
N MET C 314 55.62 10.33 22.46
CA MET C 314 54.21 10.30 22.08
C MET C 314 53.88 9.08 21.22
N ARG C 315 54.86 8.56 20.48
CA ARG C 315 54.57 7.54 19.49
C ARG C 315 54.31 6.18 20.13
N GLU C 316 55.04 5.86 21.19
CA GLU C 316 55.02 4.52 21.76
C GLU C 316 53.70 4.19 22.46
N LEU C 317 52.91 5.21 22.82
CA LEU C 317 51.78 5.09 23.75
C LEU C 317 50.69 4.13 23.30
N ASN C 318 50.56 3.01 24.01
CA ASN C 318 49.54 2.04 23.71
C ASN C 318 48.19 2.54 24.20
N PRO C 319 47.09 1.99 23.67
CA PRO C 319 45.78 2.27 24.24
C PRO C 319 45.52 1.63 25.59
N ASN C 320 46.48 0.89 26.17
CA ASN C 320 46.36 0.52 27.57
C ASN C 320 46.44 1.75 28.45
N ASP C 321 47.27 2.71 28.07
CA ASP C 321 47.59 3.86 28.90
C ASP C 321 46.79 5.06 28.42
N ILE C 322 45.48 5.03 28.71
CA ILE C 322 44.62 6.11 28.27
C ILE C 322 44.77 7.30 29.20
N ASP C 323 44.40 7.17 30.46
CA ASP C 323 44.35 8.34 31.34
C ASP C 323 45.55 8.33 32.27
N LYS C 324 46.62 9.02 31.89
CA LYS C 324 47.78 9.19 32.74
C LYS C 324 48.25 10.62 32.59
N LEU C 325 49.48 10.89 33.01
CA LEU C 325 50.09 12.18 32.78
C LEU C 325 51.29 12.00 31.85
N ILE C 326 51.46 12.96 30.95
CA ILE C 326 52.39 12.85 29.83
C ILE C 326 53.16 14.16 29.71
N ASN C 327 54.47 14.08 29.49
CA ASN C 327 55.27 15.24 29.13
C ASN C 327 55.60 15.26 27.65
N LEU C 328 55.56 16.43 27.05
CA LEU C 328 55.85 16.62 25.64
C LEU C 328 56.84 17.77 25.50
N LYS C 329 57.31 17.99 24.28
CA LYS C 329 58.17 19.12 23.97
C LYS C 329 57.68 19.74 22.67
N GLY C 330 58.50 20.58 22.05
CA GLY C 330 58.21 21.06 20.72
C GLY C 330 57.48 22.38 20.71
N LEU C 331 57.30 22.91 19.50
CA LEU C 331 56.84 24.28 19.34
C LEU C 331 55.32 24.33 19.14
N VAL C 332 54.81 25.50 18.75
CA VAL C 332 53.38 25.75 18.63
C VAL C 332 53.11 26.47 17.32
N LEU C 333 52.22 25.92 16.49
CA LEU C 333 52.00 26.54 15.19
C LEU C 333 50.98 27.67 15.22
N ARG C 334 49.71 27.37 15.50
CA ARG C 334 48.66 28.38 15.37
C ARG C 334 47.82 28.41 16.64
N SER C 335 46.80 29.26 16.63
CA SER C 335 46.01 29.51 17.83
C SER C 335 44.59 29.85 17.41
N THR C 336 43.64 29.01 17.77
CA THR C 336 42.26 29.24 17.41
C THR C 336 41.68 30.38 18.23
N PRO C 337 40.56 30.98 17.80
CA PRO C 337 39.88 31.97 18.64
C PRO C 337 39.18 31.40 19.87
N VAL C 338 38.48 32.25 20.58
CA VAL C 338 37.84 31.86 21.84
C VAL C 338 36.45 31.31 21.56
N ILE C 339 36.13 30.17 22.17
CA ILE C 339 34.79 29.59 22.07
C ILE C 339 34.28 29.35 23.47
N PRO C 340 33.06 29.74 23.78
CA PRO C 340 32.52 29.55 25.14
C PRO C 340 32.05 28.12 25.40
N ASP C 341 31.53 27.92 26.60
CA ASP C 341 31.00 26.64 27.06
C ASP C 341 29.97 26.88 28.14
N MET C 342 28.82 26.22 28.04
CA MET C 342 27.74 26.40 29.01
C MET C 342 28.08 25.74 30.33
N LYS C 343 27.97 26.53 31.41
CA LYS C 343 28.08 25.98 32.75
C LYS C 343 26.76 26.10 33.50
N VAL C 344 25.92 27.06 33.09
CA VAL C 344 24.62 27.29 33.69
C VAL C 344 23.64 27.48 32.53
N ALA C 345 22.42 26.99 32.69
CA ALA C 345 21.38 27.22 31.72
C ALA C 345 20.34 28.19 32.30
N PHE C 346 19.35 28.57 31.50
CA PHE C 346 18.39 29.59 31.92
C PHE C 346 17.11 29.46 31.11
N PHE C 347 15.98 29.34 31.80
CA PHE C 347 14.71 29.04 31.16
C PHE C 347 13.63 30.03 31.57
N LYS C 348 12.70 30.28 30.65
CA LYS C 348 11.49 31.04 30.93
C LYS C 348 10.32 30.31 30.30
N CYS C 349 9.17 30.98 30.33
CA CYS C 349 7.98 30.57 29.61
C CYS C 349 7.37 31.82 28.99
N ASN C 350 6.14 31.69 28.56
CA ASN C 350 5.30 32.83 28.30
C ASN C 350 4.19 32.93 29.31
N VAL C 351 4.12 31.99 30.25
CA VAL C 351 3.07 31.90 31.25
C VAL C 351 3.74 31.59 32.59
N CYS C 352 3.74 32.54 33.53
CA CYS C 352 3.34 33.94 33.34
C CYS C 352 4.09 35.10 34.04
N ASP C 353 5.41 35.10 34.31
CA ASP C 353 6.47 34.22 33.83
C ASP C 353 7.41 33.92 34.99
N HIS C 354 7.83 32.67 35.12
CA HIS C 354 8.73 32.25 36.17
C HIS C 354 9.96 31.62 35.52
N THR C 355 11.10 31.69 36.22
CA THR C 355 12.41 31.72 35.58
C THR C 355 13.41 30.78 36.25
N MET C 356 13.06 29.50 36.40
CA MET C 356 13.97 28.50 36.94
C MET C 356 15.19 28.29 36.03
N ALA C 357 16.25 27.70 36.61
CA ALA C 357 17.51 27.49 35.92
C ALA C 357 18.12 26.16 36.36
N VAL C 358 19.15 25.71 35.63
CA VAL C 358 19.69 24.36 35.82
C VAL C 358 21.16 24.32 35.40
N GLU C 359 21.93 23.41 36.02
CA GLU C 359 23.35 23.26 35.82
C GLU C 359 23.66 22.13 34.84
N ILE C 360 24.93 21.74 34.76
CA ILE C 360 25.43 20.80 33.77
C ILE C 360 25.70 19.42 34.34
N ASP C 361 26.15 19.38 35.59
CA ASP C 361 27.39 18.70 36.02
C ASP C 361 27.89 17.52 35.17
N ARG C 362 27.03 16.61 34.74
CA ARG C 362 27.44 15.53 33.87
C ARG C 362 27.32 15.98 32.41
N GLY C 363 27.30 15.04 31.46
CA GLY C 363 27.44 15.41 30.05
C GLY C 363 26.31 16.20 29.44
N VAL C 364 25.08 16.09 29.96
CA VAL C 364 23.91 16.63 29.28
C VAL C 364 23.13 17.59 30.18
N ILE C 365 22.21 18.32 29.54
CA ILE C 365 21.32 19.27 30.19
C ILE C 365 19.90 18.82 29.96
N GLN C 366 19.18 18.51 31.02
CA GLN C 366 17.78 18.16 30.88
C GLN C 366 16.93 19.41 31.04
N GLU C 367 15.86 19.51 30.28
CA GLU C 367 14.96 20.64 30.47
C GLU C 367 13.56 20.16 30.79
N PRO C 368 12.84 20.87 31.66
CA PRO C 368 11.49 20.46 32.00
C PRO C 368 10.50 20.87 30.93
N ALA C 369 9.44 20.08 30.80
CA ALA C 369 8.33 20.41 29.93
C ALA C 369 7.23 21.16 30.65
N ARG C 370 7.10 20.94 31.95
CA ARG C 370 6.11 21.61 32.77
C ARG C 370 6.53 21.49 34.24
N CYS C 371 6.18 22.50 35.06
CA CYS C 371 5.70 23.82 34.65
C CYS C 371 6.30 24.84 35.58
N GLU C 372 5.98 26.09 35.27
CA GLU C 372 6.08 27.15 36.26
C GLU C 372 4.96 28.13 35.96
N ARG C 373 4.21 28.49 37.00
CA ARG C 373 3.02 29.35 36.92
C ARG C 373 2.00 28.75 35.95
N ILE C 374 1.33 27.68 36.40
CA ILE C 374 1.08 27.41 37.83
C ILE C 374 2.01 26.37 38.48
N ASP C 375 2.37 25.33 37.72
CA ASP C 375 3.03 24.13 38.25
C ASP C 375 2.21 23.55 39.39
N CYS C 376 1.03 23.04 39.04
CA CYS C 376 0.71 22.30 37.81
C CYS C 376 0.19 23.03 36.54
N ASN C 377 -0.42 22.19 35.69
CA ASN C 377 -0.91 22.45 34.34
C ASN C 377 -1.54 23.83 34.16
N GLU C 378 -1.34 24.47 32.99
CA GLU C 378 -1.06 23.87 31.68
C GLU C 378 0.40 23.57 31.33
N PRO C 379 0.61 22.56 30.50
CA PRO C 379 1.96 22.29 29.98
C PRO C 379 2.35 23.31 28.95
N ASN C 380 2.78 24.49 29.41
CA ASN C 380 3.08 25.60 28.53
C ASN C 380 4.43 25.40 27.83
N SER C 381 4.69 26.26 26.85
CA SER C 381 5.95 26.21 26.13
C SER C 381 7.09 26.66 27.01
N MET C 382 8.22 25.99 26.87
CA MET C 382 9.40 26.23 27.71
C MET C 382 10.52 26.75 26.81
N SER C 383 10.82 28.04 26.89
CA SER C 383 11.84 28.61 26.03
C SER C 383 13.18 28.63 26.73
N LEU C 384 14.24 28.91 25.95
CA LEU C 384 15.58 29.07 26.46
C LEU C 384 16.12 30.40 25.93
N ILE C 385 16.43 31.31 26.85
CA ILE C 385 17.01 32.60 26.49
C ILE C 385 18.53 32.48 26.61
N HIS C 386 19.21 32.44 25.47
CA HIS C 386 20.63 32.19 25.45
C HIS C 386 21.46 33.45 25.46
N ASN C 387 20.99 34.52 26.07
CA ASN C 387 21.83 35.68 26.32
C ASN C 387 21.94 36.01 27.79
N ARG C 388 21.58 35.08 28.65
CA ARG C 388 21.53 35.34 30.08
C ARG C 388 22.38 34.40 30.91
N CYS C 389 22.90 33.34 30.32
CA CYS C 389 23.49 32.27 31.10
C CYS C 389 25.00 32.44 31.24
N SER C 390 25.57 31.68 32.17
CA SER C 390 27.00 31.72 32.40
C SER C 390 27.75 31.04 31.27
N PHE C 391 29.05 31.28 31.20
CA PHE C 391 29.86 30.66 30.16
C PHE C 391 31.26 30.38 30.68
N ALA C 392 32.09 29.80 29.81
CA ALA C 392 33.47 29.50 30.14
C ALA C 392 34.38 29.84 28.97
N ASP C 393 35.65 29.45 29.04
CA ASP C 393 36.62 29.79 28.01
C ASP C 393 37.31 28.51 27.54
N LYS C 394 37.29 28.27 26.23
CA LYS C 394 37.88 27.04 25.69
C LYS C 394 38.64 27.38 24.42
N GLN C 395 39.95 27.22 24.46
CA GLN C 395 40.83 27.59 23.37
C GLN C 395 41.62 26.37 22.91
N VAL C 396 41.74 26.20 21.60
CA VAL C 396 42.41 25.04 21.01
C VAL C 396 43.72 25.50 20.40
N ILE C 397 44.82 24.86 20.79
CA ILE C 397 46.15 25.19 20.32
C ILE C 397 46.78 23.96 19.69
N LYS C 398 47.26 24.10 18.46
CA LYS C 398 47.83 22.99 17.71
C LYS C 398 49.35 22.97 17.85
N LEU C 399 49.92 21.78 18.02
CA LEU C 399 51.31 21.64 18.44
C LEU C 399 52.04 20.62 17.57
N GLN C 400 53.35 20.78 17.47
CA GLN C 400 54.27 19.88 16.78
C GLN C 400 55.48 19.65 17.66
N GLU C 401 55.86 18.39 17.87
CA GLU C 401 56.90 18.11 18.86
C GLU C 401 58.14 17.46 18.25
N THR C 402 59.18 17.40 19.07
CA THR C 402 60.49 16.81 18.75
C THR C 402 60.86 15.74 19.78
N PRO C 403 60.25 14.56 19.69
CA PRO C 403 60.49 13.51 20.69
C PRO C 403 61.83 12.81 20.50
N ASP C 404 62.88 13.31 21.15
CA ASP C 404 64.22 12.72 21.13
C ASP C 404 64.27 11.24 21.49
N PHE C 405 65.37 10.57 21.12
CA PHE C 405 65.48 9.11 21.07
C PHE C 405 64.35 8.53 20.22
N VAL C 406 64.49 8.79 18.93
CA VAL C 406 63.43 8.53 17.95
C VAL C 406 63.25 7.03 17.75
N PRO C 407 62.03 6.55 17.55
CA PRO C 407 61.82 5.19 17.04
C PRO C 407 62.02 5.13 15.53
N ASP C 408 63.28 4.91 15.14
CA ASP C 408 63.70 4.85 13.75
C ASP C 408 62.88 3.87 12.92
N GLY C 409 62.52 4.24 11.69
CA GLY C 409 62.72 5.56 11.07
C GLY C 409 61.59 6.57 11.14
N GLN C 410 61.38 7.17 12.30
CA GLN C 410 60.29 8.12 12.48
C GLN C 410 60.57 9.45 11.77
N THR C 411 59.47 10.12 11.28
CA THR C 411 59.06 11.37 10.65
C THR C 411 58.29 12.24 11.65
N PRO C 412 58.26 13.57 11.54
CA PRO C 412 57.59 14.38 12.55
C PRO C 412 56.07 14.25 12.52
N HIS C 413 55.45 14.89 13.50
CA HIS C 413 54.15 14.48 14.01
C HIS C 413 53.41 15.72 14.51
N SER C 414 52.10 15.61 14.64
CA SER C 414 51.30 16.76 15.05
C SER C 414 50.19 16.34 16.01
N ILE C 415 50.08 17.03 17.14
CA ILE C 415 49.05 16.78 18.14
C ILE C 415 48.25 18.06 18.29
N SER C 416 47.00 17.93 18.71
CA SER C 416 46.15 19.08 18.98
C SER C 416 45.70 19.03 20.43
N LEU C 417 45.84 20.15 21.14
CA LEU C 417 45.49 20.21 22.55
C LEU C 417 44.54 21.37 22.81
N CYS C 418 43.92 21.37 24.00
CA CYS C 418 42.67 22.09 24.24
C CYS C 418 42.63 22.83 25.58
N VAL C 419 43.53 23.80 25.78
CA VAL C 419 43.73 24.56 27.02
C VAL C 419 42.44 25.19 27.54
N TYR C 420 42.41 25.50 28.84
CA TYR C 420 41.19 26.00 29.47
C TYR C 420 41.45 27.32 30.20
N ASP C 421 40.50 27.68 31.07
CA ASP C 421 40.14 29.04 31.47
C ASP C 421 41.29 30.00 31.75
N GLU C 422 42.07 29.71 32.76
CA GLU C 422 43.12 30.65 33.17
C GLU C 422 44.23 30.68 32.13
N LEU C 423 44.53 29.56 31.52
CA LEU C 423 45.67 29.42 30.62
C LEU C 423 45.36 29.87 29.21
N VAL C 424 44.20 30.47 28.98
CA VAL C 424 43.92 31.11 27.71
C VAL C 424 44.88 32.28 27.51
N ASP C 425 45.39 32.41 26.28
CA ASP C 425 46.37 33.43 25.87
C ASP C 425 47.66 33.31 26.69
N SER C 426 48.04 32.08 27.00
CA SER C 426 49.33 31.82 27.63
C SER C 426 50.31 31.23 26.65
N CYS C 427 49.97 31.18 25.37
CA CYS C 427 50.84 30.57 24.36
C CYS C 427 50.73 31.39 23.08
N ARG C 428 51.85 31.93 22.65
CA ARG C 428 51.92 32.64 21.37
C ARG C 428 52.16 31.62 20.26
N ALA C 429 52.55 32.12 19.09
CA ALA C 429 52.94 31.25 17.99
C ALA C 429 54.45 31.28 17.86
N GLY C 430 55.12 30.26 18.39
CA GLY C 430 56.54 30.11 18.14
C GLY C 430 57.37 29.57 19.28
N ASP C 431 56.85 29.61 20.50
CA ASP C 431 57.63 29.30 21.69
C ASP C 431 57.99 27.81 21.75
N ARG C 432 58.93 27.49 22.63
CA ARG C 432 59.29 26.10 22.91
C ARG C 432 58.76 25.73 24.29
N ILE C 433 57.76 24.88 24.33
CA ILE C 433 56.97 24.64 25.54
C ILE C 433 57.11 23.18 25.96
N GLU C 434 57.15 22.96 27.27
CA GLU C 434 57.10 21.62 27.86
C GLU C 434 55.80 21.51 28.65
N VAL C 435 54.93 20.58 28.27
CA VAL C 435 53.55 20.53 28.72
C VAL C 435 53.32 19.29 29.56
N THR C 436 52.49 19.38 30.59
CA THR C 436 51.88 18.22 31.22
C THR C 436 50.39 18.20 30.90
N GLY C 437 49.78 17.03 30.98
CA GLY C 437 48.37 16.92 30.70
C GLY C 437 47.91 15.49 30.72
N THR C 438 46.61 15.31 30.49
CA THR C 438 46.00 14.00 30.53
C THR C 438 45.61 13.59 29.12
N PHE C 439 46.11 12.43 28.69
CA PHE C 439 45.76 11.87 27.39
C PHE C 439 44.30 11.43 27.41
N ARG C 440 43.53 11.84 26.41
CA ARG C 440 42.11 11.52 26.36
C ARG C 440 41.77 10.92 25.01
N SER C 441 40.51 10.49 24.87
CA SER C 441 40.06 9.82 23.66
C SER C 441 38.55 9.91 23.59
N ILE C 442 38.02 10.65 22.63
CA ILE C 442 36.59 10.85 22.48
C ILE C 442 36.18 10.68 21.03
N PRO C 443 35.13 9.91 20.75
CA PRO C 443 34.71 9.70 19.36
C PRO C 443 34.12 10.96 18.76
N ILE C 444 34.00 10.93 17.44
CA ILE C 444 33.52 12.05 16.65
C ILE C 444 32.35 11.61 15.80
N ARG C 445 31.52 12.58 15.40
CA ARG C 445 30.37 12.26 14.58
C ARG C 445 30.79 11.94 13.15
N ALA C 446 29.83 11.47 12.38
CA ALA C 446 29.97 11.32 10.93
C ALA C 446 28.99 12.29 10.30
N ASN C 447 29.50 13.12 9.39
CA ASN C 447 28.85 14.05 8.46
C ASN C 447 27.79 14.97 9.05
N SER C 448 27.76 15.21 10.38
CA SER C 448 26.95 16.25 11.03
C SER C 448 25.45 16.10 10.78
N ARG C 449 25.00 14.89 10.49
CA ARG C 449 23.64 14.69 10.04
C ARG C 449 22.89 13.62 10.82
N GLN C 450 23.57 12.54 11.20
CA GLN C 450 22.96 11.42 11.87
C GLN C 450 23.60 11.27 13.24
N ARG C 451 23.32 10.14 13.89
CA ARG C 451 23.95 9.89 15.17
C ARG C 451 24.97 8.77 15.05
N VAL C 452 25.43 8.47 13.85
CA VAL C 452 26.35 7.37 13.71
C VAL C 452 27.74 7.83 14.15
N LEU C 453 28.00 7.68 15.43
CA LEU C 453 29.32 7.95 15.97
C LEU C 453 30.28 6.91 15.43
N LYS C 454 31.23 7.36 14.60
CA LYS C 454 32.16 6.45 13.96
C LYS C 454 33.07 5.83 15.01
N SER C 455 33.45 4.57 14.76
CA SER C 455 34.46 3.91 15.59
C SER C 455 35.83 4.49 15.25
N LEU C 456 36.89 3.89 15.82
CA LEU C 456 38.28 4.32 15.65
C LEU C 456 38.45 5.77 16.12
N TYR C 457 38.45 5.90 17.44
CA TYR C 457 38.45 7.13 18.21
C TYR C 457 39.58 8.11 17.82
N LYS C 458 39.43 9.35 18.28
CA LYS C 458 40.44 10.39 18.09
C LYS C 458 41.04 10.74 19.44
N THR C 459 42.33 11.08 19.46
CA THR C 459 43.09 11.35 20.67
C THR C 459 43.51 12.81 20.76
N TYR C 460 43.67 13.31 21.99
CA TYR C 460 44.17 14.66 22.23
C TYR C 460 44.73 14.75 23.63
N VAL C 461 45.20 15.94 24.00
CA VAL C 461 45.77 16.24 25.31
C VAL C 461 44.90 17.33 25.93
N ASP C 462 44.92 17.43 27.25
CA ASP C 462 43.92 18.16 28.02
C ASP C 462 44.56 19.00 29.14
N VAL C 463 45.45 19.94 28.77
CA VAL C 463 46.57 20.45 29.56
C VAL C 463 46.27 20.90 30.99
N VAL C 464 47.30 20.86 31.82
CA VAL C 464 47.21 21.19 33.24
C VAL C 464 48.19 22.30 33.61
N HIS C 465 49.46 22.13 33.26
CA HIS C 465 50.48 23.09 33.61
C HIS C 465 51.42 23.33 32.44
N VAL C 466 51.79 24.59 32.25
CA VAL C 466 52.61 25.00 31.11
C VAL C 466 53.95 25.46 31.62
N LYS C 467 55.01 24.78 31.20
CA LYS C 467 56.37 25.11 31.62
C LYS C 467 57.19 25.64 30.48
N VAL C 469 56.91 28.79 30.59
CA VAL C 469 57.45 28.91 29.26
C VAL C 469 58.96 28.87 29.38
N SER C 470 59.46 29.41 30.50
CA SER C 470 60.88 29.66 30.69
C SER C 470 61.66 28.37 30.87
N ASP C 471 62.97 28.51 30.93
CA ASP C 471 63.87 27.38 31.00
C ASP C 471 65.21 27.86 31.53
N LYS C 472 66.02 26.93 32.03
CA LYS C 472 67.27 27.28 32.69
C LYS C 472 68.50 26.97 31.86
N ARG C 473 68.35 26.35 30.70
CA ARG C 473 69.50 25.96 29.90
C ARG C 473 69.69 26.83 28.67
N LEU C 474 68.62 27.19 27.99
CA LEU C 474 68.69 28.08 26.85
C LEU C 474 68.45 29.52 27.31
N ASP C 475 68.32 30.43 26.36
CA ASP C 475 68.35 31.86 26.66
C ASP C 475 66.99 32.29 27.20
N VAL C 476 66.87 33.57 27.57
CA VAL C 476 65.64 34.09 28.15
C VAL C 476 65.15 35.24 27.26
N ASP C 477 63.83 35.37 27.14
CA ASP C 477 63.18 36.30 26.22
C ASP C 477 63.44 37.75 26.64
N THR C 478 63.24 38.67 25.68
CA THR C 478 63.52 40.09 25.86
C THR C 478 62.41 40.76 26.65
N SER C 479 62.41 42.09 26.64
CA SER C 479 61.40 42.81 27.40
C SER C 479 60.72 43.90 26.58
N THR C 480 61.40 44.42 25.56
CA THR C 480 60.79 45.47 24.73
C THR C 480 59.72 44.87 23.83
N ILE C 481 59.81 43.57 23.58
CA ILE C 481 58.81 42.85 22.83
C ILE C 481 57.62 42.50 23.71
N GLU C 482 57.88 42.16 24.98
CA GLU C 482 56.89 41.55 25.86
C GLU C 482 55.86 42.55 26.40
N GLN C 483 56.08 43.86 26.22
CA GLN C 483 55.44 44.88 27.05
C GLN C 483 53.93 44.97 26.90
N GLU C 484 53.35 44.47 25.80
CA GLU C 484 51.91 44.37 25.72
C GLU C 484 51.37 43.35 26.72
N LEU C 485 52.01 42.19 26.80
CA LEU C 485 51.60 41.20 27.77
C LEU C 485 52.27 41.38 29.12
N MET C 486 53.11 42.40 29.27
CA MET C 486 53.38 42.94 30.59
C MET C 486 52.24 43.86 31.03
N GLN C 487 51.66 44.60 30.06
CA GLN C 487 50.54 45.47 30.37
C GLN C 487 49.30 44.67 30.69
N ASN C 488 49.14 43.52 30.05
CA ASN C 488 48.10 42.56 30.41
C ASN C 488 48.68 41.69 31.53
N LYS C 489 47.95 40.63 31.91
CA LYS C 489 48.42 39.54 32.77
C LYS C 489 48.69 39.99 34.22
N VAL C 490 48.33 41.22 34.56
CA VAL C 490 48.47 41.72 35.91
C VAL C 490 47.16 41.68 36.66
N ASP C 491 46.06 41.87 35.94
CA ASP C 491 44.73 41.69 36.50
C ASP C 491 44.47 40.24 36.92
N HIS C 492 45.04 39.28 36.20
CA HIS C 492 44.76 37.87 36.43
C HIS C 492 46.07 37.12 36.63
N ASN C 493 46.17 36.39 37.74
CA ASN C 493 47.43 35.79 38.15
C ASN C 493 47.75 34.55 37.31
N GLU C 494 49.01 34.40 36.93
CA GLU C 494 49.45 33.49 35.88
C GLU C 494 50.85 32.99 36.17
N VAL C 495 51.56 32.57 35.13
CA VAL C 495 52.91 32.01 35.20
C VAL C 495 53.90 33.10 34.84
N GLU C 496 55.20 32.81 34.99
CA GLU C 496 56.18 33.86 35.19
C GLU C 496 56.68 34.50 33.90
N GLU C 497 56.91 33.70 32.83
CA GLU C 497 57.30 34.11 31.48
C GLU C 497 58.74 34.66 31.40
N VAL C 498 59.36 34.96 32.55
CA VAL C 498 60.70 35.52 32.64
C VAL C 498 61.42 34.75 33.74
N ARG C 499 62.66 34.38 33.48
CA ARG C 499 63.48 33.66 34.45
C ARG C 499 63.68 34.48 35.71
N GLN C 500 63.39 33.86 36.85
CA GLN C 500 63.46 34.55 38.12
C GLN C 500 64.92 34.66 38.58
N ILE C 501 65.41 35.88 38.68
CA ILE C 501 66.79 36.12 39.12
C ILE C 501 66.82 36.03 40.63
N THR C 502 67.62 35.10 41.16
CA THR C 502 67.75 34.96 42.59
C THR C 502 68.69 36.03 43.13
N ASP C 503 68.86 36.06 44.45
CA ASP C 503 69.59 37.15 45.08
C ASP C 503 71.03 36.82 45.43
N GLN C 504 71.33 35.55 45.75
CA GLN C 504 72.66 35.21 46.22
C GLN C 504 73.68 35.26 45.09
N ASP C 505 73.36 34.65 43.95
CA ASP C 505 74.30 34.63 42.84
C ASP C 505 74.43 35.98 42.14
N LEU C 506 73.55 36.94 42.45
CA LEU C 506 73.68 38.28 41.93
C LEU C 506 74.96 38.94 42.43
N ALA C 507 75.37 38.59 43.65
CA ALA C 507 76.67 39.01 44.15
C ALA C 507 77.79 38.39 43.33
N LYS C 508 77.61 37.16 42.86
CA LYS C 508 78.61 36.56 41.99
C LYS C 508 78.61 37.22 40.62
N ILE C 509 77.46 37.74 40.17
CA ILE C 509 77.43 38.50 38.92
C ILE C 509 78.23 39.77 39.06
N ARG C 510 78.04 40.49 40.16
CA ARG C 510 78.84 41.68 40.42
C ARG C 510 80.28 41.35 40.78
N GLU C 511 80.61 40.09 41.05
CA GLU C 511 81.98 39.70 41.26
C GLU C 511 82.68 39.39 39.94
N VAL C 512 82.01 38.64 39.07
CA VAL C 512 82.59 38.27 37.77
C VAL C 512 82.66 39.49 36.86
N ALA C 513 81.78 40.47 37.06
CA ALA C 513 81.85 41.71 36.30
C ALA C 513 83.11 42.52 36.62
N ALA C 514 83.74 42.28 37.76
CA ALA C 514 84.98 42.95 38.13
C ALA C 514 86.21 42.30 37.52
N ARG C 515 86.05 41.21 36.77
CA ARG C 515 87.19 40.58 36.12
C ARG C 515 87.66 41.42 34.94
N GLU C 516 88.98 41.52 34.78
CA GLU C 516 89.52 42.29 33.67
C GLU C 516 89.40 41.54 32.35
N ASP C 517 89.63 40.23 32.35
CA ASP C 517 89.71 39.46 31.11
C ASP C 517 88.36 38.95 30.64
N LEU C 518 87.27 39.67 30.95
CA LEU C 518 85.94 39.20 30.59
C LEU C 518 85.73 39.22 29.09
N TYR C 519 86.42 40.12 28.39
CA TYR C 519 86.24 40.31 26.95
C TYR C 519 86.80 39.16 26.14
N SER C 520 87.77 38.42 26.66
CA SER C 520 88.21 37.20 26.02
C SER C 520 87.74 35.96 26.76
N LEU C 521 87.34 36.09 28.02
CA LEU C 521 86.84 34.95 28.79
C LEU C 521 85.46 34.54 28.31
N LEU C 522 84.54 35.50 28.18
CA LEU C 522 83.20 35.18 27.71
C LEU C 522 83.21 34.73 26.26
N ALA C 523 83.97 35.41 25.40
CA ALA C 523 84.08 34.98 24.02
C ALA C 523 84.84 33.67 23.87
N ARG C 524 85.70 33.34 24.84
CA ARG C 524 86.36 32.05 24.82
C ARG C 524 85.43 30.94 25.29
N SER C 525 84.45 31.26 26.13
CA SER C 525 83.60 30.25 26.74
C SER C 525 82.31 29.99 25.99
N ILE C 526 82.19 30.41 24.72
CA ILE C 526 80.94 30.20 24.01
C ILE C 526 80.85 28.80 23.45
N ALA C 527 81.74 28.46 22.52
CA ALA C 527 81.72 27.18 21.82
C ALA C 527 83.02 26.47 22.16
N PRO C 528 83.05 25.69 23.24
CA PRO C 528 84.31 25.11 23.70
C PRO C 528 84.79 23.91 22.89
N SER C 529 84.17 23.61 21.76
CA SER C 529 84.62 22.52 20.92
C SER C 529 85.18 22.98 19.58
N ILE C 530 85.16 24.28 19.30
CA ILE C 530 85.65 24.84 18.04
C ILE C 530 86.63 25.95 18.41
N TYR C 531 87.79 25.98 17.74
CA TYR C 531 88.94 26.71 18.29
C TYR C 531 89.70 27.40 17.16
N GLU C 532 89.25 28.59 16.83
CA GLU C 532 89.88 29.58 15.95
C GLU C 532 89.00 30.81 16.14
N LEU C 533 89.19 31.85 15.31
CA LEU C 533 88.15 32.81 14.90
C LEU C 533 87.49 33.50 16.10
N GLU C 534 88.32 33.93 17.05
CA GLU C 534 87.82 34.60 18.25
C GLU C 534 87.26 35.98 17.94
N ASP C 535 87.61 36.56 16.80
CA ASP C 535 86.85 37.70 16.29
C ASP C 535 85.45 37.27 15.86
N VAL C 536 85.31 36.06 15.32
CA VAL C 536 83.98 35.60 14.90
C VAL C 536 83.17 35.15 16.10
N LYS C 537 83.79 34.43 17.03
CA LYS C 537 83.16 34.12 18.30
C LYS C 537 82.78 35.39 19.04
N LYS C 538 83.61 36.42 18.92
CA LYS C 538 83.35 37.68 19.58
C LYS C 538 82.19 38.43 18.93
N GLY C 539 82.08 38.36 17.60
CA GLY C 539 80.93 38.96 16.94
C GLY C 539 79.64 38.21 17.21
N ILE C 540 79.73 36.90 17.37
CA ILE C 540 78.55 36.11 17.72
C ILE C 540 78.14 36.39 19.15
N LEU C 541 79.11 36.69 20.02
CA LEU C 541 78.76 37.21 21.34
C LEU C 541 78.08 38.56 21.24
N LEU C 542 78.57 39.44 20.36
CA LEU C 542 77.95 40.75 20.23
C LEU C 542 76.62 40.71 19.49
N GLN C 543 76.26 39.61 18.85
CA GLN C 543 74.91 39.54 18.32
C GLN C 543 73.90 39.26 19.43
N LEU C 544 74.36 38.71 20.55
CA LEU C 544 73.48 38.45 21.67
C LEU C 544 73.26 39.67 22.55
N PHE C 545 74.01 40.75 22.33
CA PHE C 545 73.90 41.99 23.09
C PHE C 545 73.41 43.12 22.22
N GLY C 546 72.51 42.83 21.29
CA GLY C 546 72.30 43.71 20.15
C GLY C 546 71.66 45.06 20.39
N GLY C 547 72.47 46.11 20.32
CA GLY C 547 72.03 47.50 20.24
C GLY C 547 71.21 48.04 21.38
N THR C 548 70.75 49.28 21.26
CA THR C 548 69.89 49.90 22.23
C THR C 548 68.55 50.22 21.58
N ASN C 549 67.47 49.82 22.22
CA ASN C 549 66.15 50.01 21.66
C ASN C 549 65.64 51.39 22.05
N LYS C 550 65.71 52.32 21.11
CA LYS C 550 65.22 53.68 21.31
C LYS C 550 63.97 53.87 20.47
N THR C 551 62.92 54.38 21.10
CA THR C 551 61.67 54.70 20.42
C THR C 551 61.46 56.20 20.48
N PHE C 552 61.07 56.78 19.37
CA PHE C 552 60.89 58.22 19.33
C PHE C 552 59.45 58.56 19.69
N THR C 553 59.09 59.83 19.53
CA THR C 553 57.70 60.22 19.73
C THR C 553 56.83 59.72 18.58
N LYS C 554 57.13 60.15 17.35
CA LYS C 554 56.43 59.69 16.16
C LYS C 554 57.46 59.24 15.14
N GLY C 555 57.28 58.02 14.62
CA GLY C 555 58.23 57.45 13.69
C GLY C 555 59.40 56.80 14.39
N GLY C 556 60.59 56.90 13.80
CA GLY C 556 61.79 56.38 14.43
C GLY C 556 61.83 54.86 14.48
N ARG C 557 61.60 54.31 15.69
CA ARG C 557 61.50 52.87 15.94
C ARG C 557 62.81 52.18 15.54
N TYR C 558 63.84 52.48 16.31
CA TYR C 558 65.18 52.00 16.01
C TYR C 558 65.47 50.79 16.87
N ARG C 559 65.73 49.66 16.22
CA ARG C 559 66.01 48.41 16.90
C ARG C 559 67.48 48.32 17.26
N GLY C 560 67.93 47.12 17.62
CA GLY C 560 69.32 46.84 17.90
C GLY C 560 69.82 45.68 17.06
N ASP C 561 69.23 45.55 15.88
CA ASP C 561 69.61 44.50 14.94
C ASP C 561 71.02 44.71 14.43
N ILE C 562 71.84 43.66 14.49
CA ILE C 562 73.05 43.57 13.67
C ILE C 562 72.98 42.26 12.90
N ASN C 563 73.73 42.20 11.80
CA ASN C 563 73.55 41.13 10.81
C ASN C 563 74.89 40.67 10.27
N ILE C 564 75.16 39.38 10.33
CA ILE C 564 76.49 38.85 10.11
C ILE C 564 76.47 37.86 8.97
N LEU C 565 77.34 38.05 7.99
CA LEU C 565 77.70 37.01 7.05
C LEU C 565 79.06 36.46 7.46
N LEU C 566 79.27 35.18 7.16
CA LEU C 566 80.61 34.61 7.24
C LEU C 566 80.75 33.60 6.12
N CYS C 567 81.84 33.69 5.36
CA CYS C 567 82.03 32.81 4.23
C CYS C 567 83.45 32.29 4.28
N GLY C 568 83.89 31.67 3.20
CA GLY C 568 85.24 31.19 3.13
C GLY C 568 85.26 29.77 2.67
N ASP C 569 86.40 29.13 2.84
CA ASP C 569 86.59 27.78 2.36
C ASP C 569 85.73 26.81 3.18
N PRO C 570 85.21 25.75 2.57
CA PRO C 570 84.55 24.70 3.36
C PRO C 570 85.55 23.86 4.15
N SER C 571 85.02 22.89 4.90
CA SER C 571 85.75 22.18 5.97
C SER C 571 86.33 23.17 6.97
N THR C 572 85.50 24.10 7.42
CA THR C 572 85.94 25.11 8.37
C THR C 572 84.97 25.19 9.56
N SER C 573 84.11 24.17 9.70
CA SER C 573 83.10 24.05 10.76
C SER C 573 82.18 25.27 10.81
N LYS C 574 81.64 25.62 9.65
CA LYS C 574 80.59 26.63 9.61
C LYS C 574 79.31 26.09 10.21
N SER C 575 79.07 24.80 10.07
CA SER C 575 77.80 24.23 10.48
C SER C 575 77.70 24.08 11.98
N GLN C 576 78.82 23.82 12.64
CA GLN C 576 78.82 23.60 14.09
C GLN C 576 78.39 24.86 14.83
N ILE C 577 78.85 26.01 14.33
CA ILE C 577 78.43 27.30 14.85
C ILE C 577 76.93 27.49 14.69
N LEU C 578 76.40 27.12 13.53
CA LEU C 578 74.99 27.37 13.29
C LEU C 578 74.11 26.43 14.08
N GLN C 579 74.55 25.21 14.34
CA GLN C 579 73.76 24.34 15.19
C GLN C 579 73.82 24.80 16.64
N TYR C 580 74.97 25.29 17.08
CA TYR C 580 75.09 25.72 18.46
C TYR C 580 74.24 26.98 18.73
N VAL C 581 74.30 27.95 17.81
CA VAL C 581 73.46 29.12 17.92
C VAL C 581 71.98 28.76 17.79
N HIS C 582 71.68 27.75 16.97
CA HIS C 582 70.31 27.27 16.88
C HIS C 582 69.84 26.62 18.17
N LYS C 583 70.76 26.09 18.98
CA LYS C 583 70.33 25.61 20.29
C LYS C 583 70.12 26.74 21.28
N ILE C 584 71.01 27.74 21.28
CA ILE C 584 70.99 28.72 22.36
C ILE C 584 69.84 29.71 22.22
N THR C 585 69.50 30.06 20.98
CA THR C 585 68.54 31.13 20.70
C THR C 585 67.13 30.74 21.17
N PRO C 586 66.39 31.67 21.79
CA PRO C 586 65.05 31.29 22.29
C PRO C 586 64.03 31.03 21.22
N ARG C 587 64.10 31.72 20.08
CA ARG C 587 63.04 31.62 19.07
C ARG C 587 63.68 31.52 17.68
N GLY C 588 64.61 30.60 17.51
CA GLY C 588 65.33 30.47 16.26
C GLY C 588 64.65 29.52 15.28
N VAL C 589 64.72 29.88 14.00
CA VAL C 589 64.15 29.09 12.91
C VAL C 589 65.21 28.93 11.84
N TYR C 590 65.40 27.70 11.37
CA TYR C 590 66.53 27.30 10.54
C TYR C 590 66.04 26.86 9.17
N THR C 591 66.11 27.73 8.18
CA THR C 591 65.79 27.35 6.81
C THR C 591 67.06 26.93 6.07
N SER C 592 66.98 26.83 4.75
CA SER C 592 68.15 26.55 3.94
C SER C 592 67.95 27.14 2.55
N GLY C 593 68.96 26.97 1.70
CA GLY C 593 68.90 27.43 0.33
C GLY C 593 68.27 26.39 -0.58
N LYS C 594 67.56 26.86 -1.60
CA LYS C 594 66.80 26.08 -2.56
C LYS C 594 65.73 25.21 -1.92
N GLY C 595 65.26 25.59 -0.74
CA GLY C 595 64.15 24.92 -0.11
C GLY C 595 63.20 26.01 0.33
N SER C 596 63.22 27.11 -0.41
CA SER C 596 62.46 28.29 -0.09
C SER C 596 61.56 28.67 -1.25
N SER C 597 60.59 29.54 -0.95
CA SER C 597 59.80 30.20 -1.97
C SER C 597 59.32 31.52 -1.40
N ALA C 598 58.74 32.34 -2.28
CA ALA C 598 58.17 33.59 -1.83
C ALA C 598 56.93 33.36 -0.97
N VAL C 599 56.19 32.28 -1.25
CA VAL C 599 55.15 31.85 -0.34
C VAL C 599 55.79 31.31 0.92
N GLY C 600 56.94 30.67 0.80
CA GLY C 600 57.49 29.88 1.87
C GLY C 600 58.02 30.60 3.09
N LEU C 601 57.83 31.91 3.20
CA LEU C 601 58.28 32.63 4.38
C LEU C 601 57.17 33.35 5.12
N THR C 602 55.97 33.45 4.54
CA THR C 602 54.80 34.04 5.18
C THR C 602 53.53 33.67 4.44
N ALA C 603 52.41 33.65 5.18
CA ALA C 603 51.06 33.52 4.64
C ALA C 603 50.84 32.19 3.91
N TYR C 604 50.77 31.12 4.70
CA TYR C 604 50.51 29.77 4.23
C TYR C 604 49.04 29.45 4.18
N ILE C 605 48.17 30.39 3.74
CA ILE C 605 46.72 30.28 3.85
C ILE C 605 46.17 28.98 3.28
N THR C 606 45.58 28.18 4.16
CA THR C 606 45.40 26.76 3.93
C THR C 606 44.00 26.35 4.35
N ARG C 607 43.76 25.05 4.33
CA ARG C 607 42.50 24.47 4.73
C ARG C 607 42.75 23.54 5.90
N ASP C 608 42.36 23.98 7.10
CA ASP C 608 42.51 23.13 8.27
C ASP C 608 41.47 22.02 8.21
N VAL C 609 41.86 20.81 8.59
CA VAL C 609 41.01 19.66 8.32
C VAL C 609 39.94 19.50 9.40
N ASP C 610 40.31 19.70 10.66
CA ASP C 610 39.42 19.34 11.77
C ASP C 610 38.20 20.25 11.88
N THR C 611 38.28 21.48 11.36
CA THR C 611 37.14 22.37 11.37
C THR C 611 36.63 22.71 9.97
N LYS C 612 37.44 22.47 8.94
CA LYS C 612 37.09 22.59 7.53
C LYS C 612 36.70 24.03 7.19
N GLN C 613 37.63 24.94 7.43
CA GLN C 613 37.50 26.34 7.03
C GLN C 613 38.84 26.76 6.46
N LEU C 614 39.03 28.07 6.27
CA LEU C 614 40.27 28.60 5.72
C LEU C 614 40.99 29.38 6.81
N VAL C 615 42.05 28.79 7.34
CA VAL C 615 42.78 29.33 8.48
C VAL C 615 44.17 29.73 7.99
N LEU C 616 44.67 30.86 8.46
CA LEU C 616 45.91 31.42 7.96
C LEU C 616 47.05 31.10 8.91
N GLU C 617 48.16 30.64 8.36
CA GLU C 617 49.33 30.24 9.14
C GLU C 617 50.40 31.30 9.06
N SER C 618 51.31 31.28 10.02
CA SER C 618 52.48 32.13 9.96
C SER C 618 53.64 31.36 9.34
N GLY C 619 54.36 32.03 8.44
CA GLY C 619 55.44 31.38 7.72
C GLY C 619 56.73 31.27 8.49
N ALA C 620 57.85 31.56 7.83
CA ALA C 620 59.15 31.26 8.41
C ALA C 620 59.86 32.45 9.04
N LEU C 621 59.45 33.69 8.74
CA LEU C 621 60.04 34.84 9.41
C LEU C 621 59.17 35.40 10.52
N VAL C 622 57.86 35.19 10.46
CA VAL C 622 57.01 35.63 11.55
C VAL C 622 57.24 34.76 12.77
N LEU C 623 57.61 33.50 12.56
CA LEU C 623 58.06 32.69 13.69
C LEU C 623 59.44 33.10 14.18
N SER C 624 60.20 33.84 13.37
CA SER C 624 61.54 34.25 13.72
C SER C 624 61.56 35.58 14.46
N ASP C 625 60.43 36.02 15.00
CA ASP C 625 60.23 37.40 15.37
C ASP C 625 60.87 37.66 16.72
N GLY C 626 62.09 38.17 16.70
CA GLY C 626 62.82 38.46 17.92
C GLY C 626 63.73 37.29 18.22
N GLY C 627 65.01 37.43 17.91
CA GLY C 627 65.90 36.30 18.01
C GLY C 627 66.84 36.21 16.83
N VAL C 628 67.20 34.99 16.45
CA VAL C 628 68.24 34.76 15.45
C VAL C 628 67.72 33.79 14.42
N CYS C 629 67.71 34.19 13.16
CA CYS C 629 67.48 33.28 12.05
C CYS C 629 68.80 32.77 11.50
N CYS C 630 68.72 31.72 10.70
CA CYS C 630 69.90 31.13 10.08
C CYS C 630 69.57 30.72 8.66
N ILE C 631 70.50 30.95 7.74
CA ILE C 631 70.32 30.58 6.34
C ILE C 631 71.62 30.00 5.84
N ASP C 632 71.55 28.83 5.21
CA ASP C 632 72.73 28.25 4.58
C ASP C 632 72.65 28.39 3.07
N GLU C 633 73.82 28.43 2.45
CA GLU C 633 74.01 28.53 1.00
C GLU C 633 73.29 29.76 0.44
N PHE C 634 73.79 30.93 0.86
CA PHE C 634 73.19 32.19 0.49
C PHE C 634 73.42 32.54 -0.97
N ASP C 635 74.33 31.85 -1.64
CA ASP C 635 74.55 32.05 -3.07
C ASP C 635 73.37 31.54 -3.88
N LYS C 636 72.81 30.42 -3.50
CA LYS C 636 71.93 29.70 -4.38
C LYS C 636 70.47 30.00 -4.11
N MET C 637 70.14 31.25 -3.78
CA MET C 637 68.75 31.65 -3.81
C MET C 637 68.33 32.02 -5.23
N SER C 638 67.06 32.36 -5.37
CA SER C 638 66.50 32.82 -6.63
C SER C 638 66.69 34.33 -6.74
N ASP C 639 65.96 34.96 -7.66
CA ASP C 639 65.75 36.40 -7.62
C ASP C 639 64.53 36.78 -6.79
N SER C 640 63.49 35.95 -6.82
CA SER C 640 62.27 36.24 -6.06
C SER C 640 62.53 36.10 -4.56
N THR C 641 62.96 34.92 -4.14
CA THR C 641 63.66 34.83 -2.88
C THR C 641 64.96 35.60 -3.03
N ARG C 642 65.43 36.20 -1.92
CA ARG C 642 66.45 37.23 -1.70
C ARG C 642 65.89 38.60 -2.05
N SER C 643 64.76 38.69 -2.74
CA SER C 643 64.05 39.95 -2.81
C SER C 643 63.08 40.10 -1.65
N VAL C 644 62.95 39.10 -0.80
CA VAL C 644 62.30 39.31 0.49
C VAL C 644 63.18 40.17 1.38
N LEU C 645 64.49 39.88 1.38
CA LEU C 645 65.37 40.42 2.39
C LEU C 645 65.67 41.90 2.22
N HIS C 646 65.37 42.47 1.06
CA HIS C 646 65.48 43.92 0.88
C HIS C 646 64.51 44.68 1.75
N GLU C 647 63.43 44.05 2.20
CA GLU C 647 62.48 44.69 3.09
C GLU C 647 62.86 44.45 4.54
N VAL C 648 63.20 43.20 4.88
CA VAL C 648 63.49 42.82 6.25
C VAL C 648 64.80 43.46 6.72
N MET C 649 65.80 43.50 5.86
CA MET C 649 67.06 44.12 6.25
C MET C 649 66.96 45.64 6.36
N GLU C 650 66.13 46.27 5.53
CA GLU C 650 66.09 47.73 5.49
C GLU C 650 64.99 48.33 6.36
N GLN C 651 63.73 48.06 6.01
CA GLN C 651 62.62 48.79 6.58
C GLN C 651 62.22 48.28 7.95
N GLN C 652 62.62 47.04 8.25
CA GLN C 652 62.19 46.28 9.41
C GLN C 652 60.66 46.16 9.43
N THR C 653 60.09 45.79 8.28
CA THR C 653 58.67 45.45 8.15
C THR C 653 58.54 44.26 7.21
N ILE C 654 57.32 43.74 7.12
CA ILE C 654 56.87 42.87 6.03
C ILE C 654 55.50 43.36 5.62
N SER C 655 55.26 43.46 4.31
CA SER C 655 54.01 43.96 3.79
C SER C 655 53.30 42.91 2.94
N ILE C 656 52.49 42.08 3.58
CA ILE C 656 51.61 41.15 2.87
C ILE C 656 50.45 41.94 2.28
N ALA C 657 50.03 41.60 1.06
CA ALA C 657 48.95 42.34 0.45
C ALA C 657 47.95 41.48 -0.32
N LYS C 658 48.04 40.16 -0.26
CA LYS C 658 47.18 39.37 -1.13
C LYS C 658 45.83 39.10 -0.46
N ALA C 659 45.09 38.14 -1.04
CA ALA C 659 43.63 38.07 -0.92
C ALA C 659 43.13 37.81 0.49
N GLY C 660 43.96 37.27 1.36
CA GLY C 660 43.53 37.09 2.73
C GLY C 660 43.46 38.38 3.50
N ILE C 661 44.62 39.01 3.70
CA ILE C 661 44.79 40.11 4.66
C ILE C 661 45.66 41.19 4.02
N ILE C 662 45.19 42.43 4.07
CA ILE C 662 46.00 43.55 3.61
C ILE C 662 46.41 44.36 4.83
N THR C 663 47.55 44.01 5.43
CA THR C 663 48.00 44.64 6.67
C THR C 663 49.47 44.32 6.87
N THR C 664 50.29 45.35 7.06
CA THR C 664 51.69 45.13 7.32
C THR C 664 51.89 44.55 8.72
N LEU C 665 52.93 43.74 8.88
CA LEU C 665 53.23 43.15 10.17
C LEU C 665 54.74 42.97 10.31
N ASN C 666 55.23 43.28 11.51
CA ASN C 666 56.66 43.38 11.75
C ASN C 666 57.28 42.02 12.03
N ALA C 667 58.56 41.89 11.65
CA ALA C 667 59.34 40.71 12.01
C ALA C 667 60.76 41.19 12.29
N ARG C 668 61.00 41.60 13.52
CA ARG C 668 62.35 41.98 13.92
C ARG C 668 63.16 40.70 14.14
N SER C 669 64.36 40.66 13.59
CA SER C 669 65.13 39.43 13.55
C SER C 669 66.58 39.78 13.28
N SER C 670 67.46 38.88 13.66
CA SER C 670 68.89 39.08 13.47
C SER C 670 69.42 37.99 12.56
N ILE C 671 69.53 38.30 11.28
CA ILE C 671 69.78 37.29 10.26
C ILE C 671 71.26 36.93 10.24
N LEU C 672 71.55 35.64 10.30
CA LEU C 672 72.90 35.12 10.18
C LEU C 672 72.93 34.19 8.97
N ALA C 673 73.99 34.26 8.17
CA ALA C 673 74.01 33.47 6.94
C ALA C 673 75.42 33.06 6.60
N SER C 674 75.55 32.30 5.51
CA SER C 674 76.85 31.80 5.06
C SER C 674 76.78 31.43 3.59
N ALA C 675 77.95 31.40 2.96
CA ALA C 675 78.03 31.10 1.54
C ALA C 675 79.36 30.46 1.22
N ASN C 676 79.37 29.63 0.17
CA ASN C 676 80.56 28.91 -0.25
C ASN C 676 80.97 29.38 -1.64
N PRO C 677 82.22 29.76 -1.85
CA PRO C 677 82.61 30.38 -3.11
C PRO C 677 82.68 29.41 -4.28
N ILE C 678 83.09 29.92 -5.45
CA ILE C 678 83.14 29.13 -6.67
C ILE C 678 84.31 28.14 -6.62
N GLY C 679 85.33 28.46 -5.80
CA GLY C 679 86.66 27.87 -5.93
C GLY C 679 86.76 26.36 -5.87
N SER C 680 86.52 25.73 -4.71
CA SER C 680 86.02 26.31 -3.48
C SER C 680 87.10 26.98 -2.64
N ARG C 681 88.36 26.75 -2.98
CA ARG C 681 89.43 27.43 -2.28
C ARG C 681 89.52 28.87 -2.74
N TYR C 682 89.72 29.77 -1.79
CA TYR C 682 90.00 31.16 -2.12
C TYR C 682 91.39 31.27 -2.71
N ASN C 683 91.48 31.92 -3.86
CA ASN C 683 92.79 32.14 -4.45
C ASN C 683 93.18 33.60 -4.33
N PRO C 684 94.46 33.88 -4.11
CA PRO C 684 94.89 35.27 -4.02
C PRO C 684 94.95 35.91 -5.39
N ASN C 685 95.15 37.24 -5.39
CA ASN C 685 95.23 38.07 -6.59
C ASN C 685 93.98 37.93 -7.44
N LEU C 686 92.85 37.96 -6.77
CA LEU C 686 91.51 37.92 -7.35
C LEU C 686 90.61 38.77 -6.49
N PRO C 687 89.69 39.52 -7.09
CA PRO C 687 88.88 40.46 -6.31
C PRO C 687 87.91 39.75 -5.36
N VAL C 688 87.82 40.29 -4.15
CA VAL C 688 87.06 39.66 -3.08
C VAL C 688 85.57 39.67 -3.42
N THR C 689 85.12 40.74 -4.05
CA THR C 689 83.73 40.82 -4.47
C THR C 689 83.43 39.83 -5.59
N GLU C 690 84.45 39.48 -6.38
CA GLU C 690 84.22 38.61 -7.51
C GLU C 690 84.00 37.17 -7.06
N ASN C 691 84.61 36.77 -5.95
CA ASN C 691 84.71 35.35 -5.66
C ASN C 691 83.46 34.81 -4.96
N ILE C 692 82.50 35.67 -4.64
CA ILE C 692 81.20 35.24 -4.13
C ILE C 692 80.12 35.92 -4.98
N ASP C 693 79.19 35.12 -5.51
CA ASP C 693 78.27 35.62 -6.54
C ASP C 693 77.12 36.38 -5.92
N LEU C 694 77.41 37.59 -5.46
CA LEU C 694 76.41 38.50 -4.94
C LEU C 694 76.58 39.87 -5.60
N PRO C 695 75.50 40.63 -5.75
CA PRO C 695 75.64 42.05 -6.06
C PRO C 695 76.23 42.81 -4.89
N PRO C 696 77.35 43.48 -5.09
CA PRO C 696 78.08 44.10 -3.98
C PRO C 696 77.38 45.27 -3.29
N PRO C 697 76.26 45.84 -3.79
CA PRO C 697 75.44 46.59 -2.83
C PRO C 697 74.80 45.73 -1.76
N LEU C 698 74.32 44.54 -2.13
CA LEU C 698 73.70 43.67 -1.14
C LEU C 698 74.75 43.08 -0.21
N LEU C 699 75.94 42.79 -0.74
CA LEU C 699 77.06 42.42 0.11
C LEU C 699 77.50 43.59 0.96
N SER C 700 77.31 44.82 0.48
CA SER C 700 77.63 46.01 1.24
C SER C 700 76.58 46.35 2.28
N ARG C 701 75.39 45.73 2.20
CA ARG C 701 74.37 46.03 3.19
C ARG C 701 74.60 45.29 4.50
N PHE C 702 75.21 44.12 4.47
CA PHE C 702 75.50 43.39 5.69
C PHE C 702 76.54 44.10 6.55
N ASP C 703 76.28 44.09 7.84
CA ASP C 703 77.09 44.74 8.86
C ASP C 703 78.50 44.19 8.92
N LEU C 704 78.64 42.94 9.31
CA LEU C 704 79.94 42.37 9.65
C LEU C 704 80.19 41.17 8.75
N VAL C 705 81.17 41.29 7.86
CA VAL C 705 81.45 40.29 6.85
C VAL C 705 82.79 39.65 7.17
N TYR C 706 82.78 38.36 7.49
CA TYR C 706 84.01 37.63 7.71
C TYR C 706 84.44 36.90 6.45
N LEU C 707 85.74 36.67 6.36
CA LEU C 707 86.35 35.94 5.25
C LEU C 707 87.41 35.05 5.87
N VAL C 708 87.02 33.84 6.23
CA VAL C 708 87.88 32.92 6.95
C VAL C 708 88.60 32.03 5.94
N LEU C 709 89.92 32.14 5.88
CA LEU C 709 90.71 31.32 4.98
C LEU C 709 91.71 30.50 5.78
N ASP C 710 92.52 29.73 5.06
CA ASP C 710 93.39 28.73 5.67
C ASP C 710 94.84 29.15 5.54
N LYS C 711 95.67 28.69 6.47
CA LYS C 711 97.09 28.98 6.49
C LYS C 711 97.87 27.70 6.24
N VAL C 712 98.92 27.80 5.42
CA VAL C 712 99.65 26.61 4.99
C VAL C 712 100.72 26.23 5.99
N ASP C 713 100.93 27.06 7.01
CA ASP C 713 101.97 26.81 7.99
C ASP C 713 101.60 25.67 8.92
N GLU C 714 102.53 25.33 9.81
CA GLU C 714 102.60 24.02 10.43
C GLU C 714 102.37 24.07 11.93
N LYS C 715 102.57 25.23 12.56
CA LYS C 715 102.70 25.27 14.01
C LYS C 715 101.35 25.10 14.71
N ASN C 716 100.26 25.52 14.06
CA ASN C 716 98.95 25.46 14.71
C ASN C 716 98.39 24.04 14.70
N ASP C 717 98.76 23.25 13.70
CA ASP C 717 98.09 21.98 13.42
C ASP C 717 98.38 20.94 14.48
N ARG C 718 99.53 21.08 15.15
CA ARG C 718 99.84 20.22 16.28
C ARG C 718 98.81 20.43 17.40
N GLU C 719 98.56 21.69 17.75
CA GLU C 719 97.56 21.98 18.77
C GLU C 719 96.17 21.60 18.31
N LEU C 720 95.94 21.63 16.99
CA LEU C 720 94.65 21.23 16.45
C LEU C 720 94.38 19.75 16.68
N ALA C 721 95.33 18.90 16.27
CA ALA C 721 95.14 17.46 16.44
C ALA C 721 95.18 17.06 17.91
N LYS C 722 95.94 17.79 18.73
CA LYS C 722 95.92 17.51 20.17
C LYS C 722 94.58 17.87 20.78
N HIS C 723 93.89 18.86 20.22
CA HIS C 723 92.53 19.12 20.70
C HIS C 723 91.58 18.00 20.30
N LEU C 724 91.67 17.52 19.05
CA LEU C 724 90.77 16.46 18.61
C LEU C 724 90.96 15.17 19.39
N THR C 725 92.21 14.72 19.54
CA THR C 725 92.44 13.48 20.26
C THR C 725 92.29 13.70 21.76
N ASN C 726 92.36 14.97 22.21
CA ASN C 726 91.93 15.27 23.55
C ASN C 726 90.43 15.03 23.72
N LEU C 727 89.65 15.30 22.68
CA LEU C 727 88.20 15.08 22.78
C LEU C 727 87.83 13.61 22.71
N TYR C 728 88.51 12.84 21.86
CA TYR C 728 88.10 11.46 21.64
C TYR C 728 88.41 10.57 22.82
N LEU C 729 89.38 10.96 23.63
CA LEU C 729 89.94 10.08 24.64
C LEU C 729 89.06 10.04 25.88
N GLU C 730 89.21 8.97 26.66
CA GLU C 730 88.60 8.63 27.97
C GLU C 730 87.08 8.76 28.01
N ASP C 731 86.39 8.70 26.87
CA ASP C 731 84.94 8.57 26.64
C ASP C 731 84.06 9.34 27.63
N LYS C 732 84.45 10.56 27.97
CA LYS C 732 83.75 11.37 28.95
C LYS C 732 83.92 12.83 28.55
N PRO C 733 82.87 13.63 28.68
CA PRO C 733 83.00 15.06 28.37
C PRO C 733 83.82 15.80 29.40
N GLU C 734 85.06 16.11 29.04
CA GLU C 734 85.99 16.83 29.89
C GLU C 734 86.52 18.07 29.18
N HIS C 735 86.07 18.26 27.93
CA HIS C 735 86.77 18.86 26.80
C HIS C 735 87.76 19.99 27.10
N ILE C 736 87.34 21.04 27.81
CA ILE C 736 88.25 22.11 28.19
C ILE C 736 88.15 22.37 29.69
N SER C 737 89.17 21.96 30.43
CA SER C 737 89.30 22.29 31.83
C SER C 737 90.67 22.86 32.17
N GLN C 738 91.59 22.84 31.21
CA GLN C 738 92.95 23.29 31.42
C GLN C 738 93.39 24.16 30.25
N ASP C 739 94.00 25.31 30.55
CA ASP C 739 94.02 25.92 31.88
C ASP C 739 93.00 27.04 31.91
N ASP C 740 91.73 26.67 32.01
CA ASP C 740 90.65 27.60 31.72
C ASP C 740 89.48 27.34 32.67
N VAL C 741 88.77 28.41 33.01
CA VAL C 741 87.54 28.35 33.77
C VAL C 741 86.40 28.67 32.82
N LEU C 742 85.40 27.80 32.77
CA LEU C 742 84.27 27.98 31.84
C LEU C 742 82.98 27.97 32.64
N PRO C 743 82.21 29.05 32.61
CA PRO C 743 80.87 29.00 33.21
C PRO C 743 79.94 28.16 32.37
N VAL C 744 79.11 27.37 33.03
CA VAL C 744 78.22 26.46 32.34
C VAL C 744 76.94 27.20 31.97
N GLU C 745 76.23 27.70 32.99
CA GLU C 745 74.99 28.42 32.77
C GLU C 745 74.95 29.75 33.50
N PHE C 746 76.09 30.28 33.94
CA PHE C 746 76.13 31.66 34.41
C PHE C 746 75.85 32.61 33.28
N LEU C 747 76.28 32.27 32.07
CA LEU C 747 76.29 33.24 31.00
C LEU C 747 74.91 33.54 30.45
N THR C 748 73.95 32.61 30.59
CA THR C 748 72.61 32.90 30.09
C THR C 748 71.90 33.94 30.96
N MET C 749 71.95 33.77 32.27
CA MET C 749 71.38 34.79 33.14
C MET C 749 72.27 36.04 33.18
N TYR C 750 73.55 35.91 32.86
CA TYR C 750 74.39 37.07 32.68
C TYR C 750 73.94 37.89 31.49
N ILE C 751 73.59 37.21 30.40
CA ILE C 751 73.17 37.91 29.19
C ILE C 751 71.79 38.51 29.38
N SER C 752 70.86 37.78 29.99
CA SER C 752 69.51 38.31 30.19
C SER C 752 69.52 39.48 31.18
N TYR C 753 70.28 39.35 32.28
CA TYR C 753 70.42 40.48 33.18
C TYR C 753 71.14 41.65 32.52
N ALA C 754 72.01 41.36 31.56
CA ALA C 754 72.59 42.41 30.75
C ALA C 754 71.65 42.89 29.65
N LYS C 755 70.49 42.29 29.50
CA LYS C 755 69.55 42.70 28.48
C LYS C 755 68.37 43.48 29.05
N GLU C 756 68.00 43.31 30.31
CA GLU C 756 66.94 44.17 30.85
C GLU C 756 67.45 45.45 31.48
N HIS C 757 68.27 45.33 32.52
CA HIS C 757 68.51 46.45 33.44
C HIS C 757 69.63 47.37 33.00
N ILE C 758 69.91 47.48 31.69
CA ILE C 758 70.92 48.41 31.19
C ILE C 758 70.29 49.22 30.06
N HIS C 759 70.51 50.53 30.09
CA HIS C 759 70.23 51.40 28.95
C HIS C 759 71.46 52.26 28.68
N PRO C 760 72.31 51.87 27.73
CA PRO C 760 73.53 52.62 27.48
C PRO C 760 73.28 53.82 26.57
N ILE C 761 73.95 54.92 26.89
CA ILE C 761 73.84 56.16 26.14
C ILE C 761 75.24 56.55 25.69
N ILE C 762 75.31 57.17 24.51
CA ILE C 762 76.58 57.32 23.80
C ILE C 762 76.99 58.78 23.63
N THR C 763 76.84 59.57 24.70
CA THR C 763 76.97 61.02 24.68
C THR C 763 78.33 61.59 24.26
N GLU C 764 78.40 62.91 24.27
CA GLU C 764 79.26 63.82 23.50
C GLU C 764 80.69 63.37 23.19
N ALA C 765 81.42 62.90 24.20
CA ALA C 765 82.88 62.88 24.16
C ALA C 765 83.47 61.94 23.11
N ALA C 766 82.69 61.05 22.51
CA ALA C 766 83.20 60.12 21.52
C ALA C 766 82.84 60.48 20.09
N LYS C 767 82.03 61.52 19.88
CA LYS C 767 81.60 61.88 18.54
C LYS C 767 82.75 62.41 17.68
N THR C 768 83.76 62.98 18.32
CA THR C 768 84.93 63.45 17.58
C THR C 768 85.69 62.29 16.97
N GLU C 769 85.94 61.25 17.76
CA GLU C 769 86.68 60.09 17.27
C GLU C 769 85.82 59.27 16.31
N LEU C 770 84.52 59.23 16.54
CA LEU C 770 83.64 58.40 15.71
C LEU C 770 83.46 59.03 14.33
N VAL C 771 83.11 60.31 14.28
CA VAL C 771 82.98 61.01 13.01
C VAL C 771 84.34 61.11 12.32
N ARG C 772 85.40 61.27 13.11
CA ARG C 772 86.76 61.34 12.58
C ARG C 772 87.14 60.05 11.86
N ALA C 773 86.82 58.91 12.46
CA ALA C 773 87.13 57.64 11.83
C ALA C 773 86.23 57.35 10.66
N TYR C 774 85.00 57.88 10.66
CA TYR C 774 84.12 57.64 9.52
C TYR C 774 84.58 58.42 8.30
N VAL C 775 84.99 59.67 8.49
CA VAL C 775 85.51 60.45 7.37
C VAL C 775 86.85 59.89 6.92
N GLY C 776 87.65 59.35 7.86
CA GLY C 776 88.83 58.60 7.48
C GLY C 776 88.52 57.35 6.67
N MET C 777 87.37 56.73 6.92
CA MET C 777 86.95 55.59 6.11
C MET C 777 86.46 56.03 4.73
N ARG C 778 85.86 57.21 4.63
CA ARG C 778 85.39 57.72 3.36
C ARG C 778 86.53 58.11 2.43
N LYS C 779 87.76 58.25 2.96
CA LYS C 779 88.92 58.73 2.21
C LYS C 779 89.27 57.82 1.04
N MET C 780 89.07 56.52 1.20
CA MET C 780 89.42 55.57 0.15
C MET C 780 88.42 55.67 -1.00
N GLY C 781 88.94 55.87 -2.20
CA GLY C 781 88.12 55.99 -3.40
C GLY C 781 88.90 55.59 -4.62
N ASP C 782 88.76 56.39 -5.69
CA ASP C 782 89.51 56.26 -6.94
C ASP C 782 89.38 54.90 -7.63
N ARG C 790 86.15 46.63 -5.99
CA ARG C 790 86.12 46.04 -4.66
C ARG C 790 85.06 46.70 -3.77
N ILE C 791 85.11 46.43 -2.47
CA ILE C 791 84.08 46.89 -1.56
C ILE C 791 84.30 48.36 -1.23
N THR C 792 83.22 49.07 -0.93
CA THR C 792 83.26 50.46 -0.47
C THR C 792 82.57 50.56 0.89
N ALA C 793 82.38 51.79 1.36
CA ALA C 793 81.83 52.06 2.68
C ALA C 793 80.74 53.11 2.59
N THR C 794 79.59 52.81 3.14
CA THR C 794 78.43 53.69 3.14
C THR C 794 78.00 53.99 4.57
N THR C 795 76.85 54.66 4.70
CA THR C 795 76.30 55.03 6.01
C THR C 795 75.94 53.84 6.88
N ARG C 796 75.74 52.66 6.28
CA ARG C 796 75.53 51.44 7.03
C ARG C 796 76.75 51.06 7.87
N GLN C 797 77.93 51.50 7.45
CA GLN C 797 79.09 51.36 8.32
C GLN C 797 78.99 52.25 9.54
N LEU C 798 78.36 53.42 9.41
CA LEU C 798 78.29 54.35 10.53
C LEU C 798 77.23 53.90 11.53
N GLU C 799 76.05 53.56 11.02
CA GLU C 799 75.00 52.92 11.82
C GLU C 799 75.52 51.64 12.47
N SER C 800 76.33 50.89 11.73
CA SER C 800 77.01 49.72 12.25
C SER C 800 77.92 50.06 13.42
N MET C 801 78.70 51.13 13.30
CA MET C 801 79.66 51.43 14.35
C MET C 801 78.99 51.93 15.61
N ILE C 802 77.89 52.66 15.50
CA ILE C 802 77.24 53.08 16.73
C ILE C 802 76.52 51.92 17.41
N ARG C 803 75.89 51.02 16.63
CA ARG C 803 75.12 49.97 17.27
C ARG C 803 76.01 48.87 17.83
N LEU C 804 77.08 48.55 17.10
CA LEU C 804 78.07 47.61 17.61
C LEU C 804 78.83 48.22 18.79
N ALA C 805 79.08 49.53 18.75
CA ALA C 805 79.80 50.19 19.82
C ALA C 805 79.01 50.16 21.12
N GLU C 806 77.73 50.60 21.07
CA GLU C 806 76.90 50.56 22.26
C GLU C 806 76.56 49.14 22.66
N ALA C 807 76.64 48.18 21.73
CA ALA C 807 76.49 46.79 22.12
C ALA C 807 77.69 46.34 22.95
N HIS C 808 78.89 46.83 22.61
CA HIS C 808 80.02 46.56 23.49
C HIS C 808 79.87 47.27 24.82
N ALA C 809 79.24 48.44 24.83
CA ALA C 809 79.02 49.13 26.09
C ALA C 809 77.94 48.48 26.93
N LYS C 810 77.06 47.69 26.32
CA LYS C 810 76.07 46.94 27.09
C LYS C 810 76.74 45.88 27.94
N MET C 811 77.81 45.30 27.43
CA MET C 811 78.65 44.41 28.23
C MET C 811 79.37 45.22 29.30
N LYS C 812 79.68 44.55 30.41
CA LYS C 812 80.46 45.06 31.54
C LYS C 812 79.73 46.16 32.31
N LEU C 813 78.42 46.28 32.13
CA LEU C 813 77.50 46.95 33.06
C LEU C 813 77.80 48.45 33.19
N LYS C 814 77.73 49.17 32.07
CA LYS C 814 78.04 50.59 32.03
C LYS C 814 76.92 51.32 31.31
N ASN C 815 76.26 52.25 31.99
CA ASN C 815 75.13 52.96 31.39
C ASN C 815 75.55 54.06 30.42
N VAL C 816 76.84 54.36 30.32
CA VAL C 816 77.33 55.31 29.33
C VAL C 816 78.49 54.64 28.59
N VAL C 817 78.81 55.18 27.43
CA VAL C 817 79.93 54.69 26.67
C VAL C 817 81.12 55.56 27.02
N GLU C 818 82.32 55.10 26.69
CA GLU C 818 83.53 55.86 26.91
C GLU C 818 84.22 56.06 25.56
N LEU C 819 85.01 57.14 25.48
CA LEU C 819 85.89 57.38 24.34
C LEU C 819 86.81 56.18 24.08
N GLU C 820 87.39 55.64 25.15
CA GLU C 820 88.05 54.35 25.07
C GLU C 820 86.99 53.25 24.96
N ASP C 821 87.36 52.16 24.28
CA ASP C 821 86.66 50.95 23.79
C ASP C 821 85.96 51.14 22.44
N VAL C 822 85.96 52.35 21.89
CA VAL C 822 85.44 52.50 20.53
C VAL C 822 86.47 52.02 19.53
N GLN C 823 87.74 52.00 19.93
CA GLN C 823 88.83 51.65 19.02
C GLN C 823 88.74 50.20 18.59
N GLU C 824 88.50 49.28 19.53
CA GLU C 824 88.35 47.88 19.10
C GLU C 824 86.99 47.63 18.45
N ALA C 825 86.00 48.48 18.70
CA ALA C 825 84.77 48.43 17.93
C ALA C 825 85.01 48.84 16.48
N VAL C 826 86.06 49.62 16.22
CA VAL C 826 86.50 49.79 14.85
C VAL C 826 87.31 48.59 14.40
N ARG C 827 88.11 48.03 15.31
CA ARG C 827 89.04 46.96 14.96
C ARG C 827 88.32 45.67 14.58
N LEU C 828 87.06 45.48 15.01
CA LEU C 828 86.32 44.32 14.56
C LEU C 828 86.03 44.36 13.07
N ILE C 829 85.94 45.55 12.49
CA ILE C 829 85.91 45.61 11.04
C ILE C 829 87.32 45.59 10.49
N ARG C 830 88.28 46.16 11.23
CA ARG C 830 89.65 46.22 10.73
C ARG C 830 90.36 44.87 10.70
N SER C 831 89.86 43.86 11.40
CA SER C 831 90.47 42.54 11.33
C SER C 831 90.12 41.88 10.01
N ALA C 832 88.86 42.01 9.60
CA ALA C 832 88.48 41.63 8.25
C ALA C 832 89.21 42.47 7.22
N ILE C 833 89.45 43.75 7.49
CA ILE C 833 90.15 44.62 6.55
C ILE C 833 91.61 44.19 6.36
N LYS C 834 92.27 43.74 7.44
CA LYS C 834 93.55 43.07 7.27
C LYS C 834 93.41 41.73 6.59
N ASP C 835 92.24 41.09 6.71
CA ASP C 835 91.96 39.91 5.91
C ASP C 835 91.47 40.22 4.51
N TYR C 836 91.59 41.47 4.04
CA TYR C 836 91.21 41.81 2.68
C TYR C 836 92.41 42.22 1.82
N ALA C 837 93.64 42.05 2.31
CA ALA C 837 94.83 42.46 1.55
C ALA C 837 95.30 41.37 0.59
N THR C 838 95.60 40.18 1.13
CA THR C 838 96.15 39.02 0.41
C THR C 838 97.38 39.34 -0.42
N SER D 2 -16.92 -22.97 -14.79
CA SER D 2 -15.55 -22.62 -15.08
C SER D 2 -15.36 -22.46 -16.57
N PHE D 3 -15.98 -21.44 -17.14
CA PHE D 3 -15.96 -21.22 -18.57
C PHE D 3 -14.85 -20.25 -18.95
N ASP D 4 -14.86 -19.80 -20.19
CA ASP D 4 -13.93 -18.81 -20.73
C ASP D 4 -14.67 -17.50 -21.04
N ARG D 5 -13.91 -16.51 -21.50
CA ARG D 5 -14.43 -15.17 -21.58
C ARG D 5 -15.27 -14.96 -22.83
N PRO D 6 -16.20 -14.01 -22.81
CA PRO D 6 -16.94 -13.67 -24.03
C PRO D 6 -16.16 -12.70 -24.91
N GLU D 7 -16.73 -12.42 -26.08
CA GLU D 7 -16.07 -11.64 -27.12
C GLU D 7 -17.01 -10.58 -27.65
N ILE D 8 -16.44 -9.53 -28.22
CA ILE D 8 -17.21 -8.41 -28.76
C ILE D 8 -16.68 -8.10 -30.15
N TYR D 9 -17.57 -7.93 -31.11
CA TYR D 9 -17.16 -7.59 -32.47
C TYR D 9 -18.28 -6.79 -33.13
N SER D 10 -18.24 -6.66 -34.45
CA SER D 10 -19.14 -5.73 -35.14
C SER D 10 -19.27 -6.11 -36.59
N ALA D 11 -20.12 -5.38 -37.31
CA ALA D 11 -20.34 -5.50 -38.76
C ALA D 11 -21.08 -4.28 -39.32
N PRO D 12 -20.56 -3.64 -40.36
CA PRO D 12 -21.23 -2.44 -40.90
C PRO D 12 -22.44 -2.81 -41.72
N VAL D 13 -23.59 -2.32 -41.31
CA VAL D 13 -24.87 -2.70 -41.91
C VAL D 13 -25.53 -1.52 -42.59
N LEU D 14 -25.66 -0.41 -41.90
CA LEU D 14 -26.52 0.67 -42.35
C LEU D 14 -25.75 1.98 -42.35
N GLN D 15 -26.03 2.83 -43.34
CA GLN D 15 -25.58 4.22 -43.34
C GLN D 15 -26.80 5.13 -43.27
N GLY D 16 -26.70 6.22 -42.53
CA GLY D 16 -25.54 6.61 -41.74
C GLY D 16 -25.48 8.13 -41.66
N GLU D 17 -25.22 8.66 -40.47
CA GLU D 17 -25.18 10.10 -40.27
C GLU D 17 -23.87 10.62 -40.86
N SER D 18 -23.89 10.86 -42.16
CA SER D 18 -22.70 11.26 -42.91
C SER D 18 -22.95 12.58 -43.62
N PRO D 19 -22.73 13.73 -42.96
CA PRO D 19 -22.77 15.01 -43.69
C PRO D 19 -21.67 15.21 -44.76
N ASN D 20 -20.36 14.95 -44.53
CA ASN D 20 -19.66 14.55 -43.30
C ASN D 20 -18.86 15.72 -42.75
N ASP D 21 -18.75 15.75 -41.43
CA ASP D 21 -18.44 16.96 -40.69
C ASP D 21 -16.94 17.30 -40.70
N ASP D 22 -16.12 16.53 -41.42
CA ASP D 22 -14.67 16.73 -41.55
C ASP D 22 -13.99 16.69 -40.18
N ASP D 23 -14.01 15.48 -39.63
CA ASP D 23 -13.57 15.23 -38.27
C ASP D 23 -12.48 14.17 -38.35
N ASN D 24 -12.20 13.53 -37.22
CA ASN D 24 -11.01 12.68 -37.04
C ASN D 24 -10.86 11.58 -38.10
N THR D 25 -11.92 10.84 -38.39
CA THR D 25 -11.90 10.05 -39.61
C THR D 25 -12.56 10.84 -40.71
N GLU D 26 -12.34 10.37 -41.95
CA GLU D 26 -12.73 11.02 -43.20
C GLU D 26 -12.02 12.37 -43.38
N ILE D 27 -10.92 12.55 -42.66
CA ILE D 27 -9.74 13.27 -43.15
C ILE D 27 -8.79 12.28 -43.81
N ILE D 28 -8.71 11.08 -43.24
CA ILE D 28 -7.83 10.03 -43.73
C ILE D 28 -8.22 9.58 -45.13
N LYS D 29 -9.49 9.79 -45.50
CA LYS D 29 -9.90 9.58 -46.88
C LYS D 29 -9.15 10.50 -47.85
N SER D 30 -8.74 11.68 -47.40
CA SER D 30 -8.03 12.58 -48.30
C SER D 30 -6.57 12.18 -48.45
N PHE D 31 -6.02 11.42 -47.52
CA PHE D 31 -4.64 10.98 -47.65
C PHE D 31 -4.51 9.63 -48.31
N LYS D 32 -5.50 8.76 -48.14
CA LYS D 32 -5.60 7.61 -49.02
C LYS D 32 -5.91 8.07 -50.44
N ASN D 33 -6.58 9.22 -50.58
CA ASN D 33 -6.67 9.84 -51.89
C ASN D 33 -5.45 10.66 -52.24
N PHE D 34 -4.51 10.86 -51.31
CA PHE D 34 -3.37 11.71 -51.66
C PHE D 34 -2.17 10.89 -52.10
N ILE D 35 -1.89 9.78 -51.41
CA ILE D 35 -0.74 8.99 -51.81
C ILE D 35 -1.05 8.19 -53.07
N LEU D 36 -2.20 7.52 -53.08
CA LEU D 36 -2.55 6.71 -54.24
C LEU D 36 -2.92 7.57 -55.43
N GLU D 37 -3.84 8.50 -55.23
CA GLU D 37 -4.53 9.18 -56.33
C GLU D 37 -3.90 10.50 -56.66
N PHE D 38 -2.58 10.60 -56.56
CA PHE D 38 -1.88 11.76 -57.07
C PHE D 38 -1.00 11.36 -58.25
N ARG D 39 -0.85 12.29 -59.18
CA ARG D 39 0.14 12.19 -60.26
C ARG D 39 0.48 13.59 -60.73
N LEU D 40 1.69 14.05 -60.44
CA LEU D 40 2.09 15.29 -61.07
C LEU D 40 2.57 14.98 -62.47
N ASP D 41 2.67 16.03 -63.28
CA ASP D 41 2.93 15.86 -64.70
C ASP D 41 4.40 15.51 -64.91
N SER D 42 4.67 14.36 -65.55
CA SER D 42 3.61 13.46 -66.04
C SER D 42 3.76 12.09 -65.40
N GLN D 43 3.99 12.07 -64.10
CA GLN D 43 4.36 10.82 -63.45
C GLN D 43 4.05 10.92 -61.97
N PHE D 44 3.45 9.87 -61.41
CA PHE D 44 3.21 9.81 -59.98
C PHE D 44 4.50 9.47 -59.24
N ILE D 45 4.73 10.15 -58.12
CA ILE D 45 6.02 10.13 -57.49
C ILE D 45 6.03 9.41 -56.14
N TYR D 46 4.92 9.42 -55.40
CA TYR D 46 4.98 8.90 -54.05
C TYR D 46 4.80 7.40 -53.99
N ARG D 47 3.96 6.87 -54.87
CA ARG D 47 3.68 5.45 -54.91
C ARG D 47 4.92 4.65 -55.28
N ASP D 48 5.71 5.16 -56.24
CA ASP D 48 6.92 4.47 -56.63
C ASP D 48 7.98 4.50 -55.54
N GLN D 49 8.06 5.61 -54.80
CA GLN D 49 8.98 5.69 -53.68
C GLN D 49 8.60 4.72 -52.59
N LEU D 50 7.30 4.53 -52.39
CA LEU D 50 6.88 3.61 -51.34
C LEU D 50 7.16 2.17 -51.72
N ARG D 51 6.76 1.76 -52.94
CA ARG D 51 7.00 0.38 -53.35
C ARG D 51 8.48 0.11 -53.58
N ASN D 52 9.29 1.15 -53.75
CA ASN D 52 10.74 0.97 -53.72
C ASN D 52 11.22 0.73 -52.30
N ASN D 53 10.76 1.56 -51.35
CA ASN D 53 11.22 1.51 -49.97
C ASN D 53 10.80 0.25 -49.23
N ILE D 54 9.86 -0.52 -49.76
CA ILE D 54 9.49 -1.74 -49.05
C ILE D 54 10.56 -2.82 -49.19
N LEU D 55 11.16 -2.96 -50.38
CA LEU D 55 12.12 -4.04 -50.61
C LEU D 55 13.41 -3.83 -49.84
N VAL D 56 13.91 -2.60 -49.77
CA VAL D 56 15.16 -2.32 -49.09
C VAL D 56 14.98 -2.26 -47.59
N LYS D 57 13.72 -2.30 -47.12
CA LYS D 57 13.32 -2.19 -45.72
C LYS D 57 13.83 -0.88 -45.12
N ASN D 58 13.26 0.21 -45.61
CA ASN D 58 13.58 1.51 -45.07
C ASN D 58 12.50 2.05 -44.15
N TYR D 59 11.23 1.73 -44.46
CA TYR D 59 10.07 1.98 -43.60
C TYR D 59 9.87 3.47 -43.32
N SER D 60 10.04 4.30 -44.35
CA SER D 60 9.97 5.74 -44.18
C SER D 60 9.28 6.34 -45.37
N LEU D 61 9.04 7.65 -45.31
CA LEU D 61 8.52 8.37 -46.46
C LEU D 61 8.86 9.84 -46.31
N THR D 62 9.09 10.51 -47.43
CA THR D 62 9.42 11.93 -47.44
C THR D 62 8.35 12.71 -48.19
N VAL D 63 7.99 13.87 -47.65
CA VAL D 63 6.88 14.70 -48.13
C VAL D 63 7.40 16.11 -48.37
N ASN D 64 6.99 16.72 -49.46
CA ASN D 64 7.20 18.14 -49.67
C ASN D 64 5.96 18.89 -49.19
N MET D 65 6.16 19.95 -48.43
CA MET D 65 5.03 20.62 -47.79
C MET D 65 4.39 21.66 -48.70
N GLU D 66 5.21 22.32 -49.52
CA GLU D 66 4.72 23.22 -50.55
C GLU D 66 3.88 22.48 -51.57
N HIS D 67 4.14 21.19 -51.70
CA HIS D 67 3.32 20.34 -52.52
C HIS D 67 1.95 20.10 -51.88
N LEU D 68 1.90 20.06 -50.54
CA LEU D 68 0.61 19.91 -49.85
C LEU D 68 -0.24 21.16 -49.98
N ILE D 69 0.37 22.34 -49.87
CA ILE D 69 -0.44 23.54 -50.15
C ILE D 69 -0.76 23.63 -51.64
N GLY D 70 0.04 22.98 -52.49
CA GLY D 70 -0.30 22.92 -53.91
C GLY D 70 -1.55 22.11 -54.21
N TYR D 71 -1.69 20.92 -53.63
CA TYR D 71 -2.79 20.04 -54.02
C TYR D 71 -4.10 20.45 -53.37
N ASN D 72 -4.17 20.38 -52.05
CA ASN D 72 -5.32 20.80 -51.28
C ASN D 72 -4.93 22.09 -50.58
N GLU D 73 -5.86 22.68 -49.84
CA GLU D 73 -5.54 23.92 -49.17
C GLU D 73 -5.92 23.94 -47.69
N ASP D 74 -7.01 23.28 -47.31
CA ASP D 74 -7.48 23.48 -45.95
C ASP D 74 -6.71 22.64 -44.95
N ILE D 75 -6.28 21.44 -45.36
CA ILE D 75 -5.50 20.58 -44.48
C ILE D 75 -4.11 21.15 -44.26
N TYR D 76 -3.67 22.07 -45.11
CA TYR D 76 -2.39 22.73 -44.89
C TYR D 76 -2.44 23.62 -43.65
N LYS D 77 -3.40 24.53 -43.58
CA LYS D 77 -3.50 25.36 -42.38
C LYS D 77 -4.03 24.57 -41.20
N LYS D 78 -4.77 23.48 -41.44
CA LYS D 78 -5.16 22.58 -40.37
C LYS D 78 -3.92 21.94 -39.74
N LEU D 79 -2.96 21.56 -40.57
CA LEU D 79 -1.71 21.00 -40.10
C LEU D 79 -0.86 22.06 -39.40
N SER D 80 -0.86 23.29 -39.91
CA SER D 80 -0.08 24.31 -39.24
C SER D 80 -0.75 24.86 -37.99
N ASP D 81 -1.99 24.49 -37.71
CA ASP D 81 -2.57 24.89 -36.43
C ASP D 81 -2.08 24.02 -35.29
N GLU D 82 -2.40 22.72 -35.33
CA GLU D 82 -2.14 21.82 -34.21
C GLU D 82 -1.41 20.60 -34.76
N PRO D 83 -0.11 20.67 -34.90
CA PRO D 83 0.60 19.62 -35.63
C PRO D 83 0.83 18.39 -34.79
N SER D 84 0.74 18.51 -33.47
CA SER D 84 1.04 17.39 -32.60
C SER D 84 -0.07 16.36 -32.52
N ASP D 85 -1.20 16.60 -33.19
CA ASP D 85 -2.34 15.70 -33.12
C ASP D 85 -2.85 15.27 -34.48
N ILE D 86 -2.18 15.67 -35.56
CA ILE D 86 -2.68 15.40 -36.90
C ILE D 86 -1.65 14.54 -37.62
N ILE D 87 -0.40 14.62 -37.18
CA ILE D 87 0.66 13.78 -37.76
C ILE D 87 0.47 12.28 -37.52
N PRO D 88 0.11 11.77 -36.32
CA PRO D 88 -0.12 10.32 -36.21
C PRO D 88 -1.29 9.79 -37.02
N LEU D 89 -2.26 10.65 -37.36
CA LEU D 89 -3.27 10.28 -38.34
C LEU D 89 -2.64 10.02 -39.69
N PHE D 90 -1.60 10.78 -40.05
CA PHE D 90 -0.96 10.53 -41.33
C PHE D 90 -0.17 9.25 -41.26
N GLU D 91 0.38 8.93 -40.07
CA GLU D 91 1.10 7.67 -39.92
C GLU D 91 0.20 6.47 -40.14
N THR D 92 -0.99 6.45 -39.52
CA THR D 92 -1.91 5.35 -39.74
C THR D 92 -2.41 5.33 -41.18
N ALA D 93 -2.59 6.52 -41.77
CA ALA D 93 -2.96 6.63 -43.17
C ALA D 93 -1.95 6.00 -44.09
N ILE D 94 -0.66 6.09 -43.74
CA ILE D 94 0.33 5.44 -44.56
C ILE D 94 0.32 3.94 -44.36
N THR D 95 0.23 3.48 -43.10
CA THR D 95 0.42 2.04 -42.88
C THR D 95 -0.75 1.19 -43.38
N GLN D 96 -1.96 1.77 -43.49
CA GLN D 96 -3.04 1.01 -44.12
C GLN D 96 -2.76 0.73 -45.58
N VAL D 97 -2.07 1.63 -46.27
CA VAL D 97 -1.72 1.36 -47.66
C VAL D 97 -0.55 0.40 -47.73
N ALA D 98 0.38 0.52 -46.77
CA ALA D 98 1.59 -0.28 -46.79
C ALA D 98 1.30 -1.76 -46.60
N LYS D 99 0.23 -2.11 -45.88
CA LYS D 99 -0.15 -3.52 -45.79
C LYS D 99 -0.56 -4.08 -47.14
N ARG D 100 -1.34 -3.31 -47.91
CA ARG D 100 -1.83 -3.78 -49.21
C ARG D 100 -0.70 -3.97 -50.20
N ILE D 101 0.18 -2.97 -50.31
CA ILE D 101 1.30 -3.08 -51.24
C ILE D 101 2.26 -4.18 -50.81
N SER D 102 2.38 -4.39 -49.49
CA SER D 102 3.26 -5.44 -48.98
C SER D 102 2.75 -6.83 -49.33
N ILE D 103 1.45 -7.08 -49.16
CA ILE D 103 0.97 -8.44 -49.41
C ILE D 103 0.88 -8.72 -50.91
N LEU D 104 0.47 -7.73 -51.71
CA LEU D 104 0.44 -7.97 -53.15
C LEU D 104 1.83 -8.14 -53.74
N SER D 105 2.83 -7.46 -53.20
CA SER D 105 4.17 -7.64 -53.74
C SER D 105 4.81 -8.93 -53.25
N ARG D 106 4.62 -9.26 -51.97
CA ARG D 106 5.28 -10.44 -51.40
C ARG D 106 4.65 -11.72 -51.92
N ALA D 107 3.32 -11.77 -52.00
CA ALA D 107 2.67 -13.00 -52.39
C ALA D 107 2.74 -13.23 -53.90
N GLN D 108 2.83 -12.16 -54.70
CA GLN D 108 2.97 -12.27 -56.15
C GLN D 108 4.20 -11.46 -56.58
N SER D 109 5.30 -12.13 -56.91
CA SER D 109 5.43 -13.58 -56.83
C SER D 109 6.75 -13.97 -56.17
N ALA D 110 6.73 -14.08 -54.85
CA ALA D 110 7.90 -14.53 -54.10
C ALA D 110 7.53 -15.72 -53.22
N ASN D 130 2.64 -10.04 -41.61
CA ASN D 130 3.20 -10.42 -40.31
C ASN D 130 4.72 -10.58 -40.44
N SER D 131 5.50 -9.69 -39.81
CA SER D 131 5.00 -8.53 -39.07
C SER D 131 5.48 -7.26 -39.73
N LEU D 132 4.85 -6.12 -39.42
CA LEU D 132 5.23 -4.86 -40.04
C LEU D 132 4.87 -3.68 -39.15
N PRO D 133 5.83 -2.90 -38.72
CA PRO D 133 5.57 -1.84 -37.73
C PRO D 133 4.98 -0.62 -38.40
N THR D 134 4.82 0.44 -37.60
CA THR D 134 4.22 1.68 -38.07
C THR D 134 5.29 2.56 -38.68
N PHE D 135 4.97 3.22 -39.78
CA PHE D 135 5.97 4.00 -40.50
C PHE D 135 6.20 5.36 -39.86
N GLN D 136 6.90 6.21 -40.59
CA GLN D 136 7.29 7.53 -40.15
C GLN D 136 7.34 8.41 -41.39
N LEU D 137 6.87 9.65 -41.28
CA LEU D 137 7.07 10.61 -42.36
C LEU D 137 8.14 11.61 -41.98
N ILE D 138 8.95 12.01 -42.95
CA ILE D 138 10.05 12.92 -42.76
C ILE D 138 9.87 14.02 -43.80
N LEU D 139 9.32 15.16 -43.41
CA LEU D 139 9.01 16.18 -44.40
C LEU D 139 10.12 17.24 -44.44
N ASN D 140 10.10 18.05 -45.50
CA ASN D 140 11.15 19.06 -45.68
C ASN D 140 10.65 20.14 -46.63
N SER D 141 10.76 21.41 -46.21
CA SER D 141 10.37 22.56 -47.00
C SER D 141 11.52 23.54 -47.11
N ASN D 142 11.32 24.56 -47.96
CA ASN D 142 12.28 25.65 -48.14
C ASN D 142 11.56 26.99 -48.26
N ALA D 143 10.59 27.23 -47.39
CA ALA D 143 9.77 28.43 -47.54
C ALA D 143 10.43 29.66 -46.92
N ASN D 144 10.61 29.66 -45.60
CA ASN D 144 10.97 30.88 -44.88
C ASN D 144 11.96 30.53 -43.78
N GLN D 145 13.20 31.00 -43.92
CA GLN D 145 14.23 30.76 -42.93
C GLN D 145 13.97 31.71 -41.75
N ILE D 146 13.28 31.22 -40.73
CA ILE D 146 13.04 32.06 -39.55
C ILE D 146 14.31 32.14 -38.71
N PRO D 147 14.83 33.34 -38.47
CA PRO D 147 16.13 33.45 -37.79
C PRO D 147 15.99 33.14 -36.31
N LEU D 148 17.10 32.69 -35.73
CA LEU D 148 17.05 32.14 -34.38
C LEU D 148 16.92 33.21 -33.31
N ARG D 149 17.20 34.47 -33.65
CA ARG D 149 17.20 35.53 -32.64
C ARG D 149 15.80 35.87 -32.17
N ASP D 150 14.82 35.80 -33.07
CA ASP D 150 13.45 36.21 -32.77
C ASP D 150 12.55 34.98 -32.72
N LEU D 151 12.38 34.43 -31.53
CA LEU D 151 11.45 33.33 -31.29
C LEU D 151 10.64 33.68 -30.05
N ASP D 152 9.49 34.32 -30.28
CA ASP D 152 8.59 34.70 -29.21
C ASP D 152 7.87 33.47 -28.66
N SER D 153 7.12 33.69 -27.60
CA SER D 153 6.24 32.64 -27.09
C SER D 153 4.96 32.52 -27.90
N GLU D 154 4.77 33.33 -28.93
CA GLU D 154 3.65 33.15 -29.84
C GLU D 154 3.85 31.93 -30.74
N HIS D 155 5.07 31.42 -30.86
CA HIS D 155 5.36 30.33 -31.75
C HIS D 155 5.33 28.98 -31.06
N VAL D 156 4.75 28.90 -29.87
CA VAL D 156 4.71 27.64 -29.14
C VAL D 156 3.76 26.68 -29.84
N SER D 157 4.27 25.49 -30.17
CA SER D 157 3.57 24.42 -30.88
C SER D 157 3.02 24.90 -32.22
N LYS D 158 3.94 25.30 -33.09
CA LYS D 158 3.65 25.47 -34.51
C LYS D 158 4.80 24.87 -35.29
N ILE D 159 4.66 24.82 -36.60
CA ILE D 159 5.73 24.34 -37.46
C ILE D 159 6.63 25.53 -37.80
N VAL D 160 7.85 25.51 -37.29
CA VAL D 160 8.80 26.60 -37.44
C VAL D 160 10.13 25.99 -37.81
N ARG D 161 10.69 26.41 -38.94
CA ARG D 161 12.00 25.94 -39.36
C ARG D 161 13.04 27.02 -39.12
N LEU D 162 14.30 26.62 -39.16
CA LEU D 162 15.38 27.53 -38.84
C LEU D 162 16.66 26.99 -39.48
N SER D 163 17.81 27.52 -39.04
CA SER D 163 19.08 27.20 -39.65
C SER D 163 20.21 27.55 -38.70
N GLY D 164 21.09 26.60 -38.43
CA GLY D 164 22.18 26.82 -37.51
C GLY D 164 23.35 25.90 -37.77
N ILE D 165 24.17 25.71 -36.73
CA ILE D 165 25.37 24.91 -36.79
C ILE D 165 25.35 23.92 -35.64
N ILE D 166 25.56 22.65 -35.92
CA ILE D 166 25.43 21.60 -34.92
C ILE D 166 26.75 21.43 -34.19
N ILE D 167 26.74 21.66 -32.88
CA ILE D 167 27.97 21.55 -32.10
C ILE D 167 28.32 20.10 -31.85
N SER D 168 27.48 19.39 -31.11
CA SER D 168 27.87 18.07 -30.62
C SER D 168 26.65 17.21 -30.34
N THR D 169 26.75 15.95 -30.75
CA THR D 169 25.68 14.98 -30.58
C THR D 169 25.78 14.31 -29.23
N SER D 170 25.05 13.22 -29.04
CA SER D 170 25.07 12.49 -27.78
C SER D 170 25.05 10.99 -28.07
N VAL D 171 24.78 10.21 -27.03
CA VAL D 171 24.92 8.77 -27.05
C VAL D 171 23.58 8.15 -27.40
N LEU D 172 23.59 7.10 -28.23
CA LEU D 172 22.37 6.44 -28.64
C LEU D 172 21.69 5.76 -27.48
N SER D 173 20.44 6.12 -27.25
CA SER D 173 19.63 5.62 -26.15
C SER D 173 18.66 4.56 -26.65
N SER D 174 17.76 4.12 -25.78
CA SER D 174 16.83 3.05 -26.11
C SER D 174 15.51 3.25 -25.38
N ARG D 175 14.48 3.64 -26.12
CA ARG D 175 13.12 3.62 -25.65
C ARG D 175 12.45 2.32 -26.04
N ALA D 176 11.25 2.11 -25.54
CA ALA D 176 10.51 0.88 -25.80
C ALA D 176 9.25 1.18 -26.60
N THR D 177 8.79 0.20 -27.36
CA THR D 177 7.57 0.32 -28.14
C THR D 177 6.53 -0.72 -27.80
N TYR D 178 6.95 -1.96 -27.54
CA TYR D 178 6.04 -3.04 -27.22
C TYR D 178 6.63 -3.81 -26.07
N LEU D 179 5.99 -3.75 -24.92
CA LEU D 179 6.52 -4.41 -23.74
C LEU D 179 5.40 -5.17 -23.05
N SER D 180 5.71 -6.38 -22.59
CA SER D 180 4.71 -7.30 -22.07
C SER D 180 4.99 -7.58 -20.61
N ILE D 181 3.95 -7.54 -19.80
CA ILE D 181 4.16 -7.35 -18.37
C ILE D 181 3.65 -8.60 -17.65
N MET D 182 3.73 -8.61 -16.32
CA MET D 182 3.25 -9.71 -15.49
C MET D 182 3.09 -9.25 -14.05
N CYS D 183 1.99 -9.61 -13.39
CA CYS D 183 1.81 -9.26 -11.98
C CYS D 183 2.63 -10.26 -11.18
N ARG D 184 3.36 -9.79 -10.17
CA ARG D 184 4.18 -10.76 -9.47
C ARG D 184 3.41 -11.52 -8.41
N ASN D 185 2.24 -11.05 -8.00
CA ASN D 185 1.37 -11.78 -7.09
C ASN D 185 0.27 -12.53 -7.82
N CYS D 186 -0.56 -11.81 -8.58
CA CYS D 186 -1.72 -12.37 -9.23
C CYS D 186 -1.37 -13.37 -10.32
N ARG D 187 -0.20 -13.23 -10.93
CA ARG D 187 0.26 -13.96 -12.12
C ARG D 187 -0.71 -13.76 -13.28
N HIS D 188 -0.75 -12.52 -13.74
CA HIS D 188 -1.57 -12.06 -14.84
C HIS D 188 -0.64 -11.71 -15.99
N THR D 189 -1.17 -11.61 -17.21
CA THR D 189 -0.38 -11.15 -18.35
C THR D 189 -1.14 -10.09 -19.13
N THR D 190 -0.42 -9.12 -19.67
CA THR D 190 -1.00 -8.09 -20.54
C THR D 190 -0.03 -7.81 -21.66
N SER D 191 -0.25 -6.68 -22.34
CA SER D 191 0.70 -6.09 -23.26
C SER D 191 0.36 -4.63 -23.43
N ILE D 192 1.35 -3.83 -23.77
CA ILE D 192 1.21 -2.40 -23.96
C ILE D 192 1.95 -2.00 -25.23
N THR D 193 1.27 -1.30 -26.13
CA THR D 193 1.95 -0.61 -27.21
C THR D 193 1.91 0.88 -26.95
N ILE D 194 3.02 1.56 -27.21
CA ILE D 194 3.08 3.01 -27.20
C ILE D 194 3.66 3.48 -28.51
N ASN D 195 3.24 4.66 -28.95
CA ASN D 195 3.53 5.11 -30.30
C ASN D 195 4.37 6.37 -30.36
N ASN D 196 3.97 7.44 -29.69
CA ASN D 196 4.64 8.73 -29.78
C ASN D 196 5.37 8.99 -28.47
N PHE D 197 6.68 9.18 -28.55
CA PHE D 197 7.56 8.89 -27.43
C PHE D 197 8.50 10.06 -27.10
N ASN D 198 8.15 11.28 -27.46
CA ASN D 198 8.94 12.45 -27.08
C ASN D 198 8.06 13.44 -26.31
N SER D 199 7.92 13.17 -25.02
CA SER D 199 7.24 14.02 -24.07
C SER D 199 8.05 14.04 -22.78
N ILE D 200 9.33 14.40 -22.93
CA ILE D 200 10.49 13.83 -22.23
C ILE D 200 10.33 13.58 -20.74
N THR D 201 9.98 14.60 -19.96
CA THR D 201 9.68 14.39 -18.55
C THR D 201 8.19 14.23 -18.30
N GLY D 202 7.52 13.37 -19.06
CA GLY D 202 6.10 13.15 -18.85
C GLY D 202 5.71 12.17 -17.74
N ASN D 203 5.97 10.88 -17.90
CA ASN D 203 6.45 10.26 -19.13
C ASN D 203 5.31 10.04 -20.13
N THR D 204 5.60 9.36 -21.23
CA THR D 204 4.56 9.02 -22.20
C THR D 204 3.54 8.09 -21.57
N VAL D 205 4.00 7.05 -20.87
CA VAL D 205 3.12 6.12 -20.18
C VAL D 205 3.88 5.65 -18.95
N SER D 206 3.15 5.05 -18.02
CA SER D 206 3.73 4.32 -16.93
C SER D 206 3.14 2.92 -16.91
N LEU D 207 3.71 2.08 -16.09
CA LEU D 207 3.04 0.84 -15.76
C LEU D 207 1.82 1.15 -14.92
N PRO D 208 0.73 0.41 -15.09
CA PRO D 208 -0.44 0.63 -14.24
C PRO D 208 -0.15 0.27 -12.79
N ARG D 209 -0.93 0.86 -11.90
CA ARG D 209 -0.65 0.82 -10.46
C ARG D 209 -1.58 -0.09 -9.68
N SER D 210 -2.36 -0.94 -10.35
CA SER D 210 -3.18 -1.95 -9.69
C SER D 210 -3.15 -3.21 -10.53
N CYS D 211 -3.41 -4.36 -9.90
CA CYS D 211 -3.18 -5.64 -10.59
C CYS D 211 -4.24 -5.93 -11.64
N LEU D 212 -5.24 -5.07 -11.81
CA LEU D 212 -6.01 -4.90 -13.03
C LEU D 212 -6.94 -6.07 -13.33
N SER D 213 -6.90 -7.15 -12.56
CA SER D 213 -7.75 -8.30 -12.79
C SER D 213 -9.14 -8.15 -12.19
N THR D 214 -9.32 -7.22 -11.25
CA THR D 214 -10.64 -7.04 -10.63
C THR D 214 -11.64 -6.39 -11.59
N ILE D 215 -11.17 -5.80 -12.68
CA ILE D 215 -12.04 -5.36 -13.76
C ILE D 215 -12.13 -6.53 -14.74
N GLU D 216 -13.04 -7.47 -14.46
CA GLU D 216 -13.21 -8.67 -15.26
C GLU D 216 -14.70 -8.96 -15.47
N SER D 217 -15.04 -9.31 -16.70
CA SER D 217 -16.40 -9.67 -17.09
C SER D 217 -16.66 -11.17 -17.05
N GLU D 218 -16.03 -11.93 -16.15
CA GLU D 218 -16.27 -13.35 -16.02
C GLU D 218 -16.60 -13.69 -14.56
N SER D 219 -17.22 -14.84 -14.35
CA SER D 219 -17.62 -15.25 -13.00
C SER D 219 -16.48 -15.95 -12.25
N SER D 220 -15.95 -17.03 -12.82
CA SER D 220 -15.00 -17.88 -12.10
C SER D 220 -13.64 -17.20 -11.94
N MET D 221 -13.30 -16.31 -12.87
CA MET D 221 -12.13 -15.46 -12.66
C MET D 221 -12.32 -14.54 -11.47
N ALA D 222 -13.53 -14.02 -11.28
CA ALA D 222 -13.81 -13.23 -10.07
C ALA D 222 -13.88 -14.13 -8.85
N ASN D 223 -14.15 -15.42 -9.05
CA ASN D 223 -14.21 -16.36 -7.94
C ASN D 223 -12.82 -16.65 -7.40
N GLU D 224 -11.88 -16.99 -8.27
CA GLU D 224 -10.53 -17.26 -7.79
C GLU D 224 -9.83 -15.99 -7.32
N SER D 225 -10.11 -14.86 -7.98
CA SER D 225 -9.60 -13.58 -7.49
C SER D 225 -10.33 -13.12 -6.24
N ASN D 226 -11.42 -13.77 -5.86
CA ASN D 226 -12.05 -13.51 -4.58
C ASN D 226 -11.49 -14.43 -3.50
N ILE D 227 -11.09 -15.65 -3.87
CA ILE D 227 -10.72 -16.64 -2.85
C ILE D 227 -9.20 -16.78 -2.83
N GLY D 228 -8.52 -15.71 -3.22
CA GLY D 228 -7.09 -15.60 -2.93
C GLY D 228 -6.81 -15.61 -1.43
N ASP D 229 -7.71 -15.01 -0.65
CA ASP D 229 -7.71 -15.11 0.79
C ASP D 229 -9.02 -15.77 1.24
N GLU D 230 -9.28 -15.79 2.55
CA GLU D 230 -10.36 -16.58 3.11
C GLU D 230 -11.64 -15.81 3.38
N SER D 231 -11.54 -14.53 3.78
CA SER D 231 -12.72 -13.70 3.97
C SER D 231 -12.56 -12.29 3.45
N THR D 232 -11.33 -11.87 3.16
CA THR D 232 -11.07 -10.55 2.59
C THR D 232 -10.56 -10.74 1.16
N LYS D 233 -10.68 -9.69 0.35
CA LYS D 233 -10.25 -9.80 -1.03
C LYS D 233 -8.74 -9.68 -1.12
N LYS D 234 -8.17 -10.23 -2.19
CA LYS D 234 -6.74 -10.18 -2.39
C LYS D 234 -6.33 -8.88 -3.03
N ASN D 235 -5.01 -8.63 -3.07
CA ASN D 235 -4.44 -7.50 -3.76
C ASN D 235 -2.99 -7.78 -4.15
N CYS D 236 -2.73 -7.69 -5.46
CA CYS D 236 -1.35 -7.54 -5.92
C CYS D 236 -0.69 -6.29 -5.35
N GLY D 237 -1.48 -5.23 -5.08
CA GLY D 237 -1.02 -3.87 -4.90
C GLY D 237 -0.08 -3.65 -3.74
N PRO D 238 0.70 -2.55 -3.77
CA PRO D 238 0.93 -1.46 -4.73
C PRO D 238 1.69 -1.91 -5.96
N ASP D 239 2.18 -0.98 -6.81
CA ASP D 239 2.53 -1.20 -8.21
C ASP D 239 3.32 -2.48 -8.47
N PRO D 240 2.66 -3.49 -8.97
CA PRO D 240 3.16 -4.85 -8.81
C PRO D 240 3.87 -5.40 -10.03
N TYR D 241 3.75 -4.71 -11.15
CA TYR D 241 4.11 -5.31 -12.42
C TYR D 241 5.61 -5.39 -12.65
N ILE D 242 5.99 -6.28 -13.56
CA ILE D 242 7.38 -6.56 -13.89
C ILE D 242 7.49 -6.69 -15.40
N ILE D 243 8.41 -5.94 -16.00
CA ILE D 243 8.64 -6.07 -17.43
C ILE D 243 9.39 -7.36 -17.71
N ILE D 244 8.89 -8.15 -18.65
CA ILE D 244 9.65 -9.27 -19.19
C ILE D 244 10.46 -8.78 -20.38
N HIS D 245 11.78 -8.96 -20.29
CA HIS D 245 12.71 -8.42 -21.27
C HIS D 245 12.97 -9.34 -22.44
N GLU D 246 12.41 -10.52 -22.48
CA GLU D 246 12.78 -11.45 -23.51
C GLU D 246 11.76 -11.53 -24.64
N SER D 247 10.74 -10.68 -24.63
CA SER D 247 9.84 -10.59 -25.78
C SER D 247 9.43 -9.16 -26.09
N SER D 248 10.34 -8.20 -26.01
CA SER D 248 10.03 -6.80 -26.26
C SER D 248 10.72 -6.31 -27.53
N LYS D 249 10.58 -5.01 -27.80
CA LYS D 249 11.18 -4.36 -28.97
C LYS D 249 11.58 -2.95 -28.59
N PHE D 250 12.65 -2.43 -29.19
CA PHE D 250 13.18 -1.15 -28.77
C PHE D 250 13.55 -0.27 -29.95
N ILE D 251 13.68 1.04 -29.69
CA ILE D 251 14.02 2.03 -30.71
C ILE D 251 15.08 2.99 -30.19
N ASP D 252 15.31 4.09 -30.91
CA ASP D 252 16.49 4.92 -30.73
C ASP D 252 16.13 6.40 -30.53
N GLN D 253 17.03 7.15 -29.87
CA GLN D 253 16.80 8.57 -29.60
C GLN D 253 18.12 9.29 -29.33
N GLN D 254 18.31 10.48 -29.91
CA GLN D 254 19.63 11.04 -30.15
C GLN D 254 20.06 12.17 -29.24
N PHE D 255 19.29 13.26 -29.11
CA PHE D 255 19.62 14.49 -28.36
C PHE D 255 20.86 15.23 -28.91
N LEU D 256 20.67 15.88 -30.03
CA LEU D 256 21.66 16.79 -30.60
C LEU D 256 21.76 18.08 -29.79
N LYS D 257 22.47 19.07 -30.33
CA LYS D 257 22.51 20.42 -29.77
C LYS D 257 22.89 21.39 -30.87
N LEU D 258 22.22 22.53 -30.93
CA LEU D 258 22.29 23.43 -32.08
C LEU D 258 22.65 24.84 -31.66
N GLN D 259 23.32 25.57 -32.54
CA GLN D 259 23.81 26.90 -32.25
C GLN D 259 23.67 27.77 -33.49
N GLU D 260 23.38 29.05 -33.28
CA GLU D 260 23.34 30.02 -34.36
C GLU D 260 24.72 30.22 -34.97
N ILE D 261 24.73 30.74 -36.19
CA ILE D 261 25.96 30.96 -36.94
C ILE D 261 26.74 32.11 -36.32
N PRO D 262 28.09 32.00 -36.15
CA PRO D 262 28.82 33.06 -35.45
C PRO D 262 29.13 34.29 -36.27
N GLU D 263 28.41 34.49 -37.38
CA GLU D 263 28.61 35.67 -38.20
C GLU D 263 27.72 36.83 -37.79
N LEU D 264 26.57 36.58 -37.19
CA LEU D 264 25.56 37.63 -37.03
C LEU D 264 24.54 37.23 -35.98
N VAL D 265 24.24 38.13 -35.02
CA VAL D 265 25.02 39.34 -34.72
C VAL D 265 25.45 39.27 -33.23
N PRO D 266 26.46 38.47 -32.91
CA PRO D 266 26.79 38.27 -31.49
C PRO D 266 27.78 39.29 -30.94
N VAL D 267 27.86 40.47 -31.58
CA VAL D 267 28.97 41.43 -31.38
C VAL D 267 29.17 41.81 -29.92
N GLY D 268 28.09 42.19 -29.26
CA GLY D 268 28.19 42.41 -27.83
C GLY D 268 28.06 41.10 -27.08
N GLU D 269 27.11 40.28 -27.49
CA GLU D 269 26.66 39.14 -26.72
C GLU D 269 27.60 37.94 -26.83
N MET D 270 27.11 36.80 -26.40
CA MET D 270 27.34 35.37 -26.35
C MET D 270 26.28 34.66 -27.18
N PRO D 271 26.67 33.72 -28.02
CA PRO D 271 25.68 33.03 -28.86
C PRO D 271 24.82 32.06 -28.08
N ARG D 272 23.55 31.99 -28.45
CA ARG D 272 22.56 31.19 -27.72
C ARG D 272 22.20 29.93 -28.48
N ASN D 273 21.60 28.97 -27.77
CA ASN D 273 21.55 27.59 -28.23
C ASN D 273 20.29 26.89 -27.74
N LEU D 274 19.95 25.80 -28.42
CA LEU D 274 18.75 25.02 -28.17
C LEU D 274 19.08 23.56 -27.96
N THR D 275 18.05 22.71 -27.99
CA THR D 275 18.22 21.27 -27.83
C THR D 275 17.32 20.57 -28.82
N MET D 276 17.86 19.60 -29.54
CA MET D 276 17.07 18.88 -30.52
C MET D 276 16.57 17.58 -29.90
N THR D 277 16.00 16.72 -30.74
CA THR D 277 15.58 15.36 -30.41
C THR D 277 15.30 14.64 -31.72
N CYS D 278 15.74 13.40 -31.85
CA CYS D 278 15.47 12.66 -33.08
C CYS D 278 14.63 11.44 -32.81
N ASP D 279 13.91 11.04 -33.85
CA ASP D 279 13.11 9.82 -33.89
C ASP D 279 13.97 8.65 -34.35
N ARG D 280 13.30 7.64 -34.90
CA ARG D 280 13.95 6.39 -35.29
C ARG D 280 15.02 6.60 -36.36
N TYR D 281 14.61 6.98 -37.57
CA TYR D 281 15.55 6.92 -38.69
C TYR D 281 16.36 8.20 -38.82
N LEU D 282 16.20 9.14 -37.92
CA LEU D 282 16.95 10.38 -38.04
C LEU D 282 18.21 10.35 -37.18
N THR D 283 18.43 9.24 -36.48
CA THR D 283 19.65 9.09 -35.71
C THR D 283 20.83 8.85 -36.62
N ASN D 284 22.00 9.30 -36.17
CA ASN D 284 23.31 8.96 -36.68
C ASN D 284 23.47 9.33 -38.14
N LYS D 285 22.85 10.43 -38.56
CA LYS D 285 22.93 10.93 -39.91
C LYS D 285 23.89 12.11 -40.06
N VAL D 286 24.06 12.90 -39.01
CA VAL D 286 24.77 14.16 -39.12
C VAL D 286 26.06 14.13 -38.30
N ILE D 287 27.18 14.22 -38.99
CA ILE D 287 28.48 14.49 -38.35
C ILE D 287 28.44 15.89 -37.77
N PRO D 288 28.88 16.10 -36.53
CA PRO D 288 28.83 17.46 -35.94
C PRO D 288 29.77 18.42 -36.65
N GLY D 289 29.19 19.48 -37.21
CA GLY D 289 29.95 20.46 -37.94
C GLY D 289 29.23 21.07 -39.10
N THR D 290 28.20 20.41 -39.59
CA THR D 290 27.60 20.78 -40.84
C THR D 290 26.64 21.96 -40.69
N ARG D 291 26.29 22.56 -41.82
CA ARG D 291 25.21 23.53 -41.87
C ARG D 291 23.92 22.81 -42.22
N VAL D 292 22.84 23.15 -41.53
CA VAL D 292 21.60 22.41 -41.62
C VAL D 292 20.41 23.36 -41.63
N THR D 293 19.24 22.80 -41.92
CA THR D 293 17.95 23.48 -41.75
C THR D 293 16.95 22.46 -41.21
N ILE D 294 16.57 22.60 -39.96
CA ILE D 294 15.68 21.68 -39.27
C ILE D 294 14.25 22.19 -39.35
N VAL D 295 13.34 21.33 -39.80
CA VAL D 295 11.91 21.60 -39.70
C VAL D 295 11.40 20.98 -38.41
N GLY D 296 10.79 21.77 -37.54
CA GLY D 296 10.50 21.27 -36.22
C GLY D 296 9.22 21.82 -35.62
N ILE D 297 8.98 21.42 -34.37
CA ILE D 297 7.80 21.81 -33.62
C ILE D 297 8.28 22.35 -32.29
N TYR D 298 8.16 23.65 -32.09
CA TYR D 298 8.78 24.32 -30.95
C TYR D 298 8.01 23.99 -29.67
N SER D 299 8.52 23.09 -28.86
CA SER D 299 7.74 22.65 -27.70
C SER D 299 8.43 22.99 -26.39
N ILE D 300 7.86 22.51 -25.29
CA ILE D 300 8.20 22.91 -23.92
C ILE D 300 8.23 21.68 -23.01
N TYR D 301 9.27 21.54 -22.19
CA TYR D 301 9.27 20.55 -21.12
C TYR D 301 9.49 21.27 -19.78
N ASN D 302 9.65 20.49 -18.70
CA ASN D 302 9.47 20.98 -17.34
C ASN D 302 10.73 21.01 -16.47
N SER D 303 11.71 20.14 -16.71
CA SER D 303 12.65 19.73 -15.66
C SER D 303 13.59 20.85 -15.24
N LYS D 304 14.34 20.58 -14.17
CA LYS D 304 15.01 21.61 -13.40
C LYS D 304 16.21 22.20 -14.15
N ASN D 305 16.76 23.27 -13.57
CA ASN D 305 17.88 23.98 -14.16
C ASN D 305 19.19 23.30 -13.76
N GLY D 306 20.30 23.95 -14.11
CA GLY D 306 21.63 23.42 -13.81
C GLY D 306 22.27 24.08 -12.60
N SER D 319 15.87 30.11 -9.07
CA SER D 319 14.96 30.29 -10.20
C SER D 319 13.51 30.16 -9.76
N GLY D 320 12.58 30.45 -10.67
CA GLY D 320 11.18 30.56 -10.37
C GLY D 320 10.66 31.98 -10.59
N VAL D 321 9.34 32.12 -10.66
CA VAL D 321 8.37 31.05 -10.44
C VAL D 321 7.60 30.80 -11.74
N ALA D 322 7.36 29.51 -12.04
CA ALA D 322 6.71 29.02 -13.26
C ALA D 322 7.49 29.45 -14.51
N ILE D 323 8.70 28.92 -14.59
CA ILE D 323 9.61 29.11 -15.70
C ILE D 323 9.80 27.76 -16.39
N ARG D 324 9.67 27.74 -17.71
CA ARG D 324 9.82 26.51 -18.46
C ARG D 324 10.78 26.73 -19.61
N THR D 325 11.70 25.78 -19.82
CA THR D 325 12.72 25.90 -20.86
C THR D 325 12.21 25.37 -22.18
N PRO D 326 12.68 25.92 -23.30
CA PRO D 326 12.17 25.49 -24.60
C PRO D 326 13.06 24.47 -25.29
N TYR D 327 12.45 23.64 -26.14
CA TYR D 327 13.23 22.68 -26.90
C TYR D 327 12.49 22.37 -28.18
N ILE D 328 13.16 21.66 -29.09
CA ILE D 328 12.64 21.41 -30.43
C ILE D 328 12.55 19.92 -30.68
N LYS D 329 11.37 19.47 -31.08
CA LYS D 329 11.19 18.16 -31.67
C LYS D 329 11.45 18.23 -33.18
N ILE D 330 12.12 17.22 -33.74
CA ILE D 330 12.52 17.24 -35.15
C ILE D 330 11.59 16.37 -35.99
N LEU D 331 11.09 16.92 -37.09
CA LEU D 331 10.51 16.13 -38.17
C LEU D 331 10.62 16.90 -39.48
N GLY D 332 11.55 16.53 -40.35
CA GLY D 332 12.74 15.77 -40.04
C GLY D 332 13.91 16.69 -40.39
N ILE D 333 15.04 16.14 -40.82
CA ILE D 333 16.24 16.93 -40.98
C ILE D 333 16.60 16.94 -42.46
N GLN D 334 17.41 17.92 -42.85
CA GLN D 334 18.04 17.92 -44.16
C GLN D 334 19.37 18.64 -44.03
N SER D 335 20.36 18.17 -44.76
CA SER D 335 21.68 18.76 -44.67
C SER D 335 21.81 19.88 -45.69
N ASP D 336 23.04 20.33 -45.91
CA ASP D 336 23.34 21.14 -47.06
C ASP D 336 23.46 20.22 -48.28
N VAL D 337 23.67 20.80 -49.45
CA VAL D 337 23.82 20.04 -50.69
C VAL D 337 25.14 20.48 -51.32
N GLU D 338 26.23 19.77 -51.02
CA GLU D 338 26.28 18.63 -50.09
C GLU D 338 26.65 18.89 -48.60
N THR D 339 27.61 19.75 -48.20
CA THR D 339 28.62 20.45 -49.00
C THR D 339 29.86 19.58 -49.15
N SER D 340 29.96 18.54 -48.33
CA SER D 340 31.06 17.58 -48.40
C SER D 340 30.53 16.20 -48.02
N SER D 341 30.69 15.24 -48.92
CA SER D 341 30.26 13.87 -48.69
C SER D 341 31.38 12.96 -48.21
N ILE D 342 32.60 13.48 -48.07
CA ILE D 342 33.72 12.71 -47.55
C ILE D 342 33.78 12.92 -46.04
N TRP D 343 34.08 11.87 -45.28
CA TRP D 343 34.48 10.52 -45.71
C TRP D 343 33.28 9.62 -46.05
N ASN D 344 33.56 8.45 -46.62
CA ASN D 344 32.58 7.47 -47.12
C ASN D 344 31.70 8.10 -48.20
N SER D 345 32.37 8.41 -49.32
CA SER D 345 31.73 8.95 -50.51
C SER D 345 31.28 7.81 -51.42
N VAL D 346 30.65 8.18 -52.54
CA VAL D 346 29.97 7.23 -53.42
C VAL D 346 30.91 6.81 -54.53
N THR D 347 31.01 5.50 -54.75
CA THR D 347 31.93 4.94 -55.75
C THR D 347 31.23 4.57 -57.04
N MET D 348 30.23 3.69 -56.99
CA MET D 348 29.60 3.21 -58.21
C MET D 348 28.61 4.23 -58.74
N PHE D 349 28.32 4.12 -60.02
CA PHE D 349 27.59 5.18 -60.71
C PHE D 349 26.80 4.57 -61.88
N THR D 350 26.35 5.43 -62.79
CA THR D 350 25.39 5.07 -63.82
C THR D 350 26.08 4.42 -65.02
N GLU D 351 25.34 4.31 -66.12
CA GLU D 351 25.81 3.63 -67.31
C GLU D 351 26.37 4.57 -68.36
N GLU D 352 25.70 5.69 -68.66
CA GLU D 352 26.14 6.57 -69.74
C GLU D 352 27.42 7.31 -69.40
N GLU D 353 27.74 7.43 -68.11
CA GLU D 353 28.99 8.04 -67.71
C GLU D 353 30.17 7.17 -68.10
N GLU D 354 30.01 5.84 -68.07
CA GLU D 354 31.01 4.94 -68.60
C GLU D 354 31.20 5.16 -70.10
N GLU D 355 30.08 5.39 -70.81
CA GLU D 355 30.13 5.62 -72.24
C GLU D 355 30.93 6.88 -72.57
N GLU D 356 30.63 7.99 -71.91
CA GLU D 356 31.32 9.24 -72.22
C GLU D 356 32.75 9.23 -71.69
N PHE D 357 33.03 8.47 -70.63
CA PHE D 357 34.42 8.29 -70.19
C PHE D 357 35.22 7.48 -71.21
N LEU D 358 34.60 6.47 -71.81
CA LEU D 358 35.26 5.77 -72.91
C LEU D 358 35.30 6.59 -74.18
N GLN D 359 34.52 7.67 -74.26
CA GLN D 359 34.62 8.55 -75.41
C GLN D 359 35.68 9.63 -75.25
N LEU D 360 35.95 10.06 -74.01
CA LEU D 360 37.01 11.04 -73.83
C LEU D 360 38.38 10.40 -73.98
N SER D 361 38.53 9.17 -73.51
CA SER D 361 39.83 8.52 -73.39
C SER D 361 40.40 8.02 -74.71
N ARG D 362 39.66 8.12 -75.81
CA ARG D 362 40.13 7.63 -77.09
C ARG D 362 40.74 8.71 -77.97
N ASN D 363 40.75 9.95 -77.50
CA ASN D 363 41.35 11.02 -78.28
C ASN D 363 42.88 10.89 -78.23
N PRO D 364 43.57 11.18 -79.35
CA PRO D 364 45.03 11.14 -79.31
C PRO D 364 45.64 12.31 -78.57
N LYS D 365 44.88 13.37 -78.31
CA LYS D 365 45.40 14.61 -77.75
C LYS D 365 44.95 14.81 -76.31
N LEU D 366 44.95 13.73 -75.54
CA LEU D 366 44.49 13.79 -74.15
C LEU D 366 45.45 14.58 -73.28
N TYR D 367 46.75 14.48 -73.59
CA TYR D 367 47.75 15.13 -72.75
C TYR D 367 47.72 16.63 -72.93
N GLU D 368 47.43 17.10 -74.15
CA GLU D 368 47.31 18.53 -74.39
C GLU D 368 46.05 19.09 -73.74
N ILE D 369 44.93 18.39 -73.92
CA ILE D 369 43.66 18.89 -73.41
C ILE D 369 43.60 18.80 -71.89
N LEU D 370 44.45 17.98 -71.26
CA LEU D 370 44.61 18.14 -69.82
C LEU D 370 45.61 19.21 -69.46
N THR D 371 46.64 19.44 -70.28
CA THR D 371 47.59 20.50 -69.97
C THR D 371 47.20 21.83 -70.58
N ASN D 372 45.91 22.04 -70.84
CA ASN D 372 45.40 23.37 -71.07
C ASN D 372 44.23 23.75 -70.17
N SER D 373 43.83 22.89 -69.27
CA SER D 373 42.72 23.22 -68.40
C SER D 373 43.14 23.56 -66.97
N ILE D 374 44.40 23.33 -66.62
CA ILE D 374 44.82 23.52 -65.23
C ILE D 374 45.12 25.00 -64.94
N ALA D 375 45.66 25.72 -65.90
CA ALA D 375 45.95 27.14 -65.71
C ALA D 375 45.22 27.97 -66.75
N PRO D 376 43.92 28.21 -66.57
CA PRO D 376 43.24 29.18 -67.43
C PRO D 376 43.53 30.62 -67.03
N SER D 377 44.27 30.84 -65.95
CA SER D 377 44.63 32.16 -65.49
C SER D 377 46.13 32.35 -65.36
N ILE D 378 46.87 31.31 -65.04
CA ILE D 378 48.32 31.41 -64.89
C ILE D 378 48.96 31.32 -66.27
N PHE D 379 49.75 32.32 -66.61
CA PHE D 379 50.50 32.34 -67.85
C PHE D 379 51.87 31.74 -67.61
N GLY D 380 52.40 31.04 -68.62
CA GLY D 380 53.73 30.49 -68.55
C GLY D 380 53.81 29.27 -67.66
N ASN D 381 55.06 28.83 -67.46
CA ASN D 381 55.42 27.71 -66.57
C ASN D 381 54.73 26.42 -66.99
N GLU D 382 55.03 25.99 -68.22
CA GLU D 382 54.37 24.82 -68.78
C GLU D 382 54.87 23.51 -68.19
N ASP D 383 56.05 23.51 -67.56
CA ASP D 383 56.58 22.26 -67.01
C ASP D 383 55.82 21.87 -65.76
N ILE D 384 55.59 22.82 -64.87
CA ILE D 384 54.79 22.58 -63.67
C ILE D 384 53.37 22.23 -64.07
N LYS D 385 52.86 22.94 -65.07
CA LYS D 385 51.61 22.64 -65.73
C LYS D 385 51.54 21.20 -66.21
N LYS D 386 52.66 20.63 -66.66
CA LYS D 386 52.69 19.21 -66.96
C LYS D 386 52.80 18.36 -65.70
N ALA D 387 53.45 18.87 -64.66
CA ALA D 387 53.79 18.01 -63.55
C ALA D 387 52.63 17.81 -62.59
N ILE D 388 51.63 18.69 -62.64
CA ILE D 388 50.46 18.46 -61.79
C ILE D 388 49.62 17.31 -62.35
N VAL D 389 49.74 17.05 -63.65
CA VAL D 389 48.94 16.00 -64.28
C VAL D 389 49.38 14.62 -63.80
N CYS D 390 50.68 14.39 -63.73
CA CYS D 390 51.21 13.12 -63.25
C CYS D 390 51.18 12.99 -61.75
N LEU D 391 50.68 14.00 -61.03
CA LEU D 391 50.58 13.94 -59.59
C LEU D 391 49.17 13.61 -59.13
N LEU D 392 48.17 13.95 -59.92
CA LEU D 392 46.78 13.72 -59.53
C LEU D 392 46.30 12.33 -59.86
N MET D 393 47.15 11.49 -60.47
CA MET D 393 46.76 10.13 -60.82
C MET D 393 47.25 9.10 -59.82
N GLY D 394 48.41 9.28 -59.22
CA GLY D 394 48.96 8.31 -58.32
C GLY D 394 49.63 7.16 -59.06
N GLY D 395 50.72 6.68 -58.47
CA GLY D 395 51.51 5.61 -59.05
C GLY D 395 50.86 4.25 -58.87
N SER D 396 51.68 3.22 -59.01
CA SER D 396 51.23 1.86 -58.77
C SER D 396 51.42 1.51 -57.30
N LYS D 397 50.66 0.52 -56.84
CA LYS D 397 50.76 0.04 -55.47
C LYS D 397 51.06 -1.44 -55.49
N LYS D 398 52.21 -1.82 -54.94
CA LYS D 398 52.68 -3.21 -54.99
C LYS D 398 52.80 -3.77 -53.59
N ILE D 399 52.18 -4.94 -53.37
CA ILE D 399 52.11 -5.54 -52.04
C ILE D 399 52.83 -6.88 -52.12
N LEU D 400 53.93 -6.91 -52.88
CA LEU D 400 54.60 -8.16 -53.19
C LEU D 400 55.13 -8.83 -51.93
N PRO D 401 54.97 -10.16 -51.79
CA PRO D 401 55.54 -10.85 -50.62
C PRO D 401 57.06 -10.80 -50.68
N ASP D 402 57.69 -10.27 -49.64
CA ASP D 402 57.29 -10.14 -48.22
C ASP D 402 56.31 -9.07 -47.68
N GLY D 403 56.43 -8.80 -46.38
CA GLY D 403 55.68 -7.73 -45.75
C GLY D 403 55.97 -6.32 -46.25
N MET D 404 57.01 -6.13 -47.06
CA MET D 404 57.32 -4.84 -47.65
C MET D 404 56.23 -4.40 -48.62
N ARG D 405 56.17 -3.09 -48.85
CA ARG D 405 55.32 -2.59 -49.93
C ARG D 405 55.89 -1.26 -50.42
N LEU D 406 55.63 -0.98 -51.69
CA LEU D 406 56.10 0.22 -52.33
C LEU D 406 55.00 1.27 -52.28
N ARG D 407 55.17 2.34 -53.07
CA ARG D 407 54.38 3.52 -52.83
C ARG D 407 54.03 4.24 -54.13
N GLY D 408 53.16 5.24 -53.95
CA GLY D 408 52.74 6.23 -54.92
C GLY D 408 51.89 7.24 -54.15
N ASP D 409 52.01 8.53 -54.39
CA ASP D 409 52.63 9.10 -55.57
C ASP D 409 53.88 9.89 -55.20
N ILE D 410 54.44 10.57 -56.20
CA ILE D 410 55.63 11.39 -56.13
C ILE D 410 55.38 12.66 -55.33
N ASN D 411 56.46 13.40 -55.04
CA ASN D 411 56.42 14.60 -54.22
C ASN D 411 57.17 15.72 -54.92
N VAL D 412 56.66 16.95 -54.79
CA VAL D 412 57.10 18.07 -55.63
C VAL D 412 57.30 19.31 -54.76
N LEU D 413 58.50 19.91 -54.83
CA LEU D 413 58.74 21.26 -54.34
C LEU D 413 58.58 22.28 -55.45
N LEU D 414 58.37 23.53 -55.05
CA LEU D 414 58.19 24.62 -56.00
C LEU D 414 58.91 25.87 -55.53
N LEU D 415 60.16 25.74 -55.11
CA LEU D 415 60.86 26.88 -54.54
C LEU D 415 61.26 27.89 -55.61
N GLY D 416 61.11 29.17 -55.29
CA GLY D 416 61.35 30.22 -56.25
C GLY D 416 60.82 31.54 -55.75
N ASP D 417 60.93 32.54 -56.61
CA ASP D 417 60.67 33.91 -56.23
C ASP D 417 59.16 34.17 -56.12
N PRO D 418 58.76 35.13 -55.30
CA PRO D 418 57.35 35.55 -55.30
C PRO D 418 56.98 36.19 -56.63
N GLY D 419 55.72 36.04 -57.01
CA GLY D 419 55.29 36.38 -58.35
C GLY D 419 55.16 35.19 -59.26
N THR D 420 55.53 34.01 -58.80
CA THR D 420 55.27 32.77 -59.50
C THR D 420 53.78 32.42 -59.47
N ALA D 421 53.04 32.98 -58.51
CA ALA D 421 51.66 32.64 -58.19
C ALA D 421 51.51 31.15 -57.92
N LYS D 422 52.50 30.59 -57.24
CA LYS D 422 52.43 29.19 -56.86
C LYS D 422 51.39 28.94 -55.78
N SER D 423 51.11 29.96 -54.97
CA SER D 423 50.07 29.80 -53.94
C SER D 423 48.69 29.71 -54.58
N GLN D 424 48.44 30.47 -55.64
CA GLN D 424 47.19 30.35 -56.36
C GLN D 424 47.07 29.02 -57.06
N LEU D 425 48.21 28.47 -57.49
CA LEU D 425 48.23 27.14 -58.05
C LEU D 425 47.88 26.08 -56.99
N LEU D 426 48.33 26.30 -55.76
CA LEU D 426 47.95 25.38 -54.69
C LEU D 426 46.48 25.49 -54.34
N LYS D 427 45.91 26.69 -54.46
CA LYS D 427 44.46 26.82 -54.34
C LYS D 427 43.74 26.10 -55.46
N PHE D 428 44.34 26.07 -56.66
CA PHE D 428 43.73 25.33 -57.75
C PHE D 428 43.74 23.83 -57.49
N VAL D 429 44.83 23.31 -56.95
CA VAL D 429 44.89 21.90 -56.60
C VAL D 429 43.95 21.59 -55.44
N GLU D 430 43.70 22.57 -54.56
CA GLU D 430 42.67 22.39 -53.56
C GLU D 430 41.29 22.32 -54.17
N LYS D 431 41.04 23.06 -55.25
CA LYS D 431 39.71 23.02 -55.85
C LYS D 431 39.48 21.76 -56.68
N VAL D 432 40.53 21.23 -57.31
CA VAL D 432 40.35 20.13 -58.27
C VAL D 432 40.23 18.80 -57.55
N SER D 433 41.15 18.52 -56.63
CA SER D 433 41.34 17.19 -56.06
C SER D 433 40.10 16.72 -55.31
N PRO D 434 39.82 15.41 -55.33
CA PRO D 434 38.62 14.92 -54.64
C PRO D 434 38.67 15.08 -53.12
N ILE D 435 39.81 14.81 -52.50
CA ILE D 435 40.04 15.23 -51.12
C ILE D 435 41.40 15.93 -51.06
N ALA D 436 41.45 17.05 -50.35
CA ALA D 436 42.66 17.87 -50.30
C ALA D 436 42.54 18.80 -49.11
N VAL D 437 43.66 18.97 -48.40
CA VAL D 437 43.71 19.79 -47.19
C VAL D 437 44.85 20.77 -47.36
N TYR D 438 44.57 22.05 -47.15
CA TYR D 438 45.53 23.12 -47.36
C TYR D 438 45.95 23.69 -46.01
N THR D 439 47.15 23.33 -45.54
CA THR D 439 47.66 23.85 -44.28
C THR D 439 48.92 24.65 -44.54
N SER D 440 48.89 25.92 -44.20
CA SER D 440 50.03 26.81 -44.34
C SER D 440 50.62 27.02 -42.95
N GLY D 441 51.49 26.11 -42.54
CA GLY D 441 52.02 26.21 -41.21
C GLY D 441 53.37 25.51 -41.10
N LYS D 442 53.90 25.34 -39.88
CA LYS D 442 53.54 25.79 -38.49
C LYS D 442 52.22 25.36 -37.84
N GLY D 443 51.40 24.56 -38.51
CA GLY D 443 50.08 24.27 -37.98
C GLY D 443 49.10 25.39 -38.24
N SER D 444 47.93 25.08 -38.77
CA SER D 444 46.98 26.13 -39.12
C SER D 444 45.56 25.58 -39.05
N SER D 445 44.63 26.37 -38.49
CA SER D 445 44.91 27.63 -37.81
C SER D 445 44.88 27.38 -36.31
N ALA D 446 43.77 26.83 -35.84
CA ALA D 446 43.71 26.18 -34.54
C ALA D 446 43.76 24.66 -34.67
N ALA D 447 44.32 24.16 -35.77
CA ALA D 447 44.44 22.74 -36.04
C ALA D 447 45.90 22.43 -36.33
N GLY D 448 46.46 21.48 -35.59
CA GLY D 448 47.84 21.08 -35.79
C GLY D 448 48.05 20.32 -37.09
N LEU D 449 49.30 20.00 -37.38
CA LEU D 449 49.60 19.45 -38.68
C LEU D 449 49.85 17.94 -38.66
N THR D 450 50.18 17.36 -37.52
CA THR D 450 50.44 15.93 -37.43
C THR D 450 49.42 15.27 -36.52
N ALA D 451 49.54 13.95 -36.38
CA ALA D 451 48.57 13.13 -35.65
C ALA D 451 48.83 13.27 -34.15
N SER D 452 48.20 14.26 -33.53
CA SER D 452 48.27 14.42 -32.09
C SER D 452 47.18 13.59 -31.42
N VAL D 453 47.40 13.26 -30.16
CA VAL D 453 46.46 12.47 -29.37
C VAL D 453 46.11 13.25 -28.12
N GLN D 454 44.84 13.61 -27.97
CA GLN D 454 44.37 14.40 -26.85
C GLN D 454 43.37 13.56 -26.06
N ARG D 455 43.62 13.43 -24.76
CA ARG D 455 42.69 12.69 -23.92
C ARG D 455 41.41 13.48 -23.72
N ASP D 456 40.29 12.80 -23.87
CA ASP D 456 39.00 13.40 -23.61
C ASP D 456 38.91 13.71 -22.12
N PRO D 457 38.62 14.95 -21.72
CA PRO D 457 38.50 15.24 -20.27
C PRO D 457 37.37 14.48 -19.61
N MET D 458 36.20 14.43 -20.23
CA MET D 458 35.22 13.45 -19.79
C MET D 458 35.69 12.06 -20.17
N THR D 459 35.38 11.10 -19.30
CA THR D 459 35.60 9.64 -19.40
C THR D 459 37.08 9.27 -19.25
N ARG D 460 37.98 10.26 -19.27
CA ARG D 460 39.44 10.10 -19.30
C ARG D 460 39.85 9.06 -20.34
N GLU D 461 39.63 9.41 -21.60
CA GLU D 461 39.69 8.45 -22.69
C GLU D 461 40.52 9.00 -23.83
N PHE D 462 41.29 8.11 -24.45
CA PHE D 462 42.15 8.48 -25.57
C PHE D 462 41.36 8.43 -26.86
N TYR D 463 41.58 9.41 -27.72
CA TYR D 463 41.06 9.32 -29.07
C TYR D 463 41.99 10.06 -29.99
N LEU D 464 41.89 9.74 -31.27
CA LEU D 464 42.69 10.43 -32.27
C LEU D 464 42.14 11.83 -32.46
N GLU D 465 42.98 12.83 -32.24
CA GLU D 465 42.52 14.21 -32.29
C GLU D 465 42.32 14.67 -33.72
N GLY D 466 43.33 14.51 -34.56
CA GLY D 466 43.27 14.92 -35.94
C GLY D 466 44.61 15.45 -36.37
N GLY D 467 44.57 16.43 -37.24
CA GLY D 467 45.78 16.99 -37.79
C GLY D 467 45.55 17.37 -39.24
N ALA D 468 46.57 17.12 -40.05
CA ALA D 468 46.43 17.32 -41.47
C ALA D 468 46.56 16.02 -42.26
N MET D 469 47.47 15.15 -41.83
CA MET D 469 47.74 13.94 -42.59
C MET D 469 46.60 12.93 -42.44
N VAL D 470 45.99 12.87 -41.26
CA VAL D 470 45.02 11.82 -41.02
C VAL D 470 43.68 12.15 -41.67
N LEU D 471 43.31 13.43 -41.72
CA LEU D 471 42.07 13.81 -42.37
C LEU D 471 42.13 13.62 -43.88
N ALA D 472 43.32 13.71 -44.46
CA ALA D 472 43.49 13.68 -45.92
C ALA D 472 44.02 12.35 -46.40
N ASP D 473 43.53 11.25 -45.83
CA ASP D 473 44.06 9.95 -46.19
C ASP D 473 43.56 9.54 -47.57
N GLY D 474 44.48 9.39 -48.50
CA GLY D 474 44.14 9.03 -49.86
C GLY D 474 44.10 10.22 -50.78
N GLY D 475 45.09 11.10 -50.67
CA GLY D 475 45.13 12.24 -51.56
C GLY D 475 46.30 13.19 -51.36
N VAL D 476 46.02 14.48 -51.47
CA VAL D 476 47.06 15.50 -51.65
C VAL D 476 47.02 16.46 -50.48
N VAL D 477 48.18 16.73 -49.90
CA VAL D 477 48.32 17.73 -48.84
C VAL D 477 49.26 18.81 -49.36
N CYS D 478 48.84 20.07 -49.26
CA CYS D 478 49.61 21.19 -49.78
C CYS D 478 50.09 22.04 -48.61
N ILE D 479 51.35 22.45 -48.65
CA ILE D 479 52.00 23.14 -47.54
C ILE D 479 52.63 24.42 -48.06
N ASP D 480 52.39 25.53 -47.37
CA ASP D 480 53.17 26.73 -47.56
C ASP D 480 54.26 26.82 -46.51
N GLU D 481 55.38 27.46 -46.89
CA GLU D 481 56.50 27.78 -46.02
C GLU D 481 57.10 26.53 -45.38
N PHE D 482 57.66 25.67 -46.22
CA PHE D 482 58.19 24.42 -45.70
C PHE D 482 59.51 24.63 -44.98
N ASP D 483 60.24 25.70 -45.27
CA ASP D 483 61.49 25.95 -44.55
C ASP D 483 61.24 26.59 -43.20
N LYS D 484 60.15 27.33 -43.05
CA LYS D 484 59.92 28.19 -41.89
C LYS D 484 59.04 27.50 -40.86
N MET D 485 59.20 26.20 -40.69
CA MET D 485 58.32 25.34 -39.92
C MET D 485 58.94 25.05 -38.56
N ARG D 486 58.09 24.76 -37.57
CA ARG D 486 58.58 24.16 -36.33
C ARG D 486 59.19 22.81 -36.62
N ASP D 487 60.17 22.44 -35.79
CA ASP D 487 60.97 21.26 -36.07
C ASP D 487 60.74 20.13 -35.07
N GLU D 488 59.60 20.12 -34.39
CA GLU D 488 59.27 18.95 -33.58
C GLU D 488 58.25 18.05 -34.26
N ASP D 489 57.41 18.58 -35.14
CA ASP D 489 56.55 17.76 -35.98
C ASP D 489 57.21 17.42 -37.31
N ARG D 490 58.53 17.47 -37.36
CA ARG D 490 59.21 17.34 -38.63
C ARG D 490 59.63 15.92 -38.91
N VAL D 491 59.94 15.15 -37.86
CA VAL D 491 60.38 13.77 -38.03
C VAL D 491 59.25 12.91 -38.58
N ALA D 492 58.02 13.18 -38.13
CA ALA D 492 56.87 12.48 -38.66
C ALA D 492 56.63 12.80 -40.13
N ILE D 493 56.90 14.04 -40.56
CA ILE D 493 56.76 14.36 -41.98
C ILE D 493 57.87 13.71 -42.78
N HIS D 494 59.07 13.65 -42.24
CA HIS D 494 60.11 12.89 -42.92
C HIS D 494 60.02 11.43 -42.68
N GLU D 495 58.95 10.92 -42.09
CA GLU D 495 58.66 9.50 -42.10
C GLU D 495 57.45 9.14 -42.95
N ALA D 496 56.45 10.01 -43.02
CA ALA D 496 55.22 9.70 -43.72
C ALA D 496 55.29 9.95 -45.21
N MET D 497 56.45 10.33 -45.73
CA MET D 497 56.65 10.41 -47.17
C MET D 497 57.35 9.19 -47.72
N GLU D 498 57.71 8.24 -46.87
CA GLU D 498 58.53 7.11 -47.29
C GLU D 498 57.84 5.77 -47.09
N GLN D 499 57.23 5.54 -45.94
CA GLN D 499 56.61 4.26 -45.65
C GLN D 499 55.12 4.38 -45.37
N GLN D 500 54.57 5.58 -45.54
CA GLN D 500 53.13 5.87 -45.55
C GLN D 500 52.42 5.60 -44.22
N THR D 501 53.15 5.33 -43.14
CA THR D 501 52.55 4.89 -41.89
C THR D 501 53.08 5.68 -40.72
N ILE D 502 52.26 6.55 -40.15
CA ILE D 502 52.64 7.31 -38.97
C ILE D 502 52.53 6.42 -37.74
N SER D 503 53.55 6.45 -36.89
CA SER D 503 53.58 5.67 -35.66
C SER D 503 53.36 6.57 -34.46
N ILE D 504 52.65 6.05 -33.46
CA ILE D 504 52.36 6.75 -32.22
C ILE D 504 52.84 5.87 -31.07
N ALA D 505 53.55 6.46 -30.12
CA ALA D 505 54.05 5.70 -28.99
C ALA D 505 53.87 6.47 -27.68
N LYS D 506 52.67 7.00 -27.45
CA LYS D 506 52.42 7.73 -26.21
C LYS D 506 52.17 6.76 -25.05
N ALA D 507 51.65 7.29 -23.95
CA ALA D 507 51.65 6.54 -22.69
C ALA D 507 50.63 5.41 -22.69
N GLY D 508 49.52 5.55 -23.38
CA GLY D 508 48.51 4.51 -23.34
C GLY D 508 48.47 3.60 -24.55
N ILE D 509 48.48 4.17 -25.74
CA ILE D 509 48.21 3.44 -26.96
C ILE D 509 49.44 3.45 -27.84
N THR D 510 49.59 2.39 -28.65
CA THR D 510 50.78 2.15 -29.45
C THR D 510 50.43 1.73 -30.87
N THR D 511 49.41 2.33 -31.45
CA THR D 511 48.90 1.87 -32.73
C THR D 511 49.74 2.39 -33.88
N VAL D 512 49.63 1.73 -35.03
CA VAL D 512 50.25 2.20 -36.27
C VAL D 512 49.16 2.30 -37.32
N LEU D 513 48.96 3.50 -37.85
CA LEU D 513 47.86 3.79 -38.76
C LEU D 513 48.38 4.12 -40.14
N ASN D 514 47.45 4.19 -41.09
CA ASN D 514 47.76 4.40 -42.50
C ASN D 514 47.63 5.87 -42.88
N SER D 515 48.44 6.26 -43.87
CA SER D 515 48.36 7.61 -44.44
C SER D 515 48.94 7.53 -45.86
N ARG D 516 48.07 7.49 -46.85
CA ARG D 516 48.49 7.35 -48.24
C ARG D 516 48.62 8.68 -48.93
N THR D 517 49.06 9.70 -48.19
CA THR D 517 49.10 11.07 -48.69
C THR D 517 50.20 11.24 -49.73
N SER D 518 50.17 12.38 -50.40
CA SER D 518 51.16 12.75 -51.42
C SER D 518 51.47 14.23 -51.25
N VAL D 519 52.60 14.52 -50.60
CA VAL D 519 52.91 15.88 -50.19
C VAL D 519 53.32 16.70 -51.38
N LEU D 520 52.88 17.97 -51.42
CA LEU D 520 53.26 18.91 -52.46
C LEU D 520 53.70 20.19 -51.76
N ALA D 521 54.96 20.25 -51.35
CA ALA D 521 55.43 21.39 -50.60
C ALA D 521 55.79 22.53 -51.53
N ALA D 522 55.95 23.72 -50.95
CA ALA D 522 56.30 24.91 -51.71
C ALA D 522 56.99 25.89 -50.76
N ALA D 523 58.31 25.96 -50.82
CA ALA D 523 59.06 26.79 -49.89
C ALA D 523 59.37 28.15 -50.49
N ASN D 524 60.18 28.93 -49.78
CA ASN D 524 60.59 30.25 -50.23
C ASN D 524 62.06 30.49 -49.91
N PRO D 525 62.83 30.96 -50.88
CA PRO D 525 64.25 31.22 -50.64
C PRO D 525 64.44 32.56 -49.97
N ILE D 526 65.67 32.80 -49.54
CA ILE D 526 66.14 34.12 -49.11
C ILE D 526 66.95 34.72 -50.24
N TYR D 527 66.70 36.00 -50.54
CA TYR D 527 67.34 36.84 -51.54
C TYR D 527 67.12 36.37 -52.98
N GLY D 528 66.24 35.40 -53.23
CA GLY D 528 65.84 35.07 -54.59
C GLY D 528 66.85 34.42 -55.51
N ARG D 529 67.18 35.09 -56.62
CA ARG D 529 68.01 34.53 -57.68
C ARG D 529 69.47 34.40 -57.28
N TYR D 530 69.88 34.97 -56.15
CA TYR D 530 71.23 34.77 -55.64
C TYR D 530 71.47 33.33 -55.22
N ASP D 531 70.40 32.57 -54.98
CA ASP D 531 70.48 31.11 -54.85
C ASP D 531 71.11 30.49 -56.10
N ASP D 532 70.62 30.85 -57.28
CA ASP D 532 71.24 30.37 -58.50
C ASP D 532 72.42 31.24 -58.92
N LEU D 533 72.78 32.27 -58.15
CA LEU D 533 74.11 32.82 -58.24
C LEU D 533 75.08 32.12 -57.29
N LYS D 534 74.56 31.45 -56.26
CA LYS D 534 75.33 30.56 -55.41
C LYS D 534 75.24 29.13 -55.93
N SER D 535 75.64 28.18 -55.09
CA SER D 535 75.34 26.78 -55.32
C SER D 535 73.82 26.59 -55.26
N PRO D 536 73.29 25.59 -55.98
CA PRO D 536 71.83 25.39 -55.99
C PRO D 536 71.26 24.87 -54.67
N GLY D 537 72.08 24.53 -53.69
CA GLY D 537 71.57 24.25 -52.36
C GLY D 537 71.41 25.54 -51.58
N ASP D 538 71.76 25.49 -50.29
CA ASP D 538 71.95 26.68 -49.43
C ASP D 538 70.67 27.49 -49.27
N ASN D 539 69.53 26.80 -49.11
CA ASN D 539 68.28 27.47 -48.77
C ASN D 539 67.72 27.01 -47.42
N ILE D 540 67.49 25.70 -47.26
CA ILE D 540 67.03 25.17 -45.98
C ILE D 540 68.18 25.26 -44.98
N ASP D 541 67.86 25.57 -43.73
CA ASP D 541 68.87 25.92 -42.74
C ASP D 541 69.74 24.72 -42.36
N PHE D 542 69.13 23.54 -42.21
CA PHE D 542 69.82 22.45 -41.53
C PHE D 542 70.73 21.67 -42.48
N GLN D 543 70.15 21.01 -43.47
CA GLN D 543 70.93 20.14 -44.33
C GLN D 543 70.19 19.98 -45.66
N THR D 544 70.85 19.30 -46.59
CA THR D 544 70.32 19.10 -47.93
C THR D 544 69.95 17.66 -48.20
N THR D 545 69.79 16.84 -47.16
CA THR D 545 69.24 15.51 -47.37
C THR D 545 67.76 15.58 -47.68
N ILE D 546 67.12 16.68 -47.26
CA ILE D 546 65.72 16.94 -47.60
C ILE D 546 65.56 17.03 -49.10
N LEU D 547 66.50 17.70 -49.77
CA LEU D 547 66.44 17.82 -51.22
C LEU D 547 66.71 16.51 -51.94
N SER D 548 67.26 15.52 -51.26
CA SER D 548 67.40 14.20 -51.85
C SER D 548 66.24 13.28 -51.51
N ARG D 549 65.48 13.58 -50.47
CA ARG D 549 64.31 12.75 -50.17
C ARG D 549 63.13 13.03 -51.09
N PHE D 550 63.15 14.11 -51.84
CA PHE D 550 62.05 14.42 -52.74
C PHE D 550 62.31 13.80 -54.11
N ASP D 551 61.46 14.12 -55.08
CA ASP D 551 61.55 13.50 -56.40
C ASP D 551 61.79 14.51 -57.50
N MET D 552 60.96 15.55 -57.59
CA MET D 552 60.99 16.49 -58.70
C MET D 552 61.09 17.90 -58.15
N ILE D 553 62.32 18.37 -57.98
CA ILE D 553 62.57 19.72 -57.51
C ILE D 553 62.44 20.67 -58.69
N PHE D 554 61.63 21.71 -58.52
CA PHE D 554 61.49 22.75 -59.52
C PHE D 554 62.04 24.06 -58.98
N ILE D 555 62.74 24.80 -59.83
CA ILE D 555 63.30 26.09 -59.47
C ILE D 555 62.78 27.11 -60.48
N VAL D 556 62.16 28.17 -59.98
CA VAL D 556 61.53 29.19 -60.82
C VAL D 556 62.43 30.40 -60.85
N LYS D 557 62.61 30.97 -62.03
CA LYS D 557 63.46 32.15 -62.22
C LYS D 557 62.61 33.36 -62.60
N ASP D 558 63.30 34.46 -62.91
CA ASP D 558 62.64 35.68 -63.37
C ASP D 558 63.63 36.52 -64.16
N ASP D 559 63.36 36.69 -65.45
CA ASP D 559 64.20 37.52 -66.31
C ASP D 559 63.32 38.55 -66.98
N HIS D 560 63.74 39.81 -66.91
CA HIS D 560 62.90 40.89 -67.39
C HIS D 560 62.95 40.95 -68.91
N ASN D 561 61.77 40.93 -69.52
CA ASN D 561 61.62 40.96 -70.96
C ASN D 561 60.40 41.80 -71.27
N GLU D 562 60.52 42.65 -72.29
CA GLU D 562 59.53 43.71 -72.49
C GLU D 562 58.21 43.15 -72.99
N GLU D 563 58.24 42.36 -74.07
CA GLU D 563 57.02 41.77 -74.60
C GLU D 563 56.47 40.70 -73.65
N ARG D 564 57.34 40.08 -72.85
CA ARG D 564 56.86 39.18 -71.81
C ARG D 564 56.09 39.95 -70.74
N ASP D 565 56.59 41.14 -70.37
CA ASP D 565 55.94 41.90 -69.32
C ASP D 565 54.65 42.55 -69.81
N ILE D 566 54.64 43.02 -71.06
CA ILE D 566 53.41 43.53 -71.63
C ILE D 566 52.40 42.40 -71.84
N SER D 567 52.89 41.20 -72.15
CA SER D 567 51.99 40.07 -72.33
C SER D 567 51.36 39.66 -71.00
N ILE D 568 52.14 39.65 -69.92
CA ILE D 568 51.58 39.25 -68.64
C ILE D 568 50.67 40.36 -68.08
N ALA D 569 51.02 41.63 -68.34
CA ALA D 569 50.22 42.72 -67.79
C ALA D 569 48.90 42.84 -68.51
N ASN D 570 48.95 42.83 -69.84
CA ASN D 570 47.73 42.85 -70.64
C ASN D 570 46.91 41.59 -70.42
N HIS D 571 47.59 40.48 -70.12
CA HIS D 571 46.92 39.25 -69.75
C HIS D 571 46.13 39.40 -68.44
N VAL D 572 46.72 40.07 -67.45
CA VAL D 572 46.06 40.21 -66.15
C VAL D 572 44.90 41.21 -66.23
N ILE D 573 45.06 42.28 -67.01
CA ILE D 573 43.94 43.17 -67.32
C ILE D 573 42.82 42.41 -68.05
N ASN D 574 43.18 41.50 -68.94
CA ASN D 574 42.16 40.63 -69.54
C ASN D 574 41.56 39.66 -68.54
N ILE D 575 42.30 39.31 -67.49
CA ILE D 575 41.75 38.43 -66.47
C ILE D 575 40.70 39.15 -65.64
N HIS D 576 40.93 40.42 -65.33
CA HIS D 576 40.04 41.17 -64.45
C HIS D 576 38.60 41.30 -64.91
N THR D 577 38.37 42.03 -66.00
CA THR D 577 37.05 42.58 -66.23
C THR D 577 36.89 42.90 -67.71
N GLY D 578 35.67 42.73 -68.23
CA GLY D 578 34.55 42.08 -67.56
C GLY D 578 34.49 40.60 -67.86
N ASN D 579 35.44 39.86 -67.25
CA ASN D 579 35.83 38.47 -67.43
C ASN D 579 35.65 37.99 -68.87
N ALA D 580 36.24 38.74 -69.81
CA ALA D 580 36.21 38.35 -71.22
C ALA D 580 36.94 37.04 -71.44
N ASN D 581 37.98 36.77 -70.65
CA ASN D 581 38.64 35.47 -70.72
C ASN D 581 37.75 34.36 -70.18
N ALA D 582 36.76 34.68 -69.35
CA ALA D 582 35.84 33.66 -68.91
C ALA D 582 34.78 33.36 -69.97
N MET D 583 34.35 34.36 -70.72
CA MET D 583 33.53 34.12 -71.90
C MET D 583 34.29 33.29 -72.91
N GLN D 584 35.56 33.65 -73.15
CA GLN D 584 36.44 32.85 -73.99
C GLN D 584 36.63 31.45 -73.44
N ASN D 585 36.63 31.29 -72.11
CA ASN D 585 36.66 29.95 -71.52
C ASN D 585 35.38 29.19 -71.79
N GLN D 586 34.24 29.89 -71.86
CA GLN D 586 33.00 29.20 -72.24
C GLN D 586 33.05 28.74 -73.69
N GLN D 587 33.61 29.58 -74.59
CA GLN D 587 33.79 29.09 -75.95
C GLN D 587 34.92 28.08 -76.07
N GLU D 588 35.77 27.95 -75.05
CA GLU D 588 36.64 26.79 -74.99
C GLU D 588 35.86 25.54 -74.61
N GLU D 589 34.93 25.68 -73.64
CA GLU D 589 34.14 24.54 -73.18
C GLU D 589 33.19 24.03 -74.25
N ASN D 590 32.83 24.90 -75.20
CA ASN D 590 32.03 24.43 -76.32
C ASN D 590 32.86 23.57 -77.27
N GLY D 591 34.19 23.68 -77.20
CA GLY D 591 35.04 22.89 -78.07
C GLY D 591 35.94 21.89 -77.39
N SER D 592 36.43 22.18 -76.18
CA SER D 592 37.41 21.33 -75.53
C SER D 592 37.41 21.60 -74.03
N GLU D 593 38.49 21.13 -73.37
CA GLU D 593 38.87 21.44 -72.00
C GLU D 593 37.81 21.07 -70.97
N ILE D 594 37.50 19.78 -70.80
CA ILE D 594 36.17 19.23 -70.51
C ILE D 594 35.32 19.90 -69.43
N SER D 595 35.81 20.01 -68.20
CA SER D 595 35.13 20.66 -67.07
C SER D 595 36.02 20.61 -65.85
N ILE D 596 35.47 21.12 -64.75
CA ILE D 596 35.98 20.79 -63.42
C ILE D 596 35.24 19.58 -62.88
N GLU D 597 33.91 19.60 -62.96
CA GLU D 597 33.11 18.52 -62.39
C GLU D 597 33.17 17.25 -63.23
N LYS D 598 33.64 17.35 -64.47
CA LYS D 598 33.95 16.14 -65.19
C LYS D 598 35.34 15.66 -64.85
N MET D 599 36.23 16.60 -64.56
CA MET D 599 37.63 16.29 -64.29
C MET D 599 37.79 15.56 -62.96
N LYS D 600 37.06 16.00 -61.94
CA LYS D 600 37.10 15.36 -60.63
C LYS D 600 36.65 13.91 -60.72
N ARG D 601 35.49 13.69 -61.32
CA ARG D 601 34.94 12.35 -61.44
C ARG D 601 35.80 11.49 -62.35
N TYR D 602 36.45 12.10 -63.34
CA TYR D 602 37.36 11.36 -64.22
C TYR D 602 38.60 10.91 -63.47
N ILE D 603 39.09 11.74 -62.54
CA ILE D 603 40.24 11.36 -61.73
C ILE D 603 39.88 10.22 -60.79
N THR D 604 38.69 10.26 -60.19
CA THR D 604 38.28 9.17 -59.30
C THR D 604 38.10 7.86 -60.06
N TYR D 605 37.43 7.92 -61.21
CA TYR D 605 37.18 6.72 -62.01
C TYR D 605 38.46 6.13 -62.56
N CYS D 606 39.36 6.98 -63.07
CA CYS D 606 40.63 6.44 -63.55
C CYS D 606 41.53 6.00 -62.42
N ARG D 607 41.30 6.47 -61.21
CA ARG D 607 42.17 6.03 -60.12
C ARG D 607 41.77 4.66 -59.62
N LEU D 608 40.50 4.43 -59.31
CA LEU D 608 40.20 3.20 -58.59
C LEU D 608 39.83 2.04 -59.50
N LYS D 609 39.84 2.19 -60.82
CA LYS D 609 39.54 1.06 -61.70
C LYS D 609 40.78 0.33 -62.20
N CYS D 610 41.65 1.02 -62.94
CA CYS D 610 42.73 0.33 -63.63
C CYS D 610 43.95 0.16 -62.74
N ALA D 611 44.93 -0.59 -63.25
CA ALA D 611 46.21 -0.85 -62.60
C ALA D 611 47.26 -1.21 -63.65
N PRO D 612 48.18 -0.31 -63.97
CA PRO D 612 49.05 -0.51 -65.14
C PRO D 612 50.32 -1.27 -64.85
N ARG D 613 51.12 -1.49 -65.88
CA ARG D 613 52.31 -2.33 -65.83
C ARG D 613 53.14 -2.01 -67.07
N LEU D 614 54.43 -2.33 -67.02
CA LEU D 614 55.37 -1.98 -68.07
C LEU D 614 55.74 -3.18 -68.94
N SER D 615 56.72 -2.98 -69.84
CA SER D 615 57.28 -3.97 -70.74
C SER D 615 58.81 -3.93 -70.63
N PRO D 616 59.48 -5.09 -70.70
CA PRO D 616 60.90 -5.16 -70.29
C PRO D 616 61.88 -4.44 -71.21
N GLN D 617 61.51 -4.16 -72.46
CA GLN D 617 62.38 -3.38 -73.32
C GLN D 617 62.43 -1.92 -72.88
N ALA D 618 61.34 -1.43 -72.28
CA ALA D 618 61.41 -0.12 -71.65
C ALA D 618 62.32 -0.15 -70.42
N ALA D 619 62.40 -1.30 -69.75
CA ALA D 619 63.30 -1.43 -68.61
C ALA D 619 64.75 -1.37 -69.04
N GLU D 620 65.10 -2.05 -70.13
CA GLU D 620 66.48 -1.95 -70.60
C GLU D 620 66.77 -0.57 -71.19
N LYS D 621 65.74 0.12 -71.68
CA LYS D 621 65.91 1.52 -72.07
C LYS D 621 66.25 2.39 -70.87
N LEU D 622 65.53 2.22 -69.77
CA LEU D 622 65.75 3.07 -68.60
C LEU D 622 67.07 2.77 -67.90
N SER D 623 67.50 1.50 -67.90
CA SER D 623 68.83 1.18 -67.43
C SER D 623 69.89 1.84 -68.30
N SER D 624 69.69 1.78 -69.63
CA SER D 624 70.63 2.39 -70.56
C SER D 624 70.66 3.90 -70.48
N ASN D 625 69.65 4.53 -69.87
CA ASN D 625 69.74 5.97 -69.65
C ASN D 625 70.36 6.29 -68.29
N PHE D 626 69.90 5.62 -67.24
CA PHE D 626 70.29 5.96 -65.87
C PHE D 626 71.76 5.69 -65.62
N VAL D 627 72.30 4.61 -66.19
CA VAL D 627 73.71 4.31 -65.98
C VAL D 627 74.59 5.38 -66.59
N THR D 628 74.19 5.91 -67.75
CA THR D 628 74.94 6.99 -68.39
C THR D 628 74.83 8.29 -67.62
N ILE D 629 73.67 8.56 -67.00
CA ILE D 629 73.54 9.77 -66.20
C ILE D 629 74.40 9.68 -64.94
N ARG D 630 74.45 8.50 -64.32
CA ARG D 630 75.28 8.32 -63.13
C ARG D 630 76.76 8.38 -63.46
N LYS D 631 77.17 7.87 -64.63
CA LYS D 631 78.55 8.04 -65.09
C LYS D 631 78.86 9.50 -65.37
N GLN D 632 77.87 10.26 -65.85
CA GLN D 632 78.10 11.67 -66.08
C GLN D 632 78.27 12.42 -64.77
N LEU D 633 77.57 11.97 -63.71
CA LEU D 633 77.83 12.53 -62.39
C LEU D 633 79.16 12.04 -61.84
N LEU D 634 79.66 10.91 -62.35
CA LEU D 634 80.97 10.43 -61.90
C LEU D 634 82.08 11.26 -62.49
N ILE D 635 81.98 11.60 -63.78
CA ILE D 635 83.03 12.38 -64.42
C ILE D 635 82.95 13.85 -64.02
N ASN D 636 81.73 14.40 -63.96
CA ASN D 636 81.55 15.74 -63.42
C ASN D 636 81.92 15.82 -61.95
N GLU D 637 81.76 14.71 -61.24
CA GLU D 637 82.15 14.66 -59.83
C GLU D 637 83.66 14.60 -59.68
N LEU D 638 84.35 13.91 -60.59
CA LEU D 638 85.78 13.75 -60.45
C LEU D 638 86.54 14.98 -60.94
N GLU D 639 86.04 15.64 -61.98
CA GLU D 639 86.77 16.77 -62.54
C GLU D 639 86.62 18.04 -61.72
N SER D 640 85.45 18.26 -61.11
CA SER D 640 85.13 19.50 -60.43
C SER D 640 85.64 19.56 -58.99
N THR D 641 86.52 18.62 -58.59
CA THR D 641 87.36 18.59 -57.39
C THR D 641 86.58 18.72 -56.07
N GLU D 642 85.24 18.65 -56.09
CA GLU D 642 84.44 18.67 -54.89
C GLU D 642 83.28 17.68 -55.01
N ARG D 643 82.57 17.51 -53.91
CA ARG D 643 81.33 16.74 -53.89
C ARG D 643 80.15 17.60 -54.35
N SER D 644 79.11 16.93 -54.79
CA SER D 644 77.96 17.61 -55.35
C SER D 644 76.97 18.00 -54.26
N SER D 645 76.17 19.03 -54.55
CA SER D 645 75.18 19.52 -53.59
C SER D 645 73.90 18.72 -53.65
N ILE D 646 73.35 18.53 -54.85
CA ILE D 646 72.17 17.70 -55.07
C ILE D 646 72.66 16.34 -55.56
N PRO D 647 72.64 15.30 -54.73
CA PRO D 647 73.09 13.99 -55.19
C PRO D 647 72.03 13.30 -56.03
N ILE D 648 72.45 12.25 -56.73
CA ILE D 648 71.54 11.36 -57.42
C ILE D 648 71.56 10.02 -56.70
N THR D 649 70.38 9.44 -56.49
CA THR D 649 70.25 8.17 -55.78
C THR D 649 69.41 7.23 -56.62
N ILE D 650 69.10 6.08 -56.04
CA ILE D 650 68.25 5.12 -56.74
C ILE D 650 66.79 5.44 -56.51
N ARG D 651 66.50 6.34 -55.56
CA ARG D 651 65.16 6.90 -55.46
C ARG D 651 64.79 7.69 -56.70
N GLN D 652 65.79 8.24 -57.38
CA GLN D 652 65.51 8.91 -58.65
C GLN D 652 65.10 7.92 -59.72
N LEU D 653 65.72 6.74 -59.72
CA LEU D 653 65.27 5.69 -60.62
C LEU D 653 63.86 5.23 -60.26
N GLU D 654 63.55 5.21 -58.96
CA GLU D 654 62.21 4.81 -58.56
C GLU D 654 61.15 5.85 -58.93
N ALA D 655 61.53 7.13 -58.95
CA ALA D 655 60.62 8.15 -59.43
C ALA D 655 60.38 8.03 -60.92
N ILE D 656 61.47 7.79 -61.69
CA ILE D 656 61.37 7.57 -63.12
C ILE D 656 60.47 6.37 -63.43
N ILE D 657 60.60 5.30 -62.62
CA ILE D 657 59.79 4.14 -62.90
C ILE D 657 58.34 4.35 -62.46
N ARG D 658 58.07 5.32 -61.57
CA ARG D 658 56.66 5.58 -61.27
C ARG D 658 55.97 6.55 -62.23
N ILE D 659 56.72 7.39 -62.93
CA ILE D 659 56.10 8.32 -63.88
C ILE D 659 55.41 7.60 -65.03
N THR D 660 55.97 6.47 -65.47
CA THR D 660 55.38 5.74 -66.58
C THR D 660 54.06 5.09 -66.20
N GLU D 661 53.91 4.67 -64.93
CA GLU D 661 52.60 4.18 -64.54
C GLU D 661 51.61 5.31 -64.30
N SER D 662 52.10 6.51 -63.99
CA SER D 662 51.17 7.65 -63.95
C SER D 662 50.61 7.92 -65.34
N LEU D 663 51.47 7.95 -66.35
CA LEU D 663 51.02 8.31 -67.69
C LEU D 663 50.23 7.18 -68.34
N ALA D 664 50.58 5.93 -68.02
CA ALA D 664 49.77 4.81 -68.49
C ALA D 664 48.42 4.79 -67.81
N LYS D 665 48.38 5.17 -66.54
CA LYS D 665 47.12 5.22 -65.83
C LYS D 665 46.26 6.39 -66.34
N LEU D 666 46.87 7.40 -66.98
CA LEU D 666 46.08 8.29 -67.82
C LEU D 666 45.53 7.58 -69.05
N GLU D 667 46.41 6.90 -69.80
CA GLU D 667 46.00 6.32 -71.08
C GLU D 667 45.09 5.11 -70.94
N LEU D 668 44.90 4.60 -69.72
CA LEU D 668 43.96 3.55 -69.31
C LEU D 668 44.38 2.16 -69.79
N SER D 669 45.45 2.05 -70.58
CA SER D 669 45.98 0.79 -71.08
C SER D 669 46.70 0.03 -69.98
N PRO D 670 46.74 -1.31 -70.06
CA PRO D 670 47.45 -2.08 -69.03
C PRO D 670 48.95 -2.17 -69.23
N ILE D 671 49.45 -2.00 -70.45
CA ILE D 671 50.86 -2.16 -70.74
C ILE D 671 51.46 -0.80 -71.10
N ALA D 672 52.79 -0.77 -71.22
CA ALA D 672 53.52 0.46 -71.53
C ALA D 672 54.28 0.31 -72.84
N GLN D 673 54.58 1.45 -73.46
CA GLN D 673 55.19 1.52 -74.78
C GLN D 673 56.47 2.37 -74.71
N GLU D 674 57.10 2.57 -75.86
CA GLU D 674 58.47 3.10 -75.85
C GLU D 674 58.50 4.62 -75.79
N ARG D 675 57.81 5.29 -76.74
CA ARG D 675 57.61 6.73 -76.67
C ARG D 675 56.87 7.12 -75.40
N HIS D 676 56.04 6.21 -74.89
CA HIS D 676 55.32 6.34 -73.65
C HIS D 676 56.26 6.51 -72.47
N VAL D 677 57.48 6.02 -72.57
CA VAL D 677 58.50 6.30 -71.56
C VAL D 677 59.40 7.47 -71.97
N ASP D 678 59.66 7.62 -73.28
CA ASP D 678 60.59 8.65 -73.75
C ASP D 678 60.11 10.05 -73.46
N GLU D 679 58.79 10.24 -73.39
CA GLU D 679 58.26 11.52 -72.95
C GLU D 679 58.64 11.81 -71.50
N ALA D 680 58.68 10.77 -70.67
CA ALA D 680 59.13 10.95 -69.29
C ALA D 680 60.64 11.18 -69.22
N ILE D 681 61.40 10.63 -70.16
CA ILE D 681 62.82 10.97 -70.25
C ILE D 681 62.99 12.46 -70.56
N ARG D 682 62.15 13.00 -71.43
CA ARG D 682 62.22 14.43 -71.73
C ARG D 682 61.84 15.28 -70.53
N LEU D 683 60.80 14.87 -69.80
CA LEU D 683 60.29 15.71 -68.72
C LEU D 683 61.22 15.67 -67.50
N PHE D 684 61.56 14.46 -67.04
CA PHE D 684 62.51 14.34 -65.94
C PHE D 684 63.88 14.85 -66.34
N GLN D 685 64.23 14.75 -67.62
CA GLN D 685 65.46 15.33 -68.13
C GLN D 685 65.44 16.85 -68.00
N ALA D 686 64.27 17.46 -68.24
CA ALA D 686 64.13 18.88 -67.98
C ALA D 686 64.27 19.19 -66.49
N SER D 687 63.85 18.26 -65.61
CA SER D 687 64.11 18.46 -64.19
C SER D 687 65.56 18.22 -63.81
N THR D 688 66.32 17.45 -64.59
CA THR D 688 67.75 17.33 -64.34
C THR D 688 68.49 18.58 -64.80
N MET D 689 68.04 19.18 -65.90
CA MET D 689 68.54 20.49 -66.29
C MET D 689 68.14 21.54 -65.27
N ASP D 690 67.01 21.35 -64.59
CA ASP D 690 66.71 22.14 -63.42
C ASP D 690 67.65 21.82 -62.28
N ALA D 691 68.19 20.60 -62.23
CA ALA D 691 68.93 20.15 -61.07
C ALA D 691 70.40 20.59 -61.10
N ALA D 692 71.05 20.44 -62.26
CA ALA D 692 72.51 20.56 -62.31
C ALA D 692 72.97 22.01 -62.19
N SER D 693 72.54 22.88 -63.08
CA SER D 693 72.96 24.27 -63.08
C SER D 693 72.35 25.03 -61.91
N VAL E 103 10.15 41.14 42.84
CA VAL E 103 11.52 41.23 43.33
C VAL E 103 12.42 41.69 42.19
N ASP E 104 12.62 40.79 41.22
CA ASP E 104 13.41 41.14 40.05
C ASP E 104 12.65 42.10 39.15
N ASP E 105 11.33 41.96 39.08
CA ASP E 105 10.52 42.97 38.43
C ASP E 105 10.49 44.26 39.24
N VAL E 106 10.65 44.14 40.57
CA VAL E 106 10.81 45.33 41.40
C VAL E 106 12.22 45.90 41.21
N THR E 107 13.19 45.06 40.86
CA THR E 107 14.52 45.56 40.54
C THR E 107 14.52 46.34 39.24
N GLY E 108 14.03 45.72 38.16
CA GLY E 108 14.03 46.37 36.86
C GLY E 108 13.07 47.55 36.79
N GLU E 109 11.92 47.44 37.44
CA GLU E 109 11.01 48.57 37.53
C GLU E 109 11.58 49.67 38.41
N LYS E 110 12.37 49.28 39.42
CA LYS E 110 13.01 50.26 40.30
C LYS E 110 14.06 51.07 39.55
N VAL E 111 14.87 50.38 38.72
CA VAL E 111 15.82 51.06 37.86
C VAL E 111 15.08 51.87 36.79
N ARG E 112 13.90 51.42 36.38
CA ARG E 112 13.11 52.13 35.39
C ARG E 112 12.63 53.48 35.91
N GLU E 113 12.06 53.49 37.12
CA GLU E 113 11.60 54.75 37.69
C GLU E 113 12.77 55.64 38.08
N ALA E 114 13.91 55.06 38.44
CA ALA E 114 15.10 55.88 38.67
C ALA E 114 15.62 56.50 37.39
N PHE E 115 15.38 55.85 36.26
CA PHE E 115 15.81 56.38 34.95
C PHE E 115 14.89 57.50 34.48
N GLU E 116 13.59 57.30 34.62
CA GLU E 116 12.61 58.35 34.34
C GLU E 116 12.87 59.58 35.21
N GLN E 117 13.10 59.34 36.51
CA GLN E 117 13.50 60.39 37.43
C GLN E 117 14.82 61.03 37.03
N PHE E 118 15.72 60.26 36.42
CA PHE E 118 16.99 60.82 35.96
C PHE E 118 16.79 61.82 34.84
N LEU E 119 16.22 61.38 33.71
CA LEU E 119 16.20 62.29 32.58
C LEU E 119 15.12 63.35 32.67
N GLU E 120 14.16 63.22 33.58
CA GLU E 120 13.23 64.33 33.77
C GLU E 120 13.89 65.52 34.45
N ASP E 121 14.86 65.28 35.32
CA ASP E 121 15.45 66.34 36.14
C ASP E 121 16.47 67.17 35.38
N PHE E 122 17.25 67.93 36.14
CA PHE E 122 18.31 68.75 35.58
C PHE E 122 19.37 67.89 34.91
N SER E 123 19.95 68.42 33.85
CA SER E 123 21.05 67.75 33.17
C SER E 123 22.25 68.64 32.92
N VAL E 124 22.12 69.96 33.05
CA VAL E 124 23.23 70.89 32.83
C VAL E 124 23.53 71.58 34.16
N GLN E 125 24.78 71.46 34.59
CA GLN E 125 25.25 72.11 35.80
C GLN E 125 25.78 73.52 35.51
N SER E 126 26.08 73.82 34.24
CA SER E 126 26.74 75.07 33.87
C SER E 126 25.84 76.28 34.09
N THR E 127 26.49 77.42 34.23
CA THR E 127 25.83 78.71 34.47
C THR E 127 25.29 79.31 33.18
N ASP E 128 24.98 80.61 33.22
CA ASP E 128 24.53 81.34 32.04
C ASP E 128 25.54 81.28 30.89
N THR E 129 26.83 81.25 31.21
CA THR E 129 27.88 81.07 30.21
C THR E 129 27.88 79.60 29.82
N GLY E 130 27.00 79.24 28.88
CA GLY E 130 26.84 77.86 28.51
C GLY E 130 26.32 77.64 27.09
N GLU E 131 25.68 76.52 26.72
CA GLU E 131 25.27 75.30 27.45
C GLU E 131 24.38 75.59 28.68
N VAL E 132 23.16 76.03 28.38
CA VAL E 132 22.15 76.41 29.37
C VAL E 132 21.25 75.20 29.60
N GLU E 133 20.42 75.26 30.64
CA GLU E 133 19.37 74.28 30.91
C GLU E 133 18.52 74.00 29.66
N LYS E 134 18.14 72.73 29.43
CA LYS E 134 18.10 71.65 30.43
C LYS E 134 19.21 70.55 30.50
N VAL E 135 19.57 69.81 29.44
CA VAL E 135 19.42 70.10 28.01
C VAL E 135 18.61 69.02 27.29
N TYR E 136 18.11 68.02 28.04
CA TYR E 136 17.45 66.88 27.41
C TYR E 136 16.16 67.27 26.72
N ARG E 137 15.38 68.18 27.32
CA ARG E 137 14.11 68.58 26.72
C ARG E 137 14.31 69.34 25.42
N ALA E 138 15.45 70.00 25.26
CA ALA E 138 15.81 70.56 23.96
C ALA E 138 16.10 69.46 22.95
N GLN E 139 16.54 68.30 23.42
CA GLN E 139 16.78 67.20 22.48
C GLN E 139 15.48 66.52 22.08
N ILE E 140 14.53 66.41 23.01
CA ILE E 140 13.22 65.86 22.65
C ILE E 140 12.47 66.79 21.72
N GLU E 141 12.42 68.09 22.05
CA GLU E 141 11.66 69.01 21.22
C GLU E 141 12.37 69.29 19.90
N PHE E 142 13.69 69.36 19.92
CA PHE E 142 14.46 69.49 18.70
C PHE E 142 14.31 68.26 17.83
N MET E 143 14.06 67.11 18.45
CA MET E 143 13.67 65.93 17.68
C MET E 143 12.24 66.06 17.17
N LYS E 144 11.37 66.74 17.91
CA LYS E 144 9.98 66.87 17.50
C LYS E 144 9.83 67.77 16.29
N ILE E 145 10.72 68.75 16.12
CA ILE E 145 10.60 69.64 14.97
C ILE E 145 11.02 68.93 13.68
N TYR E 146 11.95 67.99 13.76
CA TYR E 146 12.47 67.37 12.55
C TYR E 146 11.99 65.94 12.34
N ASP E 147 11.50 65.27 13.39
CA ASP E 147 10.84 63.95 13.33
C ASP E 147 11.78 62.87 12.79
N LEU E 148 12.85 62.59 13.54
CA LEU E 148 13.85 61.62 13.11
C LEU E 148 14.00 60.42 14.05
N ASN E 149 13.47 60.48 15.27
CA ASN E 149 13.21 59.33 16.14
C ASN E 149 14.47 58.57 16.54
N THR E 150 15.35 59.28 17.24
CA THR E 150 16.45 58.69 18.01
C THR E 150 16.86 59.71 19.05
N ILE E 151 17.67 59.25 20.01
CA ILE E 151 18.28 60.13 21.01
C ILE E 151 19.71 59.70 21.21
N TYR E 152 20.59 60.67 21.43
CA TYR E 152 21.99 60.39 21.72
C TYR E 152 22.23 60.86 23.15
N ILE E 153 22.36 59.92 24.08
CA ILE E 153 22.59 60.35 25.47
C ILE E 153 23.98 59.91 25.88
N ASP E 154 24.57 60.70 26.75
CA ASP E 154 25.93 60.46 27.20
C ASP E 154 25.92 59.54 28.41
N TYR E 155 27.08 58.94 28.68
CA TYR E 155 27.29 58.11 29.85
C TYR E 155 27.89 58.87 31.01
N GLN E 156 28.60 59.96 30.73
CA GLN E 156 29.32 60.67 31.79
C GLN E 156 28.37 61.38 32.74
N HIS E 157 27.26 61.90 32.21
CA HIS E 157 26.28 62.56 33.06
C HIS E 157 25.60 61.57 33.99
N LEU E 158 25.34 60.35 33.51
CA LEU E 158 24.84 59.31 34.38
C LEU E 158 25.93 58.83 35.33
N SER E 159 27.20 59.00 34.95
CA SER E 159 28.27 58.70 35.89
C SER E 159 28.37 59.75 36.98
N MET E 160 27.81 60.95 36.77
CA MET E 160 27.90 61.99 37.79
C MET E 160 26.98 61.70 38.98
N ARG E 161 25.72 61.39 38.70
CA ARG E 161 24.65 61.72 39.65
C ARG E 161 24.53 60.73 40.79
N GLU E 162 24.38 59.45 40.49
CA GLU E 162 23.91 58.45 41.46
C GLU E 162 25.03 57.95 42.39
N ASN E 163 26.23 58.53 42.29
CA ASN E 163 27.46 58.03 42.90
C ASN E 163 27.73 56.59 42.46
N GLY E 164 27.51 56.33 41.18
CA GLY E 164 27.91 55.08 40.55
C GLY E 164 27.02 53.90 40.80
N ALA E 165 25.91 54.07 41.53
CA ALA E 165 25.05 52.93 41.85
C ALA E 165 24.27 52.49 40.62
N LEU E 166 23.59 53.42 39.95
CA LEU E 166 22.88 53.04 38.74
C LEU E 166 23.84 52.84 37.57
N ALA E 167 25.04 53.43 37.65
CA ALA E 167 26.05 53.18 36.63
C ALA E 167 26.49 51.72 36.63
N MET E 168 26.50 51.09 37.79
CA MET E 168 26.78 49.67 37.89
C MET E 168 25.52 48.82 37.82
N ALA E 169 24.47 49.29 37.17
CA ALA E 169 23.24 48.52 37.04
C ALA E 169 22.77 48.40 35.61
N ILE E 170 23.13 49.34 34.76
CA ILE E 170 22.86 49.22 33.34
C ILE E 170 24.06 48.59 32.63
N SER E 171 25.26 48.85 33.14
CA SER E 171 26.48 48.45 32.44
C SER E 171 26.69 46.95 32.44
N GLU E 172 26.20 46.22 33.45
CA GLU E 172 26.35 44.77 33.41
C GLU E 172 25.26 44.10 32.58
N GLN E 173 24.02 44.15 33.04
CA GLN E 173 22.96 43.37 32.40
C GLN E 173 22.17 44.24 31.44
N TYR E 174 22.85 44.71 30.40
CA TYR E 174 22.21 45.65 29.49
C TYR E 174 21.15 44.97 28.63
N TYR E 175 21.38 43.72 28.24
CA TYR E 175 20.42 43.07 27.37
C TYR E 175 19.15 42.71 28.12
N ARG E 176 19.23 42.60 29.44
CA ARG E 176 18.02 42.38 30.22
C ARG E 176 17.16 43.64 30.28
N PHE E 177 17.77 44.80 30.10
CA PHE E 177 17.11 46.07 30.39
C PHE E 177 16.82 46.89 29.15
N LEU E 178 16.53 46.26 28.01
CA LEU E 178 15.94 47.05 26.92
C LEU E 178 14.50 47.47 27.19
N PRO E 179 13.51 46.56 27.36
CA PRO E 179 12.12 47.02 27.25
C PRO E 179 11.65 47.86 28.43
N PHE E 180 12.33 47.77 29.57
CA PHE E 180 11.96 48.62 30.70
C PHE E 180 12.41 50.04 30.43
N LEU E 181 13.64 50.20 29.94
CA LEU E 181 14.20 51.50 29.59
C LEU E 181 13.40 52.17 28.49
N GLN E 182 13.12 51.40 27.42
CA GLN E 182 12.39 51.93 26.28
C GLN E 182 10.94 52.22 26.62
N LYS E 183 10.37 51.47 27.57
CA LYS E 183 9.01 51.73 28.01
C LYS E 183 8.92 53.02 28.82
N GLY E 184 9.86 53.22 29.76
CA GLY E 184 9.86 54.44 30.56
C GLY E 184 10.11 55.67 29.73
N LEU E 185 11.01 55.58 28.76
CA LEU E 185 11.23 56.70 27.85
C LEU E 185 10.00 56.96 26.98
N ARG E 186 9.25 55.91 26.63
CA ARG E 186 8.02 56.14 25.88
C ARG E 186 6.98 56.86 26.73
N ARG E 187 6.94 56.60 28.05
CA ARG E 187 5.97 57.33 28.86
C ARG E 187 6.40 58.79 29.08
N VAL E 188 7.71 59.06 29.09
CA VAL E 188 8.16 60.45 29.12
C VAL E 188 7.75 61.18 27.84
N VAL E 189 7.85 60.49 26.70
CA VAL E 189 7.42 61.09 25.43
C VAL E 189 5.93 61.34 25.41
N ARG E 190 5.11 60.41 25.92
CA ARG E 190 3.67 60.66 25.91
C ARG E 190 3.29 61.72 26.94
N LYS E 191 4.15 62.00 27.91
CA LYS E 191 3.92 63.16 28.76
C LYS E 191 4.22 64.47 28.03
N TYR E 192 5.32 64.55 27.29
CA TYR E 192 5.76 65.85 26.77
C TYR E 192 5.68 66.00 25.26
N ALA E 193 4.95 65.15 24.55
CA ALA E 193 5.00 65.15 23.10
C ALA E 193 3.73 64.49 22.57
N PRO E 194 3.37 64.74 21.28
CA PRO E 194 2.31 63.91 20.69
C PRO E 194 2.72 62.47 20.53
N GLU E 260 4.09 53.73 16.01
CA GLU E 260 4.55 54.72 15.05
C GLU E 260 5.94 55.21 15.49
N ARG E 261 6.31 54.84 16.71
CA ARG E 261 7.55 55.28 17.32
C ARG E 261 8.46 54.07 17.47
N VAL E 262 9.71 54.19 17.03
CA VAL E 262 10.74 53.18 17.26
C VAL E 262 11.96 53.89 17.83
N PHE E 263 12.29 53.59 19.08
CA PHE E 263 13.28 54.36 19.81
C PHE E 263 14.56 53.57 20.02
N GLN E 264 15.68 54.21 19.76
CA GLN E 264 17.00 53.62 19.88
C GLN E 264 17.77 54.47 20.86
N ILE E 265 18.40 53.85 21.84
CA ILE E 265 18.97 54.56 22.97
C ILE E 265 20.47 54.24 22.94
N SER E 266 21.23 55.03 22.21
CA SER E 266 22.61 54.70 21.90
C SER E 266 23.54 55.49 22.80
N PHE E 267 24.27 54.78 23.65
CA PHE E 267 25.14 55.46 24.60
C PHE E 267 26.44 55.82 23.89
N PHE E 268 27.25 56.66 24.52
CA PHE E 268 28.58 56.96 23.98
C PHE E 268 29.48 57.48 25.10
N ASN E 269 30.75 57.73 24.73
CA ASN E 269 31.79 58.34 25.56
C ASN E 269 32.04 57.52 26.83
N LEU E 270 32.48 56.32 26.63
CA LEU E 270 32.79 55.37 27.69
C LEU E 270 34.22 55.56 28.16
N PRO E 271 34.55 55.16 29.40
CA PRO E 271 35.90 55.39 29.92
C PRO E 271 37.04 54.63 29.23
N THR E 272 36.95 53.31 29.14
CA THR E 272 38.11 52.47 28.83
C THR E 272 37.84 51.64 27.59
N VAL E 273 38.74 51.73 26.62
CA VAL E 273 38.59 51.05 25.33
C VAL E 273 39.35 49.74 25.37
N HIS E 274 38.69 48.65 24.99
CA HIS E 274 39.33 47.35 24.87
C HIS E 274 39.58 46.98 23.42
N ARG E 275 40.48 46.04 23.23
CA ARG E 275 40.82 45.52 21.91
C ARG E 275 40.03 44.24 21.67
N ILE E 276 40.36 43.52 20.59
CA ILE E 276 39.72 42.23 20.37
C ILE E 276 40.31 41.15 21.27
N ARG E 277 41.57 41.30 21.69
CA ARG E 277 42.22 40.29 22.50
C ARG E 277 41.67 40.26 23.93
N ASP E 278 41.15 41.37 24.40
CA ASP E 278 40.58 41.42 25.74
C ASP E 278 39.16 40.87 25.78
N ILE E 279 38.64 40.35 24.67
CA ILE E 279 37.34 39.71 24.70
C ILE E 279 37.46 38.34 25.36
N ARG E 280 36.69 38.13 26.42
CA ARG E 280 36.55 36.82 27.04
C ARG E 280 35.07 36.51 27.06
N SER E 281 34.66 35.47 27.78
CA SER E 281 33.24 35.16 27.86
C SER E 281 32.65 35.43 29.24
N GLU E 282 33.43 35.96 30.19
CA GLU E 282 32.83 36.48 31.40
C GLU E 282 32.21 37.85 31.17
N LYS E 283 32.61 38.54 30.12
CA LYS E 283 32.10 39.86 29.79
C LYS E 283 30.90 39.81 28.90
N ILE E 284 30.08 38.77 29.01
CA ILE E 284 28.88 38.67 28.17
C ILE E 284 27.82 39.63 28.72
N GLY E 285 26.97 40.14 27.83
CA GLY E 285 25.92 41.06 28.19
C GLY E 285 26.32 42.52 28.29
N SER E 286 27.53 42.81 28.76
CA SER E 286 27.88 44.15 29.20
C SER E 286 28.13 45.10 28.03
N LEU E 287 28.64 46.30 28.37
CA LEU E 287 29.00 47.29 27.36
C LEU E 287 30.51 47.39 27.27
N LEU E 288 31.01 47.65 26.06
CA LEU E 288 32.44 47.72 25.85
C LEU E 288 32.73 48.52 24.59
N SER E 289 33.82 49.26 24.61
CA SER E 289 34.23 50.08 23.47
C SER E 289 35.28 49.34 22.64
N ILE E 290 34.90 48.97 21.42
CA ILE E 290 35.75 48.20 20.52
C ILE E 290 36.24 49.12 19.43
N SER E 291 37.55 49.08 19.17
CA SER E 291 38.18 49.87 18.12
C SER E 291 38.95 48.97 17.18
N GLY E 292 38.71 49.12 15.88
CA GLY E 292 39.44 48.35 14.90
C GLY E 292 39.44 48.92 13.49
N THR E 293 39.30 48.07 12.48
CA THR E 293 39.41 48.48 11.09
C THR E 293 38.35 47.78 10.24
N VAL E 294 37.54 48.55 9.54
CA VAL E 294 36.47 47.99 8.73
C VAL E 294 37.05 47.47 7.43
N THR E 295 36.65 46.26 7.04
CA THR E 295 37.03 45.67 5.77
C THR E 295 35.92 44.72 5.34
N ARG E 296 35.54 44.81 4.05
CA ARG E 296 34.51 43.98 3.43
C ARG E 296 33.15 44.17 4.12
N THR E 297 32.61 45.36 3.92
CA THR E 297 31.22 45.62 4.25
C THR E 297 30.28 44.91 3.29
N SER E 298 29.02 44.79 3.70
CA SER E 298 27.98 44.13 2.92
C SER E 298 26.87 45.13 2.61
N GLU E 299 25.77 44.64 2.05
CA GLU E 299 24.71 45.54 1.62
C GLU E 299 23.54 45.55 2.60
N VAL E 300 22.47 46.24 2.24
CA VAL E 300 21.41 46.66 3.15
C VAL E 300 20.13 45.91 2.82
N ARG E 301 19.60 45.16 3.78
CA ARG E 301 18.47 44.27 3.60
C ARG E 301 17.55 44.36 4.81
N PRO E 302 16.25 44.12 4.63
CA PRO E 302 15.29 44.26 5.74
C PRO E 302 15.30 43.08 6.71
N GLU E 303 14.38 43.14 7.66
CA GLU E 303 14.29 42.23 8.80
C GLU E 303 12.93 42.46 9.46
N LEU E 304 12.29 41.38 9.92
CA LEU E 304 10.86 41.51 10.23
C LEU E 304 10.57 42.12 11.59
N TYR E 305 10.89 41.39 12.66
CA TYR E 305 10.71 41.74 14.09
C TYR E 305 9.32 42.21 14.51
N LYS E 306 8.30 42.14 13.65
CA LYS E 306 6.92 42.53 13.99
C LYS E 306 5.99 41.59 13.21
N ALA E 307 5.57 40.52 13.87
CA ALA E 307 4.83 39.47 13.18
C ALA E 307 3.35 39.77 13.13
N SER E 308 2.71 39.30 12.06
CA SER E 308 1.25 39.21 11.98
C SER E 308 0.94 37.82 11.43
N PHE E 309 0.91 36.82 12.30
CA PHE E 309 0.91 35.42 11.86
C PHE E 309 0.00 34.62 12.77
N THR E 310 -1.12 34.14 12.21
CA THR E 310 -1.98 33.20 12.93
C THR E 310 -2.71 32.33 11.92
N CYS E 311 -3.32 31.26 12.42
CA CYS E 311 -3.85 30.21 11.57
C CYS E 311 -5.07 30.67 10.79
N ASP E 312 -5.33 29.99 9.68
CA ASP E 312 -6.43 30.37 8.78
C ASP E 312 -7.79 29.96 9.31
N MET E 313 -7.86 29.14 10.34
CA MET E 313 -9.11 28.70 10.97
C MET E 313 -9.10 29.16 12.42
N CYS E 314 -9.57 30.38 12.68
CA CYS E 314 -10.10 31.29 11.68
C CYS E 314 -9.37 32.63 11.67
N ARG E 315 -9.05 33.13 12.87
CA ARG E 315 -8.51 34.47 13.00
C ARG E 315 -7.02 34.49 12.68
N ALA E 316 -6.61 35.47 11.86
CA ALA E 316 -5.23 35.62 11.43
C ALA E 316 -4.78 37.08 11.57
N ILE E 317 -5.06 37.69 12.71
CA ILE E 317 -4.76 39.11 12.88
C ILE E 317 -3.96 39.38 14.15
N VAL E 318 -3.17 38.41 14.60
CA VAL E 318 -2.47 38.54 15.88
C VAL E 318 -1.10 39.18 15.65
N ASP E 319 -0.92 40.40 16.16
CA ASP E 319 0.41 41.00 16.23
C ASP E 319 1.17 40.38 17.40
N ASN E 320 2.46 40.16 17.22
CA ASN E 320 3.07 39.16 18.09
C ASN E 320 4.59 39.33 18.19
N VAL E 321 5.23 38.24 18.61
CA VAL E 321 6.64 37.98 18.87
C VAL E 321 7.48 37.95 17.60
N GLU E 322 8.72 37.44 17.76
CA GLU E 322 9.83 37.30 16.82
C GLU E 322 10.59 38.61 16.73
N GLN E 323 10.49 39.39 17.81
CA GLN E 323 11.51 40.39 18.09
C GLN E 323 12.86 39.71 18.31
N SER E 324 12.89 38.65 19.11
CA SER E 324 14.07 37.80 19.19
C SER E 324 14.11 36.86 18.01
N PHE E 325 15.31 36.50 17.59
CA PHE E 325 15.51 35.73 16.36
C PHE E 325 15.07 34.28 16.58
N LYS E 326 13.97 33.88 15.97
CA LYS E 326 13.59 32.47 16.01
C LYS E 326 13.51 31.79 14.64
N TYR E 327 12.77 32.29 13.62
CA TYR E 327 11.83 33.41 13.53
C TYR E 327 10.42 32.95 13.84
N THR E 328 9.92 32.04 13.01
CA THR E 328 8.62 31.43 13.22
C THR E 328 8.65 30.54 14.47
N GLU E 329 7.54 30.46 15.22
CA GLU E 329 6.21 31.07 14.99
C GLU E 329 5.51 31.36 16.33
N PRO E 330 4.30 31.91 16.26
CA PRO E 330 3.52 32.10 17.49
C PRO E 330 2.98 30.79 18.02
N THR E 331 3.13 30.61 19.34
CA THR E 331 2.92 29.31 19.98
C THR E 331 1.57 29.18 20.69
N PHE E 332 1.30 30.06 21.67
CA PHE E 332 0.19 29.87 22.59
C PHE E 332 -1.00 30.73 22.19
N CYS E 333 -2.10 30.59 22.95
CA CYS E 333 -3.40 31.25 22.78
C CYS E 333 -3.93 31.03 21.37
N PRO E 334 -3.77 29.84 20.83
CA PRO E 334 -4.10 29.63 19.41
C PRO E 334 -5.50 29.07 19.20
N ASN E 335 -6.07 29.21 18.01
CA ASN E 335 -5.63 30.16 16.99
C ASN E 335 -6.23 31.56 17.16
N PRO E 336 -7.57 31.68 17.32
CA PRO E 336 -8.84 30.96 17.41
C PRO E 336 -9.26 30.27 16.11
N SER E 337 -9.64 29.00 16.16
CA SER E 337 -9.76 28.24 17.40
C SER E 337 -8.76 27.09 17.48
N CYS E 338 -7.94 26.95 16.43
CA CYS E 338 -7.03 25.82 16.31
C CYS E 338 -5.87 25.98 17.30
N GLU E 339 -5.85 25.14 18.34
CA GLU E 339 -5.01 25.35 19.51
C GLU E 339 -3.57 24.94 19.23
N ASN E 340 -2.80 24.78 20.31
CA ASN E 340 -1.36 24.51 20.23
C ASN E 340 -1.10 23.15 19.59
N ARG E 341 -0.25 23.13 18.55
CA ARG E 341 0.58 24.26 18.14
C ARG E 341 0.30 24.76 16.73
N ALA E 342 -0.98 24.96 16.42
CA ALA E 342 -1.35 25.57 15.15
C ALA E 342 -0.92 27.03 15.11
N PHE E 343 -0.37 27.44 13.97
CA PHE E 343 0.34 28.69 13.83
C PHE E 343 0.23 29.18 12.41
N TRP E 344 1.23 29.97 11.99
CA TRP E 344 1.42 30.55 10.66
C TRP E 344 1.13 29.58 9.51
N THR E 345 0.67 30.03 8.33
CA THR E 345 0.95 31.25 7.52
C THR E 345 1.15 32.66 8.07
N LEU E 346 2.28 33.26 7.70
CA LEU E 346 2.62 34.61 8.10
C LEU E 346 2.01 35.60 7.11
N ASN E 347 2.41 36.86 7.19
CA ASN E 347 1.86 37.90 6.34
C ASN E 347 3.00 38.80 5.87
N VAL E 348 3.11 38.95 4.55
CA VAL E 348 4.19 39.72 3.95
C VAL E 348 3.75 41.14 3.59
N THR E 349 2.65 41.61 4.18
CA THR E 349 2.21 42.97 3.94
C THR E 349 1.80 43.70 5.20
N ARG E 350 1.66 43.02 6.33
CA ARG E 350 1.31 43.65 7.60
C ARG E 350 2.47 43.37 8.55
N SER E 351 3.45 44.27 8.56
CA SER E 351 4.58 44.20 9.49
C SER E 351 5.21 45.58 9.56
N ARG E 352 6.22 45.70 10.41
CA ARG E 352 7.03 46.91 10.50
C ARG E 352 8.50 46.49 10.44
N PHE E 353 9.17 46.87 9.36
CA PHE E 353 10.53 46.45 9.06
C PHE E 353 11.53 47.50 9.51
N LEU E 354 12.79 47.10 9.58
CA LEU E 354 13.89 48.05 9.51
C LEU E 354 15.04 47.33 8.81
N ASP E 355 16.09 48.08 8.51
CA ASP E 355 17.14 47.59 7.64
C ASP E 355 18.46 47.50 8.39
N TRP E 356 19.25 46.47 8.08
CA TRP E 356 20.52 46.29 8.75
C TRP E 356 21.52 45.65 7.80
N GLN E 357 22.79 45.98 8.01
CA GLN E 357 23.91 45.38 7.30
C GLN E 357 24.87 44.77 8.30
N LYS E 358 25.87 44.07 7.78
CA LYS E 358 26.79 43.29 8.59
C LYS E 358 28.22 43.55 8.12
N VAL E 359 28.87 44.54 8.71
CA VAL E 359 30.27 44.82 8.42
C VAL E 359 31.09 43.87 9.25
N ARG E 360 32.38 43.76 8.96
CA ARG E 360 33.21 42.72 9.57
C ARG E 360 34.58 43.29 9.88
N ILE E 361 34.79 43.64 11.14
CA ILE E 361 35.95 44.41 11.54
C ILE E 361 37.18 43.51 11.55
N GLN E 362 38.35 44.13 11.44
CA GLN E 362 39.64 43.46 11.42
C GLN E 362 40.57 44.22 12.36
N GLU E 363 41.43 43.49 13.07
CA GLU E 363 42.21 44.08 14.15
C GLU E 363 43.27 45.04 13.64
N ASN E 364 43.45 46.14 14.40
CA ASN E 364 44.45 47.17 14.23
C ASN E 364 45.84 46.61 13.97
N ALA E 365 46.63 47.38 13.19
CA ALA E 365 47.97 46.96 12.81
C ALA E 365 49.02 47.30 13.84
N ASN E 366 48.75 48.24 14.74
CA ASN E 366 49.74 48.68 15.70
C ASN E 366 49.54 48.09 17.07
N GLU E 367 48.91 46.92 17.15
CA GLU E 367 48.52 46.37 18.45
C GLU E 367 48.87 44.90 18.63
N ILE E 368 48.98 44.13 17.54
CA ILE E 368 48.92 42.66 17.62
C ILE E 368 50.16 42.11 18.30
N PRO E 369 50.04 41.06 19.10
CA PRO E 369 51.19 40.59 19.87
C PRO E 369 52.18 39.84 19.00
N THR E 370 53.39 40.37 18.97
CA THR E 370 54.47 39.79 18.20
C THR E 370 54.87 38.42 18.74
N GLY E 371 54.69 37.39 17.91
CA GLY E 371 54.21 37.51 16.54
C GLY E 371 53.18 36.50 16.09
N SER E 372 52.02 36.99 15.66
CA SER E 372 50.97 36.13 15.13
C SER E 372 50.23 36.89 14.03
N MET E 373 49.05 36.40 13.68
CA MET E 373 48.34 37.00 12.57
C MET E 373 47.10 37.77 13.03
N PRO E 374 46.63 38.72 12.21
CA PRO E 374 45.39 39.44 12.55
C PRO E 374 44.16 38.55 12.55
N ARG E 375 43.14 39.03 13.27
CA ARG E 375 42.03 38.23 13.78
C ARG E 375 40.73 38.94 13.46
N THR E 376 39.80 38.23 12.83
CA THR E 376 38.57 38.90 12.43
C THR E 376 37.55 38.87 13.55
N LEU E 377 36.46 39.62 13.33
CA LEU E 377 35.30 39.63 14.20
C LEU E 377 34.12 40.16 13.40
N ASP E 378 32.93 39.67 13.70
CA ASP E 378 31.73 40.12 13.04
C ASP E 378 31.01 41.14 13.92
N VAL E 379 30.20 41.99 13.31
CA VAL E 379 29.51 43.08 14.01
C VAL E 379 28.30 43.50 13.19
N ILE E 380 27.18 43.73 13.87
CA ILE E 380 25.90 44.00 13.24
C ILE E 380 25.46 45.41 13.56
N LEU E 381 24.96 46.13 12.56
CA LEU E 381 24.50 47.50 12.72
C LEU E 381 23.05 47.60 12.32
N ARG E 382 22.19 48.04 13.24
CA ARG E 382 20.78 48.24 12.95
C ARG E 382 20.39 49.70 13.06
N GLY E 383 19.36 50.08 12.31
CA GLY E 383 18.70 51.35 12.49
C GLY E 383 19.48 52.58 12.03
N ASP E 384 19.96 53.37 12.99
CA ASP E 384 20.56 54.65 12.68
C ASP E 384 21.91 54.48 12.00
N SER E 385 22.72 53.53 12.46
CA SER E 385 24.11 53.45 12.05
C SER E 385 24.32 52.62 10.79
N VAL E 386 23.29 52.49 9.95
CA VAL E 386 23.51 51.93 8.63
C VAL E 386 24.31 52.93 7.80
N GLU E 387 25.22 52.43 6.96
CA GLU E 387 25.94 53.14 5.92
C GLU E 387 27.01 54.09 6.47
N ARG E 388 27.06 54.29 7.78
CA ARG E 388 28.05 55.20 8.35
C ARG E 388 29.47 54.65 8.31
N ALA E 389 29.63 53.34 8.24
CA ALA E 389 30.96 52.75 8.16
C ALA E 389 31.59 53.02 6.79
N LYS E 390 32.89 52.81 6.71
CA LYS E 390 33.65 53.19 5.54
C LYS E 390 34.76 52.16 5.32
N PRO E 391 34.87 51.60 4.12
CA PRO E 391 35.89 50.56 3.87
C PRO E 391 37.30 51.11 3.90
N GLY E 392 38.05 50.79 4.94
CA GLY E 392 39.38 51.32 5.10
C GLY E 392 39.42 52.55 5.99
N ASP E 393 38.83 52.44 7.17
CA ASP E 393 38.86 53.52 8.13
C ASP E 393 38.64 52.91 9.51
N ARG E 394 39.06 53.64 10.53
CA ARG E 394 38.94 53.16 11.89
C ARG E 394 37.60 53.58 12.48
N CYS E 395 37.18 52.85 13.51
CA CYS E 395 35.86 53.09 14.07
C CYS E 395 35.91 52.89 15.58
N LYS E 396 34.84 53.37 16.23
CA LYS E 396 34.55 53.08 17.62
C LYS E 396 33.10 52.64 17.69
N PHE E 397 32.83 51.59 18.45
CA PHE E 397 31.53 50.95 18.42
C PHE E 397 30.85 50.99 19.80
N THR E 398 29.77 50.24 19.93
CA THR E 398 28.93 50.25 21.12
C THR E 398 28.60 48.82 21.52
N GLY E 399 28.71 48.55 22.82
CA GLY E 399 29.07 47.26 23.40
C GLY E 399 28.30 45.95 23.49
N VAL E 400 27.03 45.85 23.10
CA VAL E 400 26.14 44.89 23.76
C VAL E 400 26.41 43.37 23.62
N GLU E 401 27.10 42.93 22.55
CA GLU E 401 27.89 41.70 22.49
C GLU E 401 27.07 40.42 22.71
N ILE E 402 26.19 40.15 21.73
CA ILE E 402 25.27 39.01 21.70
C ILE E 402 26.00 37.73 21.33
N VAL E 403 25.29 36.60 21.37
CA VAL E 403 25.82 35.29 21.01
C VAL E 403 25.00 34.70 19.86
N VAL E 404 25.68 34.27 18.80
CA VAL E 404 25.08 33.77 17.56
C VAL E 404 25.21 32.25 17.48
N PRO E 405 24.16 31.52 17.08
CA PRO E 405 24.27 30.07 16.97
C PRO E 405 25.12 29.64 15.78
N ASP E 406 26.06 28.72 16.05
CA ASP E 406 27.06 28.28 15.07
C ASP E 406 26.91 26.79 14.83
N VAL E 407 27.34 26.34 13.64
CA VAL E 407 27.15 24.97 13.22
C VAL E 407 28.48 24.23 13.09
N THR E 408 29.38 24.78 12.29
CA THR E 408 30.49 24.00 11.72
C THR E 408 31.59 23.63 12.72
N GLN E 409 31.43 23.95 14.00
CA GLN E 409 32.39 23.50 15.01
C GLN E 409 31.93 22.17 15.58
N LEU E 410 32.07 21.13 14.78
CA LEU E 410 31.85 19.76 15.21
C LEU E 410 33.10 18.95 14.93
N GLY E 411 33.43 18.06 15.86
CA GLY E 411 34.69 17.36 15.78
C GLY E 411 35.81 18.34 16.02
N LEU E 412 35.72 19.07 17.11
CA LEU E 412 36.68 20.13 17.36
C LEU E 412 38.00 19.67 17.97
N PRO E 413 38.04 18.85 19.04
CA PRO E 413 37.15 17.99 19.82
C PRO E 413 36.36 18.69 20.92
N GLY E 414 35.44 17.95 21.52
CA GLY E 414 34.56 18.47 22.56
C GLY E 414 35.19 18.48 23.94
N VAL E 415 34.46 18.10 24.99
CA VAL E 415 33.11 17.55 24.91
C VAL E 415 32.02 18.62 24.95
N LYS E 416 31.25 18.67 23.94
CA LYS E 416 30.21 19.67 23.79
C LYS E 416 28.91 19.18 24.41
N PRO E 417 28.13 20.06 25.01
CA PRO E 417 26.92 19.63 25.72
C PRO E 417 25.78 19.33 24.75
N SER E 418 24.72 18.77 25.31
CA SER E 418 23.50 18.50 24.56
C SER E 418 22.31 18.61 25.51
N SER E 419 21.12 18.62 24.93
CA SER E 419 19.92 19.11 25.61
C SER E 419 18.79 18.09 25.58
N THR E 420 19.09 16.86 26.00
CA THR E 420 18.10 15.79 26.01
C THR E 420 17.03 16.08 27.05
N LEU E 421 15.79 16.27 26.61
CA LEU E 421 14.76 16.79 27.52
C LEU E 421 14.31 15.74 28.52
N ASP E 422 13.64 16.20 29.57
CA ASP E 422 13.33 15.34 30.71
C ASP E 422 12.06 14.55 30.44
N THR E 423 12.03 13.32 30.98
CA THR E 423 10.87 12.45 30.87
C THR E 423 10.53 11.80 32.21
N ARG E 424 11.10 12.31 33.30
CA ARG E 424 10.79 11.82 34.64
C ARG E 424 9.52 12.46 35.22
N GLY E 425 8.73 13.11 34.38
CA GLY E 425 7.45 13.69 34.70
C GLY E 425 6.34 12.77 34.22
N ILE E 426 5.93 12.97 32.96
CA ILE E 426 4.92 12.23 32.20
C ILE E 426 5.02 10.72 32.40
N SER E 427 3.89 10.08 32.72
CA SER E 427 3.84 8.66 33.01
C SER E 427 3.30 7.91 31.79
N LYS E 428 3.97 6.83 31.41
CA LYS E 428 3.66 6.11 30.19
C LYS E 428 2.44 5.21 30.38
N THR E 429 2.19 4.36 29.38
CA THR E 429 1.11 3.40 29.42
C THR E 429 1.66 2.02 29.75
N SER E 442 9.78 11.83 19.72
CA SER E 442 10.58 10.82 20.41
C SER E 442 11.89 11.41 20.90
N LEU E 443 12.98 11.08 20.23
CA LEU E 443 14.29 11.64 20.56
C LEU E 443 14.43 12.95 19.79
N GLY E 444 13.86 14.02 20.34
CA GLY E 444 14.02 15.33 19.75
C GLY E 444 15.14 16.11 20.41
N VAL E 445 16.24 15.42 20.70
CA VAL E 445 17.35 16.07 21.38
C VAL E 445 18.11 16.93 20.38
N ARG E 446 18.86 17.90 20.89
CA ARG E 446 19.52 18.86 20.03
C ARG E 446 20.96 19.07 20.44
N ASP E 447 21.69 19.73 19.55
CA ASP E 447 23.03 20.22 19.73
C ASP E 447 23.03 21.73 19.89
N LEU E 448 24.13 22.26 20.41
CA LEU E 448 24.28 23.71 20.53
C LEU E 448 25.76 24.06 20.61
N THR E 449 26.20 24.94 19.71
CA THR E 449 27.57 25.45 19.76
C THR E 449 27.55 26.89 19.27
N TYR E 450 28.22 27.77 19.99
CA TYR E 450 27.98 29.19 19.93
C TYR E 450 29.28 29.95 19.73
N LYS E 451 29.25 30.99 18.90
CA LYS E 451 30.42 31.84 18.70
C LYS E 451 30.07 33.29 18.97
N ILE E 452 31.06 34.02 19.50
CA ILE E 452 30.85 35.41 19.89
C ILE E 452 30.79 36.28 18.65
N SER E 453 29.65 36.91 18.45
CA SER E 453 29.54 38.03 17.53
C SER E 453 29.45 39.31 18.35
N PHE E 454 29.11 40.40 17.68
CA PHE E 454 29.03 41.68 18.36
C PHE E 454 27.90 42.48 17.74
N LEU E 455 27.25 43.30 18.56
CA LEU E 455 26.14 44.10 18.08
C LEU E 455 26.33 45.53 18.53
N ALA E 456 26.18 46.48 17.60
CA ALA E 456 26.51 47.88 17.82
C ALA E 456 25.46 48.75 17.19
N CYS E 457 25.32 49.97 17.70
CA CYS E 457 24.28 50.89 17.27
C CYS E 457 24.78 52.31 17.05
N HIS E 458 25.93 52.67 17.59
CA HIS E 458 26.54 53.98 17.38
C HIS E 458 27.90 53.79 16.72
N VAL E 459 28.09 54.47 15.59
CA VAL E 459 29.36 54.42 14.88
C VAL E 459 29.93 55.82 14.72
N ILE E 460 31.05 56.09 15.37
CA ILE E 460 31.78 57.33 15.20
C ILE E 460 33.08 57.00 14.46
N SER E 461 33.45 57.85 13.51
CA SER E 461 34.53 57.54 12.59
C SER E 461 35.82 58.30 12.91
N ILE E 462 36.16 58.47 14.18
CA ILE E 462 37.38 59.18 14.53
C ILE E 462 38.55 58.22 14.44
N GLY E 463 39.53 58.56 13.61
CA GLY E 463 40.71 57.75 13.46
C GLY E 463 41.60 58.22 12.32
N SER E 510 37.54 78.94 13.18
CA SER E 510 37.15 79.78 14.31
C SER E 510 38.36 80.54 14.86
N ASP E 511 39.07 79.92 15.80
CA ASP E 511 40.28 80.53 16.34
C ASP E 511 41.44 80.40 15.37
N GLU E 512 41.63 79.21 14.81
CA GLU E 512 42.79 78.91 13.99
C GLU E 512 42.60 79.30 12.53
N ILE E 513 41.45 79.87 12.17
CA ILE E 513 41.35 80.45 10.84
C ILE E 513 42.15 81.75 10.81
N ASN E 514 42.34 82.38 11.98
CA ASN E 514 43.31 83.46 12.10
C ASN E 514 44.72 82.95 11.85
N GLU E 515 44.99 81.72 12.27
CA GLU E 515 46.29 81.12 12.01
C GLU E 515 46.45 80.77 10.53
N LEU E 516 45.34 80.42 9.86
CA LEU E 516 45.37 80.30 8.40
C LEU E 516 45.66 81.64 7.75
N LYS E 517 45.14 82.73 8.33
CA LYS E 517 45.49 84.05 7.83
C LYS E 517 46.96 84.35 8.06
N GLU E 518 47.53 83.82 9.14
CA GLU E 518 48.98 83.94 9.32
C GLU E 518 49.75 83.05 8.36
N MET E 519 49.13 81.99 7.84
CA MET E 519 49.78 81.08 6.91
C MET E 519 49.50 81.42 5.45
N VAL E 520 48.74 82.47 5.18
CA VAL E 520 48.58 82.93 3.81
C VAL E 520 49.23 84.29 3.57
N LYS E 521 49.34 85.15 4.60
CA LYS E 521 49.88 86.48 4.38
C LYS E 521 51.39 86.49 4.30
N ASP E 522 52.04 85.40 4.65
CA ASP E 522 53.48 85.33 4.47
C ASP E 522 53.82 85.18 2.99
N GLU E 523 55.07 85.50 2.65
CA GLU E 523 55.53 85.30 1.29
C GLU E 523 56.44 84.09 1.16
N HIS E 524 57.16 83.72 2.22
CA HIS E 524 58.16 82.67 2.20
C HIS E 524 57.58 81.28 2.39
N ILE E 525 56.28 81.11 2.21
CA ILE E 525 55.60 79.85 2.56
C ILE E 525 56.03 78.69 1.66
N TYR E 526 56.46 78.99 0.43
CA TYR E 526 56.94 77.93 -0.43
C TYR E 526 58.26 77.36 0.08
N ASP E 527 59.17 78.23 0.52
CA ASP E 527 60.44 77.73 1.03
C ASP E 527 60.30 77.11 2.41
N LYS E 528 59.36 77.62 3.21
CA LYS E 528 59.08 76.98 4.50
C LYS E 528 58.50 75.58 4.31
N LEU E 529 57.60 75.43 3.33
CA LEU E 529 57.08 74.11 3.03
C LEU E 529 58.12 73.20 2.39
N VAL E 530 59.15 73.77 1.76
CA VAL E 530 60.25 72.91 1.30
C VAL E 530 61.07 72.42 2.48
N ARG E 531 61.50 73.33 3.35
CA ARG E 531 62.48 72.99 4.37
C ARG E 531 61.91 72.19 5.54
N SER E 532 60.61 71.88 5.54
CA SER E 532 59.96 71.33 6.72
C SER E 532 59.10 70.11 6.41
N ILE E 533 59.59 69.20 5.60
CA ILE E 533 58.82 67.99 5.33
C ILE E 533 59.35 66.82 6.14
N ALA E 534 60.57 66.42 5.89
CA ALA E 534 61.07 65.26 6.62
C ALA E 534 62.40 65.62 7.25
N PRO E 535 62.44 65.83 8.56
CA PRO E 535 63.68 66.30 9.20
C PRO E 535 64.74 65.24 9.28
N ALA E 536 64.37 63.96 9.22
CA ALA E 536 65.35 62.89 9.30
C ALA E 536 66.14 62.80 8.02
N VAL E 537 65.54 63.17 6.90
CA VAL E 537 66.25 63.20 5.63
C VAL E 537 67.17 64.41 5.63
N PHE E 538 68.42 64.20 5.24
CA PHE E 538 69.37 65.28 5.03
C PHE E 538 69.92 65.16 3.63
N GLY E 539 69.70 66.17 2.80
CA GLY E 539 70.22 66.14 1.46
C GLY E 539 69.46 66.98 0.46
N HIS E 540 69.28 66.44 -0.74
CA HIS E 540 68.67 67.17 -1.83
C HIS E 540 67.18 67.37 -1.58
N GLU E 541 66.58 68.26 -2.36
CA GLU E 541 65.27 68.80 -2.05
C GLU E 541 64.22 68.54 -3.11
N ALA E 542 64.62 68.07 -4.30
CA ALA E 542 63.70 67.98 -5.42
C ALA E 542 62.65 66.89 -5.21
N VAL E 543 63.02 65.83 -4.50
CA VAL E 543 62.05 64.78 -4.21
C VAL E 543 61.07 65.24 -3.14
N LYS E 544 61.51 66.15 -2.28
CA LYS E 544 60.61 66.70 -1.28
C LYS E 544 59.61 67.65 -1.93
N LYS E 545 60.07 68.42 -2.91
CA LYS E 545 59.17 69.22 -3.73
C LYS E 545 58.21 68.34 -4.50
N GLY E 546 58.68 67.19 -4.98
CA GLY E 546 57.81 66.29 -5.73
C GLY E 546 56.73 65.67 -4.86
N ILE E 547 57.08 65.28 -3.63
CA ILE E 547 56.09 64.77 -2.70
C ILE E 547 55.07 65.86 -2.35
N LEU E 548 55.55 67.08 -2.14
CA LEU E 548 54.66 68.20 -1.83
C LEU E 548 53.72 68.51 -2.99
N LEU E 549 54.20 68.33 -4.22
CA LEU E 549 53.31 68.53 -5.35
C LEU E 549 52.34 67.38 -5.52
N GLN E 550 52.68 66.18 -5.08
CA GLN E 550 51.67 65.12 -5.15
C GLN E 550 50.61 65.27 -4.08
N MET E 551 50.94 65.88 -2.96
CA MET E 551 49.94 66.01 -1.91
C MET E 551 48.95 67.13 -2.16
N LEU E 552 49.10 67.87 -3.27
CA LEU E 552 48.12 68.88 -3.70
C LEU E 552 47.81 68.56 -5.14
N GLY E 553 46.62 68.02 -5.39
CA GLY E 553 46.28 67.50 -6.70
C GLY E 553 46.09 68.58 -7.76
N GLY E 554 45.72 68.11 -8.95
CA GLY E 554 45.41 69.01 -10.05
C GLY E 554 44.00 69.56 -9.96
N VAL E 555 43.39 69.72 -11.13
CA VAL E 555 42.02 70.20 -11.18
C VAL E 555 41.02 69.10 -11.48
N HIS E 556 41.44 68.04 -12.20
CA HIS E 556 40.70 66.86 -12.63
C HIS E 556 39.28 67.12 -13.12
N LYS E 557 39.07 68.26 -13.78
CA LYS E 557 37.74 68.65 -14.22
C LYS E 557 37.38 67.96 -15.52
N SER E 558 36.10 67.94 -15.84
CA SER E 558 35.65 67.27 -17.05
C SER E 558 35.94 68.13 -18.27
N THR E 559 35.77 67.54 -19.44
CA THR E 559 35.84 68.27 -20.69
C THR E 559 34.53 68.10 -21.44
N VAL E 560 34.43 68.78 -22.57
CA VAL E 560 33.40 68.44 -23.55
C VAL E 560 33.93 67.31 -24.44
N GLU E 561 33.13 66.26 -24.61
CA GLU E 561 31.82 66.09 -23.97
C GLU E 561 31.74 65.40 -22.57
N GLY E 562 32.36 64.23 -22.28
CA GLY E 562 33.23 63.42 -23.12
C GLY E 562 34.37 62.82 -22.32
N ILE E 563 35.58 62.91 -22.86
CA ILE E 563 36.76 62.37 -22.18
C ILE E 563 37.26 63.40 -21.18
N LYS E 564 37.28 63.05 -19.90
CA LYS E 564 37.80 63.97 -18.90
C LYS E 564 39.32 64.09 -19.01
N LEU E 565 39.87 65.08 -18.34
CA LEU E 565 41.31 65.30 -18.31
C LEU E 565 41.89 64.83 -16.99
N ARG E 566 43.01 64.14 -17.07
CA ARG E 566 43.83 63.91 -15.89
C ARG E 566 44.79 65.10 -15.73
N GLY E 567 44.85 65.66 -14.53
CA GLY E 567 44.32 65.05 -13.33
C GLY E 567 45.41 65.00 -12.30
N ASP E 568 45.91 63.80 -12.05
CA ASP E 568 46.84 63.55 -10.96
C ASP E 568 48.25 63.45 -11.52
N ILE E 569 49.25 63.50 -10.63
CA ILE E 569 50.64 63.54 -11.03
C ILE E 569 51.37 62.33 -10.46
N ASN E 570 52.36 61.83 -11.19
CA ASN E 570 52.99 60.54 -10.90
C ASN E 570 54.52 60.64 -10.93
N ILE E 571 55.10 60.88 -9.77
CA ILE E 571 56.54 60.91 -9.57
C ILE E 571 57.00 59.50 -9.21
N CYS E 572 58.02 59.01 -9.92
CA CYS E 572 58.47 57.63 -9.76
C CYS E 572 59.98 57.59 -9.58
N VAL E 573 60.42 57.33 -8.35
CA VAL E 573 61.83 57.42 -7.99
C VAL E 573 62.56 56.19 -8.50
N VAL E 574 63.60 56.41 -9.29
CA VAL E 574 64.52 55.36 -9.72
C VAL E 574 65.88 55.66 -9.14
N GLY E 575 66.45 54.72 -8.40
CA GLY E 575 67.72 55.04 -7.80
C GLY E 575 68.53 53.82 -7.39
N ASP E 576 69.75 54.12 -6.99
CA ASP E 576 70.67 53.15 -6.44
C ASP E 576 70.11 52.56 -5.15
N PRO E 577 70.43 51.32 -4.82
CA PRO E 577 70.36 50.91 -3.42
C PRO E 577 71.44 51.59 -2.59
N SER E 578 71.28 51.46 -1.27
CA SER E 578 71.96 52.29 -0.27
C SER E 578 71.75 53.77 -0.57
N THR E 579 70.48 54.16 -0.56
CA THR E 579 70.08 55.53 -0.80
C THR E 579 69.04 56.00 0.21
N SER E 580 68.46 55.08 0.99
CA SER E 580 67.34 55.33 1.91
C SER E 580 66.15 55.94 1.17
N LYS E 581 65.83 55.37 0.01
CA LYS E 581 64.64 55.79 -0.70
C LYS E 581 63.37 55.28 -0.02
N SER E 582 63.48 54.27 0.84
CA SER E 582 62.31 53.78 1.55
C SER E 582 61.85 54.72 2.64
N GLN E 583 62.72 55.61 3.11
CA GLN E 583 62.35 56.50 4.20
C GLN E 583 61.41 57.60 3.73
N PHE E 584 61.48 57.94 2.44
CA PHE E 584 60.50 58.85 1.85
C PHE E 584 59.12 58.25 1.92
N LEU E 585 59.00 56.99 1.54
CA LEU E 585 57.71 56.31 1.57
C LEU E 585 57.26 56.05 2.99
N LYS E 586 58.20 55.83 3.90
CA LYS E 586 57.86 55.67 5.31
C LYS E 586 57.26 56.95 5.86
N TYR E 587 57.79 58.10 5.45
CA TYR E 587 57.22 59.36 5.92
C TYR E 587 55.89 59.64 5.25
N VAL E 588 55.75 59.30 3.97
CA VAL E 588 54.53 59.62 3.23
C VAL E 588 53.37 58.78 3.75
N VAL E 589 53.56 57.47 3.88
CA VAL E 589 52.47 56.64 4.39
C VAL E 589 52.34 56.82 5.90
N GLY E 590 53.38 57.36 6.55
CA GLY E 590 53.25 57.67 7.96
C GLY E 590 52.53 58.96 8.23
N PHE E 591 52.33 59.80 7.22
CA PHE E 591 51.75 61.11 7.45
C PHE E 591 50.38 61.32 6.82
N ALA E 592 50.23 61.11 5.52
CA ALA E 592 49.04 61.58 4.83
C ALA E 592 47.85 60.66 5.07
N PRO E 593 46.63 61.17 4.95
CA PRO E 593 45.46 60.29 4.90
C PRO E 593 45.34 59.65 3.53
N ARG E 594 44.48 58.62 3.47
CA ARG E 594 44.23 57.82 2.27
C ARG E 594 45.53 57.24 1.70
N SER E 595 46.32 56.65 2.57
CA SER E 595 47.63 56.13 2.21
C SER E 595 47.66 54.62 2.43
N VAL E 596 48.15 53.90 1.43
CA VAL E 596 48.34 52.46 1.50
C VAL E 596 49.77 52.15 1.11
N TYR E 597 50.55 51.62 2.04
CA TYR E 597 51.87 51.13 1.69
C TYR E 597 51.78 49.70 1.23
N THR E 598 52.48 49.39 0.16
CA THR E 598 52.69 48.00 -0.24
C THR E 598 54.12 47.84 -0.72
N SER E 599 54.78 46.81 -0.20
CA SER E 599 56.09 46.38 -0.69
C SER E 599 55.82 45.20 -1.62
N GLY E 600 55.42 45.53 -2.84
CA GLY E 600 54.90 44.51 -3.72
C GLY E 600 55.91 43.54 -4.28
N LYS E 601 55.93 42.36 -3.71
CA LYS E 601 56.32 41.10 -4.34
C LYS E 601 55.32 40.00 -4.04
N ALA E 602 54.82 39.95 -2.82
CA ALA E 602 53.64 39.15 -2.49
C ALA E 602 52.39 40.04 -2.60
N SER E 603 52.13 40.47 -3.83
CA SER E 603 51.05 41.43 -4.05
C SER E 603 49.65 40.78 -3.96
N SER E 604 49.36 39.62 -4.59
CA SER E 604 50.03 38.91 -5.67
C SER E 604 49.40 39.27 -7.00
N ALA E 605 48.13 38.91 -7.15
CA ALA E 605 47.36 39.28 -8.34
C ALA E 605 46.11 40.07 -7.99
N ALA E 606 45.26 39.54 -7.11
CA ALA E 606 44.08 40.28 -6.66
C ALA E 606 43.75 39.81 -5.24
N GLY E 607 44.29 40.51 -4.24
CA GLY E 607 45.38 41.46 -4.38
C GLY E 607 45.03 42.92 -4.59
N LEU E 608 45.24 43.37 -5.81
CA LEU E 608 45.06 44.77 -6.18
C LEU E 608 43.71 45.02 -6.84
N THR E 609 42.78 44.07 -6.73
CA THR E 609 41.53 44.12 -7.48
C THR E 609 40.45 43.60 -6.53
N ALA E 610 39.28 43.24 -7.06
CA ALA E 610 38.26 42.54 -6.29
C ALA E 610 38.57 41.05 -6.24
N ALA E 611 37.69 40.27 -5.63
CA ALA E 611 37.97 38.83 -5.54
C ALA E 611 37.15 37.96 -6.49
N VAL E 612 35.81 38.04 -6.60
CA VAL E 612 34.80 38.64 -5.73
C VAL E 612 34.49 37.56 -4.70
N VAL E 613 34.06 37.92 -3.50
CA VAL E 613 33.87 36.94 -2.44
C VAL E 613 32.43 36.45 -2.47
N ARG E 614 32.27 35.17 -2.80
CA ARG E 614 30.99 34.49 -2.83
C ARG E 614 31.22 33.09 -2.28
N ASP E 615 30.50 32.70 -1.25
CA ASP E 615 29.32 33.41 -0.77
C ASP E 615 29.41 33.65 0.73
N GLU E 616 28.59 34.58 1.23
CA GLU E 616 28.38 34.74 2.67
C GLU E 616 27.16 33.95 3.13
N GLU E 617 25.98 34.30 2.64
CA GLU E 617 24.76 33.53 2.86
C GLU E 617 23.71 33.81 1.78
N GLY E 618 23.63 32.93 0.79
CA GLY E 618 22.60 33.04 -0.22
C GLY E 618 22.70 34.20 -1.19
N GLY E 619 23.70 34.18 -2.08
CA GLY E 619 23.80 35.17 -3.15
C GLY E 619 24.44 36.47 -2.73
N ASP E 620 25.68 36.41 -2.25
CA ASP E 620 26.28 37.57 -1.59
C ASP E 620 26.89 38.55 -2.58
N TYR E 621 27.64 38.03 -3.57
CA TYR E 621 28.48 38.75 -4.53
C TYR E 621 29.33 39.85 -3.91
N THR E 622 29.78 39.65 -2.67
CA THR E 622 30.38 40.72 -1.89
C THR E 622 31.82 41.00 -2.35
N ILE E 623 32.09 42.27 -2.64
CA ILE E 623 33.34 42.70 -3.23
C ILE E 623 34.32 43.02 -2.11
N GLU E 624 35.59 42.62 -2.27
CA GLU E 624 36.61 42.91 -1.28
C GLU E 624 37.09 44.35 -1.42
N ALA E 625 38.23 44.69 -0.81
CA ALA E 625 38.51 46.10 -0.53
C ALA E 625 38.94 46.87 -1.80
N GLY E 626 39.85 46.37 -2.65
CA GLY E 626 41.01 45.52 -2.42
C GLY E 626 42.15 46.48 -2.07
N ALA E 627 43.38 46.20 -2.52
CA ALA E 627 44.50 47.02 -2.04
C ALA E 627 44.69 48.29 -2.86
N LEU E 628 44.57 48.21 -4.18
CA LEU E 628 44.75 49.38 -5.01
C LEU E 628 43.59 50.36 -4.92
N MET E 629 42.39 49.89 -4.56
CA MET E 629 41.21 50.70 -4.73
C MET E 629 40.85 51.51 -3.48
N LEU E 630 41.24 51.07 -2.30
CA LEU E 630 40.84 51.83 -1.11
C LEU E 630 41.68 53.08 -0.90
N ALA E 631 42.73 53.28 -1.69
CA ALA E 631 43.51 54.51 -1.61
C ALA E 631 43.00 55.55 -2.60
N ASP E 632 41.70 55.80 -2.58
CA ASP E 632 41.10 56.71 -3.52
C ASP E 632 41.22 58.15 -3.01
N ASN E 633 41.56 59.06 -3.92
CA ASN E 633 42.00 60.43 -3.62
C ASN E 633 43.14 60.42 -2.61
N GLY E 634 44.11 59.55 -2.87
CA GLY E 634 45.25 59.42 -1.99
C GLY E 634 46.48 58.94 -2.71
N ILE E 635 47.51 58.58 -1.96
CA ILE E 635 48.80 58.20 -2.52
C ILE E 635 48.97 56.71 -2.34
N CYS E 636 48.79 55.96 -3.42
CA CYS E 636 49.04 54.54 -3.41
C CYS E 636 50.48 54.32 -3.83
N CYS E 637 51.33 53.96 -2.88
CA CYS E 637 52.77 53.88 -3.10
C CYS E 637 53.22 52.43 -3.25
N ILE E 638 53.94 52.14 -4.32
CA ILE E 638 54.29 50.79 -4.72
C ILE E 638 55.81 50.69 -4.80
N ASP E 639 56.37 49.61 -4.28
CA ASP E 639 57.80 49.35 -4.43
C ASP E 639 58.06 48.33 -5.53
N GLU E 640 59.19 48.50 -6.20
CA GLU E 640 59.91 47.44 -6.92
C GLU E 640 59.06 46.85 -8.05
N PHE E 641 58.85 47.68 -9.08
CA PHE E 641 58.14 47.25 -10.28
C PHE E 641 58.76 46.03 -10.94
N ASP E 642 60.10 45.94 -10.93
CA ASP E 642 60.79 44.90 -11.69
C ASP E 642 60.56 43.51 -11.11
N LYS E 643 60.42 43.42 -9.79
CA LYS E 643 60.17 42.14 -9.17
C LYS E 643 58.73 41.66 -9.33
N MET E 644 57.87 42.46 -9.95
CA MET E 644 56.48 42.07 -10.15
C MET E 644 56.23 41.74 -11.61
N ASP E 645 55.32 40.80 -11.83
CA ASP E 645 55.20 40.13 -13.11
C ASP E 645 54.24 40.88 -14.02
N ILE E 646 53.85 40.26 -15.12
CA ILE E 646 53.27 41.02 -16.24
C ILE E 646 51.80 41.37 -16.03
N SER E 647 51.03 40.50 -15.39
CA SER E 647 49.61 40.77 -15.20
C SER E 647 49.38 41.92 -14.23
N ASP E 648 50.30 42.08 -13.27
CA ASP E 648 50.38 43.30 -12.48
C ASP E 648 50.54 44.52 -13.38
N GLN E 649 51.44 44.43 -14.36
CA GLN E 649 51.70 45.58 -15.22
C GLN E 649 50.50 45.88 -16.11
N VAL E 650 49.74 44.85 -16.47
CA VAL E 650 48.47 45.08 -17.16
C VAL E 650 47.49 45.81 -16.24
N ALA E 651 47.42 45.42 -14.98
CA ALA E 651 46.48 46.05 -14.05
C ALA E 651 46.86 47.50 -13.76
N ILE E 652 48.16 47.78 -13.72
CA ILE E 652 48.60 49.15 -13.48
C ILE E 652 48.34 50.01 -14.70
N HIS E 653 48.63 49.48 -15.89
CA HIS E 653 48.44 50.26 -17.12
C HIS E 653 46.96 50.52 -17.38
N GLU E 654 46.12 49.54 -17.11
CA GLU E 654 44.67 49.74 -17.20
C GLU E 654 44.19 50.70 -16.13
N ALA E 655 44.81 50.68 -14.96
CA ALA E 655 44.42 51.61 -13.90
C ALA E 655 45.01 52.99 -14.07
N MET E 656 45.84 53.21 -15.09
CA MET E 656 46.30 54.56 -15.39
C MET E 656 45.75 55.11 -16.69
N GLU E 657 45.21 54.27 -17.56
CA GLU E 657 44.66 54.76 -18.81
C GLU E 657 43.14 54.90 -18.74
N GLN E 658 42.44 53.82 -18.41
CA GLN E 658 40.99 53.80 -18.40
C GLN E 658 40.41 54.66 -17.28
N GLN E 659 41.17 54.84 -16.19
CA GLN E 659 40.76 55.31 -14.87
C GLN E 659 39.70 54.42 -14.21
N THR E 660 39.48 53.21 -14.74
CA THR E 660 38.52 52.26 -14.23
C THR E 660 39.23 50.92 -14.04
N ILE E 661 38.45 49.93 -13.59
CA ILE E 661 38.89 48.54 -13.52
C ILE E 661 37.75 47.67 -14.03
N SER E 662 38.03 46.85 -15.04
CA SER E 662 37.09 45.86 -15.51
C SER E 662 37.40 44.50 -14.88
N ILE E 663 36.36 43.74 -14.57
CA ILE E 663 36.46 42.50 -13.81
C ILE E 663 35.46 41.49 -14.36
N ALA E 664 35.95 40.29 -14.71
CA ALA E 664 35.08 39.13 -14.91
C ALA E 664 35.78 37.97 -14.19
N LYS E 665 35.49 37.83 -12.89
CA LYS E 665 36.17 36.87 -12.03
C LYS E 665 35.17 35.84 -11.53
N ALA E 666 34.96 34.81 -12.36
CA ALA E 666 34.26 33.58 -12.01
C ALA E 666 32.83 33.83 -11.55
N GLY E 667 32.01 34.30 -12.49
CA GLY E 667 30.64 34.58 -12.13
C GLY E 667 30.23 36.02 -12.39
N ILE E 668 30.10 36.77 -11.29
CA ILE E 668 29.51 38.11 -11.29
C ILE E 668 30.41 39.05 -12.10
N HIS E 669 29.89 39.52 -13.22
CA HIS E 669 30.56 40.52 -14.03
C HIS E 669 30.37 41.90 -13.41
N ALA E 670 31.42 42.70 -13.43
CA ALA E 670 31.35 43.99 -12.74
C ALA E 670 32.39 44.95 -13.29
N THR E 671 32.26 46.22 -12.91
CA THR E 671 33.24 47.27 -13.15
C THR E 671 33.39 48.09 -11.88
N LEU E 672 34.52 48.77 -11.75
CA LEU E 672 34.82 49.57 -10.57
C LEU E 672 35.50 50.86 -11.01
N ASN E 673 36.04 51.61 -10.05
CA ASN E 673 36.72 52.88 -10.33
C ASN E 673 37.90 53.07 -9.38
N ALA E 674 38.87 53.86 -9.83
CA ALA E 674 40.04 54.18 -9.03
C ALA E 674 40.65 55.49 -9.51
N ARG E 675 40.90 56.41 -8.58
CA ARG E 675 41.47 57.73 -8.86
C ARG E 675 42.62 57.95 -7.89
N THR E 676 43.82 57.49 -8.26
CA THR E 676 44.94 57.45 -7.34
C THR E 676 46.14 58.21 -7.90
N SER E 677 47.12 58.41 -7.04
CA SER E 677 48.46 58.82 -7.43
C SER E 677 49.43 57.70 -7.09
N ILE E 678 50.43 57.50 -7.95
CA ILE E 678 51.34 56.37 -7.83
C ILE E 678 52.74 56.90 -7.60
N LEU E 679 53.38 56.45 -6.54
CA LEU E 679 54.77 56.78 -6.25
C LEU E 679 55.54 55.47 -6.26
N ALA E 680 56.55 55.36 -7.13
CA ALA E 680 57.25 54.12 -7.34
C ALA E 680 58.71 54.22 -6.93
N ALA E 681 59.27 53.08 -6.53
CA ALA E 681 60.67 53.01 -6.10
C ALA E 681 61.29 51.79 -6.75
N ALA E 682 61.87 51.97 -7.93
CA ALA E 682 62.44 50.85 -8.66
C ALA E 682 63.92 50.69 -8.35
N ASN E 683 64.55 49.76 -9.06
CA ASN E 683 65.98 49.53 -8.99
C ASN E 683 66.55 49.32 -10.38
N PRO E 684 67.82 49.67 -10.62
CA PRO E 684 68.38 49.48 -11.96
C PRO E 684 68.59 48.03 -12.32
N VAL E 685 69.04 47.78 -13.55
CA VAL E 685 69.37 46.42 -13.96
C VAL E 685 70.69 45.98 -13.34
N GLY E 686 71.75 46.74 -13.59
CA GLY E 686 73.02 46.47 -12.97
C GLY E 686 73.14 46.92 -11.55
N GLY E 687 72.13 47.62 -11.03
CA GLY E 687 72.15 48.14 -9.68
C GLY E 687 72.83 49.48 -9.52
N ARG E 688 73.62 49.91 -10.49
CA ARG E 688 74.35 51.17 -10.41
C ARG E 688 74.25 51.85 -11.77
N TYR E 689 75.10 52.83 -12.01
CA TYR E 689 75.27 53.44 -13.31
C TYR E 689 76.70 53.20 -13.78
N ASN E 690 76.92 52.76 -15.05
CA ASN E 690 76.15 52.87 -16.32
C ASN E 690 75.63 54.28 -16.62
N ARG E 691 76.48 55.26 -16.32
CA ARG E 691 76.25 56.61 -16.80
C ARG E 691 76.25 56.65 -18.32
N LYS E 692 77.09 55.82 -18.94
CA LYS E 692 77.26 55.80 -20.38
C LYS E 692 76.06 55.22 -21.12
N LEU E 693 75.20 54.48 -20.43
CA LEU E 693 74.00 53.98 -21.08
C LEU E 693 72.94 55.07 -21.16
N SER E 694 71.88 54.77 -21.89
CA SER E 694 70.68 55.59 -21.81
C SER E 694 69.94 55.22 -20.54
N LEU E 695 69.00 56.09 -20.16
CA LEU E 695 68.17 55.79 -18.99
C LEU E 695 67.26 54.61 -19.23
N ARG E 696 66.83 54.41 -20.48
CA ARG E 696 65.84 53.39 -20.79
C ARG E 696 66.42 51.98 -20.67
N GLY E 697 67.74 51.85 -20.70
CA GLY E 697 68.35 50.55 -20.50
C GLY E 697 68.42 50.13 -19.04
N ASN E 698 67.97 51.00 -18.14
CA ASN E 698 68.13 50.72 -16.72
C ASN E 698 66.79 50.41 -16.05
N LEU E 699 65.69 50.60 -16.76
CA LEU E 699 64.38 50.45 -16.13
C LEU E 699 64.00 49.00 -15.95
N ASN E 700 64.22 48.15 -16.96
CA ASN E 700 63.78 46.76 -17.01
C ASN E 700 62.27 46.64 -16.83
N MET E 701 61.50 47.62 -17.31
CA MET E 701 60.06 47.49 -17.37
C MET E 701 59.60 47.79 -18.78
N THR E 702 58.32 47.54 -19.03
CA THR E 702 57.81 47.59 -20.39
C THR E 702 57.72 49.04 -20.88
N ALA E 703 57.48 49.19 -22.18
CA ALA E 703 57.46 50.52 -22.78
C ALA E 703 56.23 51.36 -22.45
N PRO E 704 54.97 50.90 -22.63
CA PRO E 704 53.86 51.88 -22.53
C PRO E 704 53.54 52.34 -21.12
N ILE E 705 54.13 51.77 -20.08
CA ILE E 705 53.98 52.38 -18.75
C ILE E 705 55.15 53.28 -18.41
N MET E 706 56.22 53.26 -19.21
CA MET E 706 57.27 54.26 -19.05
C MET E 706 56.79 55.62 -19.51
N SER E 707 55.91 55.66 -20.51
CA SER E 707 55.49 56.92 -21.11
C SER E 707 54.62 57.76 -20.19
N ARG E 708 53.95 57.14 -19.23
CA ARG E 708 52.99 57.86 -18.41
C ARG E 708 53.67 58.69 -17.32
N PHE E 709 54.77 58.19 -16.77
CA PHE E 709 55.34 58.73 -15.54
C PHE E 709 56.13 60.02 -15.79
N ASP E 710 55.93 60.99 -14.91
CA ASP E 710 56.62 62.28 -14.97
C ASP E 710 56.82 62.80 -13.56
N LEU E 711 58.07 62.92 -13.11
CA LEU E 711 59.26 62.60 -13.89
C LEU E 711 60.12 61.70 -13.00
N PHE E 712 61.37 61.45 -13.36
CA PHE E 712 62.03 60.20 -12.99
C PHE E 712 62.96 60.29 -11.79
N PHE E 713 63.69 61.40 -11.63
CA PHE E 713 64.47 61.71 -10.41
C PHE E 713 65.54 60.66 -10.10
N VAL E 714 66.57 60.64 -10.95
CA VAL E 714 67.74 59.83 -10.68
C VAL E 714 68.45 60.36 -9.44
N ILE E 715 68.93 59.46 -8.58
CA ILE E 715 69.77 59.84 -7.46
C ILE E 715 71.06 59.03 -7.50
N LEU E 716 72.20 59.71 -7.44
CA LEU E 716 73.48 59.07 -7.17
C LEU E 716 74.33 60.05 -6.37
N ASP E 717 75.14 59.53 -5.46
CA ASP E 717 75.96 60.36 -4.58
C ASP E 717 77.45 60.09 -4.77
N ASP E 718 78.24 61.12 -4.51
CA ASP E 718 79.69 61.09 -4.65
C ASP E 718 80.37 61.36 -3.32
N CYS E 719 81.69 61.50 -3.36
CA CYS E 719 82.48 61.82 -2.19
C CYS E 719 82.87 63.30 -2.22
N ASN E 720 82.53 64.01 -1.14
CA ASN E 720 82.85 65.42 -0.99
C ASN E 720 82.77 65.73 0.50
N GLU E 721 83.88 66.18 1.08
CA GLU E 721 84.10 66.07 2.51
C GLU E 721 83.20 66.99 3.32
N LYS E 722 82.74 68.10 2.73
CA LYS E 722 81.75 68.94 3.37
C LYS E 722 80.43 68.18 3.53
N ILE E 723 79.97 67.57 2.43
CA ILE E 723 78.78 66.73 2.44
C ILE E 723 78.97 65.53 3.35
N ASP E 724 80.21 65.01 3.43
CA ASP E 724 80.49 63.85 4.26
C ASP E 724 80.35 64.18 5.75
N THR E 725 81.00 65.25 6.21
CA THR E 725 80.93 65.57 7.63
C THR E 725 79.57 66.11 8.03
N GLU E 726 78.89 66.80 7.11
CA GLU E 726 77.53 67.25 7.40
C GLU E 726 76.56 66.07 7.54
N LEU E 727 76.64 65.09 6.63
CA LEU E 727 75.81 63.91 6.74
C LEU E 727 76.12 63.11 7.99
N ALA E 728 77.41 62.92 8.30
CA ALA E 728 77.79 62.08 9.44
C ALA E 728 77.40 62.74 10.75
N SER E 729 77.64 64.04 10.88
CA SER E 729 77.24 64.75 12.09
C SER E 729 75.73 64.79 12.23
N HIS E 730 75.01 64.87 11.10
CA HIS E 730 73.56 64.89 11.16
C HIS E 730 72.98 63.54 11.57
N ILE E 731 73.54 62.44 11.05
CA ILE E 731 73.03 61.12 11.40
C ILE E 731 73.34 60.80 12.86
N VAL E 732 74.55 61.12 13.31
CA VAL E 732 74.88 60.86 14.72
C VAL E 732 74.06 61.78 15.63
N ASP E 733 73.70 62.97 15.17
CA ASP E 733 72.77 63.78 15.93
C ASP E 733 71.36 63.22 15.94
N LEU E 734 70.93 62.55 14.87
CA LEU E 734 69.61 61.94 14.86
C LEU E 734 69.52 60.77 15.84
N HIS E 735 70.61 60.00 15.95
CA HIS E 735 70.67 58.92 16.92
C HIS E 735 71.06 59.40 18.29
N MET E 736 71.16 60.72 18.47
CA MET E 736 71.00 61.31 19.78
C MET E 736 69.54 61.67 19.98
N LYS E 737 69.02 61.31 21.15
CA LYS E 737 67.74 61.87 21.56
C LYS E 737 67.92 63.31 22.03
N ARG E 738 69.14 63.68 22.42
CA ARG E 738 69.54 65.05 22.66
C ARG E 738 70.69 65.35 21.72
N ASP E 739 70.41 66.00 20.58
CA ASP E 739 69.14 66.67 20.32
C ASP E 739 68.26 66.01 19.26
N GLU E 740 66.96 66.05 19.52
CA GLU E 740 65.93 65.83 18.50
C GLU E 740 65.40 67.14 17.95
N ALA E 741 66.06 68.26 18.27
CA ALA E 741 65.48 69.58 18.13
C ALA E 741 65.93 70.31 16.87
N ILE E 742 66.05 69.58 15.76
CA ILE E 742 66.09 70.23 14.46
C ILE E 742 64.65 70.56 14.10
N GLU E 743 64.22 71.73 14.53
CA GLU E 743 62.78 71.93 14.60
C GLU E 743 62.30 72.72 13.41
N PRO E 744 61.29 72.22 12.72
CA PRO E 744 60.83 72.85 11.50
C PRO E 744 60.10 74.15 11.81
N PRO E 745 60.09 75.09 10.86
CA PRO E 745 59.37 76.35 11.09
C PRO E 745 57.85 76.19 11.13
N PHE E 746 57.32 75.09 10.63
CA PHE E 746 55.91 74.74 10.78
C PHE E 746 55.81 73.53 11.68
N SER E 747 54.78 73.49 12.51
CA SER E 747 54.57 72.30 13.33
C SER E 747 53.94 71.19 12.48
N ALA E 748 53.70 70.05 13.13
CA ALA E 748 53.32 68.84 12.40
C ALA E 748 51.90 68.94 11.86
N GLU E 749 50.95 69.34 12.70
CA GLU E 749 49.55 69.24 12.30
C GLU E 749 49.08 70.41 11.46
N GLN E 750 49.65 71.59 11.64
CA GLN E 750 49.12 72.77 10.96
C GLN E 750 49.45 72.76 9.47
N LEU E 751 50.48 72.02 9.06
CA LEU E 751 50.68 71.72 7.66
C LEU E 751 49.52 70.90 7.11
N ARG E 752 49.13 69.86 7.86
CA ARG E 752 48.02 69.00 7.46
C ARG E 752 46.71 69.78 7.42
N ARG E 753 46.58 70.76 8.30
CA ARG E 753 45.45 71.67 8.21
C ARG E 753 45.57 72.56 6.99
N TYR E 754 46.80 72.90 6.60
CA TYR E 754 47.00 73.81 5.48
C TYR E 754 46.69 73.14 4.16
N ILE E 755 46.84 71.83 4.08
CA ILE E 755 46.48 71.10 2.87
C ILE E 755 44.97 71.16 2.68
N LYS E 756 44.22 71.08 3.77
CA LYS E 756 42.77 71.01 3.68
C LYS E 756 42.18 72.33 3.20
N TYR E 757 42.78 73.45 3.60
CA TYR E 757 42.34 74.72 3.07
C TYR E 757 42.85 74.93 1.65
N ALA E 758 44.07 74.44 1.37
CA ALA E 758 44.67 74.66 0.06
C ALA E 758 43.98 73.83 -1.02
N ARG E 759 43.22 72.81 -0.62
CA ARG E 759 42.55 71.97 -1.60
C ARG E 759 41.39 72.70 -2.27
N THR E 760 40.83 73.71 -1.61
CA THR E 760 39.48 74.17 -1.95
C THR E 760 39.46 75.23 -3.06
N PHE E 761 40.61 75.56 -3.64
CA PHE E 761 40.68 76.77 -4.47
C PHE E 761 40.07 76.56 -5.86
N LYS E 762 40.55 75.56 -6.60
CA LYS E 762 40.18 75.32 -8.00
C LYS E 762 40.33 76.57 -8.90
N PRO E 763 41.58 76.89 -9.27
CA PRO E 763 41.77 78.07 -10.14
C PRO E 763 41.67 77.73 -11.62
N ILE E 764 41.13 78.67 -12.40
CA ILE E 764 41.24 78.67 -13.85
C ILE E 764 42.05 79.89 -14.24
N LEU E 765 43.13 79.68 -15.00
CA LEU E 765 44.04 80.77 -15.31
C LEU E 765 43.44 81.73 -16.32
N THR E 766 43.68 83.02 -16.11
CA THR E 766 43.23 84.09 -17.00
C THR E 766 44.43 84.93 -17.42
N LYS E 767 45.41 84.27 -18.03
CA LYS E 767 46.65 84.91 -18.42
C LYS E 767 46.92 84.69 -19.90
N GLU E 768 47.31 85.78 -20.58
CA GLU E 768 47.67 85.74 -21.99
C GLU E 768 49.03 85.07 -22.23
N ALA E 769 49.85 84.89 -21.18
CA ALA E 769 51.17 84.25 -21.28
C ALA E 769 51.10 82.73 -21.53
N ARG E 770 49.92 82.19 -21.85
CA ARG E 770 49.81 80.85 -22.40
C ARG E 770 50.65 80.70 -23.66
N SER E 771 50.74 81.74 -24.49
CA SER E 771 51.64 81.68 -25.64
C SER E 771 53.10 81.71 -25.20
N TYR E 772 53.39 82.40 -24.10
CA TYR E 772 54.74 82.38 -23.55
C TYR E 772 55.10 81.01 -23.01
N LEU E 773 54.10 80.29 -22.48
CA LEU E 773 54.26 78.89 -22.15
C LEU E 773 54.49 78.04 -23.40
N VAL E 774 53.87 78.43 -24.52
CA VAL E 774 54.03 77.69 -25.78
C VAL E 774 55.45 77.82 -26.32
N GLU E 775 55.96 79.05 -26.50
CA GLU E 775 57.32 79.16 -27.02
C GLU E 775 58.37 78.85 -25.96
N LYS E 776 57.99 78.82 -24.69
CA LYS E 776 58.86 78.22 -23.69
C LYS E 776 58.99 76.72 -23.89
N TYR E 777 57.89 76.08 -24.29
CA TYR E 777 57.96 74.67 -24.66
C TYR E 777 58.73 74.48 -25.96
N LYS E 778 58.68 75.46 -26.86
CA LYS E 778 59.48 75.40 -28.09
C LYS E 778 60.96 75.46 -27.78
N GLU E 779 61.36 76.39 -26.90
CA GLU E 779 62.78 76.48 -26.56
C GLU E 779 63.22 75.33 -25.65
N LEU E 780 62.27 74.63 -25.01
CA LEU E 780 62.62 73.30 -24.50
C LEU E 780 62.90 72.36 -25.66
N ARG E 781 62.14 72.48 -26.75
CA ARG E 781 62.31 71.54 -27.85
C ARG E 781 63.24 72.06 -28.94
N LYS E 782 64.16 72.96 -28.60
CA LYS E 782 65.21 73.31 -29.57
C LYS E 782 66.58 72.74 -29.23
N ASP E 783 66.90 72.49 -27.96
CA ASP E 783 68.25 72.01 -27.67
C ASP E 783 68.37 70.49 -27.71
N ASP E 784 67.29 69.77 -27.40
CA ASP E 784 67.34 68.32 -27.43
C ASP E 784 67.15 67.75 -28.83
N ALA E 785 66.84 68.59 -29.82
CA ALA E 785 66.78 68.12 -31.19
C ALA E 785 68.17 67.81 -31.74
N GLN E 786 69.21 68.46 -31.20
CA GLN E 786 70.60 68.17 -31.54
C GLN E 786 71.40 68.17 -30.24
N GLY E 787 71.79 66.99 -29.76
CA GLY E 787 71.54 65.72 -30.44
C GLY E 787 70.87 64.66 -29.60
N PHE E 788 70.53 63.54 -30.23
CA PHE E 788 69.93 62.40 -29.56
C PHE E 788 70.94 61.46 -28.94
N SER E 789 72.19 61.90 -28.77
CA SER E 789 73.17 61.14 -27.99
C SER E 789 72.91 61.27 -26.49
N ARG E 790 72.05 62.20 -26.08
CA ARG E 790 71.54 62.29 -24.72
C ARG E 790 70.30 61.39 -24.64
N SER E 791 69.45 61.55 -23.63
CA SER E 791 68.21 60.79 -23.52
C SER E 791 67.27 61.21 -24.65
N SER E 792 67.13 60.33 -25.65
CA SER E 792 66.52 60.67 -26.94
C SER E 792 65.00 60.60 -26.85
N TYR E 793 64.42 61.65 -26.28
CA TYR E 793 62.97 61.77 -26.18
C TYR E 793 62.45 62.48 -27.41
N ARG E 794 61.15 62.80 -27.45
CA ARG E 794 60.56 63.27 -28.70
C ARG E 794 60.72 64.79 -28.91
N ILE E 795 60.22 65.69 -28.03
CA ILE E 795 59.70 65.56 -26.66
C ILE E 795 58.18 65.39 -26.74
N THR E 796 57.60 64.68 -25.78
CA THR E 796 56.19 64.34 -25.81
C THR E 796 55.33 65.58 -25.60
N VAL E 797 54.17 65.62 -26.26
CA VAL E 797 53.20 66.70 -26.01
C VAL E 797 52.58 66.56 -24.62
N ARG E 798 52.63 65.37 -24.04
CA ARG E 798 52.19 65.15 -22.67
C ARG E 798 53.08 65.89 -21.67
N GLN E 799 54.31 66.25 -22.05
CA GLN E 799 55.08 67.20 -21.27
C GLN E 799 54.41 68.55 -21.26
N LEU E 800 53.92 69.00 -22.42
CA LEU E 800 53.24 70.28 -22.51
C LEU E 800 51.92 70.27 -21.74
N GLU E 801 51.25 69.13 -21.68
CA GLU E 801 50.11 69.04 -20.77
C GLU E 801 50.58 69.03 -19.31
N SER E 802 51.76 68.45 -19.04
CA SER E 802 52.25 68.36 -17.67
C SER E 802 52.64 69.72 -17.12
N MET E 803 53.02 70.65 -18.01
CA MET E 803 53.34 72.01 -17.60
C MET E 803 52.14 72.70 -16.97
N ILE E 804 50.94 72.40 -17.49
CA ILE E 804 49.70 72.94 -16.97
C ILE E 804 49.49 72.49 -15.53
N ARG E 805 49.56 71.16 -15.30
CA ARG E 805 49.23 70.63 -13.98
C ARG E 805 50.29 70.96 -12.94
N LEU E 806 51.56 71.06 -13.35
CA LEU E 806 52.59 71.47 -12.40
C LEU E 806 52.45 72.94 -12.02
N SER E 807 52.13 73.79 -13.02
CA SER E 807 51.87 75.20 -12.74
C SER E 807 50.65 75.36 -11.84
N GLU E 808 49.63 74.53 -12.05
CA GLU E 808 48.47 74.52 -11.18
C GLU E 808 48.84 74.17 -9.75
N ALA E 809 49.71 73.18 -9.58
CA ALA E 809 50.06 72.75 -8.22
C ALA E 809 50.88 73.80 -7.49
N ILE E 810 51.80 74.47 -8.19
CA ILE E 810 52.53 75.55 -7.56
C ILE E 810 51.60 76.72 -7.24
N ALA E 811 50.56 76.92 -8.05
CA ALA E 811 49.55 77.91 -7.70
C ALA E 811 48.75 77.50 -6.48
N ARG E 812 48.48 76.21 -6.32
CA ARG E 812 47.71 75.74 -5.18
C ARG E 812 48.51 75.85 -3.88
N ALA E 813 49.84 75.74 -3.97
CA ALA E 813 50.63 75.85 -2.75
C ALA E 813 50.83 77.30 -2.34
N ASN E 814 50.86 78.22 -3.29
CA ASN E 814 51.16 79.61 -2.97
C ASN E 814 49.95 80.42 -2.59
N CYS E 815 48.75 79.79 -2.54
CA CYS E 815 47.46 80.45 -2.32
C CYS E 815 47.23 81.54 -3.36
N VAL E 816 47.40 81.16 -4.63
CA VAL E 816 47.43 82.10 -5.75
C VAL E 816 46.54 81.56 -6.87
N ASP E 817 45.66 82.40 -7.40
CA ASP E 817 44.92 82.13 -8.61
C ASP E 817 45.47 83.00 -9.74
N GLU E 818 45.05 82.70 -10.98
CA GLU E 818 45.39 83.46 -12.19
C GLU E 818 46.91 83.52 -12.41
N ILE E 819 47.45 82.37 -12.82
CA ILE E 819 48.88 82.08 -12.76
C ILE E 819 49.69 83.04 -13.64
N THR E 820 50.77 83.61 -13.05
CA THR E 820 51.77 84.45 -13.70
C THR E 820 52.81 83.58 -14.41
N PRO E 821 53.48 84.10 -15.44
CA PRO E 821 54.51 83.29 -16.13
C PRO E 821 55.76 82.96 -15.31
N SER E 822 55.97 83.60 -14.16
CA SER E 822 57.11 83.25 -13.30
C SER E 822 56.96 81.84 -12.74
N PHE E 823 55.73 81.43 -12.44
CA PHE E 823 55.48 80.06 -12.03
C PHE E 823 55.81 79.07 -13.14
N ILE E 824 55.55 79.47 -14.39
CA ILE E 824 55.90 78.64 -15.53
C ILE E 824 57.41 78.51 -15.65
N ALA E 825 58.14 79.57 -15.28
CA ALA E 825 59.60 79.46 -15.22
C ALA E 825 60.06 78.54 -14.11
N GLU E 826 59.32 78.51 -12.99
CA GLU E 826 59.68 77.64 -11.87
C GLU E 826 59.53 76.17 -12.25
N ALA E 827 58.34 75.77 -12.69
CA ALA E 827 58.13 74.37 -13.03
C ALA E 827 58.91 73.98 -14.29
N TYR E 828 59.11 74.95 -15.19
CA TYR E 828 59.87 74.71 -16.40
C TYR E 828 61.33 74.43 -16.10
N ASP E 829 61.91 75.16 -15.15
CA ASP E 829 63.27 74.84 -14.78
C ASP E 829 63.33 73.55 -13.97
N LEU E 830 62.26 73.24 -13.22
CA LEU E 830 62.21 71.98 -12.48
C LEU E 830 62.24 70.79 -13.43
N LEU E 831 61.48 70.84 -14.52
CA LEU E 831 61.58 69.81 -15.54
C LEU E 831 62.90 69.89 -16.29
N ARG E 832 63.49 71.09 -16.40
CA ARG E 832 64.76 71.25 -17.11
C ARG E 832 65.89 70.52 -16.39
N GLN E 833 66.18 70.89 -15.15
CA GLN E 833 67.22 70.17 -14.40
C GLN E 833 66.79 68.77 -14.03
N SER E 834 65.49 68.48 -14.02
CA SER E 834 65.05 67.12 -13.83
C SER E 834 65.36 66.23 -15.03
N ILE E 835 65.42 66.79 -16.25
CA ILE E 835 65.92 66.01 -17.38
C ILE E 835 67.44 66.09 -17.47
N ILE E 836 68.05 67.16 -16.94
CA ILE E 836 69.52 67.21 -16.84
C ILE E 836 70.03 66.13 -15.89
N ARG E 837 69.23 65.77 -14.88
CA ARG E 837 69.53 64.56 -14.11
C ARG E 837 69.37 63.28 -14.94
N VAL E 838 68.66 63.32 -16.07
CA VAL E 838 68.36 62.13 -16.83
C VAL E 838 69.35 61.87 -17.96
N ASP E 839 69.77 62.92 -18.67
CA ASP E 839 70.49 62.87 -19.94
C ASP E 839 71.86 62.21 -19.82
N VAL E 840 72.75 62.82 -19.03
CA VAL E 840 74.05 62.27 -18.66
C VAL E 840 74.94 61.86 -19.82
N MET F 1 13.46 -26.38 12.49
CA MET F 1 12.28 -26.19 11.64
C MET F 1 12.56 -26.67 10.23
N SER F 2 11.61 -27.39 9.66
CA SER F 2 11.76 -27.87 8.30
C SER F 2 11.15 -26.88 7.30
N ALA F 3 11.43 -27.13 6.02
CA ALA F 3 10.79 -26.55 4.83
C ALA F 3 11.07 -25.06 4.61
N ALA F 4 11.72 -24.42 5.56
CA ALA F 4 12.26 -23.07 5.39
C ALA F 4 13.53 -23.02 6.23
N LEU F 5 14.62 -22.59 5.60
CA LEU F 5 15.99 -22.68 6.12
C LEU F 5 16.27 -24.12 6.52
N PRO F 6 16.49 -24.99 5.55
CA PRO F 6 16.65 -26.43 5.84
C PRO F 6 17.96 -26.80 6.47
N SER F 7 18.23 -28.09 6.62
CA SER F 7 19.43 -28.58 7.27
C SER F 7 20.27 -29.40 6.30
N ILE F 8 21.52 -29.66 6.70
CA ILE F 8 22.51 -30.45 5.96
C ILE F 8 23.39 -31.14 6.98
N GLN F 9 23.75 -32.41 6.77
CA GLN F 9 24.83 -32.96 7.56
C GLN F 9 26.14 -33.01 6.77
N LEU F 10 27.24 -32.90 7.50
CA LEU F 10 28.60 -32.90 7.01
C LEU F 10 29.43 -33.79 7.93
N PRO F 11 30.59 -34.28 7.47
CA PRO F 11 31.42 -35.12 8.35
C PRO F 11 32.01 -34.41 9.56
N VAL F 12 32.08 -33.09 9.56
CA VAL F 12 32.76 -32.35 10.62
C VAL F 12 31.95 -32.43 11.92
N ASP F 13 32.59 -32.90 12.98
CA ASP F 13 32.00 -32.90 14.30
C ASP F 13 32.71 -31.86 15.17
N TYR F 14 31.96 -31.29 16.12
CA TYR F 14 32.53 -30.39 17.11
C TYR F 14 32.39 -30.95 18.51
N ASN F 15 32.27 -32.27 18.63
CA ASN F 15 32.03 -32.87 19.92
C ASN F 15 33.30 -33.46 20.50
N ASN F 16 33.89 -34.40 19.77
CA ASN F 16 35.12 -35.01 20.24
C ASN F 16 36.34 -34.14 19.99
N LEU F 17 36.22 -33.13 19.12
CA LEU F 17 37.34 -32.24 18.88
C LEU F 17 37.63 -31.37 20.10
N PHE F 18 36.59 -31.02 20.85
CA PHE F 18 36.79 -30.26 22.08
C PHE F 18 37.49 -31.11 23.14
N ASN F 19 37.11 -32.38 23.24
CA ASN F 19 37.72 -33.28 24.22
C ASN F 19 39.16 -33.55 23.86
N GLU F 20 39.43 -33.77 22.57
CA GLU F 20 40.79 -34.01 22.13
C GLU F 20 41.64 -32.76 22.33
N ILE F 21 41.04 -31.57 22.19
CA ILE F 21 41.84 -30.37 22.33
C ILE F 21 42.12 -30.10 23.80
N THR F 22 41.27 -30.63 24.68
CA THR F 22 41.58 -30.59 26.11
C THR F 22 42.74 -31.52 26.42
N ASP F 23 42.72 -32.72 25.83
CA ASP F 23 43.77 -33.70 26.09
C ASP F 23 45.12 -33.24 25.55
N PHE F 24 45.10 -32.54 24.41
CA PHE F 24 46.31 -31.93 23.88
C PHE F 24 46.78 -30.79 24.77
N LEU F 25 45.85 -30.05 25.36
CA LEU F 25 46.25 -28.89 26.14
C LEU F 25 46.90 -29.32 27.46
N VAL F 26 46.45 -30.44 28.02
CA VAL F 26 47.04 -30.87 29.30
C VAL F 26 48.31 -31.66 29.05
N THR F 27 48.21 -32.78 28.34
CA THR F 27 49.30 -33.75 28.31
C THR F 27 50.14 -33.58 27.05
N PHE F 28 51.19 -32.78 27.19
CA PHE F 28 52.22 -32.66 26.16
C PHE F 28 53.54 -32.42 26.87
N LYS F 29 54.46 -33.36 26.75
CA LYS F 29 55.61 -33.45 27.63
C LYS F 29 56.91 -33.05 26.93
N GLN F 30 56.88 -32.86 25.61
CA GLN F 30 58.11 -32.89 24.82
C GLN F 30 58.99 -31.68 25.08
N ASP F 31 58.40 -30.49 25.17
CA ASP F 31 59.21 -29.31 25.33
C ASP F 31 58.79 -28.48 26.54
N LYS F 59 60.84 -28.33 32.55
CA LYS F 59 60.73 -29.47 33.46
C LYS F 59 59.51 -30.32 33.12
N GLY F 60 58.33 -29.85 33.53
CA GLY F 60 57.11 -30.60 33.33
C GLY F 60 56.56 -30.48 31.92
N PRO F 61 55.25 -30.30 31.79
CA PRO F 61 54.63 -30.16 30.48
C PRO F 61 54.88 -28.77 29.91
N LYS F 62 54.40 -28.57 28.68
CA LYS F 62 54.79 -27.36 27.96
C LYS F 62 53.88 -26.18 28.29
N TYR F 63 52.57 -26.39 28.36
CA TYR F 63 51.66 -25.27 28.42
C TYR F 63 51.23 -24.90 29.83
N MET F 64 51.52 -25.73 30.82
CA MET F 64 51.35 -25.26 32.19
C MET F 64 52.41 -24.24 32.55
N ALA F 65 53.59 -24.36 31.94
CA ALA F 65 54.66 -23.40 32.20
C ALA F 65 54.35 -22.06 31.57
N MET F 66 53.98 -22.05 30.29
CA MET F 66 53.69 -20.80 29.61
C MET F 66 52.38 -20.21 30.11
N LEU F 67 51.41 -21.04 30.44
CA LEU F 67 50.14 -20.50 30.86
C LEU F 67 50.21 -20.02 32.31
N GLN F 68 51.01 -20.68 33.13
CA GLN F 68 51.30 -20.16 34.46
C GLN F 68 52.05 -18.85 34.36
N LYS F 69 52.92 -18.74 33.37
CA LYS F 69 53.61 -17.49 33.10
C LYS F 69 52.64 -16.39 32.67
N VAL F 70 51.54 -16.75 32.01
CA VAL F 70 50.51 -15.78 31.66
C VAL F 70 49.77 -15.31 32.91
N ALA F 71 49.32 -16.25 33.75
CA ALA F 71 48.57 -15.86 34.92
C ALA F 71 49.43 -15.21 36.00
N ASN F 72 50.75 -15.27 35.87
CA ASN F 72 51.69 -14.54 36.70
C ASN F 72 51.92 -13.13 36.18
N ARG F 73 51.24 -12.76 35.09
CA ARG F 73 51.13 -11.39 34.58
C ARG F 73 52.47 -10.82 34.13
N GLU F 74 53.14 -11.56 33.26
CA GLU F 74 54.40 -11.12 32.68
C GLU F 74 54.46 -11.39 31.18
N LEU F 75 53.31 -11.60 30.55
CA LEU F 75 53.25 -12.10 29.19
C LEU F 75 51.84 -11.81 28.68
N ASN F 76 51.70 -11.65 27.36
CA ASN F 76 50.43 -11.22 26.83
C ASN F 76 49.94 -12.04 25.64
N SER F 77 50.82 -12.75 24.95
CA SER F 77 50.40 -13.52 23.78
C SER F 77 50.69 -14.98 24.03
N VAL F 78 50.06 -15.83 23.22
CA VAL F 78 50.20 -17.27 23.30
C VAL F 78 50.34 -17.79 21.88
N ILE F 79 51.41 -18.52 21.61
CA ILE F 79 51.69 -19.03 20.27
C ILE F 79 51.40 -20.52 20.27
N ILE F 80 50.29 -20.90 19.65
CA ILE F 80 49.90 -22.29 19.51
C ILE F 80 50.32 -22.72 18.11
N ASP F 81 51.39 -23.49 18.02
CA ASP F 81 51.90 -23.81 16.70
C ASP F 81 51.06 -24.91 16.06
N LEU F 82 51.41 -25.20 14.81
CA LEU F 82 50.88 -26.36 14.12
C LEU F 82 51.95 -27.39 13.85
N ASP F 83 52.80 -27.67 14.83
CA ASP F 83 53.71 -28.79 14.73
C ASP F 83 53.49 -29.76 15.88
N ASP F 84 53.18 -29.20 17.05
CA ASP F 84 52.95 -30.04 18.23
C ASP F 84 51.67 -30.84 18.08
N ILE F 85 50.70 -30.28 17.36
CA ILE F 85 49.47 -31.00 17.10
C ILE F 85 49.73 -32.18 16.17
N LEU F 86 50.58 -31.99 15.17
CA LEU F 86 50.81 -33.06 14.22
C LEU F 86 51.68 -34.16 14.84
N GLN F 87 52.68 -33.77 15.64
CA GLN F 87 53.49 -34.75 16.34
C GLN F 87 52.68 -35.51 17.37
N TYR F 88 51.72 -34.83 17.99
CA TYR F 88 50.78 -35.49 18.87
C TYR F 88 49.91 -36.49 18.12
N GLN F 89 49.61 -36.21 16.85
CA GLN F 89 48.79 -37.15 16.09
C GLN F 89 49.59 -38.36 15.63
N ASN F 90 50.87 -38.20 15.30
CA ASN F 90 51.64 -39.40 14.97
C ASN F 90 51.93 -40.23 16.20
N GLU F 91 52.17 -39.58 17.34
CA GLU F 91 52.36 -40.30 18.59
C GLU F 91 51.13 -41.10 18.97
N LYS F 92 49.95 -40.45 18.93
CA LYS F 92 48.72 -41.16 19.27
C LYS F 92 48.35 -42.19 18.21
N PHE F 93 48.77 -41.95 16.96
CA PHE F 93 48.51 -42.92 15.91
C PHE F 93 49.34 -44.18 16.09
N LEU F 94 50.53 -44.04 16.68
CA LEU F 94 51.35 -45.24 16.86
C LEU F 94 51.10 -45.91 18.21
N GLN F 95 50.59 -45.17 19.19
CA GLN F 95 50.22 -45.81 20.45
C GLN F 95 48.98 -46.68 20.30
N GLY F 96 47.99 -46.20 19.56
CA GLY F 96 46.64 -46.74 19.62
C GLY F 96 45.92 -46.08 20.78
N THR F 97 44.71 -45.55 20.56
CA THR F 97 43.89 -45.77 19.38
C THR F 97 44.03 -44.73 18.26
N GLN F 98 43.08 -44.77 17.33
CA GLN F 98 43.00 -43.80 16.25
C GLN F 98 42.68 -42.40 16.78
N ALA F 99 43.40 -41.40 16.30
CA ALA F 99 43.19 -40.02 16.67
C ALA F 99 42.43 -39.28 15.57
N ASP F 100 41.43 -38.50 15.97
CA ASP F 100 40.61 -37.77 15.00
C ASP F 100 41.41 -36.64 14.37
N ASP F 101 41.29 -36.54 13.05
CA ASP F 101 42.11 -35.65 12.23
C ASP F 101 41.74 -34.19 12.51
N LEU F 102 42.72 -33.45 13.00
CA LEU F 102 42.41 -32.14 13.56
C LEU F 102 43.17 -31.04 12.84
N VAL F 103 44.33 -31.37 12.26
CA VAL F 103 45.16 -30.34 11.64
C VAL F 103 44.51 -29.82 10.38
N SER F 104 44.02 -30.73 9.54
CA SER F 104 43.26 -30.31 8.37
C SER F 104 41.95 -29.65 8.77
N ALA F 105 41.41 -30.01 9.94
CA ALA F 105 40.18 -29.37 10.39
C ALA F 105 40.46 -27.94 10.84
N ILE F 106 41.68 -27.66 11.29
CA ILE F 106 42.04 -26.27 11.55
C ILE F 106 42.27 -25.53 10.25
N GLN F 107 42.95 -26.20 9.30
CA GLN F 107 43.35 -25.52 8.07
C GLN F 107 42.15 -25.23 7.18
N GLN F 108 41.06 -25.97 7.33
CA GLN F 108 39.91 -25.72 6.47
C GLN F 108 39.05 -24.57 6.96
N ASN F 109 38.96 -24.36 8.27
CA ASN F 109 38.01 -23.39 8.76
C ASN F 109 38.67 -22.23 9.50
N ALA F 110 39.48 -22.50 10.52
CA ALA F 110 40.42 -21.57 11.14
C ALA F 110 39.85 -20.28 11.71
N ASN F 111 38.54 -20.15 11.83
CA ASN F 111 37.95 -18.99 12.48
C ASN F 111 37.19 -19.36 13.74
N HIS F 112 36.56 -20.52 13.73
CA HIS F 112 35.83 -20.98 14.89
C HIS F 112 36.78 -21.41 16.00
N PHE F 113 37.98 -21.82 15.65
CA PHE F 113 38.86 -22.45 16.61
C PHE F 113 39.57 -21.49 17.53
N THR F 114 39.53 -20.18 17.28
CA THR F 114 40.08 -19.29 18.28
C THR F 114 39.15 -19.19 19.48
N GLU F 115 37.85 -19.11 19.23
CA GLU F 115 36.90 -19.03 20.34
C GLU F 115 36.74 -20.39 21.00
N LEU F 116 36.68 -21.46 20.20
CA LEU F 116 36.56 -22.79 20.78
C LEU F 116 37.82 -23.17 21.55
N PHE F 117 38.98 -22.81 21.00
CA PHE F 117 40.25 -23.11 21.64
C PHE F 117 40.39 -22.30 22.92
N CYS F 118 39.94 -21.05 22.88
CA CYS F 118 40.16 -20.19 24.02
C CYS F 118 39.18 -20.49 25.15
N ARG F 119 37.96 -20.94 24.84
CA ARG F 119 37.15 -21.43 25.95
C ARG F 119 37.54 -22.85 26.35
N ALA F 120 38.40 -23.52 25.59
CA ALA F 120 39.03 -24.72 26.13
C ALA F 120 40.16 -24.40 27.09
N ILE F 121 40.83 -23.27 26.91
CA ILE F 121 41.90 -22.90 27.86
C ILE F 121 41.33 -22.56 29.21
N ASP F 122 40.21 -21.86 29.24
CA ASP F 122 39.81 -21.11 30.43
C ASP F 122 39.22 -21.98 31.54
N ASN F 123 39.05 -23.29 31.32
CA ASN F 123 38.56 -24.14 32.41
C ASN F 123 39.64 -24.32 33.47
N ASN F 124 40.89 -24.39 33.06
CA ASN F 124 42.00 -24.68 33.96
C ASN F 124 43.09 -23.62 33.80
N MET F 125 43.46 -23.01 34.92
CA MET F 125 44.47 -21.96 34.96
C MET F 125 45.08 -21.89 36.36
N PRO F 126 46.38 -21.96 36.49
CA PRO F 126 47.00 -21.92 37.81
C PRO F 126 47.01 -20.51 38.42
N LEU F 127 45.92 -20.20 39.13
CA LEU F 127 45.61 -18.82 39.52
C LEU F 127 46.62 -18.16 40.47
N PRO F 128 46.80 -18.62 41.71
CA PRO F 128 47.24 -17.67 42.76
C PRO F 128 48.73 -17.47 42.88
N THR F 129 49.52 -17.83 41.85
CA THR F 129 50.95 -18.11 42.00
C THR F 129 51.79 -16.92 42.47
N LYS F 130 51.26 -15.69 42.45
CA LYS F 130 51.96 -14.53 42.97
C LYS F 130 50.95 -13.48 43.36
N GLU F 131 51.14 -12.87 44.52
CA GLU F 131 50.28 -11.78 44.96
C GLU F 131 50.49 -10.57 44.05
N ILE F 132 49.48 -9.69 44.00
CA ILE F 132 49.54 -8.54 43.12
C ILE F 132 50.56 -7.53 43.64
N ASP F 133 51.35 -6.99 42.72
CA ASP F 133 52.19 -5.85 43.02
C ASP F 133 51.30 -4.62 43.20
N TYR F 134 51.81 -3.63 43.93
CA TYR F 134 51.04 -2.41 44.07
C TYR F 134 51.09 -1.57 42.81
N LYS F 135 52.24 -1.52 42.16
CA LYS F 135 52.49 -0.56 41.09
C LYS F 135 52.32 -1.17 39.71
N ASP F 136 51.56 -2.26 39.61
CA ASP F 136 51.53 -3.05 38.40
C ASP F 136 50.94 -2.34 37.19
N ASP F 137 49.63 -2.08 37.22
CA ASP F 137 48.95 -1.62 36.01
C ASP F 137 47.56 -1.20 36.43
N VAL F 138 46.72 -0.87 35.44
CA VAL F 138 45.32 -0.57 35.75
C VAL F 138 44.41 -1.68 35.21
N LEU F 139 44.84 -2.37 34.15
CA LEU F 139 44.00 -3.40 33.55
C LEU F 139 43.92 -4.62 34.45
N ASP F 140 45.02 -4.93 35.12
CA ASP F 140 45.05 -5.98 36.13
C ASP F 140 44.06 -5.70 37.26
N VAL F 141 44.06 -4.48 37.78
CA VAL F 141 43.26 -4.23 38.97
C VAL F 141 41.78 -4.16 38.62
N ILE F 142 41.47 -3.74 37.39
CA ILE F 142 40.07 -3.81 36.96
C ILE F 142 39.59 -5.24 36.83
N LEU F 143 40.39 -6.10 36.19
CA LEU F 143 39.96 -7.50 36.06
C LEU F 143 39.93 -8.23 37.39
N ASN F 144 40.75 -7.79 38.35
CA ASN F 144 40.71 -8.39 39.67
C ASN F 144 39.41 -8.03 40.39
N GLN F 145 38.96 -6.78 40.28
CA GLN F 145 37.71 -6.44 40.97
C GLN F 145 36.50 -7.05 40.29
N ARG F 146 36.56 -7.24 38.97
CA ARG F 146 35.47 -7.96 38.29
C ARG F 146 35.38 -9.40 38.74
N ARG F 147 36.53 -10.06 38.90
CA ARG F 147 36.53 -11.46 39.31
C ARG F 147 36.01 -11.60 40.75
N LEU F 148 36.47 -10.74 41.65
CA LEU F 148 36.09 -10.85 43.05
C LEU F 148 34.61 -10.55 43.27
N ARG F 149 34.11 -9.49 42.62
CA ARG F 149 32.68 -9.16 42.72
C ARG F 149 31.82 -10.28 42.12
N ASN F 150 32.32 -10.91 41.07
CA ASN F 150 31.60 -12.04 40.46
C ASN F 150 31.47 -13.19 41.45
N GLU F 151 32.54 -13.47 42.22
CA GLU F 151 32.47 -14.53 43.22
C GLU F 151 31.47 -14.22 44.32
N ARG F 152 31.52 -12.99 44.86
CA ARG F 152 30.64 -12.67 45.99
C ARG F 152 29.17 -12.64 45.57
N MET F 153 28.91 -12.19 44.35
CA MET F 153 27.55 -12.26 43.82
C MET F 153 27.10 -13.69 43.67
N LEU F 154 27.99 -14.59 43.27
CA LEU F 154 27.58 -15.98 43.08
C LEU F 154 27.39 -16.69 44.42
N SER F 155 28.04 -16.21 45.48
CA SER F 155 27.87 -16.87 46.76
C SER F 155 26.70 -16.32 47.56
N ASP F 156 26.23 -15.11 47.22
CA ASP F 156 25.14 -14.52 47.99
C ASP F 156 23.82 -15.27 47.79
N ARG F 157 23.53 -15.65 46.54
CA ARG F 157 22.26 -16.27 46.23
C ARG F 157 22.16 -17.66 46.83
N THR F 158 23.27 -18.42 46.83
CA THR F 158 23.26 -19.68 47.55
C THR F 158 23.37 -19.49 49.04
N ASN F 159 23.67 -18.28 49.51
CA ASN F 159 23.44 -18.05 50.93
C ASN F 159 22.00 -17.65 51.22
N GLU F 160 21.21 -17.34 50.20
CA GLU F 160 19.81 -17.01 50.46
C GLU F 160 18.86 -18.19 50.27
N ILE F 161 18.92 -18.86 49.12
CA ILE F 161 17.94 -19.90 48.83
C ILE F 161 18.17 -21.15 49.68
N ARG F 162 19.42 -21.45 50.04
CA ARG F 162 19.74 -22.63 50.86
C ARG F 162 19.12 -22.54 52.25
N SER F 163 18.86 -21.33 52.74
CA SER F 163 18.17 -21.16 54.01
C SER F 163 16.65 -21.09 53.84
N GLU F 164 16.10 -21.65 52.78
CA GLU F 164 14.65 -21.70 52.57
C GLU F 164 14.20 -23.09 52.14
N ASN F 165 14.72 -24.11 52.82
CA ASN F 165 14.30 -25.47 52.55
C ASN F 165 12.90 -25.73 53.09
N LEU F 166 12.08 -26.44 52.32
CA LEU F 166 12.43 -27.04 51.04
C LEU F 166 11.35 -26.80 50.00
N MET F 177 24.54 -34.68 45.08
CA MET F 177 23.24 -34.30 45.60
C MET F 177 22.98 -32.81 45.36
N ASN F 178 23.91 -31.98 45.80
CA ASN F 178 23.75 -30.53 45.72
C ASN F 178 24.09 -29.96 44.35
N ASP F 179 24.23 -30.82 43.33
CA ASP F 179 24.37 -30.36 41.96
C ASP F 179 23.10 -29.64 41.48
N ALA F 180 21.94 -30.06 42.00
CA ALA F 180 20.68 -29.45 41.62
C ALA F 180 20.59 -28.00 42.11
N LEU F 181 21.01 -27.76 43.34
CA LEU F 181 21.00 -26.40 43.87
C LEU F 181 22.00 -25.52 43.14
N ARG F 182 23.12 -26.10 42.70
CA ARG F 182 24.05 -25.38 41.85
C ARG F 182 23.39 -25.00 40.53
N GLU F 183 22.62 -25.91 39.94
CA GLU F 183 21.95 -25.59 38.69
C GLU F 183 20.83 -24.58 38.90
N VAL F 184 20.28 -24.50 40.11
CA VAL F 184 19.32 -23.44 40.43
C VAL F 184 20.02 -22.09 40.45
N VAL F 185 21.13 -21.98 41.20
CA VAL F 185 21.75 -20.69 41.42
C VAL F 185 22.42 -20.18 40.14
N GLU F 186 23.00 -21.09 39.35
CA GLU F 186 23.74 -20.68 38.15
C GLU F 186 22.85 -20.16 37.03
N ASP F 187 21.53 -20.20 37.15
CA ASP F 187 20.65 -19.69 36.10
C ASP F 187 19.66 -18.65 36.59
N GLU F 188 19.81 -18.12 37.80
CA GLU F 188 19.02 -16.97 38.23
C GLU F 188 19.91 -15.79 38.61
N THR F 189 21.10 -15.69 38.05
CA THR F 189 22.05 -14.65 38.44
C THR F 189 22.81 -14.18 37.21
N GLU F 190 22.69 -12.90 36.89
CA GLU F 190 23.39 -12.33 35.75
C GLU F 190 24.83 -11.99 36.11
N LEU F 191 25.77 -12.37 35.26
CA LEU F 191 27.17 -12.30 35.57
C LEU F 191 27.93 -11.61 34.44
N PHE F 192 29.14 -11.20 34.73
CA PHE F 192 30.07 -10.79 33.70
C PHE F 192 30.46 -12.02 32.89
N PRO F 193 30.21 -12.05 31.60
CA PRO F 193 30.53 -13.24 30.80
C PRO F 193 32.03 -13.38 30.64
N PRO F 194 32.53 -14.60 30.41
CA PRO F 194 33.99 -14.79 30.30
C PRO F 194 34.60 -14.32 28.99
N ASN F 195 33.86 -13.60 28.15
CA ASN F 195 34.43 -12.99 26.97
C ASN F 195 35.11 -11.67 27.30
N LEU F 196 34.93 -11.18 28.52
CA LEU F 196 35.37 -9.85 28.89
C LEU F 196 36.49 -9.86 29.92
N THR F 197 36.63 -10.91 30.71
CA THR F 197 37.71 -11.00 31.69
C THR F 197 38.80 -11.91 31.13
N ARG F 198 39.58 -11.37 30.19
CA ARG F 198 40.47 -12.21 29.40
C ARG F 198 41.95 -11.94 29.65
N ARG F 199 42.42 -10.71 29.45
CA ARG F 199 43.76 -10.15 29.62
C ARG F 199 44.76 -10.54 28.51
N TYR F 200 44.44 -11.50 27.64
CA TYR F 200 45.47 -11.91 26.66
C TYR F 200 44.87 -12.04 25.27
N PHE F 201 45.69 -12.53 24.36
CA PHE F 201 45.32 -12.74 22.97
C PHE F 201 45.76 -14.13 22.57
N LEU F 202 45.46 -14.53 21.33
CA LEU F 202 45.82 -15.88 20.93
C LEU F 202 46.12 -15.92 19.44
N TYR F 203 47.28 -16.46 19.08
CA TYR F 203 47.83 -16.39 17.74
C TYR F 203 48.30 -17.77 17.29
N PHE F 204 47.94 -18.18 16.08
CA PHE F 204 48.45 -19.44 15.57
C PHE F 204 49.85 -19.27 14.97
N LYS F 205 50.33 -20.31 14.31
CA LYS F 205 51.64 -20.33 13.69
C LYS F 205 51.67 -21.48 12.71
N PRO F 206 52.00 -21.22 11.45
CA PRO F 206 51.88 -22.25 10.44
C PRO F 206 53.06 -23.21 10.46
N LEU F 207 52.91 -24.32 9.76
CA LEU F 207 53.87 -25.40 9.81
C LEU F 207 54.89 -25.29 8.69
N SER F 208 56.11 -25.75 8.96
CA SER F 208 57.21 -25.63 8.03
C SER F 208 57.08 -26.59 6.87
N GLN F 209 58.05 -26.51 5.95
CA GLN F 209 58.24 -27.59 4.99
C GLN F 209 59.05 -28.71 5.59
N ASN F 210 59.75 -28.42 6.70
CA ASN F 210 60.62 -29.40 7.33
C ASN F 210 59.81 -30.48 8.02
N CYS F 211 58.81 -30.07 8.81
CA CYS F 211 57.97 -31.04 9.52
C CYS F 211 57.05 -31.77 8.55
N ALA F 212 56.63 -31.11 7.47
CA ALA F 212 55.82 -31.79 6.47
C ALA F 212 56.66 -32.71 5.61
N ARG F 213 57.97 -32.45 5.53
CA ARG F 213 58.84 -33.33 4.77
C ARG F 213 59.23 -34.55 5.59
N ARG F 214 59.33 -34.38 6.91
CA ARG F 214 59.79 -35.47 7.78
C ARG F 214 58.75 -36.59 7.85
N TYR F 215 57.47 -36.23 7.80
CA TYR F 215 56.46 -37.24 8.00
C TYR F 215 55.79 -37.60 6.68
N ARG F 216 56.03 -36.81 5.65
CA ARG F 216 55.56 -37.10 4.30
C ARG F 216 56.68 -36.84 3.31
N ILE F 220 51.99 -27.44 2.91
CA ILE F 220 50.64 -27.43 2.35
C ILE F 220 49.84 -26.28 2.95
N SER F 221 49.85 -26.22 4.28
CA SER F 221 49.24 -25.11 4.99
C SER F 221 50.02 -23.82 4.76
N SER F 222 51.30 -23.93 4.48
CA SER F 222 52.15 -22.80 4.11
C SER F 222 52.94 -23.18 2.85
N LYS F 223 52.31 -23.04 1.69
CA LYS F 223 53.05 -22.85 0.46
C LYS F 223 53.10 -21.36 0.15
N PRO F 224 54.26 -20.77 -0.04
CA PRO F 224 54.34 -19.33 -0.24
C PRO F 224 53.75 -18.87 -1.56
N LEU F 225 52.57 -18.27 -1.48
CA LEU F 225 51.77 -17.87 -2.61
C LEU F 225 52.11 -16.45 -3.04
N SER F 226 51.65 -16.08 -4.22
CA SER F 226 51.72 -14.71 -4.70
C SER F 226 50.33 -14.12 -4.79
N VAL F 227 50.29 -12.81 -4.98
CA VAL F 227 49.02 -12.10 -4.87
C VAL F 227 48.17 -12.34 -6.12
N ARG F 228 48.79 -12.66 -7.25
CA ARG F 228 48.03 -13.10 -8.40
C ARG F 228 47.40 -14.46 -8.17
N GLN F 229 48.03 -15.30 -7.35
CA GLN F 229 47.61 -16.67 -7.21
C GLN F 229 46.36 -16.82 -6.35
N ILE F 230 46.04 -15.82 -5.54
CA ILE F 230 44.94 -15.96 -4.58
C ILE F 230 43.64 -15.87 -5.37
N LYS F 231 43.12 -17.03 -5.73
CA LYS F 231 41.81 -17.15 -6.33
C LYS F 231 40.77 -16.83 -5.26
N GLY F 232 39.55 -16.53 -5.69
CA GLY F 232 38.47 -16.29 -4.74
C GLY F 232 37.87 -17.52 -4.10
N ASP F 233 38.62 -18.62 -4.03
CA ASP F 233 38.16 -19.86 -3.42
C ASP F 233 39.01 -20.25 -2.23
N PHE F 234 39.68 -19.29 -1.63
CA PHE F 234 40.47 -19.53 -0.42
C PHE F 234 39.89 -18.81 0.78
N LEU F 235 38.68 -18.28 0.68
CA LEU F 235 38.13 -17.41 1.71
C LEU F 235 37.79 -18.23 2.94
N GLY F 236 38.67 -18.18 3.93
CA GLY F 236 38.40 -18.84 5.19
C GLY F 236 39.56 -19.70 5.62
N GLN F 237 40.45 -20.02 4.70
CA GLN F 237 41.55 -20.93 4.99
C GLN F 237 42.67 -20.16 5.69
N LEU F 238 43.85 -20.76 5.81
CA LEU F 238 44.97 -20.15 6.51
C LEU F 238 46.17 -20.20 5.57
N ILE F 239 46.46 -19.07 4.92
CA ILE F 239 47.38 -19.02 3.80
C ILE F 239 48.62 -18.21 4.14
N THR F 240 49.52 -18.07 3.17
CA THR F 240 50.80 -17.40 3.38
C THR F 240 51.19 -16.63 2.13
N VAL F 241 51.55 -15.36 2.27
CA VAL F 241 51.93 -14.55 1.12
C VAL F 241 53.36 -14.03 1.28
N ARG F 242 53.86 -13.33 0.26
CA ARG F 242 55.12 -12.59 0.39
C ARG F 242 55.13 -11.40 -0.55
N GLY F 243 55.73 -10.31 -0.09
CA GLY F 243 55.78 -9.09 -0.88
C GLY F 243 56.46 -7.99 -0.11
N ILE F 244 56.38 -6.78 -0.66
CA ILE F 244 57.01 -5.59 -0.07
C ILE F 244 55.93 -4.72 0.55
N ILE F 245 56.08 -4.42 1.84
CA ILE F 245 55.14 -3.56 2.53
C ILE F 245 55.33 -2.12 2.07
N THR F 246 54.23 -1.43 1.80
CA THR F 246 54.24 -0.02 1.45
C THR F 246 53.05 0.64 2.12
N ARG F 247 53.24 1.86 2.63
CA ARG F 247 52.20 2.67 3.27
C ARG F 247 51.62 1.96 4.49
N VAL F 248 52.45 1.87 5.52
CA VAL F 248 51.98 1.43 6.82
C VAL F 248 51.58 2.67 7.62
N SER F 249 50.41 2.61 8.25
CA SER F 249 49.82 3.79 8.85
C SER F 249 50.11 3.83 10.35
N ASP F 250 49.45 4.74 11.06
CA ASP F 250 49.67 4.92 12.48
C ASP F 250 48.86 3.92 13.28
N VAL F 251 49.06 3.96 14.60
CA VAL F 251 48.34 3.11 15.53
C VAL F 251 47.41 3.96 16.38
N LYS F 252 46.12 3.65 16.32
CA LYS F 252 45.07 4.41 16.99
C LYS F 252 44.03 3.44 17.53
N PRO F 253 43.44 3.72 18.69
CA PRO F 253 42.58 2.72 19.33
C PRO F 253 41.24 2.58 18.66
N ALA F 254 40.77 1.34 18.58
CA ALA F 254 39.45 1.02 18.07
C ALA F 254 38.68 0.23 19.10
N VAL F 255 37.39 0.48 19.17
CA VAL F 255 36.56 0.09 20.29
C VAL F 255 36.09 -1.35 20.10
N GLU F 256 35.89 -2.07 21.19
CA GLU F 256 35.36 -3.42 21.11
C GLU F 256 34.05 -3.61 21.84
N VAL F 257 33.98 -3.27 23.13
CA VAL F 257 32.72 -3.20 23.87
C VAL F 257 32.68 -1.86 24.59
N ILE F 258 31.48 -1.33 24.76
CA ILE F 258 31.31 0.01 25.31
C ILE F 258 30.48 -0.10 26.57
N ALA F 259 30.90 0.56 27.64
CA ALA F 259 30.31 0.34 28.96
C ALA F 259 29.59 1.59 29.45
N TYR F 260 28.28 1.48 29.61
CA TYR F 260 27.47 2.55 30.13
C TYR F 260 27.18 2.35 31.61
N THR F 261 26.71 3.41 32.28
CA THR F 261 26.19 3.33 33.63
C THR F 261 24.77 3.85 33.66
N CYS F 262 23.97 3.40 34.60
CA CYS F 262 22.55 3.67 34.53
C CYS F 262 22.07 4.70 35.55
N ASP F 263 22.85 4.92 36.61
CA ASP F 263 22.74 6.01 37.60
C ASP F 263 21.54 5.90 38.54
N GLN F 264 20.51 5.14 38.17
CA GLN F 264 19.38 4.92 39.06
C GLN F 264 19.22 3.47 39.44
N CYS F 265 19.18 2.57 38.45
CA CYS F 265 19.18 1.15 38.76
C CYS F 265 20.52 0.68 39.27
N GLY F 266 21.61 1.22 38.75
CA GLY F 266 22.93 0.82 39.16
C GLY F 266 23.57 -0.25 38.32
N TYR F 267 22.99 -0.59 37.18
CA TYR F 267 23.57 -1.62 36.35
C TYR F 267 24.73 -1.09 35.52
N GLU F 268 25.28 -1.97 34.69
CA GLU F 268 26.31 -1.62 33.73
C GLU F 268 25.96 -2.29 32.40
N VAL F 269 25.33 -1.56 31.51
CA VAL F 269 24.77 -2.13 30.31
C VAL F 269 25.85 -2.13 29.24
N PHE F 270 26.32 -3.30 28.85
CA PHE F 270 27.32 -3.38 27.80
C PHE F 270 26.69 -3.37 26.43
N GLN F 271 27.54 -3.41 25.41
CA GLN F 271 27.14 -3.42 24.02
C GLN F 271 28.34 -3.82 23.21
N GLU F 272 28.18 -4.77 22.31
CA GLU F 272 29.27 -5.19 21.45
C GLU F 272 29.14 -4.43 20.14
N VAL F 273 30.27 -4.17 19.48
CA VAL F 273 30.27 -3.50 18.20
C VAL F 273 31.11 -4.32 17.22
N ASN F 274 30.47 -4.77 16.15
CA ASN F 274 31.14 -5.54 15.10
C ASN F 274 31.43 -4.72 13.86
N SER F 275 30.64 -3.70 13.59
CA SER F 275 30.64 -3.07 12.29
C SER F 275 31.64 -1.93 12.26
N ARG F 276 31.61 -1.16 11.17
CA ARG F 276 32.47 0.00 11.08
C ARG F 276 31.92 1.14 11.92
N THR F 277 30.63 1.44 11.79
CA THR F 277 30.00 2.54 12.50
C THR F 277 28.98 1.97 13.46
N PHE F 278 28.83 2.60 14.62
CA PHE F 278 27.84 2.18 15.58
C PHE F 278 26.96 3.35 15.94
N THR F 279 26.03 3.12 16.85
CA THR F 279 25.15 4.15 17.35
C THR F 279 24.94 4.05 18.85
N PRO F 280 24.90 5.17 19.55
CA PRO F 280 24.67 5.13 20.99
C PRO F 280 23.21 4.82 21.27
N LEU F 281 22.93 4.47 22.52
CA LEU F 281 21.60 4.00 22.85
C LEU F 281 21.02 4.82 24.00
N SER F 282 19.83 4.41 24.44
CA SER F 282 18.91 5.24 25.20
C SER F 282 18.33 4.38 26.32
N GLU F 283 17.20 4.84 26.86
CA GLU F 283 16.90 4.86 28.29
C GLU F 283 17.49 3.79 29.22
N CYS F 284 17.27 2.50 28.95
CA CYS F 284 17.92 1.40 29.66
C CYS F 284 17.47 0.11 28.98
N THR F 285 18.14 -0.99 29.35
CA THR F 285 17.72 -2.30 28.89
C THR F 285 17.94 -3.33 30.00
N SER F 286 17.91 -2.90 31.26
CA SER F 286 18.17 -3.83 32.35
C SER F 286 16.91 -4.63 32.65
N GLU F 287 16.89 -5.27 33.81
CA GLU F 287 15.68 -5.90 34.30
C GLU F 287 15.07 -5.15 35.48
N GLU F 288 15.59 -3.98 35.82
CA GLU F 288 14.97 -3.16 36.85
C GLU F 288 14.52 -1.80 36.34
N CYS F 289 15.33 -1.13 35.53
CA CYS F 289 14.81 0.06 34.89
C CYS F 289 13.86 -0.27 33.75
N SER F 290 13.82 -1.51 33.29
CA SER F 290 12.69 -1.99 32.53
C SER F 290 11.62 -2.50 33.50
N GLN F 291 10.43 -2.77 32.95
CA GLN F 291 9.18 -3.04 33.68
C GLN F 291 8.87 -2.03 34.79
N ASN F 292 9.37 -0.81 34.67
CA ASN F 292 8.94 0.27 35.55
C ASN F 292 8.44 1.43 34.70
N GLN F 293 7.77 2.36 35.37
CA GLN F 293 7.26 3.53 34.67
C GLN F 293 8.39 4.48 34.32
N THR F 294 9.25 4.78 35.29
CA THR F 294 10.26 5.82 35.16
C THR F 294 11.56 5.16 34.75
N LYS F 295 11.80 5.11 33.45
CA LYS F 295 13.09 4.66 32.94
C LYS F 295 14.17 5.68 33.27
N GLY F 296 15.38 5.18 33.51
CA GLY F 296 16.52 6.05 33.72
C GLY F 296 17.12 6.51 32.41
N GLN F 297 18.24 7.23 32.52
CA GLN F 297 19.00 7.66 31.36
C GLN F 297 20.47 7.32 31.59
N LEU F 298 21.12 6.83 30.56
CA LEU F 298 22.47 6.31 30.65
C LEU F 298 23.46 7.09 29.79
N PHE F 299 24.70 7.11 30.24
CA PHE F 299 25.79 7.82 29.58
C PHE F 299 27.08 7.04 29.83
N MET F 300 28.04 7.18 28.93
CA MET F 300 29.14 6.22 28.87
C MET F 300 30.30 6.60 29.77
N SER F 301 31.34 5.76 29.73
CA SER F 301 32.55 5.93 30.52
C SER F 301 33.66 5.15 29.84
N THR F 302 34.91 5.59 30.02
CA THR F 302 36.02 5.06 29.23
C THR F 302 37.04 4.27 30.04
N ARG F 303 36.88 4.14 31.35
CA ARG F 303 37.82 3.29 32.09
C ARG F 303 37.29 1.89 32.29
N ALA F 304 36.19 1.53 31.65
CA ALA F 304 35.60 0.22 31.83
C ALA F 304 35.29 -0.48 30.52
N SER F 305 35.63 0.12 29.39
CA SER F 305 35.44 -0.51 28.10
C SER F 305 36.60 -1.46 27.82
N LYS F 306 36.73 -1.94 26.59
CA LYS F 306 37.86 -2.78 26.22
C LYS F 306 38.39 -2.37 24.86
N PHE F 307 39.61 -1.87 24.83
CA PHE F 307 40.23 -1.36 23.62
C PHE F 307 41.23 -2.35 23.05
N SER F 308 41.69 -2.03 21.85
CA SER F 308 42.61 -2.87 21.11
C SER F 308 43.30 -2.00 20.07
N ALA F 309 44.60 -2.15 19.93
CA ALA F 309 45.34 -1.41 18.92
C ALA F 309 44.97 -1.90 17.53
N PHE F 310 45.24 -1.07 16.54
CA PHE F 310 44.70 -1.29 15.21
C PHE F 310 45.53 -0.54 14.20
N GLN F 311 45.94 -1.21 13.13
CA GLN F 311 46.88 -0.62 12.19
C GLN F 311 46.78 -1.37 10.88
N GLU F 312 46.68 -0.65 9.76
CA GLU F 312 46.55 -1.33 8.48
C GLU F 312 47.59 -0.85 7.48
N CYS F 313 47.96 -1.76 6.58
CA CYS F 313 49.04 -1.53 5.63
C CYS F 313 48.72 -2.30 4.35
N LYS F 314 49.64 -2.26 3.39
CA LYS F 314 49.42 -2.90 2.10
C LYS F 314 50.62 -3.68 1.63
N ILE F 315 50.37 -4.82 1.00
CA ILE F 315 51.39 -5.65 0.37
C ILE F 315 51.34 -5.43 -1.12
N GLN F 316 52.46 -5.03 -1.70
CA GLN F 316 52.58 -4.97 -3.14
C GLN F 316 53.30 -6.23 -3.61
N GLU F 317 53.07 -6.60 -4.87
CA GLU F 317 53.67 -7.78 -5.46
C GLU F 317 55.19 -7.65 -5.54
N LEU F 318 55.88 -8.79 -5.39
CA LEU F 318 57.32 -8.81 -5.15
C LEU F 318 58.13 -8.35 -6.36
N SER F 319 57.51 -8.32 -7.54
CA SER F 319 58.03 -7.91 -8.86
C SER F 319 59.09 -8.88 -9.38
N GLN F 320 59.18 -10.06 -8.83
CA GLN F 320 59.98 -11.13 -9.39
C GLN F 320 59.12 -12.30 -9.83
N GLN F 321 57.90 -12.38 -9.30
CA GLN F 321 56.97 -13.46 -9.54
C GLN F 321 55.80 -13.04 -10.41
N VAL F 322 56.05 -12.17 -11.38
CA VAL F 322 55.02 -11.56 -12.23
C VAL F 322 55.11 -12.21 -13.60
N PRO F 323 54.04 -12.29 -14.37
CA PRO F 323 54.17 -12.65 -15.79
C PRO F 323 54.85 -11.54 -16.60
N VAL F 324 54.89 -11.76 -17.91
CA VAL F 324 55.79 -10.99 -18.76
C VAL F 324 55.31 -9.55 -18.96
N GLY F 325 54.01 -9.33 -19.06
CA GLY F 325 53.54 -8.01 -19.40
C GLY F 325 52.66 -7.31 -18.39
N HIS F 326 52.84 -7.57 -17.10
CA HIS F 326 51.84 -7.11 -16.14
C HIS F 326 52.41 -6.10 -15.17
N ILE F 327 51.59 -5.73 -14.19
CA ILE F 327 51.86 -4.67 -13.21
C ILE F 327 51.57 -5.24 -11.83
N PRO F 328 52.35 -4.90 -10.80
CA PRO F 328 52.07 -5.39 -9.45
C PRO F 328 50.73 -4.93 -8.87
N ARG F 329 50.03 -5.87 -8.22
CA ARG F 329 48.75 -5.61 -7.58
C ARG F 329 48.96 -5.29 -6.10
N SER F 330 47.88 -5.30 -5.32
CA SER F 330 47.97 -5.02 -3.90
C SER F 330 46.84 -5.73 -3.16
N LEU F 331 46.95 -5.76 -1.84
CA LEU F 331 46.01 -6.49 -0.99
C LEU F 331 46.17 -6.03 0.45
N ASN F 332 45.07 -5.63 1.09
CA ASN F 332 45.13 -4.99 2.39
C ASN F 332 45.38 -5.98 3.51
N ILE F 333 45.79 -5.45 4.65
CA ILE F 333 46.04 -6.24 5.85
C ILE F 333 45.57 -5.44 7.06
N HIS F 334 44.73 -6.03 7.89
CA HIS F 334 44.50 -5.49 9.21
C HIS F 334 45.42 -6.19 10.19
N VAL F 335 45.78 -5.50 11.28
CA VAL F 335 46.65 -6.04 12.31
C VAL F 335 46.09 -5.66 13.67
N ASN F 336 45.81 -6.66 14.50
CA ASN F 336 45.25 -6.41 15.82
C ASN F 336 46.13 -7.02 16.89
N GLY F 337 46.28 -6.31 18.01
CA GLY F 337 46.85 -6.92 19.20
C GLY F 337 48.33 -6.72 19.41
N THR F 338 49.01 -7.78 19.87
CA THR F 338 50.40 -7.68 20.28
C THR F 338 51.33 -7.54 19.09
N LEU F 339 50.92 -8.04 17.94
CA LEU F 339 51.75 -8.10 16.74
C LEU F 339 52.06 -6.72 16.14
N VAL F 340 51.45 -5.66 16.67
CA VAL F 340 51.61 -4.30 16.14
C VAL F 340 53.07 -3.83 16.28
N ARG F 341 53.42 -2.83 15.48
CA ARG F 341 54.76 -2.22 15.41
C ARG F 341 55.83 -3.21 15.00
N SER F 342 55.51 -4.12 14.09
CA SER F 342 56.51 -5.02 13.52
C SER F 342 56.51 -5.00 12.01
N LEU F 343 55.94 -3.98 11.39
CA LEU F 343 55.80 -3.90 9.95
C LEU F 343 56.47 -2.61 9.48
N SER F 344 57.71 -2.68 9.26
CA SER F 344 58.39 -1.48 8.81
C SER F 344 58.22 -1.31 7.30
N PRO F 345 58.15 -0.08 6.80
CA PRO F 345 57.98 0.11 5.36
C PRO F 345 59.23 -0.21 4.59
N GLY F 346 59.04 -0.73 3.38
CA GLY F 346 60.13 -1.08 2.49
C GLY F 346 60.91 -2.32 2.90
N ASP F 347 60.22 -3.45 3.06
CA ASP F 347 60.89 -4.69 3.46
C ASP F 347 60.51 -5.86 2.56
N ILE F 348 60.91 -7.06 2.95
CA ILE F 348 60.48 -8.29 2.31
C ILE F 348 60.00 -9.22 3.41
N VAL F 349 58.72 -9.59 3.37
CA VAL F 349 58.08 -10.14 4.55
C VAL F 349 57.30 -11.38 4.13
N ASP F 350 57.01 -12.25 5.10
CA ASP F 350 56.22 -13.46 4.91
C ASP F 350 55.09 -13.47 5.92
N VAL F 351 53.97 -12.84 5.58
CA VAL F 351 52.84 -12.75 6.49
C VAL F 351 51.98 -13.97 6.29
N THR F 352 51.57 -14.61 7.39
CA THR F 352 50.67 -15.76 7.36
C THR F 352 49.42 -15.40 8.13
N GLY F 353 48.27 -15.49 7.49
CA GLY F 353 47.05 -15.18 8.22
C GLY F 353 45.86 -15.77 7.50
N ILE F 354 44.70 -15.54 8.08
CA ILE F 354 43.46 -16.05 7.53
C ILE F 354 42.76 -14.92 6.79
N PHE F 355 41.84 -15.28 5.91
CA PHE F 355 41.47 -14.48 4.75
C PHE F 355 39.95 -14.29 4.67
N LEU F 356 39.42 -13.22 5.23
CA LEU F 356 38.00 -13.07 5.48
C LEU F 356 37.35 -12.10 4.50
N PRO F 357 36.02 -12.02 4.45
CA PRO F 357 35.35 -10.94 3.72
C PRO F 357 34.96 -9.75 4.59
N ALA F 358 34.69 -8.59 3.98
CA ALA F 358 34.25 -7.41 4.72
C ALA F 358 33.41 -6.50 3.81
N PRO F 359 32.15 -6.26 4.15
CA PRO F 359 31.15 -5.87 3.16
C PRO F 359 31.31 -4.44 2.66
N TYR F 360 31.30 -4.29 1.34
CA TYR F 360 31.35 -3.06 0.59
C TYR F 360 31.16 -3.40 -0.89
N THR F 361 30.59 -2.46 -1.61
CA THR F 361 30.80 -2.36 -3.05
C THR F 361 30.96 -0.89 -3.36
N GLY F 362 31.30 -0.57 -4.59
CA GLY F 362 31.83 0.76 -4.86
C GLY F 362 30.73 1.76 -5.12
N PHE F 363 30.62 2.20 -6.36
CA PHE F 363 29.49 3.03 -6.75
C PHE F 363 28.20 2.23 -6.65
N LYS F 364 27.11 2.93 -6.36
CA LYS F 364 25.85 2.25 -6.10
C LYS F 364 25.28 1.64 -7.38
N ALA F 365 25.60 2.22 -8.52
CA ALA F 365 25.03 1.75 -9.78
C ALA F 365 25.80 0.57 -10.36
N LEU F 366 26.85 0.12 -9.68
CA LEU F 366 27.62 -1.00 -10.20
C LEU F 366 27.35 -2.28 -9.44
N LYS F 367 26.51 -2.23 -8.42
CA LYS F 367 26.31 -3.39 -7.56
C LYS F 367 25.37 -4.39 -8.22
N ALA F 368 25.70 -5.68 -8.07
CA ALA F 368 24.81 -6.75 -8.49
C ALA F 368 24.38 -7.66 -7.35
N GLY F 369 25.03 -7.59 -6.19
CA GLY F 369 24.61 -8.33 -5.02
C GLY F 369 25.22 -9.71 -5.04
N LEU F 370 26.04 -10.08 -4.08
CA LEU F 370 26.27 -9.34 -2.85
C LEU F 370 27.75 -9.08 -2.64
N LEU F 371 28.40 -8.48 -3.64
CA LEU F 371 29.86 -8.35 -3.77
C LEU F 371 30.53 -7.91 -2.48
N THR F 372 31.71 -8.48 -2.22
CA THR F 372 32.18 -8.61 -0.85
C THR F 372 33.50 -7.93 -0.50
N GLU F 373 34.47 -7.81 -1.41
CA GLU F 373 35.69 -7.01 -1.20
C GLU F 373 36.55 -7.49 -0.02
N THR F 374 37.41 -8.49 -0.24
CA THR F 374 38.22 -9.16 0.78
C THR F 374 39.38 -8.38 1.40
N TYR F 375 39.88 -8.85 2.54
CA TYR F 375 41.15 -8.44 3.14
C TYR F 375 41.87 -9.66 3.69
N LEU F 376 42.98 -9.43 4.40
CA LEU F 376 43.77 -10.49 5.01
C LEU F 376 44.08 -10.15 6.45
N GLU F 377 43.54 -10.93 7.38
CA GLU F 377 43.89 -10.83 8.78
C GLU F 377 45.32 -11.31 8.97
N ALA F 378 46.02 -10.78 9.99
CA ALA F 378 47.40 -11.18 10.25
C ALA F 378 47.44 -12.09 11.46
N GLN F 379 48.38 -13.05 11.46
CA GLN F 379 48.57 -13.96 12.58
C GLN F 379 50.01 -14.06 13.06
N PHE F 380 50.99 -14.10 12.16
CA PHE F 380 52.37 -14.30 12.54
C PHE F 380 53.29 -13.84 11.41
N VAL F 381 54.26 -13.00 11.77
CA VAL F 381 55.04 -12.24 10.79
C VAL F 381 56.49 -12.69 10.85
N ARG F 382 57.02 -13.13 9.71
CA ARG F 382 58.39 -13.61 9.61
C ARG F 382 59.11 -12.86 8.52
N GLN F 383 60.19 -12.18 8.87
CA GLN F 383 60.92 -11.35 7.92
C GLN F 383 62.09 -12.10 7.33
N HIS F 384 62.32 -11.90 6.05
CA HIS F 384 63.67 -12.07 5.54
C HIS F 384 64.47 -10.84 5.92
N LYS F 385 65.80 -10.97 5.86
CA LYS F 385 66.76 -9.91 6.16
C LYS F 385 66.54 -9.34 7.56
N LYS F 386 66.83 -10.19 8.55
CA LYS F 386 66.52 -9.86 9.93
C LYS F 386 67.34 -8.70 10.43
N LYS F 387 66.66 -7.76 11.08
CA LYS F 387 67.19 -6.43 11.31
C LYS F 387 68.00 -6.37 12.61
N PHE F 388 69.25 -5.94 12.50
CA PHE F 388 70.00 -5.55 13.68
C PHE F 388 69.54 -4.16 14.10
N ALA F 389 69.42 -3.91 15.41
CA ALA F 389 69.94 -4.75 16.49
C ALA F 389 68.85 -5.37 17.34
N SER F 390 67.83 -5.95 16.68
CA SER F 390 66.74 -6.58 17.40
C SER F 390 67.02 -8.06 17.67
N PHE F 391 68.11 -8.31 18.41
CA PHE F 391 68.44 -9.65 18.83
C PHE F 391 69.25 -9.59 20.12
N SER F 392 69.05 -10.62 20.96
CA SER F 392 69.72 -10.69 22.26
C SER F 392 70.55 -11.95 22.41
N LEU F 393 70.06 -13.10 21.94
CA LEU F 393 70.65 -14.39 22.26
C LEU F 393 72.02 -14.55 21.62
N THR F 394 72.89 -15.30 22.29
CA THR F 394 74.27 -15.45 21.88
C THR F 394 74.73 -16.90 21.89
N SER F 395 74.07 -17.78 22.67
CA SER F 395 74.62 -19.09 23.00
C SER F 395 74.66 -20.03 21.80
N ASP F 396 73.53 -20.19 21.12
CA ASP F 396 73.50 -20.99 19.90
C ASP F 396 74.20 -20.29 18.73
N VAL F 397 74.32 -18.97 18.80
CA VAL F 397 74.83 -18.18 17.68
C VAL F 397 76.34 -18.39 17.53
N GLU F 398 77.02 -18.60 18.66
CA GLU F 398 78.46 -18.82 18.65
C GLU F 398 78.85 -20.13 18.00
N GLU F 399 77.91 -21.06 17.84
CA GLU F 399 78.19 -22.29 17.10
C GLU F 399 78.45 -22.00 15.63
N ARG F 400 77.90 -20.90 15.12
CA ARG F 400 78.17 -20.47 13.76
C ARG F 400 79.22 -19.37 13.69
N VAL F 401 79.25 -18.47 14.66
CA VAL F 401 80.18 -17.34 14.63
C VAL F 401 81.60 -17.82 14.96
N MET F 402 81.73 -18.67 15.97
CA MET F 402 83.05 -19.16 16.37
C MET F 402 83.66 -20.09 15.35
N GLU F 403 82.87 -20.61 14.40
CA GLU F 403 83.47 -21.30 13.26
C GLU F 403 84.19 -20.31 12.35
N LEU F 404 83.61 -19.14 12.13
CA LEU F 404 84.28 -18.13 11.33
C LEU F 404 85.49 -17.56 12.07
N ILE F 405 85.37 -17.39 13.39
CA ILE F 405 86.48 -16.86 14.18
C ILE F 405 87.63 -17.88 14.25
N THR F 406 87.29 -19.15 14.43
CA THR F 406 88.30 -20.21 14.41
C THR F 406 88.66 -20.66 13.01
N SER F 407 88.12 -20.02 11.97
CA SER F 407 88.55 -20.35 10.61
C SER F 407 89.90 -19.76 10.29
N GLY F 408 90.28 -18.68 10.95
CA GLY F 408 91.55 -18.03 10.69
C GLY F 408 91.48 -17.03 9.55
N ASP F 409 92.01 -15.82 9.80
CA ASP F 409 92.03 -14.69 8.86
C ASP F 409 90.61 -14.34 8.40
N VAL F 410 89.86 -13.83 9.38
CA VAL F 410 88.45 -13.52 9.17
C VAL F 410 88.30 -12.35 8.20
N TYR F 411 89.18 -11.37 8.31
CA TYR F 411 88.96 -10.07 7.68
C TYR F 411 89.15 -10.11 6.17
N ASN F 412 90.25 -10.69 5.70
CA ASN F 412 90.47 -10.78 4.27
C ASN F 412 89.52 -11.80 3.63
N ARG F 413 89.06 -12.78 4.41
CA ARG F 413 88.06 -13.71 3.92
C ARG F 413 86.73 -13.03 3.67
N LEU F 414 86.25 -12.24 4.64
CA LEU F 414 85.03 -11.47 4.44
C LEU F 414 85.17 -10.46 3.33
N ALA F 415 86.36 -9.85 3.20
CA ALA F 415 86.59 -8.93 2.10
C ALA F 415 86.55 -9.64 0.76
N LYS F 416 86.93 -10.92 0.74
CA LYS F 416 86.75 -11.71 -0.47
C LYS F 416 85.28 -12.02 -0.70
N SER F 417 84.48 -12.10 0.36
CA SER F 417 83.15 -12.66 0.25
C SER F 417 82.11 -11.72 -0.37
N ILE F 418 82.24 -10.41 -0.19
CA ILE F 418 81.27 -9.47 -0.75
C ILE F 418 81.43 -9.42 -2.26
N ALA F 419 80.37 -9.83 -2.97
CA ALA F 419 80.24 -9.95 -4.41
C ALA F 419 81.40 -10.70 -5.03
N PRO F 420 81.52 -12.01 -4.83
CA PRO F 420 82.70 -12.72 -5.33
C PRO F 420 82.71 -12.88 -6.82
N GLU F 421 81.61 -12.63 -7.50
CA GLU F 421 81.45 -13.02 -8.89
C GLU F 421 82.09 -12.04 -9.86
N ILE F 422 82.86 -11.07 -9.38
CA ILE F 422 83.71 -10.25 -10.23
C ILE F 422 85.15 -10.63 -9.96
N TYR F 423 86.06 -10.06 -10.72
CA TYR F 423 87.48 -10.28 -10.52
C TYR F 423 88.18 -8.95 -10.28
N GLY F 424 89.16 -8.97 -9.39
CA GLY F 424 90.00 -7.82 -9.14
C GLY F 424 89.42 -6.93 -8.07
N ASN F 425 90.14 -5.82 -7.84
CA ASN F 425 89.74 -4.73 -6.96
C ASN F 425 89.51 -5.22 -5.53
N LEU F 426 90.57 -5.77 -4.94
CA LEU F 426 90.46 -6.22 -3.56
C LEU F 426 90.38 -5.04 -2.61
N ASP F 427 90.92 -3.90 -3.00
CA ASP F 427 90.94 -2.76 -2.12
C ASP F 427 89.58 -2.08 -2.04
N VAL F 428 88.80 -2.14 -3.11
CA VAL F 428 87.47 -1.53 -3.11
C VAL F 428 86.53 -2.31 -2.20
N LYS F 429 86.53 -3.64 -2.34
CA LYS F 429 85.80 -4.50 -1.42
C LYS F 429 86.29 -4.31 0.01
N LYS F 430 87.60 -4.13 0.17
CA LYS F 430 88.22 -3.90 1.47
C LYS F 430 87.64 -2.66 2.14
N ALA F 431 87.47 -1.57 1.37
CA ALA F 431 86.91 -0.37 1.95
C ALA F 431 85.41 -0.49 2.20
N LEU F 432 84.71 -1.20 1.32
CA LEU F 432 83.25 -1.26 1.46
C LEU F 432 82.80 -2.15 2.60
N LEU F 433 83.63 -3.09 3.05
CA LEU F 433 83.34 -3.76 4.32
C LEU F 433 83.37 -2.77 5.47
N LEU F 434 84.32 -1.83 5.44
CA LEU F 434 84.35 -0.77 6.44
C LEU F 434 83.19 0.19 6.29
N LEU F 435 82.59 0.30 5.09
CA LEU F 435 81.33 1.03 5.00
C LEU F 435 80.22 0.29 5.72
N LEU F 436 80.11 -1.03 5.52
CA LEU F 436 79.03 -1.78 6.16
C LEU F 436 79.16 -1.82 7.67
N VAL F 437 80.37 -1.80 8.21
CA VAL F 437 80.50 -1.80 9.66
C VAL F 437 80.14 -0.42 10.21
N GLY F 438 80.88 0.60 9.80
CA GLY F 438 80.59 1.95 10.25
C GLY F 438 81.01 2.18 11.69
N GLY F 439 80.34 3.14 12.33
CA GLY F 439 80.64 3.50 13.71
C GLY F 439 81.88 4.37 13.82
N VAL F 440 82.05 5.01 14.98
CA VAL F 440 81.11 4.98 16.11
C VAL F 440 80.74 6.40 16.45
N ASP F 441 79.44 6.67 16.62
CA ASP F 441 78.94 7.97 17.00
C ASP F 441 79.41 8.37 18.39
N LYS F 442 79.34 9.68 18.67
CA LYS F 442 79.87 10.17 19.94
C LYS F 442 79.17 11.47 20.32
N ARG F 443 78.59 11.49 21.51
CA ARG F 443 77.98 12.68 22.10
C ARG F 443 78.96 13.28 23.09
N VAL F 444 79.14 14.60 23.03
CA VAL F 444 80.15 15.25 23.86
C VAL F 444 79.51 16.12 24.94
N GLY F 445 78.23 15.89 25.26
CA GLY F 445 77.59 16.54 26.38
C GLY F 445 77.14 17.97 26.14
N ASP F 446 77.45 18.54 24.97
CA ASP F 446 76.98 19.89 24.66
C ASP F 446 75.44 19.98 24.50
N GLY F 447 74.80 19.18 23.61
CA GLY F 447 75.23 18.04 22.81
C GLY F 447 75.32 18.29 21.32
N MET F 448 76.55 18.43 20.84
CA MET F 448 76.79 18.35 19.41
C MET F 448 77.31 16.96 19.07
N LYS F 449 76.86 16.46 17.93
CA LYS F 449 77.06 15.06 17.59
C LYS F 449 78.03 14.97 16.44
N ILE F 450 78.89 13.96 16.48
CA ILE F 450 79.81 13.71 15.37
C ILE F 450 79.51 12.35 14.77
N ARG F 451 79.88 12.22 13.51
CA ARG F 451 79.73 10.97 12.78
C ARG F 451 81.10 10.30 12.62
N GLY F 452 81.13 8.97 12.78
CA GLY F 452 79.98 8.14 13.03
C GLY F 452 79.62 7.35 11.79
N ASP F 453 80.14 7.77 10.63
CA ASP F 453 79.75 7.16 9.37
C ASP F 453 80.79 7.49 8.31
N ILE F 454 80.76 6.74 7.20
CA ILE F 454 81.74 6.85 6.12
C ILE F 454 80.97 7.15 4.84
N ASN F 455 81.58 7.95 3.95
CA ASN F 455 80.96 8.31 2.68
C ASN F 455 81.96 8.09 1.55
N VAL F 456 81.59 7.26 0.57
CA VAL F 456 82.52 6.76 -0.44
C VAL F 456 82.00 7.05 -1.83
N CYS F 457 82.85 7.63 -2.68
CA CYS F 457 82.57 7.79 -4.09
C CYS F 457 83.31 6.75 -4.92
N LEU F 458 82.90 6.61 -6.18
CA LEU F 458 83.54 5.70 -7.14
C LEU F 458 83.66 6.40 -8.48
N MET F 459 84.81 6.25 -9.13
CA MET F 459 85.14 7.02 -10.32
C MET F 459 85.83 6.10 -11.32
N GLY F 460 85.68 6.42 -12.60
CA GLY F 460 86.26 5.63 -13.66
C GLY F 460 85.17 5.11 -14.57
N ASP F 461 85.49 4.70 -15.79
CA ASP F 461 84.44 4.32 -16.73
C ASP F 461 85.05 3.46 -17.83
N PRO F 462 84.27 2.58 -18.46
CA PRO F 462 82.96 2.09 -17.99
C PRO F 462 82.97 0.63 -17.52
N GLY F 463 83.97 -0.14 -17.93
CA GLY F 463 83.90 -1.57 -17.78
C GLY F 463 84.64 -2.08 -16.57
N VAL F 464 84.59 -1.34 -15.47
CA VAL F 464 85.23 -1.81 -14.25
C VAL F 464 84.21 -2.44 -13.31
N ALA F 465 82.99 -2.65 -13.80
CA ALA F 465 81.90 -3.37 -13.11
C ALA F 465 81.56 -2.74 -11.77
N LYS F 466 81.11 -1.48 -11.83
CA LYS F 466 80.79 -0.76 -10.62
C LYS F 466 79.33 -0.90 -10.20
N SER F 467 78.44 -1.19 -11.14
CA SER F 467 77.03 -1.33 -10.79
C SER F 467 76.76 -2.64 -10.06
N GLN F 468 77.61 -3.64 -10.30
CA GLN F 468 77.46 -4.92 -9.64
C GLN F 468 77.71 -4.78 -8.14
N LEU F 469 78.64 -3.92 -7.76
CA LEU F 469 78.88 -3.70 -6.34
C LEU F 469 77.74 -2.93 -5.71
N LEU F 470 77.09 -2.06 -6.47
CA LEU F 470 76.02 -1.27 -5.88
C LEU F 470 74.78 -2.11 -5.65
N LYS F 471 74.45 -2.96 -6.63
CA LYS F 471 73.37 -3.91 -6.38
C LYS F 471 73.75 -4.90 -5.28
N ALA F 472 75.02 -5.28 -5.21
CA ALA F 472 75.48 -6.24 -4.22
C ALA F 472 75.34 -5.70 -2.80
N ILE F 473 76.03 -4.60 -2.49
CA ILE F 473 76.02 -4.08 -1.14
C ILE F 473 74.70 -3.43 -0.80
N CYS F 474 73.98 -2.94 -1.80
CA CYS F 474 72.58 -2.63 -1.54
C CYS F 474 71.67 -3.86 -1.59
N LYS F 475 72.23 -5.08 -1.55
CA LYS F 475 71.45 -6.25 -1.22
C LYS F 475 71.89 -6.95 0.07
N ILE F 476 73.16 -6.81 0.47
CA ILE F 476 73.58 -7.42 1.73
C ILE F 476 73.00 -6.66 2.93
N SER F 477 73.09 -5.34 2.92
CA SER F 477 72.69 -4.59 4.09
C SER F 477 71.17 -4.52 4.19
N PRO F 478 70.60 -4.75 5.36
CA PRO F 478 69.17 -4.48 5.53
C PRO F 478 68.93 -2.99 5.51
N ARG F 479 67.74 -2.60 5.05
CA ARG F 479 67.31 -1.21 4.87
C ARG F 479 68.28 -0.49 3.91
N GLY F 480 68.26 -0.94 2.66
CA GLY F 480 69.14 -0.37 1.65
C GLY F 480 68.41 -0.05 0.36
N VAL F 481 68.45 1.21 -0.06
CA VAL F 481 67.61 1.69 -1.15
C VAL F 481 68.50 2.14 -2.31
N TYR F 482 68.18 1.66 -3.51
CA TYR F 482 68.95 1.88 -4.71
C TYR F 482 68.14 2.76 -5.65
N THR F 483 68.56 4.01 -5.83
CA THR F 483 67.85 4.94 -6.71
C THR F 483 68.77 5.39 -7.83
N THR F 484 68.25 5.42 -9.04
CA THR F 484 69.04 5.83 -10.18
C THR F 484 69.10 7.35 -10.28
N GLY F 485 69.65 7.83 -11.39
CA GLY F 485 69.86 9.25 -11.61
C GLY F 485 68.59 10.04 -11.79
N LYS F 486 67.87 9.82 -12.88
CA LYS F 486 66.62 10.55 -13.13
C LYS F 486 65.67 9.64 -13.91
N GLY F 487 64.80 8.92 -13.20
CA GLY F 487 64.87 8.77 -11.75
C GLY F 487 63.94 9.59 -10.89
N SER F 488 64.29 9.67 -9.61
CA SER F 488 63.50 10.41 -8.64
C SER F 488 63.60 11.92 -8.88
N SER F 489 62.51 12.61 -8.59
CA SER F 489 62.48 14.06 -8.64
C SER F 489 63.07 14.62 -7.36
N GLY F 490 62.97 15.94 -7.20
CA GLY F 490 63.34 16.54 -5.94
C GLY F 490 62.39 16.18 -4.83
N VAL F 491 61.10 16.05 -5.16
CA VAL F 491 60.09 15.73 -4.16
C VAL F 491 59.96 14.23 -3.97
N GLY F 492 60.62 13.43 -4.79
CA GLY F 492 60.54 12.00 -4.64
C GLY F 492 61.42 11.49 -3.52
N LEU F 493 62.57 12.11 -3.31
CA LEU F 493 63.47 11.65 -2.26
C LEU F 493 63.57 12.61 -1.09
N THR F 494 62.78 13.68 -1.07
CA THR F 494 62.38 14.29 0.18
C THR F 494 60.95 13.88 0.49
N ALA F 495 60.46 14.24 1.67
CA ALA F 495 59.10 13.85 1.99
C ALA F 495 58.09 14.73 1.28
N ALA F 496 56.86 14.25 1.22
CA ALA F 496 55.74 15.00 0.70
C ALA F 496 54.55 14.79 1.62
N VAL F 497 53.52 15.62 1.45
CA VAL F 497 52.35 15.59 2.29
C VAL F 497 51.16 15.14 1.47
N MET F 498 50.44 14.14 1.95
CA MET F 498 49.23 13.72 1.28
C MET F 498 48.19 13.32 2.32
N LYS F 499 46.93 13.48 1.93
CA LYS F 499 45.80 13.12 2.78
C LYS F 499 45.78 11.62 3.01
N ASP F 500 45.40 11.21 4.20
CA ASP F 500 45.42 9.80 4.52
C ASP F 500 44.01 9.23 4.50
N PRO F 501 43.77 8.13 3.78
CA PRO F 501 42.55 7.34 3.99
C PRO F 501 42.56 6.63 5.34
N VAL F 502 41.58 5.76 5.59
CA VAL F 502 40.73 5.78 6.78
C VAL F 502 41.27 6.42 8.06
N THR F 503 42.48 6.08 8.49
CA THR F 503 43.03 6.78 9.64
C THR F 503 43.49 8.19 9.27
N ASP F 504 43.22 9.14 10.16
CA ASP F 504 43.31 10.56 9.82
C ASP F 504 44.26 11.27 10.80
N GLU F 505 44.94 12.34 10.34
CA GLU F 505 44.99 12.89 8.98
C GLU F 505 46.35 13.53 8.73
N MET F 506 46.64 13.78 7.45
CA MET F 506 47.74 14.65 6.99
C MET F 506 49.11 14.19 7.48
N ILE F 507 49.45 12.95 7.17
CA ILE F 507 50.75 12.42 7.54
C ILE F 507 51.75 12.74 6.44
N LEU F 508 53.00 12.96 6.84
CA LEU F 508 54.07 13.20 5.87
C LEU F 508 54.52 11.87 5.31
N GLU F 509 54.17 11.60 4.07
CA GLU F 509 54.63 10.40 3.41
C GLU F 509 56.11 10.55 3.09
N GLY F 510 56.90 9.56 3.49
CA GLY F 510 58.34 9.66 3.31
C GLY F 510 58.77 9.39 1.88
N GLY F 511 59.97 9.86 1.57
CA GLY F 511 60.58 9.65 0.30
C GLY F 511 61.62 8.55 0.34
N ALA F 512 62.64 8.68 -0.51
CA ALA F 512 63.67 7.65 -0.54
C ALA F 512 64.61 7.76 0.65
N LEU F 513 65.03 8.99 0.99
CA LEU F 513 66.02 9.14 2.04
C LEU F 513 65.42 8.91 3.42
N VAL F 514 64.16 9.27 3.61
CA VAL F 514 63.53 9.05 4.91
C VAL F 514 63.24 7.57 5.11
N LEU F 515 63.03 6.83 4.02
CA LEU F 515 62.86 5.39 4.08
C LEU F 515 64.12 4.71 4.56
N ALA F 516 65.26 5.02 3.97
CA ALA F 516 66.50 4.31 4.27
C ALA F 516 67.37 5.18 5.15
N ASP F 517 67.08 5.19 6.43
CA ASP F 517 67.96 5.78 7.42
C ASP F 517 68.48 4.69 8.33
N ASN F 518 69.68 4.93 8.85
CA ASN F 518 70.55 3.92 9.44
C ASN F 518 70.74 2.75 8.49
N GLY F 519 71.16 3.07 7.28
CA GLY F 519 71.37 2.08 6.24
C GLY F 519 72.35 2.61 5.23
N ILE F 520 72.18 2.19 3.97
CA ILE F 520 73.04 2.61 2.87
C ILE F 520 72.16 3.01 1.70
N CYS F 521 72.37 4.21 1.20
CA CYS F 521 71.63 4.72 0.05
C CYS F 521 72.55 4.77 -1.16
N CYS F 522 72.47 3.75 -2.01
CA CYS F 522 73.21 3.72 -3.25
C CYS F 522 72.63 4.74 -4.24
N ILE F 523 73.49 5.34 -5.06
CA ILE F 523 73.08 6.35 -6.03
C ILE F 523 73.82 6.10 -7.35
N ASP F 524 73.08 5.98 -8.44
CA ASP F 524 73.69 5.93 -9.76
C ASP F 524 73.71 7.30 -10.41
N GLU F 525 74.75 7.54 -11.22
CA GLU F 525 74.83 8.65 -12.18
C GLU F 525 74.66 9.99 -11.49
N PHE F 526 75.64 10.30 -10.65
CA PHE F 526 75.53 11.43 -9.73
C PHE F 526 75.64 12.76 -10.46
N ASP F 527 76.22 12.77 -11.66
CA ASP F 527 76.42 14.01 -12.39
C ASP F 527 75.11 14.54 -13.00
N LYS F 528 74.19 13.64 -13.32
CA LYS F 528 72.97 14.05 -14.04
C LYS F 528 71.89 14.56 -13.09
N MET F 529 72.20 14.68 -11.80
CA MET F 529 71.21 15.15 -10.85
C MET F 529 70.91 16.63 -11.04
N ASP F 530 69.65 16.99 -10.82
CA ASP F 530 69.25 18.38 -10.74
C ASP F 530 69.91 19.04 -9.53
N GLU F 531 70.09 20.35 -9.62
CA GLU F 531 70.92 21.06 -8.65
C GLU F 531 70.24 21.17 -7.28
N SER F 532 68.91 21.09 -7.24
CA SER F 532 68.22 21.05 -5.95
C SER F 532 68.55 19.78 -5.18
N ASP F 533 68.66 18.67 -5.92
CA ASP F 533 69.05 17.40 -5.32
C ASP F 533 70.47 17.47 -4.79
N ARG F 534 71.35 18.23 -5.45
CA ARG F 534 72.70 18.41 -4.95
C ARG F 534 72.70 19.09 -3.59
N THR F 535 71.86 20.11 -3.41
CA THR F 535 71.82 20.78 -2.12
C THR F 535 71.15 19.90 -1.06
N ALA F 536 70.26 19.01 -1.48
CA ALA F 536 69.73 18.02 -0.54
C ALA F 536 70.82 17.07 -0.06
N ILE F 537 71.66 16.60 -0.97
CA ILE F 537 72.76 15.71 -0.60
C ILE F 537 73.76 16.45 0.30
N HIS F 538 74.05 17.70 -0.03
CA HIS F 538 74.94 18.49 0.82
C HIS F 538 74.33 18.75 2.19
N GLU F 539 73.01 18.77 2.29
CA GLU F 539 72.41 18.87 3.61
C GLU F 539 72.44 17.53 4.34
N VAL F 540 72.57 16.42 3.61
CA VAL F 540 72.74 15.14 4.29
C VAL F 540 74.19 14.98 4.75
N MET F 541 75.11 15.72 4.12
CA MET F 541 76.51 15.63 4.54
C MET F 541 76.76 16.26 5.90
N GLU F 542 76.02 17.31 6.24
CA GLU F 542 75.85 17.65 7.64
C GLU F 542 74.81 16.71 8.24
N GLN F 543 75.01 16.34 9.49
CA GLN F 543 74.24 15.22 10.02
C GLN F 543 72.82 15.65 10.36
N GLN F 544 71.90 14.69 10.25
CA GLN F 544 70.53 14.63 10.75
C GLN F 544 69.55 15.47 9.95
N THR F 545 69.98 16.30 9.02
CA THR F 545 69.17 17.45 8.67
C THR F 545 68.73 17.42 7.22
N ILE F 546 67.42 17.51 7.01
CA ILE F 546 66.84 18.05 5.79
C ILE F 546 65.78 19.04 6.22
N SER F 547 65.85 20.26 5.72
CA SER F 547 64.92 21.29 6.13
C SER F 547 64.08 21.76 4.93
N ILE F 548 62.79 21.92 5.16
CA ILE F 548 61.83 22.19 4.11
C ILE F 548 61.04 23.43 4.52
N SER F 549 60.87 24.36 3.59
CA SER F 549 59.98 25.51 3.79
C SER F 549 59.02 25.66 2.62
N LYS F 550 58.41 24.56 2.20
CA LYS F 550 57.45 24.63 1.10
C LYS F 550 56.08 25.04 1.60
N ALA F 551 55.07 24.82 0.77
CA ALA F 551 53.76 25.44 0.94
C ALA F 551 52.97 24.93 2.14
N GLY F 552 53.35 23.82 2.74
CA GLY F 552 52.61 23.34 3.89
C GLY F 552 53.46 22.70 4.97
N ILE F 553 54.77 22.90 4.88
CA ILE F 553 55.73 22.19 5.71
C ILE F 553 56.71 23.21 6.27
N ASN F 554 57.02 23.09 7.56
CA ASN F 554 58.09 23.87 8.17
C ASN F 554 59.03 22.98 8.97
N THR F 555 59.05 21.69 8.68
CA THR F 555 59.63 20.71 9.59
C THR F 555 61.12 20.55 9.35
N THR F 556 61.76 19.82 10.26
CA THR F 556 63.16 19.41 10.12
C THR F 556 63.21 17.92 10.42
N LEU F 557 63.03 17.11 9.38
CA LEU F 557 63.04 15.68 9.56
C LEU F 557 64.46 15.14 9.72
N ASN F 558 64.56 13.91 10.18
CA ASN F 558 65.84 13.29 10.51
C ASN F 558 66.25 12.29 9.47
N ALA F 559 67.56 12.16 9.26
CA ALA F 559 68.13 11.18 8.36
C ALA F 559 69.54 10.86 8.81
N ARG F 560 69.81 9.62 9.17
CA ARG F 560 71.10 9.18 9.67
C ARG F 560 71.80 8.28 8.66
N THR F 561 71.68 8.62 7.39
CA THR F 561 71.98 7.69 6.32
C THR F 561 73.47 7.65 6.04
N SER F 562 73.87 6.77 5.13
CA SER F 562 75.21 6.68 4.59
C SER F 562 75.09 6.74 3.09
N ILE F 563 75.97 7.47 2.43
CA ILE F 563 75.84 7.66 0.98
C ILE F 563 77.02 7.03 0.29
N LEU F 564 76.73 6.18 -0.69
CA LEU F 564 77.71 5.69 -1.65
C LEU F 564 77.30 6.23 -3.01
N ALA F 565 78.24 6.82 -3.73
CA ALA F 565 77.92 7.42 -5.02
C ALA F 565 78.75 6.77 -6.12
N ALA F 566 78.41 7.05 -7.36
CA ALA F 566 79.14 6.51 -8.50
C ALA F 566 79.04 7.51 -9.65
N ALA F 567 80.04 8.39 -9.76
CA ALA F 567 80.04 9.41 -10.79
C ALA F 567 80.99 9.03 -11.91
N ASN F 568 80.63 9.39 -13.09
CA ASN F 568 81.43 9.16 -14.28
C ASN F 568 82.31 10.37 -14.57
N PRO F 569 83.45 10.17 -15.20
CA PRO F 569 84.28 11.31 -15.58
C PRO F 569 83.73 12.07 -16.78
N LEU F 570 84.41 13.13 -17.18
CA LEU F 570 84.07 13.82 -18.42
C LEU F 570 84.43 12.92 -19.61
N TYR F 571 83.71 13.13 -20.71
CA TYR F 571 83.93 12.35 -21.92
C TYR F 571 85.33 12.60 -22.49
N GLY F 572 85.95 11.53 -23.01
CA GLY F 572 85.45 10.17 -22.95
C GLY F 572 85.90 9.44 -21.70
N ARG F 573 87.23 9.33 -21.55
CA ARG F 573 87.83 8.74 -20.37
C ARG F 573 89.30 9.18 -20.30
N TYR F 574 89.74 9.53 -19.09
CA TYR F 574 91.12 9.50 -18.60
C TYR F 574 92.17 10.04 -19.57
N ASN F 575 92.17 11.35 -19.79
CA ASN F 575 93.28 11.95 -20.51
C ASN F 575 94.30 12.45 -19.50
N PRO F 576 95.50 11.87 -19.43
CA PRO F 576 96.55 12.44 -18.57
C PRO F 576 97.05 13.79 -19.06
N ARG F 577 96.74 14.18 -20.30
CA ARG F 577 96.87 15.58 -20.67
C ARG F 577 95.94 16.45 -19.84
N LEU F 578 94.67 16.04 -19.72
CA LEU F 578 93.73 16.78 -18.90
C LEU F 578 94.05 16.66 -17.43
N SER F 579 93.77 17.71 -16.70
CA SER F 579 94.05 17.80 -15.28
C SER F 579 92.99 17.06 -14.49
N PRO F 580 93.28 16.68 -13.25
CA PRO F 580 92.18 16.35 -12.32
C PRO F 580 91.29 17.55 -12.10
N LEU F 581 90.00 17.28 -11.93
CA LEU F 581 88.86 18.19 -11.78
C LEU F 581 88.52 18.86 -13.11
N ASP F 582 89.34 18.67 -14.14
CA ASP F 582 88.92 18.99 -15.49
C ASP F 582 88.01 17.88 -16.03
N ASN F 583 88.40 16.64 -15.81
CA ASN F 583 87.59 15.49 -16.18
C ASN F 583 86.54 15.16 -15.11
N ILE F 584 86.42 15.98 -14.07
CA ILE F 584 85.44 15.78 -13.01
C ILE F 584 84.45 16.94 -13.06
N ASN F 585 83.15 16.63 -13.10
CA ASN F 585 82.11 17.65 -13.16
C ASN F 585 81.62 18.08 -11.79
N LEU F 586 82.44 17.96 -10.76
CA LEU F 586 82.01 18.23 -9.40
C LEU F 586 83.01 19.15 -8.71
N PRO F 587 82.55 20.06 -7.86
CA PRO F 587 83.47 20.94 -7.14
C PRO F 587 84.24 20.19 -6.06
N ALA F 588 85.40 20.74 -5.71
CA ALA F 588 86.28 20.10 -4.74
C ALA F 588 85.78 20.22 -3.32
N ALA F 589 84.77 21.05 -3.06
CA ALA F 589 84.09 21.01 -1.77
C ALA F 589 83.40 19.67 -1.56
N LEU F 590 82.69 19.21 -2.59
CA LEU F 590 82.07 17.90 -2.56
C LEU F 590 83.12 16.80 -2.55
N LEU F 591 84.30 17.07 -3.12
CA LEU F 591 85.42 16.15 -2.96
C LEU F 591 85.95 16.17 -1.54
N SER F 592 85.77 17.29 -0.83
CA SER F 592 86.24 17.35 0.53
C SER F 592 85.24 16.74 1.50
N ARG F 593 83.97 16.67 1.11
CA ARG F 593 82.98 16.05 1.96
C ARG F 593 83.09 14.54 1.95
N PHE F 594 83.61 13.98 0.87
CA PHE F 594 83.95 12.58 0.83
C PHE F 594 85.32 12.42 1.46
N ASP F 595 85.38 11.66 2.55
CA ASP F 595 86.68 11.41 3.15
C ASP F 595 87.48 10.40 2.36
N ILE F 596 86.81 9.50 1.64
CA ILE F 596 87.48 8.50 0.85
C ILE F 596 87.01 8.65 -0.59
N LEU F 597 87.95 8.85 -1.50
CA LEU F 597 87.64 8.96 -2.92
C LEU F 597 88.46 7.94 -3.66
N PHE F 598 87.85 7.32 -4.68
CA PHE F 598 88.51 6.30 -5.49
C PHE F 598 88.55 6.71 -6.95
N LEU F 599 89.29 5.93 -7.71
CA LEU F 599 89.22 6.00 -9.16
C LEU F 599 89.65 4.65 -9.71
N MET F 600 88.89 4.17 -10.69
CA MET F 600 89.12 2.86 -11.30
C MET F 600 89.56 3.09 -12.73
N LEU F 601 90.85 2.87 -13.00
CA LEU F 601 91.40 3.09 -14.32
C LEU F 601 90.99 1.97 -15.27
N ASP F 602 91.29 2.17 -16.55
CA ASP F 602 91.09 1.14 -17.57
C ASP F 602 92.25 1.25 -18.57
N ILE F 603 93.29 0.48 -18.32
CA ILE F 603 94.49 0.44 -19.16
C ILE F 603 94.68 -0.98 -19.65
N PRO F 604 94.84 -1.18 -20.96
CA PRO F 604 95.08 -2.54 -21.50
C PRO F 604 96.43 -3.08 -21.04
N SER F 605 96.41 -4.29 -20.52
CA SER F 605 97.59 -4.92 -19.96
C SER F 605 97.57 -6.40 -20.30
N ARG F 606 98.74 -6.94 -20.64
CA ARG F 606 98.78 -8.27 -21.25
C ARG F 606 98.50 -9.39 -20.24
N ASP F 607 98.99 -9.28 -19.02
CA ASP F 607 99.04 -10.46 -18.15
C ASP F 607 97.69 -10.77 -17.52
N ASP F 608 96.90 -9.76 -17.14
CA ASP F 608 95.66 -10.02 -16.44
C ASP F 608 94.55 -10.57 -17.34
N ASP F 609 94.69 -10.45 -18.65
CA ASP F 609 93.60 -10.77 -19.56
C ASP F 609 93.29 -12.26 -19.58
N GLU F 610 94.31 -13.10 -19.40
CA GLU F 610 94.06 -14.52 -19.41
C GLU F 610 93.38 -14.97 -18.14
N LYS F 611 93.76 -14.36 -17.00
CA LYS F 611 93.10 -14.67 -15.74
C LYS F 611 91.65 -14.20 -15.77
N LEU F 612 91.41 -13.06 -16.41
CA LEU F 612 90.05 -12.54 -16.50
C LEU F 612 89.20 -13.39 -17.43
N ALA F 613 89.78 -13.84 -18.55
CA ALA F 613 89.02 -14.65 -19.49
C ALA F 613 88.71 -16.03 -18.92
N GLU F 614 89.68 -16.66 -18.25
CA GLU F 614 89.43 -17.94 -17.59
C GLU F 614 88.45 -17.78 -16.43
N HIS F 615 88.45 -16.61 -15.81
CA HIS F 615 87.51 -16.30 -14.75
C HIS F 615 86.08 -16.24 -15.26
N VAL F 616 85.84 -15.42 -16.28
CA VAL F 616 84.48 -15.21 -16.77
C VAL F 616 83.97 -16.45 -17.50
N THR F 617 84.77 -16.99 -18.41
CA THR F 617 84.35 -18.20 -19.12
C THR F 617 84.25 -19.39 -18.19
N TYR F 618 85.05 -19.40 -17.11
CA TYR F 618 84.84 -20.41 -16.09
C TYR F 618 83.48 -20.24 -15.41
N VAL F 619 82.96 -19.02 -15.32
CA VAL F 619 81.52 -18.89 -15.12
C VAL F 619 80.94 -18.17 -16.34
N HIS F 620 80.73 -18.97 -17.36
CA HIS F 620 79.51 -19.09 -18.12
C HIS F 620 79.46 -20.60 -18.30
N MET F 621 80.62 -21.22 -18.07
CA MET F 621 80.73 -22.67 -18.11
C MET F 621 80.00 -23.33 -16.96
N HIS F 622 79.96 -22.68 -15.80
CA HIS F 622 79.36 -23.22 -14.59
C HIS F 622 78.61 -22.06 -13.94
N ASN F 623 78.26 -22.22 -12.67
CA ASN F 623 77.62 -21.14 -11.96
C ASN F 623 78.34 -20.73 -10.67
N LYS F 624 79.52 -21.26 -10.39
CA LYS F 624 80.29 -20.86 -9.21
C LYS F 624 81.75 -20.61 -9.59
N GLN F 625 82.28 -19.48 -9.15
CA GLN F 625 83.65 -19.08 -9.48
C GLN F 625 84.79 -19.69 -8.65
N PRO F 626 84.83 -19.56 -7.32
CA PRO F 626 86.12 -19.72 -6.63
C PRO F 626 86.57 -21.16 -6.53
N ASP F 627 87.89 -21.33 -6.52
CA ASP F 627 88.49 -22.65 -6.36
C ASP F 627 89.92 -22.49 -5.88
N LEU F 628 90.35 -23.45 -5.06
CA LEU F 628 91.75 -23.67 -4.69
C LEU F 628 92.35 -22.42 -4.01
N ASP F 629 91.93 -22.16 -2.77
CA ASP F 629 91.22 -23.05 -1.86
C ASP F 629 90.33 -22.22 -0.93
N PHE F 630 89.07 -22.07 -1.32
CA PHE F 630 88.22 -21.06 -0.69
C PHE F 630 86.77 -21.39 -0.96
N THR F 631 85.93 -21.16 0.05
CA THR F 631 84.50 -21.18 -0.17
C THR F 631 83.91 -19.82 0.17
N PRO F 632 82.92 -19.35 -0.56
CA PRO F 632 82.27 -18.10 -0.20
C PRO F 632 81.35 -18.27 1.00
N VAL F 633 81.42 -17.29 1.90
CA VAL F 633 80.56 -17.27 3.07
C VAL F 633 79.14 -16.93 2.63
N GLU F 634 78.17 -17.70 3.11
CA GLU F 634 76.77 -17.41 2.81
C GLU F 634 76.37 -16.08 3.46
N PRO F 635 75.52 -15.29 2.81
CA PRO F 635 75.28 -13.92 3.29
C PRO F 635 74.50 -13.82 4.58
N SER F 636 73.70 -14.84 4.93
CA SER F 636 72.96 -14.78 6.17
C SER F 636 73.89 -14.91 7.37
N LYS F 637 74.86 -15.82 7.30
CA LYS F 637 75.82 -15.95 8.39
C LYS F 637 76.72 -14.72 8.46
N MET F 638 76.97 -14.09 7.32
CA MET F 638 77.78 -12.88 7.31
C MET F 638 77.06 -11.72 7.97
N ARG F 639 75.76 -11.57 7.68
CA ARG F 639 74.97 -10.56 8.38
C ARG F 639 74.83 -10.87 9.86
N GLU F 640 74.92 -12.15 10.23
CA GLU F 640 74.97 -12.44 11.65
C GLU F 640 76.30 -12.00 12.26
N TYR F 641 77.38 -12.11 11.50
CA TYR F 641 78.68 -11.71 12.03
C TYR F 641 78.76 -10.19 12.17
N ILE F 642 78.44 -9.45 11.12
CA ILE F 642 78.52 -7.99 11.15
C ILE F 642 77.48 -7.42 12.10
N ALA F 643 76.30 -8.03 12.14
CA ALA F 643 75.28 -7.64 13.11
C ALA F 643 75.74 -7.91 14.54
N TYR F 644 76.58 -8.93 14.73
CA TYR F 644 77.17 -9.11 16.05
C TYR F 644 78.26 -8.09 16.33
N ALA F 645 78.93 -7.59 15.29
CA ALA F 645 80.13 -6.81 15.50
C ALA F 645 79.86 -5.39 15.97
N LYS F 646 78.63 -4.89 15.87
CA LYS F 646 78.38 -3.47 16.08
C LYS F 646 78.07 -3.14 17.54
N THR F 647 78.38 -4.03 18.46
CA THR F 647 78.05 -3.79 19.86
C THR F 647 79.31 -3.74 20.71
N LYS F 648 80.32 -3.01 20.25
CA LYS F 648 81.62 -3.05 20.91
C LYS F 648 82.05 -1.72 21.50
N ARG F 649 82.06 -0.64 20.70
CA ARG F 649 82.52 0.71 21.06
C ARG F 649 83.95 0.69 21.60
N PRO F 650 84.95 0.59 20.74
CA PRO F 650 86.34 0.54 21.22
C PRO F 650 86.80 1.90 21.74
N VAL F 651 87.93 1.87 22.45
CA VAL F 651 88.48 3.02 23.16
C VAL F 651 89.95 3.19 22.77
N MET F 652 90.32 4.40 22.35
CA MET F 652 91.70 4.68 21.93
C MET F 652 92.59 4.93 23.14
N SER F 653 93.84 5.31 22.88
CA SER F 653 94.89 5.34 23.90
C SER F 653 95.86 6.47 23.55
N GLU F 654 97.07 6.40 24.13
CA GLU F 654 98.01 7.52 24.10
C GLU F 654 99.12 7.36 23.06
N ALA F 655 99.55 6.13 22.76
CA ALA F 655 100.58 5.97 21.73
C ALA F 655 100.01 6.23 20.34
N VAL F 656 98.75 5.83 20.14
CA VAL F 656 98.07 6.13 18.90
C VAL F 656 97.81 7.61 18.75
N ASN F 657 97.77 8.36 19.86
CA ASN F 657 97.70 9.82 19.79
C ASN F 657 98.96 10.37 19.12
N ASP F 658 100.13 9.93 19.57
CA ASP F 658 101.39 10.37 18.98
C ASP F 658 101.47 9.97 17.52
N TYR F 659 101.07 8.74 17.19
CA TYR F 659 101.24 8.28 15.83
C TYR F 659 100.28 8.97 14.86
N VAL F 660 99.04 9.20 15.30
CA VAL F 660 98.07 9.92 14.47
C VAL F 660 98.49 11.36 14.27
N VAL F 661 98.99 12.00 15.33
CA VAL F 661 99.42 13.40 15.25
C VAL F 661 100.59 13.54 14.28
N GLN F 662 101.60 12.69 14.41
CA GLN F 662 102.77 12.81 13.54
C GLN F 662 102.46 12.47 12.10
N ALA F 663 101.56 11.51 11.88
CA ALA F 663 101.15 11.21 10.51
C ALA F 663 100.37 12.36 9.89
N TYR F 664 99.55 13.05 10.69
CA TYR F 664 98.85 14.22 10.19
C TYR F 664 99.80 15.37 9.90
N ILE F 665 100.89 15.47 10.66
CA ILE F 665 101.93 16.45 10.33
C ILE F 665 102.60 16.10 9.02
N ARG F 666 102.77 14.79 8.73
CA ARG F 666 103.33 14.38 7.45
C ARG F 666 102.43 14.78 6.29
N LEU F 667 101.16 14.40 6.35
CA LEU F 667 100.24 14.63 5.24
C LEU F 667 99.98 16.11 5.04
N ARG F 668 99.78 16.85 6.13
CA ARG F 668 99.63 18.29 6.08
C ARG F 668 100.89 18.96 5.54
N GLN F 669 102.05 18.38 5.87
CA GLN F 669 103.32 19.00 5.52
C GLN F 669 103.60 18.87 4.03
N ASP F 670 103.51 17.66 3.49
CA ASP F 670 103.84 17.50 2.09
C ASP F 670 102.70 17.84 1.14
N SER F 671 101.46 17.89 1.65
CA SER F 671 100.33 18.17 0.77
C SER F 671 100.31 19.62 0.29
N LYS F 672 100.89 20.54 1.05
CA LYS F 672 100.81 21.97 0.77
C LYS F 672 102.10 22.54 0.20
N ARG F 673 103.03 21.70 -0.24
CA ARG F 673 104.24 22.19 -0.90
C ARG F 673 104.15 22.09 -2.41
N GLU F 674 102.98 21.74 -2.95
CA GLU F 674 102.81 21.66 -4.39
C GLU F 674 101.96 22.81 -4.91
N MET F 675 100.74 22.95 -4.36
CA MET F 675 99.84 24.09 -4.58
C MET F 675 99.44 24.25 -6.05
N ASP F 676 99.31 23.14 -6.77
CA ASP F 676 99.10 23.21 -8.21
C ASP F 676 97.84 22.46 -8.60
N SER F 677 97.41 22.68 -9.84
CA SER F 677 96.30 21.96 -10.43
C SER F 677 96.76 20.72 -11.17
N LYS F 678 97.86 20.10 -10.74
CA LYS F 678 98.50 18.95 -11.36
C LYS F 678 97.82 17.70 -10.80
N PHE F 679 98.42 16.52 -10.99
CA PHE F 679 97.86 15.26 -10.51
C PHE F 679 97.79 15.21 -8.98
N SER F 680 98.52 16.10 -8.30
CA SER F 680 98.35 16.30 -6.87
C SER F 680 96.96 16.81 -6.55
N PHE F 681 96.45 16.42 -5.39
CA PHE F 681 95.16 16.89 -4.90
C PHE F 681 95.35 17.65 -3.61
N GLY F 682 95.16 18.96 -3.67
CA GLY F 682 95.27 19.81 -2.51
C GLY F 682 93.92 19.97 -1.85
N GLN F 683 93.90 20.21 -0.54
CA GLN F 683 95.10 20.44 0.27
C GLN F 683 95.12 19.62 1.55
N ALA F 684 94.47 18.45 1.53
CA ALA F 684 94.40 17.49 2.65
C ALA F 684 93.80 18.13 3.89
N THR F 685 92.50 18.44 3.78
CA THR F 685 91.69 19.06 4.82
C THR F 685 91.67 18.22 6.11
N PRO F 686 91.34 18.83 7.26
CA PRO F 686 91.24 18.04 8.50
C PRO F 686 90.06 17.06 8.54
N ARG F 687 89.16 17.11 7.57
CA ARG F 687 88.18 16.04 7.41
C ARG F 687 88.85 14.71 7.11
N THR F 688 90.04 14.72 6.50
CA THR F 688 90.82 13.50 6.37
C THR F 688 91.33 13.04 7.73
N LEU F 689 91.61 13.96 8.63
CA LEU F 689 92.09 13.56 9.95
C LEU F 689 90.97 12.93 10.76
N LEU F 690 89.80 13.56 10.76
CA LEU F 690 88.65 12.97 11.43
C LEU F 690 88.20 11.68 10.74
N GLY F 691 88.34 11.62 9.42
CA GLY F 691 88.00 10.41 8.71
C GLY F 691 88.98 9.28 8.94
N ILE F 692 90.23 9.60 9.26
CA ILE F 692 91.21 8.53 9.45
C ILE F 692 91.20 8.03 10.89
N ILE F 693 90.85 8.89 11.85
CA ILE F 693 90.53 8.39 13.18
C ILE F 693 89.28 7.52 13.13
N ARG F 694 88.31 7.94 12.33
CA ARG F 694 87.07 7.19 12.21
C ARG F 694 87.27 5.86 11.52
N LEU F 695 88.18 5.78 10.53
CA LEU F 695 88.50 4.48 9.93
C LEU F 695 89.27 3.58 10.88
N SER F 696 90.12 4.18 11.71
CA SER F 696 90.78 3.37 12.74
C SER F 696 89.77 2.78 13.71
N GLN F 697 88.81 3.60 14.15
CA GLN F 697 87.77 3.12 15.06
C GLN F 697 86.85 2.11 14.38
N ALA F 698 86.75 2.16 13.05
CA ALA F 698 85.98 1.14 12.35
C ALA F 698 86.74 -0.17 12.23
N LEU F 699 88.04 -0.11 11.94
CA LEU F 699 88.81 -1.35 11.82
C LEU F 699 89.01 -2.03 13.16
N ALA F 700 88.97 -1.27 14.25
CA ALA F 700 89.17 -1.88 15.56
C ALA F 700 88.02 -2.80 15.96
N LYS F 701 86.83 -2.60 15.40
CA LYS F 701 85.68 -3.39 15.80
C LYS F 701 85.70 -4.78 15.20
N LEU F 702 86.30 -4.97 14.03
CA LEU F 702 86.32 -6.30 13.44
C LEU F 702 87.32 -7.23 14.09
N ARG F 703 88.19 -6.71 14.96
CA ARG F 703 88.97 -7.56 15.83
C ARG F 703 88.16 -7.98 17.06
N LEU F 704 87.06 -7.26 17.33
CA LEU F 704 86.13 -7.51 18.44
C LEU F 704 86.85 -7.45 19.78
N ALA F 705 87.60 -6.37 19.99
CA ALA F 705 88.66 -6.41 20.97
C ALA F 705 88.70 -5.25 21.95
N ASP F 706 88.29 -4.04 21.55
CA ASP F 706 88.53 -2.78 22.29
C ASP F 706 90.03 -2.60 22.56
N MET F 707 90.84 -2.92 21.55
CA MET F 707 92.28 -3.03 21.63
C MET F 707 92.92 -2.27 20.47
N VAL F 708 92.61 -0.98 20.35
CA VAL F 708 93.16 -0.13 19.28
C VAL F 708 94.68 -0.12 19.33
N ASP F 709 95.32 -0.58 18.26
CA ASP F 709 96.76 -0.80 18.20
C ASP F 709 97.36 -0.09 16.98
N ILE F 710 98.61 -0.43 16.68
CA ILE F 710 99.33 0.25 15.60
C ILE F 710 99.09 -0.40 14.24
N ASP F 711 98.69 -1.68 14.21
CA ASP F 711 98.34 -2.30 12.93
C ASP F 711 97.02 -1.73 12.41
N ASP F 712 96.17 -1.30 13.33
CA ASP F 712 94.95 -0.56 13.02
C ASP F 712 95.26 0.69 12.21
N VAL F 713 95.97 1.63 12.83
CA VAL F 713 96.17 2.94 12.21
C VAL F 713 97.11 2.82 11.03
N GLU F 714 98.03 1.84 11.06
CA GLU F 714 98.88 1.61 9.90
C GLU F 714 98.07 1.09 8.73
N GLU F 715 97.10 0.22 9.00
CA GLU F 715 96.18 -0.25 7.95
C GLU F 715 95.37 0.90 7.37
N ALA F 716 94.95 1.84 8.23
CA ALA F 716 94.17 2.98 7.75
C ALA F 716 95.00 3.90 6.86
N LEU F 717 96.24 4.20 7.26
CA LEU F 717 97.11 5.00 6.41
C LEU F 717 97.44 4.29 5.11
N ARG F 718 97.49 2.96 5.12
CA ARG F 718 97.68 2.22 3.88
C ARG F 718 96.50 2.43 2.94
N LEU F 719 95.27 2.30 3.45
CA LEU F 719 94.12 2.54 2.58
C LEU F 719 93.97 3.99 2.17
N VAL F 720 94.54 4.93 2.91
CA VAL F 720 94.50 6.32 2.45
C VAL F 720 95.49 6.53 1.31
N ARG F 721 96.74 6.11 1.48
CA ARG F 721 97.72 6.39 0.43
C ARG F 721 97.54 5.52 -0.80
N VAL F 722 96.90 4.35 -0.67
CA VAL F 722 96.64 3.50 -1.82
C VAL F 722 95.28 3.83 -2.42
N SER F 723 94.36 4.37 -1.61
CA SER F 723 93.01 4.75 -2.00
C SER F 723 92.98 5.69 -3.20
N LYS F 724 93.54 6.87 -3.04
CA LYS F 724 93.78 7.75 -4.15
C LYS F 724 95.12 7.41 -4.78
N GLU F 725 95.59 8.27 -5.68
CA GLU F 725 96.92 8.23 -6.28
C GLU F 725 97.15 6.92 -7.03
N SER F 726 96.14 6.47 -7.75
CA SER F 726 96.29 5.31 -8.61
C SER F 726 96.39 5.68 -10.07
N LEU F 727 96.42 6.98 -10.40
CA LEU F 727 96.42 7.45 -11.78
C LEU F 727 97.82 7.63 -12.35
N TYR F 728 98.83 6.96 -11.78
CA TYR F 728 100.21 7.17 -12.21
C TYR F 728 100.53 6.44 -13.50
N GLN F 729 99.97 5.26 -13.71
CA GLN F 729 100.24 4.49 -14.90
C GLN F 729 99.54 5.09 -16.12
N PRO G 201 -22.71 34.99 25.98
CA PRO G 201 -21.95 36.21 25.73
C PRO G 201 -21.27 36.74 26.97
N ASN G 202 -20.53 37.85 26.84
CA ASN G 202 -19.77 38.41 27.94
C ASN G 202 -20.60 39.22 28.93
N VAL G 203 -21.87 39.46 28.60
CA VAL G 203 -22.77 40.20 29.47
C VAL G 203 -23.03 39.42 30.76
N SER G 204 -23.04 38.10 30.66
CA SER G 204 -23.53 37.23 31.72
C SER G 204 -22.60 37.14 32.92
N ARG G 205 -21.39 37.69 32.85
CA ARG G 205 -20.58 37.75 34.06
C ARG G 205 -21.16 38.74 35.05
N THR G 206 -21.80 39.80 34.56
CA THR G 206 -22.58 40.68 35.42
C THR G 206 -23.79 39.97 35.99
N ILE G 207 -24.49 39.20 35.14
CA ILE G 207 -25.68 38.47 35.53
C ILE G 207 -25.37 37.42 36.58
N ALA G 208 -24.14 36.88 36.56
CA ALA G 208 -23.70 35.92 37.57
C ALA G 208 -23.67 36.55 38.95
N ARG G 209 -23.11 37.73 39.08
CA ARG G 209 -23.11 38.40 40.37
C ARG G 209 -24.45 39.04 40.67
N GLU G 210 -25.34 39.15 39.68
CA GLU G 210 -26.72 39.56 39.94
C GLU G 210 -27.52 38.43 40.57
N LEU G 211 -27.30 37.19 40.12
CA LEU G 211 -27.96 36.07 40.77
C LEU G 211 -27.27 35.63 42.05
N LYS G 212 -26.02 36.03 42.26
CA LYS G 212 -25.48 35.92 43.60
C LYS G 212 -25.91 37.09 44.46
N SER G 213 -26.35 38.18 43.84
CA SER G 213 -27.11 39.19 44.56
C SER G 213 -28.55 38.76 44.79
N PHE G 214 -29.00 37.71 44.13
CA PHE G 214 -30.31 37.12 44.39
C PHE G 214 -30.25 35.96 45.36
N LEU G 215 -29.12 35.26 45.41
CA LEU G 215 -29.10 33.93 46.02
C LEU G 215 -29.16 34.00 47.54
N LEU G 216 -28.14 34.59 48.15
CA LEU G 216 -27.91 34.44 49.59
C LEU G 216 -28.53 35.55 50.41
N GLU G 217 -29.25 36.50 49.79
CA GLU G 217 -29.94 37.52 50.57
C GLU G 217 -31.38 37.72 50.09
N TYR G 218 -31.94 36.75 49.37
CA TYR G 218 -33.38 36.72 49.18
C TYR G 218 -34.00 36.34 50.52
N THR G 219 -34.48 37.33 51.25
CA THR G 219 -35.04 37.12 52.58
C THR G 219 -36.54 37.32 52.54
N ASP G 220 -37.28 36.40 53.14
CA ASP G 220 -38.73 36.45 53.12
C ASP G 220 -39.24 35.59 54.27
N GLU G 221 -40.31 36.05 54.93
CA GLU G 221 -40.90 35.42 56.11
C GLU G 221 -39.88 35.28 57.24
N THR G 222 -39.57 36.44 57.83
CA THR G 222 -38.72 36.64 59.01
C THR G 222 -37.28 36.26 58.68
N GLY G 223 -36.71 36.97 57.72
CA GLY G 223 -35.34 36.69 57.29
C GLY G 223 -35.31 35.36 56.55
N ARG G 224 -34.37 34.51 56.97
CA ARG G 224 -34.31 33.10 56.61
C ARG G 224 -34.19 32.90 55.09
N SER G 225 -33.03 33.28 54.57
CA SER G 225 -32.71 33.01 53.18
C SER G 225 -32.73 31.51 52.93
N VAL G 226 -33.76 31.04 52.21
CA VAL G 226 -34.04 29.62 52.12
C VAL G 226 -33.00 28.91 51.26
N TYR G 227 -32.38 29.64 50.33
CA TYR G 227 -31.46 29.00 49.39
C TYR G 227 -30.13 28.67 50.07
N GLY G 228 -29.65 29.57 50.94
CA GLY G 228 -28.46 29.25 51.72
C GLY G 228 -28.72 28.18 52.76
N ALA G 229 -29.93 28.13 53.31
CA ALA G 229 -30.32 27.02 54.17
C ALA G 229 -30.29 25.71 53.40
N ARG G 230 -30.69 25.76 52.13
CA ARG G 230 -30.61 24.57 51.28
C ARG G 230 -29.15 24.21 50.98
N ILE G 231 -28.26 25.21 50.93
CA ILE G 231 -26.84 24.89 50.74
C ILE G 231 -26.28 24.22 51.99
N ARG G 232 -26.66 24.70 53.17
CA ARG G 232 -26.16 24.07 54.39
C ARG G 232 -26.96 22.84 54.82
N THR G 233 -27.97 22.42 54.05
CA THR G 233 -28.52 21.09 54.26
C THR G 233 -27.97 20.04 53.30
N LEU G 234 -27.41 20.43 52.16
CA LEU G 234 -26.74 19.48 51.28
C LEU G 234 -25.29 19.92 51.02
N GLY G 235 -24.37 19.55 51.91
CA GLY G 235 -24.66 18.94 53.20
C GLY G 235 -24.25 17.50 53.37
N GLU G 236 -24.72 16.91 54.46
CA GLU G 236 -24.43 15.51 54.74
C GLU G 236 -25.23 14.57 53.86
N MET G 237 -26.32 15.05 53.26
CA MET G 237 -27.11 14.23 52.35
C MET G 237 -26.35 13.93 51.08
N ASN G 238 -25.54 14.90 50.62
CA ASN G 238 -24.68 14.80 49.42
C ASN G 238 -25.51 14.46 48.18
N SER G 239 -26.42 15.37 47.84
CA SER G 239 -27.35 15.17 46.75
C SER G 239 -26.86 15.74 45.43
N GLU G 240 -25.86 16.63 45.48
CA GLU G 240 -25.26 17.38 44.35
C GLU G 240 -26.31 17.97 43.38
N SER G 241 -27.45 18.40 43.92
CA SER G 241 -28.51 19.03 43.16
C SER G 241 -29.20 20.06 44.03
N LEU G 242 -29.53 21.21 43.44
CA LEU G 242 -29.99 22.37 44.19
C LEU G 242 -31.31 22.87 43.62
N GLU G 243 -32.19 23.32 44.50
CA GLU G 243 -33.52 23.75 44.12
C GLU G 243 -33.59 25.26 44.05
N VAL G 244 -34.25 25.77 43.01
CA VAL G 244 -34.54 27.18 42.83
C VAL G 244 -35.97 27.31 42.32
N ASN G 245 -36.84 27.96 43.09
CA ASN G 245 -38.19 28.21 42.61
C ASN G 245 -38.21 29.24 41.49
N TYR G 246 -39.34 29.31 40.81
CA TYR G 246 -39.50 30.27 39.73
C TYR G 246 -40.30 31.48 40.16
N ARG G 247 -41.10 31.37 41.22
CA ARG G 247 -41.89 32.49 41.69
C ARG G 247 -41.03 33.56 42.32
N HIS G 248 -39.87 33.17 42.85
CA HIS G 248 -39.05 34.10 43.61
C HIS G 248 -38.09 34.85 42.69
N LEU G 249 -37.53 34.14 41.71
CA LEU G 249 -36.80 34.80 40.64
C LEU G 249 -37.73 35.64 39.79
N ALA G 250 -39.00 35.23 39.66
CA ALA G 250 -39.98 36.10 39.03
C ALA G 250 -40.33 37.29 39.92
N GLU G 251 -40.15 37.14 41.23
CA GLU G 251 -40.50 38.18 42.18
C GLU G 251 -39.45 39.30 42.20
N SER G 252 -38.17 38.94 42.22
CA SER G 252 -37.14 39.98 42.27
C SER G 252 -37.00 40.68 40.91
N LYS G 253 -36.64 39.92 39.88
CA LYS G 253 -36.28 40.47 38.58
C LYS G 253 -37.03 39.72 37.49
N ALA G 254 -37.97 40.38 36.84
CA ALA G 254 -38.72 39.73 35.76
C ALA G 254 -37.86 39.50 34.52
N ILE G 255 -36.74 40.22 34.37
CA ILE G 255 -35.94 40.12 33.16
C ILE G 255 -35.22 38.79 33.09
N LEU G 256 -34.90 38.18 34.23
CA LEU G 256 -34.33 36.84 34.18
C LEU G 256 -35.39 35.77 34.07
N ALA G 257 -36.65 36.07 34.39
CA ALA G 257 -37.73 35.15 34.05
C ALA G 257 -37.92 35.11 32.54
N LEU G 258 -37.95 36.29 31.91
CA LEU G 258 -38.03 36.35 30.46
C LEU G 258 -36.75 35.86 29.80
N PHE G 259 -35.64 35.87 30.54
CA PHE G 259 -34.39 35.32 30.02
C PHE G 259 -34.05 33.95 30.58
N LEU G 260 -35.02 33.27 31.17
CA LEU G 260 -35.01 31.81 31.22
C LEU G 260 -35.97 31.24 30.19
N ALA G 261 -37.10 31.91 29.97
CA ALA G 261 -38.04 31.41 28.98
C ALA G 261 -37.55 31.54 27.56
N LYS G 262 -36.55 32.38 27.29
CA LYS G 262 -36.10 32.52 25.92
C LYS G 262 -35.12 31.42 25.55
N CYS G 263 -34.00 31.31 26.28
CA CYS G 263 -32.97 30.31 25.99
C CYS G 263 -32.36 29.85 27.30
N PRO G 264 -32.79 28.70 27.82
CA PRO G 264 -32.30 28.25 29.13
C PRO G 264 -30.94 27.59 29.08
N GLU G 265 -30.42 27.33 27.88
CA GLU G 265 -29.20 26.54 27.73
C GLU G 265 -28.00 27.24 28.34
N GLU G 266 -27.66 28.41 27.81
CA GLU G 266 -26.53 29.14 28.33
C GLU G 266 -26.78 29.73 29.70
N MET G 267 -28.05 29.98 30.05
CA MET G 267 -28.34 30.58 31.35
C MET G 267 -28.14 29.58 32.48
N LEU G 268 -28.57 28.34 32.28
CA LEU G 268 -28.21 27.29 33.22
C LEU G 268 -26.72 27.01 33.17
N LYS G 269 -26.14 27.06 31.97
CA LYS G 269 -24.73 26.74 31.74
C LYS G 269 -23.78 27.72 32.41
N ILE G 270 -24.24 28.94 32.71
CA ILE G 270 -23.43 29.94 33.38
C ILE G 270 -23.85 30.00 34.84
N PHE G 271 -25.12 29.66 35.10
CA PHE G 271 -25.67 29.63 36.44
C PHE G 271 -24.95 28.64 37.34
N ASP G 272 -24.73 27.42 36.83
CA ASP G 272 -24.25 26.33 37.66
C ASP G 272 -22.78 26.49 38.07
N LEU G 273 -22.00 27.20 37.26
CA LEU G 273 -20.61 27.47 37.62
C LEU G 273 -20.52 28.33 38.86
N VAL G 274 -21.30 29.42 38.87
CA VAL G 274 -21.21 30.34 39.98
C VAL G 274 -21.93 29.78 41.20
N ALA G 275 -22.94 28.92 40.99
CA ALA G 275 -23.51 28.18 42.11
C ALA G 275 -22.50 27.22 42.72
N MET G 276 -21.66 26.61 41.88
CA MET G 276 -20.58 25.75 42.34
C MET G 276 -19.57 26.53 43.18
N GLU G 277 -19.11 27.67 42.68
CA GLU G 277 -18.11 28.41 43.46
C GLU G 277 -18.70 29.11 44.67
N ALA G 278 -20.01 29.38 44.69
CA ALA G 278 -20.64 29.90 45.90
C ALA G 278 -20.74 28.81 46.96
N THR G 279 -21.04 27.58 46.51
CA THR G 279 -21.00 26.44 47.40
C THR G 279 -19.59 26.23 47.93
N GLU G 280 -18.58 26.46 47.09
CA GLU G 280 -17.20 26.30 47.51
C GLU G 280 -16.77 27.41 48.46
N LEU G 281 -17.37 28.60 48.34
CA LEU G 281 -17.06 29.57 49.37
C LEU G 281 -17.88 29.36 50.63
N HIS G 282 -18.87 28.44 50.61
CA HIS G 282 -19.41 28.00 51.89
C HIS G 282 -18.85 26.67 52.36
N TYR G 283 -18.47 25.78 51.44
CA TYR G 283 -17.92 24.47 51.83
C TYR G 283 -16.46 24.38 51.44
N PRO G 284 -15.57 24.10 52.40
CA PRO G 284 -14.14 24.30 52.15
C PRO G 284 -13.51 23.25 51.25
N ASP G 285 -14.04 22.03 51.20
CA ASP G 285 -13.38 20.94 50.50
C ASP G 285 -14.34 20.15 49.61
N TYR G 286 -15.40 20.77 49.12
CA TYR G 286 -16.42 20.02 48.39
C TYR G 286 -16.05 19.87 46.93
N ALA G 287 -15.14 20.72 46.43
CA ALA G 287 -14.76 20.68 45.01
C ALA G 287 -13.87 19.49 44.70
N ARG G 288 -13.37 18.81 45.74
CA ARG G 288 -12.58 17.61 45.51
C ARG G 288 -13.46 16.43 45.15
N ILE G 289 -14.62 16.31 45.80
CA ILE G 289 -15.42 15.10 45.67
C ILE G 289 -16.23 15.11 44.37
N HIS G 290 -17.02 16.15 44.14
CA HIS G 290 -17.93 16.18 43.00
C HIS G 290 -17.51 17.15 41.92
N SER G 291 -17.21 18.39 42.29
CA SER G 291 -16.91 19.54 41.43
C SER G 291 -18.03 19.86 40.46
N GLU G 292 -19.28 19.49 40.75
CA GLU G 292 -20.40 19.82 39.89
C GLU G 292 -21.70 19.72 40.69
N ILE G 293 -22.52 20.77 40.57
CA ILE G 293 -23.92 20.70 40.96
C ILE G 293 -24.76 21.27 39.84
N HIS G 294 -25.66 20.47 39.29
CA HIS G 294 -26.68 21.00 38.39
C HIS G 294 -27.95 21.24 39.19
N VAL G 295 -28.75 22.19 38.73
CA VAL G 295 -29.80 22.80 39.54
C VAL G 295 -31.16 22.39 39.02
N ARG G 296 -32.17 22.62 39.86
CA ARG G 296 -33.55 22.33 39.54
C ARG G 296 -34.29 23.62 39.25
N ILE G 297 -35.42 23.51 38.56
CA ILE G 297 -36.35 24.62 38.37
C ILE G 297 -37.74 24.07 38.60
N SER G 298 -38.44 24.62 39.58
CA SER G 298 -39.62 23.92 40.08
C SER G 298 -40.92 24.31 39.37
N ASP G 299 -41.35 25.56 39.49
CA ASP G 299 -42.76 25.87 39.28
C ASP G 299 -42.94 26.78 38.06
N PHE G 300 -43.05 26.18 36.88
CA PHE G 300 -43.14 26.95 35.67
C PHE G 300 -44.58 26.96 35.17
N PRO G 301 -45.27 28.09 35.25
CA PRO G 301 -46.75 28.09 35.25
C PRO G 301 -47.37 28.25 33.85
N THR G 302 -47.13 27.27 32.97
CA THR G 302 -47.91 27.11 31.73
C THR G 302 -47.87 25.65 31.30
N ILE G 303 -48.91 24.92 31.69
CA ILE G 303 -49.00 23.49 31.41
C ILE G 303 -49.61 23.31 30.04
N TYR G 304 -48.79 22.88 29.09
CA TYR G 304 -49.28 22.37 27.82
C TYR G 304 -49.39 20.86 27.97
N SER G 305 -50.60 20.32 27.78
CA SER G 305 -50.86 18.92 28.06
C SER G 305 -50.06 18.00 27.15
N LEU G 306 -50.46 17.92 25.89
CA LEU G 306 -49.67 17.48 24.74
C LEU G 306 -50.31 18.15 23.55
N ARG G 307 -49.86 17.77 22.35
CA ARG G 307 -50.40 18.11 21.03
C ARG G 307 -50.51 19.63 20.77
N GLU G 308 -49.96 20.44 21.68
CA GLU G 308 -49.81 21.87 21.51
C GLU G 308 -48.37 22.24 21.27
N LEU G 309 -47.49 21.25 21.25
CA LEU G 309 -46.12 21.45 20.82
C LEU G 309 -46.12 21.77 19.33
N ARG G 310 -45.51 22.89 18.98
CA ARG G 310 -45.42 23.29 17.58
C ARG G 310 -43.98 23.63 17.28
N GLU G 311 -43.77 24.26 16.12
CA GLU G 311 -42.42 24.53 15.65
C GLU G 311 -41.76 25.62 16.47
N SER G 312 -42.54 26.48 17.11
CA SER G 312 -41.97 27.67 17.75
C SER G 312 -41.41 27.34 19.12
N ASN G 313 -41.76 26.18 19.66
CA ASN G 313 -41.41 25.90 21.04
C ASN G 313 -40.05 25.23 21.16
N LEU G 314 -39.30 25.16 20.06
CA LEU G 314 -38.01 24.49 20.17
C LEU G 314 -36.96 25.41 20.77
N SER G 315 -36.01 24.82 21.49
CA SER G 315 -35.07 25.51 22.37
C SER G 315 -35.80 26.45 23.32
N SER G 316 -36.79 25.90 24.01
CA SER G 316 -37.54 26.64 25.01
C SER G 316 -37.60 25.84 26.30
N LEU G 317 -38.47 26.21 27.22
CA LEU G 317 -38.61 25.51 28.49
C LEU G 317 -40.08 25.19 28.68
N VAL G 318 -40.42 23.89 28.73
CA VAL G 318 -41.79 23.41 28.58
C VAL G 318 -42.12 22.50 29.77
N ARG G 319 -43.31 22.64 30.32
CA ARG G 319 -43.85 21.71 31.29
C ARG G 319 -44.95 20.86 30.67
N VAL G 320 -44.84 19.54 30.80
CA VAL G 320 -45.76 18.58 30.20
C VAL G 320 -46.19 17.58 31.27
N THR G 321 -47.44 17.13 31.21
CA THR G 321 -47.91 16.01 32.01
C THR G 321 -48.08 14.76 31.16
N GLY G 322 -48.08 13.60 31.82
CA GLY G 322 -48.22 12.35 31.09
C GLY G 322 -48.13 11.15 32.01
N VAL G 323 -48.21 9.96 31.41
CA VAL G 323 -48.12 8.69 32.12
C VAL G 323 -46.99 7.87 31.48
N VAL G 324 -46.13 7.32 32.32
CA VAL G 324 -44.90 6.68 31.87
C VAL G 324 -45.18 5.30 31.31
N THR G 325 -44.74 5.06 30.08
CA THR G 325 -44.81 3.78 29.40
C THR G 325 -43.50 3.04 29.66
N ARG G 326 -43.12 2.09 28.81
CA ARG G 326 -41.89 1.30 28.96
C ARG G 326 -40.64 2.17 28.98
N ARG G 327 -39.51 1.53 29.31
CA ARG G 327 -38.25 2.23 29.37
C ARG G 327 -37.13 1.26 29.03
N THR G 328 -35.89 1.69 29.27
CA THR G 328 -34.71 0.87 29.09
C THR G 328 -33.95 0.75 30.41
N GLY G 329 -32.76 0.15 30.35
CA GLY G 329 -31.92 -0.03 31.52
C GLY G 329 -31.16 1.21 31.93
N VAL G 330 -29.93 1.07 32.41
CA VAL G 330 -29.09 2.20 32.79
C VAL G 330 -27.73 1.98 32.14
N PHE G 331 -27.39 2.84 31.20
CA PHE G 331 -26.13 2.72 30.49
C PHE G 331 -25.21 3.87 30.89
N PRO G 332 -23.90 3.66 30.89
CA PRO G 332 -22.99 4.79 31.09
C PRO G 332 -22.67 5.56 29.83
N GLN G 333 -22.50 6.87 30.00
CA GLN G 333 -22.12 7.80 28.94
C GLN G 333 -20.87 8.53 29.41
N LEU G 334 -19.95 8.79 28.47
CA LEU G 334 -18.67 9.39 28.82
C LEU G 334 -18.78 10.89 29.07
N LYS G 335 -18.00 11.39 30.03
CA LYS G 335 -18.05 12.78 30.45
C LYS G 335 -16.69 13.48 30.46
N TYR G 336 -15.63 12.81 30.90
CA TYR G 336 -14.26 13.27 30.74
C TYR G 336 -13.49 12.23 29.95
N VAL G 337 -12.79 12.65 28.92
CA VAL G 337 -12.15 11.72 28.01
C VAL G 337 -10.65 11.89 28.14
N LYS G 338 -9.93 10.77 28.18
CA LYS G 338 -8.47 10.79 28.22
C LYS G 338 -7.93 9.80 27.21
N PHE G 339 -7.43 10.30 26.08
CA PHE G 339 -6.88 9.47 25.01
C PHE G 339 -5.47 9.04 25.38
N ASN G 340 -4.86 8.20 24.56
CA ASN G 340 -3.42 7.96 24.61
C ASN G 340 -2.91 7.59 23.22
N CYS G 341 -1.97 8.38 22.72
CA CYS G 341 -1.37 8.12 21.42
C CYS G 341 -0.53 6.86 21.50
N LEU G 342 -0.77 5.95 20.57
CA LEU G 342 -0.01 4.71 20.57
C LEU G 342 1.39 4.94 20.05
N LYS G 343 1.56 5.96 19.22
CA LYS G 343 2.88 6.26 18.68
C LYS G 343 3.76 6.93 19.73
N CYS G 344 3.37 8.10 20.22
CA CYS G 344 4.22 8.92 21.07
C CYS G 344 3.96 8.62 22.55
N GLY G 345 4.01 7.32 22.88
CA GLY G 345 4.02 6.95 24.29
C GLY G 345 2.69 7.13 25.00
N SER G 346 2.59 8.23 25.74
CA SER G 346 1.78 8.32 26.94
C SER G 346 0.42 8.98 26.66
N ILE G 347 -0.27 9.28 27.76
CA ILE G 347 -1.63 9.80 27.71
C ILE G 347 -1.63 11.30 27.39
N LEU G 348 -2.77 11.80 26.91
CA LEU G 348 -2.82 13.20 26.48
C LEU G 348 -3.36 14.12 27.57
N GLY G 349 -4.60 13.93 27.99
CA GLY G 349 -5.15 14.80 28.99
C GLY G 349 -6.65 14.99 28.85
N PRO G 350 -7.30 15.47 29.91
CA PRO G 350 -8.76 15.44 29.95
C PRO G 350 -9.41 16.49 29.06
N PHE G 351 -10.70 16.27 28.78
CA PHE G 351 -11.52 17.21 28.04
C PHE G 351 -12.91 17.19 28.65
N PHE G 352 -13.82 17.96 28.07
CA PHE G 352 -15.21 18.00 28.52
C PHE G 352 -16.09 17.98 27.29
N GLN G 353 -16.53 16.80 26.88
CA GLN G 353 -17.24 16.69 25.62
C GLN G 353 -18.13 15.46 25.63
N ASP G 354 -19.43 15.62 25.35
CA ASP G 354 -20.13 16.88 25.11
C ASP G 354 -21.55 16.70 25.59
N SER G 355 -22.44 17.59 25.14
CA SER G 355 -23.88 17.32 25.19
C SER G 355 -24.52 18.03 24.01
N ASN G 356 -24.64 17.32 22.87
CA ASN G 356 -24.16 15.96 22.66
C ASN G 356 -23.46 15.84 21.31
N GLU G 357 -22.12 15.89 21.31
CA GLU G 357 -21.32 15.77 20.11
C GLU G 357 -20.37 14.58 20.15
N GLU G 358 -19.62 14.41 21.24
CA GLU G 358 -18.77 13.25 21.53
C GLU G 358 -17.71 13.03 20.44
N ILE G 359 -16.80 13.99 20.35
CA ILE G 359 -15.97 14.15 19.15
C ILE G 359 -14.81 15.07 19.50
N ARG G 360 -13.75 15.10 18.67
CA ARG G 360 -13.17 14.02 17.85
C ARG G 360 -11.67 14.27 17.85
N ILE G 361 -11.11 14.57 19.03
CA ILE G 361 -9.87 15.33 19.18
C ILE G 361 -8.71 14.68 18.42
N SER G 362 -8.09 15.45 17.54
CA SER G 362 -7.34 14.90 16.43
C SER G 362 -5.85 14.77 16.70
N PHE G 363 -5.15 15.86 16.97
CA PHE G 363 -3.70 15.82 16.88
C PHE G 363 -3.05 16.90 17.74
N CYS G 364 -2.08 16.48 18.57
CA CYS G 364 -1.31 17.37 19.45
C CYS G 364 -0.16 16.58 20.05
N THR G 365 0.77 17.34 20.66
CA THR G 365 1.83 16.90 21.59
C THR G 365 2.85 15.94 21.01
N ASN G 366 2.79 15.63 19.72
CA ASN G 366 3.74 14.77 19.03
C ASN G 366 4.07 15.33 17.67
N CYS G 367 4.05 16.67 17.58
CA CYS G 367 4.00 17.42 16.32
C CYS G 367 2.83 17.00 15.45
N LYS G 368 1.65 16.89 16.08
CA LYS G 368 0.32 16.83 15.43
C LYS G 368 0.15 15.64 14.49
N SER G 369 0.89 14.56 14.74
CA SER G 369 1.00 13.41 13.85
C SER G 369 1.75 12.35 14.62
N LYS G 370 1.43 11.07 14.40
CA LYS G 370 0.46 10.55 13.44
C LYS G 370 -0.59 9.80 14.23
N GLY G 371 -1.13 10.48 15.21
CA GLY G 371 -1.81 9.87 16.31
C GLY G 371 -3.21 9.37 16.02
N PRO G 372 -3.30 8.20 15.39
CA PRO G 372 -4.52 7.42 15.48
C PRO G 372 -4.79 7.11 16.94
N PHE G 373 -5.86 7.64 17.50
CA PHE G 373 -6.03 7.59 18.94
C PHE G 373 -6.97 6.45 19.33
N ARG G 374 -7.02 6.19 20.63
CA ARG G 374 -7.93 5.19 21.19
C ARG G 374 -8.26 5.59 22.61
N VAL G 375 -9.55 5.62 22.94
CA VAL G 375 -9.98 5.91 24.30
C VAL G 375 -9.69 4.70 25.17
N ASN G 376 -9.10 4.91 26.34
CA ASN G 376 -8.88 3.79 27.23
C ASN G 376 -10.04 3.64 28.20
N GLY G 377 -10.27 2.40 28.64
CA GLY G 377 -11.34 2.13 29.58
C GLY G 377 -11.05 2.52 31.00
N GLU G 378 -9.86 3.03 31.27
CA GLU G 378 -9.47 3.49 32.59
C GLU G 378 -9.43 5.02 32.61
N LYS G 379 -9.59 5.59 33.81
CA LYS G 379 -9.33 7.00 34.11
C LYS G 379 -10.29 7.95 33.39
N THR G 380 -11.41 7.47 32.87
CA THR G 380 -12.39 8.33 32.21
C THR G 380 -13.69 8.24 33.00
N VAL G 381 -14.14 9.34 33.59
CA VAL G 381 -15.33 9.29 34.44
C VAL G 381 -16.58 9.23 33.58
N TYR G 382 -17.47 8.30 33.89
CA TYR G 382 -18.70 8.13 33.15
C TYR G 382 -19.90 8.69 33.90
N ARG G 383 -20.93 9.05 33.14
CA ARG G 383 -22.19 9.54 33.68
C ARG G 383 -23.34 8.73 33.11
N ASN G 384 -24.22 8.24 33.97
CA ASN G 384 -25.25 7.28 33.59
C ASN G 384 -26.41 7.92 32.84
N TYR G 385 -27.10 7.09 32.06
CA TYR G 385 -27.97 7.51 30.97
C TYR G 385 -29.18 6.59 30.94
N GLN G 386 -30.34 7.14 30.56
CA GLN G 386 -31.57 6.34 30.56
C GLN G 386 -32.60 6.99 29.65
N ARG G 387 -33.27 6.18 28.84
CA ARG G 387 -34.23 6.66 27.84
C ARG G 387 -35.61 6.15 28.19
N VAL G 388 -36.55 7.07 28.40
CA VAL G 388 -37.91 6.72 28.80
C VAL G 388 -38.89 7.36 27.84
N THR G 389 -39.72 6.56 27.20
CA THR G 389 -40.75 7.18 26.38
C THR G 389 -41.98 7.45 27.24
N LEU G 390 -42.88 8.28 26.72
CA LEU G 390 -43.94 8.83 27.54
C LEU G 390 -45.16 9.08 26.69
N GLN G 391 -46.33 8.73 27.20
CA GLN G 391 -47.58 8.98 26.51
C GLN G 391 -48.48 9.90 27.32
N GLU G 392 -49.60 10.25 26.72
CA GLU G 392 -50.56 11.16 27.34
C GLU G 392 -51.50 10.38 28.24
N ALA G 393 -52.04 11.07 29.25
CA ALA G 393 -52.85 10.43 30.28
C ALA G 393 -54.18 9.94 29.72
N PRO G 394 -54.59 8.71 30.03
CA PRO G 394 -55.78 8.16 29.38
C PRO G 394 -57.09 8.70 29.92
N GLY G 395 -57.07 9.35 31.07
CA GLY G 395 -58.32 9.80 31.66
C GLY G 395 -58.92 11.01 30.99
N THR G 396 -58.09 12.03 30.77
CA THR G 396 -58.55 13.33 30.30
C THR G 396 -58.41 13.50 28.79
N VAL G 397 -58.60 12.42 28.04
CA VAL G 397 -58.52 12.48 26.59
C VAL G 397 -59.81 13.14 26.08
N PRO G 398 -59.73 14.05 25.12
CA PRO G 398 -60.94 14.52 24.45
C PRO G 398 -61.52 13.42 23.58
N PRO G 399 -62.84 13.37 23.42
CA PRO G 399 -63.45 12.21 22.77
C PRO G 399 -63.24 12.21 21.26
N GLY G 400 -62.87 11.03 20.75
CA GLY G 400 -62.66 10.81 19.34
C GLY G 400 -61.22 10.64 18.95
N ARG G 401 -60.29 11.12 19.75
CA ARG G 401 -58.88 11.12 19.40
C ARG G 401 -58.10 10.10 20.24
N LEU G 402 -56.79 10.12 20.09
CA LEU G 402 -55.89 9.09 20.57
C LEU G 402 -54.76 9.72 21.35
N PRO G 403 -54.15 8.99 22.27
CA PRO G 403 -52.89 9.46 22.86
C PRO G 403 -51.75 9.35 21.86
N ARG G 404 -50.70 10.11 22.12
CA ARG G 404 -49.50 10.11 21.29
C ARG G 404 -48.27 10.06 22.18
N HIS G 405 -47.13 9.75 21.58
CA HIS G 405 -45.93 9.49 22.35
C HIS G 405 -44.94 10.62 22.17
N ARG G 406 -43.99 10.70 23.10
CA ARG G 406 -42.87 11.62 22.97
C ARG G 406 -41.75 11.16 23.90
N GLU G 407 -40.53 11.11 23.37
CA GLU G 407 -39.40 10.53 24.09
C GLU G 407 -38.88 11.48 25.15
N VAL G 408 -38.30 10.92 26.21
CA VAL G 408 -37.73 11.71 27.29
C VAL G 408 -36.41 11.09 27.69
N ILE G 409 -35.32 11.84 27.57
CA ILE G 409 -34.00 11.37 27.97
C ILE G 409 -33.71 11.85 29.37
N LEU G 410 -33.29 10.94 30.25
CA LEU G 410 -32.89 11.32 31.59
C LEU G 410 -31.37 11.37 31.70
N LEU G 411 -30.88 11.93 32.79
CA LEU G 411 -29.46 11.99 33.10
C LEU G 411 -29.26 11.73 34.58
N ALA G 412 -28.11 12.13 35.10
CA ALA G 412 -27.41 11.53 36.24
C ALA G 412 -28.23 11.26 37.49
N ASP G 413 -28.75 12.29 38.14
CA ASP G 413 -29.40 12.06 39.42
C ASP G 413 -30.83 11.56 39.30
N LEU G 414 -31.48 11.80 38.17
CA LEU G 414 -32.90 11.56 38.06
C LEU G 414 -33.22 10.15 37.61
N VAL G 415 -32.18 9.34 37.36
CA VAL G 415 -32.37 7.93 37.05
C VAL G 415 -32.95 7.21 38.25
N ASP G 416 -33.92 6.31 37.99
CA ASP G 416 -34.50 5.40 38.98
C ASP G 416 -35.26 6.16 40.06
N VAL G 417 -36.19 7.01 39.61
CA VAL G 417 -37.16 7.63 40.49
C VAL G 417 -38.58 7.18 40.14
N SER G 418 -38.89 7.09 38.85
CA SER G 418 -40.22 6.73 38.39
C SER G 418 -40.47 5.24 38.60
N LYS G 419 -41.72 4.83 38.35
CA LYS G 419 -42.18 3.46 38.44
C LYS G 419 -43.21 3.38 37.33
N PRO G 420 -43.13 2.40 36.43
CA PRO G 420 -43.89 2.49 35.18
C PRO G 420 -45.37 2.24 35.38
N GLY G 421 -46.18 2.91 34.57
CA GLY G 421 -47.61 2.82 34.68
C GLY G 421 -48.27 3.85 35.55
N GLU G 422 -47.51 4.73 36.18
CA GLU G 422 -48.05 5.77 37.06
C GLU G 422 -47.78 7.15 36.48
N GLU G 423 -48.40 8.15 37.10
CA GLU G 423 -48.32 9.51 36.60
C GLU G 423 -46.96 10.12 36.89
N VAL G 424 -46.71 11.27 36.28
CA VAL G 424 -45.40 11.90 36.30
C VAL G 424 -45.61 13.39 36.07
N GLU G 425 -44.55 14.17 36.27
CA GLU G 425 -44.56 15.60 36.01
C GLU G 425 -43.16 16.02 35.61
N VAL G 426 -43.00 16.49 34.38
CA VAL G 426 -41.69 16.85 33.86
C VAL G 426 -41.65 18.32 33.52
N THR G 427 -40.45 18.89 33.59
CA THR G 427 -40.17 20.27 33.16
C THR G 427 -38.87 20.21 32.38
N GLY G 428 -38.97 20.04 31.07
CA GLY G 428 -37.74 19.89 30.30
C GLY G 428 -37.66 20.79 29.08
N ILE G 429 -36.47 20.92 28.53
CA ILE G 429 -36.27 21.68 27.31
C ILE G 429 -36.62 20.81 26.12
N TYR G 430 -36.68 21.41 24.94
CA TYR G 430 -37.27 20.78 23.76
C TYR G 430 -36.30 20.94 22.60
N LYS G 431 -35.74 19.84 22.12
CA LYS G 431 -34.69 19.88 21.10
C LYS G 431 -35.16 19.18 19.83
N ASN G 432 -34.21 18.96 18.93
CA ASN G 432 -34.42 18.09 17.78
C ASN G 432 -33.11 17.44 17.37
N ASN G 433 -33.13 16.12 17.30
CA ASN G 433 -31.97 15.34 16.84
C ASN G 433 -31.65 15.66 15.39
N TYR G 434 -30.39 15.45 15.03
CA TYR G 434 -29.91 16.10 13.81
C TYR G 434 -30.31 15.30 12.57
N ASP G 435 -29.63 14.16 12.35
CA ASP G 435 -29.87 13.25 11.23
C ASP G 435 -28.87 12.09 11.34
N GLY G 436 -29.00 11.11 10.44
CA GLY G 436 -27.87 10.29 10.05
C GLY G 436 -27.18 11.03 8.94
N ASN G 437 -27.18 10.47 7.73
CA ASN G 437 -26.59 11.15 6.58
C ASN G 437 -27.68 11.51 5.59
N LEU G 438 -27.65 12.76 5.11
CA LEU G 438 -28.65 13.28 4.20
C LEU G 438 -28.26 12.93 2.78
N ASN G 439 -29.03 12.03 2.16
CA ASN G 439 -28.77 11.61 0.79
C ASN G 439 -30.01 11.78 -0.08
N ALA G 440 -29.98 11.20 -1.27
CA ALA G 440 -31.11 11.27 -2.18
C ALA G 440 -32.22 10.35 -1.72
N LYS G 441 -33.16 10.90 -0.95
CA LYS G 441 -34.36 10.19 -0.51
C LYS G 441 -35.56 10.95 -1.08
N ASN G 442 -36.75 10.56 -0.65
CA ASN G 442 -37.94 11.28 -1.06
C ASN G 442 -38.16 12.51 -0.19
N GLY G 443 -39.08 13.36 -0.64
CA GLY G 443 -39.62 14.39 0.24
C GLY G 443 -40.39 13.74 1.38
N PHE G 444 -40.27 14.31 2.57
CA PHE G 444 -39.67 15.61 2.80
C PHE G 444 -38.67 15.44 3.94
N PRO G 445 -37.72 16.37 4.10
CA PRO G 445 -36.84 16.29 5.27
C PRO G 445 -37.62 16.49 6.55
N VAL G 446 -37.45 15.57 7.48
CA VAL G 446 -38.25 15.50 8.71
C VAL G 446 -37.30 15.25 9.87
N PHE G 447 -37.33 16.13 10.86
CA PHE G 447 -36.50 16.01 12.03
C PHE G 447 -37.35 15.59 13.22
N ALA G 448 -36.98 14.50 13.89
CA ALA G 448 -37.69 14.08 15.08
C ALA G 448 -37.40 15.04 16.23
N THR G 449 -38.16 14.87 17.32
CA THR G 449 -38.08 15.76 18.47
C THR G 449 -37.80 14.96 19.73
N ILE G 450 -37.14 15.61 20.69
CA ILE G 450 -36.66 14.98 21.92
C ILE G 450 -36.89 15.94 23.07
N ILE G 451 -37.66 15.55 24.07
CA ILE G 451 -37.82 16.38 25.27
C ILE G 451 -36.77 15.92 26.27
N GLU G 452 -35.70 16.70 26.39
CA GLU G 452 -34.64 16.39 27.36
C GLU G 452 -35.09 16.88 28.72
N ALA G 453 -35.12 15.99 29.70
CA ALA G 453 -35.72 16.33 30.98
C ALA G 453 -34.75 17.05 31.89
N ASN G 454 -35.29 17.78 32.87
CA ASN G 454 -34.47 18.48 33.85
C ASN G 454 -34.98 18.33 35.28
N SER G 455 -36.26 18.05 35.48
CA SER G 455 -36.80 17.83 36.81
C SER G 455 -38.06 16.98 36.71
N ILE G 456 -38.15 15.98 37.59
CA ILE G 456 -39.23 15.00 37.53
C ILE G 456 -39.89 14.91 38.89
N LYS G 457 -41.20 15.09 38.93
CA LYS G 457 -41.98 14.97 40.14
C LYS G 457 -43.08 13.94 39.97
N ARG G 458 -43.48 13.35 41.08
CA ARG G 458 -44.70 12.57 41.15
C ARG G 458 -45.89 13.53 41.23
N ARG G 459 -47.01 13.08 40.65
CA ARG G 459 -48.29 13.80 40.64
C ARG G 459 -48.72 14.22 42.04
N GLU G 460 -48.88 15.53 42.33
CA GLU G 460 -48.99 16.79 41.51
C GLU G 460 -49.95 16.78 40.32
N VAL G 473 -41.20 2.05 51.91
CA VAL G 473 -41.42 3.49 51.94
C VAL G 473 -42.27 3.77 53.18
N PHE G 474 -42.78 2.70 53.78
CA PHE G 474 -43.37 2.75 55.11
C PHE G 474 -42.53 1.89 56.04
N SER G 475 -42.23 2.43 57.21
CA SER G 475 -41.43 1.77 58.22
C SER G 475 -41.78 2.42 59.57
N TRP G 476 -40.95 2.19 60.57
CA TRP G 476 -41.18 2.76 61.88
C TRP G 476 -39.97 3.57 62.34
N THR G 477 -40.24 4.53 63.22
CA THR G 477 -39.23 5.30 63.95
C THR G 477 -39.47 5.01 65.43
N GLU G 478 -38.81 5.75 66.31
CA GLU G 478 -38.86 5.42 67.73
C GLU G 478 -40.18 5.86 68.39
N GLU G 479 -40.76 6.97 67.94
CA GLU G 479 -42.01 7.43 68.52
C GLU G 479 -43.17 6.50 68.21
N GLU G 480 -43.04 5.69 67.19
CA GLU G 480 -44.06 4.72 66.82
C GLU G 480 -43.80 3.34 67.41
N GLU G 481 -42.57 3.06 67.85
CA GLU G 481 -42.36 1.85 68.64
C GLU G 481 -42.61 2.06 70.12
N ARG G 482 -42.52 3.29 70.62
CA ARG G 482 -42.98 3.57 71.97
C ARG G 482 -44.46 3.94 72.00
N GLU G 483 -44.96 4.55 70.92
CA GLU G 483 -46.39 4.78 70.77
C GLU G 483 -47.12 3.50 70.39
N PHE G 484 -46.37 2.54 69.85
CA PHE G 484 -46.87 1.24 69.46
C PHE G 484 -47.50 0.48 70.62
N ARG G 485 -46.94 0.64 71.82
CA ARG G 485 -47.24 -0.25 72.94
C ARG G 485 -48.57 0.06 73.61
N LYS G 486 -49.07 1.29 73.49
CA LYS G 486 -50.26 1.68 74.25
C LYS G 486 -51.53 1.04 73.68
N ILE G 487 -51.58 0.84 72.36
CA ILE G 487 -52.74 0.22 71.75
C ILE G 487 -52.69 -1.28 71.99
N SER G 488 -51.49 -1.80 72.27
CA SER G 488 -51.29 -3.25 72.37
C SER G 488 -51.94 -3.84 73.61
N ARG G 489 -52.22 -3.04 74.63
CA ARG G 489 -52.66 -3.59 75.90
C ARG G 489 -54.17 -3.73 76.03
N ASP G 490 -54.94 -3.16 75.11
CA ASP G 490 -56.40 -3.23 75.22
C ASP G 490 -56.91 -4.63 74.89
N ARG G 491 -58.10 -4.94 75.41
CA ARG G 491 -58.70 -6.25 75.18
C ARG G 491 -59.68 -6.25 74.02
N GLY G 492 -60.27 -5.11 73.68
CA GLY G 492 -61.15 -5.04 72.53
C GLY G 492 -60.41 -4.66 71.26
N ILE G 493 -59.14 -5.06 71.16
CA ILE G 493 -58.37 -4.76 69.97
C ILE G 493 -58.83 -5.59 68.79
N ILE G 494 -59.41 -6.76 69.05
CA ILE G 494 -59.63 -7.75 67.99
C ILE G 494 -60.74 -7.30 67.05
N ASP G 495 -61.95 -7.09 67.58
CA ASP G 495 -63.02 -6.63 66.71
C ASP G 495 -62.85 -5.17 66.31
N LYS G 496 -61.98 -4.43 66.99
CA LYS G 496 -61.50 -3.17 66.45
C LYS G 496 -60.73 -3.40 65.16
N ILE G 497 -59.91 -4.45 65.10
CA ILE G 497 -59.17 -4.77 63.89
C ILE G 497 -60.11 -5.30 62.80
N ILE G 498 -61.10 -6.13 63.17
CA ILE G 498 -62.09 -6.60 62.19
C ILE G 498 -62.92 -5.44 61.64
N SER G 499 -63.39 -4.55 62.53
CA SER G 499 -64.30 -3.49 62.10
C SER G 499 -63.61 -2.42 61.27
N SER G 500 -62.28 -2.35 61.33
CA SER G 500 -61.51 -1.40 60.55
C SER G 500 -61.17 -1.90 59.16
N MET G 501 -61.62 -3.09 58.79
CA MET G 501 -61.12 -3.70 57.57
C MET G 501 -61.85 -3.17 56.33
N ALA G 502 -63.15 -3.43 56.23
CA ALA G 502 -63.90 -3.14 55.02
C ALA G 502 -65.05 -2.19 55.34
N PRO G 503 -64.91 -0.91 55.00
CA PRO G 503 -66.03 0.02 55.24
C PRO G 503 -67.17 -0.17 54.27
N SER G 504 -66.90 -0.75 53.09
CA SER G 504 -67.94 -0.87 52.07
C SER G 504 -68.94 -1.97 52.42
N ILE G 505 -68.44 -3.13 52.84
CA ILE G 505 -69.33 -4.24 53.16
C ILE G 505 -69.86 -4.07 54.57
N TYR G 506 -71.19 -4.09 54.69
CA TYR G 506 -71.84 -3.79 55.96
C TYR G 506 -71.67 -4.90 56.99
N GLY G 507 -71.85 -6.16 56.60
CA GLY G 507 -71.82 -7.23 57.57
C GLY G 507 -70.64 -8.17 57.38
N HIS G 508 -70.91 -9.46 57.52
CA HIS G 508 -69.99 -10.55 57.18
C HIS G 508 -68.73 -10.50 58.04
N ARG G 509 -68.93 -10.54 59.36
CA ARG G 509 -67.81 -10.42 60.28
C ARG G 509 -66.94 -11.68 60.28
N ASP G 510 -67.51 -12.82 59.90
CA ASP G 510 -66.77 -14.09 59.97
C ASP G 510 -65.72 -14.18 58.87
N ILE G 511 -66.12 -13.90 57.62
CA ILE G 511 -65.18 -13.97 56.52
C ILE G 511 -64.14 -12.86 56.63
N LYS G 512 -64.50 -11.75 57.26
CA LYS G 512 -63.55 -10.67 57.47
C LYS G 512 -62.56 -11.05 58.56
N THR G 513 -63.01 -11.82 59.55
CA THR G 513 -62.09 -12.41 60.53
C THR G 513 -61.13 -13.36 59.85
N ALA G 514 -61.61 -14.16 58.90
CA ALA G 514 -60.74 -15.07 58.17
C ALA G 514 -59.74 -14.32 57.29
N VAL G 515 -60.13 -13.16 56.76
CA VAL G 515 -59.18 -12.35 56.00
C VAL G 515 -58.09 -11.80 56.90
N ALA G 516 -58.46 -11.32 58.10
CA ALA G 516 -57.49 -10.75 59.01
C ALA G 516 -56.49 -11.80 59.49
N CYS G 517 -57.00 -12.97 59.90
CA CYS G 517 -56.10 -14.04 60.31
C CYS G 517 -55.31 -14.59 59.12
N SER G 518 -55.86 -14.45 57.90
CA SER G 518 -55.13 -14.87 56.71
C SER G 518 -53.90 -14.01 56.48
N LEU G 519 -54.09 -12.70 56.37
CA LEU G 519 -52.92 -11.86 56.08
C LEU G 519 -52.12 -11.53 57.32
N PHE G 520 -52.46 -12.07 58.48
CA PHE G 520 -51.68 -11.72 59.66
C PHE G 520 -50.54 -12.69 59.95
N GLY G 521 -50.62 -13.93 59.47
CA GLY G 521 -49.46 -14.80 59.41
C GLY G 521 -49.34 -15.77 60.57
N GLY G 522 -48.34 -16.65 60.45
CA GLY G 522 -48.04 -17.67 61.45
C GLY G 522 -46.60 -18.14 61.37
N VAL G 523 -46.25 -19.04 62.30
CA VAL G 523 -44.88 -19.46 62.58
C VAL G 523 -44.49 -20.59 61.62
N PRO G 524 -43.29 -20.56 61.00
CA PRO G 524 -43.12 -21.24 59.70
C PRO G 524 -43.22 -22.78 59.66
N LYS G 525 -42.67 -23.59 60.57
CA LYS G 525 -41.52 -23.45 61.46
C LYS G 525 -40.71 -24.72 61.26
N ASN G 526 -39.42 -24.71 61.63
CA ASN G 526 -38.58 -25.87 61.43
C ASN G 526 -38.65 -26.82 62.62
N VAL G 527 -38.53 -28.11 62.34
CA VAL G 527 -38.39 -29.14 63.37
C VAL G 527 -37.03 -29.78 63.18
N ASN G 528 -36.27 -29.88 64.27
CA ASN G 528 -34.91 -30.42 64.24
C ASN G 528 -34.98 -31.93 64.04
N GLY G 529 -34.43 -32.42 62.92
CA GLY G 529 -33.80 -31.59 61.91
C GLY G 529 -34.34 -31.82 60.51
N LYS G 530 -35.50 -32.46 60.42
CA LYS G 530 -35.97 -33.00 59.16
C LYS G 530 -36.96 -32.11 58.42
N HIS G 531 -38.12 -31.86 59.00
CA HIS G 531 -39.25 -31.38 58.22
C HIS G 531 -39.86 -30.13 58.84
N SER G 532 -40.47 -29.32 58.00
CA SER G 532 -41.30 -28.19 58.40
C SER G 532 -42.74 -28.52 58.08
N ILE G 533 -43.67 -27.99 58.86
CA ILE G 533 -45.04 -28.45 58.70
C ILE G 533 -45.77 -27.59 57.69
N ARG G 534 -46.10 -26.35 58.08
CA ARG G 534 -46.58 -25.25 57.24
C ARG G 534 -46.73 -24.02 58.13
N GLY G 535 -46.42 -22.84 57.61
CA GLY G 535 -46.61 -21.64 58.41
C GLY G 535 -47.51 -20.62 57.76
N ASP G 536 -48.40 -21.08 56.89
CA ASP G 536 -49.23 -20.20 56.09
C ASP G 536 -50.68 -20.66 56.18
N ILE G 537 -51.60 -19.72 55.98
CA ILE G 537 -53.03 -20.01 56.06
C ILE G 537 -53.63 -19.76 54.68
N ASN G 538 -54.25 -20.79 54.12
CA ASN G 538 -54.87 -20.71 52.81
C ASN G 538 -56.37 -20.62 52.96
N VAL G 539 -56.99 -19.77 52.14
CA VAL G 539 -58.39 -19.38 52.30
C VAL G 539 -59.15 -19.74 51.03
N LEU G 540 -60.17 -20.55 51.18
CA LEU G 540 -61.12 -20.79 50.10
C LEU G 540 -62.42 -20.06 50.44
N LEU G 541 -62.97 -19.35 49.45
CA LEU G 541 -64.12 -18.49 49.67
C LEU G 541 -65.15 -18.80 48.59
N LEU G 542 -66.11 -19.66 48.91
CA LEU G 542 -67.15 -20.03 47.96
C LEU G 542 -68.08 -18.85 47.78
N GLY G 543 -67.94 -18.16 46.66
CA GLY G 543 -68.66 -16.93 46.39
C GLY G 543 -70.02 -17.18 45.78
N ASP G 544 -70.51 -16.12 45.11
CA ASP G 544 -71.80 -16.05 44.45
C ASP G 544 -71.78 -14.78 43.61
N PRO G 545 -72.23 -14.81 42.36
CA PRO G 545 -72.44 -13.54 41.63
C PRO G 545 -73.50 -12.69 42.32
N GLY G 546 -73.08 -11.51 42.76
CA GLY G 546 -73.89 -10.69 43.62
C GLY G 546 -73.32 -10.65 45.02
N THR G 547 -72.00 -10.65 45.12
CA THR G 547 -71.31 -10.54 46.41
C THR G 547 -70.03 -9.76 46.18
N ALA G 548 -69.63 -8.97 47.17
CA ALA G 548 -68.54 -8.01 47.04
C ALA G 548 -67.17 -8.61 47.33
N LYS G 549 -66.99 -9.91 47.07
CA LYS G 549 -65.73 -10.60 47.29
C LYS G 549 -64.57 -9.96 46.53
N SER G 550 -64.82 -9.40 45.35
CA SER G 550 -63.79 -8.66 44.64
C SER G 550 -63.44 -7.36 45.33
N GLN G 551 -64.36 -6.80 46.13
CA GLN G 551 -64.03 -5.63 46.92
C GLN G 551 -63.24 -6.00 48.17
N ILE G 552 -63.51 -7.16 48.77
CA ILE G 552 -62.66 -7.64 49.87
C ILE G 552 -61.23 -7.87 49.39
N LEU G 553 -61.05 -8.75 48.39
CA LEU G 553 -59.70 -9.10 47.98
C LEU G 553 -59.03 -7.93 47.28
N LYS G 554 -59.81 -7.08 46.63
CA LYS G 554 -59.26 -5.87 46.04
C LYS G 554 -58.80 -4.90 47.12
N TYR G 555 -59.40 -4.95 48.31
CA TYR G 555 -58.82 -4.20 49.42
C TYR G 555 -57.55 -4.87 49.93
N VAL G 556 -57.50 -6.20 49.92
CA VAL G 556 -56.31 -6.89 50.41
C VAL G 556 -55.12 -6.63 49.51
N GLU G 557 -55.36 -6.40 48.23
CA GLU G 557 -54.30 -5.95 47.33
C GLU G 557 -53.75 -4.59 47.75
N LYS G 558 -54.61 -3.74 48.31
CA LYS G 558 -54.15 -2.44 48.77
C LYS G 558 -53.39 -2.54 50.08
N THR G 559 -53.71 -3.53 50.90
CA THR G 559 -53.20 -3.54 52.27
C THR G 559 -51.74 -3.97 52.37
N ALA G 560 -51.43 -5.18 51.92
CA ALA G 560 -50.27 -5.92 52.40
C ALA G 560 -48.96 -5.40 51.81
N HIS G 561 -47.87 -6.05 52.20
CA HIS G 561 -46.54 -5.61 51.81
C HIS G 561 -46.21 -6.01 50.37
N ARG G 562 -46.26 -7.31 50.09
CA ARG G 562 -45.98 -7.84 48.76
C ARG G 562 -47.13 -8.74 48.37
N ALA G 563 -47.94 -8.29 47.40
CA ALA G 563 -49.07 -9.07 46.94
C ALA G 563 -49.24 -8.86 45.45
N VAL G 564 -49.53 -9.94 44.73
CA VAL G 564 -49.65 -9.90 43.29
C VAL G 564 -51.02 -10.43 42.89
N PHE G 565 -51.84 -9.57 42.30
CA PHE G 565 -53.15 -9.96 41.82
C PHE G 565 -52.99 -10.59 40.44
N ALA G 566 -53.13 -11.92 40.37
CA ALA G 566 -52.87 -12.66 39.14
C ALA G 566 -54.12 -13.43 38.76
N THR G 567 -54.76 -13.03 37.67
CA THR G 567 -55.93 -13.75 37.18
C THR G 567 -55.52 -15.07 36.52
N GLY G 568 -56.51 -15.91 36.26
CA GLY G 568 -56.25 -17.22 35.69
C GLY G 568 -56.07 -17.23 34.18
N GLN G 569 -57.10 -16.80 33.45
CA GLN G 569 -57.10 -16.89 32.00
C GLN G 569 -57.73 -15.64 31.42
N GLY G 570 -57.26 -15.25 30.23
CA GLY G 570 -57.70 -14.02 29.58
C GLY G 570 -56.70 -13.05 28.95
N ALA G 571 -55.56 -12.68 29.54
CA ALA G 571 -55.17 -12.81 30.94
C ALA G 571 -54.42 -11.55 31.34
N SER G 572 -53.72 -11.63 32.47
CA SER G 572 -52.68 -10.67 32.80
C SER G 572 -51.47 -11.43 33.34
N ALA G 573 -50.31 -10.78 33.25
CA ALA G 573 -49.06 -11.41 33.60
C ALA G 573 -48.90 -11.51 35.12
N VAL G 574 -48.51 -12.67 35.62
CA VAL G 574 -48.30 -13.89 34.82
C VAL G 574 -49.26 -14.97 35.28
N GLY G 575 -49.27 -16.06 34.53
CA GLY G 575 -50.29 -17.09 34.67
C GLY G 575 -49.87 -18.30 35.47
N LEU G 576 -49.21 -18.07 36.60
CA LEU G 576 -48.87 -19.04 37.65
C LEU G 576 -47.80 -20.05 37.24
N THR G 577 -47.30 -20.02 36.00
CA THR G 577 -46.41 -21.04 35.49
C THR G 577 -45.09 -20.40 35.08
N ALA G 578 -44.00 -20.83 35.70
CA ALA G 578 -42.68 -20.32 35.35
C ALA G 578 -42.16 -21.03 34.10
N SER G 579 -41.68 -20.25 33.14
CA SER G 579 -41.15 -20.83 31.92
C SER G 579 -40.16 -19.88 31.27
N VAL G 580 -39.16 -20.45 30.60
CA VAL G 580 -38.17 -19.67 29.88
C VAL G 580 -38.78 -19.14 28.60
N ARG G 581 -38.95 -17.82 28.51
CA ARG G 581 -39.43 -17.18 27.30
C ARG G 581 -38.59 -15.95 27.02
N LYS G 582 -38.63 -15.51 25.77
CA LYS G 582 -37.89 -14.33 25.38
C LYS G 582 -38.55 -13.08 25.92
N ASP G 583 -37.87 -11.96 25.76
CA ASP G 583 -38.41 -10.69 26.20
C ASP G 583 -38.42 -9.73 25.03
N PRO G 584 -39.59 -9.19 24.63
CA PRO G 584 -39.63 -8.38 23.40
C PRO G 584 -38.99 -7.01 23.54
N ILE G 585 -38.71 -6.54 24.74
CA ILE G 585 -37.91 -5.33 24.87
C ILE G 585 -36.43 -5.65 24.67
N THR G 586 -35.94 -6.65 25.39
CA THR G 586 -34.52 -6.97 25.43
C THR G 586 -34.33 -8.42 25.02
N LYS G 587 -33.59 -8.65 23.93
CA LYS G 587 -33.77 -9.86 23.14
C LYS G 587 -33.16 -11.09 23.80
N GLU G 588 -32.48 -10.93 24.93
CA GLU G 588 -31.93 -12.09 25.63
C GLU G 588 -33.02 -12.90 26.30
N TRP G 589 -32.81 -14.21 26.33
CA TRP G 589 -33.75 -15.10 27.02
C TRP G 589 -33.71 -14.88 28.52
N THR G 590 -34.87 -14.96 29.15
CA THR G 590 -35.01 -14.67 30.57
C THR G 590 -35.72 -15.83 31.24
N LEU G 591 -35.22 -16.22 32.41
CA LEU G 591 -35.99 -17.13 33.26
C LEU G 591 -37.05 -16.32 33.99
N GLU G 592 -38.29 -16.42 33.52
CA GLU G 592 -39.38 -15.61 34.06
C GLU G 592 -40.16 -16.46 35.03
N GLY G 593 -40.02 -16.17 36.31
CA GLY G 593 -40.73 -16.93 37.32
C GLY G 593 -42.22 -16.65 37.29
N GLY G 594 -42.99 -17.61 37.78
CA GLY G 594 -44.42 -17.46 37.86
C GLY G 594 -44.82 -16.55 39.01
N ALA G 595 -46.13 -16.38 39.15
CA ALA G 595 -46.64 -15.55 40.22
C ALA G 595 -46.44 -16.22 41.56
N LEU G 596 -46.49 -17.54 41.59
CA LEU G 596 -46.14 -18.27 42.80
C LEU G 596 -44.65 -18.20 43.08
N VAL G 597 -43.83 -18.00 42.05
CA VAL G 597 -42.43 -17.68 42.31
C VAL G 597 -42.32 -16.27 42.83
N LEU G 598 -43.13 -15.36 42.27
CA LEU G 598 -42.97 -13.94 42.49
C LEU G 598 -43.47 -13.50 43.87
N ALA G 599 -44.40 -14.22 44.47
CA ALA G 599 -45.08 -13.78 45.68
C ALA G 599 -44.59 -14.49 46.93
N ASP G 600 -43.29 -14.73 47.04
CA ASP G 600 -42.76 -15.40 48.21
C ASP G 600 -42.81 -14.49 49.44
N LYS G 601 -43.23 -15.08 50.57
CA LYS G 601 -43.48 -14.38 51.84
C LYS G 601 -44.47 -13.23 51.65
N GLY G 602 -45.56 -13.54 50.97
CA GLY G 602 -46.61 -12.56 50.70
C GLY G 602 -47.92 -13.28 50.60
N VAL G 603 -48.85 -12.71 49.83
CA VAL G 603 -50.16 -13.30 49.59
C VAL G 603 -50.50 -13.14 48.11
N CYS G 604 -50.74 -14.26 47.43
CA CYS G 604 -51.23 -14.24 46.06
C CYS G 604 -52.75 -14.22 46.04
N LEU G 605 -53.32 -13.80 44.91
CA LEU G 605 -54.76 -13.66 44.75
C LEU G 605 -55.19 -14.34 43.47
N ILE G 606 -55.93 -15.43 43.60
CA ILE G 606 -56.39 -16.21 42.46
C ILE G 606 -57.91 -16.32 42.56
N ASP G 607 -58.59 -16.14 41.44
CA ASP G 607 -60.05 -16.21 41.41
C ASP G 607 -60.52 -16.95 40.18
N GLU G 608 -61.78 -17.43 40.27
CA GLU G 608 -62.47 -18.21 39.23
C GLU G 608 -61.67 -19.46 38.87
N PHE G 609 -61.65 -20.39 39.83
CA PHE G 609 -61.01 -21.70 39.61
C PHE G 609 -61.59 -22.46 38.42
N ASP G 610 -62.88 -22.31 38.13
CA ASP G 610 -63.51 -23.22 37.17
C ASP G 610 -63.12 -22.97 35.72
N LYS G 611 -62.29 -21.97 35.43
CA LYS G 611 -61.91 -21.69 34.06
C LYS G 611 -60.41 -21.82 33.88
N MET G 612 -59.82 -22.90 34.38
CA MET G 612 -58.37 -23.04 34.35
C MET G 612 -57.98 -24.33 33.64
N ASN G 613 -56.72 -24.40 33.23
CA ASN G 613 -56.18 -25.57 32.56
C ASN G 613 -55.70 -26.60 33.57
N ASP G 614 -55.34 -27.77 33.06
CA ASP G 614 -54.64 -28.73 33.91
C ASP G 614 -53.21 -28.31 34.16
N GLN G 615 -52.62 -27.59 33.20
CA GLN G 615 -51.23 -27.14 33.33
C GLN G 615 -51.07 -26.17 34.49
N ASP G 616 -52.09 -25.35 34.74
CA ASP G 616 -52.04 -24.46 35.89
C ASP G 616 -52.36 -25.22 37.16
N ARG G 617 -53.27 -26.19 37.08
CA ARG G 617 -53.72 -26.91 38.25
C ARG G 617 -52.64 -27.78 38.83
N THR G 618 -51.77 -28.33 38.00
CA THR G 618 -50.62 -29.05 38.50
C THR G 618 -49.63 -28.12 39.19
N SER G 619 -49.62 -26.84 38.79
CA SER G 619 -48.71 -25.90 39.45
C SER G 619 -49.25 -25.44 40.79
N ILE G 620 -50.57 -25.22 40.88
CA ILE G 620 -51.18 -24.88 42.16
C ILE G 620 -51.07 -26.07 43.11
N HIS G 621 -51.27 -27.28 42.59
CA HIS G 621 -51.06 -28.46 43.41
C HIS G 621 -49.59 -28.62 43.80
N GLU G 622 -48.69 -28.16 42.95
CA GLU G 622 -47.27 -28.26 43.27
C GLU G 622 -46.89 -27.29 44.38
N ALA G 623 -47.43 -26.07 44.33
CA ALA G 623 -47.01 -25.06 45.28
C ALA G 623 -47.56 -25.29 46.67
N MET G 624 -48.63 -26.08 46.81
CA MET G 624 -49.12 -26.43 48.13
C MET G 624 -48.59 -27.77 48.59
N GLU G 625 -47.91 -28.51 47.71
CA GLU G 625 -47.42 -29.83 48.07
C GLU G 625 -46.14 -29.74 48.89
N GLN G 626 -45.09 -29.20 48.30
CA GLN G 626 -43.79 -29.20 48.96
C GLN G 626 -43.08 -27.86 48.86
N GLN G 627 -43.80 -26.80 48.52
CA GLN G 627 -43.30 -25.42 48.47
C GLN G 627 -42.10 -25.25 47.54
N SER G 628 -42.07 -25.95 46.40
CA SER G 628 -40.92 -25.83 45.50
C SER G 628 -41.34 -26.12 44.07
N ILE G 629 -41.18 -25.13 43.20
CA ILE G 629 -41.39 -25.32 41.77
C ILE G 629 -40.05 -25.65 41.13
N SER G 630 -39.99 -26.79 40.45
CA SER G 630 -38.83 -27.19 39.69
C SER G 630 -39.16 -27.16 38.20
N ILE G 631 -38.23 -26.68 37.39
CA ILE G 631 -38.43 -26.57 35.95
C ILE G 631 -37.27 -27.22 35.23
N SER G 632 -37.53 -27.73 34.03
CA SER G 632 -36.52 -28.49 33.31
C SER G 632 -36.44 -28.21 31.82
N LYS G 633 -37.04 -27.14 31.32
CA LYS G 633 -36.94 -26.80 29.92
C LYS G 633 -36.40 -25.38 29.78
N ALA G 634 -35.50 -25.17 28.81
CA ALA G 634 -34.91 -26.21 27.99
C ALA G 634 -33.58 -26.66 28.54
N GLY G 635 -32.63 -25.74 28.60
CA GLY G 635 -31.31 -26.12 29.02
C GLY G 635 -31.03 -25.88 30.49
N ILE G 636 -32.07 -25.73 31.29
CA ILE G 636 -31.95 -25.28 32.66
C ILE G 636 -32.60 -26.30 33.59
N VAL G 637 -31.95 -26.59 34.72
CA VAL G 637 -32.53 -27.52 35.71
C VAL G 637 -32.40 -26.99 37.14
N THR G 638 -33.45 -26.35 37.65
CA THR G 638 -33.40 -25.73 38.97
C THR G 638 -34.55 -26.23 39.83
N THR G 639 -34.53 -25.83 41.11
CA THR G 639 -35.67 -25.93 42.01
C THR G 639 -35.81 -24.57 42.70
N LEU G 640 -36.67 -23.72 42.14
CA LEU G 640 -36.96 -22.45 42.79
C LEU G 640 -37.87 -22.67 43.98
N GLN G 641 -37.69 -21.86 45.02
CA GLN G 641 -38.49 -21.98 46.23
C GLN G 641 -39.64 -20.99 46.21
N ALA G 642 -40.77 -21.41 46.76
CA ALA G 642 -42.00 -20.64 46.71
C ALA G 642 -42.81 -21.00 47.94
N ARG G 643 -43.09 -20.03 48.80
CA ARG G 643 -43.76 -20.26 50.07
C ARG G 643 -44.98 -19.36 50.19
N CYS G 644 -45.82 -19.36 49.18
CA CYS G 644 -46.92 -18.41 49.07
C CYS G 644 -48.04 -18.72 50.05
N SER G 645 -49.11 -17.92 49.94
CA SER G 645 -50.31 -18.04 50.74
C SER G 645 -51.47 -17.60 49.87
N ILE G 646 -52.31 -18.54 49.45
CA ILE G 646 -53.31 -18.27 48.43
C ILE G 646 -54.63 -17.92 49.09
N ILE G 647 -55.23 -16.82 48.64
CA ILE G 647 -56.62 -16.49 48.93
C ILE G 647 -57.40 -16.68 47.64
N ALA G 648 -58.37 -17.58 47.66
CA ALA G 648 -59.13 -17.93 46.48
C ALA G 648 -60.43 -17.13 46.42
N ALA G 649 -61.19 -17.34 45.34
CA ALA G 649 -62.53 -16.77 45.22
C ALA G 649 -63.30 -17.67 44.24
N ALA G 650 -64.14 -18.54 44.78
CA ALA G 650 -64.76 -19.57 43.97
C ALA G 650 -66.01 -19.05 43.28
N ASN G 651 -66.72 -19.96 42.63
CA ASN G 651 -67.93 -19.65 41.88
C ASN G 651 -68.76 -20.93 41.75
N PRO G 652 -70.01 -20.95 42.21
CA PRO G 652 -70.80 -22.18 42.18
C PRO G 652 -71.21 -22.56 40.76
N ASN G 653 -71.86 -23.72 40.67
CA ASN G 653 -72.26 -24.28 39.39
C ASN G 653 -73.69 -23.86 39.09
N GLY G 654 -73.87 -23.05 38.05
CA GLY G 654 -75.19 -22.60 37.67
C GLY G 654 -75.82 -21.67 38.68
N GLY G 655 -76.77 -22.18 39.45
CA GLY G 655 -77.40 -21.41 40.50
C GLY G 655 -76.45 -21.13 41.65
N ARG G 656 -76.98 -20.38 42.62
CA ARG G 656 -76.13 -19.87 43.70
C ARG G 656 -75.71 -20.97 44.66
N TYR G 657 -76.57 -21.96 44.89
CA TYR G 657 -76.32 -23.01 45.87
C TYR G 657 -77.25 -24.15 45.45
N ASN G 658 -76.68 -25.15 44.77
CA ASN G 658 -77.44 -25.95 43.84
C ASN G 658 -78.46 -26.85 44.54
N SER G 659 -78.05 -27.48 45.64
CA SER G 659 -78.95 -28.38 46.34
C SER G 659 -78.54 -28.40 47.80
N THR G 660 -79.07 -29.38 48.53
CA THR G 660 -78.66 -29.61 49.90
C THR G 660 -77.28 -30.23 50.00
N LEU G 661 -76.74 -30.71 48.86
CA LEU G 661 -75.53 -31.50 48.80
C LEU G 661 -74.31 -30.71 49.27
N PRO G 662 -73.28 -31.38 49.83
CA PRO G 662 -72.14 -30.65 50.39
C PRO G 662 -71.26 -29.99 49.34
N LEU G 663 -70.20 -29.32 49.83
CA LEU G 663 -69.44 -28.40 49.00
C LEU G 663 -68.64 -29.12 47.93
N ALA G 664 -68.08 -30.28 48.26
CA ALA G 664 -67.37 -31.07 47.26
C ALA G 664 -68.32 -31.63 46.21
N GLN G 665 -69.60 -31.78 46.55
CA GLN G 665 -70.58 -32.12 45.55
C GLN G 665 -71.14 -30.88 44.87
N ASN G 666 -71.18 -29.74 45.56
CA ASN G 666 -71.78 -28.54 45.00
C ASN G 666 -70.85 -27.90 43.97
N VAL G 667 -69.60 -27.69 44.34
CA VAL G 667 -68.66 -27.10 43.41
C VAL G 667 -68.19 -28.19 42.43
N SER G 668 -67.63 -27.74 41.29
CA SER G 668 -67.16 -28.64 40.26
C SER G 668 -65.66 -28.92 40.37
N LEU G 669 -65.06 -28.68 41.52
CA LEU G 669 -63.63 -28.89 41.70
C LEU G 669 -63.37 -30.35 42.04
N THR G 670 -62.15 -30.63 42.49
CA THR G 670 -61.75 -31.98 42.84
C THR G 670 -61.37 -32.05 44.31
N GLU G 671 -61.21 -33.27 44.78
CA GLU G 671 -60.86 -33.52 46.17
C GLU G 671 -59.43 -33.18 46.57
N PRO G 672 -58.35 -33.50 45.81
CA PRO G 672 -57.01 -33.13 46.28
C PRO G 672 -56.72 -31.65 46.32
N ILE G 673 -57.49 -30.82 45.62
CA ILE G 673 -57.34 -29.38 45.79
C ILE G 673 -58.24 -28.88 46.91
N LEU G 674 -59.14 -29.71 47.42
CA LEU G 674 -59.95 -29.38 48.57
C LEU G 674 -59.31 -29.88 49.86
N SER G 675 -58.37 -30.82 49.77
CA SER G 675 -57.72 -31.33 50.96
C SER G 675 -56.75 -30.31 51.57
N ARG G 676 -56.18 -29.42 50.75
CA ARG G 676 -55.15 -28.52 51.24
C ARG G 676 -55.71 -27.23 51.80
N PHE G 677 -56.86 -26.78 51.30
CA PHE G 677 -57.45 -25.52 51.75
C PHE G 677 -57.99 -25.68 53.15
N ASP G 678 -57.69 -24.69 54.01
CA ASP G 678 -57.99 -24.85 55.42
C ASP G 678 -59.36 -24.30 55.78
N ILE G 679 -59.58 -23.01 55.56
CA ILE G 679 -60.82 -22.37 55.96
C ILE G 679 -61.75 -22.33 54.76
N LEU G 680 -63.05 -22.36 55.02
CA LEU G 680 -64.04 -22.45 53.96
C LEU G 680 -65.14 -21.44 54.25
N CYS G 681 -65.28 -20.45 53.37
CA CYS G 681 -66.25 -19.39 53.54
C CYS G 681 -67.41 -19.55 52.57
N VAL G 682 -68.63 -19.36 53.07
CA VAL G 682 -69.84 -19.44 52.28
C VAL G 682 -70.56 -18.10 52.39
N VAL G 683 -71.07 -17.59 51.28
CA VAL G 683 -71.80 -16.33 51.28
C VAL G 683 -73.30 -16.59 51.12
N ARG G 684 -74.09 -15.65 51.65
CA ARG G 684 -75.50 -15.82 51.97
C ARG G 684 -76.18 -14.46 51.78
N ASP G 685 -77.49 -14.42 51.48
CA ASP G 685 -78.47 -15.52 51.46
C ASP G 685 -79.59 -15.33 50.45
N LEU G 686 -80.67 -16.08 50.68
CA LEU G 686 -81.94 -15.85 50.02
C LEU G 686 -82.56 -14.56 50.53
N VAL G 687 -83.51 -14.01 49.76
CA VAL G 687 -84.07 -12.67 49.93
C VAL G 687 -84.69 -12.47 51.31
N ASP G 688 -84.14 -11.53 52.08
CA ASP G 688 -84.54 -11.30 53.46
C ASP G 688 -84.62 -9.79 53.70
N GLU G 689 -85.49 -9.41 54.65
CA GLU G 689 -85.99 -8.04 54.72
C GLU G 689 -84.94 -7.04 55.19
N GLU G 690 -84.33 -7.32 56.35
CA GLU G 690 -83.46 -6.35 57.00
C GLU G 690 -82.17 -6.13 56.22
N ALA G 691 -81.70 -7.15 55.50
CA ALA G 691 -80.56 -6.96 54.61
C ALA G 691 -80.93 -6.15 53.37
N ASP G 692 -82.18 -6.26 52.91
CA ASP G 692 -82.64 -5.42 51.81
C ASP G 692 -82.69 -3.95 52.21
N GLU G 693 -83.13 -3.71 53.44
CA GLU G 693 -83.19 -2.34 53.95
C GLU G 693 -81.79 -1.78 54.15
N ARG G 694 -80.99 -2.43 55.01
CA ARG G 694 -79.66 -1.92 55.36
C ARG G 694 -78.72 -1.95 54.17
N LEU G 695 -78.96 -2.84 53.22
CA LEU G 695 -78.15 -2.87 52.02
C LEU G 695 -78.55 -1.77 51.05
N ALA G 696 -79.84 -1.70 50.71
CA ALA G 696 -80.32 -0.78 49.68
C ALA G 696 -80.17 0.68 50.10
N THR G 697 -80.34 0.97 51.39
CA THR G 697 -80.08 2.31 51.89
C THR G 697 -78.62 2.69 51.75
N PHE G 698 -77.71 1.72 51.91
CA PHE G 698 -76.30 2.00 51.67
C PHE G 698 -76.01 2.11 50.18
N VAL G 699 -76.80 1.45 49.35
CA VAL G 699 -76.61 1.53 47.90
C VAL G 699 -76.97 2.92 47.40
N VAL G 700 -78.13 3.43 47.80
CA VAL G 700 -78.51 4.77 47.36
C VAL G 700 -77.67 5.81 48.09
N ASP G 701 -77.26 5.51 49.32
CA ASP G 701 -76.30 6.33 50.04
C ASP G 701 -74.96 6.43 49.30
N SER G 702 -74.60 5.38 48.56
CA SER G 702 -73.39 5.43 47.76
C SER G 702 -73.60 6.07 46.40
N HIS G 703 -74.79 5.96 45.81
CA HIS G 703 -75.01 6.43 44.44
C HIS G 703 -75.49 7.87 44.35
N VAL G 704 -76.02 8.44 45.44
CA VAL G 704 -76.44 9.83 45.41
C VAL G 704 -75.24 10.77 45.32
N ARG G 705 -74.14 10.40 45.96
CA ARG G 705 -72.93 11.22 46.02
C ARG G 705 -72.30 11.34 44.63
N SER G 706 -72.46 12.50 44.02
CA SER G 706 -71.94 12.75 42.68
C SER G 706 -70.48 13.18 42.74
N SER G 756 -64.16 4.85 65.54
CA SER G 756 -64.15 3.39 65.72
C SER G 756 -63.11 2.61 64.88
N PRO G 757 -62.83 2.96 63.62
CA PRO G 757 -61.66 2.36 62.97
C PRO G 757 -60.41 3.19 63.20
N ILE G 758 -59.27 2.54 63.05
CA ILE G 758 -58.00 3.23 62.92
C ILE G 758 -57.90 3.55 61.44
N PRO G 759 -57.42 4.73 61.04
CA PRO G 759 -57.08 4.94 59.63
C PRO G 759 -55.98 4.00 59.17
N GLN G 760 -55.96 3.76 57.86
CA GLN G 760 -55.33 2.56 57.31
C GLN G 760 -53.81 2.58 57.39
N GLU G 761 -53.20 3.76 57.60
CA GLU G 761 -51.75 3.84 57.65
C GLU G 761 -51.20 3.17 58.91
N LEU G 762 -51.86 3.38 60.04
CA LEU G 762 -51.35 2.82 61.29
C LEU G 762 -51.55 1.31 61.34
N LEU G 763 -52.62 0.81 60.73
CA LEU G 763 -52.79 -0.64 60.70
C LEU G 763 -51.85 -1.29 59.69
N MET G 764 -51.61 -0.64 58.55
CA MET G 764 -50.70 -1.25 57.59
C MET G 764 -49.26 -1.18 58.05
N LYS G 765 -48.91 -0.22 58.91
CA LYS G 765 -47.64 -0.32 59.60
C LYS G 765 -47.69 -1.39 60.67
N TYR G 766 -48.86 -1.55 61.30
CA TYR G 766 -49.01 -2.39 62.49
C TYR G 766 -48.81 -3.86 62.13
N ILE G 767 -49.46 -4.32 61.07
CA ILE G 767 -49.29 -5.71 60.66
C ILE G 767 -47.91 -5.96 60.07
N HIS G 768 -47.26 -4.92 59.53
CA HIS G 768 -45.93 -5.11 58.99
C HIS G 768 -44.92 -5.34 60.11
N TYR G 769 -44.88 -4.43 61.09
CA TYR G 769 -44.00 -4.59 62.25
C TYR G 769 -44.39 -5.80 63.07
N ALA G 770 -45.66 -6.20 63.02
CA ALA G 770 -46.08 -7.41 63.69
C ALA G 770 -45.52 -8.65 62.99
N ARG G 771 -45.58 -8.68 61.66
CA ARG G 771 -45.13 -9.86 60.95
C ARG G 771 -43.62 -9.96 60.85
N THR G 772 -42.90 -8.85 61.07
CA THR G 772 -41.45 -8.89 60.95
C THR G 772 -40.81 -9.71 62.08
N LYS G 773 -41.09 -9.36 63.32
CA LYS G 773 -40.18 -9.72 64.41
C LYS G 773 -40.73 -10.75 65.38
N ILE G 774 -41.94 -10.53 65.92
CA ILE G 774 -42.35 -11.20 67.15
C ILE G 774 -42.69 -12.66 66.90
N TYR G 775 -42.16 -13.54 67.76
CA TYR G 775 -42.31 -14.99 67.64
C TYR G 775 -42.93 -15.55 68.92
N PRO G 776 -44.15 -16.05 68.89
CA PRO G 776 -44.76 -16.60 70.09
C PRO G 776 -44.57 -18.11 70.20
N LYS G 777 -44.74 -18.60 71.42
CA LYS G 777 -44.76 -20.01 71.73
C LYS G 777 -45.86 -20.26 72.74
N LEU G 778 -46.22 -21.52 72.92
CA LEU G 778 -47.17 -21.91 73.94
C LEU G 778 -46.52 -22.87 74.92
N HIS G 779 -46.84 -22.71 76.19
CA HIS G 779 -46.37 -23.62 77.21
C HIS G 779 -47.20 -24.90 77.19
N GLN G 780 -46.63 -25.96 77.74
CA GLN G 780 -47.17 -27.31 77.64
C GLN G 780 -47.93 -27.74 78.88
N MET G 781 -48.57 -26.79 79.57
CA MET G 781 -49.14 -27.06 80.88
C MET G 781 -50.66 -27.11 80.90
N ASP G 782 -51.32 -26.46 79.94
CA ASP G 782 -52.77 -26.45 79.87
C ASP G 782 -53.31 -27.17 78.64
N MET G 783 -52.44 -27.59 77.74
CA MET G 783 -52.83 -28.00 76.40
C MET G 783 -53.38 -29.42 76.35
N ASP G 784 -53.58 -30.08 77.48
CA ASP G 784 -54.06 -31.45 77.48
C ASP G 784 -55.57 -31.54 77.35
N LYS G 785 -56.29 -30.43 77.50
CA LYS G 785 -57.72 -30.43 77.24
C LYS G 785 -58.03 -30.61 75.75
N VAL G 786 -57.16 -30.06 74.89
CA VAL G 786 -57.42 -29.96 73.46
C VAL G 786 -57.45 -31.33 72.81
N SER G 787 -56.64 -32.26 73.32
CA SER G 787 -56.66 -33.63 72.82
C SER G 787 -58.00 -34.30 73.12
N ARG G 788 -58.54 -34.06 74.30
CA ARG G 788 -59.84 -34.58 74.65
C ARG G 788 -60.94 -33.91 73.84
N VAL G 789 -60.75 -32.64 73.48
CA VAL G 789 -61.68 -31.96 72.61
C VAL G 789 -61.71 -32.60 71.22
N TYR G 790 -60.53 -32.87 70.66
CA TYR G 790 -60.46 -33.48 69.33
C TYR G 790 -61.00 -34.91 69.35
N ALA G 791 -60.75 -35.64 70.43
CA ALA G 791 -61.27 -36.99 70.54
C ALA G 791 -62.79 -36.98 70.64
N ASP G 792 -63.34 -36.02 71.39
CA ASP G 792 -64.79 -35.93 71.51
C ASP G 792 -65.44 -35.46 70.22
N LEU G 793 -64.76 -34.60 69.45
CA LEU G 793 -65.26 -34.27 68.12
C LEU G 793 -65.23 -35.49 67.20
N ARG G 794 -64.15 -36.25 67.27
CA ARG G 794 -63.93 -37.30 66.28
C ARG G 794 -64.82 -38.52 66.53
N ARG G 795 -65.11 -38.81 67.80
CA ARG G 795 -65.81 -40.05 68.12
C ARG G 795 -67.29 -40.01 67.73
N GLU G 796 -67.88 -38.83 67.65
CA GLU G 796 -69.29 -38.72 67.29
C GLU G 796 -69.49 -38.38 65.83
N SER G 797 -68.43 -37.94 65.15
CA SER G 797 -68.52 -37.51 63.76
C SER G 797 -68.20 -38.62 62.78
N ILE G 798 -68.46 -39.86 63.16
CA ILE G 798 -68.31 -40.98 62.24
C ILE G 798 -69.64 -41.31 61.57
N SER G 799 -70.75 -41.12 62.31
CA SER G 799 -72.08 -41.33 61.77
C SER G 799 -72.45 -40.30 60.71
N THR G 800 -71.81 -39.14 60.71
CA THR G 800 -71.97 -38.12 59.68
C THR G 800 -70.61 -37.75 59.11
N GLY G 801 -70.62 -36.81 58.16
CA GLY G 801 -69.40 -36.38 57.52
C GLY G 801 -68.97 -37.31 56.41
N SER G 802 -68.12 -36.83 55.50
CA SER G 802 -67.57 -37.68 54.45
C SER G 802 -66.17 -37.18 54.04
N PHE G 803 -65.12 -37.72 54.66
CA PHE G 803 -65.17 -38.41 55.96
C PHE G 803 -65.36 -37.41 57.12
N PRO G 804 -64.67 -36.26 57.10
CA PRO G 804 -63.41 -35.73 56.56
C PRO G 804 -62.46 -35.33 57.67
N ILE G 805 -62.69 -35.89 58.86
CA ILE G 805 -61.96 -35.48 60.05
C ILE G 805 -60.57 -36.09 60.01
N THR G 806 -59.56 -35.24 59.95
CA THR G 806 -58.17 -35.63 59.84
C THR G 806 -57.43 -34.87 60.92
N VAL G 807 -56.14 -35.14 61.08
CA VAL G 807 -55.37 -34.35 62.03
C VAL G 807 -54.81 -33.08 61.41
N ARG G 808 -54.89 -32.92 60.09
CA ARG G 808 -54.71 -31.62 59.48
C ARG G 808 -55.71 -30.63 60.04
N HIS G 809 -56.93 -31.11 60.23
CA HIS G 809 -58.00 -30.34 60.84
C HIS G 809 -57.68 -30.03 62.31
N LEU G 810 -56.79 -30.78 62.95
CA LEU G 810 -56.29 -30.40 64.26
C LEU G 810 -55.15 -29.39 64.18
N GLU G 811 -54.28 -29.53 63.17
CA GLU G 811 -53.15 -28.61 63.03
C GLU G 811 -53.63 -27.20 62.73
N SER G 812 -54.77 -27.08 62.03
CA SER G 812 -55.40 -25.80 61.76
C SER G 812 -55.72 -25.02 63.03
N ILE G 813 -56.10 -25.73 64.10
CA ILE G 813 -56.41 -25.11 65.37
C ILE G 813 -55.19 -24.40 65.94
N LEU G 814 -54.03 -25.04 65.85
CA LEU G 814 -52.84 -24.44 66.42
C LEU G 814 -52.28 -23.35 65.53
N ARG G 815 -52.42 -23.46 64.21
CA ARG G 815 -51.87 -22.41 63.35
C ARG G 815 -52.70 -21.13 63.46
N ILE G 816 -54.03 -21.25 63.38
CA ILE G 816 -54.87 -20.08 63.58
C ILE G 816 -54.76 -19.58 65.02
N ALA G 817 -54.55 -20.49 65.97
CA ALA G 817 -54.42 -20.14 67.38
C ALA G 817 -53.18 -19.28 67.62
N GLU G 818 -52.04 -19.66 67.05
CA GLU G 818 -50.85 -18.85 67.23
C GLU G 818 -50.94 -17.55 66.42
N SER G 819 -51.78 -17.49 65.38
CA SER G 819 -52.00 -16.19 64.76
C SER G 819 -52.77 -15.26 65.69
N PHE G 820 -53.76 -15.81 66.39
CA PHE G 820 -54.46 -15.04 67.43
C PHE G 820 -53.53 -14.62 68.56
N ALA G 821 -52.53 -15.44 68.87
CA ALA G 821 -51.55 -15.01 69.87
C ALA G 821 -50.63 -13.93 69.33
N LYS G 822 -50.34 -13.94 68.04
CA LYS G 822 -49.59 -12.83 67.46
C LYS G 822 -50.42 -11.55 67.34
N MET G 823 -51.75 -11.62 67.45
CA MET G 823 -52.53 -10.39 67.33
C MET G 823 -52.34 -9.41 68.48
N ARG G 824 -51.83 -9.86 69.63
CA ARG G 824 -51.55 -8.96 70.74
C ARG G 824 -50.09 -8.57 70.84
N LEU G 825 -49.22 -9.25 70.09
CA LEU G 825 -47.75 -9.14 70.18
C LEU G 825 -47.26 -9.40 71.60
N SER G 826 -47.72 -10.50 72.18
CA SER G 826 -47.54 -10.77 73.61
C SER G 826 -46.64 -11.95 73.91
N GLU G 827 -46.32 -12.78 72.92
CA GLU G 827 -45.37 -13.90 72.96
C GLU G 827 -45.84 -15.08 73.84
N PHE G 828 -46.95 -14.93 74.55
CA PHE G 828 -47.56 -16.00 75.32
C PHE G 828 -48.96 -16.28 74.78
N VAL G 829 -49.33 -17.56 74.73
CA VAL G 829 -50.59 -17.97 74.15
C VAL G 829 -51.65 -18.06 75.24
N SER G 830 -52.68 -17.23 75.12
CA SER G 830 -53.78 -17.23 76.07
C SER G 830 -54.91 -18.15 75.59
N SER G 831 -55.91 -18.32 76.44
CA SER G 831 -56.97 -19.26 76.13
C SER G 831 -58.00 -18.69 75.15
N TYR G 832 -58.08 -17.36 75.03
CA TYR G 832 -58.97 -16.74 74.04
C TYR G 832 -58.57 -17.13 72.62
N ASP G 833 -57.26 -17.35 72.41
CA ASP G 833 -56.75 -17.83 71.13
C ASP G 833 -57.37 -19.17 70.76
N LEU G 834 -57.30 -20.13 71.68
CA LEU G 834 -57.85 -21.46 71.45
C LEU G 834 -59.36 -21.42 71.33
N ASP G 835 -60.03 -20.57 72.11
CA ASP G 835 -61.49 -20.54 72.07
C ASP G 835 -61.99 -19.99 70.75
N ARG G 836 -61.45 -18.85 70.31
CA ARG G 836 -61.87 -18.28 69.03
C ARG G 836 -61.45 -19.17 67.86
N ALA G 837 -60.30 -19.86 67.97
CA ALA G 837 -59.85 -20.74 66.91
C ALA G 837 -60.78 -21.95 66.77
N ILE G 838 -61.15 -22.56 67.90
CA ILE G 838 -62.14 -23.62 67.92
C ILE G 838 -63.46 -23.14 67.33
N LYS G 839 -63.83 -21.88 67.58
CA LYS G 839 -65.08 -21.38 67.03
C LYS G 839 -65.03 -21.27 65.52
N VAL G 840 -64.02 -20.60 64.97
CA VAL G 840 -64.00 -20.35 63.52
C VAL G 840 -63.80 -21.63 62.73
N VAL G 841 -62.92 -22.52 63.21
CA VAL G 841 -62.68 -23.76 62.48
C VAL G 841 -63.88 -24.69 62.59
N VAL G 842 -64.48 -24.79 63.79
CA VAL G 842 -65.57 -25.75 63.97
C VAL G 842 -66.83 -25.30 63.23
N ASP G 843 -67.18 -24.00 63.31
CA ASP G 843 -68.38 -23.62 62.57
C ASP G 843 -68.10 -23.48 61.07
N SER G 844 -66.83 -23.41 60.67
CA SER G 844 -66.54 -23.56 59.25
C SER G 844 -66.71 -25.02 58.82
N PHE G 845 -66.39 -25.95 59.71
CA PHE G 845 -66.62 -27.36 59.42
C PHE G 845 -68.11 -27.69 59.37
N VAL G 846 -68.92 -26.97 60.15
CA VAL G 846 -70.35 -27.20 60.17
C VAL G 846 -70.98 -26.74 58.87
N ASP G 847 -70.66 -25.52 58.44
CA ASP G 847 -71.40 -24.84 57.38
C ASP G 847 -71.11 -25.39 55.99
N ALA G 848 -70.19 -26.34 55.84
CA ALA G 848 -69.98 -26.94 54.54
C ALA G 848 -70.83 -28.18 54.31
N GLN G 849 -71.57 -28.62 55.33
CA GLN G 849 -72.21 -29.91 55.30
C GLN G 849 -73.56 -29.83 54.60
N LYS G 850 -74.35 -30.90 54.72
CA LYS G 850 -75.65 -31.03 54.11
C LYS G 850 -76.69 -30.33 54.98
N VAL G 851 -77.98 -30.39 54.60
CA VAL G 851 -79.06 -29.93 55.47
C VAL G 851 -79.21 -30.82 56.69
N SER G 852 -78.69 -32.04 56.66
CA SER G 852 -78.69 -32.90 57.83
C SER G 852 -77.58 -32.57 58.82
N VAL G 853 -77.04 -31.35 58.75
CA VAL G 853 -76.15 -30.82 59.77
C VAL G 853 -76.89 -30.34 61.01
N ARG G 854 -78.23 -30.35 60.98
CA ARG G 854 -79.01 -30.00 62.17
C ARG G 854 -78.76 -31.00 63.29
N ARG G 855 -78.48 -32.24 62.93
CA ARG G 855 -77.98 -33.22 63.89
C ARG G 855 -76.67 -32.78 64.50
N GLN G 856 -75.78 -32.19 63.69
CA GLN G 856 -74.50 -31.70 64.15
C GLN G 856 -74.62 -30.44 65.00
N LEU G 857 -75.72 -29.70 64.86
CA LEU G 857 -75.90 -28.46 65.61
C LEU G 857 -76.16 -28.73 67.09
N ARG G 858 -76.69 -29.90 67.43
CA ARG G 858 -77.18 -30.16 68.77
C ARG G 858 -76.08 -30.55 69.76
N ARG G 859 -74.82 -30.55 69.36
CA ARG G 859 -73.74 -31.01 70.22
C ARG G 859 -72.69 -29.96 70.51
N SER G 860 -72.55 -28.93 69.68
CA SER G 860 -71.47 -27.96 69.80
C SER G 860 -71.84 -26.78 70.68
N PHE G 861 -72.79 -26.96 71.61
CA PHE G 861 -73.20 -25.87 72.47
C PHE G 861 -72.27 -25.72 73.67
N ALA G 862 -71.76 -26.84 74.19
CA ALA G 862 -70.65 -26.77 75.14
C ALA G 862 -69.39 -26.27 74.46
N ILE G 863 -69.27 -26.53 73.16
CA ILE G 863 -68.18 -25.95 72.36
C ILE G 863 -68.41 -24.46 72.18
N TYR G 864 -69.65 -24.03 72.04
CA TYR G 864 -70.01 -22.63 71.97
C TYR G 864 -69.75 -21.92 73.31
N THR H 13 14.95 -30.75 -7.55
CA THR H 13 14.80 -30.45 -6.12
C THR H 13 13.59 -29.54 -5.89
N PHE H 14 12.67 -29.99 -5.02
CA PHE H 14 11.61 -29.10 -4.55
C PHE H 14 12.19 -27.98 -3.70
N PHE H 15 12.82 -28.34 -2.58
CA PHE H 15 13.58 -27.41 -1.77
C PHE H 15 14.87 -28.04 -1.26
N ALA H 16 15.30 -29.15 -1.90
CA ALA H 16 16.49 -29.97 -1.60
C ALA H 16 16.51 -30.34 -0.12
N PRO H 17 15.64 -31.27 0.29
CA PRO H 17 15.27 -31.38 1.70
C PRO H 17 16.40 -31.86 2.58
N ASP H 18 16.23 -31.60 3.86
CA ASP H 18 17.30 -31.75 4.83
C ASP H 18 17.63 -33.21 5.11
N ALA H 19 18.70 -33.39 5.85
CA ALA H 19 19.05 -34.72 6.32
C ALA H 19 18.18 -35.21 7.46
N VAL H 20 17.37 -34.33 8.06
CA VAL H 20 16.38 -34.77 9.03
C VAL H 20 15.33 -35.63 8.34
N PHE H 21 14.80 -35.13 7.22
CA PHE H 21 13.85 -35.88 6.41
C PHE H 21 14.44 -37.19 5.92
N GLY H 22 15.74 -37.19 5.62
CA GLY H 22 16.43 -38.44 5.35
C GLY H 22 16.50 -39.37 6.54
N ASP H 23 16.62 -38.83 7.76
CA ASP H 23 16.66 -39.69 8.93
C ASP H 23 15.33 -40.37 9.18
N ARG H 24 14.23 -39.62 9.08
CA ARG H 24 12.92 -40.21 9.27
C ARG H 24 12.61 -41.24 8.19
N VAL H 25 12.96 -40.94 6.94
CA VAL H 25 12.66 -41.87 5.86
C VAL H 25 13.46 -43.15 5.99
N ARG H 26 14.73 -43.05 6.38
CA ARG H 26 15.55 -44.25 6.54
C ARG H 26 15.07 -45.11 7.70
N ARG H 27 14.70 -44.48 8.82
CA ARG H 27 14.29 -45.25 9.98
C ARG H 27 12.97 -45.98 9.74
N PHE H 28 12.00 -45.27 9.14
CA PHE H 28 10.72 -45.92 8.87
C PHE H 28 10.84 -46.95 7.76
N GLN H 29 11.81 -46.76 6.86
CA GLN H 29 12.16 -47.82 5.90
C GLN H 29 12.61 -49.08 6.63
N GLU H 30 13.43 -48.93 7.67
CA GLU H 30 13.91 -50.08 8.41
C GLU H 30 12.79 -50.80 9.16
N PHE H 31 11.86 -50.04 9.75
CA PHE H 31 10.72 -50.67 10.39
C PHE H 31 9.85 -51.40 9.39
N LEU H 32 9.57 -50.78 8.24
CA LEU H 32 8.66 -51.42 7.30
C LEU H 32 9.29 -52.66 6.67
N ASP H 33 10.60 -52.70 6.59
CA ASP H 33 11.22 -53.94 6.15
C ASP H 33 11.49 -54.91 7.30
N THR H 34 11.26 -54.50 8.55
CA THR H 34 11.44 -55.42 9.67
C THR H 34 10.32 -56.44 9.74
N PHE H 35 9.08 -55.98 9.82
CA PHE H 35 7.91 -56.84 9.87
C PHE H 35 7.36 -56.92 8.45
N THR H 36 7.13 -58.12 7.96
CA THR H 36 6.99 -58.34 6.52
C THR H 36 5.60 -58.78 6.09
N SER H 37 4.57 -58.47 6.88
CA SER H 37 3.21 -58.72 6.39
C SER H 37 2.74 -57.61 5.46
N TYR H 38 3.25 -56.40 5.68
CA TYR H 38 2.75 -55.24 4.97
C TYR H 38 3.17 -55.27 3.52
N ARG H 39 4.38 -55.80 3.28
CA ARG H 39 4.85 -56.05 1.91
C ARG H 39 3.92 -57.01 1.18
N ASP H 40 3.42 -58.02 1.88
CA ASP H 40 2.49 -58.96 1.26
C ASP H 40 1.14 -58.32 1.00
N SER H 41 0.72 -57.39 1.86
CA SER H 41 -0.54 -56.70 1.60
C SER H 41 -0.43 -55.79 0.38
N VAL H 42 0.67 -55.07 0.26
CA VAL H 42 0.92 -54.23 -0.92
C VAL H 42 0.97 -55.08 -2.17
N ARG H 43 1.57 -56.26 -2.05
CA ARG H 43 1.59 -57.20 -3.17
C ARG H 43 0.19 -57.65 -3.55
N SER H 44 -0.69 -57.83 -2.55
CA SER H 44 -2.05 -58.28 -2.85
C SER H 44 -2.84 -57.20 -3.59
N ILE H 45 -2.73 -55.94 -3.14
CA ILE H 45 -3.42 -54.84 -3.80
C ILE H 45 -2.93 -54.68 -5.24
N GLN H 46 -1.61 -54.77 -5.42
CA GLN H 46 -1.03 -54.52 -6.73
C GLN H 46 -1.39 -55.62 -7.73
N VAL H 47 -1.37 -56.88 -7.27
CA VAL H 47 -1.73 -57.99 -8.15
C VAL H 47 -3.21 -57.96 -8.50
N TYR H 48 -4.07 -57.62 -7.54
CA TYR H 48 -5.50 -57.57 -7.79
C TYR H 48 -5.85 -56.51 -8.84
N ASN H 49 -5.30 -55.30 -8.69
CA ASN H 49 -5.54 -54.29 -9.72
C ASN H 49 -4.92 -54.67 -11.05
N SER H 50 -3.80 -55.40 -11.03
CA SER H 50 -3.17 -55.84 -12.27
C SER H 50 -4.06 -56.80 -13.05
N ASN H 51 -4.57 -57.84 -12.38
CA ASN H 51 -5.38 -58.83 -13.09
C ASN H 51 -6.74 -58.28 -13.46
N ASN H 52 -7.27 -57.33 -12.68
CA ASN H 52 -8.48 -56.63 -13.10
C ASN H 52 -8.23 -55.84 -14.38
N ALA H 53 -7.05 -55.19 -14.47
CA ALA H 53 -6.70 -54.47 -15.69
C ALA H 53 -6.53 -55.41 -16.88
N ALA H 54 -6.08 -56.65 -16.62
CA ALA H 54 -5.99 -57.64 -17.68
C ALA H 54 -7.37 -58.08 -18.16
N ASN H 55 -8.33 -58.19 -17.24
CA ASN H 55 -9.69 -58.52 -17.65
C ASN H 55 -10.33 -57.39 -18.45
N TYR H 56 -10.07 -56.14 -18.04
CA TYR H 56 -10.65 -54.99 -18.73
C TYR H 56 -9.90 -54.62 -20.00
N ASN H 57 -8.71 -55.18 -20.25
CA ASN H 57 -8.00 -54.94 -21.50
C ASN H 57 -7.93 -56.18 -22.40
N ASP H 58 -8.45 -57.32 -21.98
CA ASP H 58 -8.33 -58.52 -22.80
C ASP H 58 -9.66 -59.13 -23.22
N ASP H 59 -10.65 -59.20 -22.32
CA ASP H 59 -11.93 -59.80 -22.68
C ASP H 59 -12.73 -58.89 -23.60
N GLN H 60 -12.85 -57.61 -23.26
CA GLN H 60 -13.70 -56.69 -23.99
C GLN H 60 -12.93 -56.10 -25.17
N ASP H 61 -12.88 -56.89 -26.25
CA ASP H 61 -12.23 -56.47 -27.49
C ASP H 61 -12.88 -57.13 -28.70
N ILE H 91 -9.54 -50.22 -9.03
CA ILE H 91 -10.78 -50.06 -8.30
C ILE H 91 -10.50 -49.91 -6.81
N LEU H 92 -9.68 -50.81 -6.26
CA LEU H 92 -9.35 -50.74 -4.84
C LEU H 92 -8.51 -49.50 -4.55
N PRO H 93 -8.71 -48.86 -3.41
CA PRO H 93 -7.95 -47.65 -3.08
C PRO H 93 -6.54 -48.00 -2.65
N HIS H 94 -5.77 -46.97 -2.36
CA HIS H 94 -4.37 -47.12 -1.99
C HIS H 94 -4.16 -46.64 -0.56
N ARG H 95 -4.31 -47.56 0.40
CA ARG H 95 -3.91 -47.29 1.78
C ARG H 95 -3.68 -48.60 2.51
N ILE H 96 -2.67 -48.59 3.36
CA ILE H 96 -2.27 -49.75 4.15
C ILE H 96 -2.62 -49.51 5.60
N ILE H 97 -3.26 -50.47 6.23
CA ILE H 97 -3.64 -50.32 7.62
C ILE H 97 -2.45 -50.69 8.51
N ILE H 98 -1.91 -49.71 9.23
CA ILE H 98 -0.81 -49.90 10.16
C ILE H 98 -1.36 -49.88 11.58
N SER H 99 -1.03 -50.89 12.35
CA SER H 99 -1.45 -50.96 13.73
C SER H 99 -0.39 -50.35 14.63
N LEU H 100 -0.82 -49.69 15.70
CA LEU H 100 0.11 -49.14 16.67
C LEU H 100 0.53 -50.13 17.74
N ASP H 101 0.39 -51.42 17.51
CA ASP H 101 0.98 -52.38 18.44
C ASP H 101 2.49 -52.40 18.29
N ASP H 102 2.98 -52.38 17.06
CA ASP H 102 4.34 -52.78 16.80
C ASP H 102 5.33 -51.67 17.11
N LEU H 103 4.93 -50.42 16.89
CA LEU H 103 5.84 -49.31 17.09
C LEU H 103 6.18 -49.08 18.55
N ARG H 104 5.37 -49.57 19.48
CA ARG H 104 5.73 -49.43 20.88
C ARG H 104 6.87 -50.36 21.23
N GLU H 105 6.94 -51.54 20.61
CA GLU H 105 8.09 -52.41 20.75
C GLU H 105 9.13 -52.22 19.65
N PHE H 106 9.02 -51.19 18.82
CA PHE H 106 10.11 -50.88 17.91
C PHE H 106 10.90 -49.66 18.35
N ASP H 107 10.24 -48.51 18.46
CA ASP H 107 10.91 -47.26 18.83
C ASP H 107 9.99 -46.45 19.73
N ARG H 108 10.50 -46.06 20.90
CA ARG H 108 9.73 -45.13 21.71
C ARG H 108 9.73 -43.75 21.10
N SER H 109 10.80 -43.40 20.39
CA SER H 109 10.91 -42.05 19.82
C SER H 109 9.91 -41.85 18.70
N PHE H 110 9.72 -42.87 17.88
CA PHE H 110 8.82 -42.71 16.75
C PHE H 110 7.37 -42.79 17.21
N TRP H 111 7.09 -43.66 18.18
CA TRP H 111 5.81 -43.79 18.86
C TRP H 111 5.36 -42.47 19.47
N SER H 112 6.11 -41.98 20.44
CA SER H 112 5.71 -40.74 21.10
C SER H 112 6.02 -39.54 20.24
N GLY H 113 6.64 -39.75 19.09
CA GLY H 113 6.75 -38.69 18.12
C GLY H 113 5.47 -38.46 17.34
N ILE H 114 4.81 -39.55 16.92
CA ILE H 114 3.57 -39.37 16.15
C ILE H 114 2.46 -38.77 17.00
N LEU H 115 2.26 -39.28 18.20
CA LEU H 115 1.12 -38.86 19.02
C LEU H 115 1.30 -37.50 19.67
N VAL H 116 2.30 -36.71 19.30
CA VAL H 116 2.47 -35.37 19.83
C VAL H 116 2.50 -34.33 18.72
N GLU H 117 3.29 -34.56 17.68
CA GLU H 117 3.44 -33.61 16.59
C GLU H 117 3.36 -34.33 15.25
N PRO H 118 2.15 -34.54 14.73
CA PRO H 118 2.03 -35.40 13.55
C PRO H 118 2.33 -34.69 12.26
N ALA H 119 2.52 -33.38 12.26
CA ALA H 119 2.85 -32.69 11.02
C ALA H 119 4.33 -32.78 10.69
N TYR H 120 5.12 -33.50 11.47
CA TYR H 120 6.52 -33.71 11.19
C TYR H 120 6.85 -35.16 10.92
N PHE H 121 5.92 -36.08 11.12
CA PHE H 121 6.21 -37.51 11.06
C PHE H 121 5.34 -38.30 10.10
N ILE H 122 4.22 -37.76 9.64
CA ILE H 122 3.40 -38.49 8.67
C ILE H 122 3.90 -38.34 7.23
N PRO H 123 4.23 -37.16 6.69
CA PRO H 123 4.75 -37.11 5.31
C PRO H 123 6.08 -37.81 5.06
N PRO H 124 7.00 -37.99 6.03
CA PRO H 124 8.13 -38.87 5.71
C PRO H 124 7.75 -40.32 5.54
N ALA H 125 6.91 -40.85 6.42
CA ALA H 125 6.54 -42.26 6.32
C ALA H 125 5.73 -42.53 5.05
N GLU H 126 4.87 -41.58 4.65
CA GLU H 126 4.19 -41.73 3.38
C GLU H 126 5.17 -41.69 2.21
N LYS H 127 6.21 -40.85 2.31
CA LYS H 127 7.21 -40.81 1.24
C LYS H 127 7.96 -42.13 1.12
N ALA H 128 8.32 -42.74 2.24
CA ALA H 128 9.04 -44.01 2.17
C ALA H 128 8.14 -45.13 1.67
N LEU H 129 6.85 -45.06 1.97
CA LEU H 129 5.98 -46.12 1.49
C LEU H 129 5.72 -46.02 0.00
N THR H 130 5.64 -44.79 -0.54
CA THR H 130 5.61 -44.68 -2.00
C THR H 130 6.93 -45.08 -2.63
N ASP H 131 8.03 -44.94 -1.89
CA ASP H 131 9.31 -45.43 -2.40
C ASP H 131 9.31 -46.95 -2.52
N LEU H 132 8.77 -47.63 -1.50
CA LEU H 132 8.73 -49.09 -1.54
C LEU H 132 7.77 -49.59 -2.62
N ALA H 133 6.61 -48.95 -2.73
CA ALA H 133 5.63 -49.39 -3.72
C ALA H 133 6.07 -49.08 -5.15
N ASP H 134 6.80 -48.00 -5.37
CA ASP H 134 7.35 -47.78 -6.71
C ASP H 134 8.51 -48.72 -6.99
N SER H 135 9.30 -49.05 -5.98
CA SER H 135 10.45 -49.92 -6.21
C SER H 135 10.07 -51.37 -6.41
N MET H 136 8.92 -51.80 -5.89
CA MET H 136 8.56 -53.20 -6.01
C MET H 136 8.02 -53.52 -7.40
N ASP H 137 7.18 -52.64 -7.95
CA ASP H 137 6.80 -52.74 -9.35
C ASP H 137 7.51 -51.63 -10.13
N HIS H 151 1.61 -41.08 -7.03
CA HIS H 151 0.57 -41.77 -6.29
C HIS H 151 0.69 -41.51 -4.81
N PRO H 152 -0.42 -41.27 -4.16
CA PRO H 152 -0.37 -40.92 -2.73
C PRO H 152 0.07 -41.99 -1.73
N TRP H 153 -0.60 -43.14 -1.68
CA TRP H 153 -0.33 -44.24 -0.73
C TRP H 153 -0.36 -43.77 0.74
N LYS H 154 -1.55 -43.41 1.19
CA LYS H 154 -1.76 -42.91 2.54
C LYS H 154 -1.70 -44.03 3.58
N LEU H 155 -1.90 -43.70 4.85
CA LEU H 155 -1.86 -44.68 5.94
C LEU H 155 -3.18 -44.72 6.68
N SER H 156 -3.21 -45.47 7.78
CA SER H 156 -4.44 -45.59 8.56
C SER H 156 -4.32 -45.25 10.04
N PHE H 157 -3.34 -45.83 10.73
CA PHE H 157 -3.19 -45.78 12.19
C PHE H 157 -4.41 -46.31 12.94
N LYS H 158 -4.62 -47.61 12.81
CA LYS H 158 -5.61 -48.30 13.63
C LYS H 158 -5.06 -48.55 15.03
N GLY H 159 -5.82 -48.12 16.04
CA GLY H 159 -5.36 -48.21 17.42
C GLY H 159 -6.48 -48.72 18.30
N SER H 160 -6.23 -48.86 19.62
CA SER H 160 -5.07 -48.59 20.53
C SER H 160 -4.45 -47.19 20.58
N PHE H 161 -5.15 -46.22 21.17
CA PHE H 161 -4.67 -44.84 21.24
C PHE H 161 -4.47 -44.35 22.66
N GLY H 162 -3.29 -44.59 23.21
CA GLY H 162 -2.57 -43.59 23.99
C GLY H 162 -3.21 -42.62 24.98
N ALA H 163 -4.38 -43.00 25.52
CA ALA H 163 -5.25 -42.11 26.30
C ALA H 163 -5.61 -40.85 25.52
N HIS H 164 -5.98 -41.02 24.26
CA HIS H 164 -6.68 -39.99 23.49
C HIS H 164 -7.98 -40.59 22.97
N ALA H 165 -8.74 -41.21 23.88
CA ALA H 165 -9.99 -41.89 23.56
C ALA H 165 -11.20 -41.02 23.81
N LEU H 166 -11.08 -39.72 23.56
CA LEU H 166 -11.96 -38.76 24.18
C LEU H 166 -13.16 -38.39 23.31
N SER H 167 -14.29 -38.27 23.96
CA SER H 167 -15.56 -37.89 23.36
C SER H 167 -15.54 -36.39 23.10
N PRO H 168 -16.34 -35.90 22.13
CA PRO H 168 -16.24 -34.47 21.80
C PRO H 168 -16.90 -33.54 22.80
N ARG H 169 -17.18 -34.00 24.01
CA ARG H 169 -17.53 -33.08 25.08
C ARG H 169 -16.27 -32.46 25.68
N THR H 170 -15.23 -33.26 25.85
CA THR H 170 -13.99 -32.84 26.50
C THR H 170 -12.84 -32.59 25.53
N LEU H 171 -13.11 -32.04 24.35
CA LEU H 171 -12.10 -32.02 23.31
C LEU H 171 -11.13 -30.86 23.48
N THR H 172 -11.63 -29.63 23.36
CA THR H 172 -10.84 -28.40 23.34
C THR H 172 -10.14 -28.19 24.69
N ALA H 173 -9.01 -27.46 24.70
CA ALA H 173 -8.27 -26.87 23.58
C ALA H 173 -6.80 -27.06 23.75
N GLN H 174 -6.40 -27.65 24.87
CA GLN H 174 -4.99 -27.95 25.01
C GLN H 174 -4.61 -29.27 24.36
N HIS H 175 -5.56 -29.98 23.76
CA HIS H 175 -5.28 -31.10 22.90
C HIS H 175 -5.06 -30.70 21.46
N LEU H 176 -4.78 -29.44 21.20
CA LEU H 176 -4.88 -28.97 19.83
C LEU H 176 -3.60 -29.32 19.07
N ASN H 177 -3.78 -29.63 17.78
CA ASN H 177 -2.71 -29.97 16.84
C ASN H 177 -1.95 -31.23 17.27
N LYS H 178 -2.70 -32.23 17.70
CA LYS H 178 -2.20 -33.55 18.01
C LYS H 178 -3.05 -34.58 17.28
N LEU H 179 -2.91 -35.85 17.64
CA LEU H 179 -3.71 -36.86 16.97
C LEU H 179 -4.73 -37.44 17.93
N VAL H 180 -6.01 -37.28 17.59
CA VAL H 180 -7.13 -37.42 18.52
C VAL H 180 -8.13 -38.40 17.91
N SER H 181 -8.69 -39.29 18.74
CA SER H 181 -9.72 -40.23 18.33
C SER H 181 -11.06 -39.84 18.96
N VAL H 182 -12.09 -39.67 18.13
CA VAL H 182 -13.38 -39.13 18.54
C VAL H 182 -14.47 -40.06 18.06
N GLU H 183 -15.47 -40.33 18.91
CA GLU H 183 -16.65 -41.07 18.47
C GLU H 183 -17.93 -40.31 18.81
N GLY H 184 -19.00 -40.61 18.06
CA GLY H 184 -20.28 -39.99 18.33
C GLY H 184 -21.26 -40.27 17.20
N ILE H 185 -22.37 -39.56 17.25
CA ILE H 185 -23.45 -39.66 16.27
C ILE H 185 -23.12 -38.78 15.10
N VAL H 186 -23.56 -39.15 13.89
CA VAL H 186 -23.31 -38.36 12.71
C VAL H 186 -24.59 -37.66 12.28
N THR H 187 -24.54 -36.33 12.34
CA THR H 187 -25.55 -35.42 11.82
C THR H 187 -24.84 -34.09 11.66
N LYS H 188 -24.93 -33.44 10.50
CA LYS H 188 -26.03 -33.42 9.57
C LYS H 188 -25.68 -33.55 8.10
N THR H 189 -24.94 -34.61 7.74
CA THR H 189 -24.10 -34.80 6.55
C THR H 189 -24.48 -34.04 5.27
N SER H 190 -23.55 -33.29 4.71
CA SER H 190 -23.84 -32.42 3.58
C SER H 190 -23.71 -33.18 2.27
N LEU H 191 -23.72 -32.44 1.17
CA LEU H 191 -23.77 -32.98 -0.18
C LEU H 191 -22.35 -33.18 -0.70
N VAL H 192 -22.20 -34.01 -1.72
CA VAL H 192 -20.88 -34.34 -2.25
C VAL H 192 -20.55 -33.43 -3.42
N ARG H 193 -19.46 -32.68 -3.31
CA ARG H 193 -19.10 -31.78 -4.39
C ARG H 193 -17.69 -32.06 -4.89
N PRO H 194 -17.46 -31.97 -6.19
CA PRO H 194 -16.12 -32.22 -6.72
C PRO H 194 -15.27 -30.96 -6.74
N LYS H 195 -13.98 -31.16 -6.49
CA LYS H 195 -13.00 -30.10 -6.31
C LYS H 195 -12.01 -30.18 -7.44
N LEU H 196 -11.51 -29.04 -7.89
CA LEU H 196 -10.62 -28.98 -9.05
C LEU H 196 -9.17 -28.92 -8.60
N ILE H 197 -8.29 -29.58 -9.34
CA ILE H 197 -6.87 -29.60 -9.02
C ILE H 197 -6.01 -29.14 -10.19
N ARG H 198 -6.19 -29.73 -11.37
CA ARG H 198 -5.34 -29.45 -12.51
C ARG H 198 -6.18 -29.06 -13.71
N SER H 199 -5.86 -27.95 -14.33
CA SER H 199 -6.50 -27.56 -15.57
C SER H 199 -5.69 -28.02 -16.76
N VAL H 200 -6.34 -28.08 -17.91
CA VAL H 200 -5.70 -28.34 -19.20
C VAL H 200 -6.39 -27.47 -20.24
N HIS H 201 -5.62 -26.73 -21.03
CA HIS H 201 -6.16 -25.81 -22.01
C HIS H 201 -5.64 -26.12 -23.39
N TYR H 202 -6.51 -26.10 -24.38
CA TYR H 202 -6.07 -26.17 -25.77
C TYR H 202 -5.87 -24.78 -26.30
N ALA H 203 -4.85 -24.61 -27.14
CA ALA H 203 -4.52 -23.30 -27.68
C ALA H 203 -4.93 -23.25 -29.13
N ALA H 204 -5.15 -22.05 -29.63
CA ALA H 204 -5.47 -21.83 -31.04
C ALA H 204 -4.74 -20.60 -31.53
N LYS H 205 -3.96 -20.73 -32.61
CA LYS H 205 -4.00 -21.87 -33.50
C LYS H 205 -2.76 -22.74 -33.48
N THR H 206 -1.82 -22.46 -32.57
CA THR H 206 -0.52 -23.10 -32.66
C THR H 206 -0.56 -24.57 -32.27
N GLY H 207 -1.55 -25.01 -31.53
CA GLY H 207 -1.72 -26.43 -31.29
C GLY H 207 -0.83 -27.00 -30.21
N ARG H 208 -0.77 -26.35 -29.06
CA ARG H 208 -0.06 -26.89 -27.91
C ARG H 208 -0.99 -26.88 -26.72
N PHE H 209 -1.02 -27.98 -25.98
CA PHE H 209 -1.76 -27.99 -24.74
C PHE H 209 -1.06 -27.13 -23.69
N HIS H 210 -1.75 -26.86 -22.60
CA HIS H 210 -1.15 -26.15 -21.49
C HIS H 210 -1.64 -26.76 -20.20
N TYR H 211 -1.44 -26.06 -19.10
CA TYR H 211 -1.24 -26.77 -17.85
C TYR H 211 -1.18 -25.73 -16.75
N ARG H 212 -1.64 -26.09 -15.56
CA ARG H 212 -1.70 -25.19 -14.42
C ARG H 212 -2.02 -26.03 -13.20
N ASP H 213 -1.55 -25.62 -12.03
CA ASP H 213 -1.87 -26.32 -10.80
C ASP H 213 -2.64 -25.45 -9.83
N TYR H 214 -3.22 -26.09 -8.82
CA TYR H 214 -3.99 -25.40 -7.79
C TYR H 214 -3.78 -26.09 -6.47
N THR H 215 -3.80 -25.32 -5.38
CA THR H 215 -3.63 -25.85 -4.05
C THR H 215 -4.60 -25.15 -3.10
N ASP H 216 -4.62 -25.62 -1.86
CA ASP H 216 -5.50 -25.06 -0.84
C ASP H 216 -4.89 -25.10 0.55
N ALA H 217 -5.72 -24.91 1.56
CA ALA H 217 -5.30 -25.02 2.94
C ALA H 217 -5.63 -26.37 3.55
N THR H 218 -6.48 -27.17 2.91
CA THR H 218 -6.81 -28.50 3.38
C THR H 218 -5.99 -29.57 2.66
N THR H 219 -4.77 -29.23 2.26
CA THR H 219 -3.81 -30.13 1.67
C THR H 219 -3.06 -30.90 2.74
N THR H 220 -1.91 -31.46 2.36
CA THR H 220 -0.99 -32.08 3.32
C THR H 220 -0.65 -31.14 4.45
N LEU H 221 -0.31 -31.74 5.59
CA LEU H 221 -0.66 -31.19 6.88
C LEU H 221 0.24 -30.03 7.31
N THR H 222 1.31 -29.76 6.59
CA THR H 222 2.15 -28.60 6.88
C THR H 222 1.47 -27.31 6.42
N THR H 223 2.18 -26.20 6.57
CA THR H 223 1.76 -24.95 5.96
C THR H 223 2.66 -24.59 4.79
N ARG H 224 2.26 -23.56 4.07
CA ARG H 224 2.95 -23.17 2.85
C ARG H 224 2.58 -21.72 2.59
N ILE H 225 3.54 -20.95 2.10
CA ILE H 225 3.30 -19.55 1.78
C ILE H 225 2.38 -19.48 0.58
N PRO H 226 1.15 -18.99 0.75
CA PRO H 226 0.13 -19.18 -0.29
C PRO H 226 0.34 -18.25 -1.46
N THR H 227 0.11 -18.78 -2.66
CA THR H 227 0.14 -18.01 -3.89
C THR H 227 -1.12 -18.34 -4.69
N PRO H 228 -2.09 -17.43 -4.74
CA PRO H 228 -3.22 -17.62 -5.65
C PRO H 228 -2.78 -17.45 -7.10
N ALA H 229 -3.68 -17.79 -8.00
CA ALA H 229 -3.34 -17.98 -9.41
C ALA H 229 -4.61 -17.91 -10.22
N ILE H 230 -4.69 -16.96 -11.14
CA ILE H 230 -5.90 -16.72 -11.90
C ILE H 230 -6.17 -17.89 -12.82
N TYR H 231 -7.44 -18.29 -12.93
CA TYR H 231 -7.86 -19.27 -13.92
C TYR H 231 -7.52 -18.72 -15.30
N PRO H 232 -6.57 -19.29 -15.99
CA PRO H 232 -5.89 -18.59 -17.08
C PRO H 232 -6.73 -18.49 -18.33
N THR H 233 -6.38 -17.48 -19.13
CA THR H 233 -6.98 -17.13 -20.39
C THR H 233 -6.05 -16.12 -21.05
N GLU H 234 -5.84 -16.28 -22.37
CA GLU H 234 -5.02 -15.36 -23.16
C GLU H 234 -3.58 -15.33 -22.68
N ASP H 235 -2.88 -16.41 -22.98
CA ASP H 235 -1.42 -16.49 -22.79
C ASP H 235 -0.65 -15.39 -23.52
N THR H 236 0.63 -15.30 -23.23
CA THR H 236 1.55 -14.55 -24.09
C THR H 236 2.12 -15.50 -25.14
N GLU H 237 2.02 -15.14 -26.41
CA GLU H 237 1.41 -13.91 -26.94
C GLU H 237 -0.10 -14.10 -27.11
N GLY H 238 -0.82 -12.99 -27.30
CA GLY H 238 -2.27 -13.00 -27.21
C GLY H 238 -3.03 -13.93 -28.13
N ASN H 239 -3.59 -15.00 -27.55
CA ASN H 239 -4.31 -16.04 -28.26
C ASN H 239 -5.42 -16.55 -27.35
N LYS H 240 -6.54 -16.91 -27.94
CA LYS H 240 -7.65 -17.43 -27.16
C LYS H 240 -7.32 -18.83 -26.66
N LEU H 241 -7.61 -19.08 -25.38
CA LEU H 241 -7.39 -20.38 -24.76
C LEU H 241 -8.73 -20.99 -24.43
N THR H 242 -9.23 -21.85 -25.31
CA THR H 242 -10.47 -22.55 -25.06
C THR H 242 -10.17 -23.73 -24.15
N THR H 243 -10.89 -23.84 -23.04
CA THR H 243 -10.56 -24.86 -22.06
C THR H 243 -11.04 -26.22 -22.52
N GLU H 244 -10.77 -27.22 -21.69
CA GLU H 244 -11.25 -28.57 -21.95
C GLU H 244 -11.64 -29.26 -20.67
N TYR H 245 -12.32 -30.38 -20.84
CA TYR H 245 -12.74 -31.24 -19.76
C TYR H 245 -12.33 -32.65 -20.15
N GLY H 246 -12.45 -33.57 -19.22
CA GLY H 246 -12.09 -34.94 -19.49
C GLY H 246 -10.64 -35.23 -19.21
N TYR H 247 -9.76 -34.28 -19.48
CA TYR H 247 -8.36 -34.43 -19.12
C TYR H 247 -8.04 -33.71 -17.82
N SER H 248 -8.82 -32.72 -17.46
CA SER H 248 -8.61 -32.00 -16.22
C SER H 248 -9.13 -32.82 -15.06
N THR H 249 -8.30 -33.03 -14.06
CA THR H 249 -8.65 -33.93 -12.98
C THR H 249 -9.64 -33.29 -12.02
N PHE H 250 -10.29 -34.13 -11.22
CA PHE H 250 -11.21 -33.70 -10.18
C PHE H 250 -11.19 -34.73 -9.07
N ILE H 251 -11.31 -34.27 -7.83
CA ILE H 251 -11.22 -35.12 -6.65
C ILE H 251 -12.25 -34.66 -5.63
N ASP H 252 -13.00 -35.61 -5.08
CA ASP H 252 -14.24 -35.34 -4.37
C ASP H 252 -13.98 -34.77 -2.97
N HIS H 253 -15.05 -34.27 -2.34
CA HIS H 253 -14.92 -33.51 -1.11
C HIS H 253 -16.26 -33.47 -0.39
N GLN H 254 -16.24 -33.62 0.94
CA GLN H 254 -17.45 -33.80 1.73
C GLN H 254 -17.16 -33.55 3.20
N ARG H 255 -18.06 -32.86 3.90
CA ARG H 255 -17.87 -32.58 5.32
C ARG H 255 -19.09 -32.95 6.16
N ILE H 256 -18.83 -33.59 7.29
CA ILE H 256 -19.86 -34.09 8.20
C ILE H 256 -19.57 -33.57 9.59
N THR H 257 -20.59 -33.48 10.44
CA THR H 257 -20.41 -33.00 11.80
C THR H 257 -20.79 -34.07 12.80
N VAL H 258 -20.23 -34.01 13.99
CA VAL H 258 -20.29 -35.09 14.95
C VAL H 258 -20.72 -34.53 16.31
N GLN H 259 -21.78 -35.09 16.88
CA GLN H 259 -22.30 -34.79 18.20
C GLN H 259 -21.91 -35.90 19.17
N GLU H 260 -21.87 -35.61 20.46
CA GLU H 260 -21.53 -36.67 21.41
C GLU H 260 -22.70 -37.63 21.59
N MET H 261 -22.38 -38.77 22.18
CA MET H 261 -23.31 -39.90 22.26
C MET H 261 -24.42 -39.60 23.25
N PRO H 262 -25.68 -39.96 22.93
CA PRO H 262 -26.75 -39.77 23.91
C PRO H 262 -26.76 -40.81 25.02
N GLU H 263 -26.18 -41.97 24.80
CA GLU H 263 -26.05 -42.97 25.85
C GLU H 263 -24.91 -42.64 26.81
N MET H 264 -24.05 -41.70 26.44
CA MET H 264 -22.89 -41.28 27.22
C MET H 264 -23.05 -39.87 27.77
N ALA H 265 -24.03 -39.13 27.27
CA ALA H 265 -24.24 -37.72 27.60
C ALA H 265 -24.55 -37.52 29.07
N PRO H 266 -24.42 -36.29 29.59
CA PRO H 266 -24.97 -35.99 30.91
C PRO H 266 -26.50 -35.97 30.95
N ALA H 267 -27.05 -35.63 32.11
CA ALA H 267 -28.46 -35.81 32.43
C ALA H 267 -29.39 -35.02 31.52
N GLY H 268 -29.38 -33.70 31.61
CA GLY H 268 -29.94 -32.92 30.53
C GLY H 268 -29.20 -31.61 30.37
N GLN H 269 -28.55 -31.43 29.24
CA GLN H 269 -27.74 -30.27 28.93
C GLN H 269 -27.73 -30.14 27.42
N LEU H 270 -27.29 -29.00 26.94
CA LEU H 270 -27.22 -28.91 25.49
C LEU H 270 -26.00 -29.68 24.99
N PRO H 271 -26.09 -30.27 23.81
CA PRO H 271 -24.93 -30.95 23.24
C PRO H 271 -24.00 -29.97 22.57
N ARG H 272 -22.74 -30.35 22.46
CA ARG H 272 -21.73 -29.53 21.82
C ARG H 272 -20.99 -30.38 20.80
N SER H 273 -20.68 -29.78 19.64
CA SER H 273 -20.32 -30.58 18.49
C SER H 273 -19.19 -29.95 17.70
N ILE H 274 -18.45 -30.79 16.97
CA ILE H 274 -17.39 -30.38 16.07
C ILE H 274 -17.69 -30.88 14.66
N ASP H 275 -16.77 -30.67 13.74
CA ASP H 275 -17.02 -30.99 12.34
C ASP H 275 -15.77 -31.51 11.65
N VAL H 276 -15.97 -32.41 10.71
CA VAL H 276 -14.91 -33.22 10.12
C VAL H 276 -14.94 -33.04 8.62
N ILE H 277 -13.76 -32.82 8.01
CA ILE H 277 -13.60 -32.78 6.57
C ILE H 277 -13.14 -34.14 6.10
N LEU H 278 -13.74 -34.67 5.04
CA LEU H 278 -13.25 -35.92 4.46
C LEU H 278 -12.57 -35.66 3.12
N ASP H 279 -12.22 -36.75 2.45
CA ASP H 279 -11.24 -36.72 1.36
C ASP H 279 -11.71 -37.62 0.23
N ASP H 280 -10.75 -38.01 -0.61
CA ASP H 280 -11.02 -38.72 -1.86
C ASP H 280 -11.67 -40.08 -1.64
N ASP H 281 -10.99 -40.99 -0.97
CA ASP H 281 -11.48 -42.35 -0.86
C ASP H 281 -12.34 -42.59 0.38
N LEU H 282 -12.88 -41.53 0.97
CA LEU H 282 -13.71 -41.67 2.16
C LEU H 282 -15.09 -41.06 1.96
N VAL H 283 -15.45 -40.72 0.73
CA VAL H 283 -16.76 -40.16 0.44
C VAL H 283 -17.81 -41.25 0.60
N ASP H 284 -18.89 -40.93 1.33
CA ASP H 284 -20.12 -41.71 1.42
C ASP H 284 -19.86 -43.09 2.05
N LYS H 285 -19.44 -43.06 3.30
CA LYS H 285 -19.38 -44.26 4.12
C LYS H 285 -20.55 -44.34 5.08
N THR H 286 -20.92 -43.22 5.69
CA THR H 286 -21.80 -43.20 6.84
C THR H 286 -23.05 -42.40 6.53
N LYS H 287 -24.19 -43.06 6.54
CA LYS H 287 -25.45 -42.37 6.45
C LYS H 287 -25.72 -41.64 7.77
N PRO H 288 -26.52 -40.57 7.76
CA PRO H 288 -26.77 -39.86 9.02
C PRO H 288 -27.66 -40.66 9.94
N GLY H 289 -27.14 -40.94 11.13
CA GLY H 289 -27.83 -41.78 12.10
C GLY H 289 -26.94 -42.89 12.61
N ASP H 290 -25.75 -43.02 12.04
CA ASP H 290 -24.84 -44.10 12.41
C ASP H 290 -24.09 -43.76 13.68
N ARG H 291 -23.17 -44.63 14.08
CA ARG H 291 -22.28 -44.37 15.20
C ARG H 291 -20.85 -44.63 14.74
N VAL H 292 -20.01 -43.61 14.82
CA VAL H 292 -18.82 -43.50 14.00
C VAL H 292 -17.61 -43.16 14.84
N ASN H 293 -16.55 -43.95 14.71
CA ASN H 293 -15.25 -43.63 15.27
C ASN H 293 -14.43 -42.88 14.23
N VAL H 294 -13.87 -41.73 14.61
CA VAL H 294 -13.04 -40.92 13.72
C VAL H 294 -11.67 -40.77 14.34
N VAL H 295 -10.62 -40.98 13.55
CA VAL H 295 -9.24 -40.76 13.97
C VAL H 295 -8.64 -39.74 13.03
N GLY H 296 -8.14 -38.63 13.57
CA GLY H 296 -7.64 -37.58 12.71
C GLY H 296 -6.72 -36.64 13.43
N VAL H 297 -6.51 -35.48 12.81
CA VAL H 297 -5.56 -34.48 13.27
C VAL H 297 -6.33 -33.19 13.54
N PHE H 298 -6.14 -32.61 14.71
CA PHE H 298 -7.02 -31.54 15.14
C PHE H 298 -6.44 -30.19 14.75
N LYS H 299 -6.48 -29.92 13.45
CA LYS H 299 -5.89 -28.72 12.86
C LYS H 299 -6.70 -27.49 13.23
N SER H 300 -6.06 -26.33 13.23
CA SER H 300 -6.73 -25.05 13.49
C SER H 300 -6.27 -24.00 12.49
N LEU H 301 -7.02 -23.84 11.41
CA LEU H 301 -6.65 -22.94 10.33
C LEU H 301 -7.43 -21.63 10.42
N GLY H 302 -6.89 -20.62 9.77
CA GLY H 302 -7.55 -19.33 9.66
C GLY H 302 -6.80 -18.27 10.46
N ALA H 303 -6.95 -17.03 10.03
CA ALA H 303 -6.43 -15.88 10.76
C ALA H 303 -7.57 -15.28 11.58
N GLY H 304 -7.37 -15.20 12.88
CA GLY H 304 -8.49 -14.98 13.79
C GLY H 304 -8.78 -13.55 14.13
N GLY H 305 -9.00 -12.71 13.13
CA GLY H 305 -9.36 -11.33 13.39
C GLY H 305 -8.23 -10.45 13.86
N MET H 306 -7.00 -10.96 13.92
CA MET H 306 -5.87 -10.11 14.23
C MET H 306 -5.31 -9.42 12.99
N ASN H 307 -5.89 -9.68 11.83
CA ASN H 307 -5.37 -9.09 10.60
C ASN H 307 -5.77 -7.63 10.48
N GLN H 308 -7.07 -7.35 10.48
CA GLN H 308 -7.59 -6.00 10.36
C GLN H 308 -8.06 -5.50 11.72
N SER H 309 -7.86 -4.21 11.97
CA SER H 309 -8.21 -3.69 13.28
C SER H 309 -9.70 -3.33 13.33
N ASN H 310 -10.16 -3.07 14.55
CA ASN H 310 -11.58 -2.94 14.92
C ASN H 310 -12.36 -4.15 14.41
N SER H 311 -12.01 -5.30 14.98
CA SER H 311 -12.44 -6.57 14.45
C SER H 311 -13.80 -6.98 14.99
N ASN H 312 -14.60 -7.61 14.13
CA ASN H 312 -15.76 -8.37 14.56
C ASN H 312 -15.37 -9.85 14.48
N THR H 313 -16.35 -10.74 14.70
CA THR H 313 -16.16 -12.17 14.91
C THR H 313 -15.13 -12.42 16.01
N LEU H 314 -15.56 -12.04 17.23
CA LEU H 314 -14.71 -11.72 18.38
C LEU H 314 -13.59 -12.70 18.66
N ILE H 315 -13.84 -13.98 18.47
CA ILE H 315 -12.83 -15.01 18.66
C ILE H 315 -12.74 -15.81 17.37
N GLY H 316 -11.58 -15.77 16.74
CA GLY H 316 -11.43 -16.51 15.51
C GLY H 316 -10.94 -17.92 15.76
N PHE H 317 -10.06 -18.38 14.88
CA PHE H 317 -9.36 -19.65 14.97
C PHE H 317 -10.35 -20.81 15.02
N LYS H 318 -11.15 -20.90 13.96
CA LYS H 318 -12.08 -22.01 13.82
C LYS H 318 -11.33 -23.31 13.66
N THR H 319 -11.90 -24.38 14.21
CA THR H 319 -11.22 -25.65 14.29
C THR H 319 -12.00 -26.70 13.53
N LEU H 320 -11.29 -27.76 13.15
CA LEU H 320 -11.88 -28.91 12.47
C LEU H 320 -10.98 -30.12 12.69
N ILE H 321 -11.21 -31.18 11.93
CA ILE H 321 -10.41 -32.39 12.01
C ILE H 321 -10.15 -32.87 10.59
N LEU H 322 -8.89 -33.08 10.24
CA LEU H 322 -8.55 -33.60 8.93
C LEU H 322 -8.53 -35.13 8.92
N GLY H 323 -9.02 -35.71 7.84
CA GLY H 323 -8.97 -37.14 7.62
C GLY H 323 -9.78 -37.89 8.66
N ASN H 324 -9.38 -39.12 8.97
CA ASN H 324 -8.41 -39.89 8.21
C ASN H 324 -8.95 -41.29 7.95
N THR H 325 -9.61 -41.88 8.95
CA THR H 325 -9.98 -43.29 8.97
C THR H 325 -11.34 -43.60 9.60
N VAL H 326 -12.41 -43.02 9.07
CA VAL H 326 -13.75 -43.25 9.57
C VAL H 326 -14.14 -44.73 9.58
N TYR H 327 -14.33 -45.27 10.78
CA TYR H 327 -14.84 -46.62 10.96
C TYR H 327 -16.27 -46.53 11.44
N PRO H 328 -17.24 -47.19 10.83
CA PRO H 328 -18.53 -47.34 11.50
C PRO H 328 -18.46 -48.53 12.45
N LEU H 329 -19.13 -48.41 13.58
CA LEU H 329 -19.09 -49.44 14.60
C LEU H 329 -20.48 -49.88 15.00
N HIS H 330 -20.55 -51.00 15.69
CA HIS H 330 -21.82 -51.60 16.04
C HIS H 330 -22.50 -50.83 17.15
N ALA H 331 -23.81 -50.76 17.09
CA ALA H 331 -24.60 -50.15 18.15
C ALA H 331 -25.52 -51.19 18.74
N ARG H 332 -26.41 -50.73 19.61
CA ARG H 332 -27.40 -51.63 20.18
C ARG H 332 -28.62 -51.73 19.27
N SER H 333 -28.89 -50.69 18.47
CA SER H 333 -30.13 -50.64 17.72
C SER H 333 -30.04 -50.12 16.29
N THR H 334 -28.87 -49.76 15.77
CA THR H 334 -28.78 -49.25 14.40
C THR H 334 -27.42 -49.56 13.79
N GLY H 335 -27.42 -50.18 12.62
CA GLY H 335 -26.16 -50.48 11.98
C GLY H 335 -25.83 -51.96 12.00
N VAL H 336 -25.26 -52.44 10.90
CA VAL H 336 -25.12 -53.86 10.68
C VAL H 336 -23.96 -54.39 11.52
N ALA H 337 -24.03 -55.66 11.92
CA ALA H 337 -22.95 -56.32 12.65
C ALA H 337 -22.51 -57.59 11.92
N ALA H 338 -22.63 -57.57 10.59
CA ALA H 338 -22.31 -58.73 9.76
C ALA H 338 -20.83 -58.79 9.40
N ARG H 339 -20.00 -57.99 10.05
CA ARG H 339 -18.56 -58.04 9.84
C ARG H 339 -17.87 -59.12 10.66
N GLN H 340 -18.64 -60.03 11.26
CA GLN H 340 -18.04 -60.96 12.22
C GLN H 340 -17.20 -61.99 11.49
N MET H 341 -16.01 -62.24 12.02
CA MET H 341 -15.00 -63.00 11.31
C MET H 341 -15.33 -64.49 11.30
N LEU H 342 -14.87 -65.16 10.25
CA LEU H 342 -15.10 -66.59 10.05
C LEU H 342 -13.76 -67.22 9.67
N THR H 343 -13.02 -67.71 10.65
CA THR H 343 -11.79 -68.41 10.36
C THR H 343 -12.09 -69.80 9.80
N ASP H 344 -11.06 -70.44 9.26
CA ASP H 344 -11.25 -71.76 8.68
C ASP H 344 -11.47 -72.81 9.74
N PHE H 345 -10.96 -72.56 10.95
CA PHE H 345 -11.30 -73.38 12.11
C PHE H 345 -12.80 -73.34 12.37
N ASP H 346 -13.41 -72.17 12.20
CA ASP H 346 -14.83 -72.00 12.53
C ASP H 346 -15.72 -72.71 11.51
N ILE H 347 -15.43 -72.54 10.22
CA ILE H 347 -16.25 -73.21 9.20
C ILE H 347 -15.95 -74.72 9.20
N ARG H 348 -14.78 -75.12 9.66
CA ARG H 348 -14.51 -76.54 9.82
C ARG H 348 -15.33 -77.12 10.96
N ASN H 349 -15.56 -76.32 12.01
CA ASN H 349 -16.41 -76.79 13.10
C ASN H 349 -17.89 -76.80 12.71
N ILE H 350 -18.33 -75.80 11.94
CA ILE H 350 -19.70 -75.78 11.42
C ILE H 350 -19.94 -76.99 10.53
N ASN H 351 -18.95 -77.33 9.71
CA ASN H 351 -19.05 -78.55 8.92
C ASN H 351 -19.02 -79.80 9.79
N LYS H 352 -18.37 -79.72 10.95
CA LYS H 352 -18.32 -80.89 11.84
C LYS H 352 -19.67 -81.12 12.51
N LEU H 353 -20.32 -80.07 12.98
CA LEU H 353 -21.63 -80.20 13.61
C LEU H 353 -22.76 -80.19 12.59
N SER H 354 -22.45 -79.97 11.32
CA SER H 354 -23.47 -79.72 10.30
C SER H 354 -24.23 -80.97 9.89
N LYS H 355 -23.68 -82.16 10.13
CA LYS H 355 -24.22 -83.37 9.52
C LYS H 355 -24.87 -84.30 10.53
N LYS H 356 -25.22 -83.80 11.71
CA LYS H 356 -25.86 -84.65 12.70
C LYS H 356 -27.37 -84.77 12.41
N LYS H 357 -28.08 -85.37 13.35
CA LYS H 357 -29.51 -85.60 13.19
C LYS H 357 -30.32 -85.10 14.38
N ASP H 358 -29.72 -84.29 15.25
CA ASP H 358 -30.43 -83.78 16.41
C ASP H 358 -30.22 -82.27 16.55
N ILE H 359 -29.59 -81.62 15.56
CA ILE H 359 -29.17 -80.23 15.69
C ILE H 359 -30.36 -79.28 15.73
N PHE H 360 -31.51 -79.66 15.19
CA PHE H 360 -32.67 -78.81 15.34
C PHE H 360 -33.19 -78.88 16.76
N ASP H 361 -32.99 -80.01 17.42
CA ASP H 361 -33.38 -80.16 18.80
C ASP H 361 -32.27 -79.71 19.76
N ILE H 362 -31.04 -79.57 19.27
CA ILE H 362 -30.00 -78.91 20.05
C ILE H 362 -30.19 -77.40 20.01
N LEU H 363 -30.32 -76.85 18.80
CA LEU H 363 -30.50 -75.41 18.64
C LEU H 363 -31.89 -74.95 19.05
N SER H 364 -32.84 -75.86 19.22
CA SER H 364 -34.09 -75.51 19.87
C SER H 364 -33.83 -75.05 21.29
N GLN H 365 -33.14 -75.87 22.06
CA GLN H 365 -32.88 -75.61 23.47
C GLN H 365 -31.68 -74.73 23.70
N SER H 366 -31.26 -73.96 22.70
CA SER H 366 -30.11 -73.09 22.86
C SER H 366 -30.50 -71.66 23.21
N LEU H 367 -31.65 -71.21 22.73
CA LEU H 367 -32.09 -69.85 23.02
C LEU H 367 -32.67 -69.71 24.43
N ALA H 368 -32.83 -70.80 25.16
CA ALA H 368 -33.35 -70.78 26.52
C ALA H 368 -32.27 -71.28 27.46
N PRO H 369 -31.35 -70.43 27.90
CA PRO H 369 -30.48 -70.83 29.00
C PRO H 369 -31.17 -70.73 30.34
N SER H 370 -32.18 -69.87 30.49
CA SER H 370 -32.77 -69.61 31.79
C SER H 370 -34.28 -69.46 31.72
N ILE H 371 -34.93 -70.11 30.77
CA ILE H 371 -36.38 -70.08 30.63
C ILE H 371 -36.89 -71.50 30.52
N TYR H 372 -37.85 -71.86 31.36
CA TYR H 372 -38.38 -73.20 31.35
C TYR H 372 -39.46 -73.34 30.27
N GLY H 373 -39.52 -74.52 29.65
CA GLY H 373 -40.59 -74.86 28.73
C GLY H 373 -40.53 -74.09 27.42
N HIS H 374 -41.65 -74.20 26.70
CA HIS H 374 -41.92 -73.48 25.44
C HIS H 374 -40.89 -73.81 24.36
N ASP H 375 -40.85 -75.07 23.94
CA ASP H 375 -39.94 -75.45 22.88
C ASP H 375 -40.40 -74.92 21.54
N HIS H 376 -41.72 -74.94 21.32
CA HIS H 376 -42.22 -74.66 19.98
C HIS H 376 -42.11 -73.19 19.63
N ILE H 377 -42.12 -72.33 20.65
CA ILE H 377 -41.80 -70.91 20.44
C ILE H 377 -40.36 -70.74 19.96
N LYS H 378 -39.43 -71.50 20.57
CA LYS H 378 -38.02 -71.40 20.19
C LYS H 378 -37.80 -71.90 18.77
N LYS H 379 -38.51 -72.96 18.40
CA LYS H 379 -38.42 -73.46 17.03
C LYS H 379 -38.94 -72.42 16.05
N ALA H 380 -40.02 -71.72 16.43
CA ALA H 380 -40.52 -70.66 15.56
C ALA H 380 -39.56 -69.49 15.46
N ILE H 381 -38.80 -69.20 16.52
CA ILE H 381 -37.90 -68.05 16.47
C ILE H 381 -36.67 -68.36 15.61
N LEU H 382 -36.14 -69.59 15.68
CA LEU H 382 -35.07 -69.94 14.74
C LEU H 382 -35.57 -69.95 13.30
N LEU H 383 -36.79 -70.42 13.08
CA LEU H 383 -37.31 -70.35 11.74
C LEU H 383 -37.53 -68.91 11.28
N MET H 384 -37.73 -67.97 12.20
CA MET H 384 -37.77 -66.58 11.79
C MET H 384 -36.39 -66.05 11.45
N LEU H 385 -35.39 -66.41 12.24
CA LEU H 385 -34.05 -65.87 12.01
C LEU H 385 -33.44 -66.40 10.73
N MET H 386 -33.80 -67.61 10.31
CA MET H 386 -33.36 -68.04 8.99
C MET H 386 -34.14 -67.33 7.89
N GLY H 387 -35.45 -67.19 8.06
CA GLY H 387 -36.22 -66.25 7.28
C GLY H 387 -36.71 -66.72 5.93
N GLY H 388 -36.43 -67.96 5.54
CA GLY H 388 -36.91 -68.36 4.23
C GLY H 388 -36.07 -67.77 3.10
N VAL H 389 -36.63 -67.83 1.90
CA VAL H 389 -35.95 -67.35 0.70
C VAL H 389 -36.87 -66.36 0.00
N GLU H 390 -36.29 -65.45 -0.77
CA GLU H 390 -37.05 -64.44 -1.49
C GLU H 390 -37.01 -64.70 -2.97
N LYS H 391 -38.17 -64.91 -3.57
CA LYS H 391 -38.26 -65.18 -5.00
C LYS H 391 -38.96 -64.01 -5.67
N ASN H 392 -38.20 -63.28 -6.48
CA ASN H 392 -38.74 -62.25 -7.33
C ASN H 392 -39.02 -62.86 -8.70
N LEU H 393 -40.22 -62.62 -9.21
CA LEU H 393 -40.56 -63.14 -10.52
C LEU H 393 -39.91 -62.31 -11.61
N GLU H 394 -40.08 -62.79 -12.84
CA GLU H 394 -39.79 -61.98 -14.01
C GLU H 394 -41.07 -61.25 -14.40
N ASN H 395 -40.91 -59.97 -14.76
CA ASN H 395 -41.93 -58.97 -15.17
C ASN H 395 -43.25 -59.09 -14.41
N GLY H 396 -43.14 -59.17 -13.09
CA GLY H 396 -44.31 -59.18 -12.22
C GLY H 396 -43.95 -58.55 -10.89
N SER H 397 -44.58 -59.06 -9.84
CA SER H 397 -44.31 -58.62 -8.48
C SER H 397 -43.71 -59.76 -7.67
N HIS H 398 -42.83 -59.40 -6.75
CA HIS H 398 -42.14 -60.40 -5.95
C HIS H 398 -43.10 -61.03 -4.94
N LEU H 399 -42.64 -62.12 -4.35
CA LEU H 399 -43.42 -62.86 -3.36
C LEU H 399 -42.63 -62.94 -2.06
N ARG H 400 -43.33 -62.79 -0.94
CA ARG H 400 -42.70 -62.45 0.32
C ARG H 400 -41.99 -63.66 0.91
N GLY H 401 -40.92 -63.40 1.66
CA GLY H 401 -40.08 -64.49 2.13
C GLY H 401 -40.13 -64.83 3.60
N ASP H 402 -40.28 -63.84 4.47
CA ASP H 402 -40.05 -64.05 5.90
C ASP H 402 -41.31 -64.56 6.61
N ILE H 403 -41.25 -64.55 7.94
CA ILE H 403 -42.28 -65.10 8.81
C ILE H 403 -42.63 -64.03 9.84
N ASN H 404 -43.91 -63.92 10.19
CA ASN H 404 -44.37 -62.97 11.18
C ASN H 404 -45.10 -63.68 12.29
N ILE H 405 -44.79 -63.31 13.53
CA ILE H 405 -45.18 -64.08 14.71
C ILE H 405 -45.86 -63.14 15.69
N LEU H 406 -47.03 -63.52 16.19
CA LEU H 406 -47.67 -62.84 17.30
C LEU H 406 -47.81 -63.79 18.48
N MET H 407 -47.35 -63.35 19.64
CA MET H 407 -47.67 -63.99 20.90
C MET H 407 -48.85 -63.28 21.53
N VAL H 408 -49.62 -64.02 22.32
CA VAL H 408 -50.69 -63.43 23.13
C VAL H 408 -50.90 -64.35 24.33
N GLY H 409 -51.06 -63.77 25.51
CA GLY H 409 -51.33 -64.59 26.66
C GLY H 409 -51.35 -63.79 27.95
N ASP H 410 -51.36 -64.54 29.04
CA ASP H 410 -51.53 -64.02 30.38
C ASP H 410 -50.29 -63.25 30.80
N PRO H 411 -50.42 -62.30 31.73
CA PRO H 411 -49.23 -61.61 32.25
C PRO H 411 -48.36 -62.55 33.07
N SER H 412 -47.10 -62.10 33.28
CA SER H 412 -46.04 -62.83 33.97
C SER H 412 -45.77 -64.18 33.31
N THR H 413 -45.53 -64.13 32.01
CA THR H 413 -45.33 -65.35 31.26
C THR H 413 -44.07 -65.27 30.41
N ALA H 414 -43.14 -64.37 30.77
CA ALA H 414 -41.86 -64.15 30.09
C ALA H 414 -42.04 -63.78 28.62
N LYS H 415 -43.17 -63.13 28.31
CA LYS H 415 -43.36 -62.67 26.95
C LYS H 415 -42.56 -61.42 26.65
N SER H 416 -42.23 -60.62 27.66
CA SER H 416 -41.38 -59.45 27.43
C SER H 416 -39.91 -59.77 27.63
N GLN H 417 -39.60 -60.83 28.36
CA GLN H 417 -38.21 -61.17 28.55
C GLN H 417 -37.63 -61.80 27.30
N LEU H 418 -38.47 -62.47 26.51
CA LEU H 418 -38.01 -63.16 25.32
C LEU H 418 -37.58 -62.18 24.23
N LEU H 419 -38.31 -61.07 24.10
CA LEU H 419 -38.08 -60.17 22.98
C LEU H 419 -36.81 -59.37 23.16
N ARG H 420 -36.34 -59.18 24.38
CA ARG H 420 -35.03 -58.60 24.57
C ARG H 420 -33.95 -59.56 24.13
N PHE H 421 -34.17 -60.86 24.32
CA PHE H 421 -33.18 -61.84 23.91
C PHE H 421 -33.09 -61.94 22.38
N VAL H 422 -34.24 -61.85 21.70
CA VAL H 422 -34.22 -61.75 20.25
C VAL H 422 -33.63 -60.40 19.83
N LEU H 423 -33.78 -59.38 20.67
CA LEU H 423 -33.20 -58.08 20.37
C LEU H 423 -31.68 -58.11 20.52
N ASN H 424 -31.14 -59.06 21.28
CA ASN H 424 -29.68 -59.10 21.41
C ASN H 424 -29.04 -60.03 20.39
N THR H 425 -29.61 -61.22 20.18
CA THR H 425 -28.89 -62.21 19.37
C THR H 425 -28.94 -61.88 17.88
N ALA H 426 -29.98 -61.21 17.43
CA ALA H 426 -30.12 -60.96 16.02
C ALA H 426 -29.23 -59.80 15.57
N SER H 427 -29.35 -59.44 14.31
CA SER H 427 -28.71 -58.25 13.80
C SER H 427 -29.74 -57.31 13.19
N LEU H 428 -29.56 -56.01 13.44
CA LEU H 428 -30.53 -54.95 13.12
C LEU H 428 -31.87 -55.19 13.80
N ALA H 429 -31.88 -55.10 15.13
CA ALA H 429 -33.12 -55.11 15.87
C ALA H 429 -33.49 -53.70 16.26
N ILE H 430 -34.76 -53.33 16.10
CA ILE H 430 -35.27 -52.02 16.47
C ILE H 430 -36.59 -52.20 17.22
N ALA H 431 -36.67 -51.65 18.43
CA ALA H 431 -37.82 -51.86 19.30
C ALA H 431 -38.65 -50.59 19.41
N THR H 432 -39.94 -50.72 19.15
CA THR H 432 -40.90 -49.63 19.28
C THR H 432 -41.99 -50.09 20.23
N THR H 433 -42.17 -49.39 21.35
CA THR H 433 -43.20 -49.73 22.32
C THR H 433 -44.20 -48.60 22.36
N GLY H 434 -45.48 -48.91 22.22
CA GLY H 434 -46.50 -47.90 22.40
C GLY H 434 -46.62 -46.97 21.22
N ARG H 435 -46.06 -45.77 21.36
CA ARG H 435 -45.99 -44.80 20.28
C ARG H 435 -44.55 -44.65 19.80
N GLY H 436 -44.34 -44.49 18.50
CA GLY H 436 -45.40 -44.56 17.49
C GLY H 436 -45.50 -43.30 16.65
N SER H 437 -46.71 -42.78 16.54
CA SER H 437 -46.98 -41.62 15.71
C SER H 437 -46.26 -40.38 16.27
N SER H 438 -45.68 -39.56 15.38
CA SER H 438 -45.73 -39.73 13.93
C SER H 438 -44.40 -40.20 13.37
N GLY H 439 -44.45 -40.91 12.25
CA GLY H 439 -43.22 -41.35 11.64
C GLY H 439 -42.57 -42.54 12.30
N VAL H 440 -43.24 -43.69 12.28
CA VAL H 440 -42.57 -44.97 12.45
C VAL H 440 -42.50 -45.60 11.07
N GLY H 441 -43.65 -45.77 10.45
CA GLY H 441 -43.72 -46.31 9.12
C GLY H 441 -43.45 -45.31 8.03
N LEU H 442 -43.32 -44.04 8.36
CA LEU H 442 -43.09 -43.02 7.35
C LEU H 442 -41.86 -42.20 7.71
N THR H 443 -41.68 -41.08 7.01
CA THR H 443 -40.51 -40.25 7.17
C THR H 443 -40.80 -38.88 7.75
N ALA H 444 -42.02 -38.40 7.58
CA ALA H 444 -42.58 -37.13 8.08
C ALA H 444 -42.03 -35.90 7.37
N ALA H 445 -41.00 -36.06 6.52
CA ALA H 445 -40.53 -35.09 5.54
C ALA H 445 -40.16 -33.74 6.12
N VAL H 446 -39.80 -33.68 7.40
CA VAL H 446 -39.53 -32.39 8.02
C VAL H 446 -38.10 -32.01 7.65
N THR H 447 -37.93 -31.34 6.53
CA THR H 447 -36.62 -30.88 6.12
C THR H 447 -36.70 -29.42 5.69
N THR H 448 -35.74 -28.66 6.17
CA THR H 448 -35.68 -27.22 6.00
C THR H 448 -34.27 -26.87 5.50
N ASP H 449 -33.90 -27.50 4.39
CA ASP H 449 -32.54 -27.45 3.87
C ASP H 449 -32.12 -26.02 3.54
N ARG H 450 -30.99 -25.62 4.12
CA ARG H 450 -30.61 -24.22 4.19
C ARG H 450 -30.10 -23.68 2.86
N GLU H 451 -29.48 -24.53 2.05
CA GLU H 451 -28.81 -24.04 0.83
C GLU H 451 -29.81 -23.65 -0.25
N THR H 452 -30.95 -24.33 -0.32
CA THR H 452 -31.95 -24.08 -1.35
C THR H 452 -33.27 -24.67 -0.89
N GLY H 453 -34.35 -24.18 -1.47
CA GLY H 453 -35.67 -24.70 -1.14
C GLY H 453 -35.85 -26.08 -1.71
N GLU H 454 -35.80 -27.08 -0.83
CA GLU H 454 -35.91 -28.47 -1.26
C GLU H 454 -36.34 -29.30 -0.06
N ARG H 455 -37.02 -30.39 -0.35
CA ARG H 455 -37.62 -31.22 0.67
C ARG H 455 -36.97 -32.60 0.64
N ARG H 456 -36.30 -32.97 1.71
CA ARG H 456 -35.72 -34.30 1.79
C ARG H 456 -36.56 -35.18 2.71
N LEU H 457 -36.14 -36.42 2.86
CA LEU H 457 -36.81 -37.40 3.69
C LEU H 457 -35.90 -37.82 4.83
N GLU H 458 -36.50 -38.17 5.95
CA GLU H 458 -35.75 -38.56 7.14
C GLU H 458 -36.40 -39.83 7.68
N ALA H 459 -35.72 -40.97 7.49
CA ALA H 459 -36.34 -42.27 7.65
C ALA H 459 -36.79 -42.54 9.08
N GLY H 460 -37.88 -43.28 9.22
CA GLY H 460 -38.41 -43.59 10.53
C GLY H 460 -37.81 -44.84 11.13
N ALA H 461 -38.65 -45.72 11.64
CA ALA H 461 -38.18 -46.99 12.17
C ALA H 461 -38.39 -48.14 11.20
N MET H 462 -39.29 -47.97 10.24
CA MET H 462 -39.61 -49.05 9.34
C MET H 462 -38.68 -49.09 8.14
N VAL H 463 -38.24 -47.94 7.66
CA VAL H 463 -37.33 -47.91 6.53
C VAL H 463 -35.95 -48.35 6.96
N LEU H 464 -35.56 -47.99 8.17
CA LEU H 464 -34.20 -48.15 8.65
C LEU H 464 -33.89 -49.58 9.07
N ALA H 465 -34.91 -50.40 9.34
CA ALA H 465 -34.73 -51.76 9.81
C ALA H 465 -34.79 -52.77 8.67
N ASP H 466 -34.30 -52.41 7.50
CA ASP H 466 -34.37 -53.29 6.34
C ASP H 466 -33.55 -54.55 6.57
N ARG H 467 -34.07 -55.68 6.09
CA ARG H 467 -33.54 -57.03 6.31
C ARG H 467 -33.42 -57.37 7.79
N GLY H 468 -34.32 -56.85 8.62
CA GLY H 468 -34.13 -56.98 10.04
C GLY H 468 -35.32 -57.50 10.81
N VAL H 469 -35.37 -57.16 12.09
CA VAL H 469 -36.41 -57.62 13.00
C VAL H 469 -36.96 -56.39 13.72
N VAL H 470 -38.27 -56.23 13.71
CA VAL H 470 -38.92 -55.16 14.45
C VAL H 470 -39.66 -55.77 15.63
N CYS H 471 -39.33 -55.33 16.83
CA CYS H 471 -39.89 -55.91 18.06
C CYS H 471 -40.86 -54.91 18.68
N ILE H 472 -42.14 -55.06 18.35
CA ILE H 472 -43.18 -54.16 18.85
C ILE H 472 -43.76 -54.75 20.11
N ASP H 473 -43.87 -53.95 21.16
CA ASP H 473 -44.53 -54.36 22.38
C ASP H 473 -45.82 -53.58 22.55
N GLU H 474 -46.76 -54.19 23.28
CA GLU H 474 -48.09 -53.64 23.57
C GLU H 474 -48.83 -53.28 22.28
N PHE H 475 -49.13 -54.34 21.52
CA PHE H 475 -49.65 -54.17 20.18
C PHE H 475 -51.11 -53.73 20.16
N ASP H 476 -51.84 -53.94 21.25
CA ASP H 476 -53.23 -53.49 21.27
C ASP H 476 -53.35 -51.99 21.46
N LYS H 477 -52.37 -51.37 22.12
CA LYS H 477 -52.43 -49.95 22.42
C LYS H 477 -52.25 -49.08 21.19
N MET H 478 -51.89 -49.65 20.05
CA MET H 478 -51.77 -48.87 18.84
C MET H 478 -53.14 -48.47 18.33
N THR H 479 -53.27 -47.22 17.90
CA THR H 479 -54.49 -46.79 17.26
C THR H 479 -54.52 -47.30 15.82
N ASP H 480 -55.71 -47.32 15.25
CA ASP H 480 -55.90 -47.91 13.92
C ASP H 480 -55.25 -47.09 12.80
N VAL H 481 -54.98 -45.80 13.03
CA VAL H 481 -54.39 -44.95 12.00
C VAL H 481 -52.96 -45.41 11.70
N ASP H 482 -52.23 -45.86 12.71
CA ASP H 482 -50.95 -46.47 12.39
C ASP H 482 -51.13 -47.91 11.88
N ARG H 483 -52.23 -48.56 12.23
CA ARG H 483 -52.50 -49.90 11.73
C ARG H 483 -52.77 -49.91 10.24
N VAL H 484 -53.18 -48.77 9.67
CA VAL H 484 -53.20 -48.61 8.23
C VAL H 484 -51.80 -48.77 7.66
N ALA H 485 -50.81 -48.16 8.32
CA ALA H 485 -49.42 -48.28 7.87
C ALA H 485 -48.88 -49.68 8.06
N ILE H 486 -49.37 -50.41 9.07
CA ILE H 486 -48.93 -51.79 9.22
C ILE H 486 -49.56 -52.68 8.15
N HIS H 487 -50.81 -52.38 7.75
CA HIS H 487 -51.39 -53.02 6.57
C HIS H 487 -50.58 -52.74 5.32
N GLU H 488 -50.02 -51.54 5.21
CA GLU H 488 -49.22 -51.21 4.05
C GLU H 488 -47.88 -51.93 4.07
N VAL H 489 -47.30 -52.15 5.25
CA VAL H 489 -45.98 -52.77 5.28
C VAL H 489 -46.08 -54.27 5.10
N MET H 490 -46.97 -54.94 5.83
CA MET H 490 -46.76 -56.37 6.07
C MET H 490 -47.11 -57.26 4.88
N GLU H 491 -47.70 -56.76 3.81
CA GLU H 491 -47.73 -57.58 2.60
C GLU H 491 -47.28 -56.83 1.36
N GLN H 492 -47.63 -55.55 1.25
CA GLN H 492 -47.27 -54.78 0.06
C GLN H 492 -45.77 -54.52 -0.02
N GLN H 493 -45.07 -54.54 1.12
CA GLN H 493 -43.61 -54.44 1.26
C GLN H 493 -43.05 -53.13 0.75
N THR H 494 -43.89 -52.11 0.55
CA THR H 494 -43.46 -50.81 0.09
C THR H 494 -44.16 -49.75 0.92
N VAL H 495 -43.58 -48.56 0.97
CA VAL H 495 -44.17 -47.44 1.70
C VAL H 495 -44.26 -46.28 0.73
N THR H 496 -45.48 -45.87 0.39
CA THR H 496 -45.71 -44.77 -0.55
C THR H 496 -46.02 -43.51 0.23
N ILE H 497 -45.22 -42.47 0.01
CA ILE H 497 -45.38 -41.20 0.70
C ILE H 497 -45.55 -40.11 -0.34
N ALA H 498 -46.68 -39.41 -0.30
CA ALA H 498 -47.00 -38.34 -1.22
C ALA H 498 -47.57 -37.14 -0.48
N LYS H 499 -46.86 -36.71 0.57
CA LYS H 499 -47.43 -35.79 1.54
C LYS H 499 -47.64 -34.38 1.03
N ALA H 500 -46.57 -33.66 0.69
CA ALA H 500 -46.72 -32.24 0.37
C ALA H 500 -46.48 -31.89 -1.10
N GLY H 501 -45.36 -32.23 -1.78
CA GLY H 501 -44.19 -32.98 -1.36
C GLY H 501 -43.52 -33.59 -2.55
N ILE H 502 -43.06 -34.83 -2.39
CA ILE H 502 -42.51 -35.61 -3.48
C ILE H 502 -43.15 -36.99 -3.39
N HIS H 503 -43.92 -37.37 -4.40
CA HIS H 503 -44.49 -38.70 -4.34
C HIS H 503 -43.41 -39.72 -4.66
N THR H 504 -43.19 -40.64 -3.73
CA THR H 504 -42.13 -41.62 -3.82
C THR H 504 -42.69 -43.01 -3.61
N THR H 505 -41.85 -44.00 -3.81
CA THR H 505 -42.14 -45.37 -3.38
C THR H 505 -40.79 -45.97 -2.99
N LEU H 506 -40.43 -45.87 -1.72
CA LEU H 506 -39.21 -46.49 -1.25
C LEU H 506 -39.46 -47.96 -0.92
N ASN H 507 -38.49 -48.60 -0.29
CA ASN H 507 -38.58 -50.03 0.00
C ASN H 507 -38.30 -50.30 1.47
N ALA H 508 -39.07 -51.23 2.03
CA ALA H 508 -38.89 -51.67 3.41
C ALA H 508 -39.51 -53.05 3.52
N ARG H 509 -38.74 -54.05 3.92
CA ARG H 509 -39.17 -55.44 3.94
C ARG H 509 -38.83 -56.11 5.26
N CYS H 510 -39.24 -55.47 6.34
CA CYS H 510 -38.93 -55.91 7.70
C CYS H 510 -39.71 -57.17 8.07
N SER H 511 -39.44 -57.67 9.27
CA SER H 511 -40.17 -58.78 9.88
C SER H 511 -40.62 -58.36 11.28
N VAL H 512 -41.82 -58.78 11.68
CA VAL H 512 -42.54 -58.18 12.80
C VAL H 512 -42.77 -59.23 13.87
N ILE H 513 -42.50 -58.87 15.12
CA ILE H 513 -42.89 -59.66 16.28
C ILE H 513 -43.69 -58.76 17.21
N ALA H 514 -44.84 -59.23 17.66
CA ALA H 514 -45.65 -58.45 18.60
C ALA H 514 -46.05 -59.31 19.78
N ALA H 515 -46.56 -58.67 20.82
CA ALA H 515 -47.00 -59.39 22.02
C ALA H 515 -48.12 -58.59 22.68
N ALA H 516 -49.36 -58.95 22.38
CA ALA H 516 -50.52 -58.20 22.83
C ALA H 516 -51.15 -58.84 24.06
N ASN H 517 -51.84 -58.01 24.84
CA ASN H 517 -52.58 -58.48 26.00
C ASN H 517 -53.96 -58.97 25.59
N PRO H 518 -54.60 -59.78 26.43
CA PRO H 518 -56.02 -60.10 26.21
C PRO H 518 -56.90 -58.87 26.47
N VAL H 519 -58.17 -59.01 26.10
CA VAL H 519 -59.10 -57.89 26.16
C VAL H 519 -59.42 -57.53 27.60
N PHE H 520 -59.89 -58.50 28.38
CA PHE H 520 -60.16 -58.25 29.79
C PHE H 520 -59.81 -59.50 30.58
N GLY H 521 -59.03 -59.31 31.65
CA GLY H 521 -58.55 -60.40 32.46
C GLY H 521 -57.57 -61.29 31.73
N GLN H 522 -57.28 -62.41 32.37
CA GLN H 522 -56.46 -63.46 31.80
C GLN H 522 -57.28 -64.54 31.10
N TYR H 523 -58.49 -64.20 30.65
CA TYR H 523 -59.48 -65.18 30.21
C TYR H 523 -59.14 -65.71 28.82
N ASP H 524 -58.08 -66.49 28.76
CA ASP H 524 -57.57 -66.93 27.48
C ASP H 524 -58.29 -68.19 26.97
N VAL H 525 -59.01 -68.91 27.84
CA VAL H 525 -59.67 -70.16 27.47
C VAL H 525 -61.10 -70.22 27.96
N ASN H 526 -61.56 -69.23 28.72
CA ASN H 526 -62.78 -69.38 29.53
C ASN H 526 -64.04 -69.35 28.67
N ARG H 527 -64.26 -68.24 27.95
CA ARG H 527 -65.52 -68.06 27.24
C ARG H 527 -65.48 -68.68 25.85
N ASP H 528 -64.59 -68.17 24.98
CA ASP H 528 -64.38 -68.58 23.60
C ASP H 528 -63.11 -67.94 23.04
N PRO H 529 -62.48 -68.52 22.02
CA PRO H 529 -61.42 -67.79 21.31
C PRO H 529 -61.94 -66.65 20.46
N HIS H 530 -63.24 -66.59 20.19
CA HIS H 530 -63.83 -65.53 19.38
C HIS H 530 -63.80 -64.22 20.17
N GLN H 531 -62.79 -63.40 19.88
CA GLN H 531 -62.49 -62.15 20.58
C GLN H 531 -62.25 -62.33 22.08
N ASN H 532 -61.18 -63.06 22.39
CA ASN H 532 -60.38 -62.74 23.56
C ASN H 532 -59.27 -61.78 23.20
N ILE H 533 -59.10 -61.49 21.90
CA ILE H 533 -58.03 -60.64 21.40
C ILE H 533 -58.60 -59.36 20.81
N ALA H 534 -59.56 -59.50 19.87
CA ALA H 534 -60.40 -58.42 19.35
C ALA H 534 -59.60 -57.31 18.68
N LEU H 535 -58.91 -57.67 17.61
CA LEU H 535 -58.38 -56.68 16.68
C LEU H 535 -58.72 -57.08 15.25
N PRO H 536 -60.01 -57.19 14.91
CA PRO H 536 -60.42 -57.89 13.70
C PRO H 536 -60.19 -57.06 12.45
N ASP H 537 -60.01 -57.74 11.30
CA ASP H 537 -59.87 -59.19 11.17
C ASP H 537 -58.73 -59.51 10.25
N SER H 538 -58.41 -58.53 9.40
CA SER H 538 -57.30 -58.67 8.48
C SER H 538 -55.98 -58.74 9.23
N LEU H 539 -55.91 -58.09 10.38
CA LEU H 539 -54.71 -58.16 11.21
C LEU H 539 -54.50 -59.55 11.79
N LEU H 540 -55.58 -60.32 11.97
CA LEU H 540 -55.38 -61.70 12.37
C LEU H 540 -54.91 -62.55 11.20
N SER H 541 -55.23 -62.16 9.97
CA SER H 541 -54.88 -62.98 8.82
C SER H 541 -53.48 -62.70 8.31
N ARG H 542 -53.00 -61.46 8.47
CA ARG H 542 -51.64 -61.13 8.02
C ARG H 542 -50.59 -61.89 8.82
N PHE H 543 -50.85 -62.09 10.11
CA PHE H 543 -49.93 -62.83 10.96
C PHE H 543 -49.96 -64.31 10.63
N ASP H 544 -48.78 -64.91 10.60
CA ASP H 544 -48.69 -66.32 10.23
C ASP H 544 -49.14 -67.21 11.38
N LEU H 545 -48.53 -67.03 12.55
CA LEU H 545 -48.72 -67.93 13.67
C LEU H 545 -49.34 -67.17 14.83
N LEU H 546 -50.17 -67.85 15.61
CA LEU H 546 -50.88 -67.25 16.73
C LEU H 546 -50.68 -68.13 17.96
N PHE H 547 -49.58 -67.91 18.67
CA PHE H 547 -49.30 -68.71 19.85
C PHE H 547 -50.15 -68.20 21.00
N VAL H 548 -50.86 -69.12 21.65
CA VAL H 548 -51.81 -68.77 22.70
C VAL H 548 -51.31 -69.41 23.98
N VAL H 549 -50.85 -68.57 24.90
CA VAL H 549 -50.11 -69.03 26.07
C VAL H 549 -51.00 -68.90 27.30
N THR H 550 -51.13 -69.99 28.04
CA THR H 550 -51.98 -70.01 29.23
C THR H 550 -51.15 -70.09 30.51
N ASP H 551 -51.86 -70.16 31.63
CA ASP H 551 -51.28 -70.07 32.96
C ASP H 551 -51.81 -71.21 33.84
N ASP H 552 -51.69 -72.44 33.36
CA ASP H 552 -52.18 -73.61 34.09
C ASP H 552 -51.46 -73.76 35.42
N ILE H 553 -52.22 -74.21 36.43
CA ILE H 553 -51.71 -74.46 37.77
C ILE H 553 -51.58 -75.97 37.97
N ASN H 554 -50.47 -76.39 38.56
CA ASN H 554 -50.17 -77.79 38.82
C ASN H 554 -49.34 -77.87 40.09
N GLU H 555 -48.70 -79.02 40.31
CA GLU H 555 -47.78 -79.23 41.41
C GLU H 555 -46.40 -79.65 40.92
N ILE H 556 -46.36 -80.49 39.88
CA ILE H 556 -45.09 -80.86 39.27
C ILE H 556 -44.50 -79.67 38.52
N ARG H 557 -45.38 -78.90 37.88
CA ARG H 557 -44.95 -77.67 37.19
C ARG H 557 -44.38 -76.66 38.18
N ASP H 558 -44.92 -76.62 39.39
CA ASP H 558 -44.39 -75.75 40.42
C ASP H 558 -42.99 -76.19 40.86
N ARG H 559 -42.75 -77.50 40.87
CA ARG H 559 -41.43 -78.01 41.22
C ARG H 559 -40.41 -77.66 40.14
N SER H 560 -40.72 -78.02 38.88
CA SER H 560 -39.82 -77.79 37.77
C SER H 560 -39.54 -76.32 37.52
N ILE H 561 -40.51 -75.45 37.82
CA ILE H 561 -40.22 -74.02 37.82
C ILE H 561 -39.34 -73.68 39.00
N SER H 562 -39.56 -74.31 40.15
CA SER H 562 -38.97 -73.87 41.40
C SER H 562 -37.46 -74.06 41.42
N GLU H 563 -36.97 -75.29 41.17
CA GLU H 563 -35.52 -75.45 41.23
C GLU H 563 -34.79 -74.77 40.07
N HIS H 564 -35.49 -74.54 38.95
CA HIS H 564 -34.89 -73.80 37.84
C HIS H 564 -34.64 -72.35 38.24
N VAL H 565 -35.65 -71.68 38.80
CA VAL H 565 -35.50 -70.30 39.22
C VAL H 565 -34.53 -70.20 40.38
N LEU H 566 -34.50 -71.19 41.27
CA LEU H 566 -33.59 -71.12 42.40
C LEU H 566 -32.14 -71.31 41.97
N ARG H 567 -31.85 -72.27 41.11
CA ARG H 567 -30.45 -72.46 40.74
C ARG H 567 -29.98 -71.46 39.70
N THR H 568 -30.89 -70.72 39.07
CA THR H 568 -30.46 -69.72 38.08
C THR H 568 -29.69 -68.58 38.74
N HIS H 569 -30.00 -68.27 39.98
CA HIS H 569 -29.31 -67.19 40.72
C HIS H 569 -27.89 -67.49 41.10
N ARG H 570 -27.24 -68.57 40.69
CA ARG H 570 -25.88 -68.85 41.14
C ARG H 570 -24.95 -69.15 39.97
N VAL H 651 -23.86 -74.11 20.81
CA VAL H 651 -24.62 -74.05 22.05
C VAL H 651 -24.41 -72.69 22.71
N THR H 652 -23.17 -72.22 22.75
CA THR H 652 -22.93 -70.88 23.26
C THR H 652 -23.17 -69.85 22.15
N ILE H 653 -23.80 -68.75 22.51
CA ILE H 653 -24.37 -67.78 21.57
C ILE H 653 -23.37 -67.10 20.65
N PRO H 654 -22.18 -66.62 21.08
CA PRO H 654 -21.22 -66.09 20.09
C PRO H 654 -20.65 -67.14 19.15
N PHE H 655 -20.92 -68.42 19.34
CA PHE H 655 -20.80 -69.34 18.22
C PHE H 655 -22.07 -69.39 17.40
N LEU H 656 -23.23 -69.21 18.04
CA LEU H 656 -24.49 -69.46 17.36
C LEU H 656 -24.78 -68.41 16.31
N ARG H 657 -24.39 -67.16 16.53
CA ARG H 657 -24.63 -66.20 15.46
C ARG H 657 -23.66 -66.40 14.30
N LYS H 658 -22.44 -66.90 14.57
CA LYS H 658 -21.55 -67.27 13.47
C LYS H 658 -22.08 -68.48 12.71
N TYR H 659 -22.85 -69.33 13.38
CA TYR H 659 -23.57 -70.35 12.64
C TYR H 659 -24.65 -69.71 11.79
N VAL H 660 -25.29 -68.67 12.30
CA VAL H 660 -26.46 -68.11 11.63
C VAL H 660 -26.08 -67.44 10.33
N GLN H 661 -25.05 -66.59 10.35
CA GLN H 661 -24.79 -65.81 9.13
C GLN H 661 -24.24 -66.68 8.01
N TYR H 662 -23.42 -67.68 8.34
CA TYR H 662 -22.98 -68.63 7.32
C TYR H 662 -24.13 -69.50 6.84
N ALA H 663 -25.10 -69.79 7.69
CA ALA H 663 -26.32 -70.43 7.21
C ALA H 663 -27.13 -69.52 6.31
N LYS H 664 -26.99 -68.20 6.45
CA LYS H 664 -27.80 -67.30 5.65
C LYS H 664 -27.22 -67.03 4.28
N GLU H 665 -25.93 -66.74 4.17
CA GLU H 665 -25.45 -66.37 2.85
C GLU H 665 -25.27 -67.55 1.91
N ARG H 666 -25.19 -68.77 2.44
CA ARG H 666 -24.93 -69.94 1.62
C ARG H 666 -25.74 -71.12 2.16
N VAL H 667 -26.48 -71.81 1.29
CA VAL H 667 -26.77 -71.38 -0.06
C VAL H 667 -28.29 -71.41 -0.08
N ILE H 668 -28.93 -70.80 -1.07
CA ILE H 668 -30.38 -70.86 -1.19
C ILE H 668 -30.80 -72.25 -1.65
N PRO H 669 -31.86 -72.83 -1.11
CA PRO H 669 -32.33 -74.13 -1.61
C PRO H 669 -33.39 -73.99 -2.69
N GLN H 670 -33.59 -75.09 -3.40
CA GLN H 670 -34.72 -75.24 -4.30
C GLN H 670 -35.64 -76.33 -3.78
N LEU H 671 -36.92 -76.18 -4.08
CA LEU H 671 -37.92 -77.15 -3.68
C LEU H 671 -37.99 -78.26 -4.71
N THR H 672 -38.32 -79.47 -4.25
CA THR H 672 -38.33 -80.65 -5.10
C THR H 672 -39.68 -81.37 -5.03
N GLN H 673 -39.79 -82.43 -5.81
CA GLN H 673 -41.05 -83.13 -6.04
C GLN H 673 -41.53 -83.87 -4.80
N GLU H 674 -40.61 -84.25 -3.92
CA GLU H 674 -40.91 -85.07 -2.75
C GLU H 674 -41.76 -84.37 -1.70
N ALA H 675 -42.00 -83.07 -1.82
CA ALA H 675 -42.65 -82.31 -0.77
C ALA H 675 -43.97 -81.67 -1.18
N ILE H 676 -44.38 -81.80 -2.44
CA ILE H 676 -45.63 -81.18 -2.88
C ILE H 676 -46.82 -81.89 -2.25
N ASN H 677 -46.85 -83.21 -2.35
CA ASN H 677 -48.07 -83.96 -2.03
C ASN H 677 -48.36 -83.97 -0.53
N VAL H 678 -47.34 -83.74 0.30
CA VAL H 678 -47.55 -83.70 1.74
C VAL H 678 -48.30 -82.44 2.14
N ILE H 679 -47.90 -81.30 1.58
CA ILE H 679 -48.61 -80.07 1.92
C ILE H 679 -49.88 -79.90 1.11
N VAL H 680 -50.04 -80.61 -0.01
CA VAL H 680 -51.30 -80.59 -0.72
C VAL H 680 -52.37 -81.37 0.05
N LYS H 681 -52.03 -82.62 0.42
CA LYS H 681 -52.95 -83.42 1.23
C LYS H 681 -53.18 -82.78 2.60
N ASN H 682 -52.13 -82.20 3.17
CA ASN H 682 -52.25 -81.54 4.46
C ASN H 682 -53.10 -80.28 4.37
N TYR H 683 -53.03 -79.56 3.26
CA TYR H 683 -53.80 -78.32 3.14
C TYR H 683 -55.27 -78.59 2.86
N THR H 684 -55.58 -79.57 2.00
CA THR H 684 -56.98 -79.95 1.82
C THR H 684 -57.57 -80.53 3.10
N ASP H 685 -56.73 -81.21 3.88
CA ASP H 685 -57.13 -81.64 5.23
C ASP H 685 -57.50 -80.45 6.11
N LEU H 686 -56.62 -79.45 6.17
CA LEU H 686 -56.85 -78.31 7.05
C LEU H 686 -58.03 -77.47 6.62
N ARG H 687 -58.33 -77.41 5.33
CA ARG H 687 -59.55 -76.72 4.96
C ARG H 687 -60.78 -77.53 5.31
N ASN H 688 -60.83 -78.79 4.87
CA ASN H 688 -62.05 -79.59 5.03
C ASN H 688 -62.36 -79.93 6.48
N ASP H 689 -61.40 -79.85 7.39
CA ASP H 689 -61.65 -80.12 8.79
C ASP H 689 -61.46 -78.92 9.70
N ASP H 690 -60.43 -78.09 9.46
CA ASP H 690 -60.28 -76.91 10.29
C ASP H 690 -61.28 -75.82 9.91
N ASN H 691 -61.88 -75.91 8.71
CA ASN H 691 -63.07 -75.12 8.46
C ASN H 691 -64.30 -75.69 9.17
N THR H 692 -64.22 -76.90 9.73
CA THR H 692 -65.25 -77.40 10.63
C THR H 692 -64.94 -77.17 12.09
N LYS H 693 -63.68 -76.84 12.43
CA LYS H 693 -63.30 -76.56 13.81
C LYS H 693 -63.18 -75.06 14.10
N LYS H 694 -62.31 -74.35 13.38
CA LYS H 694 -61.92 -73.00 13.75
C LYS H 694 -61.93 -72.09 12.52
N SER H 695 -61.31 -70.91 12.65
CA SER H 695 -61.30 -69.89 11.63
C SER H 695 -60.07 -69.00 11.83
N PRO H 696 -59.56 -68.35 10.77
CA PRO H 696 -59.83 -68.53 9.33
C PRO H 696 -58.67 -69.23 8.61
N ILE H 697 -58.90 -69.69 7.39
CA ILE H 697 -57.87 -70.33 6.56
C ILE H 697 -57.93 -69.74 5.16
N THR H 698 -56.83 -69.15 4.72
CA THR H 698 -56.69 -68.58 3.40
C THR H 698 -55.56 -69.29 2.66
N ALA H 699 -55.24 -68.78 1.46
CA ALA H 699 -54.10 -69.31 0.72
C ALA H 699 -52.78 -68.89 1.33
N ARG H 700 -52.81 -67.87 2.18
CA ARG H 700 -51.63 -67.42 2.89
C ARG H 700 -51.07 -68.49 3.82
N THR H 701 -51.94 -69.37 4.32
CA THR H 701 -51.47 -70.50 5.10
C THR H 701 -50.63 -71.45 4.25
N LEU H 702 -51.06 -71.68 3.00
CA LEU H 702 -50.30 -72.50 2.07
C LEU H 702 -48.94 -71.87 1.78
N GLU H 703 -48.93 -70.55 1.59
CA GLU H 703 -47.66 -69.88 1.30
C GLU H 703 -46.72 -69.93 2.51
N THR H 704 -47.26 -69.84 3.72
CA THR H 704 -46.40 -69.95 4.89
C THR H 704 -45.94 -71.38 5.15
N LEU H 705 -46.72 -72.37 4.70
CA LEU H 705 -46.22 -73.74 4.70
C LEU H 705 -44.98 -73.87 3.83
N ILE H 706 -45.03 -73.25 2.65
CA ILE H 706 -43.87 -73.30 1.77
C ILE H 706 -42.68 -72.58 2.39
N ARG H 707 -42.95 -71.48 3.11
CA ARG H 707 -41.85 -70.72 3.72
C ARG H 707 -41.18 -71.49 4.86
N LEU H 708 -41.98 -72.12 5.73
CA LEU H 708 -41.35 -72.89 6.81
C LEU H 708 -40.66 -74.14 6.29
N ALA H 709 -41.14 -74.70 5.18
CA ALA H 709 -40.44 -75.82 4.57
C ALA H 709 -39.06 -75.40 4.08
N THR H 710 -39.01 -74.25 3.42
CA THR H 710 -37.73 -73.75 2.90
C THR H 710 -36.77 -73.38 4.03
N ALA H 711 -37.28 -72.82 5.12
CA ALA H 711 -36.41 -72.42 6.22
C ALA H 711 -35.84 -73.64 6.94
N HIS H 712 -36.68 -74.66 7.18
CA HIS H 712 -36.16 -75.87 7.82
C HIS H 712 -35.22 -76.62 6.89
N ALA H 713 -35.36 -76.42 5.58
CA ALA H 713 -34.34 -76.92 4.67
C ALA H 713 -33.04 -76.13 4.78
N LYS H 714 -33.12 -74.83 5.07
CA LYS H 714 -31.89 -74.05 5.24
C LYS H 714 -31.14 -74.43 6.49
N VAL H 715 -31.84 -74.91 7.52
CA VAL H 715 -31.19 -75.17 8.81
C VAL H 715 -30.13 -76.27 8.69
N ARG H 716 -30.45 -77.35 8.01
CA ARG H 716 -29.55 -78.50 7.94
C ARG H 716 -28.44 -78.33 6.91
N LEU H 717 -28.26 -77.13 6.35
CA LEU H 717 -27.22 -76.81 5.35
C LEU H 717 -27.29 -77.71 4.13
N SER H 718 -28.50 -77.92 3.62
CA SER H 718 -28.71 -78.77 2.47
C SER H 718 -28.89 -77.93 1.22
N LYS H 719 -29.27 -78.60 0.14
CA LYS H 719 -29.57 -77.95 -1.12
C LYS H 719 -30.99 -78.21 -1.60
N THR H 720 -31.51 -79.41 -1.36
CA THR H 720 -32.83 -79.79 -1.83
C THR H 720 -33.80 -79.80 -0.65
N VAL H 721 -35.02 -80.25 -0.92
CA VAL H 721 -36.10 -80.27 0.06
C VAL H 721 -36.61 -81.69 0.20
N ASN H 722 -36.67 -82.17 1.43
CA ASN H 722 -37.02 -83.53 1.78
C ASN H 722 -38.42 -83.55 2.38
N LYS H 723 -38.96 -84.75 2.59
CA LYS H 723 -40.27 -84.90 3.23
C LYS H 723 -40.22 -84.55 4.71
N VAL H 724 -39.02 -84.64 5.32
CA VAL H 724 -38.80 -84.35 6.73
C VAL H 724 -39.20 -82.92 7.07
N ASP H 725 -38.90 -81.99 6.15
CA ASP H 725 -39.23 -80.59 6.33
C ASP H 725 -40.73 -80.38 6.39
N ALA H 726 -41.46 -81.05 5.50
CA ALA H 726 -42.92 -80.92 5.48
C ALA H 726 -43.54 -81.55 6.72
N LYS H 727 -42.94 -82.60 7.25
CA LYS H 727 -43.42 -83.17 8.50
C LYS H 727 -43.26 -82.19 9.66
N VAL H 728 -42.09 -81.55 9.75
CA VAL H 728 -41.79 -80.68 10.89
C VAL H 728 -42.64 -79.42 10.84
N ALA H 729 -42.72 -78.78 9.65
CA ALA H 729 -43.55 -77.59 9.51
C ALA H 729 -45.04 -77.92 9.69
N ALA H 730 -45.46 -79.12 9.26
CA ALA H 730 -46.82 -79.56 9.48
C ALA H 730 -47.14 -79.66 10.97
N ASN H 731 -46.21 -80.22 11.75
CA ASN H 731 -46.43 -80.36 13.17
C ASN H 731 -46.45 -79.01 13.88
N LEU H 732 -45.60 -78.08 13.43
CA LEU H 732 -45.60 -76.73 14.01
C LEU H 732 -46.89 -76.00 13.71
N LEU H 733 -47.46 -76.19 12.52
CA LEU H 733 -48.71 -75.50 12.26
C LEU H 733 -49.87 -76.18 12.99
N ARG H 734 -49.78 -77.48 13.26
CA ARG H 734 -50.78 -78.14 14.08
C ARG H 734 -50.78 -77.60 15.51
N PHE H 735 -49.60 -77.52 16.14
CA PHE H 735 -49.54 -76.98 17.49
C PHE H 735 -49.87 -75.50 17.52
N ALA H 736 -49.57 -74.79 16.44
CA ALA H 736 -49.85 -73.36 16.41
C ALA H 736 -51.35 -73.09 16.33
N LEU H 737 -52.05 -73.83 15.48
CA LEU H 737 -53.48 -73.57 15.34
C LEU H 737 -54.32 -74.31 16.36
N LEU H 738 -54.15 -75.63 16.46
CA LEU H 738 -54.95 -76.41 17.40
C LEU H 738 -54.38 -76.31 18.81
N LEU I 177 -35.86 -2.03 -55.45
CA LEU I 177 -36.99 -1.63 -54.62
C LEU I 177 -36.58 -1.43 -53.16
N ARG I 178 -37.22 -0.48 -52.51
CA ARG I 178 -36.92 -0.19 -51.11
C ARG I 178 -37.46 -1.30 -50.22
N ILE I 179 -36.86 -1.42 -49.04
CA ILE I 179 -37.25 -2.46 -48.10
C ILE I 179 -36.83 -2.00 -46.70
N ILE I 180 -37.37 -2.61 -45.67
CA ILE I 180 -37.00 -2.28 -44.30
C ILE I 180 -36.09 -3.41 -43.83
N TRP I 181 -35.20 -3.12 -42.86
CA TRP I 181 -34.11 -4.04 -42.58
C TRP I 181 -34.57 -5.30 -41.86
N GLY I 182 -35.51 -5.20 -40.94
CA GLY I 182 -35.93 -6.38 -40.23
C GLY I 182 -36.90 -7.24 -41.01
N THR I 183 -37.46 -6.70 -42.09
CA THR I 183 -38.68 -7.28 -42.65
C THR I 183 -38.55 -7.59 -44.13
N ASN I 184 -39.68 -7.89 -44.75
CA ASN I 184 -39.91 -7.65 -46.17
C ASN I 184 -41.26 -6.94 -46.34
N VAL I 185 -41.25 -5.62 -46.19
CA VAL I 185 -42.40 -4.76 -46.51
C VAL I 185 -41.90 -3.59 -47.35
N SER I 186 -42.81 -2.95 -48.06
CA SER I 186 -42.52 -1.72 -48.77
C SER I 186 -43.68 -0.77 -48.58
N ILE I 187 -43.38 0.52 -48.48
CA ILE I 187 -44.39 1.49 -48.09
C ILE I 187 -45.38 1.72 -49.24
N GLN I 188 -44.89 1.62 -50.48
CA GLN I 188 -45.72 1.94 -51.64
C GLN I 188 -46.82 0.89 -51.85
N GLU I 189 -46.45 -0.39 -51.85
CA GLU I 189 -47.41 -1.44 -52.17
C GLU I 189 -48.43 -1.61 -51.05
N CYS I 190 -47.99 -1.44 -49.81
CA CYS I 190 -48.92 -1.49 -48.69
C CYS I 190 -49.88 -0.31 -48.69
N THR I 191 -49.37 0.88 -48.99
CA THR I 191 -50.21 2.07 -48.96
C THR I 191 -51.24 2.06 -50.08
N THR I 192 -50.78 1.90 -51.32
CA THR I 192 -51.69 1.93 -52.45
C THR I 192 -52.59 0.71 -52.47
N ASN I 193 -52.10 -0.43 -51.99
CA ASN I 193 -52.95 -1.61 -52.05
C ASN I 193 -54.00 -1.59 -50.96
N PHE I 194 -53.69 -0.98 -49.81
CA PHE I 194 -54.68 -0.84 -48.75
C PHE I 194 -55.71 0.24 -49.06
N ARG I 195 -55.26 1.33 -49.70
CA ARG I 195 -56.18 2.30 -50.29
C ARG I 195 -57.12 1.63 -51.28
N ASN I 196 -56.59 0.70 -52.07
CA ASN I 196 -57.41 -0.09 -52.98
C ASN I 196 -58.34 -1.03 -52.22
N PHE I 197 -58.02 -1.38 -50.97
CA PHE I 197 -58.96 -2.17 -50.18
C PHE I 197 -60.12 -1.33 -49.67
N LEU I 198 -59.84 -0.12 -49.16
CA LEU I 198 -60.92 0.63 -48.50
C LEU I 198 -61.92 1.27 -49.44
N MET I 199 -61.89 0.97 -50.73
CA MET I 199 -62.88 1.55 -51.63
C MET I 199 -63.78 0.51 -52.27
N SER I 200 -63.62 -0.76 -51.93
CA SER I 200 -64.42 -1.81 -52.53
C SER I 200 -64.50 -2.99 -51.58
N PHE I 201 -65.70 -3.27 -51.08
CA PHE I 201 -65.89 -4.39 -50.15
C PHE I 201 -67.36 -4.80 -50.19
N LYS I 202 -67.65 -5.95 -50.78
CA LYS I 202 -69.02 -6.34 -51.13
C LYS I 202 -69.34 -7.74 -50.62
N TYR I 203 -69.12 -7.95 -49.32
CA TYR I 203 -69.57 -9.14 -48.58
C TYR I 203 -68.92 -10.43 -49.05
N LYS I 204 -67.62 -10.38 -49.35
CA LYS I 204 -66.88 -11.58 -49.67
C LYS I 204 -66.74 -12.49 -48.47
N PHE I 205 -66.78 -11.91 -47.26
CA PHE I 205 -66.87 -12.70 -46.04
C PHE I 205 -68.14 -13.54 -46.02
N ARG I 206 -69.21 -13.06 -46.64
CA ARG I 206 -70.37 -13.91 -46.85
C ARG I 206 -70.13 -14.94 -47.95
N LYS I 207 -69.26 -14.62 -48.93
CA LYS I 207 -68.93 -15.62 -49.93
C LYS I 207 -68.13 -16.77 -49.35
N ILE I 208 -67.42 -16.55 -48.24
CA ILE I 208 -66.92 -17.70 -47.48
C ILE I 208 -68.01 -18.28 -46.60
N LEU I 209 -68.90 -17.43 -46.06
CA LEU I 209 -69.96 -17.87 -45.15
C LEU I 209 -71.10 -18.62 -45.85
N ASP I 210 -71.09 -18.67 -47.18
CA ASP I 210 -71.96 -19.48 -48.04
C ASP I 210 -73.40 -19.00 -48.03
N GLU I 211 -73.64 -17.72 -47.68
CA GLU I 211 -74.78 -16.89 -48.10
C GLU I 211 -76.13 -17.24 -47.44
N ARG I 212 -76.21 -18.39 -46.77
CA ARG I 212 -77.44 -19.06 -46.29
C ARG I 212 -78.74 -18.78 -47.07
N ASP I 221 -78.15 -3.39 -48.30
CA ASP I 221 -76.89 -3.83 -47.70
C ASP I 221 -75.75 -4.00 -48.70
N GLU I 222 -76.01 -3.69 -49.97
CA GLU I 222 -75.00 -3.93 -51.00
C GLU I 222 -73.93 -2.84 -50.99
N GLU I 223 -74.15 -1.76 -50.25
CA GLU I 223 -73.16 -0.71 -50.09
C GLU I 223 -72.07 -1.18 -49.12
N LEU I 224 -70.85 -0.75 -49.39
CA LEU I 224 -69.68 -1.21 -48.64
C LEU I 224 -69.68 -0.61 -47.23
N TYR I 225 -68.84 -1.19 -46.36
CA TYR I 225 -68.83 -0.81 -44.96
C TYR I 225 -68.27 0.58 -44.76
N TYR I 226 -67.02 0.78 -45.17
CA TYR I 226 -66.19 1.80 -44.55
C TYR I 226 -66.51 3.20 -45.00
N ILE I 227 -67.36 3.36 -46.02
CA ILE I 227 -68.00 4.66 -46.23
C ILE I 227 -69.03 4.94 -45.15
N LYS I 228 -69.86 3.93 -44.83
CA LYS I 228 -70.84 4.10 -43.75
C LYS I 228 -70.17 4.30 -42.40
N GLN I 229 -69.22 3.43 -42.06
CA GLN I 229 -68.57 3.54 -40.77
C GLN I 229 -67.61 4.72 -40.74
N LEU I 230 -67.17 5.17 -41.90
CA LEU I 230 -66.37 6.38 -41.92
C LEU I 230 -67.24 7.62 -41.76
N ASN I 231 -68.50 7.54 -42.15
CA ASN I 231 -69.40 8.63 -41.86
C ASN I 231 -69.81 8.63 -40.38
N GLU I 232 -70.05 7.44 -39.81
CA GLU I 232 -70.33 7.34 -38.38
C GLU I 232 -69.14 7.80 -37.54
N MET I 233 -67.93 7.55 -38.02
CA MET I 233 -66.75 8.16 -37.42
C MET I 233 -66.73 9.66 -37.69
N ARG I 234 -67.34 10.10 -38.79
CA ARG I 234 -67.20 11.48 -39.21
C ARG I 234 -68.10 12.43 -38.43
N GLU I 235 -69.42 12.22 -38.47
CA GLU I 235 -70.35 13.18 -37.87
C GLU I 235 -70.34 13.13 -36.35
N LEU I 236 -70.27 11.93 -35.76
CA LEU I 236 -70.33 11.79 -34.31
C LEU I 236 -69.07 12.27 -33.61
N GLY I 237 -67.98 12.48 -34.33
CA GLY I 237 -66.75 12.99 -33.74
C GLY I 237 -65.91 11.96 -33.03
N THR I 238 -66.37 10.72 -32.90
CA THR I 238 -65.57 9.70 -32.26
C THR I 238 -64.43 9.28 -33.18
N SER I 239 -63.31 8.95 -32.57
CA SER I 239 -62.17 8.39 -33.26
C SER I 239 -62.31 6.86 -33.25
N ASN I 240 -61.18 6.16 -33.45
CA ASN I 240 -61.02 4.73 -33.19
C ASN I 240 -61.85 3.84 -34.10
N LEU I 241 -61.58 3.89 -35.40
CA LEU I 241 -62.09 2.89 -36.33
C LEU I 241 -61.51 1.52 -35.99
N ASN I 242 -62.29 0.47 -36.24
CA ASN I 242 -61.86 -0.91 -35.99
C ASN I 242 -62.40 -1.82 -37.07
N LEU I 243 -61.58 -2.78 -37.48
CA LEU I 243 -61.90 -3.71 -38.56
C LEU I 243 -61.53 -5.12 -38.13
N ASP I 244 -62.00 -6.11 -38.89
CA ASP I 244 -61.69 -7.49 -38.59
C ASP I 244 -60.42 -7.92 -39.28
N ALA I 245 -60.19 -9.22 -39.34
CA ALA I 245 -59.08 -9.73 -40.13
C ALA I 245 -59.57 -10.62 -41.25
N ARG I 246 -60.63 -11.38 -40.99
CA ARG I 246 -61.22 -12.25 -42.01
C ARG I 246 -61.71 -11.44 -43.19
N ASN I 247 -62.07 -10.18 -42.95
CA ASN I 247 -62.35 -9.27 -44.03
C ASN I 247 -61.11 -9.02 -44.88
N LEU I 248 -59.93 -9.02 -44.28
CA LEU I 248 -58.73 -8.90 -45.11
C LEU I 248 -58.40 -10.21 -45.79
N LEU I 249 -58.88 -11.33 -45.25
CA LEU I 249 -58.69 -12.59 -45.96
C LEU I 249 -59.55 -12.66 -47.21
N ALA I 250 -60.83 -12.29 -47.10
CA ALA I 250 -61.82 -12.69 -48.10
C ALA I 250 -61.61 -11.95 -49.41
N TYR I 251 -61.16 -10.70 -49.33
CA TYR I 251 -60.94 -9.92 -50.53
C TYR I 251 -59.69 -10.41 -51.23
N LYS I 252 -59.73 -10.44 -52.56
CA LYS I 252 -58.57 -10.77 -53.38
C LYS I 252 -58.48 -9.67 -54.43
N GLN I 253 -57.40 -8.89 -54.43
CA GLN I 253 -56.14 -9.05 -53.69
C GLN I 253 -56.11 -8.61 -52.23
N THR I 254 -54.89 -8.40 -51.72
CA THR I 254 -54.53 -8.23 -50.32
C THR I 254 -54.84 -9.47 -49.50
N GLU I 255 -54.62 -10.63 -50.08
CA GLU I 255 -54.42 -11.84 -49.27
C GLU I 255 -53.03 -11.83 -48.67
N ASP I 256 -52.17 -10.95 -49.19
CA ASP I 256 -50.78 -10.86 -48.77
C ASP I 256 -50.62 -9.99 -47.53
N LEU I 257 -51.41 -8.92 -47.46
CA LEU I 257 -51.27 -7.93 -46.39
C LEU I 257 -51.65 -8.53 -45.05
N TYR I 258 -52.49 -9.55 -45.06
CA TYR I 258 -52.83 -10.24 -43.82
C TYR I 258 -51.62 -10.93 -43.21
N HIS I 259 -50.87 -11.68 -44.02
CA HIS I 259 -49.69 -12.35 -43.52
C HIS I 259 -48.58 -11.34 -43.22
N GLN I 260 -48.63 -10.18 -43.86
CA GLN I 260 -47.73 -9.11 -43.41
C GLN I 260 -48.16 -8.56 -42.07
N LEU I 261 -49.45 -8.55 -41.79
CA LEU I 261 -49.93 -7.90 -40.57
C LEU I 261 -49.72 -8.78 -39.36
N LEU I 262 -49.94 -10.08 -39.52
CA LEU I 262 -49.87 -10.98 -38.38
C LEU I 262 -48.44 -11.15 -37.90
N ASN I 263 -47.46 -10.83 -38.73
CA ASN I 263 -46.07 -10.94 -38.30
C ASN I 263 -45.53 -9.62 -37.80
N TYR I 264 -45.87 -8.51 -38.43
CA TYR I 264 -45.17 -7.25 -38.20
C TYR I 264 -46.17 -6.21 -37.77
N PRO I 265 -46.47 -6.12 -36.48
CA PRO I 265 -47.61 -5.30 -36.06
C PRO I 265 -47.38 -3.81 -36.14
N GLN I 266 -46.22 -3.33 -35.69
CA GLN I 266 -46.05 -1.93 -35.37
C GLN I 266 -45.95 -1.08 -36.62
N GLU I 267 -45.14 -1.53 -37.57
CA GLU I 267 -44.91 -0.77 -38.79
C GLU I 267 -46.15 -0.73 -39.67
N VAL I 268 -46.82 -1.87 -39.82
CA VAL I 268 -48.01 -1.94 -40.67
C VAL I 268 -49.16 -1.16 -40.07
N ILE I 269 -49.31 -1.19 -38.74
CA ILE I 269 -50.32 -0.37 -38.10
C ILE I 269 -50.05 1.12 -38.29
N SER I 270 -48.78 1.53 -38.25
CA SER I 270 -48.45 2.93 -38.53
C SER I 270 -48.82 3.32 -39.96
N ILE I 271 -48.59 2.41 -40.92
CA ILE I 271 -48.92 2.70 -42.31
C ILE I 271 -50.43 2.86 -42.51
N MET I 272 -51.23 1.96 -41.92
CA MET I 272 -52.68 2.08 -42.04
C MET I 272 -53.20 3.33 -41.37
N ASP I 273 -52.54 3.81 -40.31
CA ASP I 273 -52.91 5.08 -39.73
C ASP I 273 -52.73 6.22 -40.72
N GLN I 274 -51.57 6.24 -41.40
CA GLN I 274 -51.29 7.32 -42.34
C GLN I 274 -52.26 7.33 -43.50
N THR I 275 -52.58 6.16 -44.06
CA THR I 275 -53.52 6.17 -45.17
C THR I 275 -54.96 6.37 -44.73
N ILE I 276 -55.30 6.14 -43.47
CA ILE I 276 -56.64 6.53 -43.03
C ILE I 276 -56.76 8.04 -42.98
N LYS I 277 -55.71 8.71 -42.48
CA LYS I 277 -55.74 10.17 -42.43
C LYS I 277 -55.83 10.78 -43.83
N ASP I 278 -55.06 10.24 -44.77
CA ASP I 278 -55.18 10.75 -46.13
C ASP I 278 -56.47 10.32 -46.80
N CYS I 279 -57.14 9.27 -46.32
CA CYS I 279 -58.46 8.99 -46.89
C CYS I 279 -59.51 9.98 -46.39
N MET I 280 -59.37 10.46 -45.15
CA MET I 280 -60.27 11.50 -44.66
C MET I 280 -60.07 12.79 -45.43
N VAL I 281 -58.82 13.15 -45.70
CA VAL I 281 -58.51 14.30 -46.56
C VAL I 281 -59.09 14.09 -47.96
N SER I 282 -58.98 12.88 -48.50
CA SER I 282 -59.52 12.64 -49.83
C SER I 282 -61.05 12.60 -49.85
N LEU I 283 -61.69 12.47 -48.69
CA LEU I 283 -63.15 12.63 -48.67
C LEU I 283 -63.56 14.10 -48.61
N ILE I 284 -62.86 14.91 -47.79
CA ILE I 284 -63.33 16.26 -47.49
C ILE I 284 -63.28 17.22 -48.68
N VAL I 285 -62.68 16.81 -49.79
CA VAL I 285 -62.54 17.69 -50.95
C VAL I 285 -63.71 17.51 -51.90
N ASP I 286 -64.82 17.00 -51.38
CA ASP I 286 -66.05 16.88 -52.14
C ASP I 286 -66.98 18.08 -51.93
N ASN I 287 -67.02 18.64 -50.72
CA ASN I 287 -67.94 19.73 -50.42
C ASN I 287 -67.26 20.99 -49.88
N ASN I 288 -66.00 20.89 -49.46
CA ASN I 288 -65.05 21.98 -49.23
C ASN I 288 -65.32 22.85 -47.99
N LEU I 289 -66.49 22.73 -47.36
CA LEU I 289 -66.80 23.53 -46.17
C LEU I 289 -67.29 22.58 -45.09
N ASP I 290 -66.34 21.97 -44.38
CA ASP I 290 -66.63 20.83 -43.52
C ASP I 290 -65.80 20.94 -42.25
N TYR I 291 -66.45 21.27 -41.14
CA TYR I 291 -66.00 20.99 -39.77
C TYR I 291 -64.73 21.74 -39.37
N ASP I 292 -64.51 22.95 -39.90
CA ASP I 292 -63.37 23.80 -39.60
C ASP I 292 -62.07 23.05 -39.90
N LEU I 293 -61.81 22.81 -41.18
CA LEU I 293 -60.97 21.74 -41.73
C LEU I 293 -59.61 21.46 -41.09
N ASP I 294 -59.08 22.39 -40.31
CA ASP I 294 -57.72 22.25 -39.80
C ASP I 294 -57.62 21.23 -38.67
N GLU I 295 -58.44 21.39 -37.61
CA GLU I 295 -58.27 20.58 -36.41
C GLU I 295 -58.75 19.15 -36.60
N ILE I 296 -59.84 18.96 -37.34
CA ILE I 296 -60.33 17.61 -37.55
C ILE I 296 -59.44 16.85 -38.52
N GLU I 297 -58.64 17.56 -39.31
CA GLU I 297 -57.53 16.94 -39.99
C GLU I 297 -56.35 16.74 -39.05
N THR I 298 -56.23 17.57 -38.00
CA THR I 298 -55.06 17.48 -37.12
C THR I 298 -55.19 16.33 -36.12
N LYS I 299 -56.42 15.93 -35.80
CA LYS I 299 -56.66 15.00 -34.70
C LYS I 299 -56.25 13.59 -35.08
N PHE I 300 -55.57 12.92 -34.15
CA PHE I 300 -55.00 11.59 -34.40
C PHE I 300 -56.08 10.55 -34.60
N TYR I 301 -56.00 9.82 -35.70
CA TYR I 301 -56.89 8.69 -35.92
C TYR I 301 -56.06 7.43 -35.83
N LYS I 302 -56.69 6.33 -35.40
CA LYS I 302 -55.93 5.11 -35.17
C LYS I 302 -56.78 3.89 -35.47
N VAL I 303 -56.10 2.75 -35.56
CA VAL I 303 -56.66 1.48 -36.02
C VAL I 303 -56.56 0.47 -34.90
N ARG I 304 -57.63 -0.29 -34.68
CA ARG I 304 -57.63 -1.38 -33.71
C ARG I 304 -58.13 -2.65 -34.39
N PRO I 305 -57.24 -3.58 -34.72
CA PRO I 305 -57.68 -4.82 -35.34
C PRO I 305 -57.95 -5.88 -34.29
N TYR I 306 -58.74 -6.88 -34.67
CA TYR I 306 -58.98 -8.02 -33.80
C TYR I 306 -59.36 -9.23 -34.64
N ASN I 307 -59.73 -10.31 -33.95
CA ASN I 307 -60.10 -11.61 -34.50
C ASN I 307 -58.99 -12.21 -35.35
N VAL I 308 -57.73 -11.98 -34.99
CA VAL I 308 -56.60 -12.45 -35.81
C VAL I 308 -56.25 -13.85 -35.31
N GLY I 309 -57.07 -14.82 -35.71
CA GLY I 309 -56.75 -16.22 -35.49
C GLY I 309 -56.74 -16.75 -34.06
N SER I 310 -56.93 -18.06 -33.89
CA SER I 310 -56.66 -18.72 -32.61
C SER I 310 -56.30 -20.17 -32.91
N CYS I 311 -55.01 -20.44 -33.08
CA CYS I 311 -54.60 -21.80 -33.38
C CYS I 311 -54.19 -22.56 -32.12
N LYS I 312 -53.15 -22.08 -31.44
CA LYS I 312 -52.59 -22.77 -30.28
C LYS I 312 -52.48 -21.78 -29.13
N GLY I 313 -52.75 -22.26 -27.92
CA GLY I 313 -52.88 -21.41 -26.77
C GLY I 313 -51.55 -20.86 -26.28
N MET I 314 -51.59 -20.32 -25.06
CA MET I 314 -50.46 -19.58 -24.49
C MET I 314 -49.28 -20.48 -24.19
N ARG I 315 -49.53 -21.76 -23.94
CA ARG I 315 -48.48 -22.65 -23.46
C ARG I 315 -47.51 -23.05 -24.56
N GLU I 316 -48.02 -23.26 -25.77
CA GLU I 316 -47.23 -23.83 -26.85
C GLU I 316 -46.17 -22.87 -27.38
N LEU I 317 -46.32 -21.56 -27.12
CA LEU I 317 -45.56 -20.50 -27.78
C LEU I 317 -44.05 -20.58 -27.62
N ASN I 318 -43.35 -20.88 -28.71
CA ASN I 318 -41.92 -20.94 -28.68
C ASN I 318 -41.33 -19.54 -28.66
N PRO I 319 -40.07 -19.40 -28.25
CA PRO I 319 -39.38 -18.11 -28.40
C PRO I 319 -39.01 -17.76 -29.82
N ASN I 320 -39.33 -18.60 -30.82
CA ASN I 320 -39.25 -18.14 -32.20
C ASN I 320 -40.27 -17.05 -32.47
N ASP I 321 -41.44 -17.16 -31.85
CA ASP I 321 -42.56 -16.29 -32.16
C ASP I 321 -42.68 -15.23 -31.07
N ILE I 322 -41.75 -14.28 -31.10
CA ILE I 322 -41.74 -13.22 -30.09
C ILE I 322 -42.79 -12.18 -30.42
N ASP I 323 -42.66 -11.47 -31.52
CA ASP I 323 -43.54 -10.34 -31.79
C ASP I 323 -44.58 -10.72 -32.84
N LYS I 324 -45.74 -11.15 -32.39
CA LYS I 324 -46.86 -11.44 -33.27
C LYS I 324 -48.12 -10.93 -32.59
N LEU I 325 -49.27 -11.38 -33.06
CA LEU I 325 -50.53 -11.08 -32.42
C LEU I 325 -51.14 -12.38 -31.88
N ILE I 326 -51.73 -12.29 -30.69
CA ILE I 326 -52.15 -13.45 -29.92
C ILE I 326 -53.54 -13.19 -29.37
N ASN I 327 -54.41 -14.19 -29.45
CA ASN I 327 -55.70 -14.14 -28.77
C ASN I 327 -55.70 -15.00 -27.51
N LEU I 328 -56.34 -14.49 -26.47
CA LEU I 328 -56.44 -15.18 -25.19
C LEU I 328 -57.88 -15.18 -24.75
N LYS I 329 -58.15 -15.87 -23.64
CA LYS I 329 -59.48 -15.87 -23.04
C LYS I 329 -59.29 -15.73 -21.54
N GLY I 330 -60.33 -16.02 -20.76
CA GLY I 330 -60.21 -16.10 -19.33
C GLY I 330 -60.54 -14.81 -18.61
N LEU I 331 -60.54 -14.88 -17.29
CA LEU I 331 -61.07 -13.80 -16.47
C LEU I 331 -59.95 -12.87 -16.00
N VAL I 332 -60.27 -11.98 -15.07
CA VAL I 332 -59.36 -10.94 -14.60
C VAL I 332 -59.40 -10.89 -13.08
N LEU I 333 -58.24 -11.00 -12.43
CA LEU I 333 -58.25 -11.04 -10.97
C LEU I 333 -58.25 -9.66 -10.33
N ARG I 334 -57.17 -8.90 -10.49
CA ARG I 334 -57.03 -7.64 -9.76
C ARG I 334 -56.66 -6.52 -10.71
N SER I 335 -56.46 -5.32 -10.16
CA SER I 335 -56.24 -4.14 -10.97
C SER I 335 -55.35 -3.18 -10.21
N THR I 336 -54.16 -2.93 -10.72
CA THR I 336 -53.23 -2.04 -10.06
C THR I 336 -53.69 -0.59 -10.20
N PRO I 337 -53.18 0.32 -9.35
CA PRO I 337 -53.49 1.74 -9.55
C PRO I 337 -52.81 2.37 -10.75
N VAL I 338 -52.97 3.67 -10.90
CA VAL I 338 -52.48 4.40 -12.07
C VAL I 338 -51.04 4.83 -11.82
N ILE I 339 -50.16 4.61 -12.79
CA ILE I 339 -48.77 5.07 -12.71
C ILE I 339 -48.48 5.87 -13.98
N PRO I 340 -47.89 7.05 -13.87
CA PRO I 340 -47.61 7.87 -15.05
C PRO I 340 -46.37 7.40 -15.82
N ASP I 341 -46.06 8.14 -16.88
CA ASP I 341 -44.92 7.88 -17.74
C ASP I 341 -44.51 9.18 -18.41
N MET I 342 -43.21 9.47 -18.41
CA MET I 342 -42.70 10.72 -18.99
C MET I 342 -42.76 10.65 -20.51
N LYS I 343 -43.38 11.68 -21.10
CA LYS I 343 -43.33 11.85 -22.55
C LYS I 343 -42.57 13.11 -22.92
N VAL I 344 -42.50 14.08 -22.01
CA VAL I 344 -41.80 15.35 -22.21
C VAL I 344 -41.00 15.59 -20.93
N ALA I 345 -39.81 16.14 -21.08
CA ALA I 345 -39.03 16.56 -19.91
C ALA I 345 -39.01 18.08 -19.84
N PHE I 346 -38.37 18.63 -18.79
CA PHE I 346 -38.41 20.06 -18.55
C PHE I 346 -37.24 20.46 -17.67
N PHE I 347 -36.45 21.43 -18.14
CA PHE I 347 -35.20 21.80 -17.46
C PHE I 347 -35.14 23.29 -17.21
N LYS I 348 -34.44 23.66 -16.13
CA LYS I 348 -34.10 25.04 -15.84
C LYS I 348 -32.65 25.09 -15.39
N CYS I 349 -32.25 26.26 -14.93
CA CYS I 349 -30.98 26.47 -14.25
C CYS I 349 -31.24 27.38 -13.07
N ASN I 350 -30.18 27.91 -12.52
CA ASN I 350 -30.26 29.05 -11.65
C ASN I 350 -29.68 30.29 -12.31
N VAL I 351 -29.17 30.14 -13.54
CA VAL I 351 -28.53 31.21 -14.28
C VAL I 351 -29.04 31.17 -15.71
N CYS I 352 -29.83 32.16 -16.13
CA CYS I 352 -30.41 33.21 -15.28
C CYS I 352 -31.86 33.74 -15.54
N ASP I 353 -32.87 33.00 -16.00
CA ASP I 353 -32.98 31.56 -16.15
C ASP I 353 -33.69 31.25 -17.47
N HIS I 354 -33.20 30.26 -18.20
CA HIS I 354 -33.77 29.87 -19.47
C HIS I 354 -34.15 28.40 -19.38
N THR I 355 -35.16 28.00 -20.17
CA THR I 355 -36.03 26.88 -19.82
C THR I 355 -36.27 25.93 -20.99
N MET I 356 -35.21 25.44 -21.62
CA MET I 356 -35.33 24.45 -22.69
C MET I 356 -35.91 23.13 -22.19
N ALA I 357 -36.42 22.33 -23.13
CA ALA I 357 -37.09 21.06 -22.85
C ALA I 357 -36.74 20.03 -23.92
N VAL I 358 -37.08 18.77 -23.66
CA VAL I 358 -36.63 17.66 -24.49
C VAL I 358 -37.61 16.49 -24.39
N GLU I 359 -37.68 15.70 -25.47
CA GLU I 359 -38.61 14.58 -25.62
C GLU I 359 -37.93 13.26 -25.29
N ILE I 360 -38.60 12.15 -25.61
CA ILE I 360 -38.16 10.81 -25.22
C ILE I 360 -37.57 10.03 -26.37
N ASP I 361 -38.09 10.25 -27.58
CA ASP I 361 -38.62 9.20 -28.47
C ASP I 361 -38.08 7.78 -28.32
N ARG I 362 -36.77 7.60 -28.18
CA ARG I 362 -36.23 6.26 -27.94
C ARG I 362 -36.17 6.00 -26.44
N GLY I 363 -35.38 5.01 -26.00
CA GLY I 363 -35.48 4.53 -24.63
C GLY I 363 -35.05 5.51 -23.55
N VAL I 364 -34.18 6.46 -23.85
CA VAL I 364 -33.54 7.27 -22.81
C VAL I 364 -33.76 8.76 -23.05
N ILE I 365 -33.45 9.53 -22.01
CA ILE I 365 -33.52 10.99 -22.00
C ILE I 365 -32.13 11.54 -21.75
N GLN I 366 -31.59 12.28 -22.70
CA GLN I 366 -30.31 12.92 -22.47
C GLN I 366 -30.53 14.32 -21.93
N GLU I 367 -29.66 14.74 -21.01
CA GLU I 367 -29.78 16.12 -20.55
C GLU I 367 -28.49 16.88 -20.78
N PRO I 368 -28.58 18.16 -21.13
CA PRO I 368 -27.37 18.93 -21.37
C PRO I 368 -26.73 19.38 -20.06
N ALA I 369 -25.40 19.53 -20.11
CA ALA I 369 -24.66 20.07 -18.99
C ALA I 369 -24.46 21.57 -19.12
N ARG I 370 -24.45 22.08 -20.35
CA ARG I 370 -24.30 23.50 -20.62
C ARG I 370 -24.79 23.79 -22.03
N CYS I 371 -25.32 25.00 -22.26
CA CYS I 371 -25.77 25.95 -21.24
C CYS I 371 -27.03 26.61 -21.72
N GLU I 372 -27.57 27.45 -20.86
CA GLU I 372 -28.50 28.47 -21.29
C GLU I 372 -28.26 29.69 -20.40
N ARG I 373 -28.13 30.86 -21.04
CA ARG I 373 -27.80 32.13 -20.38
C ARG I 373 -26.48 31.99 -19.60
N ILE I 374 -25.37 31.97 -20.35
CA ILE I 374 -25.26 32.58 -21.68
C ILE I 374 -25.39 31.61 -22.87
N ASP I 375 -24.84 30.40 -22.72
CA ASP I 375 -24.63 29.45 -23.81
C ASP I 375 -23.84 30.13 -24.93
N CYS I 376 -22.58 30.43 -24.64
CA CYS I 376 -21.65 29.64 -23.81
C CYS I 376 -21.52 29.89 -22.28
N ASN I 377 -20.37 29.40 -21.79
CA ASN I 377 -19.94 29.28 -20.39
C ASN I 377 -20.35 30.48 -19.53
N GLU I 378 -20.71 30.25 -18.26
CA GLU I 378 -20.30 29.11 -17.41
C GLU I 378 -21.13 27.83 -17.48
N PRO I 379 -20.47 26.70 -17.23
CA PRO I 379 -21.20 25.43 -17.12
C PRO I 379 -21.98 25.35 -15.83
N ASN I 380 -23.15 26.00 -15.80
CA ASN I 380 -23.95 26.12 -14.60
C ASN I 380 -24.67 24.81 -14.30
N SER I 381 -25.26 24.74 -13.11
CA SER I 381 -26.02 23.57 -12.72
C SER I 381 -27.32 23.50 -13.50
N MET I 382 -27.70 22.28 -13.87
CA MET I 382 -28.86 22.02 -14.70
C MET I 382 -29.87 21.23 -13.88
N SER I 383 -30.95 21.87 -13.45
CA SER I 383 -31.92 21.18 -12.62
C SER I 383 -33.05 20.61 -13.47
N LEU I 384 -33.86 19.77 -12.83
CA LEU I 384 -35.05 19.21 -13.46
C LEU I 384 -36.22 19.46 -12.51
N ILE I 385 -37.21 20.21 -12.98
CA ILE I 385 -38.42 20.48 -12.21
C ILE I 385 -39.47 19.46 -12.63
N HIS I 386 -39.75 18.50 -11.76
CA HIS I 386 -40.63 17.41 -12.11
C HIS I 386 -42.07 17.65 -11.70
N ASN I 387 -42.54 18.89 -11.70
CA ASN I 387 -43.95 19.17 -11.56
C ASN I 387 -44.50 19.94 -12.74
N ARG I 388 -43.78 19.97 -13.85
CA ARG I 388 -44.17 20.78 -14.99
C ARG I 388 -44.32 20.00 -16.27
N CYS I 389 -43.91 18.74 -16.30
CA CYS I 389 -43.78 18.04 -17.56
C CYS I 389 -45.02 17.22 -17.87
N SER I 390 -45.11 16.78 -19.12
CA SER I 390 -46.23 15.96 -19.56
C SER I 390 -46.13 14.56 -18.99
N PHE I 391 -47.24 13.84 -19.04
CA PHE I 391 -47.25 12.48 -18.55
C PHE I 391 -48.19 11.62 -19.37
N ALA I 392 -48.27 10.34 -19.00
CA ALA I 392 -49.13 9.38 -19.67
C ALA I 392 -49.84 8.51 -18.65
N ASP I 393 -50.53 7.46 -19.09
CA ASP I 393 -51.29 6.58 -18.21
C ASP I 393 -50.88 5.14 -18.46
N LYS I 394 -50.48 4.43 -17.41
CA LYS I 394 -50.01 3.05 -17.57
C LYS I 394 -50.56 2.21 -16.43
N GLN I 395 -51.44 1.27 -16.76
CA GLN I 395 -52.15 0.45 -15.79
C GLN I 395 -51.85 -1.02 -16.05
N VAL I 396 -51.59 -1.78 -14.99
CA VAL I 396 -51.23 -3.18 -15.08
C VAL I 396 -52.39 -4.02 -14.57
N ILE I 397 -52.84 -4.97 -15.39
CA ILE I 397 -53.96 -5.83 -15.07
C ILE I 397 -53.50 -7.28 -15.15
N LYS I 398 -53.74 -8.04 -14.09
CA LYS I 398 -53.31 -9.43 -14.00
C LYS I 398 -54.44 -10.37 -14.41
N LEU I 399 -54.10 -11.40 -15.18
CA LEU I 399 -55.11 -12.22 -15.86
C LEU I 399 -54.82 -13.70 -15.64
N GLN I 400 -55.89 -14.50 -15.73
CA GLN I 400 -55.86 -15.96 -15.66
C GLN I 400 -56.74 -16.52 -16.76
N GLU I 401 -56.25 -17.47 -17.55
CA GLU I 401 -57.00 -17.89 -18.73
C GLU I 401 -57.38 -19.36 -18.68
N THR I 402 -58.25 -19.72 -19.63
CA THR I 402 -58.76 -21.08 -19.83
C THR I 402 -58.52 -21.54 -21.26
N PRO I 403 -57.29 -21.93 -21.58
CA PRO I 403 -56.96 -22.30 -22.97
C PRO I 403 -57.45 -23.69 -23.33
N ASP I 404 -58.67 -23.77 -23.89
CA ASP I 404 -59.26 -25.02 -24.36
C ASP I 404 -58.39 -25.82 -25.33
N PHE I 405 -58.70 -27.12 -25.48
CA PHE I 405 -57.81 -28.12 -26.09
C PHE I 405 -56.46 -28.10 -25.39
N VAL I 406 -56.51 -28.60 -24.15
CA VAL I 406 -55.38 -28.48 -23.22
C VAL I 406 -54.23 -29.39 -23.66
N PRO I 407 -53.00 -28.97 -23.48
CA PRO I 407 -51.87 -29.90 -23.58
C PRO I 407 -51.70 -30.72 -22.31
N ASP I 408 -52.42 -31.85 -22.27
CA ASP I 408 -52.45 -32.77 -21.14
C ASP I 408 -51.05 -33.20 -20.69
N GLY I 409 -50.83 -33.26 -19.38
CA GLY I 409 -51.71 -32.86 -18.30
C GLY I 409 -51.57 -31.45 -17.72
N GLN I 410 -52.01 -30.44 -18.46
CA GLN I 410 -51.85 -29.05 -18.01
C GLN I 410 -52.81 -28.73 -16.86
N THR I 411 -52.34 -27.80 -15.94
CA THR I 411 -52.75 -27.04 -14.76
C THR I 411 -52.92 -25.56 -15.15
N PRO I 412 -53.76 -24.76 -14.46
CA PRO I 412 -53.97 -23.38 -14.89
C PRO I 412 -52.76 -22.48 -14.65
N HIS I 413 -52.89 -21.25 -15.14
CA HIS I 413 -51.76 -20.44 -15.53
C HIS I 413 -52.10 -18.98 -15.30
N SER I 414 -51.09 -18.13 -15.24
CA SER I 414 -51.32 -16.71 -14.97
C SER I 414 -50.40 -15.83 -15.79
N ILE I 415 -50.97 -14.84 -16.48
CA ILE I 415 -50.22 -13.89 -17.29
C ILE I 415 -50.50 -12.51 -16.72
N SER I 416 -49.56 -11.60 -16.93
CA SER I 416 -49.74 -10.21 -16.53
C SER I 416 -49.62 -9.31 -17.75
N LEU I 417 -50.58 -8.41 -17.92
CA LEU I 417 -50.61 -7.52 -19.08
C LEU I 417 -50.72 -6.07 -18.64
N CYS I 418 -50.46 -5.16 -19.58
CA CYS I 418 -50.06 -3.79 -19.27
C CYS I 418 -50.75 -2.71 -20.13
N VAL I 419 -52.08 -2.62 -20.03
CA VAL I 419 -52.93 -1.74 -20.84
C VAL I 419 -52.49 -0.28 -20.80
N TYR I 420 -52.88 0.50 -21.81
CA TYR I 420 -52.43 1.87 -21.94
C TYR I 420 -53.61 2.84 -22.06
N ASP I 421 -53.29 4.07 -22.51
CA ASP I 421 -53.99 5.32 -22.21
C ASP I 421 -55.51 5.29 -22.23
N GLU I 422 -56.08 5.03 -23.40
CA GLU I 422 -57.53 5.10 -23.53
C GLU I 422 -58.19 3.95 -22.79
N LEU I 423 -57.57 2.79 -22.80
CA LEU I 423 -58.16 1.58 -22.27
C LEU I 423 -57.99 1.44 -20.76
N VAL I 424 -57.49 2.48 -20.10
CA VAL I 424 -57.47 2.51 -18.65
C VAL I 424 -58.91 2.51 -18.13
N ASP I 425 -59.16 1.72 -17.08
CA ASP I 425 -60.47 1.55 -16.45
C ASP I 425 -61.49 0.98 -17.45
N SER I 426 -61.02 0.10 -18.32
CA SER I 426 -61.91 -0.63 -19.22
C SER I 426 -62.07 -2.07 -18.78
N CYS I 427 -61.56 -2.43 -17.61
CA CYS I 427 -61.63 -3.80 -17.13
C CYS I 427 -61.86 -3.78 -15.63
N ARG I 428 -62.98 -4.36 -15.21
CA ARG I 428 -63.27 -4.52 -13.80
C ARG I 428 -62.59 -5.79 -13.30
N ALA I 429 -62.98 -6.25 -12.11
CA ALA I 429 -62.52 -7.52 -11.57
C ALA I 429 -63.63 -8.54 -11.72
N GLY I 430 -63.54 -9.39 -12.73
CA GLY I 430 -64.45 -10.51 -12.83
C GLY I 430 -64.91 -10.90 -14.22
N ASP I 431 -64.76 -10.00 -15.19
CA ASP I 431 -65.34 -10.19 -16.51
C ASP I 431 -64.66 -11.32 -17.28
N ARG I 432 -65.27 -11.76 -18.36
CA ARG I 432 -64.69 -12.73 -19.27
C ARG I 432 -64.30 -12.02 -20.56
N ILE I 433 -63.00 -11.86 -20.78
CA ILE I 433 -62.48 -10.98 -21.82
C ILE I 433 -61.70 -11.80 -22.85
N GLU I 434 -61.82 -11.39 -24.11
CA GLU I 434 -61.00 -11.93 -25.20
C GLU I 434 -60.11 -10.80 -25.72
N VAL I 435 -58.80 -10.98 -25.64
CA VAL I 435 -57.83 -9.91 -25.82
C VAL I 435 -56.98 -10.18 -27.05
N THR I 436 -56.61 -9.11 -27.78
CA THR I 436 -55.51 -9.17 -28.73
C THR I 436 -54.35 -8.35 -28.19
N GLY I 437 -53.15 -8.65 -28.67
CA GLY I 437 -52.00 -7.90 -28.22
C GLY I 437 -50.73 -8.50 -28.77
N THR I 438 -49.62 -7.86 -28.43
CA THR I 438 -48.31 -8.25 -28.92
C THR I 438 -47.51 -8.87 -27.79
N PHE I 439 -47.05 -10.09 -27.98
CA PHE I 439 -46.19 -10.77 -27.03
C PHE I 439 -44.84 -10.09 -26.97
N ARG I 440 -44.36 -9.77 -25.77
CA ARG I 440 -43.10 -9.06 -25.62
C ARG I 440 -42.22 -9.79 -24.63
N SER I 441 -40.99 -9.29 -24.47
CA SER I 441 -40.02 -9.94 -23.61
C SER I 441 -38.94 -8.93 -23.25
N ILE I 442 -38.88 -8.55 -21.98
CA ILE I 442 -37.91 -7.55 -21.52
C ILE I 442 -37.25 -8.02 -20.23
N PRO I 443 -35.93 -7.93 -20.13
CA PRO I 443 -35.25 -8.38 -18.92
C PRO I 443 -35.52 -7.48 -17.73
N ILE I 444 -35.19 -8.00 -16.56
CA ILE I 444 -35.43 -7.33 -15.30
C ILE I 444 -34.13 -7.20 -14.54
N ARG I 445 -34.08 -6.24 -13.61
CA ARG I 445 -32.88 -6.04 -12.81
C ARG I 445 -32.74 -7.13 -11.78
N ALA I 446 -31.58 -7.13 -11.13
CA ALA I 446 -31.34 -7.94 -9.94
C ALA I 446 -31.15 -6.97 -8.78
N ASN I 447 -31.91 -7.18 -7.71
CA ASN I 447 -31.88 -6.60 -6.37
C ASN I 447 -31.80 -5.07 -6.31
N SER I 448 -32.16 -4.33 -7.37
CA SER I 448 -32.35 -2.86 -7.36
C SER I 448 -31.11 -2.08 -6.94
N ARG I 449 -29.94 -2.67 -7.13
CA ARG I 449 -28.72 -2.09 -6.58
C ARG I 449 -27.61 -1.95 -7.60
N GLN I 450 -27.48 -2.89 -8.52
CA GLN I 450 -26.41 -2.89 -9.50
C GLN I 450 -27.02 -2.82 -10.89
N ARG I 451 -26.19 -3.05 -11.89
CA ARG I 451 -26.71 -3.07 -13.25
C ARG I 451 -26.72 -4.47 -13.80
N VAL I 452 -26.65 -5.48 -12.95
CA VAL I 452 -26.58 -6.82 -13.47
C VAL I 452 -27.97 -7.26 -13.90
N LEU I 453 -28.29 -6.97 -15.15
CA LEU I 453 -29.53 -7.42 -15.73
C LEU I 453 -29.48 -8.93 -15.87
N LYS I 454 -30.32 -9.63 -15.11
CA LYS I 454 -30.31 -11.07 -15.11
C LYS I 454 -30.74 -11.61 -16.47
N SER I 455 -30.17 -12.74 -16.86
CA SER I 455 -30.62 -13.44 -18.05
C SER I 455 -31.95 -14.14 -17.75
N LEU I 456 -32.43 -14.96 -18.69
CA LEU I 456 -33.71 -15.67 -18.60
C LEU I 456 -34.86 -14.68 -18.41
N TYR I 457 -35.18 -14.02 -19.54
CA TYR I 457 -36.12 -12.92 -19.67
C TYR I 457 -37.51 -13.22 -19.10
N LYS I 458 -38.30 -12.16 -18.95
CA LYS I 458 -39.69 -12.26 -18.51
C LYS I 458 -40.60 -11.84 -19.65
N THR I 459 -41.77 -12.47 -19.75
CA THR I 459 -42.72 -12.26 -20.83
C THR I 459 -44.01 -11.61 -20.35
N TYR I 460 -44.66 -10.86 -21.26
CA TYR I 460 -45.94 -10.25 -20.96
C TYR I 460 -46.67 -9.94 -22.28
N VAL I 461 -47.86 -9.36 -22.16
CA VAL I 461 -48.70 -8.98 -23.29
C VAL I 461 -48.87 -7.46 -23.21
N ASP I 462 -49.19 -6.83 -24.34
CA ASP I 462 -49.05 -5.39 -24.53
C ASP I 462 -50.28 -4.81 -25.26
N VAL I 463 -51.48 -4.96 -24.69
CA VAL I 463 -52.78 -5.04 -25.37
C VAL I 463 -53.10 -3.94 -26.38
N VAL I 464 -53.97 -4.29 -27.32
CA VAL I 464 -54.37 -3.41 -28.41
C VAL I 464 -55.88 -3.20 -28.44
N HIS I 465 -56.64 -4.29 -28.42
CA HIS I 465 -58.09 -4.20 -28.50
C HIS I 465 -58.73 -5.17 -27.52
N VAL I 466 -59.80 -4.72 -26.87
CA VAL I 466 -60.47 -5.49 -25.83
C VAL I 466 -61.86 -5.87 -26.32
N LYS I 467 -62.12 -7.16 -26.42
CA LYS I 467 -63.40 -7.66 -26.90
C LYS I 467 -64.15 -8.35 -25.78
N VAL I 469 -66.02 -6.17 -24.49
CA VAL I 469 -66.27 -7.02 -23.34
C VAL I 469 -67.37 -7.98 -23.74
N SER I 470 -68.28 -7.49 -24.58
CA SER I 470 -69.53 -8.18 -24.88
C SER I 470 -69.29 -9.41 -25.74
N ASP I 471 -70.37 -10.17 -25.96
CA ASP I 471 -70.29 -11.42 -26.67
C ASP I 471 -71.70 -11.76 -27.17
N LYS I 472 -71.76 -12.65 -28.16
CA LYS I 472 -73.02 -12.97 -28.80
C LYS I 472 -73.59 -14.32 -28.42
N ARG I 473 -72.87 -15.12 -27.64
CA ARG I 473 -73.33 -16.46 -27.30
C ARG I 473 -73.83 -16.57 -25.87
N LEU I 474 -73.14 -15.95 -24.93
CA LEU I 474 -73.59 -15.93 -23.54
C LEU I 474 -74.42 -14.68 -23.29
N ASP I 475 -74.77 -14.45 -22.04
CA ASP I 475 -75.77 -13.46 -21.69
C ASP I 475 -75.15 -12.06 -21.73
N VAL I 476 -75.95 -11.02 -21.50
CA VAL I 476 -75.49 -9.64 -21.55
C VAL I 476 -75.73 -9.00 -20.19
N ASP I 477 -74.82 -8.11 -19.79
CA ASP I 477 -74.79 -7.51 -18.47
C ASP I 477 -76.00 -6.59 -18.25
N THR I 478 -76.28 -6.31 -16.97
CA THR I 478 -77.45 -5.54 -16.57
C THR I 478 -77.21 -4.05 -16.78
N SER I 479 -78.08 -3.23 -16.19
CA SER I 479 -77.94 -1.79 -16.38
C SER I 479 -78.01 -1.02 -15.07
N THR I 480 -78.68 -1.59 -14.05
CA THR I 480 -78.76 -0.90 -12.77
C THR I 480 -77.44 -0.96 -12.04
N ILE I 481 -76.61 -1.94 -12.39
CA ILE I 481 -75.26 -2.06 -11.86
C ILE I 481 -74.31 -1.10 -12.59
N GLU I 482 -74.50 -0.94 -13.89
CA GLU I 482 -73.52 -0.29 -14.76
C GLU I 482 -73.52 1.24 -14.64
N GLN I 483 -74.50 1.82 -13.95
CA GLN I 483 -74.85 3.24 -14.12
C GLN I 483 -73.77 4.22 -13.68
N GLU I 484 -72.82 3.80 -12.84
CA GLU I 484 -71.67 4.66 -12.55
C GLU I 484 -70.79 4.80 -13.78
N LEU I 485 -70.51 3.70 -14.47
CA LEU I 485 -69.73 3.78 -15.68
C LEU I 485 -70.58 4.04 -16.91
N MET I 486 -71.89 4.18 -16.75
CA MET I 486 -72.67 4.92 -17.73
C MET I 486 -72.51 6.42 -17.51
N GLN I 487 -72.40 6.84 -16.25
CA GLN I 487 -72.20 8.24 -15.93
C GLN I 487 -70.81 8.70 -16.36
N ASN I 488 -69.84 7.81 -16.26
CA ASN I 488 -68.52 8.05 -16.81
C ASN I 488 -68.56 7.63 -18.28
N LYS I 489 -67.39 7.60 -18.94
CA LYS I 489 -67.18 6.98 -20.26
C LYS I 489 -67.92 7.72 -21.39
N VAL I 490 -68.52 8.87 -21.10
CA VAL I 490 -69.19 9.67 -22.11
C VAL I 490 -68.32 10.84 -22.55
N ASP I 491 -67.51 11.36 -21.63
CA ASP I 491 -66.51 12.35 -21.98
C ASP I 491 -65.45 11.80 -22.93
N HIS I 492 -65.12 10.53 -22.82
CA HIS I 492 -64.02 9.93 -23.59
C HIS I 492 -64.53 8.70 -24.31
N ASN I 493 -64.33 8.65 -25.62
CA ASN I 493 -64.93 7.64 -26.47
C ASN I 493 -64.21 6.30 -26.33
N GLU I 494 -64.98 5.22 -26.27
CA GLU I 494 -64.52 3.90 -25.81
C GLU I 494 -65.28 2.81 -26.54
N VAL I 495 -65.34 1.63 -25.92
CA VAL I 495 -65.99 0.44 -26.46
C VAL I 495 -67.37 0.31 -25.84
N GLU I 496 -68.15 -0.66 -26.33
CA GLU I 496 -69.61 -0.55 -26.22
C GLU I 496 -70.17 -1.05 -24.89
N GLU I 497 -69.63 -2.14 -24.34
CA GLU I 497 -69.94 -2.75 -23.04
C GLU I 497 -71.36 -3.37 -22.98
N VAL I 498 -72.20 -3.09 -23.96
CA VAL I 498 -73.57 -3.58 -24.05
C VAL I 498 -73.79 -4.06 -25.47
N ARG I 499 -74.42 -5.21 -25.63
CA ARG I 499 -74.72 -5.77 -26.94
C ARG I 499 -75.61 -4.84 -27.73
N GLN I 500 -75.20 -4.55 -28.95
CA GLN I 500 -75.93 -3.62 -29.80
C GLN I 500 -77.14 -4.30 -30.41
N ILE I 501 -78.33 -3.82 -30.05
CA ILE I 501 -79.57 -4.38 -30.58
C ILE I 501 -79.80 -3.80 -31.96
N THR I 502 -79.87 -4.67 -32.97
CA THR I 502 -80.13 -4.22 -34.32
C THR I 502 -81.62 -3.94 -34.51
N ASP I 503 -81.99 -3.47 -35.69
CA ASP I 503 -83.35 -2.99 -35.90
C ASP I 503 -84.25 -3.99 -36.60
N GLN I 504 -83.70 -4.82 -37.48
CA GLN I 504 -84.53 -5.71 -38.30
C GLN I 504 -85.13 -6.83 -37.45
N ASP I 505 -84.31 -7.49 -36.65
CA ASP I 505 -84.78 -8.60 -35.83
C ASP I 505 -85.63 -8.15 -34.65
N LEU I 506 -85.67 -6.85 -34.36
CA LEU I 506 -86.55 -6.32 -33.33
C LEU I 506 -88.01 -6.54 -33.72
N ALA I 507 -88.30 -6.49 -35.02
CA ALA I 507 -89.62 -6.86 -35.51
C ALA I 507 -89.90 -8.33 -35.25
N LYS I 508 -88.87 -9.18 -35.33
CA LYS I 508 -89.07 -10.58 -35.00
C LYS I 508 -89.26 -10.77 -33.51
N ILE I 509 -88.68 -9.89 -32.69
CA ILE I 509 -88.92 -9.94 -31.25
C ILE I 509 -90.38 -9.61 -30.95
N ARG I 510 -90.90 -8.56 -31.58
CA ARG I 510 -92.31 -8.24 -31.44
C ARG I 510 -93.23 -9.23 -32.15
N GLU I 511 -92.68 -10.11 -32.99
CA GLU I 511 -93.49 -11.16 -33.59
C GLU I 511 -93.56 -12.38 -32.68
N VAL I 512 -92.42 -12.78 -32.11
CA VAL I 512 -92.39 -13.95 -31.23
C VAL I 512 -93.08 -13.64 -29.91
N ALA I 513 -93.09 -12.36 -29.50
CA ALA I 513 -93.83 -11.96 -28.31
C ALA I 513 -95.34 -12.17 -28.46
N ALA I 514 -95.85 -12.21 -29.69
CA ALA I 514 -97.26 -12.46 -29.93
C ALA I 514 -97.63 -13.93 -29.90
N ARG I 515 -96.67 -14.83 -29.68
CA ARG I 515 -96.99 -16.24 -29.57
C ARG I 515 -97.68 -16.54 -28.26
N GLU I 516 -98.69 -17.41 -28.30
CA GLU I 516 -99.40 -17.76 -27.07
C GLU I 516 -98.60 -18.73 -26.21
N ASP I 517 -97.90 -19.68 -26.81
CA ASP I 517 -97.25 -20.75 -26.07
C ASP I 517 -95.84 -20.40 -25.64
N LEU I 518 -95.56 -19.11 -25.41
CA LEU I 518 -94.21 -18.68 -25.07
C LEU I 518 -93.80 -19.18 -23.69
N TYR I 519 -94.78 -19.37 -22.80
CA TYR I 519 -94.52 -19.76 -21.42
C TYR I 519 -94.04 -21.19 -21.29
N SER I 520 -94.36 -22.05 -22.25
CA SER I 520 -93.78 -23.39 -22.29
C SER I 520 -92.75 -23.53 -23.40
N LEU I 521 -92.76 -22.64 -24.38
CA LEU I 521 -91.78 -22.68 -25.46
C LEU I 521 -90.41 -22.24 -24.98
N LEU I 522 -90.34 -21.10 -24.30
CA LEU I 522 -89.06 -20.62 -23.77
C LEU I 522 -88.53 -21.54 -22.69
N ALA I 523 -89.38 -21.99 -21.77
CA ALA I 523 -88.94 -22.93 -20.75
C ALA I 523 -88.62 -24.30 -21.33
N ARG I 524 -89.20 -24.65 -22.47
CA ARG I 524 -88.84 -25.90 -23.13
C ARG I 524 -87.51 -25.77 -23.86
N SER I 525 -87.15 -24.57 -24.30
CA SER I 525 -85.96 -24.38 -25.12
C SER I 525 -84.71 -24.01 -24.34
N ILE I 526 -84.68 -24.23 -23.03
CA ILE I 526 -83.50 -23.85 -22.26
C ILE I 526 -82.41 -24.90 -22.37
N ALA I 527 -82.69 -26.10 -21.84
CA ALA I 527 -81.72 -27.18 -21.78
C ALA I 527 -82.26 -28.32 -22.61
N PRO I 528 -81.97 -28.37 -23.91
CA PRO I 528 -82.60 -29.34 -24.79
C PRO I 528 -82.04 -30.76 -24.68
N SER I 529 -81.19 -31.03 -23.69
CA SER I 529 -80.65 -32.36 -23.50
C SER I 529 -81.14 -33.02 -22.22
N ILE I 530 -81.92 -32.32 -21.40
CA ILE I 530 -82.43 -32.84 -20.13
C ILE I 530 -83.94 -32.63 -20.15
N TYR I 531 -84.70 -33.66 -19.76
CA TYR I 531 -86.11 -33.72 -20.13
C TYR I 531 -86.93 -34.28 -18.97
N GLU I 532 -87.32 -33.39 -18.07
CA GLU I 532 -88.28 -33.56 -16.97
C GLU I 532 -88.47 -32.14 -16.45
N LEU I 533 -89.13 -31.99 -15.31
CA LEU I 533 -88.93 -30.89 -14.34
C LEU I 533 -89.10 -29.51 -15.00
N GLU I 534 -90.16 -29.37 -15.79
CA GLU I 534 -90.45 -28.12 -16.47
C GLU I 534 -90.87 -27.02 -15.50
N ASP I 535 -91.31 -27.38 -14.30
CA ASP I 535 -91.40 -26.40 -13.24
C ASP I 535 -90.03 -25.94 -12.79
N VAL I 536 -89.04 -26.82 -12.82
CA VAL I 536 -87.69 -26.44 -12.40
C VAL I 536 -87.00 -25.66 -13.51
N LYS I 537 -87.16 -26.12 -14.76
CA LYS I 537 -86.70 -25.34 -15.92
C LYS I 537 -87.38 -23.98 -15.95
N LYS I 538 -88.65 -23.93 -15.54
CA LYS I 538 -89.39 -22.69 -15.54
C LYS I 538 -88.92 -21.76 -14.43
N GLY I 539 -88.55 -22.31 -13.27
CA GLY I 539 -87.98 -21.48 -12.23
C GLY I 539 -86.60 -20.98 -12.56
N ILE I 540 -85.83 -21.79 -13.28
CA ILE I 540 -84.51 -21.35 -13.72
C ILE I 540 -84.63 -20.28 -14.80
N LEU I 541 -85.70 -20.36 -15.60
CA LEU I 541 -86.01 -19.23 -16.48
C LEU I 541 -86.38 -17.99 -15.69
N LEU I 542 -87.16 -18.15 -14.62
CA LEU I 542 -87.54 -16.99 -13.83
C LEU I 542 -86.41 -16.46 -12.96
N GLN I 543 -85.30 -17.19 -12.81
CA GLN I 543 -84.17 -16.58 -12.13
C GLN I 543 -83.44 -15.62 -13.05
N LEU I 544 -83.62 -15.77 -14.37
CA LEU I 544 -82.98 -14.86 -15.31
C LEU I 544 -83.79 -13.59 -15.53
N PHE I 545 -84.99 -13.51 -15.00
CA PHE I 545 -85.86 -12.34 -15.11
C PHE I 545 -86.09 -11.69 -13.76
N GLY I 546 -85.08 -11.68 -12.91
CA GLY I 546 -85.30 -11.49 -11.49
C GLY I 546 -85.74 -10.13 -11.00
N GLY I 547 -87.02 -10.04 -10.62
CA GLY I 547 -87.59 -8.93 -9.88
C GLY I 547 -87.53 -7.56 -10.51
N THR I 548 -87.98 -6.55 -9.78
CA THR I 548 -87.93 -5.17 -10.23
C THR I 548 -87.04 -4.39 -9.27
N ASN I 549 -86.09 -3.65 -9.83
CA ASN I 549 -85.15 -2.91 -9.02
C ASN I 549 -85.75 -1.56 -8.68
N LYS I 550 -86.24 -1.43 -7.45
CA LYS I 550 -86.80 -0.18 -6.95
C LYS I 550 -85.85 0.39 -5.91
N THR I 551 -85.53 1.67 -6.06
CA THR I 551 -84.70 2.38 -5.11
C THR I 551 -85.53 3.47 -4.48
N PHE I 552 -85.44 3.61 -3.17
CA PHE I 552 -86.23 4.61 -2.47
C PHE I 552 -85.46 5.92 -2.39
N THR I 553 -86.00 6.87 -1.64
CA THR I 553 -85.26 8.11 -1.39
C THR I 553 -84.09 7.87 -0.45
N LYS I 554 -84.39 7.41 0.76
CA LYS I 554 -83.37 7.06 1.74
C LYS I 554 -83.64 5.66 2.28
N GLY I 555 -82.63 4.81 2.23
CA GLY I 555 -82.78 3.42 2.64
C GLY I 555 -83.35 2.55 1.54
N GLY I 556 -84.19 1.58 1.89
CA GLY I 556 -84.84 0.76 0.89
C GLY I 556 -83.90 -0.19 0.18
N ARG I 557 -83.57 0.14 -1.07
CA ARG I 557 -82.60 -0.58 -1.90
C ARG I 557 -83.03 -2.04 -2.09
N TYR I 558 -84.13 -2.19 -2.81
CA TYR I 558 -84.75 -3.49 -2.99
C TYR I 558 -84.32 -4.06 -4.32
N ARG I 559 -83.66 -5.21 -4.29
CA ARG I 559 -83.17 -5.86 -5.48
C ARG I 559 -84.26 -6.73 -6.10
N GLY I 560 -83.87 -7.61 -7.01
CA GLY I 560 -84.75 -8.59 -7.62
C GLY I 560 -84.22 -9.99 -7.46
N ASP I 561 -83.48 -10.21 -6.38
CA ASP I 561 -82.91 -11.50 -6.07
C ASP I 561 -84.01 -12.52 -5.77
N ILE I 562 -83.95 -13.68 -6.42
CA ILE I 562 -84.63 -14.88 -5.95
C ILE I 562 -83.59 -15.98 -5.82
N ASN I 563 -83.91 -16.98 -5.01
CA ASN I 563 -82.90 -17.96 -4.57
C ASN I 563 -83.50 -19.35 -4.52
N ILE I 564 -82.86 -20.30 -5.19
CA ILE I 564 -83.46 -21.61 -5.46
C ILE I 564 -82.59 -22.69 -4.86
N LEU I 565 -83.20 -23.57 -4.07
CA LEU I 565 -82.62 -24.87 -3.76
C LEU I 565 -83.33 -25.92 -4.60
N LEU I 566 -82.60 -26.98 -4.92
CA LEU I 566 -83.22 -28.16 -5.48
C LEU I 566 -82.47 -29.37 -4.95
N CYS I 567 -83.20 -30.35 -4.42
CA CYS I 567 -82.57 -31.52 -3.84
C CYS I 567 -83.28 -32.75 -4.35
N GLY I 568 -83.01 -33.88 -3.75
CA GLY I 568 -83.68 -35.10 -4.13
C GLY I 568 -82.68 -36.20 -4.34
N ASP I 569 -83.14 -37.26 -4.98
CA ASP I 569 -82.30 -38.43 -5.17
C ASP I 569 -81.18 -38.12 -6.15
N PRO I 570 -80.01 -38.70 -5.98
CA PRO I 570 -78.97 -38.57 -7.02
C PRO I 570 -79.29 -39.40 -8.25
N SER I 571 -78.40 -39.34 -9.25
CA SER I 571 -78.65 -39.79 -10.63
C SER I 571 -79.91 -39.13 -11.19
N THR I 572 -79.97 -37.81 -11.05
CA THR I 572 -81.13 -37.06 -11.52
C THR I 572 -80.67 -35.86 -12.36
N SER I 573 -79.40 -35.87 -12.78
CA SER I 573 -78.77 -34.82 -13.59
C SER I 573 -78.90 -33.46 -12.95
N LYS I 574 -78.51 -33.39 -11.67
CA LYS I 574 -78.40 -32.09 -11.02
C LYS I 574 -77.22 -31.31 -11.56
N SER I 575 -76.16 -32.03 -11.95
CA SER I 575 -74.92 -31.37 -12.33
C SER I 575 -75.02 -30.74 -13.71
N GLN I 576 -75.78 -31.36 -14.61
CA GLN I 576 -75.91 -30.85 -15.98
C GLN I 576 -76.53 -29.48 -16.00
N ILE I 577 -77.53 -29.28 -15.16
CA ILE I 577 -78.16 -27.97 -14.99
C ILE I 577 -77.15 -26.95 -14.50
N LEU I 578 -76.32 -27.34 -13.55
CA LEU I 578 -75.41 -26.37 -12.97
C LEU I 578 -74.28 -26.02 -13.92
N GLN I 579 -73.85 -26.96 -14.75
CA GLN I 579 -72.85 -26.62 -15.74
C GLN I 579 -73.44 -25.75 -16.84
N TYR I 580 -74.68 -26.00 -17.22
CA TYR I 580 -75.30 -25.21 -18.27
C TYR I 580 -75.54 -23.77 -17.82
N VAL I 581 -76.06 -23.60 -16.61
CA VAL I 581 -76.23 -22.27 -16.03
C VAL I 581 -74.88 -21.60 -15.81
N HIS I 582 -73.85 -22.37 -15.48
CA HIS I 582 -72.51 -21.82 -15.37
C HIS I 582 -71.97 -21.35 -16.71
N LYS I 583 -72.43 -21.93 -17.82
CA LYS I 583 -72.03 -21.39 -19.10
C LYS I 583 -72.80 -20.12 -19.46
N ILE I 584 -74.10 -20.07 -19.17
CA ILE I 584 -74.92 -18.99 -19.70
C ILE I 584 -74.69 -17.68 -18.95
N THR I 585 -74.45 -17.77 -17.64
CA THR I 585 -74.40 -16.60 -16.77
C THR I 585 -73.20 -15.72 -17.11
N PRO I 586 -73.35 -14.39 -17.12
CA PRO I 586 -72.21 -13.54 -17.50
C PRO I 586 -71.10 -13.49 -16.47
N ARG I 587 -71.40 -13.60 -15.18
CA ARG I 587 -70.38 -13.42 -14.15
C ARG I 587 -70.55 -14.49 -13.07
N GLY I 588 -70.60 -15.76 -13.48
CA GLY I 588 -70.83 -16.84 -12.56
C GLY I 588 -69.55 -17.41 -11.98
N VAL I 589 -69.61 -17.79 -10.70
CA VAL I 589 -68.48 -18.38 -9.99
C VAL I 589 -68.96 -19.64 -9.30
N TYR I 590 -68.22 -20.72 -9.45
CA TYR I 590 -68.65 -22.08 -9.09
C TYR I 590 -67.76 -22.62 -7.98
N THR I 591 -68.21 -22.56 -6.74
CA THR I 591 -67.49 -23.18 -5.64
C THR I 591 -68.03 -24.58 -5.39
N SER I 592 -67.67 -25.17 -4.25
CA SER I 592 -68.20 -26.46 -3.86
C SER I 592 -68.20 -26.57 -2.33
N GLY I 593 -68.67 -27.71 -1.84
CA GLY I 593 -68.70 -27.96 -0.41
C GLY I 593 -67.40 -28.60 0.04
N LYS I 594 -67.01 -28.28 1.29
CA LYS I 594 -65.76 -28.69 1.93
C LYS I 594 -64.53 -28.25 1.17
N GLY I 595 -64.63 -27.20 0.37
CA GLY I 595 -63.49 -26.61 -0.28
C GLY I 595 -63.58 -25.13 -0.03
N SER I 596 -64.18 -24.78 1.09
CA SER I 596 -64.45 -23.41 1.46
C SER I 596 -63.83 -23.08 2.80
N SER I 597 -63.74 -21.78 3.08
CA SER I 597 -63.40 -21.31 4.41
C SER I 597 -64.01 -19.93 4.56
N ALA I 598 -63.97 -19.42 5.80
CA ALA I 598 -64.45 -18.07 6.05
C ALA I 598 -63.53 -17.04 5.41
N VAL I 599 -62.24 -17.34 5.32
CA VAL I 599 -61.35 -16.53 4.50
C VAL I 599 -61.68 -16.74 3.03
N GLY I 600 -62.09 -17.95 2.67
CA GLY I 600 -62.17 -18.33 1.28
C GLY I 600 -63.24 -17.69 0.42
N LEU I 601 -63.97 -16.71 0.93
CA LEU I 601 -64.98 -16.05 0.12
C LEU I 601 -64.76 -14.56 -0.04
N THR I 602 -63.85 -13.96 0.74
CA THR I 602 -63.49 -12.55 0.62
C THR I 602 -62.17 -12.28 1.34
N ALA I 603 -61.47 -11.23 0.89
CA ALA I 603 -60.29 -10.66 1.54
C ALA I 603 -59.13 -11.67 1.65
N TYR I 604 -58.52 -11.93 0.50
CA TYR I 604 -57.36 -12.81 0.38
C TYR I 604 -56.06 -12.07 0.55
N ILE I 605 -55.96 -11.11 1.48
CA ILE I 605 -54.84 -10.18 1.60
C ILE I 605 -53.48 -10.88 1.64
N THR I 606 -52.69 -10.61 0.61
CA THR I 606 -51.58 -11.48 0.23
C THR I 606 -50.37 -10.63 -0.07
N ARG I 607 -49.34 -11.28 -0.57
CA ARG I 607 -48.08 -10.65 -0.96
C ARG I 607 -47.88 -10.89 -2.44
N ASP I 608 -48.07 -9.84 -3.25
CA ASP I 608 -47.83 -9.95 -4.67
C ASP I 608 -46.34 -9.99 -4.91
N VAL I 609 -45.90 -10.83 -5.85
CA VAL I 609 -44.47 -11.10 -5.95
C VAL I 609 -43.76 -10.04 -6.78
N ASP I 610 -44.38 -9.60 -7.88
CA ASP I 610 -43.69 -8.77 -8.86
C ASP I 610 -43.40 -7.36 -8.35
N THR I 611 -44.18 -6.88 -7.38
CA THR I 611 -43.92 -5.58 -6.79
C THR I 611 -43.53 -5.64 -5.33
N LYS I 612 -43.79 -6.77 -4.67
CA LYS I 612 -43.36 -7.07 -3.30
C LYS I 612 -43.95 -6.07 -2.30
N GLN I 613 -45.28 -6.01 -2.28
CA GLN I 613 -46.03 -5.23 -1.31
C GLN I 613 -47.20 -6.09 -0.85
N LEU I 614 -48.16 -5.48 -0.15
CA LEU I 614 -49.32 -6.21 0.34
C LEU I 614 -50.55 -5.72 -0.40
N VAL I 615 -51.04 -6.55 -1.32
CA VAL I 615 -52.13 -6.19 -2.22
C VAL I 615 -53.32 -7.07 -1.87
N LEU I 616 -54.51 -6.49 -1.88
CA LEU I 616 -55.70 -7.17 -1.40
C LEU I 616 -56.51 -7.70 -2.58
N GLU I 617 -56.93 -8.95 -2.49
CA GLU I 617 -57.65 -9.61 -3.56
C GLU I 617 -59.13 -9.70 -3.20
N SER I 618 -59.94 -9.88 -4.23
CA SER I 618 -61.36 -10.16 -4.01
C SER I 618 -61.60 -11.65 -4.00
N GLY I 619 -62.42 -12.10 -3.05
CA GLY I 619 -62.65 -13.51 -2.87
C GLY I 619 -63.67 -14.10 -3.84
N ALA I 620 -64.57 -14.93 -3.33
CA ALA I 620 -65.43 -15.72 -4.20
C ALA I 620 -66.84 -15.17 -4.36
N LEU I 621 -67.29 -14.27 -3.48
CA LEU I 621 -68.60 -13.65 -3.69
C LEU I 621 -68.52 -12.25 -4.27
N VAL I 622 -67.40 -11.56 -4.07
CA VAL I 622 -67.26 -10.25 -4.70
C VAL I 622 -67.07 -10.42 -6.20
N LEU I 623 -66.48 -11.53 -6.63
CA LEU I 623 -66.48 -11.83 -8.04
C LEU I 623 -67.85 -12.26 -8.54
N SER I 624 -68.75 -12.65 -7.65
CA SER I 624 -70.07 -13.12 -8.01
C SER I 624 -71.08 -12.00 -8.08
N ASP I 625 -70.63 -10.75 -8.18
CA ASP I 625 -71.46 -9.59 -7.88
C ASP I 625 -72.33 -9.26 -9.07
N GLY I 626 -73.56 -9.76 -9.05
CA GLY I 626 -74.49 -9.53 -10.13
C GLY I 626 -74.45 -10.72 -11.06
N GLY I 627 -75.43 -11.60 -10.94
CA GLY I 627 -75.37 -12.85 -11.68
C GLY I 627 -75.79 -14.02 -10.85
N VAL I 628 -75.20 -15.19 -11.10
CA VAL I 628 -75.65 -16.43 -10.50
C VAL I 628 -74.43 -17.14 -9.92
N CYS I 629 -74.47 -17.43 -8.62
CA CYS I 629 -73.52 -18.32 -8.00
C CYS I 629 -74.06 -19.75 -7.97
N CYS I 630 -73.17 -20.69 -7.69
CA CYS I 630 -73.55 -22.10 -7.60
C CYS I 630 -72.80 -22.75 -6.47
N ILE I 631 -73.47 -23.62 -5.72
CA ILE I 631 -72.86 -24.33 -4.62
C ILE I 631 -73.35 -25.77 -4.64
N ASP I 632 -72.42 -26.72 -4.59
CA ASP I 632 -72.80 -28.12 -4.49
C ASP I 632 -72.57 -28.63 -3.08
N GLU I 633 -73.36 -29.65 -2.71
CA GLU I 633 -73.30 -30.34 -1.43
C GLU I 633 -73.48 -29.34 -0.28
N PHE I 634 -74.68 -28.77 -0.23
CA PHE I 634 -75.00 -27.74 0.75
C PHE I 634 -75.15 -28.30 2.15
N ASP I 635 -75.25 -29.63 2.29
CA ASP I 635 -75.29 -30.27 3.60
C ASP I 635 -73.96 -30.16 4.30
N LYS I 636 -72.87 -30.33 3.57
CA LYS I 636 -71.60 -30.58 4.20
C LYS I 636 -70.77 -29.32 4.35
N MET I 637 -71.40 -28.19 4.66
CA MET I 637 -70.62 -27.05 5.10
C MET I 637 -70.31 -27.16 6.58
N SER I 638 -69.58 -26.18 7.09
CA SER I 638 -69.25 -26.08 8.50
C SER I 638 -70.35 -25.31 9.22
N ASP I 639 -70.06 -24.84 10.42
CA ASP I 639 -70.86 -23.80 11.05
C ASP I 639 -70.36 -22.40 10.70
N SER I 640 -69.04 -22.24 10.54
CA SER I 640 -68.47 -20.94 10.21
C SER I 640 -68.82 -20.55 8.79
N THR I 641 -68.45 -21.39 7.82
CA THR I 641 -69.12 -21.34 6.54
C THR I 641 -70.56 -21.79 6.78
N ARG I 642 -71.48 -21.23 5.97
CA ARG I 642 -72.94 -21.18 6.05
C ARG I 642 -73.37 -20.11 7.06
N SER I 643 -72.48 -19.61 7.90
CA SER I 643 -72.76 -18.39 8.63
C SER I 643 -72.35 -17.16 7.85
N VAL I 644 -71.75 -17.33 6.68
CA VAL I 644 -71.64 -16.22 5.75
C VAL I 644 -73.00 -15.88 5.18
N LEU I 645 -73.78 -16.90 4.83
CA LEU I 645 -74.96 -16.71 4.00
C LEU I 645 -76.11 -16.06 4.74
N HIS I 646 -76.06 -16.00 6.07
CA HIS I 646 -77.06 -15.27 6.83
C HIS I 646 -77.00 -13.77 6.57
N GLU I 647 -75.86 -13.27 6.08
CA GLU I 647 -75.74 -11.87 5.74
C GLU I 647 -76.11 -11.63 4.29
N VAL I 648 -75.60 -12.49 3.39
CA VAL I 648 -75.81 -12.32 1.96
C VAL I 648 -77.27 -12.57 1.59
N MET I 649 -77.89 -13.57 2.20
CA MET I 649 -79.29 -13.84 1.89
C MET I 649 -80.22 -12.79 2.48
N GLU I 650 -79.89 -12.22 3.62
CA GLU I 650 -80.80 -11.30 4.30
C GLU I 650 -80.53 -9.83 3.99
N GLN I 651 -79.37 -9.33 4.40
CA GLN I 651 -79.12 -7.90 4.41
C GLN I 651 -78.73 -7.37 3.05
N GLN I 652 -78.28 -8.26 2.17
CA GLN I 652 -77.66 -7.96 0.89
C GLN I 652 -76.46 -7.02 1.09
N THR I 653 -75.59 -7.37 2.05
CA THR I 653 -74.31 -6.71 2.27
C THR I 653 -73.27 -7.77 2.61
N ILE I 654 -72.01 -7.34 2.68
CA ILE I 654 -70.93 -8.06 3.33
C ILE I 654 -70.17 -7.03 4.16
N SER I 655 -69.83 -7.40 5.39
CA SER I 655 -69.14 -6.48 6.29
C SER I 655 -67.79 -7.05 6.72
N ILE I 656 -66.75 -6.75 5.94
CA ILE I 656 -65.38 -7.06 6.30
C ILE I 656 -64.94 -6.07 7.37
N ALA I 657 -64.19 -6.54 8.37
CA ALA I 657 -63.78 -5.63 9.44
C ALA I 657 -62.34 -5.85 9.92
N LYS I 658 -61.55 -6.69 9.28
CA LYS I 658 -60.26 -7.01 9.85
C LYS I 658 -59.20 -6.00 9.39
N ALA I 659 -57.93 -6.36 9.61
CA ALA I 659 -56.83 -5.40 9.74
C ALA I 659 -56.53 -4.62 8.46
N GLY I 660 -56.95 -5.12 7.30
CA GLY I 660 -56.74 -4.36 6.09
C GLY I 660 -57.68 -3.18 5.98
N ILE I 661 -58.98 -3.46 5.87
CA ILE I 661 -59.98 -2.47 5.47
C ILE I 661 -61.22 -2.64 6.35
N ILE I 662 -61.70 -1.55 6.94
CA ILE I 662 -62.95 -1.59 7.68
C ILE I 662 -63.98 -0.82 6.88
N THR I 663 -64.70 -1.51 5.99
CA THR I 663 -65.66 -0.88 5.09
C THR I 663 -66.57 -1.97 4.53
N THR I 664 -67.88 -1.77 4.66
CA THR I 664 -68.82 -2.71 4.08
C THR I 664 -68.83 -2.60 2.56
N LEU I 665 -69.09 -3.70 1.89
CA LEU I 665 -69.15 -3.71 0.44
C LEU I 665 -70.16 -4.74 -0.03
N ASN I 666 -70.94 -4.35 -1.03
CA ASN I 666 -72.10 -5.12 -1.46
C ASN I 666 -71.72 -6.25 -2.40
N ALA I 667 -72.51 -7.32 -2.35
CA ALA I 667 -72.37 -8.41 -3.31
C ALA I 667 -73.77 -8.93 -3.60
N ARG I 668 -74.45 -8.29 -4.56
CA ARG I 668 -75.75 -8.77 -4.99
C ARG I 668 -75.55 -10.00 -5.88
N SER I 669 -76.32 -11.04 -5.62
CA SER I 669 -76.06 -12.32 -6.25
C SER I 669 -77.31 -13.18 -6.11
N SER I 670 -77.45 -14.15 -6.99
CA SER I 670 -78.60 -15.04 -6.99
C SER I 670 -78.11 -16.46 -6.76
N ILE I 671 -78.17 -16.89 -5.49
CA ILE I 671 -77.52 -18.12 -5.08
C ILE I 671 -78.38 -19.31 -5.48
N LEU I 672 -77.75 -20.28 -6.13
CA LEU I 672 -78.40 -21.55 -6.49
C LEU I 672 -77.60 -22.66 -5.84
N ALA I 673 -78.28 -23.66 -5.28
CA ALA I 673 -77.56 -24.69 -4.54
C ALA I 673 -78.28 -26.02 -4.67
N SER I 674 -77.68 -27.05 -4.06
CA SER I 674 -78.23 -28.39 -4.10
C SER I 674 -77.70 -29.22 -2.95
N ALA I 675 -78.42 -30.28 -2.61
CA ALA I 675 -78.03 -31.14 -1.49
C ALA I 675 -78.55 -32.55 -1.73
N ASN I 676 -77.83 -33.51 -1.15
CA ASN I 676 -78.15 -34.93 -1.30
C ASN I 676 -78.52 -35.50 0.04
N PRO I 677 -79.66 -36.17 0.18
CA PRO I 677 -80.12 -36.59 1.50
C PRO I 677 -79.35 -37.75 2.10
N ILE I 678 -79.78 -38.20 3.28
CA ILE I 678 -79.08 -39.25 4.00
C ILE I 678 -79.30 -40.61 3.33
N GLY I 679 -80.40 -40.72 2.57
CA GLY I 679 -80.98 -42.02 2.20
C GLY I 679 -80.08 -43.00 1.47
N SER I 680 -79.69 -42.72 0.21
CA SER I 680 -79.93 -41.50 -0.54
C SER I 680 -81.30 -41.42 -1.18
N ARG I 681 -82.00 -42.55 -1.20
CA ARG I 681 -83.37 -42.51 -1.71
C ARG I 681 -84.30 -41.88 -0.68
N TYR I 682 -85.20 -41.03 -1.18
CA TYR I 682 -86.24 -40.50 -0.33
C TYR I 682 -87.24 -41.60 -0.01
N ASN I 683 -87.54 -41.75 1.27
CA ASN I 683 -88.53 -42.72 1.66
C ASN I 683 -89.80 -42.03 2.11
N PRO I 684 -90.98 -42.59 1.81
CA PRO I 684 -92.21 -41.97 2.26
C PRO I 684 -92.43 -42.21 3.74
N ASN I 685 -93.45 -41.52 4.28
CA ASN I 685 -93.85 -41.57 5.69
C ASN I 685 -92.69 -41.21 6.60
N LEU I 686 -91.98 -40.15 6.22
CA LEU I 686 -90.88 -39.57 6.95
C LEU I 686 -90.91 -38.06 6.71
N PRO I 687 -90.62 -37.26 7.73
CA PRO I 687 -90.78 -35.81 7.58
C PRO I 687 -89.77 -35.22 6.62
N VAL I 688 -90.26 -34.29 5.78
CA VAL I 688 -89.47 -33.72 4.71
C VAL I 688 -88.33 -32.90 5.27
N THR I 689 -88.59 -32.21 6.38
CA THR I 689 -87.54 -31.42 7.03
C THR I 689 -86.48 -32.33 7.64
N GLU I 690 -86.87 -33.55 8.01
CA GLU I 690 -85.93 -34.44 8.67
C GLU I 690 -84.90 -34.99 7.68
N ASN I 691 -85.28 -35.16 6.42
CA ASN I 691 -84.48 -35.98 5.54
C ASN I 691 -83.33 -35.20 4.90
N ILE I 692 -83.24 -33.89 5.15
CA ILE I 692 -82.09 -33.09 4.75
C ILE I 692 -81.59 -32.33 5.98
N ASP I 693 -80.30 -32.45 6.28
CA ASP I 693 -79.75 -31.99 7.55
C ASP I 693 -79.51 -30.48 7.54
N LEU I 694 -80.60 -29.74 7.60
CA LEU I 694 -80.55 -28.29 7.73
C LEU I 694 -81.45 -27.84 8.86
N PRO I 695 -81.12 -26.73 9.51
CA PRO I 695 -82.11 -26.07 10.38
C PRO I 695 -83.23 -25.47 9.57
N PRO I 696 -84.47 -25.88 9.85
CA PRO I 696 -85.62 -25.49 9.01
C PRO I 696 -85.97 -24.01 9.02
N PRO I 697 -85.44 -23.14 9.90
CA PRO I 697 -85.49 -21.72 9.53
C PRO I 697 -84.64 -21.38 8.32
N LEU I 698 -83.44 -21.96 8.22
CA LEU I 698 -82.59 -21.66 7.07
C LEU I 698 -83.15 -22.32 5.81
N LEU I 699 -83.74 -23.50 5.95
CA LEU I 699 -84.47 -24.09 4.84
C LEU I 699 -85.71 -23.28 4.51
N SER I 700 -86.28 -22.60 5.51
CA SER I 700 -87.43 -21.74 5.29
C SER I 700 -87.06 -20.40 4.69
N ARG I 701 -85.78 -20.04 4.71
CA ARG I 701 -85.38 -18.75 4.15
C ARG I 701 -85.30 -18.80 2.62
N PHE I 702 -84.98 -19.94 2.05
CA PHE I 702 -84.93 -20.06 0.60
C PHE I 702 -86.30 -19.92 -0.03
N ASP I 703 -86.34 -19.19 -1.15
CA ASP I 703 -87.53 -18.87 -1.90
C ASP I 703 -88.22 -20.12 -2.43
N LEU I 704 -87.57 -20.82 -3.35
CA LEU I 704 -88.22 -21.87 -4.12
C LEU I 704 -87.46 -23.17 -3.89
N VAL I 705 -88.11 -24.11 -3.23
CA VAL I 705 -87.48 -25.37 -2.82
C VAL I 705 -88.10 -26.50 -3.61
N TYR I 706 -87.31 -27.15 -4.46
CA TYR I 706 -87.78 -28.31 -5.18
C TYR I 706 -87.40 -29.59 -4.45
N LEU I 707 -88.19 -30.63 -4.71
CA LEU I 707 -87.97 -31.95 -4.14
C LEU I 707 -88.28 -32.93 -5.27
N VAL I 708 -87.25 -33.27 -6.03
CA VAL I 708 -87.42 -34.10 -7.22
C VAL I 708 -87.19 -35.55 -6.84
N LEU I 709 -88.22 -36.38 -6.98
CA LEU I 709 -88.12 -37.79 -6.67
C LEU I 709 -88.46 -38.61 -7.91
N ASP I 710 -88.43 -39.92 -7.75
CA ASP I 710 -88.52 -40.85 -8.88
C ASP I 710 -89.85 -41.60 -8.82
N LYS I 711 -90.30 -42.01 -10.00
CA LYS I 711 -91.56 -42.75 -10.13
C LYS I 711 -91.25 -44.16 -10.61
N VAL I 712 -91.95 -45.15 -10.02
CA VAL I 712 -91.62 -46.55 -10.29
C VAL I 712 -92.34 -47.05 -11.53
N ASP I 713 -93.21 -46.23 -12.11
CA ASP I 713 -93.99 -46.64 -13.26
C ASP I 713 -93.13 -46.70 -14.51
N GLU I 714 -93.75 -47.14 -15.60
CA GLU I 714 -93.04 -47.72 -16.74
C GLU I 714 -93.17 -46.89 -18.01
N LYS I 715 -94.19 -46.04 -18.10
CA LYS I 715 -94.57 -45.45 -19.38
C LYS I 715 -93.58 -44.38 -19.83
N ASN I 716 -92.93 -43.69 -18.88
CA ASN I 716 -92.05 -42.59 -19.24
C ASN I 716 -90.71 -43.11 -19.76
N ASP I 717 -90.29 -44.28 -19.28
CA ASP I 717 -88.92 -44.74 -19.47
C ASP I 717 -88.64 -45.13 -20.91
N ARG I 718 -89.69 -45.51 -21.65
CA ARG I 718 -89.54 -45.73 -23.07
C ARG I 718 -89.13 -44.47 -23.79
N GLU I 719 -89.82 -43.36 -23.51
CA GLU I 719 -89.46 -42.08 -24.11
C GLU I 719 -88.10 -41.61 -23.61
N LEU I 720 -87.73 -42.01 -22.40
CA LEU I 720 -86.41 -41.65 -21.86
C LEU I 720 -85.29 -42.30 -22.67
N ALA I 721 -85.36 -43.62 -22.84
CA ALA I 721 -84.31 -44.31 -23.58
C ALA I 721 -84.34 -43.96 -25.05
N LYS I 722 -85.53 -43.64 -25.60
CA LYS I 722 -85.57 -43.18 -26.99
C LYS I 722 -84.93 -41.81 -27.15
N HIS I 723 -84.97 -40.99 -26.10
CA HIS I 723 -84.22 -39.73 -26.16
C HIS I 723 -82.71 -39.99 -26.14
N LEU I 724 -82.25 -40.88 -25.25
CA LEU I 724 -80.81 -41.14 -25.16
C LEU I 724 -80.25 -41.73 -26.45
N THR I 725 -80.91 -42.76 -26.99
CA THR I 725 -80.38 -43.37 -28.21
C THR I 725 -80.69 -42.48 -29.41
N ASN I 726 -81.64 -41.56 -29.27
CA ASN I 726 -81.76 -40.48 -30.25
C ASN I 726 -80.52 -39.60 -30.24
N LEU I 727 -79.94 -39.37 -29.07
CA LEU I 727 -78.75 -38.50 -28.99
C LEU I 727 -77.51 -39.21 -29.51
N TYR I 728 -77.35 -40.50 -29.21
CA TYR I 728 -76.10 -41.19 -29.53
C TYR I 728 -75.96 -41.43 -31.03
N LEU I 729 -77.07 -41.47 -31.75
CA LEU I 729 -77.08 -41.95 -33.11
C LEU I 729 -76.62 -40.85 -34.07
N GLU I 730 -76.17 -41.28 -35.26
CA GLU I 730 -75.73 -40.53 -36.45
C GLU I 730 -74.70 -39.44 -36.17
N ASP I 731 -73.96 -39.52 -35.06
CA ASP I 731 -72.76 -38.75 -34.66
C ASP I 731 -72.79 -37.27 -35.05
N LYS I 732 -73.94 -36.62 -34.90
CA LYS I 732 -74.12 -35.23 -35.28
C LYS I 732 -75.13 -34.62 -34.32
N PRO I 733 -74.90 -33.37 -33.91
CA PRO I 733 -75.88 -32.70 -33.03
C PRO I 733 -77.15 -32.33 -33.77
N GLU I 734 -78.20 -33.11 -33.54
CA GLU I 734 -79.51 -32.90 -34.14
C GLU I 734 -80.58 -32.79 -33.06
N HIS I 735 -80.16 -32.92 -31.79
CA HIS I 735 -80.88 -33.49 -30.66
C HIS I 735 -82.39 -33.31 -30.61
N ILE I 736 -82.89 -32.07 -30.71
CA ILE I 736 -84.33 -31.84 -30.75
C ILE I 736 -84.67 -30.96 -31.94
N SER I 737 -85.29 -31.56 -32.95
CA SER I 737 -85.84 -30.83 -34.08
C SER I 737 -87.28 -31.22 -34.37
N GLN I 738 -87.79 -32.25 -33.69
CA GLN I 738 -89.12 -32.77 -33.92
C GLN I 738 -89.80 -33.02 -32.58
N ASP I 739 -91.06 -32.58 -32.46
CA ASP I 739 -91.70 -31.65 -33.38
C ASP I 739 -91.69 -30.26 -32.73
N ASP I 740 -90.53 -29.62 -32.75
CA ASP I 740 -90.29 -28.46 -31.91
C ASP I 740 -89.43 -27.45 -32.65
N VAL I 741 -89.67 -26.17 -32.37
CA VAL I 741 -88.84 -25.08 -32.85
C VAL I 741 -88.04 -24.55 -31.67
N LEU I 742 -86.73 -24.45 -31.83
CA LEU I 742 -85.87 -24.02 -30.74
C LEU I 742 -85.05 -22.82 -31.21
N PRO I 743 -85.18 -21.66 -30.60
CA PRO I 743 -84.27 -20.56 -30.91
C PRO I 743 -82.88 -20.84 -30.37
N VAL I 744 -81.87 -20.50 -31.16
CA VAL I 744 -80.50 -20.78 -30.77
C VAL I 744 -79.99 -19.65 -29.90
N GLU I 745 -79.97 -18.44 -30.46
CA GLU I 745 -79.48 -17.26 -29.74
C GLU I 745 -80.44 -16.09 -29.80
N PHE I 746 -81.71 -16.33 -30.17
CA PHE I 746 -82.72 -15.30 -29.98
C PHE I 746 -82.94 -15.01 -28.52
N LEU I 747 -82.81 -16.03 -27.68
CA LEU I 747 -83.28 -15.90 -26.31
C LEU I 747 -82.35 -15.04 -25.46
N THR I 748 -81.07 -14.93 -25.81
CA THR I 748 -80.19 -14.09 -25.01
C THR I 748 -80.50 -12.61 -25.20
N MET I 749 -80.64 -12.18 -26.45
CA MET I 749 -81.05 -10.80 -26.67
C MET I 749 -82.52 -10.58 -26.33
N TYR I 750 -83.33 -11.65 -26.32
CA TYR I 750 -84.68 -11.54 -25.82
C TYR I 750 -84.67 -11.26 -24.33
N ILE I 751 -83.78 -11.93 -23.59
CA ILE I 751 -83.72 -11.75 -22.15
C ILE I 751 -83.13 -10.39 -21.80
N SER I 752 -82.07 -9.97 -22.51
CA SER I 752 -81.46 -8.67 -22.21
C SER I 752 -82.40 -7.53 -22.58
N TYR I 753 -83.07 -7.62 -23.73
CA TYR I 753 -84.07 -6.61 -24.08
C TYR I 753 -85.25 -6.65 -23.12
N ALA I 754 -85.53 -7.81 -22.55
CA ALA I 754 -86.51 -7.89 -21.47
C ALA I 754 -85.95 -7.46 -20.13
N LYS I 755 -84.66 -7.13 -20.05
CA LYS I 755 -84.06 -6.71 -18.81
C LYS I 755 -83.80 -5.21 -18.76
N GLU I 756 -83.64 -4.53 -19.90
CA GLU I 756 -83.50 -3.07 -19.81
C GLU I 756 -84.83 -2.33 -19.91
N HIS I 757 -85.54 -2.49 -21.02
CA HIS I 757 -86.60 -1.56 -21.38
C HIS I 757 -87.95 -1.91 -20.79
N ILE I 758 -88.00 -2.59 -19.65
CA ILE I 758 -89.26 -2.89 -18.97
C ILE I 758 -89.14 -2.47 -17.51
N HIS I 759 -90.17 -1.79 -17.00
CA HIS I 759 -90.32 -1.56 -15.58
C HIS I 759 -91.75 -1.94 -15.18
N PRO I 760 -91.95 -3.15 -14.66
CA PRO I 760 -93.30 -3.58 -14.33
C PRO I 760 -93.74 -3.07 -12.96
N ILE I 761 -95.01 -2.69 -12.89
CA ILE I 761 -95.60 -2.17 -11.67
C ILE I 761 -96.81 -3.04 -11.34
N ILE I 762 -97.08 -3.23 -10.05
CA ILE I 762 -97.98 -4.26 -9.56
C ILE I 762 -99.21 -3.70 -8.86
N THR I 763 -99.80 -2.65 -9.44
CA THR I 763 -100.84 -1.84 -8.81
C THR I 763 -102.13 -2.56 -8.45
N GLU I 764 -103.06 -1.78 -7.88
CA GLU I 764 -104.15 -2.11 -6.98
C GLU I 764 -104.87 -3.45 -7.13
N ALA I 765 -105.26 -3.79 -8.36
CA ALA I 765 -106.32 -4.77 -8.59
C ALA I 765 -105.96 -6.19 -8.18
N ALA I 766 -104.69 -6.49 -7.89
CA ALA I 766 -104.29 -7.84 -7.51
C ALA I 766 -104.01 -8.00 -6.02
N LYS I 767 -104.06 -6.91 -5.24
CA LYS I 767 -103.74 -7.00 -3.83
C LYS I 767 -104.78 -7.78 -3.04
N THR I 768 -106.02 -7.82 -3.53
CA THR I 768 -107.06 -8.61 -2.88
C THR I 768 -106.75 -10.10 -2.98
N GLU I 769 -106.39 -10.55 -4.18
CA GLU I 769 -106.08 -11.97 -4.37
C GLU I 769 -104.76 -12.34 -3.73
N LEU I 770 -103.81 -11.41 -3.72
CA LEU I 770 -102.48 -11.71 -3.20
C LEU I 770 -102.51 -11.80 -1.67
N VAL I 771 -103.10 -10.79 -1.01
CA VAL I 771 -103.23 -10.84 0.44
C VAL I 771 -104.17 -11.95 0.86
N ARG I 772 -105.20 -12.20 0.04
CA ARG I 772 -106.15 -13.28 0.30
C ARG I 772 -105.47 -14.64 0.31
N ALA I 773 -104.59 -14.88 -0.66
CA ALA I 773 -103.88 -16.15 -0.71
C ALA I 773 -102.82 -16.24 0.37
N TYR I 774 -102.26 -15.11 0.81
CA TYR I 774 -101.26 -15.17 1.87
C TYR I 774 -101.90 -15.53 3.20
N VAL I 775 -103.04 -14.93 3.51
CA VAL I 775 -103.75 -15.28 4.74
C VAL I 775 -104.29 -16.70 4.66
N GLY I 776 -104.68 -17.14 3.45
CA GLY I 776 -105.00 -18.54 3.27
C GLY I 776 -103.81 -19.47 3.50
N MET I 777 -102.61 -19.00 3.21
CA MET I 777 -101.41 -19.77 3.50
C MET I 777 -101.10 -19.79 4.99
N ARG I 778 -101.41 -18.70 5.69
CA ARG I 778 -101.16 -18.63 7.13
C ARG I 778 -102.11 -19.54 7.92
N LYS I 779 -103.19 -20.01 7.30
CA LYS I 779 -104.23 -20.80 7.96
C LYS I 779 -103.68 -22.10 8.54
N MET I 780 -102.72 -22.71 7.88
CA MET I 780 -102.18 -23.98 8.33
C MET I 780 -101.31 -23.77 9.57
N GLY I 781 -101.61 -24.51 10.62
CA GLY I 781 -100.87 -24.42 11.87
C GLY I 781 -100.98 -25.70 12.65
N ASP I 782 -101.21 -25.58 13.97
CA ASP I 782 -101.47 -26.70 14.89
C ASP I 782 -100.36 -27.75 14.93
N ARG I 790 -92.86 -30.07 10.46
CA ARG I 790 -92.67 -29.83 9.03
C ARG I 790 -92.49 -28.35 8.72
N ILE I 791 -92.57 -27.98 7.45
CA ILE I 791 -92.28 -26.62 7.02
C ILE I 791 -93.46 -25.72 7.33
N THR I 792 -93.17 -24.44 7.56
CA THR I 792 -94.19 -23.40 7.75
C THR I 792 -93.98 -22.30 6.71
N ALA I 793 -94.73 -21.21 6.86
CA ALA I 793 -94.73 -20.11 5.91
C ALA I 793 -94.60 -18.79 6.63
N THR I 794 -93.65 -17.98 6.21
CA THR I 794 -93.38 -16.67 6.79
C THR I 794 -93.51 -15.59 5.73
N THR I 795 -93.11 -14.37 6.11
CA THR I 795 -93.18 -13.21 5.23
C THR I 795 -92.28 -13.34 3.99
N ARG I 796 -91.26 -14.20 4.05
CA ARG I 796 -90.44 -14.49 2.89
C ARG I 796 -91.24 -15.16 1.78
N GLN I 797 -92.33 -15.85 2.13
CA GLN I 797 -93.24 -16.32 1.09
C GLN I 797 -93.96 -15.16 0.42
N LEU I 798 -94.24 -14.08 1.16
CA LEU I 798 -94.99 -12.97 0.58
C LEU I 798 -94.09 -12.12 -0.32
N GLU I 799 -92.90 -11.79 0.19
CA GLU I 799 -91.85 -11.15 -0.60
C GLU I 799 -91.51 -12.00 -1.83
N SER I 800 -91.49 -13.32 -1.64
CA SER I 800 -91.32 -14.27 -2.72
C SER I 800 -92.41 -14.14 -3.77
N MET I 801 -93.67 -14.04 -3.35
CA MET I 801 -94.75 -14.03 -4.31
C MET I 801 -94.81 -12.74 -5.10
N ILE I 802 -94.45 -11.61 -4.48
CA ILE I 802 -94.47 -10.39 -5.28
C ILE I 802 -93.29 -10.34 -6.25
N ARG I 803 -92.11 -10.83 -5.84
CA ARG I 803 -90.96 -10.69 -6.73
C ARG I 803 -91.00 -11.72 -7.85
N LEU I 804 -91.45 -12.93 -7.53
CA LEU I 804 -91.65 -13.94 -8.56
C LEU I 804 -92.81 -13.55 -9.48
N ALA I 805 -93.84 -12.92 -8.92
CA ALA I 805 -94.99 -12.51 -9.72
C ALA I 805 -94.62 -11.45 -10.73
N GLU I 806 -93.96 -10.38 -10.27
CA GLU I 806 -93.53 -9.33 -11.20
C GLU I 806 -92.42 -9.82 -12.10
N ALA I 807 -91.69 -10.86 -11.71
CA ALA I 807 -90.74 -11.48 -12.63
C ALA I 807 -91.46 -12.17 -13.77
N HIS I 808 -92.61 -12.79 -13.48
CA HIS I 808 -93.43 -13.32 -14.56
C HIS I 808 -94.02 -12.20 -15.40
N ALA I 809 -94.31 -11.06 -14.79
CA ALA I 809 -94.83 -9.94 -15.57
C ALA I 809 -93.75 -9.28 -16.41
N LYS I 810 -92.47 -9.46 -16.05
CA LYS I 810 -91.39 -8.95 -16.88
C LYS I 810 -91.34 -9.67 -18.22
N MET I 811 -91.66 -10.96 -18.21
CA MET I 811 -91.84 -11.71 -19.44
C MET I 811 -93.08 -11.20 -20.16
N LYS I 812 -93.06 -11.34 -21.49
CA LYS I 812 -94.17 -11.04 -22.40
C LYS I 812 -94.49 -9.56 -22.49
N LEU I 813 -93.56 -8.70 -22.05
CA LEU I 813 -93.48 -7.28 -22.40
C LEU I 813 -94.72 -6.50 -21.94
N LYS I 814 -94.93 -6.49 -20.62
CA LYS I 814 -96.09 -5.82 -20.02
C LYS I 814 -95.61 -4.96 -18.86
N ASN I 815 -95.85 -3.64 -18.95
CA ASN I 815 -95.39 -2.72 -17.92
C ASN I 815 -96.24 -2.73 -16.66
N VAL I 816 -97.37 -3.43 -16.66
CA VAL I 816 -98.18 -3.61 -15.47
C VAL I 816 -98.46 -5.09 -15.30
N VAL I 817 -98.85 -5.47 -14.10
CA VAL I 817 -99.23 -6.84 -13.84
C VAL I 817 -100.74 -6.92 -13.98
N GLU I 818 -101.26 -8.13 -14.10
CA GLU I 818 -102.68 -8.37 -14.18
C GLU I 818 -103.09 -9.27 -13.01
N LEU I 819 -104.36 -9.15 -12.62
CA LEU I 819 -104.97 -10.08 -11.65
C LEU I 819 -104.81 -11.52 -12.11
N GLU I 820 -105.08 -11.78 -13.38
CA GLU I 820 -104.71 -13.04 -13.99
C GLU I 820 -103.19 -13.08 -14.19
N ASP I 821 -102.63 -14.30 -14.12
CA ASP I 821 -101.23 -14.81 -14.09
C ASP I 821 -100.61 -14.80 -12.70
N VAL I 822 -101.30 -14.30 -11.67
CA VAL I 822 -100.79 -14.45 -10.32
C VAL I 822 -101.06 -15.86 -9.82
N GLN I 823 -102.04 -16.53 -10.42
CA GLN I 823 -102.47 -17.85 -9.96
C GLN I 823 -101.37 -18.89 -10.18
N GLU I 824 -100.76 -18.90 -11.36
CA GLU I 824 -99.66 -19.84 -11.57
C GLU I 824 -98.38 -19.40 -10.86
N ALA I 825 -98.26 -18.11 -10.55
CA ALA I 825 -97.17 -17.68 -9.67
C ALA I 825 -97.37 -18.20 -8.26
N VAL I 826 -98.60 -18.52 -7.87
CA VAL I 826 -98.81 -19.29 -6.65
C VAL I 826 -98.55 -20.77 -6.92
N ARG I 827 -98.93 -21.24 -8.11
CA ARG I 827 -98.84 -22.66 -8.43
C ARG I 827 -97.40 -23.16 -8.53
N LEU I 828 -96.44 -22.26 -8.76
CA LEU I 828 -95.05 -22.70 -8.74
C LEU I 828 -94.60 -23.13 -7.35
N ILE I 829 -95.22 -22.59 -6.31
CA ILE I 829 -94.98 -23.14 -5.00
C ILE I 829 -95.91 -24.33 -4.77
N ARG I 830 -97.12 -24.29 -5.34
CA ARG I 830 -98.08 -25.36 -5.12
C ARG I 830 -97.71 -26.67 -5.79
N SER I 831 -96.80 -26.65 -6.77
CA SER I 831 -96.38 -27.91 -7.38
C SER I 831 -95.46 -28.67 -6.44
N ALA I 832 -94.54 -27.95 -5.80
CA ALA I 832 -93.78 -28.52 -4.70
C ALA I 832 -94.68 -28.93 -3.55
N ILE I 833 -95.75 -28.15 -3.29
CA ILE I 833 -96.67 -28.49 -2.20
C ILE I 833 -97.43 -29.79 -2.48
N LYS I 834 -97.82 -30.03 -3.74
CA LYS I 834 -98.29 -31.37 -4.10
C LYS I 834 -97.18 -32.39 -4.07
N ASP I 835 -95.93 -31.97 -4.24
CA ASP I 835 -94.81 -32.88 -4.00
C ASP I 835 -94.42 -32.97 -2.53
N TYR I 836 -95.24 -32.47 -1.59
CA TYR I 836 -94.94 -32.61 -0.17
C TYR I 836 -95.94 -33.51 0.55
N ALA I 837 -96.82 -34.20 -0.17
CA ALA I 837 -97.84 -35.05 0.46
C ALA I 837 -97.30 -36.45 0.75
N THR I 838 -96.84 -37.15 -0.29
CA THR I 838 -96.36 -38.55 -0.24
C THR I 838 -97.33 -39.52 0.41
N SER J 2 30.15 -9.42 6.11
CA SER J 2 28.96 -10.23 6.28
C SER J 2 28.98 -10.91 7.63
N PHE J 3 28.86 -10.12 8.69
CA PHE J 3 28.95 -10.63 10.04
C PHE J 3 27.56 -10.91 10.59
N ASP J 4 27.49 -11.17 11.90
CA ASP J 4 26.26 -11.40 12.63
C ASP J 4 25.99 -10.25 13.60
N ARG J 5 24.87 -10.34 14.31
CA ARG J 5 24.37 -9.20 15.05
C ARG J 5 25.09 -9.06 16.40
N PRO J 6 25.13 -7.86 16.96
CA PRO J 6 25.66 -7.69 18.31
C PRO J 6 24.60 -7.99 19.37
N GLU J 7 25.04 -7.95 20.63
CA GLU J 7 24.23 -8.36 21.76
C GLU J 7 24.32 -7.32 22.86
N ILE J 8 23.31 -7.29 23.72
CA ILE J 8 23.23 -6.33 24.81
C ILE J 8 22.88 -7.09 26.08
N TYR J 9 23.59 -6.82 27.16
CA TYR J 9 23.31 -7.47 28.44
C TYR J 9 23.72 -6.53 29.57
N SER J 10 23.84 -7.05 30.79
CA SER J 10 23.99 -6.18 31.95
C SER J 10 24.61 -6.96 33.10
N ALA J 11 24.87 -6.26 34.21
CA ALA J 11 25.36 -6.81 35.47
C ALA J 11 25.20 -5.83 36.62
N PRO J 12 24.57 -6.22 37.73
CA PRO J 12 24.37 -5.28 38.84
C PRO J 12 25.65 -5.07 39.63
N VAL J 13 26.10 -3.83 39.68
CA VAL J 13 27.38 -3.49 40.27
C VAL J 13 27.22 -2.62 41.51
N LEU J 14 26.47 -1.55 41.40
CA LEU J 14 26.46 -0.52 42.41
C LEU J 14 25.03 -0.21 42.85
N GLN J 15 24.85 0.06 44.13
CA GLN J 15 23.61 0.61 44.66
C GLN J 15 23.90 2.01 45.20
N GLY J 16 22.97 2.94 45.00
CA GLY J 16 21.73 2.77 44.28
C GLY J 16 20.67 3.69 44.85
N GLU J 17 19.93 4.37 43.99
CA GLU J 17 18.92 5.32 44.42
C GLU J 17 17.72 4.53 44.94
N SER J 18 17.80 4.12 46.20
CA SER J 18 16.79 3.26 46.82
C SER J 18 16.23 3.93 48.07
N PRO J 19 15.21 4.78 47.93
CA PRO J 19 14.53 5.27 49.15
C PRO J 19 13.77 4.21 49.97
N ASN J 20 12.93 3.28 49.44
CA ASN J 20 12.48 3.12 48.05
C ASN J 20 11.03 3.55 47.92
N ASP J 21 10.69 4.07 46.76
CA ASP J 21 9.53 4.93 46.57
C ASP J 21 8.22 4.16 46.46
N ASP J 22 8.25 2.83 46.62
CA ASP J 22 7.08 1.95 46.57
C ASP J 22 6.36 2.07 45.22
N ASP J 23 7.08 1.58 44.21
CA ASP J 23 6.68 1.73 42.82
C ASP J 23 6.59 0.31 42.23
N ASN J 24 6.62 0.23 40.90
CA ASN J 24 6.28 -0.99 40.17
C ASN J 24 7.06 -2.22 40.60
N THR J 25 8.38 -2.12 40.72
CA THR J 25 9.10 -3.15 41.46
C THR J 25 9.25 -2.71 42.90
N GLU J 26 9.62 -3.68 43.74
CA GLU J 26 9.70 -3.56 45.20
C GLU J 26 8.32 -3.27 45.82
N ILE J 27 7.27 -3.57 45.07
CA ILE J 27 6.03 -4.12 45.60
C ILE J 27 6.09 -5.64 45.59
N ILE J 28 6.72 -6.18 44.55
CA ILE J 28 6.84 -7.63 44.36
C ILE J 28 7.68 -8.25 45.47
N LYS J 29 8.54 -7.45 46.12
CA LYS J 29 9.22 -7.91 47.33
C LYS J 29 8.24 -8.26 48.45
N SER J 30 7.07 -7.61 48.49
CA SER J 30 6.12 -7.91 49.54
C SER J 30 5.34 -9.18 49.25
N PHE J 31 5.27 -9.60 47.99
CA PHE J 31 4.58 -10.83 47.68
C PHE J 31 5.48 -12.04 47.65
N LYS J 32 6.75 -11.85 47.29
CA LYS J 32 7.73 -12.88 47.59
C LYS J 32 7.91 -13.00 49.10
N ASN J 33 7.67 -11.92 49.84
CA ASN J 33 7.55 -12.05 51.29
C ASN J 33 6.17 -12.49 51.73
N PHE J 34 5.20 -12.59 50.84
CA PHE J 34 3.86 -12.96 51.30
C PHE J 34 3.60 -14.44 51.12
N ILE J 35 4.00 -15.01 49.99
CA ILE J 35 3.75 -16.44 49.79
C ILE J 35 4.72 -17.27 50.61
N LEU J 36 6.01 -16.94 50.54
CA LEU J 36 7.01 -17.71 51.27
C LEU J 36 6.91 -17.45 52.76
N GLU J 37 6.95 -16.17 53.16
CA GLU J 37 7.20 -15.78 54.54
C GLU J 37 5.92 -15.53 55.30
N PHE J 38 4.87 -16.30 55.01
CA PHE J 38 3.68 -16.26 55.84
C PHE J 38 3.51 -17.60 56.55
N ARG J 39 2.94 -17.54 57.76
CA ARG J 39 2.48 -18.71 58.48
C ARG J 39 1.39 -18.27 59.44
N LEU J 40 0.15 -18.66 59.17
CA LEU J 40 -0.85 -18.43 60.21
C LEU J 40 -0.75 -19.54 61.22
N ASP J 41 -1.37 -19.31 62.37
CA ASP J 41 -1.20 -20.21 63.50
C ASP J 41 -2.01 -21.48 63.28
N SER J 42 -1.34 -22.63 63.30
CA SER J 42 0.10 -22.72 63.53
C SER J 42 0.80 -23.38 62.35
N GLN J 43 0.41 -22.99 61.14
CA GLN J 43 0.84 -23.71 59.97
C GLN J 43 0.74 -22.80 58.75
N PHE J 44 1.78 -22.81 57.92
CA PHE J 44 1.75 -22.06 56.66
C PHE J 44 0.89 -22.80 55.64
N ILE J 45 0.09 -22.05 54.90
CA ILE J 45 -0.97 -22.64 54.10
C ILE J 45 -0.73 -22.50 52.60
N TYR J 46 -0.06 -21.45 52.15
CA TYR J 46 0.01 -21.21 50.71
C TYR J 46 1.12 -22.00 50.04
N ARG J 47 2.23 -22.15 50.75
CA ARG J 47 3.38 -22.86 50.22
C ARG J 47 3.06 -24.33 49.97
N ASP J 48 2.32 -24.95 50.89
CA ASP J 48 1.95 -26.35 50.73
C ASP J 48 0.96 -26.54 49.59
N GLN J 49 0.05 -25.59 49.41
CA GLN J 49 -0.88 -25.67 48.29
C GLN J 49 -0.15 -25.53 46.97
N LEU J 50 0.89 -24.71 46.93
CA LEU J 50 1.62 -24.54 45.68
C LEU J 50 2.43 -25.79 45.35
N ARG J 51 3.21 -26.30 46.32
CA ARG J 51 4.00 -27.49 46.04
C ARG J 51 3.14 -28.73 45.87
N ASN J 52 1.89 -28.70 46.33
CA ASN J 52 0.95 -29.74 45.97
C ASN J 52 0.51 -29.59 44.52
N ASN J 53 0.13 -28.36 44.13
CA ASN J 53 -0.42 -28.10 42.79
C ASN J 53 0.58 -28.27 41.68
N ILE J 54 1.88 -28.36 41.97
CA ILE J 54 2.83 -28.56 40.89
C ILE J 54 2.77 -29.99 40.35
N LEU J 55 2.63 -30.99 41.24
CA LEU J 55 2.68 -32.39 40.80
C LEU J 55 1.45 -32.78 39.98
N VAL J 56 0.27 -32.31 40.38
CA VAL J 56 -0.96 -32.66 39.67
C VAL J 56 -1.11 -31.85 38.39
N LYS J 57 -0.25 -30.85 38.19
CA LYS J 57 -0.27 -29.90 37.07
C LYS J 57 -1.62 -29.18 37.01
N ASN J 58 -1.82 -28.34 38.03
CA ASN J 58 -3.02 -27.51 38.04
C ASN J 58 -2.72 -26.07 37.66
N TYR J 59 -1.54 -25.58 38.02
CA TYR J 59 -1.01 -24.28 37.59
C TYR J 59 -1.88 -23.12 38.02
N SER J 60 -2.37 -23.15 39.25
CA SER J 60 -3.29 -22.15 39.73
C SER J 60 -2.97 -21.84 41.18
N LEU J 61 -3.67 -20.86 41.73
CA LEU J 61 -3.56 -20.56 43.15
C LEU J 61 -4.81 -19.82 43.59
N THR J 62 -5.22 -20.05 44.83
CA THR J 62 -6.40 -19.39 45.40
C THR J 62 -5.99 -18.53 46.59
N VAL J 63 -6.59 -17.34 46.68
CA VAL J 63 -6.24 -16.32 47.66
C VAL J 63 -7.50 -15.90 48.38
N ASN J 64 -7.41 -15.73 49.70
CA ASN J 64 -8.47 -15.07 50.45
C ASN J 64 -8.13 -13.59 50.58
N MET J 65 -9.10 -12.74 50.33
CA MET J 65 -8.82 -11.31 50.25
C MET J 65 -8.89 -10.64 51.61
N GLU J 66 -9.78 -11.13 52.48
CA GLU J 66 -9.83 -10.69 53.87
C GLU J 66 -8.54 -11.05 54.61
N HIS J 67 -7.87 -12.06 54.11
CA HIS J 67 -6.57 -12.41 54.62
C HIS J 67 -5.51 -11.38 54.20
N LEU J 68 -5.68 -10.79 53.01
CA LEU J 68 -4.77 -9.73 52.55
C LEU J 68 -4.94 -8.46 53.36
N ILE J 69 -6.18 -8.08 53.67
CA ILE J 69 -6.32 -6.94 54.58
C ILE J 69 -5.88 -7.32 55.99
N GLY J 70 -5.90 -8.61 56.32
CA GLY J 70 -5.36 -9.04 57.60
C GLY J 70 -3.87 -8.85 57.75
N TYR J 71 -3.08 -9.24 56.74
CA TYR J 71 -1.63 -9.22 56.90
C TYR J 71 -1.05 -7.83 56.74
N ASN J 72 -1.19 -7.26 55.54
CA ASN J 72 -0.75 -5.92 55.26
C ASN J 72 -2.00 -5.06 55.13
N GLU J 73 -1.83 -3.77 54.90
CA GLU J 73 -3.01 -2.92 54.78
C GLU J 73 -3.00 -2.03 53.56
N ASP J 74 -1.84 -1.54 53.12
CA ASP J 74 -1.87 -0.52 52.09
C ASP J 74 -2.05 -1.12 50.70
N ILE J 75 -1.50 -2.32 50.47
CA ILE J 75 -1.66 -2.98 49.19
C ILE J 75 -3.10 -3.44 48.99
N TYR J 76 -3.88 -3.54 50.06
CA TYR J 76 -5.29 -3.87 49.92
C TYR J 76 -6.05 -2.76 49.22
N LYS J 77 -5.95 -1.53 49.73
CA LYS J 77 -6.63 -0.43 49.05
C LYS J 77 -5.93 -0.05 47.75
N LYS J 78 -4.63 -0.34 47.64
CA LYS J 78 -3.94 -0.19 46.36
C LYS J 78 -4.54 -1.11 45.31
N LEU J 79 -4.85 -2.34 45.71
CA LEU J 79 -5.49 -3.30 44.82
C LEU J 79 -6.92 -2.90 44.52
N SER J 80 -7.64 -2.36 45.49
CA SER J 80 -9.01 -1.95 45.21
C SER J 80 -9.10 -0.63 44.47
N ASP J 81 -7.99 0.08 44.28
CA ASP J 81 -8.05 1.26 43.42
C ASP J 81 -8.03 0.89 41.94
N GLU J 82 -6.95 0.29 41.47
CA GLU J 82 -6.74 0.04 40.06
C GLU J 82 -6.38 -1.42 39.87
N PRO J 83 -7.34 -2.29 39.81
CA PRO J 83 -7.05 -3.73 39.86
C PRO J 83 -6.56 -4.28 38.55
N SER J 84 -6.81 -3.56 37.46
CA SER J 84 -6.44 -4.07 36.15
C SER J 84 -4.96 -3.94 35.83
N ASP J 85 -4.17 -3.35 36.72
CA ASP J 85 -2.76 -3.12 36.47
C ASP J 85 -1.86 -3.65 37.58
N ILE J 86 -2.43 -4.30 38.59
CA ILE J 86 -1.65 -4.73 39.74
C ILE J 86 -1.71 -6.25 39.83
N ILE J 87 -2.76 -6.82 39.25
CA ILE J 87 -2.89 -8.29 39.20
C ILE J 87 -1.80 -8.99 38.38
N PRO J 88 -1.42 -8.55 37.16
CA PRO J 88 -0.31 -9.24 36.47
C PRO J 88 1.04 -9.15 37.18
N LEU J 89 1.25 -8.13 38.02
CA LEU J 89 2.40 -8.12 38.91
C LEU J 89 2.34 -9.29 39.88
N PHE J 90 1.15 -9.65 40.34
CA PHE J 90 1.07 -10.78 41.24
C PHE J 90 1.31 -12.06 40.48
N GLU J 91 0.92 -12.10 39.20
CA GLU J 91 1.19 -13.28 38.39
C GLU J 91 2.68 -13.53 38.22
N THR J 92 3.45 -12.48 37.88
CA THR J 92 4.89 -12.67 37.77
C THR J 92 5.53 -12.98 39.12
N ALA J 93 4.97 -12.38 40.18
CA ALA J 93 5.41 -12.67 41.53
C ALA J 93 5.24 -14.12 41.89
N ILE J 94 4.19 -14.76 41.39
CA ILE J 94 4.03 -16.18 41.67
C ILE J 94 5.00 -17.01 40.83
N THR J 95 5.14 -16.68 39.53
CA THR J 95 5.90 -17.59 38.69
C THR J 95 7.40 -17.57 38.97
N GLN J 96 7.94 -16.47 39.53
CA GLN J 96 9.34 -16.50 39.94
C GLN J 96 9.59 -17.49 41.07
N VAL J 97 8.60 -17.69 41.94
CA VAL J 97 8.76 -18.69 42.99
C VAL J 97 8.54 -20.08 42.43
N ALA J 98 7.62 -20.19 41.47
CA ALA J 98 7.26 -21.50 40.92
C ALA J 98 8.41 -22.14 40.16
N LYS J 99 9.30 -21.33 39.56
CA LYS J 99 10.49 -21.92 38.94
C LYS J 99 11.39 -22.58 39.97
N ARG J 100 11.60 -21.93 41.12
CA ARG J 100 12.49 -22.45 42.15
C ARG J 100 11.96 -23.74 42.75
N ILE J 101 10.67 -23.75 43.12
CA ILE J 101 10.09 -24.97 43.70
C ILE J 101 10.03 -26.08 42.66
N SER J 102 9.86 -25.72 41.39
CA SER J 102 9.81 -26.72 40.34
C SER J 102 11.16 -27.40 40.13
N ILE J 103 12.24 -26.63 40.09
CA ILE J 103 13.54 -27.25 39.82
C ILE J 103 14.05 -28.02 41.03
N LEU J 104 13.84 -27.48 42.24
CA LEU J 104 14.27 -28.24 43.42
C LEU J 104 13.47 -29.52 43.61
N SER J 105 12.19 -29.53 43.27
CA SER J 105 11.41 -30.75 43.42
C SER J 105 11.71 -31.75 42.31
N ARG J 106 11.84 -31.27 41.07
CA ARG J 106 12.04 -32.17 39.95
C ARG J 106 13.43 -32.78 39.96
N ALA J 107 14.44 -31.97 40.25
CA ALA J 107 15.81 -32.49 40.18
C ALA J 107 16.16 -33.32 41.40
N GLN J 108 15.53 -33.07 42.54
CA GLN J 108 15.76 -33.87 43.75
C GLN J 108 14.41 -34.36 44.27
N SER J 109 14.10 -35.64 44.08
CA SER J 109 14.94 -36.58 43.35
C SER J 109 14.11 -37.40 42.36
N ALA J 110 13.98 -36.88 41.15
CA ALA J 110 13.28 -37.61 40.09
C ALA J 110 14.18 -37.70 38.87
N ASN J 130 12.00 -25.95 31.93
CA ASN J 130 11.60 -25.99 30.53
C ASN J 130 10.62 -27.13 30.30
N SER J 131 9.36 -26.83 29.99
CA SER J 131 8.83 -25.47 29.92
C SER J 131 7.75 -25.28 30.97
N LEU J 132 7.42 -24.04 31.30
CA LEU J 132 6.42 -23.79 32.34
C LEU J 132 5.76 -22.43 32.12
N PRO J 133 4.45 -22.39 31.90
CA PRO J 133 3.78 -21.14 31.54
C PRO J 133 3.53 -20.27 32.77
N THR J 134 2.81 -19.18 32.55
CA THR J 134 2.52 -18.22 33.60
C THR J 134 1.25 -18.66 34.33
N PHE J 135 1.25 -18.51 35.65
CA PHE J 135 0.14 -19.00 36.45
C PHE J 135 -1.03 -18.03 36.42
N GLN J 136 -1.98 -18.29 37.31
CA GLN J 136 -3.22 -17.53 37.43
C GLN J 136 -3.62 -17.57 38.90
N LEU J 137 -4.10 -16.44 39.43
CA LEU J 137 -4.70 -16.45 40.75
C LEU J 137 -6.20 -16.37 40.66
N ILE J 138 -6.88 -17.08 41.55
CA ILE J 138 -8.33 -17.16 41.59
C ILE J 138 -8.73 -16.81 43.01
N LEU J 139 -9.15 -15.58 43.26
CA LEU J 139 -9.43 -15.18 44.62
C LEU J 139 -10.92 -15.27 44.92
N ASN J 140 -11.25 -15.22 46.21
CA ASN J 140 -12.65 -15.36 46.63
C ASN J 140 -12.85 -14.78 48.03
N SER J 141 -13.81 -13.89 48.18
CA SER J 141 -14.15 -13.26 49.45
C SER J 141 -15.62 -13.47 49.77
N ASN J 142 -16.00 -13.08 50.99
CA ASN J 142 -17.38 -13.12 51.45
C ASN J 142 -17.72 -11.88 52.27
N ALA J 143 -17.31 -10.70 51.78
CA ALA J 143 -17.47 -9.49 52.57
C ALA J 143 -18.88 -8.89 52.45
N ASN J 144 -19.25 -8.44 51.25
CA ASN J 144 -20.44 -7.62 51.06
C ASN J 144 -21.13 -8.01 49.77
N GLN J 145 -22.32 -8.58 49.89
CA GLN J 145 -23.08 -8.98 48.71
C GLN J 145 -23.73 -7.72 48.13
N ILE J 146 -23.09 -7.11 47.14
CA ILE J 146 -23.66 -5.93 46.50
C ILE J 146 -24.79 -6.35 45.58
N PRO J 147 -26.00 -5.85 45.79
CA PRO J 147 -27.14 -6.33 45.01
C PRO J 147 -27.11 -5.80 43.59
N LEU J 148 -27.71 -6.54 42.68
CA LEU J 148 -27.56 -6.27 41.26
C LEU J 148 -28.35 -5.05 40.81
N ARG J 149 -29.34 -4.62 41.59
CA ARG J 149 -30.19 -3.52 41.16
C ARG J 149 -29.47 -2.19 41.16
N ASP J 150 -28.55 -1.98 42.08
CA ASP J 150 -27.87 -0.69 42.25
C ASP J 150 -26.42 -0.84 41.83
N LEU J 151 -26.13 -0.54 40.56
CA LEU J 151 -24.76 -0.51 40.05
C LEU J 151 -24.63 0.79 39.25
N ASP J 152 -24.16 1.83 39.92
CA ASP J 152 -23.94 3.12 39.30
C ASP J 152 -22.71 3.06 38.42
N SER J 153 -22.48 4.16 37.70
CA SER J 153 -21.24 4.30 36.97
C SER J 153 -20.08 4.73 37.85
N GLU J 154 -20.30 4.90 39.15
CA GLU J 154 -19.19 5.12 40.07
C GLU J 154 -18.38 3.87 40.30
N HIS J 155 -18.92 2.69 39.97
CA HIS J 155 -18.26 1.43 40.23
C HIS J 155 -17.47 0.93 39.04
N VAL J 156 -17.20 1.77 38.06
CA VAL J 156 -16.47 1.33 36.88
C VAL J 156 -15.02 1.07 37.25
N SER J 157 -14.56 -0.14 36.93
CA SER J 157 -13.21 -0.65 37.22
C SER J 157 -12.90 -0.58 38.71
N LYS J 158 -13.68 -1.32 39.49
CA LYS J 158 -13.33 -1.63 40.86
C LYS J 158 -13.64 -3.10 41.09
N ILE J 159 -13.27 -3.61 42.26
CA ILE J 159 -13.60 -4.98 42.62
C ILE J 159 -14.97 -4.99 43.27
N VAL J 160 -15.94 -5.58 42.59
CA VAL J 160 -17.32 -5.59 43.04
C VAL J 160 -17.85 -7.00 42.86
N ARG J 161 -18.32 -7.60 43.94
CA ARG J 161 -18.90 -8.94 43.88
C ARG J 161 -20.41 -8.84 43.94
N LEU J 162 -21.06 -9.94 43.58
CA LEU J 162 -22.52 -9.95 43.50
C LEU J 162 -23.00 -11.40 43.61
N SER J 163 -24.26 -11.63 43.23
CA SER J 163 -24.88 -12.93 43.42
C SER J 163 -26.10 -13.04 42.53
N GLY J 164 -26.17 -14.09 41.72
CA GLY J 164 -27.27 -14.28 40.81
C GLY J 164 -27.48 -15.73 40.42
N ILE J 165 -28.14 -15.92 39.29
CA ILE J 165 -28.49 -17.25 38.77
C ILE J 165 -28.02 -17.33 37.33
N ILE J 166 -27.29 -18.38 37.00
CA ILE J 166 -26.67 -18.50 35.68
C ILE J 166 -27.67 -19.15 34.72
N ILE J 167 -28.03 -18.44 33.67
CA ILE J 167 -29.00 -18.97 32.72
C ILE J 167 -28.34 -19.99 31.80
N SER J 168 -27.38 -19.56 30.99
CA SER J 168 -26.90 -20.41 29.92
C SER J 168 -25.49 -20.03 29.52
N THR J 169 -24.66 -21.04 29.31
CA THR J 169 -23.26 -20.86 28.94
C THR J 169 -23.13 -20.75 27.43
N SER J 170 -21.91 -20.86 26.92
CA SER J 170 -21.67 -20.78 25.49
C SER J 170 -20.63 -21.81 25.10
N VAL J 171 -20.10 -21.66 23.89
CA VAL J 171 -19.24 -22.65 23.26
C VAL J 171 -17.79 -22.31 23.54
N LEU J 172 -16.97 -23.33 23.81
CA LEU J 172 -15.56 -23.12 24.12
C LEU J 172 -14.83 -22.58 22.91
N SER J 173 -14.17 -21.44 23.09
CA SER J 173 -13.45 -20.74 22.04
C SER J 173 -11.95 -20.96 22.20
N SER J 174 -11.16 -20.26 21.39
CA SER J 174 -9.72 -20.47 21.39
C SER J 174 -9.01 -19.16 21.07
N ARG J 175 -8.38 -18.57 22.08
CA ARG J 175 -7.45 -17.47 21.88
C ARG J 175 -6.04 -18.01 21.79
N ALA J 176 -5.11 -17.13 21.49
CA ALA J 176 -3.72 -17.51 21.30
C ALA J 176 -2.85 -16.85 22.36
N THR J 177 -1.73 -17.50 22.70
CA THR J 177 -0.78 -16.95 23.65
C THR J 177 0.61 -16.76 23.08
N TYR J 178 1.06 -17.68 22.24
CA TYR J 178 2.39 -17.62 21.66
C TYR J 178 2.26 -17.98 20.19
N LEU J 179 2.48 -17.01 19.31
CA LEU J 179 2.33 -17.26 17.89
C LEU J 179 3.52 -16.69 17.15
N SER J 180 4.02 -17.44 16.17
CA SER J 180 5.26 -17.13 15.50
C SER J 180 4.99 -16.85 14.03
N ILE J 181 5.58 -15.79 13.51
CA ILE J 181 5.06 -15.19 12.29
C ILE J 181 6.11 -15.31 11.20
N MET J 182 5.83 -14.80 10.01
CA MET J 182 6.78 -14.79 8.90
C MET J 182 6.33 -13.79 7.84
N CYS J 183 7.26 -13.00 7.30
CA CYS J 183 6.92 -12.05 6.24
C CYS J 183 6.83 -12.86 4.96
N ARG J 184 5.82 -12.60 4.14
CA ARG J 184 5.71 -13.44 2.95
C ARG J 184 6.60 -12.94 1.82
N ASN J 185 7.08 -11.70 1.88
CA ASN J 185 8.04 -11.18 0.91
C ASN J 185 9.47 -11.24 1.42
N CYS J 186 9.73 -10.59 2.56
CA CYS J 186 11.07 -10.45 3.09
C CYS J 186 11.65 -11.77 3.56
N ARG J 187 10.81 -12.72 3.96
CA ARG J 187 11.15 -13.98 4.60
C ARG J 187 11.95 -13.73 5.89
N HIS J 188 11.24 -13.13 6.84
CA HIS J 188 11.73 -12.80 8.16
C HIS J 188 11.02 -13.69 9.17
N THR J 189 11.55 -13.81 10.38
CA THR J 189 10.87 -14.54 11.43
C THR J 189 10.88 -13.74 12.71
N THR J 190 9.81 -13.83 13.50
CA THR J 190 9.70 -13.20 14.81
C THR J 190 9.00 -14.16 15.75
N SER J 191 8.54 -13.60 16.87
CA SER J 191 7.62 -14.27 17.78
C SER J 191 6.93 -13.22 18.62
N ILE J 192 5.74 -13.53 19.09
CA ILE J 192 4.94 -12.63 19.91
C ILE J 192 4.35 -13.43 21.06
N THR J 193 4.55 -12.94 22.28
CA THR J 193 3.80 -13.42 23.43
C THR J 193 2.78 -12.36 23.84
N ILE J 194 1.57 -12.80 24.17
CA ILE J 194 0.58 -11.92 24.77
C ILE J 194 0.07 -12.59 26.03
N ASN J 195 -0.32 -11.78 27.01
CA ASN J 195 -0.59 -12.28 28.35
C ASN J 195 -2.03 -12.07 28.80
N ASN J 196 -2.55 -10.86 28.74
CA ASN J 196 -3.88 -10.55 29.25
C ASN J 196 -4.82 -10.30 28.09
N PHE J 197 -5.88 -11.07 28.01
CA PHE J 197 -6.54 -11.35 26.74
C PHE J 197 -8.04 -11.10 26.78
N ASN J 198 -8.53 -10.27 27.69
CA ASN J 198 -9.94 -9.91 27.73
C ASN J 198 -10.08 -8.39 27.62
N SER J 199 -10.03 -7.90 26.40
CA SER J 199 -10.26 -6.50 26.04
C SER J 199 -11.09 -6.47 24.77
N ILE J 200 -12.24 -7.16 24.83
CA ILE J 200 -12.84 -7.97 23.76
C ILE J 200 -12.82 -7.38 22.37
N THR J 201 -13.37 -6.17 22.18
CA THR J 201 -13.26 -5.50 20.89
C THR J 201 -12.10 -4.50 20.87
N GLY J 202 -10.91 -4.92 21.28
CA GLY J 202 -9.76 -4.04 21.26
C GLY J 202 -9.03 -3.90 19.93
N ASN J 203 -8.35 -4.94 19.46
CA ASN J 203 -8.07 -6.17 20.19
C ASN J 203 -6.92 -5.98 21.18
N THR J 204 -6.49 -7.09 21.81
CA THR J 204 -5.33 -7.02 22.69
C THR J 204 -4.08 -6.65 21.92
N VAL J 205 -3.86 -7.29 20.78
CA VAL J 205 -2.73 -6.99 19.92
C VAL J 205 -3.19 -7.24 18.49
N SER J 206 -2.42 -6.72 17.55
CA SER J 206 -2.55 -7.09 16.15
C SER J 206 -1.20 -7.55 15.64
N LEU J 207 -1.22 -8.09 14.44
CA LEU J 207 0.03 -8.28 13.73
C LEU J 207 0.57 -6.91 13.35
N PRO J 208 1.89 -6.73 13.36
CA PRO J 208 2.45 -5.45 12.92
C PRO J 208 2.23 -5.24 11.44
N ARG J 209 2.26 -3.98 11.03
CA ARG J 209 1.82 -3.56 9.71
C ARG J 209 2.96 -3.16 8.78
N SER J 210 4.21 -3.47 9.15
CA SER J 210 5.37 -3.27 8.27
C SER J 210 6.31 -4.44 8.46
N CYS J 211 7.15 -4.70 7.45
CA CYS J 211 7.94 -5.93 7.47
C CYS J 211 9.10 -5.88 8.46
N LEU J 212 9.30 -4.76 9.16
CA LEU J 212 9.96 -4.69 10.46
C LEU J 212 11.47 -4.93 10.38
N SER J 213 12.01 -5.29 9.21
CA SER J 213 13.43 -5.53 9.07
C SER J 213 14.24 -4.27 8.86
N THR J 214 13.60 -3.16 8.46
CA THR J 214 14.33 -1.92 8.23
C THR J 214 14.82 -1.29 9.53
N ILE J 215 14.27 -1.71 10.67
CA ILE J 215 14.82 -1.33 11.96
C ILE J 215 15.81 -2.41 12.34
N GLU J 216 17.04 -2.27 11.86
CA GLU J 216 18.11 -3.25 12.07
C GLU J 216 19.41 -2.54 12.39
N SER J 217 20.13 -3.07 13.39
CA SER J 217 21.42 -2.57 13.81
C SER J 217 22.60 -3.31 13.17
N GLU J 218 22.46 -3.79 11.94
CA GLU J 218 23.57 -4.46 11.25
C GLU J 218 23.76 -3.82 9.88
N SER J 219 24.95 -4.03 9.30
CA SER J 219 25.27 -3.43 8.00
C SER J 219 24.77 -4.28 6.83
N SER J 220 25.19 -5.55 6.77
CA SER J 220 24.92 -6.37 5.60
C SER J 220 23.46 -6.78 5.50
N MET J 221 22.77 -6.86 6.65
CA MET J 221 21.33 -7.02 6.64
C MET J 221 20.64 -5.80 6.01
N ALA J 222 21.16 -4.60 6.28
CA ALA J 222 20.64 -3.42 5.62
C ALA J 222 21.07 -3.39 4.15
N ASN J 223 22.15 -4.10 3.83
CA ASN J 223 22.61 -4.15 2.44
C ASN J 223 21.70 -5.00 1.59
N GLU J 224 21.37 -6.22 2.04
CA GLU J 224 20.48 -7.06 1.26
C GLU J 224 19.05 -6.53 1.28
N SER J 225 18.63 -5.94 2.40
CA SER J 225 17.33 -5.27 2.43
C SER J 225 17.34 -3.96 1.65
N ASN J 226 18.50 -3.48 1.23
CA ASN J 226 18.57 -2.35 0.32
C ASN J 226 18.58 -2.82 -1.13
N ILE J 227 19.14 -3.99 -1.41
CA ILE J 227 19.36 -4.40 -2.79
C ILE J 227 18.32 -5.48 -3.14
N GLY J 228 17.18 -5.43 -2.45
CA GLY J 228 16.02 -6.18 -2.92
C GLY J 228 15.56 -5.72 -4.29
N ASP J 229 15.69 -4.43 -4.56
CA ASP J 229 15.51 -3.85 -5.89
C ASP J 229 16.82 -3.21 -6.33
N GLU J 230 16.79 -2.48 -7.45
CA GLU J 230 18.01 -2.02 -8.10
C GLU J 230 18.39 -0.58 -7.77
N SER J 231 17.42 0.31 -7.59
CA SER J 231 17.70 1.69 -7.19
C SER J 231 16.74 2.22 -6.15
N THR J 232 15.60 1.55 -5.92
CA THR J 232 14.65 1.94 -4.90
C THR J 232 14.66 0.87 -3.81
N LYS J 233 14.19 1.24 -2.63
CA LYS J 233 14.20 0.29 -1.53
C LYS J 233 13.01 -0.66 -1.66
N LYS J 234 13.16 -1.84 -1.04
CA LYS J 234 12.11 -2.84 -1.12
C LYS J 234 11.06 -2.58 -0.05
N ASN J 235 9.94 -3.31 -0.15
CA ASN J 235 8.90 -3.28 0.86
C ASN J 235 8.10 -4.58 0.81
N CYS J 236 8.07 -5.27 1.97
CA CYS J 236 7.05 -6.29 2.20
C CYS J 236 5.63 -5.70 2.12
N GLY J 237 5.47 -4.41 2.48
CA GLY J 237 4.20 -3.79 2.83
C GLY J 237 3.16 -3.77 1.73
N PRO J 238 1.88 -3.61 2.09
CA PRO J 238 1.17 -3.51 3.38
C PRO J 238 1.13 -4.83 4.13
N ASP J 239 0.29 -4.94 5.20
CA ASP J 239 0.42 -5.92 6.28
C ASP J 239 0.73 -7.34 5.80
N PRO J 240 1.97 -7.74 5.93
CA PRO J 240 2.47 -8.84 5.11
C PRO J 240 2.52 -10.17 5.82
N TYR J 241 2.35 -10.15 7.14
CA TYR J 241 2.71 -11.31 7.93
C TYR J 241 1.70 -12.45 7.83
N ILE J 242 2.15 -13.64 8.19
CA ILE J 242 1.39 -14.87 8.10
C ILE J 242 1.65 -15.68 9.37
N ILE J 243 0.60 -16.08 10.06
CA ILE J 243 0.76 -16.93 11.23
C ILE J 243 1.10 -18.34 10.79
N ILE J 244 2.16 -18.91 11.36
CA ILE J 244 2.43 -20.33 11.22
C ILE J 244 1.73 -21.09 12.32
N HIS J 245 0.86 -22.03 11.94
CA HIS J 245 -0.01 -22.73 12.87
C HIS J 245 0.61 -23.98 13.47
N GLU J 246 1.81 -24.34 13.08
CA GLU J 246 2.34 -25.62 13.53
C GLU J 246 3.32 -25.48 14.67
N SER J 247 3.51 -24.28 15.22
CA SER J 247 4.32 -24.14 16.42
C SER J 247 3.74 -23.12 17.40
N SER J 248 2.41 -23.09 17.58
CA SER J 248 1.77 -22.13 18.47
C SER J 248 1.17 -22.84 19.68
N LYS J 249 0.45 -22.07 20.50
CA LYS J 249 -0.21 -22.57 21.70
C LYS J 249 -1.50 -21.79 21.91
N PHE J 250 -2.51 -22.43 22.48
CA PHE J 250 -3.82 -21.81 22.56
C PHE J 250 -4.46 -22.02 23.93
N ILE J 251 -5.46 -21.20 24.24
CA ILE J 251 -6.18 -21.24 25.52
C ILE J 251 -7.68 -21.12 25.28
N ASP J 252 -8.44 -20.91 26.35
CA ASP J 252 -9.89 -21.10 26.34
C ASP J 252 -10.63 -19.86 26.86
N GLN J 253 -11.90 -19.70 26.46
CA GLN J 253 -12.71 -18.56 26.88
C GLN J 253 -14.20 -18.87 26.71
N GLN J 254 -15.02 -18.50 27.70
CA GLN J 254 -16.31 -19.13 27.93
C GLN J 254 -17.53 -18.32 27.52
N PHE J 255 -17.70 -17.09 28.03
CA PHE J 255 -18.89 -16.22 27.84
C PHE J 255 -20.19 -16.82 28.41
N LEU J 256 -20.28 -16.77 29.74
CA LEU J 256 -21.51 -17.11 30.45
C LEU J 256 -22.57 -16.03 30.27
N LYS J 257 -23.65 -16.13 31.05
CA LYS J 257 -24.66 -15.08 31.13
C LYS J 257 -25.39 -15.21 32.46
N LEU J 258 -25.64 -14.09 33.13
CA LEU J 258 -26.07 -14.08 34.52
C LEU J 258 -27.33 -13.26 34.69
N GLN J 259 -28.15 -13.63 35.67
CA GLN J 259 -29.44 -13.01 35.90
C GLN J 259 -29.70 -12.92 37.40
N GLU J 260 -30.35 -11.85 37.83
CA GLU J 260 -30.78 -11.70 39.21
C GLU J 260 -31.82 -12.74 39.58
N ILE J 261 -31.96 -12.96 40.88
CA ILE J 261 -32.87 -13.96 41.43
C ILE J 261 -34.30 -13.50 41.23
N PRO J 262 -35.24 -14.37 40.81
CA PRO J 262 -36.60 -13.90 40.51
C PRO J 262 -37.49 -13.69 41.73
N GLU J 263 -36.90 -13.58 42.91
CA GLU J 263 -37.68 -13.34 44.11
C GLU J 263 -37.87 -11.86 44.41
N LEU J 264 -36.96 -11.00 43.97
CA LEU J 264 -36.94 -9.62 44.47
C LEU J 264 -36.11 -8.74 43.54
N VAL J 265 -36.65 -7.58 43.14
CA VAL J 265 -38.07 -7.21 43.26
C VAL J 265 -38.60 -6.89 41.84
N PRO J 266 -38.87 -7.90 41.03
CA PRO J 266 -39.23 -7.63 39.63
C PRO J 266 -40.73 -7.41 39.42
N VAL J 267 -41.46 -7.01 40.47
CA VAL J 267 -42.92 -7.06 40.52
C VAL J 267 -43.57 -6.32 39.35
N GLY J 268 -43.16 -5.08 39.13
CA GLY J 268 -43.62 -4.41 37.94
C GLY J 268 -42.80 -4.80 36.73
N GLU J 269 -41.48 -4.86 36.92
CA GLU J 269 -40.53 -4.93 35.82
C GLU J 269 -40.42 -6.33 35.23
N MET J 270 -39.39 -6.52 34.44
CA MET J 270 -38.63 -7.54 33.75
C MET J 270 -37.24 -7.64 34.35
N PRO J 271 -36.76 -8.84 34.62
CA PRO J 271 -35.44 -8.99 35.24
C PRO J 271 -34.31 -8.68 34.28
N ARG J 272 -33.25 -8.05 34.79
CA ARG J 272 -32.14 -7.58 33.99
C ARG J 272 -30.91 -8.46 34.18
N ASN J 273 -29.97 -8.33 33.24
CA ASN J 273 -28.94 -9.35 33.05
C ASN J 273 -27.64 -8.74 32.54
N LEU J 274 -26.56 -9.50 32.74
CA LEU J 274 -25.21 -9.07 32.39
C LEU J 274 -24.52 -10.10 31.51
N THR J 275 -23.22 -9.96 31.35
CA THR J 275 -22.42 -10.90 30.56
C THR J 275 -21.12 -11.17 31.29
N MET J 276 -20.75 -12.41 31.40
CA MET J 276 -19.53 -12.77 32.10
C MET J 276 -18.42 -12.97 31.08
N THR J 277 -17.29 -13.51 31.55
CA THR J 277 -16.14 -13.93 30.74
C THR J 277 -15.23 -14.74 31.64
N CYS J 278 -14.72 -15.86 31.14
CA CYS J 278 -13.82 -16.66 31.95
C CYS J 278 -12.44 -16.76 31.34
N ASP J 279 -11.47 -16.99 32.20
CA ASP J 279 -10.09 -17.23 31.86
C ASP J 279 -9.86 -18.71 31.60
N ARG J 280 -8.61 -19.13 31.76
CA ARG J 280 -8.21 -20.50 31.46
C ARG J 280 -8.94 -21.54 32.31
N TYR J 281 -8.68 -21.56 33.61
CA TYR J 281 -9.13 -22.70 34.40
C TYR J 281 -10.53 -22.51 34.94
N LEU J 282 -11.21 -21.42 34.58
CA LEU J 282 -12.55 -21.21 35.08
C LEU J 282 -13.59 -21.67 34.09
N THR J 283 -13.15 -22.20 32.95
CA THR J 283 -14.08 -22.75 31.98
C THR J 283 -14.62 -24.07 32.47
N ASN J 284 -15.86 -24.37 32.06
CA ASN J 284 -16.50 -25.68 32.13
C ASN J 284 -16.61 -26.18 33.56
N LYS J 285 -16.81 -25.28 34.51
CA LYS J 285 -16.95 -25.61 35.91
C LYS J 285 -18.40 -25.57 36.38
N VAL J 286 -19.24 -24.75 35.77
CA VAL J 286 -20.57 -24.48 36.29
C VAL J 286 -21.63 -24.99 35.31
N ILE J 287 -22.40 -25.97 35.77
CA ILE J 287 -23.63 -26.38 35.08
C ILE J 287 -24.63 -25.23 35.19
N PRO J 288 -25.31 -24.85 34.11
CA PRO J 288 -26.26 -23.73 34.19
C PRO J 288 -27.46 -24.06 35.06
N GLY J 289 -27.64 -23.27 36.12
CA GLY J 289 -28.72 -23.49 37.04
C GLY J 289 -28.38 -23.14 38.47
N THR J 290 -27.11 -23.08 38.79
CA THR J 290 -26.69 -23.00 40.18
C THR J 290 -26.79 -21.59 40.72
N ARG J 291 -26.73 -21.47 42.05
CA ARG J 291 -26.57 -20.19 42.69
C ARG J 291 -25.09 -19.93 42.93
N VAL J 292 -24.64 -18.71 42.65
CA VAL J 292 -23.22 -18.40 42.63
C VAL J 292 -22.98 -17.04 43.26
N THR J 293 -21.71 -16.74 43.49
CA THR J 293 -21.24 -15.40 43.85
C THR J 293 -19.93 -15.14 43.12
N ILE J 294 -19.97 -14.25 42.14
CA ILE J 294 -18.82 -13.94 41.30
C ILE J 294 -18.10 -12.73 41.84
N VAL J 295 -16.79 -12.85 42.03
CA VAL J 295 -15.93 -11.70 42.31
C VAL J 295 -15.38 -11.20 40.99
N GLY J 296 -15.60 -9.93 40.67
CA GLY J 296 -15.28 -9.46 39.34
C GLY J 296 -14.82 -8.03 39.27
N ILE J 297 -14.60 -7.57 38.05
CA ILE J 297 -14.12 -6.23 37.76
C ILE J 297 -15.06 -5.64 36.73
N TYR J 298 -15.86 -4.67 37.13
CA TYR J 298 -16.96 -4.17 36.32
C TYR J 298 -16.40 -3.31 35.19
N SER J 299 -16.32 -3.84 33.98
CA SER J 299 -15.67 -3.10 32.91
C SER J 299 -16.63 -2.77 31.77
N ILE J 300 -16.07 -2.21 30.69
CA ILE J 300 -16.83 -1.59 29.60
C ILE J 300 -16.21 -1.98 28.26
N TYR J 301 -17.03 -2.40 27.28
CA TYR J 301 -16.56 -2.54 25.91
C TYR J 301 -17.42 -1.66 25.00
N ASN J 302 -17.22 -1.78 23.68
CA ASN J 302 -17.65 -0.77 22.72
C ASN J 302 -18.73 -1.19 21.75
N SER J 303 -18.84 -2.47 21.39
CA SER J 303 -19.44 -2.89 20.12
C SER J 303 -20.95 -2.64 20.07
N LYS J 304 -21.51 -2.83 18.88
CA LYS J 304 -22.81 -2.29 18.52
C LYS J 304 -23.93 -3.05 19.23
N ASN J 305 -25.14 -2.51 19.09
CA ASN J 305 -26.33 -3.06 19.71
C ASN J 305 -26.92 -4.16 18.84
N GLY J 306 -28.10 -4.65 19.22
CA GLY J 306 -28.78 -5.70 18.49
C GLY J 306 -29.90 -5.20 17.59
N SER J 319 -29.78 4.26 18.23
CA SER J 319 -29.03 4.48 19.47
C SER J 319 -27.97 5.54 19.28
N GLY J 320 -27.31 5.92 20.37
CA GLY J 320 -26.41 7.05 20.40
C GLY J 320 -26.92 8.17 21.31
N VAL J 321 -26.03 9.09 21.66
CA VAL J 321 -24.66 9.16 21.18
C VAL J 321 -23.71 8.94 22.35
N ALA J 322 -22.63 8.17 22.11
CA ALA J 322 -21.62 7.78 23.09
C ALA J 322 -22.26 6.99 24.24
N ILE J 323 -22.78 5.83 23.85
CA ILE J 323 -23.38 4.87 24.77
C ILE J 323 -22.52 3.62 24.75
N ARG J 324 -22.17 3.11 25.94
CA ARG J 324 -21.34 1.93 26.05
C ARG J 324 -21.98 0.93 26.99
N THR J 325 -22.01 -0.36 26.59
CA THR J 325 -22.65 -1.40 27.38
C THR J 325 -21.69 -1.97 28.42
N PRO J 326 -22.20 -2.42 29.54
CA PRO J 326 -21.32 -2.91 30.60
C PRO J 326 -21.18 -4.43 30.62
N TYR J 327 -20.03 -4.90 31.12
CA TYR J 327 -19.84 -6.34 31.23
C TYR J 327 -18.87 -6.60 32.36
N ILE J 328 -18.75 -7.87 32.74
CA ILE J 328 -17.97 -8.27 33.90
C ILE J 328 -16.87 -9.24 33.49
N LYS J 329 -15.63 -8.91 33.87
CA LYS J 329 -14.54 -9.87 33.85
C LYS J 329 -14.52 -10.64 35.17
N ILE J 330 -14.24 -11.94 35.11
CA ILE J 330 -14.31 -12.82 36.29
C ILE J 330 -12.91 -13.10 36.81
N LEU J 331 -12.71 -12.91 38.11
CA LEU J 331 -11.58 -13.50 38.84
C LEU J 331 -11.94 -13.65 40.31
N GLY J 332 -12.22 -14.87 40.75
CA GLY J 332 -12.66 -15.99 39.94
C GLY J 332 -14.04 -16.34 40.43
N ILE J 333 -14.44 -17.60 40.37
CA ILE J 333 -15.81 -17.98 40.64
C ILE J 333 -15.82 -18.85 41.90
N GLN J 334 -16.99 -18.95 42.52
CA GLN J 334 -17.23 -19.93 43.57
C GLN J 334 -18.69 -20.31 43.52
N SER J 335 -18.99 -21.56 43.79
CA SER J 335 -20.35 -22.03 43.73
C SER J 335 -21.01 -21.87 45.09
N ASP J 336 -22.16 -22.49 45.26
CA ASP J 336 -22.71 -22.68 46.58
C ASP J 336 -21.99 -23.86 47.24
N VAL J 337 -22.33 -24.14 48.49
CA VAL J 337 -21.71 -25.26 49.22
C VAL J 337 -22.85 -26.13 49.73
N GLU J 338 -23.25 -27.15 48.97
CA GLU J 338 -22.70 -27.48 47.64
C GLU J 338 -23.40 -26.92 46.37
N THR J 339 -24.73 -26.84 46.22
CA THR J 339 -25.80 -27.42 47.06
C THR J 339 -26.11 -28.83 46.59
N SER J 340 -25.64 -29.19 45.39
CA SER J 340 -25.80 -30.53 44.85
C SER J 340 -24.58 -30.87 44.01
N SER J 341 -23.90 -31.96 44.37
CA SER J 341 -22.72 -32.42 43.65
C SER J 341 -23.03 -33.51 42.63
N ILE J 342 -24.29 -33.93 42.51
CA ILE J 342 -24.71 -34.92 41.52
C ILE J 342 -25.14 -34.17 40.26
N TRP J 343 -24.81 -34.68 39.08
CA TRP J 343 -24.15 -35.97 38.81
C TRP J 343 -22.61 -35.87 38.92
N ASN J 344 -21.94 -37.03 38.88
CA ASN J 344 -20.50 -37.20 39.06
C ASN J 344 -20.08 -36.72 40.46
N SER J 345 -20.58 -37.44 41.45
CA SER J 345 -20.26 -37.21 42.85
C SER J 345 -19.01 -38.01 43.25
N VAL J 346 -18.60 -37.85 44.51
CA VAL J 346 -17.32 -38.38 44.99
C VAL J 346 -17.54 -39.74 45.62
N THR J 347 -16.72 -40.71 45.23
CA THR J 347 -16.84 -42.08 45.71
C THR J 347 -15.86 -42.42 46.81
N MET J 348 -14.56 -42.29 46.56
CA MET J 348 -13.56 -42.70 47.54
C MET J 348 -13.42 -41.65 48.64
N PHE J 349 -12.91 -42.08 49.78
CA PHE J 349 -12.95 -41.25 50.98
C PHE J 349 -11.78 -41.61 51.87
N THR J 350 -11.85 -41.18 53.13
CA THR J 350 -10.72 -41.22 54.06
C THR J 350 -10.60 -42.59 54.71
N GLU J 351 -9.80 -42.65 55.77
CA GLU J 351 -9.48 -43.90 56.45
C GLU J 351 -10.33 -44.15 57.69
N GLU J 352 -10.52 -43.14 58.54
CA GLU J 352 -11.23 -43.36 59.81
C GLU J 352 -12.72 -43.59 59.59
N GLU J 353 -13.25 -43.18 58.45
CA GLU J 353 -14.64 -43.45 58.14
C GLU J 353 -14.87 -44.93 57.91
N GLU J 354 -13.88 -45.62 57.33
CA GLU J 354 -13.93 -47.07 57.23
C GLU J 354 -13.93 -47.71 58.61
N GLU J 355 -13.15 -47.14 59.53
CA GLU J 355 -13.10 -47.66 60.90
C GLU J 355 -14.44 -47.55 61.60
N GLU J 356 -15.07 -46.37 61.54
CA GLU J 356 -16.34 -46.20 62.23
C GLU J 356 -17.48 -46.91 61.51
N PHE J 357 -17.37 -47.10 60.19
CA PHE J 357 -18.34 -47.93 59.48
C PHE J 357 -18.23 -49.39 59.88
N LEU J 358 -17.00 -49.87 60.09
CA LEU J 358 -16.83 -51.22 60.63
C LEU J 358 -17.17 -51.30 62.11
N GLN J 359 -17.31 -50.16 62.79
CA GLN J 359 -17.75 -50.17 64.17
C GLN J 359 -19.26 -50.13 64.30
N LEU J 360 -19.96 -49.52 63.35
CA LEU J 360 -21.42 -49.52 63.42
C LEU J 360 -21.98 -50.88 63.04
N SER J 361 -21.35 -51.53 62.06
CA SER J 361 -21.91 -52.74 61.45
C SER J 361 -21.77 -53.99 62.29
N ARG J 362 -21.09 -53.92 63.43
CA ARG J 362 -20.88 -55.09 64.28
C ARG J 362 -21.89 -55.20 65.40
N ASN J 363 -22.80 -54.24 65.53
CA ASN J 363 -23.82 -54.32 66.57
C ASN J 363 -24.85 -55.37 66.21
N PRO J 364 -25.35 -56.14 67.19
CA PRO J 364 -26.41 -57.11 66.88
C PRO J 364 -27.76 -56.47 66.64
N LYS J 365 -27.94 -55.20 67.00
CA LYS J 365 -29.23 -54.53 66.95
C LYS J 365 -29.28 -53.49 65.84
N LEU J 366 -28.70 -53.82 64.68
CA LEU J 366 -28.65 -52.87 63.57
C LEU J 366 -30.02 -52.64 62.97
N TYR J 367 -30.86 -53.69 62.97
CA TYR J 367 -32.16 -53.59 62.33
C TYR J 367 -33.10 -52.71 63.15
N GLU J 368 -32.99 -52.76 64.47
CA GLU J 368 -33.79 -51.91 65.33
C GLU J 368 -33.35 -50.45 65.22
N ILE J 369 -32.04 -50.23 65.28
CA ILE J 369 -31.52 -48.87 65.28
C ILE J 369 -31.70 -48.22 63.90
N LEU J 370 -31.88 -49.01 62.84
CA LEU J 370 -32.35 -48.39 61.61
C LEU J 370 -33.85 -48.23 61.57
N THR J 371 -34.61 -49.12 62.21
CA THR J 371 -36.06 -48.96 62.24
C THR J 371 -36.55 -48.14 63.43
N ASN J 372 -35.70 -47.28 63.96
CA ASN J 372 -36.16 -46.22 64.84
C ASN J 372 -35.71 -44.84 64.43
N SER J 373 -35.01 -44.71 63.31
CA SER J 373 -34.56 -43.40 62.89
C SER J 373 -35.35 -42.85 61.71
N ILE J 374 -36.18 -43.67 61.06
CA ILE J 374 -36.85 -43.22 59.85
C ILE J 374 -38.09 -42.38 60.18
N ALA J 375 -38.80 -42.71 61.24
CA ALA J 375 -39.98 -41.95 61.63
C ALA J 375 -39.80 -41.40 63.05
N PRO J 376 -39.05 -40.32 63.22
CA PRO J 376 -39.04 -39.64 64.53
C PRO J 376 -40.26 -38.78 64.74
N SER J 377 -41.12 -38.65 63.75
CA SER J 377 -42.34 -37.87 63.85
C SER J 377 -43.59 -38.69 63.56
N ILE J 378 -43.50 -39.67 62.68
CA ILE J 378 -44.66 -40.50 62.35
C ILE J 378 -44.83 -41.57 63.40
N PHE J 379 -46.01 -41.62 64.01
CA PHE J 379 -46.35 -42.65 64.97
C PHE J 379 -47.00 -43.83 64.25
N GLY J 380 -46.76 -45.03 64.75
CA GLY J 380 -47.39 -46.21 64.21
C GLY J 380 -46.80 -46.63 62.89
N ASN J 381 -47.45 -47.63 62.29
CA ASN J 381 -47.15 -48.18 60.97
C ASN J 381 -45.71 -48.70 60.90
N GLU J 382 -45.44 -49.70 61.73
CA GLU J 382 -44.08 -50.23 61.85
C GLU J 382 -43.69 -51.11 60.67
N ASP J 383 -44.66 -51.61 59.90
CA ASP J 383 -44.33 -52.48 58.78
C ASP J 383 -43.74 -51.70 57.63
N ILE J 384 -44.35 -50.56 57.31
CA ILE J 384 -43.81 -49.68 56.28
C ILE J 384 -42.47 -49.12 56.73
N LYS J 385 -42.39 -48.79 58.03
CA LYS J 385 -41.16 -48.43 58.70
C LYS J 385 -40.08 -49.48 58.51
N LYS J 386 -40.45 -50.77 58.47
CA LYS J 386 -39.48 -51.79 58.10
C LYS J 386 -39.22 -51.84 56.60
N ALA J 387 -40.22 -51.51 55.79
CA ALA J 387 -40.10 -51.78 54.37
C ALA J 387 -39.28 -50.72 53.65
N ILE J 388 -39.12 -49.54 54.24
CA ILE J 388 -38.26 -48.55 53.61
C ILE J 388 -36.79 -48.95 53.76
N VAL J 389 -36.47 -49.76 54.77
CA VAL J 389 -35.09 -50.15 55.02
C VAL J 389 -34.59 -51.08 53.92
N CYS J 390 -35.41 -52.04 53.52
CA CYS J 390 -35.04 -52.96 52.46
C CYS J 390 -35.21 -52.36 51.07
N LEU J 391 -35.63 -51.12 50.97
CA LEU J 391 -35.76 -50.46 49.68
C LEU J 391 -34.59 -49.53 49.39
N LEU J 392 -33.94 -49.01 50.41
CA LEU J 392 -32.85 -48.07 50.22
C LEU J 392 -31.51 -48.76 49.98
N MET J 393 -31.49 -50.10 50.01
CA MET J 393 -30.25 -50.83 49.79
C MET J 393 -30.09 -51.35 48.39
N GLY J 394 -31.18 -51.75 47.74
CA GLY J 394 -31.09 -52.31 46.41
C GLY J 394 -30.70 -53.78 46.45
N GLY J 395 -31.29 -54.54 45.53
CA GLY J 395 -31.05 -55.96 45.44
C GLY J 395 -29.72 -56.30 44.81
N SER J 396 -29.62 -57.53 44.33
CA SER J 396 -28.44 -57.96 43.61
C SER J 396 -28.60 -57.67 42.13
N LYS J 397 -27.48 -57.59 41.42
CA LYS J 397 -27.48 -57.36 39.99
C LYS J 397 -26.72 -58.48 39.31
N LYS J 398 -27.40 -59.22 38.45
CA LYS J 398 -26.83 -60.40 37.83
C LYS J 398 -26.79 -60.23 36.32
N ILE J 399 -25.62 -60.44 35.72
CA ILE J 399 -25.39 -60.19 34.31
C ILE J 399 -25.03 -61.52 33.67
N LEU J 400 -25.68 -62.59 34.12
CA LEU J 400 -25.30 -63.94 33.74
C LEU J 400 -25.47 -64.15 32.24
N PRO J 401 -24.51 -64.81 31.57
CA PRO J 401 -24.67 -65.10 30.14
C PRO J 401 -25.80 -66.08 29.94
N ASP J 402 -26.81 -65.72 29.14
CA ASP J 402 -26.84 -64.77 28.02
C ASP J 402 -26.92 -63.23 28.17
N GLY J 403 -27.41 -62.58 27.12
CA GLY J 403 -27.68 -61.14 27.17
C GLY J 403 -28.74 -60.69 28.16
N MET J 404 -29.48 -61.61 28.78
CA MET J 404 -30.45 -61.27 29.80
C MET J 404 -29.77 -60.70 31.04
N ARG J 405 -30.53 -59.96 31.83
CA ARG J 405 -30.07 -59.56 33.14
C ARG J 405 -31.26 -59.33 34.05
N LEU J 406 -31.03 -59.53 35.34
CA LEU J 406 -32.05 -59.39 36.35
C LEU J 406 -31.95 -58.00 36.96
N ARG J 407 -32.64 -57.79 38.08
CA ARG J 407 -32.88 -56.44 38.53
C ARG J 407 -32.87 -56.32 40.04
N GLY J 408 -32.91 -55.06 40.48
CA GLY J 408 -33.09 -54.59 41.83
C GLY J 408 -33.25 -53.08 41.74
N ASP J 409 -34.17 -52.47 42.50
CA ASP J 409 -34.78 -53.04 43.68
C ASP J 409 -36.29 -53.21 43.47
N ILE J 410 -36.96 -53.60 44.54
CA ILE J 410 -38.39 -53.85 44.62
C ILE J 410 -39.19 -52.55 44.52
N ASN J 411 -40.51 -52.68 44.38
CA ASN J 411 -41.41 -51.55 44.19
C ASN J 411 -42.57 -51.66 45.16
N VAL J 412 -43.04 -50.52 45.67
CA VAL J 412 -43.95 -50.47 46.81
C VAL J 412 -45.06 -49.46 46.55
N LEU J 413 -46.32 -49.91 46.66
CA LEU J 413 -47.47 -49.02 46.76
C LEU J 413 -47.83 -48.76 48.23
N LEU J 414 -48.57 -47.69 48.45
CA LEU J 414 -48.99 -47.31 49.78
C LEU J 414 -50.42 -46.80 49.79
N LEU J 415 -51.33 -47.52 49.13
CA LEU J 415 -52.69 -47.04 49.00
C LEU J 415 -53.45 -47.14 50.32
N GLY J 416 -54.24 -46.11 50.61
CA GLY J 416 -54.95 -46.04 51.87
C GLY J 416 -55.51 -44.66 52.09
N ASP J 417 -56.10 -44.49 53.27
CA ASP J 417 -56.87 -43.31 53.58
C ASP J 417 -55.96 -42.12 53.86
N PRO J 418 -56.43 -40.89 53.62
CA PRO J 418 -55.67 -39.72 54.06
C PRO J 418 -55.61 -39.65 55.57
N GLY J 419 -54.51 -39.09 56.07
CA GLY J 419 -54.19 -39.18 57.47
C GLY J 419 -53.14 -40.22 57.80
N THR J 420 -52.72 -40.98 56.80
CA THR J 420 -51.59 -41.88 56.93
C THR J 420 -50.27 -41.11 57.02
N ALA J 421 -50.28 -39.87 56.53
CA ALA J 421 -49.08 -39.02 56.36
C ALA J 421 -48.05 -39.72 55.51
N LYS J 422 -48.53 -40.43 54.48
CA LYS J 422 -47.63 -41.08 53.56
C LYS J 422 -46.89 -40.08 52.68
N SER J 423 -47.48 -38.91 52.44
CA SER J 423 -46.81 -37.89 51.67
C SER J 423 -45.61 -37.32 52.42
N GLN J 424 -45.75 -37.15 53.74
CA GLN J 424 -44.63 -36.70 54.55
C GLN J 424 -43.54 -37.77 54.61
N LEU J 425 -43.94 -39.02 54.54
CA LEU J 425 -42.97 -40.10 54.46
C LEU J 425 -42.22 -40.07 53.13
N LEU J 426 -42.91 -39.69 52.05
CA LEU J 426 -42.20 -39.55 50.78
C LEU J 426 -41.26 -38.36 50.78
N LYS J 427 -41.62 -37.30 51.52
CA LYS J 427 -40.66 -36.21 51.72
C LYS J 427 -39.46 -36.68 52.52
N PHE J 428 -39.66 -37.61 53.46
CA PHE J 428 -38.55 -38.14 54.21
C PHE J 428 -37.61 -38.95 53.33
N VAL J 429 -38.18 -39.76 52.43
CA VAL J 429 -37.35 -40.52 51.51
C VAL J 429 -36.66 -39.59 50.51
N GLU J 430 -37.27 -38.44 50.21
CA GLU J 430 -36.58 -37.44 49.42
C GLU J 430 -35.40 -36.84 50.18
N LYS J 431 -35.52 -36.67 51.50
CA LYS J 431 -34.41 -36.09 52.25
C LYS J 431 -33.28 -37.09 52.49
N VAL J 432 -33.59 -38.37 52.62
CA VAL J 432 -32.56 -39.34 53.02
C VAL J 432 -31.72 -39.79 51.83
N SER J 433 -32.38 -40.15 50.73
CA SER J 433 -31.74 -40.85 49.62
C SER J 433 -30.65 -40.00 48.97
N PRO J 434 -29.58 -40.64 48.47
CA PRO J 434 -28.51 -39.84 47.86
C PRO J 434 -28.91 -39.13 46.59
N ILE J 435 -29.68 -39.76 45.71
CA ILE J 435 -30.36 -39.07 44.63
C ILE J 435 -31.82 -39.50 44.65
N ALA J 436 -32.73 -38.53 44.50
CA ALA J 436 -34.15 -38.79 44.59
C ALA J 436 -34.90 -37.63 43.95
N VAL J 437 -35.95 -37.95 43.21
CA VAL J 437 -36.74 -36.95 42.50
C VAL J 437 -38.19 -37.16 42.86
N TYR J 438 -38.86 -36.10 43.28
CA TYR J 438 -40.24 -36.17 43.75
C TYR J 438 -41.15 -35.50 42.74
N THR J 439 -41.87 -36.30 41.95
CA THR J 439 -42.81 -35.78 40.97
C THR J 439 -44.22 -36.23 41.33
N SER J 440 -45.09 -35.27 41.58
CA SER J 440 -46.49 -35.53 41.89
C SER J 440 -47.30 -35.18 40.64
N GLY J 441 -47.41 -36.14 39.73
CA GLY J 441 -48.11 -35.86 38.50
C GLY J 441 -48.64 -37.11 37.87
N LYS J 442 -49.14 -37.04 36.62
CA LYS J 442 -49.42 -35.92 35.65
C LYS J 442 -48.27 -35.04 35.13
N GLY J 443 -47.04 -35.29 35.52
CA GLY J 443 -45.96 -34.38 35.16
C GLY J 443 -45.94 -33.15 36.05
N SER J 444 -44.78 -32.80 36.59
CA SER J 444 -44.72 -31.69 37.52
C SER J 444 -43.33 -31.05 37.48
N SER J 445 -43.27 -29.72 37.49
CA SER J 445 -44.41 -28.82 37.38
C SER J 445 -44.49 -28.31 35.96
N ALA J 446 -43.40 -27.72 35.50
CA ALA J 446 -43.16 -27.52 34.08
C ALA J 446 -42.17 -28.54 33.54
N ALA J 447 -42.06 -29.69 34.19
CA ALA J 447 -41.17 -30.76 33.77
C ALA J 447 -41.97 -32.04 33.65
N GLY J 448 -41.90 -32.68 32.48
CA GLY J 448 -42.61 -33.92 32.24
C GLY J 448 -42.04 -35.07 33.02
N LEU J 449 -42.69 -36.23 32.91
CA LEU J 449 -42.32 -37.34 33.78
C LEU J 449 -41.51 -38.42 33.07
N THR J 450 -41.58 -38.50 31.74
CA THR J 450 -40.83 -39.51 31.00
C THR J 450 -39.81 -38.85 30.08
N ALA J 451 -39.06 -39.68 29.37
CA ALA J 451 -37.95 -39.23 28.54
C ALA J 451 -38.48 -38.67 27.23
N SER J 452 -38.78 -37.38 27.23
CA SER J 452 -39.19 -36.69 26.01
C SER J 452 -37.97 -36.20 25.25
N VAL J 453 -38.13 -35.99 23.95
CA VAL J 453 -37.05 -35.52 23.09
C VAL J 453 -37.54 -34.27 22.38
N GLN J 454 -36.86 -33.16 22.63
CA GLN J 454 -37.23 -31.87 22.07
C GLN J 454 -36.09 -31.39 21.18
N ARG J 455 -36.41 -31.06 19.93
CA ARG J 455 -35.40 -30.55 19.03
C ARG J 455 -35.02 -29.14 19.42
N ASP J 456 -33.72 -28.89 19.46
CA ASP J 456 -33.20 -27.55 19.72
C ASP J 456 -33.60 -26.66 18.55
N PRO J 457 -34.29 -25.53 18.79
CA PRO J 457 -34.64 -24.64 17.66
C PRO J 457 -33.43 -24.07 16.95
N MET J 458 -32.42 -23.61 17.67
CA MET J 458 -31.14 -23.38 17.04
C MET J 458 -30.51 -24.71 16.69
N THR J 459 -29.80 -24.73 15.55
CA THR J 459 -28.99 -25.80 14.99
C THR J 459 -29.85 -26.94 14.42
N ARG J 460 -31.15 -26.93 14.72
CA ARG J 460 -32.11 -28.00 14.40
C ARG J 460 -31.55 -29.37 14.80
N GLU J 461 -31.40 -29.55 16.10
CA GLU J 461 -30.62 -30.65 16.64
C GLU J 461 -31.39 -31.36 17.73
N PHE J 462 -31.27 -32.68 17.77
CA PHE J 462 -31.95 -33.50 18.75
C PHE J 462 -31.10 -33.58 20.02
N TYR J 463 -31.75 -33.50 21.16
CA TYR J 463 -31.08 -33.80 22.41
C TYR J 463 -32.09 -34.34 23.39
N LEU J 464 -31.59 -35.03 24.40
CA LEU J 464 -32.44 -35.58 25.44
C LEU J 464 -32.94 -34.43 26.30
N GLU J 465 -34.25 -34.27 26.39
CA GLU J 465 -34.80 -33.14 27.12
C GLU J 465 -34.70 -33.35 28.62
N GLY J 466 -35.20 -34.46 29.10
CA GLY J 466 -35.18 -34.77 30.51
C GLY J 466 -36.43 -35.51 30.89
N GLY J 467 -36.91 -35.26 32.09
CA GLY J 467 -38.06 -35.95 32.60
C GLY J 467 -37.88 -36.20 34.09
N ALA J 468 -38.33 -37.38 34.51
CA ALA J 468 -38.11 -37.78 35.89
C ALA J 468 -37.22 -39.00 35.98
N MET J 469 -37.39 -39.96 35.07
CA MET J 469 -36.65 -41.20 35.16
C MET J 469 -35.18 -41.01 34.80
N VAL J 470 -34.90 -40.13 33.85
CA VAL J 470 -33.54 -40.05 33.35
C VAL J 470 -32.66 -39.24 34.30
N LEU J 471 -33.23 -38.24 34.98
CA LEU J 471 -32.45 -37.47 35.94
C LEU J 471 -32.09 -38.29 37.17
N ALA J 472 -32.93 -39.26 37.51
CA ALA J 472 -32.79 -40.01 38.75
C ALA J 472 -32.21 -41.40 38.51
N ASP J 473 -31.24 -41.51 37.62
CA ASP J 473 -30.70 -42.82 37.27
C ASP J 473 -29.82 -43.34 38.40
N GLY J 474 -30.24 -44.43 39.01
CA GLY J 474 -29.51 -45.02 40.11
C GLY J 474 -30.11 -44.67 41.44
N GLY J 475 -31.43 -44.73 41.55
CA GLY J 475 -32.06 -44.43 42.82
C GLY J 475 -33.57 -44.54 42.86
N VAL J 476 -34.21 -43.61 43.56
CA VAL J 476 -35.59 -43.73 43.98
C VAL J 476 -36.40 -42.61 43.37
N VAL J 477 -37.53 -42.95 42.77
CA VAL J 477 -38.48 -41.97 42.25
C VAL J 477 -39.79 -42.14 42.99
N CYS J 478 -40.32 -41.05 43.52
CA CYS J 478 -41.53 -41.07 44.33
C CYS J 478 -42.65 -40.37 43.58
N ILE J 479 -43.83 -40.96 43.57
CA ILE J 479 -44.96 -40.48 42.78
C ILE J 479 -46.17 -40.33 43.68
N ASP J 480 -46.84 -39.19 43.58
CA ASP J 480 -48.18 -39.04 44.14
C ASP J 480 -49.22 -39.25 43.05
N GLU J 481 -50.38 -39.75 43.47
CA GLU J 481 -51.57 -39.91 42.64
C GLU J 481 -51.30 -40.80 41.43
N PHE J 482 -51.00 -42.07 41.70
CA PHE J 482 -50.65 -42.96 40.61
C PHE J 482 -51.89 -43.39 39.82
N ASP J 483 -53.07 -43.32 40.41
CA ASP J 483 -54.28 -43.68 39.67
C ASP J 483 -54.76 -42.53 38.79
N LYS J 484 -54.47 -41.29 39.18
CA LYS J 484 -55.07 -40.12 38.55
C LYS J 484 -54.14 -39.51 37.51
N MET J 485 -53.44 -40.35 36.77
CA MET J 485 -52.37 -39.95 35.87
C MET J 485 -52.87 -39.96 34.43
N ARG J 486 -52.23 -39.15 33.58
CA ARG J 486 -52.41 -39.30 32.15
C ARG J 486 -51.92 -40.66 31.70
N ASP J 487 -52.53 -41.17 30.64
CA ASP J 487 -52.31 -42.55 30.22
C ASP J 487 -51.56 -42.66 28.90
N GLU J 488 -50.84 -41.62 28.50
CA GLU J 488 -49.97 -41.76 27.34
C GLU J 488 -48.51 -41.96 27.72
N ASP J 489 -48.09 -41.46 28.87
CA ASP J 489 -46.78 -41.76 29.42
C ASP J 489 -46.81 -42.98 30.32
N ARG J 490 -47.80 -43.84 30.16
CA ARG J 490 -47.99 -44.92 31.12
C ARG J 490 -47.30 -46.20 30.66
N VAL J 491 -47.22 -46.41 29.35
CA VAL J 491 -46.61 -47.62 28.82
C VAL J 491 -45.12 -47.65 29.13
N ALA J 492 -44.47 -46.48 29.08
CA ALA J 492 -43.07 -46.39 29.45
C ALA J 492 -42.84 -46.67 30.92
N ILE J 493 -43.78 -46.29 31.79
CA ILE J 493 -43.65 -46.60 33.20
C ILE J 493 -43.89 -48.08 33.44
N HIS J 494 -44.83 -48.66 32.72
CA HIS J 494 -44.97 -50.11 32.80
C HIS J 494 -43.99 -50.86 31.98
N GLU J 495 -42.97 -50.21 31.43
CA GLU J 495 -41.82 -50.90 30.87
C GLU J 495 -40.56 -50.70 31.69
N ALA J 496 -40.37 -49.53 32.29
CA ALA J 496 -39.15 -49.22 33.00
C ALA J 496 -39.11 -49.76 34.41
N MET J 497 -40.11 -50.52 34.83
CA MET J 497 -40.06 -51.22 36.10
C MET J 497 -39.67 -52.68 35.94
N GLU J 498 -39.46 -53.13 34.72
CA GLU J 498 -39.25 -54.54 34.45
C GLU J 498 -37.90 -54.83 33.82
N GLN J 499 -37.50 -54.07 32.80
CA GLN J 499 -36.25 -54.33 32.10
C GLN J 499 -35.29 -53.15 32.17
N GLN J 500 -35.64 -52.13 32.94
CA GLN J 500 -34.79 -51.01 33.33
C GLN J 500 -34.32 -50.14 32.16
N THR J 501 -34.87 -50.31 30.96
CA THR J 501 -34.35 -49.64 29.77
C THR J 501 -35.48 -48.99 28.99
N ILE J 502 -35.53 -47.66 29.01
CA ILE J 502 -36.53 -46.93 28.23
C ILE J 502 -36.06 -46.89 26.77
N SER J 503 -36.98 -47.17 25.86
CA SER J 503 -36.70 -47.12 24.43
C SER J 503 -37.35 -45.90 23.79
N ILE J 504 -36.67 -45.33 22.81
CA ILE J 504 -37.13 -44.17 22.07
C ILE J 504 -37.10 -44.52 20.60
N ALA J 505 -38.18 -44.21 19.88
CA ALA J 505 -38.24 -44.52 18.46
C ALA J 505 -38.85 -43.36 17.67
N LYS J 506 -38.35 -42.14 17.91
CA LYS J 506 -38.87 -40.99 17.18
C LYS J 506 -38.25 -40.92 15.79
N ALA J 507 -38.40 -39.77 15.12
CA ALA J 507 -38.13 -39.69 13.69
C ALA J 507 -36.64 -39.72 13.38
N GLY J 508 -35.80 -39.19 14.25
CA GLY J 508 -34.39 -39.16 13.94
C GLY J 508 -33.55 -40.22 14.62
N ILE J 509 -33.72 -40.39 15.92
CA ILE J 509 -32.82 -41.19 16.74
C ILE J 509 -33.58 -42.38 17.30
N THR J 510 -32.85 -43.48 17.52
CA THR J 510 -33.42 -44.76 17.91
C THR J 510 -32.65 -45.41 19.05
N THR J 511 -32.19 -44.62 20.01
CA THR J 511 -31.29 -45.12 21.02
C THR J 511 -32.06 -45.86 22.11
N VAL J 512 -31.34 -46.68 22.86
CA VAL J 512 -31.88 -47.34 24.05
C VAL J 512 -30.97 -47.02 25.22
N LEU J 513 -31.51 -46.38 26.24
CA LEU J 513 -30.73 -45.89 27.36
C LEU J 513 -31.09 -46.62 28.64
N ASN J 514 -30.29 -46.37 29.67
CA ASN J 514 -30.41 -47.06 30.96
C ASN J 514 -31.21 -46.24 31.95
N SER J 515 -31.90 -46.95 32.85
CA SER J 515 -32.62 -46.32 33.95
C SER J 515 -32.73 -47.36 35.06
N ARG J 516 -31.91 -47.25 36.08
CA ARG J 516 -31.87 -48.21 37.17
C ARG J 516 -32.73 -47.78 38.34
N THR J 517 -33.85 -47.12 38.05
CA THR J 517 -34.69 -46.52 39.08
C THR J 517 -35.43 -47.59 39.87
N SER J 518 -36.04 -47.15 40.96
CA SER J 518 -36.84 -48.02 41.83
C SER J 518 -38.07 -47.25 42.29
N VAL J 519 -39.19 -47.52 41.64
CA VAL J 519 -40.39 -46.70 41.80
C VAL J 519 -41.03 -46.99 43.14
N LEU J 520 -41.52 -45.93 43.80
CA LEU J 520 -42.23 -46.05 45.07
C LEU J 520 -43.51 -45.25 44.92
N ALA J 521 -44.55 -45.86 44.37
CA ALA J 521 -45.78 -45.14 44.11
C ALA J 521 -46.64 -45.08 45.37
N ALA J 522 -47.64 -44.19 45.33
CA ALA J 522 -48.56 -44.02 46.47
C ALA J 522 -49.86 -43.45 45.92
N ALA J 523 -50.87 -44.31 45.78
CA ALA J 523 -52.12 -43.89 45.17
C ALA J 523 -53.14 -43.52 46.25
N ASN J 524 -54.36 -43.24 45.82
CA ASN J 524 -55.46 -42.90 46.70
C ASN J 524 -56.74 -43.59 46.26
N PRO J 525 -57.45 -44.22 47.18
CA PRO J 525 -58.70 -44.89 46.83
C PRO J 525 -59.84 -43.89 46.79
N ILE J 526 -60.99 -44.37 46.30
CA ILE J 526 -62.26 -43.67 46.40
C ILE J 526 -63.06 -44.33 47.52
N TYR J 527 -63.66 -43.50 48.38
CA TYR J 527 -64.51 -43.84 49.52
C TYR J 527 -63.79 -44.62 50.63
N GLY J 528 -62.47 -44.75 50.59
CA GLY J 528 -61.72 -45.28 51.71
C GLY J 528 -61.86 -46.74 52.06
N ARG J 529 -62.35 -47.01 53.28
CA ARG J 529 -62.41 -48.37 53.83
C ARG J 529 -63.46 -49.25 53.16
N TYR J 530 -64.34 -48.67 52.33
CA TYR J 530 -65.28 -49.46 51.55
C TYR J 530 -64.58 -50.32 50.51
N ASP J 531 -63.33 -49.99 50.17
CA ASP J 531 -62.47 -50.88 49.41
C ASP J 531 -62.31 -52.22 50.11
N ASP J 532 -61.97 -52.18 51.41
CA ASP J 532 -61.90 -53.42 52.17
C ASP J 532 -63.26 -53.84 52.71
N LEU J 533 -64.33 -53.11 52.41
CA LEU J 533 -65.66 -53.69 52.49
C LEU J 533 -66.07 -54.34 51.17
N LYS J 534 -65.44 -53.96 50.07
CA LYS J 534 -65.56 -54.65 48.80
C LYS J 534 -64.46 -55.70 48.65
N SER J 535 -64.28 -56.17 47.42
CA SER J 535 -63.10 -56.93 47.07
C SER J 535 -61.86 -56.04 47.20
N PRO J 536 -60.70 -56.61 47.51
CA PRO J 536 -59.49 -55.78 47.68
C PRO J 536 -58.96 -55.16 46.40
N GLY J 537 -59.52 -55.48 45.24
CA GLY J 537 -59.19 -54.74 44.04
C GLY J 537 -60.06 -53.50 43.92
N ASP J 538 -60.51 -53.20 42.71
CA ASP J 538 -61.57 -52.22 42.43
C ASP J 538 -61.19 -50.81 42.87
N ASN J 539 -59.94 -50.41 42.63
CA ASN J 539 -59.52 -49.03 42.83
C ASN J 539 -59.05 -48.37 41.55
N ILE J 540 -58.04 -48.94 40.88
CA ILE J 540 -57.58 -48.42 39.60
C ILE J 540 -58.66 -48.69 38.55
N ASP J 541 -58.84 -47.74 37.64
CA ASP J 541 -59.99 -47.76 36.73
C ASP J 541 -59.91 -48.90 35.73
N PHE J 542 -58.71 -49.17 35.19
CA PHE J 542 -58.62 -49.99 33.99
C PHE J 542 -58.60 -51.48 34.34
N GLN J 543 -57.57 -51.94 35.03
CA GLN J 543 -57.42 -53.37 35.28
C GLN J 543 -56.54 -53.55 36.51
N THR J 544 -56.41 -54.80 36.92
CA THR J 544 -55.66 -55.17 38.11
C THR J 544 -54.40 -55.94 37.80
N THR J 545 -53.92 -55.87 36.55
CA THR J 545 -52.61 -56.43 36.25
C THR J 545 -51.51 -55.55 36.82
N ILE J 546 -51.83 -54.27 37.04
CA ILE J 546 -50.93 -53.34 37.70
C ILE J 546 -50.61 -53.83 39.10
N LEU J 547 -51.62 -54.33 39.81
CA LEU J 547 -51.41 -54.84 41.16
C LEU J 547 -50.62 -56.13 41.18
N SER J 548 -50.49 -56.82 40.04
CA SER J 548 -49.61 -57.97 39.97
C SER J 548 -48.22 -57.63 39.48
N ARG J 549 -48.04 -56.49 38.82
CA ARG J 549 -46.70 -56.10 38.40
C ARG J 549 -45.85 -55.57 39.55
N PHE J 550 -46.44 -55.23 40.68
CA PHE J 550 -45.68 -54.71 41.80
C PHE J 550 -45.22 -55.86 42.70
N ASP J 551 -44.64 -55.53 43.85
CA ASP J 551 -44.07 -56.54 44.73
C ASP J 551 -44.71 -56.56 46.09
N MET J 552 -44.77 -55.41 46.77
CA MET J 552 -45.22 -55.33 48.15
C MET J 552 -46.31 -54.28 48.26
N ILE J 553 -47.56 -54.73 48.10
CA ILE J 553 -48.71 -53.87 48.23
C ILE J 553 -49.04 -53.70 49.70
N PHE J 554 -49.15 -52.46 50.14
CA PHE J 554 -49.57 -52.16 51.51
C PHE J 554 -50.92 -51.48 51.50
N ILE J 555 -51.77 -51.85 52.44
CA ILE J 555 -53.09 -51.26 52.59
C ILE J 555 -53.20 -50.73 54.01
N VAL J 556 -53.53 -49.46 54.14
CA VAL J 556 -53.59 -48.78 55.43
C VAL J 556 -55.05 -48.64 55.84
N LYS J 557 -55.35 -48.92 57.09
CA LYS J 557 -56.71 -48.83 57.61
C LYS J 557 -56.82 -47.70 58.62
N ASP J 558 -57.99 -47.60 59.25
CA ASP J 558 -58.23 -46.62 60.30
C ASP J 558 -59.37 -47.10 61.19
N ASP J 559 -59.07 -47.37 62.46
CA ASP J 559 -60.07 -47.77 63.41
C ASP J 559 -59.99 -46.86 64.62
N HIS J 560 -61.13 -46.32 65.01
CA HIS J 560 -61.15 -45.32 66.07
C HIS J 560 -60.95 -45.98 67.43
N ASN J 561 -59.97 -45.48 68.17
CA ASN J 561 -59.63 -45.99 69.47
C ASN J 561 -59.23 -44.81 70.34
N GLU J 562 -59.69 -44.79 71.57
CA GLU J 562 -59.63 -43.59 72.39
C GLU J 562 -58.21 -43.28 72.83
N GLU J 563 -57.53 -44.26 73.43
CA GLU J 563 -56.15 -44.05 73.85
C GLU J 563 -55.21 -43.94 72.66
N ARG J 564 -55.57 -44.53 71.53
CA ARG J 564 -54.81 -44.32 70.31
C ARG J 564 -54.95 -42.88 69.83
N ASP J 565 -56.15 -42.32 69.94
CA ASP J 565 -56.37 -40.96 69.45
C ASP J 565 -55.76 -39.92 70.39
N ILE J 566 -55.84 -40.17 71.70
CA ILE J 566 -55.18 -39.30 72.65
C ILE J 566 -53.66 -39.43 72.52
N SER J 567 -53.18 -40.62 72.18
CA SER J 567 -51.75 -40.81 72.00
C SER J 567 -51.24 -40.08 70.77
N ILE J 568 -52.00 -40.12 69.68
CA ILE J 568 -51.55 -39.43 68.47
C ILE J 568 -51.72 -37.92 68.62
N ALA J 569 -52.75 -37.48 69.33
CA ALA J 569 -52.99 -36.04 69.47
C ALA J 569 -51.96 -35.41 70.39
N ASN J 570 -51.75 -36.04 71.56
CA ASN J 570 -50.74 -35.57 72.49
C ASN J 570 -49.35 -35.71 71.89
N HIS J 571 -49.17 -36.71 71.02
CA HIS J 571 -47.94 -36.86 70.28
C HIS J 571 -47.69 -35.69 69.34
N VAL J 572 -48.73 -35.22 68.64
CA VAL J 572 -48.56 -34.13 67.67
C VAL J 572 -48.36 -32.80 68.38
N ILE J 573 -49.04 -32.59 69.50
CA ILE J 573 -48.75 -31.43 70.36
C ILE J 573 -47.31 -31.48 70.87
N ASN J 574 -46.82 -32.68 71.20
CA ASN J 574 -45.40 -32.80 71.54
C ASN J 574 -44.49 -32.56 70.35
N ILE J 575 -44.99 -32.80 69.13
CA ILE J 575 -44.18 -32.56 67.95
C ILE J 575 -44.02 -31.06 67.72
N HIS J 576 -45.09 -30.29 67.94
CA HIS J 576 -45.08 -28.85 67.65
C HIS J 576 -44.03 -28.03 68.38
N THR J 577 -44.15 -27.91 69.69
CA THR J 577 -43.50 -26.80 70.37
C THR J 577 -43.33 -27.14 71.84
N GLY J 578 -42.25 -26.67 72.45
CA GLY J 578 -41.11 -26.04 71.77
C GLY J 578 -40.05 -27.06 71.41
N ASN J 579 -40.37 -27.86 70.39
CA ASN J 579 -39.71 -29.06 69.86
C ASN J 579 -39.00 -29.86 70.97
N ALA J 580 -39.76 -30.19 72.01
CA ALA J 580 -39.24 -31.02 73.09
C ALA J 580 -38.88 -32.41 72.60
N ASN J 581 -39.60 -32.92 71.58
CA ASN J 581 -39.21 -34.18 70.98
C ASN J 581 -37.92 -34.04 70.17
N ALA J 582 -37.57 -32.84 69.76
CA ALA J 582 -36.27 -32.67 69.09
C ALA J 582 -35.13 -32.62 70.08
N MET J 583 -35.35 -32.04 71.26
CA MET J 583 -34.37 -32.16 72.34
C MET J 583 -34.21 -33.61 72.74
N GLN J 584 -35.33 -34.33 72.87
CA GLN J 584 -35.31 -35.77 73.12
C GLN J 584 -34.63 -36.52 71.99
N ASN J 585 -34.76 -36.04 70.75
CA ASN J 585 -34.00 -36.62 69.64
C ASN J 585 -32.51 -36.36 69.78
N GLN J 586 -32.12 -35.22 70.34
CA GLN J 586 -30.69 -35.00 70.60
C GLN J 586 -30.18 -35.94 71.68
N GLN J 587 -30.98 -36.19 72.73
CA GLN J 587 -30.55 -37.20 73.69
C GLN J 587 -30.69 -38.61 73.16
N GLU J 588 -31.41 -38.81 72.06
CA GLU J 588 -31.30 -40.07 71.34
C GLU J 588 -29.96 -40.16 70.60
N GLU J 589 -29.55 -39.05 69.97
CA GLU J 589 -28.29 -39.03 69.21
C GLU J 589 -27.09 -39.18 70.11
N ASN J 590 -27.22 -38.83 71.38
CA ASN J 590 -26.13 -39.08 72.32
C ASN J 590 -26.01 -40.57 72.62
N GLY J 591 -27.06 -41.35 72.38
CA GLY J 591 -27.02 -42.76 72.66
C GLY J 591 -27.15 -43.68 71.46
N SER J 592 -27.90 -43.29 70.43
CA SER J 592 -28.18 -44.18 69.32
C SER J 592 -28.63 -43.36 68.11
N GLU J 593 -29.21 -44.07 67.14
CA GLU J 593 -29.94 -43.53 65.98
C GLU J 593 -29.10 -42.61 65.11
N ILE J 594 -28.05 -43.13 64.45
CA ILE J 594 -26.77 -42.48 64.19
C ILE J 594 -26.78 -41.04 63.68
N SER J 595 -27.43 -40.76 62.54
CA SER J 595 -27.55 -39.42 61.96
C SER J 595 -28.38 -39.50 60.70
N ILE J 596 -28.50 -38.35 60.04
CA ILE J 596 -28.89 -38.32 58.64
C ILE J 596 -27.65 -38.33 57.76
N GLU J 597 -26.66 -37.48 58.09
CA GLU J 597 -25.47 -37.38 57.26
C GLU J 597 -24.55 -38.56 57.44
N LYS J 598 -24.73 -39.35 58.49
CA LYS J 598 -24.03 -40.61 58.55
C LYS J 598 -24.80 -41.69 57.79
N MET J 599 -26.13 -41.56 57.79
CA MET J 599 -26.99 -42.55 57.15
C MET J 599 -26.86 -42.52 55.65
N LYS J 600 -26.79 -41.33 55.06
CA LYS J 600 -26.63 -41.19 53.62
C LYS J 600 -25.33 -41.81 53.14
N ARG J 601 -24.23 -41.45 53.79
CA ARG J 601 -22.93 -41.98 53.42
C ARG J 601 -22.83 -43.47 53.70
N TYR J 602 -23.54 -43.94 54.71
CA TYR J 602 -23.57 -45.37 55.00
C TYR J 602 -24.31 -46.14 53.92
N ILE J 603 -25.38 -45.55 53.39
CA ILE J 603 -26.11 -46.18 52.30
C ILE J 603 -25.27 -46.25 51.04
N THR J 604 -24.52 -45.18 50.74
CA THR J 604 -23.66 -45.20 49.55
C THR J 604 -22.53 -46.22 49.69
N TYR J 605 -21.87 -46.24 50.85
CA TYR J 605 -20.77 -47.16 51.09
C TYR J 605 -21.22 -48.61 51.09
N CYS J 606 -22.35 -48.90 51.74
CA CYS J 606 -22.84 -50.26 51.71
C CYS J 606 -23.42 -50.64 50.36
N ARG J 607 -23.77 -49.67 49.53
CA ARG J 607 -24.30 -50.04 48.22
C ARG J 607 -23.20 -50.41 47.25
N LEU J 608 -22.18 -49.57 47.11
CA LEU J 608 -21.27 -49.83 45.99
C LEU J 608 -20.07 -50.70 46.36
N LYS J 609 -19.95 -51.19 47.59
CA LYS J 609 -18.83 -52.06 47.93
C LYS J 609 -19.18 -53.55 47.84
N CYS J 610 -20.14 -54.01 48.63
CA CYS J 610 -20.35 -55.45 48.76
C CYS J 610 -21.30 -55.96 47.67
N ALA J 611 -21.42 -57.29 47.62
CA ALA J 611 -22.31 -58.01 46.72
C ALA J 611 -22.66 -59.38 47.31
N PRO J 612 -23.88 -59.57 47.80
CA PRO J 612 -24.16 -60.77 48.60
C PRO J 612 -24.65 -61.95 47.78
N ARG J 613 -24.91 -63.06 48.46
CA ARG J 613 -25.25 -64.34 47.84
C ARG J 613 -25.85 -65.22 48.93
N LEU J 614 -26.59 -66.24 48.52
CA LEU J 614 -27.33 -67.10 49.43
C LEU J 614 -26.66 -68.47 49.61
N SER J 615 -27.35 -69.37 50.31
CA SER J 615 -26.95 -70.75 50.58
C SER J 615 -28.11 -71.68 50.23
N PRO J 616 -27.82 -72.86 49.67
CA PRO J 616 -28.90 -73.65 49.03
C PRO J 616 -29.94 -74.25 49.98
N GLN J 617 -29.62 -74.38 51.26
CA GLN J 617 -30.63 -74.85 52.21
C GLN J 617 -31.70 -73.78 52.45
N ALA J 618 -31.33 -72.51 52.33
CA ALA J 618 -32.34 -71.46 52.32
C ALA J 618 -33.21 -71.55 51.06
N ALA J 619 -32.63 -72.02 49.96
CA ALA J 619 -33.40 -72.19 48.73
C ALA J 619 -34.43 -73.30 48.88
N GLU J 620 -34.04 -74.44 49.48
CA GLU J 620 -35.05 -75.47 49.70
C GLU J 620 -36.06 -75.07 50.77
N LYS J 621 -35.67 -74.18 51.69
CA LYS J 621 -36.65 -73.60 52.61
C LYS J 621 -37.69 -72.77 51.87
N LEU J 622 -37.24 -71.92 50.94
CA LEU J 622 -38.17 -71.04 50.24
C LEU J 622 -39.05 -71.79 49.26
N SER J 623 -38.52 -72.84 48.63
CA SER J 623 -39.38 -73.72 47.83
C SER J 623 -40.44 -74.38 48.71
N SER J 624 -40.01 -74.86 49.89
CA SER J 624 -40.93 -75.51 50.81
C SER J 624 -41.97 -74.56 51.40
N ASN J 625 -41.76 -73.25 51.31
CA ASN J 625 -42.80 -72.32 51.71
C ASN J 625 -43.71 -71.93 50.55
N PHE J 626 -43.11 -71.59 49.40
CA PHE J 626 -43.87 -71.04 48.28
C PHE J 626 -44.80 -72.07 47.67
N VAL J 627 -44.39 -73.34 47.62
CA VAL J 627 -45.26 -74.37 47.04
C VAL J 627 -46.51 -74.53 47.90
N THR J 628 -46.36 -74.45 49.23
CA THR J 628 -47.51 -74.56 50.11
C THR J 628 -48.42 -73.34 50.02
N ILE J 629 -47.85 -72.15 49.81
CA ILE J 629 -48.70 -70.97 49.64
C ILE J 629 -49.48 -71.05 48.33
N ARG J 630 -48.85 -71.54 47.26
CA ARG J 630 -49.56 -71.67 45.99
C ARG J 630 -50.62 -72.76 46.04
N LYS J 631 -50.37 -73.85 46.79
CA LYS J 631 -51.42 -74.85 47.01
C LYS J 631 -52.56 -74.27 47.85
N GLN J 632 -52.25 -73.36 48.77
CA GLN J 632 -53.30 -72.74 49.54
C GLN J 632 -54.14 -71.83 48.67
N LEU J 633 -53.53 -71.18 47.68
CA LEU J 633 -54.31 -70.43 46.70
C LEU J 633 -55.06 -71.37 45.77
N LEU J 634 -54.60 -72.62 45.63
CA LEU J 634 -55.32 -73.58 44.80
C LEU J 634 -56.59 -74.05 45.49
N ILE J 635 -56.51 -74.33 46.79
CA ILE J 635 -57.68 -74.83 47.51
C ILE J 635 -58.66 -73.69 47.80
N ASN J 636 -58.13 -72.52 48.21
CA ASN J 636 -58.98 -71.34 48.36
C ASN J 636 -59.55 -70.90 47.01
N GLU J 637 -58.83 -71.16 45.93
CA GLU J 637 -59.33 -70.84 44.60
C GLU J 637 -60.43 -71.81 44.18
N LEU J 638 -60.32 -73.08 44.56
CA LEU J 638 -61.29 -74.07 44.10
C LEU J 638 -62.56 -74.02 44.93
N GLU J 639 -62.45 -73.73 46.22
CA GLU J 639 -63.63 -73.75 47.09
C GLU J 639 -64.49 -72.51 46.94
N SER J 640 -63.89 -71.35 46.71
CA SER J 640 -64.58 -70.07 46.70
C SER J 640 -65.25 -69.75 45.36
N THR J 641 -65.35 -70.73 44.45
CA THR J 641 -66.15 -70.77 43.22
C THR J 641 -65.90 -69.62 42.24
N GLU J 642 -64.88 -68.79 42.48
CA GLU J 642 -64.51 -67.73 41.55
C GLU J 642 -62.99 -67.64 41.45
N ARG J 643 -62.55 -66.78 40.53
CA ARG J 643 -61.14 -66.44 40.39
C ARG J 643 -60.76 -65.34 41.38
N SER J 644 -59.47 -65.25 41.67
CA SER J 644 -58.98 -64.32 42.67
C SER J 644 -58.70 -62.96 42.04
N SER J 645 -58.75 -61.93 42.89
CA SER J 645 -58.52 -60.56 42.44
C SER J 645 -57.03 -60.24 42.37
N ILE J 646 -56.29 -60.53 43.43
CA ILE J 646 -54.85 -60.36 43.48
C ILE J 646 -54.22 -61.73 43.24
N PRO J 647 -53.67 -61.99 42.07
CA PRO J 647 -53.06 -63.30 41.83
C PRO J 647 -51.68 -63.39 42.45
N ILE J 648 -51.18 -64.61 42.54
CA ILE J 648 -49.80 -64.85 42.92
C ILE J 648 -49.06 -65.38 41.70
N THR J 649 -47.86 -64.88 41.48
CA THR J 649 -47.05 -65.27 40.33
C THR J 649 -45.67 -65.66 40.82
N ILE J 650 -44.78 -65.92 39.85
CA ILE J 650 -43.41 -66.26 40.19
C ILE J 650 -42.59 -65.00 40.40
N ARG J 651 -43.14 -63.84 40.01
CA ARG J 651 -42.54 -62.57 40.39
C ARG J 651 -42.57 -62.39 41.90
N GLN J 652 -43.55 -63.00 42.57
CA GLN J 652 -43.57 -62.94 44.03
C GLN J 652 -42.42 -63.76 44.61
N LEU J 653 -42.09 -64.89 44.00
CA LEU J 653 -40.92 -65.64 44.40
C LEU J 653 -39.66 -64.83 44.15
N GLU J 654 -39.63 -64.08 43.06
CA GLU J 654 -38.46 -63.27 42.74
C GLU J 654 -38.31 -62.10 43.72
N ALA J 655 -39.42 -61.57 44.23
CA ALA J 655 -39.34 -60.54 45.25
C ALA J 655 -38.82 -61.12 46.56
N ILE J 656 -39.33 -62.31 46.93
CA ILE J 656 -38.85 -63.00 48.13
C ILE J 656 -37.37 -63.29 48.04
N ILE J 657 -36.89 -63.68 46.85
CA ILE J 657 -35.49 -63.97 46.73
C ILE J 657 -34.65 -62.71 46.68
N ARG J 658 -35.23 -61.55 46.37
CA ARG J 658 -34.43 -60.33 46.46
C ARG J 658 -34.39 -59.70 47.86
N ILE J 659 -35.37 -59.97 48.71
CA ILE J 659 -35.36 -59.41 50.06
C ILE J 659 -34.19 -59.91 50.89
N THR J 660 -33.78 -61.16 50.70
CA THR J 660 -32.66 -61.70 51.46
C THR J 660 -31.34 -61.06 51.06
N GLU J 661 -31.18 -60.68 49.80
CA GLU J 661 -29.96 -59.95 49.47
C GLU J 661 -30.02 -58.51 49.93
N SER J 662 -31.22 -57.95 50.08
CA SER J 662 -31.29 -56.62 50.71
C SER J 662 -30.82 -56.67 52.16
N LEU J 663 -31.29 -57.67 52.90
CA LEU J 663 -30.96 -57.73 54.32
C LEU J 663 -29.53 -58.20 54.54
N ALA J 664 -29.01 -59.06 53.66
CA ALA J 664 -27.61 -59.42 53.74
C ALA J 664 -26.72 -58.25 53.37
N LYS J 665 -27.17 -57.44 52.41
CA LYS J 665 -26.41 -56.27 52.05
C LYS J 665 -26.45 -55.21 53.15
N LEU J 666 -27.45 -55.27 54.05
CA LEU J 666 -27.31 -54.55 55.31
C LEU J 666 -26.23 -55.18 56.18
N GLU J 667 -26.29 -56.50 56.39
CA GLU J 667 -25.39 -57.14 57.34
C GLU J 667 -23.94 -57.23 56.86
N LEU J 668 -23.68 -56.88 55.60
CA LEU J 668 -22.39 -56.73 54.95
C LEU J 668 -21.69 -58.07 54.69
N SER J 669 -22.26 -59.19 55.15
CA SER J 669 -21.74 -60.53 54.96
C SER J 669 -21.96 -61.00 53.53
N PRO J 670 -21.09 -61.88 53.01
CA PRO J 670 -21.29 -62.38 51.64
C PRO J 670 -22.29 -63.51 51.52
N ILE J 671 -22.55 -64.27 52.58
CA ILE J 671 -23.44 -65.41 52.51
C ILE J 671 -24.71 -65.13 53.32
N ALA J 672 -25.68 -66.02 53.20
CA ALA J 672 -26.96 -65.89 53.87
C ALA J 672 -27.19 -67.05 54.84
N GLN J 673 -28.06 -66.81 55.82
CA GLN J 673 -28.32 -67.73 56.91
C GLN J 673 -29.83 -68.02 56.98
N GLU J 674 -30.23 -68.81 57.97
CA GLU J 674 -31.57 -69.38 57.96
C GLU J 674 -32.61 -68.44 58.55
N ARG J 675 -32.37 -67.99 59.79
CA ARG J 675 -33.19 -66.94 60.41
C ARG J 675 -33.14 -65.65 59.58
N HIS J 676 -32.00 -65.46 58.89
CA HIS J 676 -31.78 -64.36 57.97
C HIS J 676 -32.78 -64.35 56.83
N VAL J 677 -33.35 -65.51 56.50
CA VAL J 677 -34.45 -65.56 55.54
C VAL J 677 -35.81 -65.62 56.25
N ASP J 678 -35.87 -66.26 57.43
CA ASP J 678 -37.14 -66.45 58.13
C ASP J 678 -37.77 -65.14 58.56
N GLU J 679 -36.93 -64.13 58.82
CA GLU J 679 -37.46 -62.78 59.07
C GLU J 679 -38.18 -62.24 57.85
N ALA J 680 -37.67 -62.53 56.66
CA ALA J 680 -38.36 -62.13 55.44
C ALA J 680 -39.63 -62.93 55.20
N ILE J 681 -39.66 -64.20 55.66
CA ILE J 681 -40.92 -64.95 55.64
C ILE J 681 -41.97 -64.28 56.52
N ARG J 682 -41.55 -63.78 57.69
CA ARG J 682 -42.48 -63.07 58.56
C ARG J 682 -42.98 -61.78 57.92
N LEU J 683 -42.08 -61.03 57.29
CA LEU J 683 -42.44 -59.71 56.79
C LEU J 683 -43.30 -59.81 55.53
N PHE J 684 -42.85 -60.58 54.55
CA PHE J 684 -43.65 -60.81 53.35
C PHE J 684 -44.92 -61.56 53.68
N GLN J 685 -44.89 -62.41 54.71
CA GLN J 685 -46.09 -63.08 55.19
C GLN J 685 -47.10 -62.08 55.74
N ALA J 686 -46.60 -61.03 56.41
CA ALA J 686 -47.47 -59.95 56.82
C ALA J 686 -48.03 -59.20 55.63
N SER J 687 -47.28 -59.12 54.52
CA SER J 687 -47.85 -58.55 53.30
C SER J 687 -48.83 -59.49 52.60
N THR J 688 -48.73 -60.80 52.82
CA THR J 688 -49.75 -61.70 52.30
C THR J 688 -51.02 -61.63 53.12
N MET J 689 -50.89 -61.43 54.43
CA MET J 689 -52.05 -61.12 55.25
C MET J 689 -52.63 -59.76 54.88
N ASP J 690 -51.80 -58.85 54.40
CA ASP J 690 -52.30 -57.65 53.75
C ASP J 690 -52.99 -57.97 52.43
N ALA J 691 -52.58 -59.06 51.78
CA ALA J 691 -53.04 -59.32 50.41
C ALA J 691 -54.39 -60.02 50.39
N ALA J 692 -54.57 -61.05 51.23
CA ALA J 692 -55.71 -61.95 51.07
C ALA J 692 -57.02 -61.31 51.50
N SER J 693 -57.12 -60.88 52.74
CA SER J 693 -58.35 -60.30 53.27
C SER J 693 -58.60 -58.92 52.68
N VAL K 103 -41.98 37.34 -21.74
CA VAL K 103 -43.12 36.70 -22.38
C VAL K 103 -43.89 35.90 -21.34
N ASP K 104 -43.28 34.80 -20.90
CA ASP K 104 -43.88 33.99 -19.85
C ASP K 104 -43.80 34.69 -18.50
N ASP K 105 -42.72 35.44 -18.27
CA ASP K 105 -42.67 36.32 -17.12
C ASP K 105 -43.63 37.48 -17.27
N VAL K 106 -43.90 37.88 -18.51
CA VAL K 106 -44.94 38.86 -18.77
C VAL K 106 -46.31 38.23 -18.59
N THR K 107 -46.42 36.91 -18.82
CA THR K 107 -47.68 36.22 -18.56
C THR K 107 -47.96 36.14 -17.06
N GLY K 108 -47.00 35.61 -16.29
CA GLY K 108 -47.20 35.45 -14.87
C GLY K 108 -47.25 36.77 -14.12
N GLU K 109 -46.44 37.73 -14.54
CA GLU K 109 -46.53 39.07 -13.98
C GLU K 109 -47.83 39.76 -14.38
N LYS K 110 -48.33 39.45 -15.58
CA LYS K 110 -49.60 40.01 -16.04
C LYS K 110 -50.76 39.50 -15.20
N VAL K 111 -50.76 38.20 -14.92
CA VAL K 111 -51.76 37.62 -14.02
C VAL K 111 -51.56 38.14 -12.60
N ARG K 112 -50.31 38.46 -12.24
CA ARG K 112 -50.04 38.98 -10.90
C ARG K 112 -50.65 40.36 -10.70
N GLU K 113 -50.45 41.26 -11.66
CA GLU K 113 -51.03 42.58 -11.55
C GLU K 113 -52.54 42.55 -11.70
N ALA K 114 -53.07 41.60 -12.47
CA ALA K 114 -54.52 41.44 -12.53
C ALA K 114 -55.08 40.91 -11.22
N PHE K 115 -54.28 40.18 -10.45
CA PHE K 115 -54.71 39.67 -9.15
C PHE K 115 -54.69 40.75 -8.09
N GLU K 116 -53.62 41.55 -8.07
CA GLU K 116 -53.54 42.71 -7.19
C GLU K 116 -54.69 43.68 -7.48
N GLN K 117 -54.93 43.94 -8.76
CA GLN K 117 -56.08 44.73 -9.20
C GLN K 117 -57.40 44.09 -8.79
N PHE K 118 -57.45 42.76 -8.75
CA PHE K 118 -58.66 42.07 -8.32
C PHE K 118 -58.97 42.35 -6.86
N LEU K 119 -58.07 41.95 -5.96
CA LEU K 119 -58.45 42.04 -4.56
C LEU K 119 -58.36 43.45 -3.98
N GLU K 120 -57.74 44.39 -4.69
CA GLU K 120 -57.80 45.76 -4.20
C GLU K 120 -59.19 46.37 -4.41
N ASP K 121 -59.90 45.97 -5.46
CA ASP K 121 -61.16 46.59 -5.81
C ASP K 121 -62.33 46.12 -4.96
N PHE K 122 -63.54 46.40 -5.44
CA PHE K 122 -64.76 45.97 -4.77
C PHE K 122 -64.86 44.45 -4.74
N SER K 123 -65.45 43.94 -3.67
CA SER K 123 -65.69 42.51 -3.55
C SER K 123 -67.11 42.17 -3.15
N VAL K 124 -67.91 43.13 -2.68
CA VAL K 124 -69.29 42.89 -2.28
C VAL K 124 -70.20 43.69 -3.19
N GLN K 125 -71.11 42.99 -3.85
CA GLN K 125 -72.11 43.61 -4.71
C GLN K 125 -73.36 44.01 -3.94
N SER K 126 -73.55 43.46 -2.75
CA SER K 126 -74.79 43.63 -1.99
C SER K 126 -74.96 45.07 -1.51
N THR K 127 -76.21 45.42 -1.24
CA THR K 127 -76.61 46.74 -0.79
C THR K 127 -76.37 46.91 0.71
N ASP K 128 -77.00 47.93 1.29
CA ASP K 128 -76.94 48.19 2.73
C ASP K 128 -77.44 46.99 3.54
N THR K 129 -78.43 46.26 3.02
CA THR K 129 -78.91 45.03 3.65
C THR K 129 -77.88 43.94 3.35
N GLY K 130 -76.83 43.89 4.18
CA GLY K 130 -75.74 42.98 3.93
C GLY K 130 -74.98 42.56 5.19
N GLU K 131 -73.70 42.13 5.16
CA GLU K 131 -72.73 41.96 4.03
C GLU K 131 -72.48 43.25 3.23
N VAL K 132 -71.82 44.20 3.90
CA VAL K 132 -71.50 45.52 3.37
C VAL K 132 -70.09 45.46 2.80
N GLU K 133 -69.69 46.50 2.06
CA GLU K 133 -68.33 46.68 1.57
C GLU K 133 -67.31 46.52 2.69
N LYS K 134 -66.15 45.90 2.41
CA LYS K 134 -65.60 45.67 1.07
C LYS K 134 -65.70 44.30 0.34
N VAL K 135 -65.30 43.14 0.89
CA VAL K 135 -65.12 42.80 2.30
C VAL K 135 -63.69 42.34 2.61
N TYR K 136 -62.81 42.39 1.61
CA TYR K 136 -61.46 41.84 1.78
C TYR K 136 -60.64 42.62 2.80
N ARG K 137 -60.77 43.95 2.80
CA ARG K 137 -59.99 44.77 3.72
C ARG K 137 -60.40 44.54 5.17
N ALA K 138 -61.65 44.14 5.39
CA ALA K 138 -62.05 43.69 6.72
C ALA K 138 -61.37 42.38 7.09
N GLN K 139 -61.02 41.57 6.09
CA GLN K 139 -60.32 40.33 6.40
C GLN K 139 -58.85 40.59 6.69
N ILE K 140 -58.23 41.55 5.98
CA ILE K 140 -56.84 41.90 6.28
C ILE K 140 -56.74 42.57 7.65
N GLU K 141 -57.61 43.54 7.92
CA GLU K 141 -57.52 44.26 9.19
C GLU K 141 -57.97 43.40 10.35
N PHE K 142 -59.01 42.58 10.14
CA PHE K 142 -59.44 41.64 11.14
C PHE K 142 -58.37 40.59 11.41
N MET K 143 -57.55 40.30 10.40
CA MET K 143 -56.36 39.50 10.63
C MET K 143 -55.30 40.29 11.40
N LYS K 144 -55.23 41.60 11.19
CA LYS K 144 -54.22 42.42 11.85
C LYS K 144 -54.49 42.55 13.34
N ILE K 145 -55.75 42.50 13.75
CA ILE K 145 -56.04 42.63 15.18
C ILE K 145 -55.66 41.37 15.94
N TYR K 146 -55.75 40.20 15.30
CA TYR K 146 -55.50 38.95 15.99
C TYR K 146 -54.18 38.29 15.65
N ASP K 147 -53.57 38.65 14.52
CA ASP K 147 -52.22 38.24 14.12
C ASP K 147 -52.10 36.71 13.97
N LEU K 148 -52.84 36.17 12.99
CA LEU K 148 -52.87 34.72 12.76
C LEU K 148 -52.36 34.28 11.40
N ASN K 149 -52.22 35.21 10.44
CA ASN K 149 -51.42 35.04 9.22
C ASN K 149 -51.93 33.92 8.30
N THR K 150 -53.17 34.09 7.84
CA THR K 150 -53.72 33.33 6.72
C THR K 150 -54.88 34.15 6.17
N ILE K 151 -55.33 33.76 4.98
CA ILE K 151 -56.53 34.33 4.38
C ILE K 151 -57.35 33.21 3.76
N TYR K 152 -58.66 33.33 3.83
CA TYR K 152 -59.56 32.38 3.21
C TYR K 152 -60.29 33.12 2.11
N ILE K 153 -59.95 32.87 0.85
CA ILE K 153 -60.64 33.58 -0.22
C ILE K 153 -61.44 32.58 -1.03
N ASP K 154 -62.55 33.06 -1.56
CA ASP K 154 -63.47 32.22 -2.29
C ASP K 154 -63.08 32.18 -3.76
N TYR K 155 -63.59 31.16 -4.46
CA TYR K 155 -63.41 31.01 -5.89
C TYR K 155 -64.54 31.61 -6.69
N GLN K 156 -65.73 31.70 -6.09
CA GLN K 156 -66.91 32.11 -6.85
C GLN K 156 -66.84 33.60 -7.21
N HIS K 157 -66.28 34.41 -6.33
CA HIS K 157 -66.12 35.83 -6.62
C HIS K 157 -65.15 36.05 -7.76
N LEU K 158 -64.07 35.27 -7.81
CA LEU K 158 -63.18 35.33 -8.95
C LEU K 158 -63.83 34.73 -10.18
N SER K 159 -64.80 33.84 -10.00
CA SER K 159 -65.57 33.36 -11.14
C SER K 159 -66.53 34.42 -11.67
N MET K 160 -66.86 35.43 -10.87
CA MET K 160 -67.78 36.46 -11.33
C MET K 160 -67.13 37.40 -12.34
N ARG K 161 -65.95 37.92 -12.01
CA ARG K 161 -65.54 39.23 -12.52
C ARG K 161 -65.00 39.19 -13.95
N GLU K 162 -64.00 38.36 -14.20
CA GLU K 162 -63.17 38.47 -15.41
C GLU K 162 -63.83 37.84 -16.65
N ASN K 163 -65.08 37.36 -16.51
CA ASN K 163 -65.76 36.51 -17.50
C ASN K 163 -64.95 35.26 -17.78
N GLY K 164 -64.39 34.68 -16.71
CA GLY K 164 -63.76 33.37 -16.77
C GLY K 164 -62.36 33.33 -17.35
N ALA K 165 -61.79 34.47 -17.73
CA ALA K 165 -60.48 34.47 -18.35
C ALA K 165 -59.40 34.17 -17.32
N LEU K 166 -59.38 34.90 -16.21
CA LEU K 166 -58.40 34.61 -15.18
C LEU K 166 -58.77 33.36 -14.40
N ALA K 167 -60.04 32.96 -14.42
CA ALA K 167 -60.45 31.71 -13.81
C ALA K 167 -59.82 30.52 -14.51
N MET K 168 -59.63 30.62 -15.82
CA MET K 168 -58.92 29.60 -16.57
C MET K 168 -57.42 29.88 -16.66
N ALA K 169 -56.85 30.57 -15.69
CA ALA K 169 -55.41 30.83 -15.71
C ALA K 169 -54.73 30.45 -14.40
N ILE K 170 -55.47 30.43 -13.31
CA ILE K 170 -54.94 29.90 -12.06
C ILE K 170 -55.29 28.43 -11.91
N SER K 171 -56.43 28.03 -12.47
CA SER K 171 -56.94 26.69 -12.23
C SER K 171 -56.12 25.61 -12.92
N GLU K 172 -55.46 25.92 -14.04
CA GLU K 172 -54.62 24.89 -14.66
C GLU K 172 -53.23 24.83 -14.04
N GLN K 173 -52.43 25.88 -14.19
CA GLN K 173 -51.04 25.81 -13.78
C GLN K 173 -50.84 26.45 -12.42
N TYR K 174 -51.47 25.85 -11.41
CA TYR K 174 -51.45 26.45 -10.10
C TYR K 174 -50.09 26.36 -9.45
N TYR K 175 -49.36 25.27 -9.68
CA TYR K 175 -48.08 25.10 -9.02
C TYR K 175 -47.03 26.04 -9.61
N ARG K 176 -47.25 26.49 -10.84
CA ARG K 176 -46.36 27.49 -11.43
C ARG K 176 -46.55 28.85 -10.77
N PHE K 177 -47.74 29.10 -10.23
CA PHE K 177 -48.14 30.43 -9.82
C PHE K 177 -48.24 30.59 -8.31
N LEU K 178 -47.41 29.91 -7.53
CA LEU K 178 -47.30 30.31 -6.12
C LEU K 178 -46.57 31.63 -5.92
N PRO K 179 -45.28 31.79 -6.30
CA PRO K 179 -44.53 32.93 -5.76
C PRO K 179 -44.95 34.27 -6.35
N PHE K 180 -45.58 34.27 -7.52
CA PHE K 180 -46.07 35.53 -8.08
C PHE K 180 -47.28 36.00 -7.31
N LEU K 181 -48.19 35.07 -7.02
CA LEU K 181 -49.40 35.38 -6.25
C LEU K 181 -49.04 35.82 -4.84
N GLN K 182 -48.15 35.07 -4.18
CA GLN K 182 -47.78 35.37 -2.81
C GLN K 182 -46.94 36.66 -2.73
N LYS K 183 -46.21 36.97 -3.80
CA LYS K 183 -45.46 38.22 -3.84
C LYS K 183 -46.38 39.42 -3.98
N GLY K 184 -47.36 39.34 -4.89
CA GLY K 184 -48.30 40.44 -5.07
C GLY K 184 -49.14 40.69 -3.84
N LEU K 185 -49.58 39.62 -3.18
CA LEU K 185 -50.31 39.77 -1.93
C LEU K 185 -49.43 40.36 -0.83
N ARG K 186 -48.13 40.05 -0.85
CA ARG K 186 -47.23 40.68 0.13
C ARG K 186 -47.09 42.17 -0.13
N ARG K 187 -47.12 42.61 -1.40
CA ARG K 187 -47.03 44.04 -1.64
C ARG K 187 -48.33 44.76 -1.27
N VAL K 188 -49.47 44.08 -1.39
CA VAL K 188 -50.72 44.66 -0.89
C VAL K 188 -50.67 44.83 0.63
N VAL K 189 -50.10 43.84 1.32
CA VAL K 189 -49.96 43.93 2.77
C VAL K 189 -49.01 45.07 3.16
N ARG K 190 -47.89 45.24 2.45
CA ARG K 190 -47.00 46.34 2.82
C ARG K 190 -47.57 47.69 2.44
N LYS K 191 -48.58 47.72 1.55
CA LYS K 191 -49.31 48.96 1.35
C LYS K 191 -50.26 49.26 2.50
N TYR K 192 -50.99 48.27 3.00
CA TYR K 192 -52.07 48.57 3.94
C TYR K 192 -51.85 48.05 5.37
N ALA K 193 -50.63 47.69 5.74
CA ALA K 193 -50.41 47.04 7.03
C ALA K 193 -48.95 47.22 7.43
N PRO K 194 -48.63 47.06 8.73
CA PRO K 194 -47.20 46.99 9.08
C PRO K 194 -46.54 45.74 8.52
N GLU K 260 -41.03 37.47 8.49
CA GLU K 260 -41.85 37.37 9.69
C GLU K 260 -43.27 36.96 9.27
N ARG K 261 -43.52 37.02 7.96
CA ARG K 261 -44.83 36.74 7.40
C ARG K 261 -44.72 35.46 6.58
N VAL K 262 -45.66 34.53 6.80
CA VAL K 262 -45.79 33.33 5.99
C VAL K 262 -47.25 33.21 5.58
N PHE K 263 -47.52 33.35 4.29
CA PHE K 263 -48.88 33.51 3.81
C PHE K 263 -49.34 32.27 3.05
N GLN K 264 -50.54 31.82 3.37
CA GLN K 264 -51.14 30.65 2.77
C GLN K 264 -52.45 31.09 2.14
N ILE K 265 -52.66 30.72 0.89
CA ILE K 265 -53.76 31.27 0.10
C ILE K 265 -54.64 30.09 -0.27
N SER K 266 -55.59 29.77 0.58
CA SER K 266 -56.33 28.52 0.47
C SER K 266 -57.69 28.79 -0.15
N PHE K 267 -57.91 28.24 -1.33
CA PHE K 267 -59.16 28.51 -2.02
C PHE K 267 -60.23 27.58 -1.45
N PHE K 268 -61.50 27.84 -1.80
CA PHE K 268 -62.57 26.91 -1.43
C PHE K 268 -63.77 27.13 -2.35
N ASN K 269 -64.80 26.30 -2.13
CA ASN K 269 -66.11 26.37 -2.78
C ASN K 269 -65.99 26.24 -4.31
N LEU K 270 -65.48 25.12 -4.72
CA LEU K 270 -65.28 24.79 -6.12
C LEU K 270 -66.55 24.18 -6.71
N PRO K 271 -66.73 24.25 -8.04
CA PRO K 271 -67.98 23.73 -8.64
C PRO K 271 -68.20 22.22 -8.55
N THR K 272 -67.26 21.41 -9.04
CA THR K 272 -67.51 20.01 -9.32
C THR K 272 -66.55 19.13 -8.54
N VAL K 273 -67.10 18.17 -7.79
CA VAL K 273 -66.31 17.29 -6.93
C VAL K 273 -66.02 16.00 -7.66
N HIS K 274 -64.75 15.59 -7.68
CA HIS K 274 -64.36 14.32 -8.26
C HIS K 274 -64.04 13.30 -7.17
N ARG K 275 -64.07 12.04 -7.57
CA ARG K 275 -63.74 10.92 -6.69
C ARG K 275 -62.29 10.54 -6.90
N ILE K 276 -61.87 9.41 -6.32
CA ILE K 276 -60.52 8.93 -6.56
C ILE K 276 -60.40 8.27 -7.93
N ARG K 277 -61.50 7.72 -8.46
CA ARG K 277 -61.45 7.03 -9.73
C ARG K 277 -61.29 7.97 -10.90
N ASP K 278 -61.71 9.21 -10.76
CA ASP K 278 -61.56 10.19 -11.82
C ASP K 278 -60.16 10.80 -11.85
N ILE K 279 -59.24 10.33 -11.00
CA ILE K 279 -57.86 10.81 -11.08
C ILE K 279 -57.18 10.16 -12.27
N ARG K 280 -56.66 10.99 -13.16
CA ARG K 280 -55.81 10.55 -14.25
C ARG K 280 -54.51 11.32 -14.15
N SER K 281 -53.66 11.26 -15.17
CA SER K 281 -52.43 12.04 -15.14
C SER K 281 -52.42 13.19 -16.12
N GLU K 282 -53.50 13.41 -16.87
CA GLU K 282 -53.61 14.65 -17.60
C GLU K 282 -54.02 15.80 -16.71
N LYS K 283 -54.57 15.51 -15.54
CA LYS K 283 -55.00 16.53 -14.60
C LYS K 283 -53.92 16.89 -13.61
N ILE K 284 -52.66 16.83 -14.02
CA ILE K 284 -51.58 17.19 -13.12
C ILE K 284 -51.52 18.72 -13.00
N GLY K 285 -51.07 19.20 -11.84
CA GLY K 285 -50.96 20.62 -11.58
C GLY K 285 -52.22 21.31 -11.11
N SER K 286 -53.39 20.90 -11.60
CA SER K 286 -54.60 21.69 -11.48
C SER K 286 -55.20 21.61 -10.07
N LEU K 287 -56.41 22.17 -9.94
CA LEU K 287 -57.15 22.12 -8.68
C LEU K 287 -58.31 21.15 -8.82
N LEU K 288 -58.64 20.46 -7.73
CA LEU K 288 -59.70 19.48 -7.76
C LEU K 288 -60.21 19.23 -6.35
N SER K 289 -61.51 18.98 -6.23
CA SER K 289 -62.14 18.74 -4.95
C SER K 289 -62.29 17.24 -4.71
N ILE K 290 -61.56 16.71 -3.73
CA ILE K 290 -61.52 15.30 -3.41
C ILE K 290 -62.28 15.07 -2.14
N SER K 291 -63.17 14.08 -2.16
CA SER K 291 -63.98 13.71 -1.00
C SER K 291 -63.79 12.24 -0.69
N GLY K 292 -63.49 11.92 0.57
CA GLY K 292 -63.34 10.54 0.97
C GLY K 292 -63.47 10.30 2.46
N THR K 293 -62.64 9.42 3.01
CA THR K 293 -62.74 8.99 4.41
C THR K 293 -61.36 8.87 5.03
N VAL K 294 -61.13 9.59 6.12
CA VAL K 294 -59.83 9.58 6.79
C VAL K 294 -59.71 8.32 7.62
N THR K 295 -58.55 7.66 7.50
CA THR K 295 -58.21 6.49 8.30
C THR K 295 -56.70 6.45 8.47
N ARG K 296 -56.25 6.20 9.70
CA ARG K 296 -54.84 6.08 10.09
C ARG K 296 -54.09 7.39 9.79
N THR K 297 -54.44 8.39 10.57
CA THR K 297 -53.64 9.61 10.63
C THR K 297 -52.32 9.37 11.34
N SER K 298 -51.38 10.29 11.15
CA SER K 298 -50.06 10.22 11.73
C SER K 298 -49.83 11.44 12.62
N GLU K 299 -48.60 11.61 13.10
CA GLU K 299 -48.33 12.68 14.06
C GLU K 299 -47.65 13.88 13.39
N VAL K 300 -47.25 14.84 14.22
CA VAL K 300 -46.90 16.19 13.77
C VAL K 300 -45.41 16.42 13.96
N ARG K 301 -44.71 16.72 12.88
CA ARG K 301 -43.26 16.82 12.85
C ARG K 301 -42.85 18.01 11.99
N PRO K 302 -41.70 18.63 12.26
CA PRO K 302 -41.29 19.83 11.50
C PRO K 302 -40.69 19.50 10.13
N GLU K 303 -40.22 20.56 9.48
CA GLU K 303 -39.76 20.54 8.10
C GLU K 303 -39.02 21.86 7.86
N LEU K 304 -37.93 21.82 7.10
CA LEU K 304 -37.02 22.96 7.12
C LEU K 304 -37.44 24.12 6.23
N TYR K 305 -37.39 23.93 4.91
CA TYR K 305 -37.73 24.87 3.84
C TYR K 305 -37.09 26.27 3.90
N LYS K 306 -36.14 26.51 4.81
CA LYS K 306 -35.44 27.80 4.93
C LYS K 306 -34.00 27.48 5.36
N ALA K 307 -33.11 27.39 4.39
CA ALA K 307 -31.77 26.92 4.67
C ALA K 307 -30.85 28.06 5.12
N SER K 308 -29.89 27.72 5.97
CA SER K 308 -28.74 28.58 6.25
C SER K 308 -27.51 27.67 6.19
N PHE K 309 -26.99 27.45 4.99
CA PHE K 309 -26.01 26.40 4.77
C PHE K 309 -24.96 26.89 3.78
N THR K 310 -23.73 27.08 4.26
CA THR K 310 -22.61 27.38 3.37
C THR K 310 -21.33 26.87 4.01
N CYS K 311 -20.26 26.83 3.21
CA CYS K 311 -19.04 26.15 3.60
C CYS K 311 -18.29 26.91 4.70
N ASP K 312 -17.46 26.18 5.43
CA ASP K 312 -16.75 26.72 6.58
C ASP K 312 -15.57 27.61 6.18
N MET K 313 -15.17 27.58 4.91
CA MET K 313 -14.07 28.40 4.41
C MET K 313 -14.64 29.30 3.31
N CYS K 314 -15.14 30.49 3.68
CA CYS K 314 -15.17 30.96 5.06
C CYS K 314 -16.58 31.31 5.52
N ARG K 315 -17.33 31.93 4.63
CA ARG K 315 -18.64 32.47 4.99
C ARG K 315 -19.70 31.37 5.04
N ALA K 316 -20.49 31.35 6.11
CA ALA K 316 -21.54 30.36 6.31
C ALA K 316 -22.83 31.02 6.75
N ILE K 317 -23.24 32.09 6.05
CA ILE K 317 -24.41 32.84 6.47
C ILE K 317 -25.40 33.03 5.32
N VAL K 318 -25.43 32.11 4.37
CA VAL K 318 -26.25 32.28 3.17
C VAL K 318 -27.64 31.69 3.42
N ASP K 319 -28.66 32.55 3.46
CA ASP K 319 -30.04 32.08 3.42
C ASP K 319 -30.40 31.70 1.99
N ASN K 320 -31.18 30.64 1.82
CA ASN K 320 -31.13 30.00 0.52
C ASN K 320 -32.37 29.15 0.23
N VAL K 321 -32.21 28.25 -0.73
CA VAL K 321 -33.12 27.29 -1.31
C VAL K 321 -33.50 26.16 -0.35
N GLU K 322 -34.10 25.10 -0.92
CA GLU K 322 -34.67 23.88 -0.34
C GLU K 322 -36.06 24.16 0.15
N GLN K 323 -36.68 25.18 -0.44
CA GLN K 323 -38.14 25.24 -0.43
C GLN K 323 -38.73 24.04 -1.15
N SER K 324 -38.20 23.71 -2.33
CA SER K 324 -38.53 22.45 -2.98
C SER K 324 -37.73 21.33 -2.34
N PHE K 325 -38.30 20.14 -2.34
CA PHE K 325 -37.73 19.00 -1.62
C PHE K 325 -36.51 18.48 -2.37
N LYS K 326 -35.33 18.69 -1.80
CA LYS K 326 -34.13 18.08 -2.38
C LYS K 326 -33.39 17.12 -1.45
N TYR K 327 -32.99 17.46 -0.21
CA TYR K 327 -33.02 18.74 0.52
C TYR K 327 -31.73 19.52 0.29
N THR K 328 -30.62 18.91 0.72
CA THR K 328 -29.30 19.47 0.50
C THR K 328 -28.96 19.45 -1.00
N GLU K 329 -28.22 20.45 -1.50
CA GLU K 329 -27.61 21.59 -0.81
C GLU K 329 -27.51 22.81 -1.73
N PRO K 330 -26.96 23.91 -1.23
CA PRO K 330 -26.74 25.08 -2.10
C PRO K 330 -25.58 24.85 -3.05
N THR K 331 -25.80 25.21 -4.32
CA THR K 331 -24.90 24.82 -5.39
C THR K 331 -23.96 25.93 -5.85
N PHE K 332 -24.50 27.07 -6.29
CA PHE K 332 -23.72 28.08 -6.99
C PHE K 332 -23.34 29.22 -6.05
N CYS K 333 -22.57 30.18 -6.59
CA CYS K 333 -22.02 31.37 -5.94
C CYS K 333 -21.24 30.97 -4.69
N PRO K 334 -20.48 29.89 -4.75
CA PRO K 334 -19.85 29.35 -3.54
C PRO K 334 -18.41 29.83 -3.35
N ASN K 335 -17.88 29.78 -2.13
CA ASN K 335 -18.65 29.64 -0.89
C ASN K 335 -19.15 30.98 -0.33
N PRO K 336 -18.28 31.99 -0.20
CA PRO K 336 -16.88 32.42 -0.37
C PRO K 336 -15.89 31.70 0.56
N SER K 337 -14.79 31.18 0.04
CA SER K 337 -14.43 31.33 -1.38
C SER K 337 -14.41 29.99 -2.11
N CYS K 338 -14.75 28.92 -1.39
CA CYS K 338 -14.66 27.57 -1.95
C CYS K 338 -15.79 27.35 -2.95
N GLU K 339 -15.43 27.26 -4.23
CA GLU K 339 -16.39 27.35 -5.33
C GLU K 339 -17.14 26.02 -5.51
N ASN K 340 -17.79 25.89 -6.68
CA ASN K 340 -18.66 24.75 -6.96
C ASN K 340 -17.85 23.45 -7.03
N ARG K 341 -18.28 22.44 -6.27
CA ARG K 341 -19.57 22.42 -5.56
C ARG K 341 -19.43 22.30 -4.05
N ALA K 342 -18.57 23.13 -3.46
CA ALA K 342 -18.47 23.19 -2.02
C ALA K 342 -19.72 23.80 -1.42
N PHE K 343 -20.21 23.19 -0.34
CA PHE K 343 -21.53 23.45 0.21
C PHE K 343 -21.51 23.21 1.71
N TRP K 344 -22.68 22.87 2.24
CA TRP K 344 -22.98 22.53 3.63
C TRP K 344 -21.93 21.62 4.28
N THR K 345 -21.67 21.68 5.59
CA THR K 345 -22.53 21.90 6.80
C THR K 345 -23.70 22.89 6.89
N LEU K 346 -24.86 22.36 7.28
CA LEU K 346 -26.07 23.15 7.45
C LEU K 346 -26.08 23.73 8.86
N ASN K 347 -27.23 24.30 9.27
CA ASN K 347 -27.36 24.93 10.57
C ASN K 347 -28.68 24.54 11.18
N VAL K 348 -28.65 23.99 12.38
CA VAL K 348 -29.84 23.49 13.06
C VAL K 348 -30.37 24.50 14.07
N THR K 349 -29.97 25.76 13.94
CA THR K 349 -30.49 26.80 14.82
C THR K 349 -30.89 28.07 14.10
N ARG K 350 -30.54 28.23 12.82
CA ARG K 350 -30.92 29.38 12.04
C ARG K 350 -31.76 28.88 10.87
N SER K 351 -33.07 28.79 11.08
CA SER K 351 -34.02 28.42 10.04
C SER K 351 -35.40 28.89 10.46
N ARG K 352 -36.37 28.67 9.59
CA ARG K 352 -37.77 28.93 9.89
C ARG K 352 -38.58 27.68 9.51
N PHE K 353 -39.13 27.03 10.51
CA PHE K 353 -39.79 25.74 10.35
C PHE K 353 -41.30 25.93 10.24
N LEU K 354 -41.98 24.89 9.78
CA LEU K 354 -43.40 24.72 10.06
C LEU K 354 -43.65 23.23 10.17
N ASP K 355 -44.86 22.87 10.58
CA ASP K 355 -45.15 21.50 10.95
C ASP K 355 -46.20 20.91 10.02
N TRP K 356 -46.06 19.62 9.71
CA TRP K 356 -46.99 18.96 8.82
C TRP K 356 -47.14 17.50 9.19
N GLN K 357 -48.34 16.97 8.94
CA GLN K 357 -48.65 15.56 9.12
C GLN K 357 -49.12 14.98 7.80
N LYS K 358 -49.31 13.67 7.78
CA LYS K 358 -49.62 12.94 6.55
C LYS K 358 -50.75 11.97 6.84
N VAL K 359 -51.98 12.41 6.64
CA VAL K 359 -53.15 11.54 6.77
C VAL K 359 -53.28 10.77 5.48
N ARG K 360 -54.11 9.73 5.46
CA ARG K 360 -54.15 8.81 4.33
C ARG K 360 -55.58 8.41 4.06
N ILE K 361 -56.18 9.03 3.06
CA ILE K 361 -57.61 8.92 2.84
C ILE K 361 -57.94 7.56 2.22
N GLN K 362 -59.18 7.14 2.40
CA GLN K 362 -59.69 5.88 1.88
C GLN K 362 -61.04 6.13 1.23
N GLU K 363 -61.31 5.43 0.14
CA GLU K 363 -62.46 5.76 -0.70
C GLU K 363 -63.78 5.44 -0.01
N ASN K 364 -64.76 6.33 -0.24
CA ASN K 364 -66.14 6.25 0.18
C ASN K 364 -66.75 4.87 -0.07
N ALA K 365 -67.69 4.50 0.80
CA ALA K 365 -68.34 3.20 0.73
C ALA K 365 -69.53 3.17 -0.21
N ASN K 366 -70.09 4.31 -0.56
CA ASN K 366 -71.29 4.35 -1.38
C ASN K 366 -70.98 4.71 -2.83
N GLU K 367 -69.78 4.44 -3.30
CA GLU K 367 -69.36 4.91 -4.60
C GLU K 367 -68.68 3.84 -5.47
N ILE K 368 -68.07 2.83 -4.87
CA ILE K 368 -67.08 1.99 -5.55
C ILE K 368 -67.76 1.14 -6.61
N PRO K 369 -67.11 0.90 -7.76
CA PRO K 369 -67.79 0.20 -8.84
C PRO K 369 -67.88 -1.29 -8.57
N THR K 370 -69.11 -1.76 -8.53
CA THR K 370 -69.40 -3.16 -8.28
C THR K 370 -68.89 -4.04 -9.42
N GLY K 371 -67.93 -4.92 -9.11
CA GLY K 371 -67.42 -5.13 -7.75
C GLY K 371 -65.92 -5.28 -7.61
N SER K 372 -65.31 -4.40 -6.82
CA SER K 372 -63.89 -4.48 -6.54
C SER K 372 -63.65 -3.99 -5.12
N MET K 373 -62.40 -3.68 -4.81
CA MET K 373 -62.07 -3.33 -3.45
C MET K 373 -61.75 -1.83 -3.30
N PRO K 374 -61.87 -1.30 -2.08
CA PRO K 374 -61.49 0.11 -1.86
C PRO K 374 -60.00 0.36 -2.03
N ARG K 375 -59.70 1.63 -2.27
CA ARG K 375 -58.44 2.08 -2.88
C ARG K 375 -57.88 3.24 -2.06
N THR K 376 -56.63 3.13 -1.65
CA THR K 376 -56.09 4.17 -0.79
C THR K 376 -55.51 5.32 -1.61
N LEU K 377 -55.17 6.39 -0.91
CA LEU K 377 -54.47 7.53 -1.47
C LEU K 377 -53.82 8.29 -0.32
N ASP K 378 -52.67 8.89 -0.60
CA ASP K 378 -51.96 9.68 0.39
C ASP K 378 -52.26 11.15 0.18
N VAL K 379 -52.10 11.95 1.23
CA VAL K 379 -52.44 13.37 1.19
C VAL K 379 -51.68 14.08 2.31
N ILE K 380 -51.12 15.25 2.01
CA ILE K 380 -50.24 15.97 2.91
C ILE K 380 -50.89 17.28 3.32
N LEU K 381 -50.83 17.62 4.60
CA LEU K 381 -51.41 18.84 5.14
C LEU K 381 -50.33 19.67 5.79
N ARG K 382 -50.15 20.90 5.31
CA ARG K 382 -49.19 21.83 5.89
C ARG K 382 -49.88 23.04 6.50
N GLY K 383 -49.24 23.61 7.52
CA GLY K 383 -49.63 24.91 8.02
C GLY K 383 -50.90 24.97 8.82
N ASP K 384 -51.95 25.56 8.23
CA ASP K 384 -53.17 25.82 8.97
C ASP K 384 -53.94 24.55 9.25
N SER K 385 -54.00 23.63 8.29
CA SER K 385 -54.89 22.49 8.38
C SER K 385 -54.28 21.29 9.10
N VAL K 386 -53.30 21.52 9.97
CA VAL K 386 -52.86 20.46 10.85
C VAL K 386 -53.96 20.20 11.87
N GLU K 387 -54.15 18.93 12.24
CA GLU K 387 -54.96 18.45 13.34
C GLU K 387 -56.47 18.57 13.08
N ARG K 388 -56.87 19.23 12.00
CA ARG K 388 -58.30 19.40 11.73
C ARG K 388 -58.97 18.11 11.27
N ALA K 389 -58.21 17.16 10.73
CA ALA K 389 -58.80 15.89 10.32
C ALA K 389 -59.18 15.05 11.54
N LYS K 390 -60.01 14.04 11.28
CA LYS K 390 -60.61 13.27 12.35
C LYS K 390 -60.72 11.82 11.91
N PRO K 391 -60.21 10.86 12.71
CA PRO K 391 -60.24 9.45 12.29
C PRO K 391 -61.65 8.89 12.27
N GLY K 392 -62.18 8.65 11.08
CA GLY K 392 -63.53 8.17 10.94
C GLY K 392 -64.52 9.29 10.67
N ASP K 393 -64.21 10.13 9.69
CA ASP K 393 -65.11 11.20 9.30
C ASP K 393 -64.80 11.55 7.85
N ARG K 394 -65.75 12.17 7.20
CA ARG K 394 -65.59 12.54 5.80
C ARG K 394 -64.98 13.93 5.70
N CYS K 395 -64.38 14.20 4.55
CA CYS K 395 -63.66 15.46 4.37
C CYS K 395 -63.83 15.96 2.96
N LYS K 396 -63.47 17.24 2.77
CA LYS K 396 -63.31 17.85 1.46
C LYS K 396 -61.97 18.55 1.47
N PHE K 397 -61.22 18.41 0.39
CA PHE K 397 -59.84 18.85 0.37
C PHE K 397 -59.61 19.91 -0.72
N THR K 398 -58.35 20.22 -0.97
CA THR K 398 -57.94 21.29 -1.87
C THR K 398 -56.83 20.80 -2.79
N GLY K 399 -56.97 21.11 -4.08
CA GLY K 399 -56.48 20.33 -5.21
C GLY K 399 -55.08 20.07 -5.72
N VAL K 400 -54.01 20.66 -5.20
CA VAL K 400 -52.84 20.93 -6.04
C VAL K 400 -52.03 19.75 -6.63
N GLU K 401 -52.06 18.57 -5.98
CA GLU K 401 -51.83 17.26 -6.61
C GLU K 401 -50.42 17.10 -7.21
N ILE K 402 -49.43 17.08 -6.31
CA ILE K 402 -48.00 16.96 -6.61
C ILE K 402 -47.64 15.53 -6.97
N VAL K 403 -46.38 15.31 -7.38
CA VAL K 403 -45.86 13.99 -7.72
C VAL K 403 -44.66 13.67 -6.82
N VAL K 404 -44.70 12.50 -6.18
CA VAL K 404 -43.71 12.04 -5.21
C VAL K 404 -42.80 10.98 -5.81
N PRO K 405 -41.49 11.04 -5.60
CA PRO K 405 -40.59 10.02 -6.15
C PRO K 405 -40.73 8.68 -5.44
N ASP K 406 -40.87 7.61 -6.23
CA ASP K 406 -41.14 6.27 -5.73
C ASP K 406 -40.00 5.33 -6.13
N VAL K 407 -39.84 4.26 -5.35
CA VAL K 407 -38.72 3.34 -5.54
C VAL K 407 -39.19 1.97 -5.97
N THR K 408 -40.08 1.36 -5.20
CA THR K 408 -40.29 -0.08 -5.22
C THR K 408 -41.02 -0.59 -6.45
N GLN K 409 -41.34 0.25 -7.42
CA GLN K 409 -41.94 -0.21 -8.67
C GLN K 409 -40.82 -0.50 -9.68
N LEU K 410 -40.11 -1.58 -9.44
CA LEU K 410 -39.13 -2.09 -10.38
C LEU K 410 -39.46 -3.54 -10.71
N GLY K 411 -39.30 -3.90 -11.97
CA GLY K 411 -39.74 -5.20 -12.43
C GLY K 411 -41.26 -5.21 -12.40
N LEU K 412 -41.86 -4.23 -13.04
CA LEU K 412 -43.30 -4.09 -12.97
C LEU K 412 -44.08 -4.97 -13.93
N PRO K 413 -43.77 -5.04 -15.25
CA PRO K 413 -42.68 -4.66 -16.15
C PRO K 413 -42.75 -3.23 -16.68
N GLY K 414 -41.68 -2.82 -17.37
CA GLY K 414 -41.56 -1.48 -17.92
C GLY K 414 -42.28 -1.28 -19.23
N VAL K 415 -41.68 -0.59 -20.20
CA VAL K 415 -40.30 -0.08 -20.14
C VAL K 415 -40.22 1.31 -19.52
N LYS K 416 -39.50 1.41 -18.48
CA LYS K 416 -39.36 2.64 -17.73
C LYS K 416 -38.19 3.46 -18.25
N PRO K 417 -38.31 4.78 -18.27
CA PRO K 417 -37.25 5.60 -18.87
C PRO K 417 -36.05 5.74 -17.95
N SER K 418 -35.00 6.34 -18.50
CA SER K 418 -33.79 6.64 -17.74
C SER K 418 -33.16 7.89 -18.32
N SER K 419 -32.18 8.44 -17.59
CA SER K 419 -31.75 9.82 -17.78
C SER K 419 -30.24 9.90 -17.99
N THR K 420 -29.72 9.13 -18.95
CA THR K 420 -28.29 9.12 -19.24
C THR K 420 -27.89 10.45 -19.86
N LEU K 421 -27.02 11.19 -19.17
CA LEU K 421 -26.75 12.57 -19.56
C LEU K 421 -25.91 12.66 -20.84
N ASP K 422 -25.91 13.83 -21.44
CA ASP K 422 -25.32 13.98 -22.76
C ASP K 422 -23.82 14.21 -22.66
N THR K 423 -23.09 13.71 -23.64
CA THR K 423 -21.65 13.88 -23.73
C THR K 423 -21.22 14.29 -25.14
N ARG K 424 -22.15 14.71 -25.98
CA ARG K 424 -21.85 15.18 -27.32
C ARG K 424 -21.43 16.65 -27.34
N GLY K 425 -21.11 17.21 -26.17
CA GLY K 425 -20.62 18.55 -25.98
C GLY K 425 -19.11 18.50 -25.76
N ILE K 426 -18.72 18.33 -24.50
CA ILE K 426 -17.35 18.21 -23.97
C ILE K 426 -16.48 17.30 -24.82
N SER K 427 -15.29 17.78 -25.18
CA SER K 427 -14.36 17.05 -26.04
C SER K 427 -13.26 16.42 -25.19
N LYS K 428 -12.99 15.14 -25.44
CA LYS K 428 -12.07 14.37 -24.62
C LYS K 428 -10.62 14.70 -24.96
N THR K 429 -9.71 13.90 -24.41
CA THR K 429 -8.29 14.03 -24.68
C THR K 429 -7.85 12.95 -25.66
N SER K 442 -18.49 9.38 -13.96
CA SER K 442 -18.53 8.52 -15.14
C SER K 442 -19.97 8.25 -15.56
N LEU K 443 -20.44 7.04 -15.30
CA LEU K 443 -21.83 6.68 -15.57
C LEU K 443 -22.66 7.06 -14.35
N GLY K 444 -23.03 8.34 -14.27
CA GLY K 444 -23.90 8.80 -13.20
C GLY K 444 -25.35 8.83 -13.64
N VAL K 445 -25.76 7.81 -14.39
CA VAL K 445 -27.12 7.76 -14.90
C VAL K 445 -28.06 7.38 -13.78
N ARG K 446 -29.34 7.70 -13.94
CA ARG K 446 -30.31 7.51 -12.87
C ARG K 446 -31.58 6.87 -13.41
N ASP K 447 -32.39 6.42 -12.46
CA ASP K 447 -33.73 5.91 -12.64
C ASP K 447 -34.74 6.92 -12.12
N LEU K 448 -35.99 6.75 -12.55
CA LEU K 448 -37.07 7.61 -12.05
C LEU K 448 -38.40 6.90 -12.23
N THR K 449 -39.14 6.77 -11.13
CA THR K 449 -40.49 6.21 -11.19
C THR K 449 -41.33 6.91 -10.11
N TYR K 450 -42.53 7.31 -10.50
CA TYR K 450 -43.28 8.33 -9.79
C TYR K 450 -44.69 7.86 -9.51
N LYS K 451 -45.20 8.17 -8.31
CA LYS K 451 -46.58 7.85 -7.98
C LYS K 451 -47.32 9.10 -7.52
N ILE K 452 -48.61 9.13 -7.85
CA ILE K 452 -49.45 10.29 -7.55
C ILE K 452 -49.74 10.34 -6.07
N SER K 453 -49.28 11.38 -5.42
CA SER K 453 -49.78 11.75 -4.10
C SER K 453 -50.68 12.95 -4.26
N PHE K 454 -51.04 13.58 -3.14
CA PHE K 454 -51.93 14.71 -3.16
C PHE K 454 -51.51 15.68 -2.07
N LEU K 455 -51.71 16.96 -2.32
CA LEU K 455 -51.34 17.98 -1.36
C LEU K 455 -52.49 18.94 -1.17
N ALA K 456 -52.84 19.22 0.09
CA ALA K 456 -54.03 19.96 0.44
C ALA K 456 -53.72 20.93 1.56
N CYS K 457 -54.51 21.99 1.66
CA CYS K 457 -54.26 23.05 2.62
C CYS K 457 -55.52 23.51 3.35
N HIS K 458 -56.70 23.22 2.83
CA HIS K 458 -57.96 23.54 3.47
C HIS K 458 -58.73 22.26 3.74
N VAL K 459 -59.11 22.06 5.00
CA VAL K 459 -59.89 20.89 5.39
C VAL K 459 -61.20 21.32 6.03
N ILE K 460 -62.31 21.03 5.37
CA ILE K 460 -63.63 21.24 5.93
C ILE K 460 -64.23 19.87 6.22
N SER K 461 -64.91 19.75 7.36
CA SER K 461 -65.34 18.44 7.86
C SER K 461 -66.83 18.21 7.68
N ILE K 462 -67.41 18.65 6.58
CA ILE K 462 -68.84 18.45 6.35
C ILE K 462 -69.06 17.04 5.81
N GLY K 463 -69.85 16.26 6.52
CA GLY K 463 -70.18 14.91 6.10
C GLY K 463 -70.94 14.13 7.15
N SER K 510 -81.65 30.00 16.10
CA SER K 510 -82.11 31.27 15.54
C SER K 510 -83.58 31.20 15.16
N ASP K 511 -83.87 30.74 13.93
CA ASP K 511 -85.25 30.58 13.51
C ASP K 511 -85.85 29.31 14.11
N GLU K 512 -85.12 28.20 14.05
CA GLU K 512 -85.63 26.90 14.45
C GLU K 512 -85.48 26.64 15.93
N ILE K 513 -84.94 27.59 16.70
CA ILE K 513 -85.02 27.44 18.15
C ILE K 513 -86.46 27.71 18.60
N ASN K 514 -87.21 28.48 17.81
CA ASN K 514 -88.65 28.57 18.01
C ASN K 514 -89.31 27.22 17.75
N GLU K 515 -88.78 26.46 16.80
CA GLU K 515 -89.30 25.13 16.55
C GLU K 515 -88.93 24.18 17.67
N LEU K 516 -87.77 24.38 18.30
CA LEU K 516 -87.46 23.66 19.54
C LEU K 516 -88.43 24.02 20.64
N LYS K 517 -88.86 25.28 20.69
CA LYS K 517 -89.89 25.65 21.65
C LYS K 517 -91.21 24.99 21.32
N GLU K 518 -91.49 24.75 20.04
CA GLU K 518 -92.65 23.96 19.68
C GLU K 518 -92.47 22.47 20.00
N MET K 519 -91.23 22.01 20.11
CA MET K 519 -90.95 20.62 20.42
C MET K 519 -90.71 20.37 21.91
N VAL K 520 -90.78 21.41 22.74
CA VAL K 520 -90.73 21.20 24.18
C VAL K 520 -92.06 21.52 24.87
N LYS K 521 -92.87 22.42 24.32
CA LYS K 521 -94.11 22.81 24.99
C LYS K 521 -95.22 21.78 24.81
N ASP K 522 -95.05 20.83 23.91
CA ASP K 522 -96.03 19.76 23.78
C ASP K 522 -95.92 18.82 24.97
N GLU K 523 -96.99 18.05 25.18
CA GLU K 523 -96.96 17.03 26.22
C GLU K 523 -96.82 15.63 25.66
N HIS K 524 -97.28 15.40 24.43
CA HIS K 524 -97.33 14.08 23.82
C HIS K 524 -96.03 13.67 23.15
N ILE K 525 -94.93 14.34 23.46
CA ILE K 525 -93.68 14.16 22.73
C ILE K 525 -93.07 12.78 22.94
N TYR K 526 -93.37 12.14 24.08
CA TYR K 526 -92.88 10.79 24.30
C TYR K 526 -93.56 9.80 23.37
N ASP K 527 -94.88 9.93 23.20
CA ASP K 527 -95.57 9.01 22.31
C ASP K 527 -95.31 9.32 20.84
N LYS K 528 -95.09 10.60 20.52
CA LYS K 528 -94.69 10.94 19.15
C LYS K 528 -93.32 10.37 18.83
N LEU K 529 -92.38 10.45 19.78
CA LEU K 529 -91.08 9.83 19.56
C LEU K 529 -91.15 8.31 19.56
N VAL K 530 -92.16 7.71 20.18
CA VAL K 530 -92.33 6.27 20.02
C VAL K 530 -92.83 5.94 18.62
N ARG K 531 -93.89 6.60 18.17
CA ARG K 531 -94.57 6.18 16.94
C ARG K 531 -93.82 6.58 15.66
N SER K 532 -92.67 7.24 15.76
CA SER K 532 -92.04 7.83 14.59
C SER K 532 -90.57 7.51 14.48
N ILE K 533 -90.17 6.26 14.72
CA ILE K 533 -88.76 5.90 14.57
C ILE K 533 -88.53 5.18 13.25
N ALA K 534 -89.13 4.02 13.08
CA ALA K 534 -88.87 3.30 11.85
C ALA K 534 -90.20 2.92 11.21
N PRO K 535 -90.60 3.59 10.14
CA PRO K 535 -91.92 3.35 9.57
C PRO K 535 -92.03 2.02 8.85
N ALA K 536 -90.90 1.46 8.41
CA ALA K 536 -90.94 0.19 7.70
C ALA K 536 -91.24 -0.95 8.66
N VAL K 537 -90.84 -0.81 9.91
CA VAL K 537 -91.16 -1.80 10.93
C VAL K 537 -92.63 -1.66 11.29
N PHE K 538 -93.34 -2.78 11.32
CA PHE K 538 -94.71 -2.81 11.82
C PHE K 538 -94.80 -3.85 12.90
N GLY K 539 -95.14 -3.43 14.11
CA GLY K 539 -95.28 -4.38 15.20
C GLY K 539 -95.09 -3.79 16.58
N HIS K 540 -94.40 -4.53 17.44
CA HIS K 540 -94.23 -4.15 18.82
C HIS K 540 -93.31 -2.94 18.95
N GLU K 541 -93.31 -2.34 20.13
CA GLU K 541 -92.76 -1.01 20.31
C GLU K 541 -91.62 -0.95 21.32
N ALA K 542 -91.41 -2.02 22.09
CA ALA K 542 -90.47 -1.96 23.21
C ALA K 542 -89.03 -1.86 22.75
N VAL K 543 -88.73 -2.44 21.59
CA VAL K 543 -87.37 -2.34 21.04
C VAL K 543 -87.15 -0.95 20.47
N LYS K 544 -88.22 -0.29 20.03
CA LYS K 544 -88.08 1.07 19.54
C LYS K 544 -87.85 2.02 20.69
N LYS K 545 -88.53 1.78 21.82
CA LYS K 545 -88.25 2.51 23.04
C LYS K 545 -86.83 2.26 23.52
N GLY K 546 -86.34 1.03 23.36
CA GLY K 546 -84.98 0.72 23.78
C GLY K 546 -83.93 1.42 22.94
N ILE K 547 -84.15 1.47 21.62
CA ILE K 547 -83.25 2.21 20.75
C ILE K 547 -83.27 3.70 21.09
N LEU K 548 -84.46 4.24 21.35
CA LEU K 548 -84.59 5.64 21.70
C LEU K 548 -83.90 5.94 23.03
N LEU K 549 -83.91 4.98 23.96
CA LEU K 549 -83.20 5.20 25.21
C LEU K 549 -81.69 5.06 25.03
N GLN K 550 -81.24 4.28 24.05
CA GLN K 550 -79.80 4.25 23.83
C GLN K 550 -79.30 5.50 23.14
N MET K 551 -80.15 6.15 22.35
CA MET K 551 -79.66 7.34 21.66
C MET K 551 -79.63 8.58 22.55
N LEU K 552 -80.03 8.46 23.81
CA LEU K 552 -79.89 9.53 24.80
C LEU K 552 -79.19 8.91 26.00
N GLY K 553 -77.93 9.25 26.19
CA GLY K 553 -77.11 8.58 27.18
C GLY K 553 -77.48 8.91 28.61
N GLY K 554 -76.71 8.35 29.54
CA GLY K 554 -76.86 8.63 30.95
C GLY K 554 -76.21 9.93 31.35
N VAL K 555 -75.66 9.93 32.56
CA VAL K 555 -74.95 11.11 33.05
C VAL K 555 -73.44 10.94 33.01
N HIS K 556 -72.95 9.70 33.12
CA HIS K 556 -71.54 9.26 33.11
C HIS K 556 -70.59 10.14 33.91
N LYS K 557 -71.05 10.70 35.02
CA LYS K 557 -70.26 11.63 35.82
C LYS K 557 -69.31 10.86 36.72
N SER K 558 -68.30 11.56 37.22
CA SER K 558 -67.32 10.91 38.08
C SER K 558 -67.89 10.73 39.48
N THR K 559 -67.16 9.96 40.29
CA THR K 559 -67.47 9.82 41.70
C THR K 559 -66.27 10.25 42.52
N VAL K 560 -66.44 10.25 43.84
CA VAL K 560 -65.28 10.28 44.73
C VAL K 560 -64.78 8.85 44.93
N GLU K 561 -63.48 8.65 44.77
CA GLU K 561 -62.51 9.68 44.36
C GLU K 561 -62.25 9.91 42.83
N GLY K 562 -61.99 8.90 41.96
CA GLY K 562 -61.96 7.46 42.20
C GLY K 562 -62.54 6.70 41.03
N ILE K 563 -63.39 5.72 41.33
CA ILE K 563 -64.03 4.92 40.30
C ILE K 563 -65.25 5.67 39.78
N LYS K 564 -65.26 5.99 38.48
CA LYS K 564 -66.42 6.64 37.91
C LYS K 564 -67.59 5.68 37.79
N LEU K 565 -68.77 6.24 37.53
CA LEU K 565 -69.98 5.44 37.35
C LEU K 565 -70.32 5.34 35.87
N ARG K 566 -70.68 4.14 35.45
CA ARG K 566 -71.35 3.97 34.17
C ARG K 566 -72.86 4.16 34.38
N GLY K 567 -73.49 4.98 33.55
CA GLY K 567 -72.90 5.47 32.32
C GLY K 567 -73.86 5.16 31.19
N ASP K 568 -73.48 4.21 30.37
CA ASP K 568 -74.19 3.92 29.14
C ASP K 568 -75.07 2.68 29.33
N ILE K 569 -75.99 2.46 28.40
CA ILE K 569 -76.98 1.40 28.53
C ILE K 569 -76.82 0.42 27.37
N ASN K 570 -77.09 -0.86 27.63
CA ASN K 570 -76.76 -1.95 26.70
C ASN K 570 -77.95 -2.89 26.51
N ILE K 571 -78.74 -2.62 25.47
CA ILE K 571 -79.85 -3.46 25.06
C ILE K 571 -79.33 -4.47 24.06
N CYS K 572 -79.63 -5.75 24.29
CA CYS K 572 -79.10 -6.84 23.48
C CYS K 572 -80.21 -7.78 23.04
N VAL K 573 -80.58 -7.69 21.75
CA VAL K 573 -81.74 -8.40 21.23
C VAL K 573 -81.40 -9.86 21.02
N VAL K 574 -82.16 -10.74 21.63
CA VAL K 574 -82.06 -12.18 21.40
C VAL K 574 -83.37 -12.63 20.79
N GLY K 575 -83.30 -13.27 19.62
CA GLY K 575 -84.56 -13.63 19.00
C GLY K 575 -84.42 -14.74 17.98
N ASP K 576 -85.59 -15.18 17.53
CA ASP K 576 -85.73 -16.16 16.47
C ASP K 576 -85.16 -15.59 15.17
N PRO K 577 -84.64 -16.42 14.28
CA PRO K 577 -84.56 -16.02 12.87
C PRO K 577 -85.95 -15.95 12.25
N SER K 578 -85.98 -15.37 11.06
CA SER K 578 -87.20 -14.85 10.41
C SER K 578 -87.95 -13.93 11.36
N THR K 579 -87.28 -12.85 11.73
CA THR K 579 -87.84 -11.84 12.61
C THR K 579 -87.56 -10.43 12.11
N SER K 580 -86.67 -10.29 11.12
CA SER K 580 -86.17 -9.01 10.61
C SER K 580 -85.56 -8.16 11.74
N LYS K 581 -84.74 -8.81 12.57
CA LYS K 581 -84.02 -8.08 13.59
C LYS K 581 -82.88 -7.27 13.00
N SER K 582 -82.45 -7.59 11.78
CA SER K 582 -81.38 -6.83 11.14
C SER K 582 -81.85 -5.47 10.66
N GLN K 583 -83.16 -5.29 10.48
CA GLN K 583 -83.66 -4.03 9.96
C GLN K 583 -83.61 -2.93 11.02
N PHE K 584 -83.66 -3.33 12.30
CA PHE K 584 -83.43 -2.39 13.39
C PHE K 584 -82.02 -1.81 13.30
N LEU K 585 -81.04 -2.69 13.12
CA LEU K 585 -79.66 -2.25 13.02
C LEU K 585 -79.41 -1.50 11.73
N LYS K 586 -80.11 -1.87 10.65
CA LYS K 586 -80.01 -1.12 9.41
C LYS K 586 -80.50 0.30 9.58
N TYR K 587 -81.57 0.49 10.35
CA TYR K 587 -82.05 1.84 10.58
C TYR K 587 -81.14 2.61 11.53
N VAL K 588 -80.60 1.92 12.54
CA VAL K 588 -79.77 2.60 13.54
C VAL K 588 -78.46 3.08 12.93
N VAL K 589 -77.77 2.19 12.21
CA VAL K 589 -76.51 2.61 11.59
C VAL K 589 -76.80 3.46 10.35
N GLY K 590 -78.03 3.39 9.83
CA GLY K 590 -78.39 4.27 8.73
C GLY K 590 -78.75 5.68 9.17
N PHE K 591 -78.97 5.89 10.47
CA PHE K 591 -79.45 7.17 10.95
C PHE K 591 -78.45 7.92 11.83
N ALA K 592 -77.99 7.34 12.92
CA ALA K 592 -77.29 8.10 13.94
C ALA K 592 -75.86 8.41 13.53
N PRO K 593 -75.27 9.48 14.07
CA PRO K 593 -73.82 9.68 13.95
C PRO K 593 -73.08 8.76 14.89
N ARG K 594 -71.77 8.66 14.65
CA ARG K 594 -70.85 7.80 15.41
C ARG K 594 -71.32 6.35 15.43
N SER K 595 -71.67 5.84 14.26
CA SER K 595 -72.24 4.50 14.13
C SER K 595 -71.31 3.65 13.29
N VAL K 596 -71.02 2.45 13.77
CA VAL K 596 -70.23 1.46 13.05
C VAL K 596 -71.02 0.16 13.01
N TYR K 597 -71.41 -0.27 11.82
CA TYR K 597 -72.00 -1.58 11.68
C TYR K 597 -70.91 -2.61 11.48
N THR K 598 -71.03 -3.73 12.17
CA THR K 598 -70.22 -4.90 11.90
C THR K 598 -71.08 -6.15 11.99
N SER K 599 -70.98 -6.99 10.97
CA SER K 599 -71.58 -8.32 10.99
C SER K 599 -70.45 -9.28 11.35
N GLY K 600 -70.15 -9.35 12.64
CA GLY K 600 -68.95 -10.02 13.06
C GLY K 600 -68.96 -11.52 12.96
N LYS K 601 -68.30 -12.03 11.94
CA LYS K 601 -67.66 -13.33 11.89
C LYS K 601 -66.26 -13.23 11.32
N ALA K 602 -66.07 -12.41 10.30
CA ALA K 602 -64.73 -11.98 9.88
C ALA K 602 -64.38 -10.67 10.57
N SER K 603 -64.25 -10.76 11.89
CA SER K 603 -64.04 -9.56 12.70
C SER K 603 -62.61 -9.00 12.58
N SER K 604 -61.53 -9.81 12.68
CA SER K 604 -61.35 -11.16 13.21
C SER K 604 -60.91 -11.09 14.65
N ALA K 605 -59.70 -10.55 14.86
CA ALA K 605 -59.17 -10.34 16.19
C ALA K 605 -58.83 -8.88 16.45
N ALA K 606 -58.01 -8.27 15.60
CA ALA K 606 -57.70 -6.85 15.72
C ALA K 606 -57.41 -6.30 14.33
N GLY K 607 -58.44 -5.79 13.64
CA GLY K 607 -59.84 -5.98 13.98
C GLY K 607 -60.49 -4.93 14.86
N LEU K 608 -60.74 -5.32 16.10
CA LEU K 608 -61.44 -4.49 17.07
C LEU K 608 -60.49 -3.73 17.99
N THR K 609 -59.22 -3.67 17.65
CA THR K 609 -58.19 -3.14 18.56
C THR K 609 -57.22 -2.35 17.67
N ALA K 610 -56.03 -2.05 18.19
CA ALA K 610 -54.96 -1.46 17.39
C ALA K 610 -54.23 -2.58 16.65
N ALA K 611 -53.17 -2.22 15.92
CA ALA K 611 -52.46 -3.26 15.17
C ALA K 611 -51.12 -3.68 15.77
N VAL K 612 -50.16 -2.80 16.13
CA VAL K 612 -49.96 -1.38 15.81
C VAL K 612 -49.21 -1.41 14.48
N VAL K 613 -49.33 -0.39 13.65
CA VAL K 613 -48.74 -0.41 12.32
C VAL K 613 -47.35 0.21 12.39
N ARG K 614 -46.35 -0.62 12.14
CA ARG K 614 -44.95 -0.21 12.11
C ARG K 614 -44.30 -1.00 10.98
N ASP K 615 -43.70 -0.32 10.02
CA ASP K 615 -43.38 1.10 10.11
C ASP K 615 -43.87 1.84 8.87
N GLU K 616 -43.95 3.17 8.97
CA GLU K 616 -44.15 4.03 7.81
C GLU K 616 -42.83 4.54 7.26
N GLU K 617 -42.11 5.32 8.07
CA GLU K 617 -40.75 5.73 7.74
C GLU K 617 -39.96 6.13 9.00
N GLY K 618 -39.15 5.20 9.51
CA GLY K 618 -38.29 5.51 10.63
C GLY K 618 -38.95 5.74 11.98
N GLY K 619 -39.52 4.69 12.58
CA GLY K 619 -40.05 4.76 13.93
C GLY K 619 -41.45 5.35 14.02
N ASP K 620 -42.41 4.70 13.35
CA ASP K 620 -43.71 5.31 13.16
C ASP K 620 -44.64 5.09 14.36
N TYR K 621 -44.67 3.86 14.87
CA TYR K 621 -45.59 3.33 15.90
C TYR K 621 -47.05 3.73 15.67
N THR K 622 -47.46 3.85 14.41
CA THR K 622 -48.74 4.45 14.08
C THR K 622 -49.90 3.50 14.37
N ILE K 623 -50.87 3.97 15.12
CA ILE K 623 -51.98 3.17 15.61
C ILE K 623 -53.11 3.21 14.59
N GLU K 624 -53.75 2.06 14.33
CA GLU K 624 -54.87 2.00 13.41
C GLU K 624 -56.14 2.53 14.08
N ALA K 625 -57.30 2.26 13.49
CA ALA K 625 -58.48 3.07 13.80
C ALA K 625 -59.08 2.72 15.17
N GLY K 626 -59.27 1.43 15.55
CA GLY K 626 -59.62 0.24 14.78
C GLY K 626 -61.14 0.25 14.68
N ALA K 627 -61.79 -0.92 14.75
CA ALA K 627 -63.22 -0.94 14.49
C ALA K 627 -64.06 -0.63 15.72
N LEU K 628 -63.69 -1.17 16.88
CA LEU K 628 -64.44 -0.92 18.09
C LEU K 628 -64.23 0.49 18.64
N MET K 629 -63.11 1.12 18.32
CA MET K 629 -62.74 2.34 19.03
C MET K 629 -63.22 3.61 18.35
N LEU K 630 -63.43 3.60 17.03
CA LEU K 630 -63.84 4.84 16.39
C LEU K 630 -65.32 5.15 16.59
N ALA K 631 -66.08 4.25 17.20
CA ALA K 631 -67.47 4.54 17.53
C ALA K 631 -67.60 5.09 18.94
N ASP K 632 -66.82 6.11 19.26
CA ASP K 632 -66.80 6.66 20.60
C ASP K 632 -67.91 7.69 20.74
N ASN K 633 -68.60 7.64 21.89
CA ASN K 633 -69.87 8.34 22.14
C ASN K 633 -70.88 8.02 21.04
N GLY K 634 -70.98 6.73 20.71
CA GLY K 634 -71.89 6.29 19.68
C GLY K 634 -72.36 4.87 19.90
N ILE K 635 -73.02 4.29 18.90
CA ILE K 635 -73.63 2.98 19.02
C ILE K 635 -72.80 2.02 18.17
N CYS K 636 -72.00 1.21 18.83
CA CYS K 636 -71.25 0.16 18.16
C CYS K 636 -72.09 -1.10 18.19
N CYS K 637 -72.65 -1.46 17.04
CA CYS K 637 -73.62 -2.56 16.95
C CYS K 637 -72.97 -3.80 16.37
N ILE K 638 -73.13 -4.92 17.07
CA ILE K 638 -72.44 -6.17 16.78
C ILE K 638 -73.47 -7.24 16.55
N ASP K 639 -73.27 -8.06 15.52
CA ASP K 639 -74.12 -9.21 15.29
C ASP K 639 -73.45 -10.49 15.77
N GLU K 640 -74.29 -11.43 16.24
CA GLU K 640 -73.99 -12.86 16.30
C GLU K 640 -72.78 -13.17 17.18
N PHE K 641 -72.99 -12.96 18.48
CA PHE K 641 -71.97 -13.28 19.48
C PHE K 641 -71.52 -14.73 19.44
N ASP K 642 -72.45 -15.66 19.14
CA ASP K 642 -72.13 -17.08 19.26
C ASP K 642 -71.17 -17.53 18.18
N LYS K 643 -71.24 -16.94 17.00
CA LYS K 643 -70.32 -17.30 15.93
C LYS K 643 -68.92 -16.72 16.13
N MET K 644 -68.70 -15.94 17.17
CA MET K 644 -67.39 -15.35 17.41
C MET K 644 -66.73 -16.03 18.61
N ASP K 645 -65.41 -16.11 18.56
CA ASP K 645 -64.65 -17.00 19.42
C ASP K 645 -64.29 -16.29 20.72
N ILE K 646 -63.40 -16.91 21.49
CA ILE K 646 -63.28 -16.54 22.90
C ILE K 646 -62.46 -15.28 23.14
N SER K 647 -61.43 -15.03 22.31
CA SER K 647 -60.59 -13.86 22.51
C SER K 647 -61.36 -12.57 22.20
N ASP K 648 -62.30 -12.66 21.26
CA ASP K 648 -63.30 -11.61 21.08
C ASP K 648 -64.06 -11.35 22.37
N GLN K 649 -64.48 -12.42 23.04
CA GLN K 649 -65.28 -12.25 24.26
C GLN K 649 -64.44 -11.67 25.39
N VAL K 650 -63.13 -11.96 25.39
CA VAL K 650 -62.23 -11.28 26.31
C VAL K 650 -62.15 -9.80 26.00
N ALA K 651 -62.06 -9.45 24.70
CA ALA K 651 -61.94 -8.04 24.34
C ALA K 651 -63.22 -7.27 24.64
N ILE K 652 -64.37 -7.92 24.50
CA ILE K 652 -65.64 -7.26 24.81
C ILE K 652 -65.79 -7.07 26.31
N HIS K 653 -65.45 -8.11 27.08
CA HIS K 653 -65.60 -8.03 28.53
C HIS K 653 -64.64 -7.02 29.14
N GLU K 654 -63.42 -6.96 28.62
CA GLU K 654 -62.47 -5.94 29.03
C GLU K 654 -62.93 -4.55 28.59
N ALA K 655 -63.58 -4.46 27.44
CA ALA K 655 -64.08 -3.18 26.97
C ALA K 655 -65.39 -2.78 27.62
N MET K 656 -65.97 -3.63 28.47
CA MET K 656 -67.14 -3.22 29.24
C MET K 656 -66.87 -3.08 30.73
N GLU K 657 -65.76 -3.64 31.23
CA GLU K 657 -65.47 -3.50 32.65
C GLU K 657 -64.45 -2.39 32.90
N GLN K 658 -63.28 -2.47 32.26
CA GLN K 658 -62.20 -1.52 32.50
C GLN K 658 -62.53 -0.12 31.99
N GLN K 659 -63.41 -0.04 30.97
CA GLN K 659 -63.64 1.10 30.08
C GLN K 659 -62.39 1.51 29.29
N THR K 660 -61.35 0.68 29.28
CA THR K 660 -60.11 0.94 28.58
C THR K 660 -59.79 -0.26 27.71
N ILE K 661 -58.65 -0.18 27.00
CA ILE K 661 -58.08 -1.30 26.27
C ILE K 661 -56.59 -1.31 26.55
N SER K 662 -56.08 -2.45 27.03
CA SER K 662 -54.65 -2.64 27.18
C SER K 662 -54.10 -3.41 25.98
N ILE K 663 -52.90 -3.08 25.56
CA ILE K 663 -52.29 -3.59 24.33
C ILE K 663 -50.80 -3.80 24.56
N ALA K 664 -50.32 -5.01 24.25
CA ALA K 664 -48.89 -5.26 24.08
C ALA K 664 -48.76 -6.10 22.81
N LYS K 665 -48.68 -5.44 21.66
CA LYS K 665 -48.71 -6.12 20.37
C LYS K 665 -47.38 -5.88 19.66
N ALA K 666 -46.41 -6.74 19.98
CA ALA K 666 -45.15 -6.90 19.25
C ALA K 666 -44.34 -5.59 19.22
N GLY K 667 -43.88 -5.19 20.38
CA GLY K 667 -43.13 -3.96 20.43
C GLY K 667 -43.72 -2.91 21.34
N ILE K 668 -44.30 -1.88 20.73
CA ILE K 668 -44.75 -0.67 21.42
C ILE K 668 -45.88 -1.03 22.38
N HIS K 669 -45.60 -0.88 23.66
CA HIS K 669 -46.61 -1.06 24.70
C HIS K 669 -47.48 0.19 24.78
N ALA K 670 -48.78 0.00 24.97
CA ALA K 670 -49.69 1.15 24.93
C ALA K 670 -50.99 0.81 25.65
N THR K 671 -51.78 1.87 25.89
CA THR K 671 -53.14 1.76 26.38
C THR K 671 -54.02 2.72 25.59
N LEU K 672 -55.32 2.46 25.56
CA LEU K 672 -56.28 3.28 24.82
C LEU K 672 -57.53 3.45 25.65
N ASN K 673 -58.60 3.97 25.03
CA ASN K 673 -59.88 4.20 25.70
C ASN K 673 -61.03 3.95 24.75
N ALA K 674 -62.18 3.61 25.33
CA ALA K 674 -63.40 3.39 24.55
C ALA K 674 -64.62 3.60 25.44
N ARG K 675 -65.57 4.40 24.96
CA ARG K 675 -66.80 4.73 25.69
C ARG K 675 -67.96 4.53 24.73
N THR K 676 -68.48 3.31 24.65
CA THR K 676 -69.44 2.94 23.62
C THR K 676 -70.72 2.39 24.24
N SER K 677 -71.72 2.24 23.38
CA SER K 677 -72.91 1.45 23.68
C SER K 677 -72.96 0.27 22.72
N ILE K 678 -73.40 -0.88 23.21
CA ILE K 678 -73.36 -2.12 22.46
C ILE K 678 -74.78 -2.61 22.26
N LEU K 679 -75.14 -2.85 21.00
CA LEU K 679 -76.43 -3.43 20.65
C LEU K 679 -76.14 -4.75 19.96
N ALA K 680 -76.66 -5.84 20.51
CA ALA K 680 -76.32 -7.17 20.02
C ALA K 680 -77.54 -7.89 19.44
N ALA K 681 -77.28 -8.77 18.50
CA ALA K 681 -78.34 -9.55 17.85
C ALA K 681 -77.89 -11.01 17.78
N ALA K 682 -78.23 -11.77 18.81
CA ALA K 682 -77.78 -13.16 18.88
C ALA K 682 -78.83 -14.09 18.26
N ASN K 683 -78.55 -15.38 18.38
CA ASN K 683 -79.46 -16.43 17.97
C ASN K 683 -79.50 -17.54 19.01
N PRO K 684 -80.62 -18.26 19.15
CA PRO K 684 -80.68 -19.32 20.16
C PRO K 684 -79.82 -20.53 19.81
N VAL K 685 -79.78 -21.50 20.70
CA VAL K 685 -79.05 -22.74 20.42
C VAL K 685 -79.85 -23.60 19.45
N GLY K 686 -81.08 -23.93 19.83
CA GLY K 686 -81.95 -24.66 18.93
C GLY K 686 -82.58 -23.84 17.84
N GLY K 687 -82.38 -22.52 17.87
CA GLY K 687 -82.97 -21.63 16.90
C GLY K 687 -84.38 -21.18 17.22
N ARG K 688 -85.06 -21.84 18.13
CA ARG K 688 -86.45 -21.51 18.48
C ARG K 688 -86.57 -21.61 19.98
N TYR K 689 -87.81 -21.66 20.47
CA TYR K 689 -88.10 -21.95 21.86
C TYR K 689 -88.91 -23.25 21.92
N ASN K 690 -88.57 -24.21 22.82
CA ASN K 690 -87.84 -24.19 24.13
C ASN K 690 -88.33 -23.11 25.08
N ARG K 691 -89.65 -22.93 25.10
CA ARG K 691 -90.29 -22.14 26.15
C ARG K 691 -90.04 -22.79 27.51
N LYS K 692 -90.02 -24.11 27.55
CA LYS K 692 -89.87 -24.86 28.78
C LYS K 692 -88.48 -24.75 29.39
N LEU K 693 -87.48 -24.36 28.61
CA LEU K 693 -86.15 -24.16 29.18
C LEU K 693 -86.08 -22.83 29.91
N SER K 694 -84.97 -22.64 30.63
CA SER K 694 -84.63 -21.31 31.11
C SER K 694 -84.07 -20.49 29.96
N LEU K 695 -84.01 -19.18 30.16
CA LEU K 695 -83.41 -18.32 29.15
C LEU K 695 -81.92 -18.57 29.00
N ARG K 696 -81.26 -18.95 30.10
CA ARG K 696 -79.81 -19.07 30.09
C ARG K 696 -79.34 -20.26 29.28
N GLY K 697 -80.23 -21.22 29.02
CA GLY K 697 -79.85 -22.34 28.17
C GLY K 697 -79.89 -22.01 26.69
N ASN K 698 -80.29 -20.79 26.35
CA ASN K 698 -80.47 -20.45 24.94
C ASN K 698 -79.41 -19.48 24.45
N LEU K 699 -78.58 -18.96 25.35
CA LEU K 699 -77.63 -17.92 24.96
C LEU K 699 -76.44 -18.49 24.22
N ASN K 700 -75.87 -19.60 24.72
CA ASN K 700 -74.63 -20.19 24.24
C ASN K 700 -73.46 -19.19 24.30
N MET K 701 -73.45 -18.30 25.28
CA MET K 701 -72.29 -17.46 25.52
C MET K 701 -71.90 -17.59 26.98
N THR K 702 -70.76 -17.02 27.32
CA THR K 702 -70.18 -17.23 28.64
C THR K 702 -70.98 -16.49 29.70
N ALA K 703 -70.66 -16.80 30.96
CA ALA K 703 -71.41 -16.24 32.07
C ALA K 703 -71.12 -14.76 32.36
N PRO K 704 -69.86 -14.29 32.55
CA PRO K 704 -69.70 -12.93 33.06
C PRO K 704 -70.01 -11.81 32.08
N ILE K 705 -70.27 -12.11 30.81
CA ILE K 705 -70.78 -11.06 29.93
C ILE K 705 -72.29 -11.12 29.81
N MET K 706 -72.93 -12.17 30.32
CA MET K 706 -74.37 -12.17 30.43
C MET K 706 -74.84 -11.20 31.52
N SER K 707 -74.03 -11.04 32.57
CA SER K 707 -74.44 -10.24 33.72
C SER K 707 -74.51 -8.76 33.42
N ARG K 708 -73.79 -8.28 32.41
CA ARG K 708 -73.69 -6.86 32.17
C ARG K 708 -74.93 -6.32 31.45
N PHE K 709 -75.51 -7.10 30.56
CA PHE K 709 -76.50 -6.62 29.61
C PHE K 709 -77.86 -6.44 30.25
N ASP K 710 -78.51 -5.32 29.93
CA ASP K 710 -79.85 -5.00 30.42
C ASP K 710 -80.60 -4.19 29.36
N LEU K 711 -81.68 -4.75 28.79
CA LEU K 711 -82.21 -6.06 29.15
C LEU K 711 -82.41 -6.79 27.81
N PHE K 712 -83.09 -7.93 27.80
CA PHE K 712 -82.82 -8.97 26.82
C PHE K 712 -83.79 -9.01 25.64
N PHE K 713 -85.08 -8.72 25.85
CA PHE K 713 -86.06 -8.51 24.77
C PHE K 713 -86.22 -9.74 23.86
N VAL K 714 -86.82 -10.78 24.42
CA VAL K 714 -87.20 -11.94 23.62
C VAL K 714 -88.28 -11.54 22.63
N ILE K 715 -88.20 -12.04 21.39
CA ILE K 715 -89.26 -11.86 20.42
C ILE K 715 -89.67 -13.23 19.89
N LEU K 716 -90.96 -13.52 19.93
CA LEU K 716 -91.54 -14.64 19.19
C LEU K 716 -92.95 -14.24 18.76
N ASP K 717 -93.36 -14.70 17.59
CA ASP K 717 -94.66 -14.33 17.03
C ASP K 717 -95.55 -15.55 16.81
N ASP K 718 -96.85 -15.32 16.90
CA ASP K 718 -97.87 -16.36 16.76
C ASP K 718 -98.78 -16.06 15.57
N CYS K 719 -99.84 -16.85 15.45
CA CYS K 719 -100.84 -16.66 14.41
C CYS K 719 -102.09 -16.00 15.00
N ASN K 720 -102.48 -14.88 14.42
CA ASN K 720 -103.68 -14.14 14.85
C ASN K 720 -104.08 -13.26 13.68
N GLU K 721 -105.30 -13.46 13.17
CA GLU K 721 -105.63 -13.04 11.81
C GLU K 721 -105.71 -11.53 11.65
N LYS K 722 -106.00 -10.81 12.74
CA LYS K 722 -105.93 -9.35 12.70
C LYS K 722 -104.49 -8.90 12.47
N ILE K 723 -103.56 -9.44 13.25
CA ILE K 723 -102.13 -9.19 13.09
C ILE K 723 -101.65 -9.66 11.73
N ASP K 724 -102.24 -10.75 11.23
CA ASP K 724 -101.84 -11.30 9.93
C ASP K 724 -102.20 -10.36 8.79
N THR K 725 -103.46 -9.92 8.73
CA THR K 725 -103.87 -9.06 7.62
C THR K 725 -103.29 -7.65 7.74
N GLU K 726 -103.07 -7.18 8.97
CA GLU K 726 -102.43 -5.89 9.15
C GLU K 726 -100.97 -5.92 8.69
N LEU K 727 -100.23 -6.99 9.05
CA LEU K 727 -98.85 -7.14 8.58
C LEU K 727 -98.78 -7.29 7.08
N ALA K 728 -99.67 -8.11 6.50
CA ALA K 728 -99.59 -8.38 5.07
C ALA K 728 -99.96 -7.16 4.25
N SER K 729 -101.02 -6.45 4.66
CA SER K 729 -101.39 -5.23 3.97
C SER K 729 -100.34 -4.15 4.13
N HIS K 730 -99.66 -4.12 5.29
CA HIS K 730 -98.61 -3.13 5.49
C HIS K 730 -97.38 -3.42 4.66
N ILE K 731 -96.99 -4.68 4.53
CA ILE K 731 -95.81 -5.03 3.74
C ILE K 731 -96.08 -4.79 2.26
N VAL K 732 -97.26 -5.19 1.78
CA VAL K 732 -97.59 -4.96 0.38
C VAL K 732 -97.73 -3.46 0.10
N ASP K 733 -98.17 -2.68 1.10
CA ASP K 733 -98.16 -1.23 0.93
C ASP K 733 -96.74 -0.65 0.93
N LEU K 734 -95.81 -1.26 1.67
CA LEU K 734 -94.42 -0.78 1.63
C LEU K 734 -93.78 -1.03 0.28
N HIS K 735 -94.09 -2.16 -0.34
CA HIS K 735 -93.61 -2.45 -1.67
C HIS K 735 -94.44 -1.81 -2.75
N MET K 736 -95.40 -0.98 -2.36
CA MET K 736 -95.91 0.06 -3.22
C MET K 736 -95.11 1.32 -3.00
N LYS K 737 -94.68 1.95 -4.10
CA LYS K 737 -94.19 3.30 -3.98
C LYS K 737 -95.34 4.28 -3.81
N ARG K 738 -96.55 3.88 -4.21
CA ARG K 738 -97.78 4.59 -3.90
C ARG K 738 -98.66 3.60 -3.13
N ASP K 739 -98.68 3.69 -1.80
CA ASP K 739 -98.14 4.84 -1.06
C ASP K 739 -96.87 4.54 -0.26
N GLU K 740 -95.98 5.53 -0.24
CA GLU K 740 -94.91 5.61 0.75
C GLU K 740 -95.28 6.55 1.89
N ALA K 741 -96.55 6.94 1.99
CA ALA K 741 -96.97 8.08 2.78
C ALA K 741 -97.54 7.68 4.13
N ILE K 742 -96.97 6.68 4.77
CA ILE K 742 -97.19 6.49 6.20
C ILE K 742 -96.28 7.48 6.91
N GLU K 743 -96.80 8.67 7.12
CA GLU K 743 -95.89 9.77 7.39
C GLU K 743 -95.84 10.06 8.87
N PRO K 744 -94.65 10.11 9.44
CA PRO K 744 -94.51 10.28 10.87
C PRO K 744 -94.88 11.69 11.30
N PRO K 745 -95.32 11.87 12.54
CA PRO K 745 -95.65 13.23 13.01
C PRO K 745 -94.43 14.13 13.17
N PHE K 746 -93.24 13.58 13.23
CA PHE K 746 -92.01 14.35 13.19
C PHE K 746 -91.30 14.06 11.88
N SER K 747 -90.65 15.06 11.30
CA SER K 747 -89.86 14.81 10.11
C SER K 747 -88.53 14.16 10.48
N ALA K 748 -87.71 13.90 9.46
CA ALA K 748 -86.52 13.09 9.65
C ALA K 748 -85.44 13.84 10.42
N GLU K 749 -85.15 15.08 10.01
CA GLU K 749 -83.98 15.76 10.57
C GLU K 749 -84.25 16.42 11.90
N GLN K 750 -85.49 16.86 12.15
CA GLN K 750 -85.75 17.64 13.35
C GLN K 750 -85.72 16.78 14.62
N LEU K 751 -85.92 15.47 14.47
CA LEU K 751 -85.63 14.54 15.55
C LEU K 751 -84.14 14.55 15.87
N ARG K 752 -83.31 14.49 14.83
CA ARG K 752 -81.86 14.50 15.01
C ARG K 752 -81.40 15.83 15.61
N ARG K 753 -82.09 16.90 15.28
CA ARG K 753 -81.84 18.17 15.95
C ARG K 753 -82.29 18.11 17.40
N TYR K 754 -83.36 17.36 17.68
CA TYR K 754 -83.91 17.31 19.03
C TYR K 754 -83.00 16.53 19.96
N ILE K 755 -82.25 15.57 19.42
CA ILE K 755 -81.29 14.84 20.25
C ILE K 755 -80.18 15.77 20.71
N LYS K 756 -79.77 16.69 19.83
CA LYS K 756 -78.64 17.55 20.14
C LYS K 756 -78.98 18.55 21.23
N TYR K 757 -80.23 19.02 21.27
CA TYR K 757 -80.65 19.88 22.36
C TYR K 757 -80.91 19.05 23.62
N ALA K 758 -81.44 17.83 23.44
CA ALA K 758 -81.79 17.00 24.59
C ALA K 758 -80.55 16.47 25.30
N ARG K 759 -79.40 16.51 24.65
CA ARG K 759 -78.18 16.00 25.26
C ARG K 759 -77.68 16.92 26.37
N THR K 760 -78.06 18.21 26.32
CA THR K 760 -77.29 19.23 27.06
C THR K 760 -77.77 19.41 28.49
N PHE K 761 -78.74 18.61 28.96
CA PHE K 761 -79.43 18.95 30.20
C PHE K 761 -78.61 18.63 31.44
N LYS K 762 -78.17 17.37 31.58
CA LYS K 762 -77.49 16.85 32.78
C LYS K 762 -78.28 17.14 34.09
N PRO K 763 -79.34 16.37 34.35
CA PRO K 763 -80.10 16.60 35.59
C PRO K 763 -79.53 15.81 36.76
N ILE K 764 -79.62 16.41 37.95
CA ILE K 764 -79.44 15.70 39.23
C ILE K 764 -80.78 15.77 39.95
N LEU K 765 -81.29 14.61 40.35
CA LEU K 765 -82.63 14.54 40.93
C LEU K 765 -82.63 15.10 42.34
N THR K 766 -83.69 15.82 42.69
CA THR K 766 -83.90 16.40 44.01
C THR K 766 -85.26 15.95 44.53
N LYS K 767 -85.44 14.64 44.62
CA LYS K 767 -86.70 14.05 45.01
C LYS K 767 -86.51 13.11 46.19
N GLU K 768 -87.38 13.23 47.20
CA GLU K 768 -87.38 12.36 48.36
C GLU K 768 -87.88 10.95 48.04
N ALA K 769 -88.57 10.76 46.90
CA ALA K 769 -89.10 9.45 46.47
C ALA K 769 -88.01 8.45 46.04
N ARG K 770 -86.73 8.75 46.30
CA ARG K 770 -85.68 7.75 46.23
C ARG K 770 -85.98 6.55 47.14
N SER K 771 -86.58 6.78 48.31
CA SER K 771 -87.01 5.65 49.13
C SER K 771 -88.18 4.92 48.50
N TYR K 772 -89.03 5.63 47.78
CA TYR K 772 -90.11 4.98 47.05
C TYR K 772 -89.57 4.13 45.91
N LEU K 773 -88.45 4.56 45.31
CA LEU K 773 -87.72 3.72 44.38
C LEU K 773 -87.12 2.51 45.08
N VAL K 774 -86.71 2.67 46.34
CA VAL K 774 -86.13 1.56 47.11
C VAL K 774 -87.16 0.48 47.39
N GLU K 775 -88.31 0.84 48.00
CA GLU K 775 -89.29 -0.21 48.27
C GLU K 775 -90.04 -0.64 47.01
N LYS K 776 -89.97 0.14 45.94
CA LYS K 776 -90.41 -0.36 44.65
C LYS K 776 -89.47 -1.46 44.16
N TYR K 777 -88.17 -1.31 44.42
CA TYR K 777 -87.24 -2.39 44.13
C TYR K 777 -87.45 -3.58 45.06
N LYS K 778 -87.90 -3.34 46.29
CA LYS K 778 -88.24 -4.42 47.21
C LYS K 778 -89.42 -5.22 46.70
N GLU K 779 -90.48 -4.53 46.26
CA GLU K 779 -91.64 -5.24 45.74
C GLU K 779 -91.38 -5.84 44.38
N LEU K 780 -90.34 -5.39 43.66
CA LEU K 780 -89.81 -6.22 42.58
C LEU K 780 -89.20 -7.49 43.15
N ARG K 781 -88.53 -7.39 44.29
CA ARG K 781 -87.84 -8.55 44.83
C ARG K 781 -88.68 -9.32 45.85
N LYS K 782 -90.00 -9.22 45.80
CA LYS K 782 -90.83 -10.10 46.61
C LYS K 782 -91.53 -11.21 45.83
N ASP K 783 -91.82 -11.03 44.55
CA ASP K 783 -92.55 -12.07 43.84
C ASP K 783 -91.63 -13.11 43.20
N ASP K 784 -90.43 -12.72 42.79
CA ASP K 784 -89.51 -13.67 42.18
C ASP K 784 -88.76 -14.50 43.21
N ALA K 785 -88.91 -14.21 44.50
CA ALA K 785 -88.30 -15.07 45.52
C ALA K 785 -89.04 -16.39 45.63
N GLN K 786 -90.32 -16.42 45.24
CA GLN K 786 -91.09 -17.66 45.18
C GLN K 786 -91.91 -17.63 43.89
N GLY K 787 -91.51 -18.42 42.89
CA GLY K 787 -90.38 -19.33 42.98
C GLY K 787 -89.33 -19.18 41.90
N PHE K 788 -88.25 -19.93 42.03
CA PHE K 788 -87.18 -19.95 41.05
C PHE K 788 -87.41 -20.93 39.91
N SER K 789 -88.65 -21.39 39.73
CA SER K 789 -89.01 -22.16 38.55
C SER K 789 -89.16 -21.27 37.32
N ARG K 790 -89.21 -19.96 37.51
CA ARG K 790 -89.13 -18.98 36.43
C ARG K 790 -87.65 -18.69 36.19
N SER K 791 -87.31 -17.59 35.51
CA SER K 791 -85.92 -17.22 35.31
C SER K 791 -85.29 -16.82 36.65
N SER K 792 -84.44 -17.71 37.18
CA SER K 792 -83.99 -17.66 38.58
C SER K 792 -82.84 -16.67 38.73
N TYR K 793 -83.20 -15.39 38.78
CA TYR K 793 -82.23 -14.33 38.99
C TYR K 793 -82.10 -14.08 40.49
N ARG K 794 -81.35 -13.05 40.88
CA ARG K 794 -81.00 -12.91 42.29
C ARG K 794 -82.07 -12.17 43.12
N ILE K 795 -82.44 -10.91 42.81
CA ILE K 795 -82.22 -10.04 41.64
C ILE K 795 -80.98 -9.20 41.90
N THR K 796 -80.25 -8.84 40.84
CA THR K 796 -78.99 -8.14 40.97
C THR K 796 -79.20 -6.72 41.48
N VAL K 797 -78.26 -6.22 42.27
CA VAL K 797 -78.30 -4.82 42.69
C VAL K 797 -77.99 -3.89 41.51
N ARG K 798 -77.35 -4.41 40.47
CA ARG K 798 -77.14 -3.66 39.24
C ARG K 798 -78.44 -3.35 38.52
N GLN K 799 -79.51 -4.10 38.81
CA GLN K 799 -80.83 -3.68 38.38
C GLN K 799 -81.23 -2.38 39.08
N LEU K 800 -80.95 -2.29 40.38
CA LEU K 800 -81.27 -1.10 41.14
C LEU K 800 -80.44 0.10 40.69
N GLU K 801 -79.20 -0.15 40.25
CA GLU K 801 -78.47 0.94 39.61
C GLU K 801 -79.06 1.25 38.24
N SER K 802 -79.59 0.24 37.54
CA SER K 802 -80.15 0.46 36.21
C SER K 802 -81.43 1.28 36.25
N MET K 803 -82.14 1.22 37.37
CA MET K 803 -83.34 2.04 37.53
C MET K 803 -83.01 3.53 37.49
N ILE K 804 -81.85 3.89 38.03
CA ILE K 804 -81.39 5.27 38.01
C ILE K 804 -81.18 5.75 36.58
N ARG K 805 -80.41 4.98 35.80
CA ARG K 805 -80.05 5.44 34.46
C ARG K 805 -81.23 5.39 33.49
N LEU K 806 -82.16 4.45 33.67
CA LEU K 806 -83.35 4.45 32.84
C LEU K 806 -84.27 5.62 33.17
N SER K 807 -84.42 5.92 34.46
CA SER K 807 -85.20 7.08 34.88
C SER K 807 -84.57 8.37 34.36
N GLU K 808 -83.23 8.44 34.37
CA GLU K 808 -82.52 9.57 33.79
C GLU K 808 -82.82 9.72 32.32
N ALA K 809 -82.85 8.62 31.58
CA ALA K 809 -83.06 8.71 30.14
C ALA K 809 -84.48 9.15 29.80
N ILE K 810 -85.46 8.65 30.57
CA ILE K 810 -86.83 9.12 30.34
C ILE K 810 -86.96 10.59 30.72
N ALA K 811 -86.18 11.04 31.70
CA ALA K 811 -86.15 12.47 32.01
C ALA K 811 -85.50 13.27 30.90
N ARG K 812 -84.49 12.71 30.24
CA ARG K 812 -83.81 13.42 29.14
C ARG K 812 -84.70 13.52 27.92
N ALA K 813 -85.60 12.54 27.72
CA ALA K 813 -86.46 12.62 26.55
C ALA K 813 -87.63 13.58 26.77
N ASN K 814 -88.09 13.71 28.02
CA ASN K 814 -89.28 14.52 28.28
C ASN K 814 -88.97 15.98 28.51
N CYS K 815 -87.70 16.38 28.41
CA CYS K 815 -87.21 17.74 28.71
C CYS K 815 -87.57 18.12 30.15
N VAL K 816 -87.23 17.23 31.08
CA VAL K 816 -87.67 17.29 32.48
C VAL K 816 -86.46 17.06 33.37
N ASP K 817 -86.28 17.92 34.37
CA ASP K 817 -85.34 17.72 35.46
C ASP K 817 -86.11 17.41 36.73
N GLU K 818 -85.38 16.96 37.77
CA GLU K 818 -85.93 16.68 39.11
C GLU K 818 -87.04 15.63 39.06
N ILE K 819 -86.61 14.39 38.83
CA ILE K 819 -87.49 13.30 38.41
C ILE K 819 -88.56 12.98 39.46
N THR K 820 -89.84 12.88 39.00
CA THR K 820 -91.00 12.47 39.76
C THR K 820 -91.08 10.94 39.83
N PRO K 821 -91.73 10.38 40.85
CA PRO K 821 -91.84 8.90 40.93
C PRO K 821 -92.68 8.24 39.84
N SER K 822 -93.46 9.00 39.06
CA SER K 822 -94.22 8.41 37.95
C SER K 822 -93.29 7.87 36.87
N PHE K 823 -92.16 8.55 36.65
CA PHE K 823 -91.15 8.04 35.72
C PHE K 823 -90.55 6.74 36.23
N ILE K 824 -90.42 6.61 37.55
CA ILE K 824 -89.92 5.37 38.14
C ILE K 824 -90.93 4.25 37.92
N ALA K 825 -92.23 4.59 37.93
CA ALA K 825 -93.24 3.59 37.58
C ALA K 825 -93.16 3.20 36.11
N GLU K 826 -92.80 4.15 35.24
CA GLU K 826 -92.69 3.87 33.81
C GLU K 826 -91.56 2.89 33.53
N ALA K 827 -90.35 3.22 33.95
CA ALA K 827 -89.21 2.34 33.68
C ALA K 827 -89.31 1.06 34.49
N TYR K 828 -89.94 1.13 35.67
CA TYR K 828 -90.13 -0.03 36.51
C TYR K 828 -91.07 -1.03 35.87
N ASP K 829 -92.14 -0.55 35.25
CA ASP K 829 -93.00 -1.48 34.53
C ASP K 829 -92.33 -1.96 33.25
N LEU K 830 -91.48 -1.13 32.64
CA LEU K 830 -90.75 -1.56 31.46
C LEU K 830 -89.82 -2.74 31.76
N LEU K 831 -89.11 -2.68 32.89
CA LEU K 831 -88.33 -3.82 33.33
C LEU K 831 -89.23 -4.97 33.80
N ARG K 832 -90.42 -4.64 34.31
CA ARG K 832 -91.34 -5.68 34.78
C ARG K 832 -91.81 -6.57 33.63
N GLN K 833 -92.50 -5.99 32.64
CA GLN K 833 -92.92 -6.79 31.50
C GLN K 833 -91.75 -7.23 30.63
N SER K 834 -90.61 -6.54 30.73
CA SER K 834 -89.43 -7.02 30.04
C SER K 834 -88.86 -8.29 30.66
N ILE K 835 -89.06 -8.51 31.97
CA ILE K 835 -88.71 -9.81 32.55
C ILE K 835 -89.88 -10.80 32.39
N ILE K 836 -91.12 -10.30 32.28
CA ILE K 836 -92.25 -11.18 31.96
C ILE K 836 -92.09 -11.77 30.57
N ARG K 837 -91.44 -11.05 29.65
CA ARG K 837 -91.00 -11.66 28.40
C ARG K 837 -89.90 -12.69 28.60
N VAL K 838 -89.22 -12.70 29.74
CA VAL K 838 -88.07 -13.57 29.95
C VAL K 838 -88.44 -14.87 30.66
N ASP K 839 -89.31 -14.80 31.68
CA ASP K 839 -89.59 -15.85 32.64
C ASP K 839 -90.18 -17.11 32.02
N VAL K 840 -91.37 -16.98 31.43
CA VAL K 840 -92.03 -18.00 30.63
C VAL K 840 -92.21 -19.34 31.32
N MET L 1 5.17 -19.70 -24.85
CA MET L 1 6.05 -19.18 -23.81
C MET L 1 6.41 -20.27 -22.82
N SER L 2 7.68 -20.34 -22.46
CA SER L 2 8.14 -21.32 -21.49
C SER L 2 8.10 -20.74 -20.07
N ALA L 3 8.29 -21.65 -19.10
CA ALA L 3 8.58 -21.38 -17.68
C ALA L 3 7.44 -20.74 -16.89
N ALA L 4 6.37 -20.34 -17.57
CA ALA L 4 5.13 -19.95 -16.93
C ALA L 4 4.01 -20.37 -17.87
N LEU L 5 3.04 -21.11 -17.32
CA LEU L 5 2.01 -21.84 -18.05
C LEU L 5 2.68 -22.73 -19.08
N PRO L 6 3.26 -23.84 -18.64
CA PRO L 6 4.04 -24.69 -19.54
C PRO L 6 3.20 -25.52 -20.51
N SER L 7 3.82 -26.43 -21.24
CA SER L 7 3.15 -27.24 -22.24
C SER L 7 3.24 -28.71 -21.88
N ILE L 8 2.43 -29.53 -22.56
CA ILE L 8 2.35 -30.98 -22.43
C ILE L 8 1.98 -31.55 -23.79
N GLN L 9 2.57 -32.66 -24.21
CA GLN L 9 2.00 -33.37 -25.34
C GLN L 9 1.22 -34.59 -24.90
N LEU L 10 0.21 -34.92 -25.68
CA LEU L 10 -0.70 -36.04 -25.50
C LEU L 10 -0.89 -36.74 -26.84
N PRO L 11 -1.34 -38.00 -26.85
CA PRO L 11 -1.55 -38.68 -28.13
C PRO L 11 -2.67 -38.10 -29.00
N VAL L 12 -3.59 -37.32 -28.44
CA VAL L 12 -4.75 -36.86 -29.18
C VAL L 12 -4.34 -35.83 -30.21
N ASP L 13 -4.68 -36.06 -31.46
CA ASP L 13 -4.48 -35.11 -32.53
C ASP L 13 -5.83 -34.55 -32.97
N TYR L 14 -5.83 -33.30 -33.43
CA TYR L 14 -7.01 -32.68 -34.02
C TYR L 14 -6.78 -32.33 -35.47
N ASN L 15 -5.86 -33.01 -36.13
CA ASN L 15 -5.51 -32.66 -37.49
C ASN L 15 -6.15 -33.62 -38.48
N ASN L 16 -5.85 -34.90 -38.33
CA ASN L 16 -6.44 -35.88 -39.25
C ASN L 16 -7.86 -36.25 -38.86
N LEU L 17 -8.28 -35.93 -37.64
CA LEU L 17 -9.64 -36.21 -37.23
C LEU L 17 -10.63 -35.34 -37.99
N PHE L 18 -10.23 -34.11 -38.31
CA PHE L 18 -11.10 -33.25 -39.10
C PHE L 18 -11.24 -33.77 -40.53
N ASN L 19 -10.14 -34.25 -41.10
CA ASN L 19 -10.17 -34.78 -42.45
C ASN L 19 -10.99 -36.06 -42.52
N GLU L 20 -10.82 -36.93 -41.53
CA GLU L 20 -11.59 -38.16 -41.47
C GLU L 20 -13.07 -37.86 -41.25
N ILE L 21 -13.38 -36.80 -40.51
CA ILE L 21 -14.78 -36.52 -40.26
C ILE L 21 -15.42 -35.89 -41.49
N THR L 22 -14.60 -35.27 -42.35
CA THR L 22 -15.10 -34.84 -43.65
C THR L 22 -15.40 -36.04 -44.53
N ASP L 23 -14.50 -37.03 -44.53
CA ASP L 23 -14.68 -38.20 -45.37
C ASP L 23 -15.86 -39.04 -44.92
N PHE L 24 -16.10 -39.09 -43.61
CA PHE L 24 -17.31 -39.73 -43.10
C PHE L 24 -18.55 -38.96 -43.46
N LEU L 25 -18.46 -37.63 -43.50
CA LEU L 25 -19.65 -36.84 -43.77
C LEU L 25 -20.08 -36.95 -45.23
N VAL L 26 -19.12 -37.11 -46.13
CA VAL L 26 -19.49 -37.21 -47.54
C VAL L 26 -19.87 -38.64 -47.90
N THR L 27 -18.93 -39.57 -47.74
CA THR L 27 -19.07 -40.91 -48.32
C THR L 27 -19.59 -41.89 -47.27
N PHE L 28 -20.91 -42.03 -47.24
CA PHE L 28 -21.56 -43.08 -46.47
C PHE L 28 -22.81 -43.48 -47.21
N LYS L 29 -22.86 -44.73 -47.68
CA LYS L 29 -23.79 -45.15 -48.70
C LYS L 29 -24.89 -46.06 -48.14
N GLN L 30 -24.76 -46.50 -46.88
CA GLN L 30 -25.51 -47.66 -46.41
C GLN L 30 -26.99 -47.38 -46.27
N ASP L 31 -27.36 -46.22 -45.73
CA ASP L 31 -28.76 -45.95 -45.50
C ASP L 31 -29.20 -44.64 -46.15
N LYS L 59 -31.86 -43.29 -51.75
CA LYS L 59 -31.19 -43.52 -53.01
C LYS L 59 -29.68 -43.40 -52.88
N GLY L 60 -29.18 -42.15 -52.83
CA GLY L 60 -27.77 -41.90 -52.76
C GLY L 60 -27.20 -42.08 -51.37
N PRO L 61 -26.33 -41.16 -50.95
CA PRO L 61 -25.73 -41.24 -49.62
C PRO L 61 -26.73 -40.80 -48.56
N LYS L 62 -26.30 -40.88 -47.30
CA LYS L 62 -27.25 -40.70 -46.21
C LYS L 62 -27.41 -39.24 -45.83
N TYR L 63 -26.33 -38.49 -45.74
CA TYR L 63 -26.40 -37.16 -45.15
C TYR L 63 -26.58 -36.05 -46.16
N MET L 64 -26.42 -36.31 -47.45
CA MET L 64 -26.83 -35.32 -48.43
C MET L 64 -28.35 -35.24 -48.48
N ALA L 65 -29.04 -36.35 -48.21
CA ALA L 65 -30.49 -36.34 -48.21
C ALA L 65 -31.04 -35.57 -47.03
N MET L 66 -30.55 -35.89 -45.83
CA MET L 66 -31.03 -35.21 -44.63
C MET L 66 -30.55 -33.77 -44.57
N LEU L 67 -29.35 -33.52 -45.07
CA LEU L 67 -28.83 -32.16 -44.98
C LEU L 67 -29.46 -31.28 -46.05
N GLN L 68 -29.75 -31.86 -47.22
CA GLN L 68 -30.55 -31.15 -48.21
C GLN L 68 -31.94 -30.87 -47.68
N LYS L 69 -32.49 -31.81 -46.91
CA LYS L 69 -33.77 -31.60 -46.26
C LYS L 69 -33.70 -30.48 -45.24
N VAL L 70 -32.53 -30.27 -44.61
CA VAL L 70 -32.35 -29.13 -43.71
C VAL L 70 -32.33 -27.82 -44.47
N ALA L 71 -31.53 -27.75 -45.54
CA ALA L 71 -31.44 -26.51 -46.28
C ALA L 71 -32.69 -26.20 -47.10
N ASN L 72 -33.60 -27.16 -47.24
CA ASN L 72 -34.92 -26.96 -47.83
C ASN L 72 -35.93 -26.46 -46.79
N ARG L 73 -35.47 -26.27 -45.56
CA ARG L 73 -36.20 -25.57 -44.48
C ARG L 73 -37.47 -26.29 -44.08
N GLU L 74 -37.32 -27.57 -43.75
CA GLU L 74 -38.44 -28.37 -43.27
C GLU L 74 -38.04 -29.23 -42.08
N LEU L 75 -36.95 -28.88 -41.40
CA LEU L 75 -36.33 -29.74 -40.41
C LEU L 75 -35.40 -28.86 -39.58
N ASN L 76 -35.18 -29.23 -38.33
CA ASN L 76 -34.43 -28.37 -37.44
C ASN L 76 -33.33 -29.06 -36.66
N SER L 77 -33.38 -30.38 -36.51
CA SER L 77 -32.38 -31.08 -35.74
C SER L 77 -31.67 -32.07 -36.64
N VAL L 78 -30.51 -32.53 -36.18
CA VAL L 78 -29.68 -33.48 -36.90
C VAL L 78 -29.19 -34.51 -35.90
N ILE L 79 -29.45 -35.79 -36.16
CA ILE L 79 -29.09 -36.86 -35.26
C ILE L 79 -27.89 -37.59 -35.84
N ILE L 80 -26.72 -37.37 -35.27
CA ILE L 80 -25.49 -38.03 -35.67
C ILE L 80 -25.27 -39.18 -34.71
N ASP L 81 -25.56 -40.39 -35.14
CA ASP L 81 -25.47 -41.50 -34.21
C ASP L 81 -24.02 -41.92 -33.97
N LEU L 82 -23.87 -42.86 -33.05
CA LEU L 82 -22.60 -43.52 -32.84
C LEU L 82 -22.66 -44.98 -33.24
N ASP L 83 -23.27 -45.28 -34.38
CA ASP L 83 -23.18 -46.62 -34.94
C ASP L 83 -22.60 -46.57 -36.34
N ASP L 84 -22.93 -45.52 -37.09
CA ASP L 84 -22.43 -45.38 -38.44
C ASP L 84 -20.94 -45.09 -38.43
N ILE L 85 -20.46 -44.42 -37.39
CA ILE L 85 -19.04 -44.17 -37.25
C ILE L 85 -18.31 -45.47 -37.00
N LEU L 86 -18.88 -46.35 -36.17
CA LEU L 86 -18.17 -47.58 -35.83
C LEU L 86 -18.20 -48.55 -37.01
N GLN L 87 -19.33 -48.62 -37.71
CA GLN L 87 -19.41 -49.46 -38.91
C GLN L 87 -18.49 -48.95 -40.00
N TYR L 88 -18.34 -47.63 -40.08
CA TYR L 88 -17.38 -47.05 -41.00
C TYR L 88 -15.95 -47.42 -40.61
N GLN L 89 -15.68 -47.59 -39.31
CA GLN L 89 -14.34 -47.96 -38.91
C GLN L 89 -14.04 -49.43 -39.17
N ASN L 90 -15.04 -50.32 -39.03
CA ASN L 90 -14.76 -51.71 -39.40
C ASN L 90 -14.64 -51.88 -40.89
N GLU L 91 -15.44 -51.14 -41.66
CA GLU L 91 -15.33 -51.17 -43.12
C GLU L 91 -13.97 -50.69 -43.58
N LYS L 92 -13.52 -49.54 -43.05
CA LYS L 92 -12.21 -49.01 -43.45
C LYS L 92 -11.08 -49.87 -42.89
N PHE L 93 -11.31 -50.54 -41.76
CA PHE L 93 -10.32 -51.43 -41.19
C PHE L 93 -10.13 -52.67 -42.05
N LEU L 94 -11.19 -53.11 -42.72
CA LEU L 94 -11.05 -54.31 -43.55
C LEU L 94 -10.66 -53.98 -44.97
N GLN L 95 -10.93 -52.76 -45.44
CA GLN L 95 -10.47 -52.37 -46.77
C GLN L 95 -8.97 -52.15 -46.80
N GLY L 96 -8.42 -51.53 -45.75
CA GLY L 96 -7.09 -50.96 -45.81
C GLY L 96 -7.19 -49.56 -46.42
N THR L 97 -6.62 -48.54 -45.78
CA THR L 97 -5.66 -48.65 -44.69
C THR L 97 -6.25 -48.58 -43.27
N GLN L 98 -5.36 -48.38 -42.30
CA GLN L 98 -5.75 -48.20 -40.91
C GLN L 98 -6.53 -46.91 -40.73
N ALA L 99 -7.62 -46.97 -39.98
CA ALA L 99 -8.44 -45.81 -39.67
C ALA L 99 -8.17 -45.35 -38.24
N ASP L 100 -8.02 -44.03 -38.08
CA ASP L 100 -7.73 -43.45 -36.78
C ASP L 100 -8.95 -43.56 -35.86
N ASP L 101 -8.70 -44.00 -34.63
CA ASP L 101 -9.75 -44.33 -33.67
C ASP L 101 -10.47 -43.07 -33.22
N LEU L 102 -11.77 -43.04 -33.52
CA LEU L 102 -12.50 -41.79 -33.38
C LEU L 102 -13.65 -41.92 -32.40
N VAL L 103 -14.19 -43.13 -32.23
CA VAL L 103 -15.36 -43.32 -31.39
C VAL L 103 -15.00 -43.11 -29.93
N SER L 104 -13.89 -43.71 -29.50
CA SER L 104 -13.40 -43.46 -28.16
C SER L 104 -12.94 -42.02 -27.99
N ALA L 105 -12.51 -41.39 -29.07
CA ALA L 105 -12.12 -39.98 -28.99
C ALA L 105 -13.33 -39.09 -28.80
N ILE L 106 -14.50 -39.52 -29.30
CA ILE L 106 -15.72 -38.78 -28.99
C ILE L 106 -16.14 -39.06 -27.56
N GLN L 107 -16.04 -40.31 -27.13
CA GLN L 107 -16.56 -40.70 -25.82
C GLN L 107 -15.71 -40.11 -24.70
N GLN L 108 -14.45 -39.79 -24.96
CA GLN L 108 -13.62 -39.25 -23.88
C GLN L 108 -13.84 -37.76 -23.67
N ASN L 109 -14.13 -37.02 -24.72
CA ASN L 109 -14.16 -35.57 -24.57
C ASN L 109 -15.53 -34.97 -24.83
N ALA L 110 -16.12 -35.22 -26.00
CA ALA L 110 -17.54 -34.99 -26.30
C ALA L 110 -18.07 -33.58 -26.15
N ASN L 111 -17.21 -32.59 -25.97
CA ASN L 111 -17.65 -31.20 -25.93
C ASN L 111 -17.08 -30.39 -27.07
N HIS L 112 -15.85 -30.70 -27.46
CA HIS L 112 -15.21 -30.00 -28.56
C HIS L 112 -15.83 -30.40 -29.89
N PHE L 113 -16.37 -31.60 -29.97
CA PHE L 113 -16.77 -32.15 -31.25
C PHE L 113 -18.09 -31.62 -31.77
N THR L 114 -18.87 -30.90 -30.97
CA THR L 114 -20.04 -30.27 -31.56
C THR L 114 -19.63 -29.08 -32.42
N GLU L 115 -18.68 -28.28 -31.94
CA GLU L 115 -18.24 -27.14 -32.72
C GLU L 115 -17.35 -27.57 -33.87
N LEU L 116 -16.46 -28.54 -33.60
CA LEU L 116 -15.60 -29.05 -34.67
C LEU L 116 -16.42 -29.76 -35.74
N PHE L 117 -17.40 -30.54 -35.30
CA PHE L 117 -18.24 -31.28 -36.22
C PHE L 117 -19.11 -30.33 -37.02
N CYS L 118 -19.58 -29.27 -36.37
CA CYS L 118 -20.52 -28.40 -37.05
C CYS L 118 -19.80 -27.44 -37.99
N ARG L 119 -18.56 -27.05 -37.71
CA ARG L 119 -17.83 -26.35 -38.76
C ARG L 119 -17.27 -27.30 -39.79
N ALA L 120 -17.33 -28.61 -39.56
CA ALA L 120 -17.09 -29.53 -40.67
C ALA L 120 -18.29 -29.66 -41.59
N ILE L 121 -19.51 -29.48 -41.06
CA ILE L 121 -20.69 -29.54 -41.90
C ILE L 121 -20.74 -28.37 -42.87
N ASP L 122 -20.37 -27.18 -42.39
CA ASP L 122 -20.78 -25.95 -43.05
C ASP L 122 -19.97 -25.62 -44.30
N ASN L 123 -18.95 -26.40 -44.64
CA ASN L 123 -18.23 -26.14 -45.89
C ASN L 123 -19.09 -26.50 -47.10
N ASN L 124 -19.89 -27.55 -46.98
CA ASN L 124 -20.68 -28.06 -48.09
C ASN L 124 -22.14 -28.20 -47.69
N MET L 125 -23.02 -27.57 -48.47
CA MET L 125 -24.44 -27.57 -48.24
C MET L 125 -25.17 -27.31 -49.55
N PRO L 126 -26.11 -28.16 -49.92
CA PRO L 126 -26.84 -27.96 -51.18
C PRO L 126 -27.85 -26.84 -51.11
N LEU L 127 -27.40 -25.62 -51.41
CA LEU L 127 -28.14 -24.40 -51.10
C LEU L 127 -29.48 -24.23 -51.83
N PRO L 128 -29.53 -24.10 -53.16
CA PRO L 128 -30.66 -23.35 -53.75
C PRO L 128 -31.91 -24.16 -54.04
N THR L 129 -32.07 -25.34 -53.43
CA THR L 129 -32.97 -26.38 -53.93
C THR L 129 -34.45 -25.99 -53.97
N LYS L 130 -34.85 -24.90 -53.34
CA LYS L 130 -36.22 -24.41 -53.41
C LYS L 130 -36.23 -22.93 -53.12
N GLU L 131 -36.99 -22.19 -53.92
CA GLU L 131 -37.15 -20.76 -53.68
C GLU L 131 -37.94 -20.54 -52.39
N ILE L 132 -37.76 -19.36 -51.79
CA ILE L 132 -38.41 -19.06 -50.52
C ILE L 132 -39.90 -18.89 -50.72
N ASP L 133 -40.67 -19.46 -49.81
CA ASP L 133 -42.10 -19.17 -49.73
C ASP L 133 -42.28 -17.77 -49.20
N TYR L 134 -43.43 -17.17 -49.51
CA TYR L 134 -43.69 -15.85 -48.97
C TYR L 134 -44.05 -15.91 -47.49
N LYS L 135 -44.83 -16.91 -47.10
CA LYS L 135 -45.44 -16.95 -45.79
C LYS L 135 -44.68 -17.80 -44.80
N ASP L 136 -43.39 -18.02 -45.05
CA ASP L 136 -42.63 -19.02 -44.32
C ASP L 136 -42.46 -18.72 -42.83
N ASP L 137 -41.66 -17.69 -42.52
CA ASP L 137 -41.26 -17.48 -41.13
C ASP L 137 -40.59 -16.12 -41.07
N VAL L 138 -40.01 -15.80 -39.92
CA VAL L 138 -39.23 -14.58 -39.81
C VAL L 138 -37.74 -14.89 -39.65
N LEU L 139 -37.42 -16.05 -39.09
CA LEU L 139 -36.02 -16.40 -38.86
C LEU L 139 -35.32 -16.71 -40.16
N ASP L 140 -36.05 -17.34 -41.09
CA ASP L 140 -35.56 -17.56 -42.44
C ASP L 140 -35.22 -16.26 -43.15
N VAL L 141 -36.10 -15.27 -43.07
CA VAL L 141 -35.89 -14.08 -43.88
C VAL L 141 -34.79 -13.22 -43.28
N ILE L 142 -34.61 -13.29 -41.95
CA ILE L 142 -33.47 -12.59 -41.36
C ILE L 142 -32.16 -13.23 -41.78
N LEU L 143 -32.07 -14.56 -41.74
CA LEU L 143 -30.81 -15.19 -42.14
C LEU L 143 -30.54 -15.05 -43.63
N ASN L 144 -31.61 -14.91 -44.43
CA ASN L 144 -31.42 -14.67 -45.85
C ASN L 144 -30.82 -13.29 -46.10
N GLN L 145 -31.29 -12.27 -45.39
CA GLN L 145 -30.72 -10.94 -45.63
C GLN L 145 -29.31 -10.82 -45.08
N ARG L 146 -28.99 -11.55 -44.00
CA ARG L 146 -27.61 -11.57 -43.52
C ARG L 146 -26.68 -12.21 -44.54
N ARG L 147 -27.11 -13.30 -45.16
CA ARG L 147 -26.27 -13.98 -46.13
C ARG L 147 -26.04 -13.11 -47.37
N LEU L 148 -27.11 -12.48 -47.88
CA LEU L 148 -26.99 -11.70 -49.10
C LEU L 148 -26.15 -10.44 -48.90
N ARG L 149 -26.36 -9.74 -47.77
CA ARG L 149 -25.54 -8.57 -47.47
C ARG L 149 -24.09 -8.94 -47.28
N ASN L 150 -23.85 -10.12 -46.70
CA ASN L 150 -22.48 -10.61 -46.54
C ASN L 150 -21.80 -10.81 -47.88
N GLU L 151 -22.53 -11.34 -48.86
CA GLU L 151 -21.96 -11.53 -50.20
C GLU L 151 -21.63 -10.20 -50.88
N ARG L 152 -22.55 -9.24 -50.82
CA ARG L 152 -22.33 -7.98 -51.53
C ARG L 152 -21.19 -7.18 -50.89
N MET L 153 -21.09 -7.25 -49.56
CA MET L 153 -19.95 -6.64 -48.88
C MET L 153 -18.64 -7.28 -49.29
N LEU L 154 -18.65 -8.60 -49.50
CA LEU L 154 -17.40 -9.27 -49.85
C LEU L 154 -17.03 -9.00 -51.31
N SER L 155 -18.00 -8.67 -52.15
CA SER L 155 -17.68 -8.42 -53.55
C SER L 155 -17.31 -6.96 -53.80
N ASP L 156 -17.70 -6.06 -52.89
CA ASP L 156 -17.43 -4.64 -53.13
C ASP L 156 -15.93 -4.33 -53.04
N ARG L 157 -15.25 -4.92 -52.05
CA ARG L 157 -13.85 -4.60 -51.83
C ARG L 157 -12.97 -5.13 -52.95
N THR L 158 -13.28 -6.32 -53.47
CA THR L 158 -12.57 -6.78 -54.65
C THR L 158 -13.05 -6.10 -55.90
N ASN L 159 -14.15 -5.34 -55.85
CA ASN L 159 -14.38 -4.42 -56.96
C ASN L 159 -13.63 -3.11 -56.78
N GLU L 160 -13.08 -2.85 -55.61
CA GLU L 160 -12.31 -1.62 -55.45
C GLU L 160 -10.81 -1.80 -55.64
N ILE L 161 -10.22 -2.75 -54.92
CA ILE L 161 -8.76 -2.87 -54.93
C ILE L 161 -8.25 -3.43 -56.27
N ARG L 162 -9.05 -4.28 -56.93
CA ARG L 162 -8.65 -4.87 -58.22
C ARG L 162 -8.49 -3.80 -59.31
N SER L 163 -9.18 -2.67 -59.18
CA SER L 163 -9.01 -1.56 -60.10
C SER L 163 -7.92 -0.59 -59.66
N GLU L 164 -6.95 -1.04 -58.86
CA GLU L 164 -5.82 -0.20 -58.45
C GLU L 164 -4.51 -0.97 -58.60
N ASN L 165 -4.33 -1.63 -59.73
CA ASN L 165 -3.09 -2.33 -60.00
C ASN L 165 -1.99 -1.32 -60.34
N LEU L 166 -0.77 -1.57 -59.84
CA LEU L 166 -0.42 -2.72 -59.02
C LEU L 166 0.40 -2.32 -57.81
N MET L 177 -3.25 -17.97 -59.21
CA MET L 177 -2.64 -16.64 -59.26
C MET L 177 -3.38 -15.67 -58.36
N ASN L 178 -4.69 -15.56 -58.54
CA ASN L 178 -5.50 -14.61 -57.83
C ASN L 178 -5.88 -15.07 -56.42
N ASP L 179 -5.25 -16.13 -55.91
CA ASP L 179 -5.41 -16.53 -54.52
C ASP L 179 -4.87 -15.47 -53.58
N ALA L 180 -3.83 -14.74 -54.01
CA ALA L 180 -3.24 -13.70 -53.19
C ALA L 180 -4.21 -12.54 -52.98
N LEU L 181 -4.90 -12.13 -54.04
CA LEU L 181 -5.87 -11.05 -53.91
C LEU L 181 -7.05 -11.48 -53.06
N ARG L 182 -7.41 -12.76 -53.12
CA ARG L 182 -8.42 -13.29 -52.21
C ARG L 182 -7.96 -13.21 -50.77
N GLU L 183 -6.69 -13.51 -50.51
CA GLU L 183 -6.19 -13.41 -49.14
C GLU L 183 -6.08 -11.96 -48.70
N VAL L 184 -5.93 -11.04 -49.65
CA VAL L 184 -5.98 -9.62 -49.30
C VAL L 184 -7.37 -9.22 -48.85
N VAL L 185 -8.39 -9.56 -49.65
CA VAL L 185 -9.74 -9.08 -49.39
C VAL L 185 -10.34 -9.76 -48.17
N GLU L 186 -10.03 -11.05 -47.97
CA GLU L 186 -10.62 -11.80 -46.87
C GLU L 186 -10.12 -11.39 -45.48
N ASP L 187 -9.15 -10.47 -45.38
CA ASP L 187 -8.65 -10.04 -44.08
C ASP L 187 -8.68 -8.53 -43.88
N GLU L 188 -9.36 -7.79 -44.74
CA GLU L 188 -9.61 -6.38 -44.49
C GLU L 188 -11.10 -6.06 -44.48
N THR L 189 -11.95 -7.03 -44.14
CA THR L 189 -13.39 -6.84 -44.20
C THR L 189 -14.04 -7.58 -43.04
N GLU L 190 -14.75 -6.84 -42.19
CA GLU L 190 -15.43 -7.45 -41.05
C GLU L 190 -16.77 -8.02 -41.49
N LEU L 191 -17.05 -9.24 -41.05
CA LEU L 191 -18.19 -10.00 -41.55
C LEU L 191 -18.99 -10.55 -40.39
N PHE L 192 -20.21 -10.96 -40.67
CA PHE L 192 -20.98 -11.77 -39.74
C PHE L 192 -20.32 -13.13 -39.63
N PRO L 193 -19.89 -13.55 -38.46
CA PRO L 193 -19.20 -14.84 -38.33
C PRO L 193 -20.18 -15.99 -38.51
N PRO L 194 -19.71 -17.16 -38.92
CA PRO L 194 -20.64 -18.27 -39.17
C PRO L 194 -21.16 -18.95 -37.92
N ASN L 195 -20.94 -18.39 -36.73
CA ASN L 195 -21.55 -18.90 -35.51
C ASN L 195 -22.98 -18.39 -35.36
N LEU L 196 -23.38 -17.44 -36.19
CA LEU L 196 -24.64 -16.74 -36.03
C LEU L 196 -25.64 -17.03 -37.13
N THR L 197 -25.19 -17.44 -38.31
CA THR L 197 -26.09 -17.78 -39.41
C THR L 197 -26.21 -19.29 -39.50
N ARG L 198 -26.97 -19.88 -38.57
CA ARG L 198 -26.93 -21.34 -38.40
C ARG L 198 -28.23 -22.04 -38.75
N ARG L 199 -29.35 -21.67 -38.13
CA ARG L 199 -30.74 -22.11 -38.27
C ARG L 199 -31.01 -23.49 -37.63
N TYR L 200 -30.00 -24.27 -37.23
CA TYR L 200 -30.31 -25.60 -36.72
C TYR L 200 -29.54 -25.90 -35.44
N PHE L 201 -29.66 -27.14 -35.00
CA PHE L 201 -29.01 -27.63 -33.79
C PHE L 201 -28.34 -28.95 -34.11
N LEU L 202 -27.65 -29.53 -33.15
CA LEU L 202 -26.96 -30.79 -33.44
C LEU L 202 -26.89 -31.65 -32.19
N TYR L 203 -27.33 -32.89 -32.31
CA TYR L 203 -27.53 -33.80 -31.19
C TYR L 203 -26.90 -35.15 -31.48
N PHE L 204 -26.15 -35.69 -30.52
CA PHE L 204 -25.61 -37.03 -30.71
C PHE L 204 -26.64 -38.09 -30.34
N LYS L 205 -26.19 -39.35 -30.30
CA LYS L 205 -27.04 -40.48 -30.00
C LYS L 205 -26.14 -41.64 -29.63
N PRO L 206 -26.33 -42.24 -28.47
CA PRO L 206 -25.38 -43.24 -27.98
C PRO L 206 -25.63 -44.59 -28.64
N LEU L 207 -24.65 -45.49 -28.46
CA LEU L 207 -24.66 -46.76 -29.15
C LEU L 207 -25.29 -47.85 -28.29
N SER L 208 -25.93 -48.81 -28.94
CA SER L 208 -26.66 -49.87 -28.26
C SER L 208 -25.73 -50.89 -27.63
N GLN L 209 -26.32 -51.86 -26.96
CA GLN L 209 -25.58 -53.07 -26.60
C GLN L 209 -25.56 -54.03 -27.78
N ASN L 210 -26.45 -53.83 -28.74
CA ASN L 210 -26.56 -54.74 -29.88
C ASN L 210 -25.37 -54.57 -30.83
N CYS L 211 -25.05 -53.33 -31.17
CA CYS L 211 -23.93 -53.07 -32.06
C CYS L 211 -22.60 -53.33 -31.36
N ALA L 212 -22.54 -53.11 -30.05
CA ALA L 212 -21.32 -53.44 -29.31
C ALA L 212 -21.18 -54.94 -29.10
N ARG L 213 -22.30 -55.66 -29.15
CA ARG L 213 -22.23 -57.11 -29.02
C ARG L 213 -21.85 -57.76 -30.34
N ARG L 214 -22.27 -57.15 -31.45
CA ARG L 214 -22.05 -57.74 -32.76
C ARG L 214 -20.57 -57.72 -33.13
N TYR L 215 -19.85 -56.69 -32.71
CA TYR L 215 -18.47 -56.57 -33.15
C TYR L 215 -17.52 -56.92 -32.02
N ARG L 216 -18.04 -57.03 -30.81
CA ARG L 216 -17.27 -57.49 -29.66
C ARG L 216 -18.08 -58.50 -28.86
N ILE L 220 -20.73 -49.77 -23.61
CA ILE L 220 -19.66 -49.13 -22.88
C ILE L 220 -19.92 -47.64 -22.78
N SER L 221 -20.21 -47.03 -23.93
CA SER L 221 -20.60 -45.63 -23.96
C SER L 221 -21.98 -45.44 -23.33
N SER L 222 -22.81 -46.49 -23.36
CA SER L 222 -24.10 -46.50 -22.69
C SER L 222 -24.22 -47.79 -21.88
N LYS L 223 -23.64 -47.80 -20.68
CA LYS L 223 -24.09 -48.71 -19.63
C LYS L 223 -25.04 -47.94 -18.74
N PRO L 224 -26.25 -48.44 -18.50
CA PRO L 224 -27.21 -47.67 -17.72
C PRO L 224 -26.86 -47.59 -16.25
N LEU L 225 -26.40 -46.40 -15.86
CA LEU L 225 -25.88 -46.12 -14.54
C LEU L 225 -26.99 -45.64 -13.61
N SER L 226 -26.68 -45.64 -12.32
CA SER L 226 -27.54 -45.05 -11.32
C SER L 226 -26.89 -43.80 -10.74
N VAL L 227 -27.69 -43.04 -10.00
CA VAL L 227 -27.25 -41.73 -9.56
C VAL L 227 -26.24 -41.86 -8.42
N ARG L 228 -26.30 -42.96 -7.66
CA ARG L 228 -25.24 -43.23 -6.70
C ARG L 228 -23.93 -43.56 -7.39
N GLN L 229 -23.99 -44.13 -8.58
CA GLN L 229 -22.80 -44.64 -9.22
C GLN L 229 -21.94 -43.54 -9.83
N ILE L 230 -22.50 -42.36 -10.06
CA ILE L 230 -21.77 -41.31 -10.77
C ILE L 230 -20.74 -40.74 -9.80
N LYS L 231 -19.53 -41.28 -9.91
CA LYS L 231 -18.38 -40.76 -9.20
C LYS L 231 -18.03 -39.41 -9.82
N GLY L 232 -17.24 -38.61 -9.10
CA GLY L 232 -16.79 -37.34 -9.63
C GLY L 232 -15.64 -37.43 -10.63
N ASP L 233 -15.48 -38.57 -11.31
CA ASP L 233 -14.44 -38.77 -12.29
C ASP L 233 -15.01 -39.06 -13.66
N PHE L 234 -16.25 -38.65 -13.91
CA PHE L 234 -16.87 -38.78 -15.20
C PHE L 234 -17.14 -37.44 -15.86
N LEU L 235 -16.57 -36.36 -15.33
CA LEU L 235 -16.92 -35.02 -15.76
C LEU L 235 -16.36 -34.76 -17.15
N GLY L 236 -17.21 -34.88 -18.15
CA GLY L 236 -16.81 -34.58 -19.50
C GLY L 236 -17.16 -35.68 -20.47
N GLN L 237 -17.44 -36.86 -19.94
CA GLN L 237 -17.71 -38.01 -20.79
C GLN L 237 -19.15 -37.97 -21.27
N LEU L 238 -19.64 -39.06 -21.84
CA LEU L 238 -21.00 -39.11 -22.39
C LEU L 238 -21.68 -40.34 -21.80
N ILE L 239 -22.52 -40.12 -20.78
CA ILE L 239 -23.03 -41.17 -19.93
C ILE L 239 -24.53 -41.34 -20.10
N THR L 240 -25.11 -42.26 -19.34
CA THR L 240 -26.53 -42.59 -19.47
C THR L 240 -27.09 -42.91 -18.09
N VAL L 241 -28.23 -42.31 -17.74
CA VAL L 241 -28.84 -42.56 -16.43
C VAL L 241 -30.24 -43.11 -16.59
N ARG L 242 -30.90 -43.43 -15.48
CA ARG L 242 -32.32 -43.75 -15.49
C ARG L 242 -32.95 -43.43 -14.14
N GLY L 243 -34.19 -42.97 -14.18
CA GLY L 243 -34.89 -42.58 -12.97
C GLY L 243 -36.25 -42.01 -13.29
N ILE L 244 -36.89 -41.44 -12.27
CA ILE L 244 -38.22 -40.87 -12.38
C ILE L 244 -38.11 -39.35 -12.37
N ILE L 245 -38.64 -38.71 -13.40
CA ILE L 245 -38.64 -37.25 -13.48
C ILE L 245 -39.65 -36.70 -12.48
N THR L 246 -39.24 -35.66 -11.75
CA THR L 246 -40.12 -34.95 -10.82
C THR L 246 -39.79 -33.47 -10.92
N ARG L 247 -40.82 -32.62 -10.87
CA ARG L 247 -40.70 -31.15 -10.90
C ARG L 247 -40.03 -30.69 -12.20
N VAL L 248 -40.75 -30.85 -13.28
CA VAL L 248 -40.36 -30.25 -14.54
C VAL L 248 -41.00 -28.87 -14.64
N SER L 249 -40.23 -27.86 -15.02
CA SER L 249 -40.68 -26.49 -14.93
C SER L 249 -41.17 -26.00 -16.29
N ASP L 250 -41.40 -24.71 -16.41
CA ASP L 250 -41.94 -24.11 -17.62
C ASP L 250 -40.83 -23.86 -18.63
N VAL L 251 -41.23 -23.39 -19.81
CA VAL L 251 -40.31 -23.04 -20.87
C VAL L 251 -40.33 -21.53 -21.09
N LYS L 252 -39.18 -20.90 -20.94
CA LYS L 252 -39.02 -19.46 -21.03
C LYS L 252 -37.71 -19.14 -21.74
N PRO L 253 -37.67 -18.08 -22.53
CA PRO L 253 -36.50 -17.85 -23.39
C PRO L 253 -35.30 -17.36 -22.61
N ALA L 254 -34.13 -17.85 -23.01
CA ALA L 254 -32.86 -17.40 -22.46
C ALA L 254 -31.97 -16.93 -23.58
N VAL L 255 -31.19 -15.91 -23.30
CA VAL L 255 -30.52 -15.12 -24.32
C VAL L 255 -29.20 -15.79 -24.70
N GLU L 256 -28.77 -15.62 -25.94
CA GLU L 256 -27.47 -16.15 -26.35
C GLU L 256 -26.52 -15.08 -26.85
N VAL L 257 -26.92 -14.26 -27.83
CA VAL L 257 -26.18 -13.08 -28.23
C VAL L 257 -27.14 -11.92 -28.27
N ILE L 258 -26.65 -10.72 -28.00
CA ILE L 258 -27.49 -9.54 -27.87
C ILE L 258 -27.03 -8.52 -28.88
N ALA L 259 -27.97 -7.92 -29.61
CA ALA L 259 -27.63 -7.10 -30.77
C ALA L 259 -28.00 -5.65 -30.55
N TYR L 260 -27.00 -4.79 -30.50
CA TYR L 260 -27.20 -3.36 -30.35
C TYR L 260 -27.10 -2.65 -31.70
N THR L 261 -27.56 -1.40 -31.74
CA THR L 261 -27.38 -0.53 -32.89
C THR L 261 -26.69 0.74 -32.43
N CYS L 262 -25.96 1.39 -33.32
CA CYS L 262 -25.09 2.46 -32.89
C CYS L 262 -25.60 3.85 -33.26
N ASP L 263 -26.49 3.94 -34.25
CA ASP L 263 -27.30 5.11 -34.62
C ASP L 263 -26.51 6.23 -35.29
N GLN L 264 -25.20 6.29 -35.11
CA GLN L 264 -24.38 7.28 -35.79
C GLN L 264 -23.37 6.65 -36.73
N CYS L 265 -22.58 5.70 -36.24
CA CYS L 265 -21.71 4.95 -37.12
C CYS L 265 -22.47 4.00 -38.02
N GLY L 266 -23.53 3.39 -37.51
CA GLY L 266 -24.31 2.46 -38.29
C GLY L 266 -23.93 1.01 -38.12
N TYR L 267 -23.08 0.69 -37.16
CA TYR L 267 -22.68 -0.69 -36.97
C TYR L 267 -23.74 -1.48 -36.21
N GLU L 268 -23.42 -2.74 -35.94
CA GLU L 268 -24.24 -3.63 -35.13
C GLU L 268 -23.32 -4.38 -34.20
N VAL L 269 -23.17 -3.90 -32.99
CA VAL L 269 -22.17 -4.41 -32.07
C VAL L 269 -22.78 -5.58 -31.31
N PHE L 270 -22.28 -6.78 -31.55
CA PHE L 270 -22.78 -7.95 -30.84
C PHE L 270 -22.08 -8.11 -29.50
N GLN L 271 -22.51 -9.14 -28.78
CA GLN L 271 -21.96 -9.49 -27.48
C GLN L 271 -22.44 -10.88 -27.15
N GLU L 272 -21.53 -11.75 -26.73
CA GLU L 272 -21.91 -13.09 -26.35
C GLU L 272 -22.09 -13.11 -24.85
N VAL L 273 -22.96 -13.97 -24.34
CA VAL L 273 -23.18 -14.12 -22.91
C VAL L 273 -23.08 -15.59 -22.57
N ASN L 274 -22.13 -15.92 -21.69
CA ASN L 274 -21.93 -17.29 -21.22
C ASN L 274 -22.46 -17.51 -19.82
N SER L 275 -22.51 -16.48 -19.00
CA SER L 275 -22.70 -16.65 -17.57
C SER L 275 -24.18 -16.62 -17.24
N ARG L 276 -24.46 -16.60 -15.94
CA ARG L 276 -25.84 -16.48 -15.51
C ARG L 276 -26.33 -15.05 -15.65
N THR L 277 -25.55 -14.09 -15.17
CA THR L 277 -25.94 -12.69 -15.22
C THR L 277 -24.99 -11.94 -16.13
N PHE L 278 -25.50 -10.95 -16.85
CA PHE L 278 -24.65 -10.15 -17.72
C PHE L 278 -24.84 -8.69 -17.37
N THR L 279 -24.17 -7.82 -18.12
CA THR L 279 -24.28 -6.40 -17.95
C THR L 279 -24.34 -5.68 -19.28
N PRO L 280 -25.16 -4.64 -19.41
CA PRO L 280 -25.21 -3.90 -20.67
C PRO L 280 -24.00 -3.01 -20.79
N LEU L 281 -23.77 -2.51 -21.99
CA LEU L 281 -22.55 -1.77 -22.26
C LEU L 281 -22.87 -0.39 -22.82
N SER L 282 -21.80 0.32 -23.17
CA SER L 282 -21.81 1.77 -23.33
C SER L 282 -21.02 2.11 -24.58
N GLU L 283 -20.57 3.36 -24.66
CA GLU L 283 -20.63 4.20 -25.86
C GLU L 283 -20.51 3.55 -27.25
N CYS L 284 -19.47 2.78 -27.54
CA CYS L 284 -19.33 1.98 -28.75
C CYS L 284 -18.05 1.18 -28.64
N THR L 285 -17.88 0.23 -29.55
CA THR L 285 -16.63 -0.51 -29.65
C THR L 285 -16.31 -0.81 -31.11
N SER L 286 -16.80 0.02 -32.03
CA SER L 286 -16.57 -0.24 -33.44
C SER L 286 -15.17 0.22 -33.85
N GLU L 287 -14.94 0.33 -35.14
CA GLU L 287 -13.73 0.95 -35.63
C GLU L 287 -13.98 2.32 -36.23
N GLU L 288 -15.19 2.85 -36.13
CA GLU L 288 -15.45 4.21 -36.57
C GLU L 288 -15.92 5.12 -35.45
N CYS L 289 -16.82 4.66 -34.59
CA CYS L 289 -17.11 5.47 -33.41
C CYS L 289 -15.98 5.40 -32.38
N SER L 290 -15.06 4.45 -32.51
CA SER L 290 -13.79 4.57 -31.84
C SER L 290 -12.84 5.37 -32.73
N GLN L 291 -11.69 5.74 -32.15
CA GLN L 291 -10.72 6.72 -32.69
C GLN L 291 -11.36 8.03 -33.19
N ASN L 292 -12.50 8.40 -32.64
CA ASN L 292 -13.05 9.72 -32.87
C ASN L 292 -13.29 10.40 -31.54
N GLN L 293 -13.53 11.71 -31.61
CA GLN L 293 -13.79 12.47 -30.39
C GLN L 293 -15.19 12.16 -29.86
N THR L 294 -16.18 12.21 -30.74
CA THR L 294 -17.58 12.13 -30.35
C THR L 294 -18.04 10.68 -30.51
N LYS L 295 -17.95 9.93 -29.41
CA LYS L 295 -18.51 8.59 -29.39
C LYS L 295 -20.03 8.65 -29.43
N GLY L 296 -20.64 7.65 -30.07
CA GLY L 296 -22.08 7.54 -30.08
C GLY L 296 -22.59 6.86 -28.83
N GLN L 297 -23.90 6.62 -28.81
CA GLN L 297 -24.54 5.88 -27.74
C GLN L 297 -25.44 4.81 -28.34
N LEU L 298 -25.41 3.62 -27.75
CA LEU L 298 -26.08 2.46 -28.31
C LEU L 298 -27.16 1.93 -27.38
N PHE L 299 -28.17 1.31 -27.98
CA PHE L 299 -29.32 0.75 -27.29
C PHE L 299 -29.79 -0.47 -28.07
N MET L 300 -30.44 -1.40 -27.38
CA MET L 300 -30.59 -2.74 -27.94
C MET L 300 -31.87 -2.88 -28.77
N SER L 301 -32.06 -4.08 -29.29
CA SER L 301 -33.20 -4.44 -30.13
C SER L 301 -33.38 -5.95 -30.05
N THR L 302 -34.63 -6.42 -30.25
CA THR L 302 -34.95 -7.81 -29.98
C THR L 302 -35.32 -8.62 -31.21
N ARG L 303 -35.36 -8.03 -32.40
CA ARG L 303 -35.62 -8.84 -33.57
C ARG L 303 -34.35 -9.27 -34.27
N ALA L 304 -33.19 -9.06 -33.67
CA ALA L 304 -31.94 -9.41 -34.30
C ALA L 304 -31.01 -10.20 -33.38
N SER L 305 -31.46 -10.54 -32.18
CA SER L 305 -30.68 -11.36 -31.28
C SER L 305 -30.85 -12.83 -31.65
N LYS L 306 -30.42 -13.75 -30.79
CA LYS L 306 -30.64 -15.17 -31.03
C LYS L 306 -31.05 -15.86 -29.75
N PHE L 307 -32.28 -16.36 -29.72
CA PHE L 307 -32.85 -16.98 -28.54
C PHE L 307 -32.83 -18.48 -28.63
N SER L 308 -33.17 -19.11 -27.51
CA SER L 308 -33.17 -20.55 -27.38
C SER L 308 -34.06 -20.91 -26.21
N ALA L 309 -34.88 -21.94 -26.39
CA ALA L 309 -35.74 -22.40 -25.31
C ALA L 309 -34.90 -23.06 -24.23
N PHE L 310 -35.47 -23.14 -23.02
CA PHE L 310 -34.69 -23.52 -21.86
C PHE L 310 -35.62 -24.04 -20.79
N GLN L 311 -35.29 -25.17 -20.21
CA GLN L 311 -36.21 -25.84 -19.28
C GLN L 311 -35.41 -26.80 -18.43
N GLU L 312 -35.61 -26.76 -17.12
CA GLU L 312 -34.85 -27.66 -16.25
C GLU L 312 -35.74 -28.49 -15.35
N CYS L 313 -35.27 -29.68 -15.01
CA CYS L 313 -36.04 -30.65 -14.25
C CYS L 313 -35.07 -31.48 -13.40
N LYS L 314 -35.60 -32.47 -12.70
CA LYS L 314 -34.80 -33.28 -11.79
C LYS L 314 -35.09 -34.76 -11.93
N ILE L 315 -34.04 -35.57 -11.82
CA ILE L 315 -34.14 -37.02 -11.81
C ILE L 315 -33.99 -37.50 -10.39
N GLN L 316 -34.96 -38.24 -9.90
CA GLN L 316 -34.84 -38.91 -8.61
C GLN L 316 -34.45 -40.36 -8.89
N GLU L 317 -33.83 -40.99 -7.89
CA GLU L 317 -33.39 -42.37 -7.99
C GLU L 317 -34.58 -43.32 -8.12
N LEU L 318 -34.37 -44.41 -8.86
CA LEU L 318 -35.45 -45.27 -9.34
C LEU L 318 -36.13 -46.04 -8.21
N SER L 319 -35.49 -46.12 -7.05
CA SER L 319 -35.90 -46.78 -5.80
C SER L 319 -35.95 -48.29 -5.94
N GLN L 320 -35.35 -48.85 -6.97
CA GLN L 320 -35.14 -50.29 -7.07
C GLN L 320 -33.66 -50.63 -7.04
N GLN L 321 -32.80 -49.65 -7.33
CA GLN L 321 -31.37 -49.81 -7.42
C GLN L 321 -30.63 -49.16 -6.26
N VAL L 322 -31.21 -49.21 -5.07
CA VAL L 322 -30.71 -48.52 -3.88
C VAL L 322 -30.12 -49.58 -2.97
N PRO L 323 -29.14 -49.26 -2.12
CA PRO L 323 -28.75 -50.18 -1.05
C PRO L 323 -29.83 -50.30 0.02
N VAL L 324 -29.48 -51.03 1.07
CA VAL L 324 -30.50 -51.51 2.01
C VAL L 324 -31.06 -50.40 2.89
N GLY L 325 -30.22 -49.45 3.31
CA GLY L 325 -30.70 -48.46 4.25
C GLY L 325 -30.68 -47.02 3.82
N HIS L 326 -30.87 -46.72 2.54
CA HIS L 326 -30.60 -45.39 2.07
C HIS L 326 -31.86 -44.71 1.54
N ILE L 327 -31.67 -43.52 0.99
CA ILE L 327 -32.73 -42.61 0.54
C ILE L 327 -32.39 -42.17 -0.88
N PRO L 328 -33.37 -42.03 -1.78
CA PRO L 328 -33.08 -41.57 -3.14
C PRO L 328 -32.49 -40.16 -3.22
N ARG L 329 -31.47 -40.00 -4.07
CA ARG L 329 -30.83 -38.71 -4.30
C ARG L 329 -31.45 -38.02 -5.50
N SER L 330 -30.79 -36.98 -6.01
CA SER L 330 -31.28 -36.25 -7.16
C SER L 330 -30.12 -35.63 -7.92
N LEU L 331 -30.42 -35.14 -9.13
CA LEU L 331 -29.40 -34.60 -10.03
C LEU L 331 -30.07 -33.80 -11.13
N ASN L 332 -29.63 -32.56 -11.33
CA ASN L 332 -30.33 -31.63 -12.21
C ASN L 332 -30.06 -31.93 -13.66
N ILE L 333 -30.91 -31.37 -14.53
CA ILE L 333 -30.79 -31.50 -15.97
C ILE L 333 -31.18 -30.19 -16.61
N HIS L 334 -30.32 -29.64 -17.45
CA HIS L 334 -30.75 -28.57 -18.34
C HIS L 334 -31.13 -29.18 -19.67
N VAL L 335 -32.03 -28.53 -20.40
CA VAL L 335 -32.51 -28.99 -21.69
C VAL L 335 -32.58 -27.79 -22.63
N ASN L 336 -31.87 -27.86 -23.75
CA ASN L 336 -31.86 -26.77 -24.71
C ASN L 336 -32.28 -27.26 -26.08
N GLY L 337 -33.05 -26.43 -26.79
CA GLY L 337 -33.28 -26.67 -28.20
C GLY L 337 -34.54 -27.43 -28.57
N THR L 338 -34.42 -28.33 -29.54
CA THR L 338 -35.59 -28.99 -30.11
C THR L 338 -36.15 -30.04 -29.16
N LEU L 339 -35.31 -30.58 -28.29
CA LEU L 339 -35.68 -31.68 -27.41
C LEU L 339 -36.70 -31.29 -26.33
N VAL L 340 -37.05 -30.00 -26.23
CA VAL L 340 -37.96 -29.50 -25.20
C VAL L 340 -39.36 -30.11 -25.38
N ARG L 341 -40.14 -30.06 -24.29
CA ARG L 341 -41.51 -30.60 -24.20
C ARG L 341 -41.57 -32.09 -24.46
N SER L 342 -40.58 -32.84 -23.99
CA SER L 342 -40.62 -34.29 -24.06
C SER L 342 -40.36 -34.94 -22.71
N LEU L 343 -40.51 -34.19 -21.62
CA LEU L 343 -40.22 -34.68 -20.29
C LEU L 343 -41.47 -34.54 -19.44
N SER L 344 -42.29 -35.48 -19.49
CA SER L 344 -43.50 -35.38 -18.69
C SER L 344 -43.22 -35.82 -17.26
N PRO L 345 -43.89 -35.23 -16.26
CA PRO L 345 -43.63 -35.63 -14.88
C PRO L 345 -44.21 -36.98 -14.56
N GLY L 346 -43.51 -37.70 -13.68
CA GLY L 346 -43.93 -39.01 -13.24
C GLY L 346 -43.75 -40.12 -14.27
N ASP L 347 -42.54 -40.29 -14.78
CA ASP L 347 -42.29 -41.32 -15.79
C ASP L 347 -41.09 -42.20 -15.44
N ILE L 348 -40.65 -43.02 -16.38
CA ILE L 348 -39.41 -43.78 -16.27
C ILE L 348 -38.65 -43.55 -17.55
N VAL L 349 -37.47 -42.97 -17.45
CA VAL L 349 -36.83 -42.39 -18.62
C VAL L 349 -35.38 -42.81 -18.66
N ASP L 350 -34.77 -42.74 -19.84
CA ASP L 350 -33.36 -43.06 -20.06
C ASP L 350 -32.70 -41.88 -20.75
N VAL L 351 -32.23 -40.90 -19.98
CA VAL L 351 -31.62 -39.72 -20.55
C VAL L 351 -30.15 -39.98 -20.76
N THR L 352 -29.63 -39.64 -21.93
CA THR L 352 -28.21 -39.77 -22.24
C THR L 352 -27.66 -38.39 -22.55
N GLY L 353 -26.65 -37.97 -21.82
CA GLY L 353 -26.09 -36.67 -22.11
C GLY L 353 -24.70 -36.56 -21.52
N ILE L 354 -24.10 -35.41 -21.73
CA ILE L 354 -22.75 -35.15 -21.26
C ILE L 354 -22.85 -34.32 -19.99
N PHE L 355 -21.77 -34.31 -19.21
CA PHE L 355 -21.83 -34.08 -17.76
C PHE L 355 -20.82 -33.00 -17.35
N LEU L 356 -21.24 -31.74 -17.29
CA LEU L 356 -20.33 -30.61 -17.18
C LEU L 356 -20.33 -30.02 -15.78
N PRO L 357 -19.38 -29.11 -15.48
CA PRO L 357 -19.48 -28.32 -14.25
C PRO L 357 -20.13 -26.96 -14.44
N ALA L 358 -20.59 -26.32 -13.34
CA ALA L 358 -21.16 -24.98 -13.40
C ALA L 358 -20.99 -24.27 -12.06
N PRO L 359 -20.28 -23.14 -12.04
CA PRO L 359 -19.63 -22.67 -10.81
C PRO L 359 -20.60 -22.11 -9.78
N TYR L 360 -20.44 -22.58 -8.54
CA TYR L 360 -21.18 -22.19 -7.35
C TYR L 360 -20.54 -22.91 -6.17
N THR L 361 -20.60 -22.27 -5.01
CA THR L 361 -20.58 -22.97 -3.75
C THR L 361 -21.61 -22.30 -2.86
N GLY L 362 -21.85 -22.87 -1.69
CA GLY L 362 -23.06 -22.51 -0.98
C GLY L 362 -22.86 -21.28 -0.11
N PHE L 363 -22.86 -21.46 1.20
CA PHE L 363 -22.51 -20.39 2.10
C PHE L 363 -21.05 -20.00 1.89
N LYS L 364 -20.76 -18.72 2.12
CA LYS L 364 -19.43 -18.20 1.83
C LYS L 364 -18.39 -18.76 2.78
N ALA L 365 -18.81 -19.11 4.00
CA ALA L 365 -17.85 -19.56 5.00
C ALA L 365 -17.55 -21.05 4.86
N LEU L 366 -18.14 -21.72 3.88
CA LEU L 366 -17.87 -23.15 3.73
C LEU L 366 -16.98 -23.43 2.54
N LYS L 367 -16.56 -22.40 1.81
CA LYS L 367 -15.81 -22.62 0.59
C LYS L 367 -14.36 -22.91 0.90
N ALA L 368 -13.78 -23.85 0.15
CA ALA L 368 -12.34 -24.11 0.21
C ALA L 368 -11.63 -23.89 -1.12
N GLY L 369 -12.36 -23.78 -2.22
CA GLY L 369 -11.77 -23.46 -3.51
C GLY L 369 -11.30 -24.72 -4.19
N LEU L 370 -11.84 -25.06 -5.35
CA LEU L 370 -12.71 -24.23 -6.16
C LEU L 370 -14.00 -24.95 -6.48
N LEU L 371 -14.70 -25.44 -5.45
CA LEU L 371 -15.83 -26.36 -5.53
C LEU L 371 -16.84 -25.98 -6.61
N THR L 372 -17.38 -26.99 -7.29
CA THR L 372 -17.89 -26.79 -8.64
C THR L 372 -19.36 -27.08 -8.89
N GLU L 373 -19.99 -28.03 -8.20
CA GLU L 373 -21.44 -28.25 -8.25
C GLU L 373 -21.97 -28.60 -9.66
N THR L 374 -21.91 -29.88 -10.04
CA THR L 374 -22.24 -30.38 -11.37
C THR L 374 -23.71 -30.38 -11.79
N TYR L 375 -23.97 -30.52 -13.10
CA TYR L 375 -25.28 -30.83 -13.66
C TYR L 375 -25.11 -31.82 -14.81
N LEU L 376 -26.20 -32.10 -15.52
CA LEU L 376 -26.18 -33.01 -16.67
C LEU L 376 -26.89 -32.38 -17.85
N GLU L 377 -26.14 -32.10 -18.91
CA GLU L 377 -26.71 -31.66 -20.18
C GLU L 377 -27.49 -32.82 -20.80
N ALA L 378 -28.51 -32.51 -21.59
CA ALA L 378 -29.31 -33.54 -22.24
C ALA L 378 -28.97 -33.61 -23.72
N GLN L 379 -29.02 -34.81 -24.29
CA GLN L 379 -28.76 -35.02 -25.71
C GLN L 379 -29.85 -35.82 -26.43
N PHE L 380 -30.37 -36.87 -25.82
CA PHE L 380 -31.33 -37.74 -26.49
C PHE L 380 -32.11 -38.54 -25.45
N VAL L 381 -33.43 -38.51 -25.58
CA VAL L 381 -34.32 -38.97 -24.52
C VAL L 381 -35.10 -40.18 -25.01
N ARG L 382 -35.01 -41.29 -24.30
CA ARG L 382 -35.68 -42.53 -24.67
C ARG L 382 -36.50 -43.01 -23.49
N GLN L 383 -37.82 -43.14 -23.70
CA GLN L 383 -38.73 -43.52 -22.63
C GLN L 383 -38.98 -45.01 -22.64
N HIS L 384 -39.06 -45.60 -21.45
CA HIS L 384 -39.84 -46.81 -21.32
C HIS L 384 -41.32 -46.41 -21.26
N LYS L 385 -42.19 -47.38 -21.51
CA LYS L 385 -43.65 -47.23 -21.47
C LYS L 385 -44.11 -46.13 -22.43
N LYS L 386 -43.93 -46.41 -23.72
CA LYS L 386 -44.16 -45.41 -24.76
C LYS L 386 -45.63 -45.00 -24.83
N LYS L 387 -45.85 -43.70 -24.88
CA LYS L 387 -47.16 -43.13 -24.59
C LYS L 387 -48.01 -43.06 -25.86
N PHE L 388 -49.19 -43.65 -25.80
CA PHE L 388 -50.20 -43.40 -26.81
C PHE L 388 -50.86 -42.05 -26.49
N ALA L 389 -51.15 -41.26 -27.52
CA ALA L 389 -51.18 -41.64 -28.93
C ALA L 389 -50.12 -40.95 -29.75
N SER L 390 -48.89 -40.92 -29.25
CA SER L 390 -47.79 -40.28 -29.96
C SER L 390 -47.08 -41.26 -30.89
N PHE L 391 -47.84 -41.82 -31.84
CA PHE L 391 -47.28 -42.68 -32.86
C PHE L 391 -48.13 -42.61 -34.11
N SER L 392 -47.47 -42.76 -35.27
CA SER L 392 -48.14 -42.67 -36.55
C SER L 392 -47.94 -43.93 -37.40
N LEU L 393 -46.75 -44.52 -37.38
CA LEU L 393 -46.39 -45.57 -38.33
C LEU L 393 -47.19 -46.84 -38.07
N THR L 394 -47.45 -47.58 -39.14
CA THR L 394 -48.29 -48.77 -39.08
C THR L 394 -47.67 -49.96 -39.82
N SER L 395 -46.76 -49.73 -40.77
CA SER L 395 -46.36 -50.76 -41.72
C SER L 395 -45.57 -51.88 -41.07
N ASP L 396 -44.51 -51.54 -40.34
CA ASP L 396 -43.75 -52.54 -39.61
C ASP L 396 -44.51 -53.07 -38.40
N VAL L 397 -45.48 -52.30 -37.91
CA VAL L 397 -46.17 -52.64 -36.67
C VAL L 397 -47.11 -53.83 -36.88
N GLU L 398 -47.68 -53.91 -38.09
CA GLU L 398 -48.59 -55.00 -38.44
C GLU L 398 -47.90 -56.35 -38.50
N GLU L 399 -46.57 -56.37 -38.60
CA GLU L 399 -45.84 -57.63 -38.53
C GLU L 399 -45.96 -58.25 -37.15
N ARG L 400 -46.19 -57.44 -36.12
CA ARG L 400 -46.44 -57.95 -34.77
C ARG L 400 -47.92 -57.99 -34.42
N VAL L 401 -48.70 -57.02 -34.89
CA VAL L 401 -50.11 -56.96 -34.54
C VAL L 401 -50.90 -58.04 -35.29
N MET L 402 -50.62 -58.20 -36.57
CA MET L 402 -51.33 -59.19 -37.38
C MET L 402 -50.98 -60.62 -36.98
N GLU L 403 -49.90 -60.82 -36.23
CA GLU L 403 -49.69 -62.14 -35.63
C GLU L 403 -50.71 -62.41 -34.53
N LEU L 404 -51.01 -61.40 -33.72
CA LEU L 404 -52.03 -61.56 -32.69
C LEU L 404 -53.41 -61.67 -33.31
N ILE L 405 -53.67 -60.91 -34.38
CA ILE L 405 -54.97 -60.98 -35.05
C ILE L 405 -55.15 -62.33 -35.74
N THR L 406 -54.12 -62.82 -36.41
CA THR L 406 -54.16 -64.14 -37.02
C THR L 406 -53.87 -65.26 -36.04
N SER L 407 -53.72 -64.97 -34.75
CA SER L 407 -53.57 -66.04 -33.77
C SER L 407 -54.90 -66.71 -33.46
N GLY L 408 -56.01 -65.99 -33.65
CA GLY L 408 -57.32 -66.54 -33.36
C GLY L 408 -57.73 -66.38 -31.91
N ASP L 409 -58.95 -65.87 -31.70
CA ASP L 409 -59.54 -65.60 -30.38
C ASP L 409 -58.65 -64.64 -29.57
N VAL L 410 -58.60 -63.41 -30.08
CA VAL L 410 -57.73 -62.39 -29.51
C VAL L 410 -58.21 -61.98 -28.12
N TYR L 411 -59.53 -61.90 -27.94
CA TYR L 411 -60.11 -61.23 -26.79
C TYR L 411 -59.96 -62.04 -25.51
N ASN L 412 -60.30 -63.33 -25.54
CA ASN L 412 -60.15 -64.14 -24.35
C ASN L 412 -58.68 -64.42 -24.06
N ARG L 413 -57.83 -64.38 -25.09
CA ARG L 413 -56.39 -64.53 -24.89
C ARG L 413 -55.81 -63.33 -24.14
N LEU L 414 -56.16 -62.12 -24.57
CA LEU L 414 -55.73 -60.92 -23.84
C LEU L 414 -56.31 -60.87 -22.44
N ALA L 415 -57.56 -61.33 -22.29
CA ALA L 415 -58.14 -61.39 -20.95
C ALA L 415 -57.40 -62.39 -20.07
N LYS L 416 -56.84 -63.43 -20.66
CA LYS L 416 -55.98 -64.32 -19.91
C LYS L 416 -54.65 -63.66 -19.59
N SER L 417 -54.21 -62.72 -20.43
CA SER L 417 -52.83 -62.24 -20.33
C SER L 417 -52.58 -61.25 -19.19
N ILE L 418 -53.57 -60.44 -18.81
CA ILE L 418 -53.37 -59.47 -17.73
C ILE L 418 -53.25 -60.21 -16.40
N ALA L 419 -52.08 -60.07 -15.76
CA ALA L 419 -51.65 -60.67 -14.51
C ALA L 419 -51.91 -62.17 -14.50
N PRO L 420 -51.17 -62.98 -15.27
CA PRO L 420 -51.48 -64.40 -15.35
C PRO L 420 -51.13 -65.16 -14.10
N GLU L 421 -50.36 -64.58 -13.19
CA GLU L 421 -49.75 -65.31 -12.11
C GLU L 421 -50.68 -65.55 -10.94
N ILE L 422 -51.97 -65.25 -11.08
CA ILE L 422 -52.97 -65.66 -10.12
C ILE L 422 -53.83 -66.72 -10.78
N TYR L 423 -54.75 -67.31 -10.01
CA TYR L 423 -55.69 -68.29 -10.54
C TYR L 423 -57.10 -67.81 -10.30
N GLY L 424 -57.97 -68.08 -11.26
CA GLY L 424 -59.38 -67.81 -11.12
C GLY L 424 -59.73 -66.42 -11.59
N ASN L 425 -61.02 -66.12 -11.44
CA ASN L 425 -61.61 -64.80 -11.68
C ASN L 425 -61.36 -64.33 -13.11
N LEU L 426 -61.89 -65.11 -14.06
CA LEU L 426 -61.75 -64.71 -15.45
C LEU L 426 -62.64 -63.52 -15.77
N ASP L 427 -63.71 -63.34 -15.02
CA ASP L 427 -64.63 -62.26 -15.31
C ASP L 427 -64.09 -60.92 -14.85
N VAL L 428 -63.29 -60.90 -13.78
CA VAL L 428 -62.71 -59.66 -13.29
C VAL L 428 -61.67 -59.13 -14.26
N LYS L 429 -60.77 -60.01 -14.72
CA LYS L 429 -59.84 -59.67 -15.78
C LYS L 429 -60.57 -59.25 -17.05
N LYS L 430 -61.68 -59.93 -17.34
CA LYS L 430 -62.51 -59.62 -18.50
C LYS L 430 -63.04 -58.19 -18.44
N ALA L 431 -63.47 -57.75 -17.27
CA ALA L 431 -63.96 -56.37 -17.16
C ALA L 431 -62.81 -55.36 -17.17
N LEU L 432 -61.68 -55.72 -16.58
CA LEU L 432 -60.60 -54.74 -16.47
C LEU L 432 -59.88 -54.49 -17.79
N LEU L 433 -59.96 -55.43 -18.73
CA LEU L 433 -59.53 -55.11 -20.09
C LEU L 433 -60.40 -54.01 -20.69
N LEU L 434 -61.71 -54.06 -20.43
CA LEU L 434 -62.60 -53.00 -20.84
C LEU L 434 -62.35 -51.71 -20.10
N LEU L 435 -61.77 -51.77 -18.89
CA LEU L 435 -61.31 -50.54 -18.26
C LEU L 435 -60.14 -49.94 -19.03
N LEU L 436 -59.16 -50.78 -19.41
CA LEU L 436 -57.99 -50.25 -20.11
C LEU L 436 -58.32 -49.71 -21.48
N VAL L 437 -59.32 -50.26 -22.16
CA VAL L 437 -59.67 -49.71 -23.46
C VAL L 437 -60.40 -48.40 -23.29
N GLY L 438 -61.55 -48.42 -22.62
CA GLY L 438 -62.30 -47.21 -22.38
C GLY L 438 -63.01 -46.72 -23.62
N GLY L 439 -63.26 -45.40 -23.67
CA GLY L 439 -63.95 -44.78 -24.77
C GLY L 439 -65.46 -44.99 -24.70
N VAL L 440 -66.20 -44.22 -25.49
CA VAL L 440 -65.70 -43.13 -26.33
C VAL L 440 -66.42 -41.86 -25.95
N ASP L 441 -65.67 -40.77 -25.76
CA ASP L 441 -66.22 -39.47 -25.44
C ASP L 441 -67.08 -38.93 -26.58
N LYS L 442 -67.93 -37.96 -26.26
CA LYS L 442 -68.87 -37.44 -27.24
C LYS L 442 -69.27 -36.02 -26.90
N ARG L 443 -69.07 -35.11 -27.84
CA ARG L 443 -69.51 -33.72 -27.74
C ARG L 443 -70.80 -33.55 -28.53
N VAL L 444 -71.78 -32.90 -27.93
CA VAL L 444 -73.09 -32.79 -28.56
C VAL L 444 -73.38 -31.36 -29.02
N GLY L 445 -72.34 -30.53 -29.18
CA GLY L 445 -72.50 -29.23 -29.78
C GLY L 445 -73.07 -28.16 -28.87
N ASP L 446 -73.46 -28.51 -27.65
CA ASP L 446 -73.95 -27.50 -26.70
C ASP L 446 -72.85 -26.52 -26.24
N GLY L 447 -71.69 -26.96 -25.69
CA GLY L 447 -71.13 -28.31 -25.55
C GLY L 447 -71.10 -28.84 -24.16
N MET L 448 -72.00 -29.78 -23.87
CA MET L 448 -71.88 -30.60 -22.69
C MET L 448 -71.29 -31.95 -23.08
N LYS L 449 -70.44 -32.47 -22.23
CA LYS L 449 -69.59 -33.60 -22.56
C LYS L 449 -70.05 -34.79 -21.75
N ILE L 450 -70.02 -35.96 -22.36
CA ILE L 450 -70.33 -37.20 -21.67
C ILE L 450 -69.12 -38.10 -21.66
N ARG L 451 -69.09 -38.98 -20.68
CA ARG L 451 -68.03 -39.97 -20.54
C ARG L 451 -68.56 -41.33 -20.94
N GLY L 452 -67.75 -42.11 -21.66
CA GLY L 452 -66.39 -41.77 -22.04
C GLY L 452 -65.40 -42.56 -21.22
N ASP L 453 -65.85 -43.14 -20.11
CA ASP L 453 -64.95 -43.81 -19.20
C ASP L 453 -65.75 -44.75 -18.29
N ILE L 454 -65.03 -45.67 -17.64
CA ILE L 454 -65.62 -46.72 -16.80
C ILE L 454 -65.04 -46.59 -15.40
N ASN L 455 -65.85 -46.86 -14.39
CA ASN L 455 -65.42 -46.80 -12.99
C ASN L 455 -65.79 -48.08 -12.27
N VAL L 456 -64.81 -48.77 -11.69
CA VAL L 456 -64.99 -50.13 -11.19
C VAL L 456 -64.55 -50.21 -9.74
N CYS L 457 -65.40 -50.79 -8.88
CA CYS L 457 -65.06 -51.12 -7.51
C CYS L 457 -64.77 -52.60 -7.37
N LEU L 458 -64.15 -52.97 -6.25
CA LEU L 458 -63.87 -54.36 -5.90
C LEU L 458 -64.17 -54.58 -4.44
N MET L 459 -64.81 -55.71 -4.13
CA MET L 459 -65.34 -55.97 -2.81
C MET L 459 -65.07 -57.43 -2.43
N GLY L 460 -64.94 -57.68 -1.13
CA GLY L 460 -64.67 -59.02 -0.64
C GLY L 460 -63.36 -59.02 0.12
N ASP L 461 -63.12 -60.00 0.97
CA ASP L 461 -61.94 -59.98 1.82
C ASP L 461 -61.63 -61.37 2.32
N PRO L 462 -60.36 -61.67 2.62
CA PRO L 462 -59.16 -60.92 2.22
C PRO L 462 -58.29 -61.62 1.18
N GLY L 463 -58.45 -62.93 1.03
CA GLY L 463 -57.49 -63.70 0.28
C GLY L 463 -57.91 -63.98 -1.14
N VAL L 464 -58.54 -63.01 -1.78
CA VAL L 464 -58.93 -63.19 -3.17
C VAL L 464 -57.93 -62.50 -4.10
N ALA L 465 -56.81 -62.04 -3.54
CA ALA L 465 -55.66 -61.48 -4.27
C ALA L 465 -56.06 -60.28 -5.12
N LYS L 466 -56.55 -59.24 -4.44
CA LYS L 466 -57.00 -58.05 -5.15
C LYS L 466 -55.90 -57.00 -5.32
N SER L 467 -54.89 -57.00 -4.45
CA SER L 467 -53.82 -56.02 -4.58
C SER L 467 -52.90 -56.33 -5.74
N GLN L 468 -52.82 -57.61 -6.11
CA GLN L 468 -51.99 -58.02 -7.23
C GLN L 468 -52.53 -57.44 -8.53
N LEU L 469 -53.85 -57.35 -8.66
CA LEU L 469 -54.42 -56.76 -9.87
C LEU L 469 -54.20 -55.26 -9.89
N LEU L 470 -54.15 -54.62 -8.72
CA LEU L 470 -53.99 -53.18 -8.72
C LEU L 470 -52.57 -52.79 -9.06
N LYS L 471 -51.59 -53.52 -8.52
CA LYS L 471 -50.22 -53.29 -8.95
C LYS L 471 -50.05 -53.68 -10.42
N ALA L 472 -50.74 -54.72 -10.87
CA ALA L 472 -50.63 -55.19 -12.25
C ALA L 472 -51.13 -54.14 -13.23
N ILE L 473 -52.41 -53.79 -13.15
CA ILE L 473 -52.99 -52.86 -14.13
C ILE L 473 -52.50 -51.44 -13.90
N CYS L 474 -52.11 -51.10 -12.68
CA CYS L 474 -51.34 -49.88 -12.54
C CYS L 474 -49.86 -50.08 -12.87
N LYS L 475 -49.48 -51.17 -13.53
CA LYS L 475 -48.18 -51.25 -14.20
C LYS L 475 -48.28 -51.41 -15.71
N ILE L 476 -49.37 -51.97 -16.23
CA ILE L 476 -49.52 -52.08 -17.69
C ILE L 476 -49.80 -50.71 -18.30
N SER L 477 -50.73 -49.97 -17.74
CA SER L 477 -51.12 -48.73 -18.39
C SER L 477 -50.08 -47.65 -18.17
N PRO L 478 -49.70 -46.91 -19.20
CA PRO L 478 -48.87 -45.73 -18.98
C PRO L 478 -49.67 -44.65 -18.28
N ARG L 479 -48.95 -43.84 -17.50
CA ARG L 479 -49.53 -42.78 -16.65
C ARG L 479 -50.55 -43.37 -15.68
N GLY L 480 -50.02 -44.19 -14.75
CA GLY L 480 -50.86 -44.84 -13.77
C GLY L 480 -50.31 -44.74 -12.37
N VAL L 481 -51.08 -44.17 -11.45
CA VAL L 481 -50.59 -43.79 -10.12
C VAL L 481 -51.34 -44.60 -9.07
N TYR L 482 -50.57 -45.21 -8.17
CA TYR L 482 -51.08 -46.09 -7.14
C TYR L 482 -50.90 -45.43 -5.79
N THR L 483 -51.99 -45.00 -5.16
CA THR L 483 -51.93 -44.35 -3.85
C THR L 483 -52.69 -45.15 -2.83
N THR L 484 -52.11 -45.31 -1.65
CA THR L 484 -52.77 -46.08 -0.60
C THR L 484 -53.79 -45.23 0.13
N GLY L 485 -54.31 -45.78 1.22
CA GLY L 485 -55.36 -45.13 1.99
C GLY L 485 -54.91 -43.89 2.72
N LYS L 486 -54.04 -44.03 3.72
CA LYS L 486 -53.57 -42.87 4.46
C LYS L 486 -52.14 -43.14 4.93
N GLY L 487 -51.16 -42.70 4.14
CA GLY L 487 -51.36 -42.22 2.78
C GLY L 487 -51.36 -40.73 2.55
N SER L 488 -51.89 -40.35 1.39
CA SER L 488 -51.97 -38.95 0.99
C SER L 488 -52.99 -38.19 1.84
N SER L 489 -52.69 -36.92 2.08
CA SER L 489 -53.61 -36.02 2.76
C SER L 489 -54.64 -35.52 1.77
N GLY L 490 -55.47 -34.57 2.21
CA GLY L 490 -56.36 -33.90 1.29
C GLY L 490 -55.62 -33.01 0.32
N VAL L 491 -54.53 -32.38 0.78
CA VAL L 491 -53.75 -31.49 -0.06
C VAL L 491 -52.70 -32.25 -0.86
N GLY L 492 -52.52 -33.54 -0.60
CA GLY L 492 -51.55 -34.30 -1.34
C GLY L 492 -52.05 -34.70 -2.70
N LEU L 493 -53.35 -34.98 -2.82
CA LEU L 493 -53.89 -35.41 -4.10
C LEU L 493 -54.80 -34.37 -4.74
N THR L 494 -54.92 -33.18 -4.16
CA THR L 494 -55.26 -32.00 -4.94
C THR L 494 -53.99 -31.19 -5.13
N ALA L 495 -54.07 -30.13 -5.92
CA ALA L 495 -52.87 -29.34 -6.15
C ALA L 495 -52.59 -28.44 -4.96
N ALA L 496 -51.36 -27.95 -4.89
CA ALA L 496 -50.93 -26.97 -3.91
C ALA L 496 -50.09 -25.92 -4.61
N VAL L 497 -49.84 -24.82 -3.92
CA VAL L 497 -49.11 -23.69 -4.46
C VAL L 497 -47.80 -23.55 -3.72
N MET L 498 -46.70 -23.49 -4.46
CA MET L 498 -45.42 -23.24 -3.84
C MET L 498 -44.57 -22.36 -4.75
N LYS L 499 -43.69 -21.61 -4.11
CA LYS L 499 -42.77 -20.72 -4.82
C LYS L 499 -41.81 -21.53 -5.66
N ASP L 500 -41.48 -21.02 -6.83
CA ASP L 500 -40.62 -21.77 -7.72
C ASP L 500 -39.21 -21.20 -7.71
N PRO L 501 -38.18 -22.04 -7.50
CA PRO L 501 -36.81 -21.63 -7.83
C PRO L 501 -36.58 -21.49 -9.32
N VAL L 502 -35.34 -21.28 -9.75
CA VAL L 502 -34.94 -20.20 -10.64
C VAL L 502 -35.98 -19.60 -11.59
N THR L 503 -36.72 -20.42 -12.34
CA THR L 503 -37.79 -19.84 -13.15
C THR L 503 -38.98 -19.43 -12.29
N ASP L 504 -39.57 -18.28 -12.61
CA ASP L 504 -40.50 -17.62 -11.72
C ASP L 504 -41.83 -17.38 -12.44
N GLU L 505 -42.96 -17.36 -11.69
CA GLU L 505 -43.12 -17.64 -10.26
C GLU L 505 -44.49 -18.24 -10.00
N MET L 506 -44.65 -18.84 -8.80
CA MET L 506 -45.94 -19.22 -8.23
C MET L 506 -46.72 -20.20 -9.09
N ILE L 507 -46.11 -21.31 -9.41
CA ILE L 507 -46.78 -22.34 -10.19
C ILE L 507 -47.54 -23.26 -9.26
N LEU L 508 -48.66 -23.78 -9.74
CA LEU L 508 -49.44 -24.75 -8.97
C LEU L 508 -48.80 -26.11 -9.14
N GLU L 509 -48.14 -26.58 -8.09
CA GLU L 509 -47.58 -27.92 -8.11
C GLU L 509 -48.70 -28.94 -8.01
N GLY L 510 -48.72 -29.89 -8.94
CA GLY L 510 -49.79 -30.85 -8.99
C GLY L 510 -49.69 -31.91 -7.92
N GLY L 511 -50.82 -32.55 -7.66
CA GLY L 511 -50.91 -33.64 -6.72
C GLY L 511 -50.96 -34.97 -7.42
N ALA L 512 -51.64 -35.94 -6.80
CA ALA L 512 -51.71 -37.26 -7.39
C ALA L 512 -52.69 -37.29 -8.57
N LEU L 513 -53.85 -36.66 -8.40
CA LEU L 513 -54.87 -36.75 -9.44
C LEU L 513 -54.52 -35.91 -10.65
N VAL L 514 -53.86 -34.78 -10.46
CA VAL L 514 -53.49 -33.93 -11.58
C VAL L 514 -52.34 -34.57 -12.35
N LEU L 515 -51.52 -35.37 -11.66
CA LEU L 515 -50.46 -36.12 -12.31
C LEU L 515 -51.02 -37.16 -13.27
N ALA L 516 -51.95 -37.97 -12.80
CA ALA L 516 -52.45 -39.09 -13.59
C ALA L 516 -53.82 -38.75 -14.15
N ASP L 517 -53.83 -37.99 -15.23
CA ASP L 517 -55.04 -37.77 -15.99
C ASP L 517 -54.86 -38.39 -17.37
N ASN L 518 -55.99 -38.81 -17.93
CA ASN L 518 -56.08 -39.75 -19.05
C ASN L 518 -55.28 -41.02 -18.75
N GLY L 519 -55.59 -41.61 -17.61
CA GLY L 519 -54.91 -42.81 -17.15
C GLY L 519 -55.79 -43.57 -16.20
N ILE L 520 -55.18 -44.25 -15.25
CA ILE L 520 -55.89 -45.04 -14.25
C ILE L 520 -55.30 -44.72 -12.89
N CYS L 521 -56.15 -44.34 -11.95
CA CYS L 521 -55.75 -44.03 -10.58
C CYS L 521 -56.24 -45.13 -9.65
N CYS L 522 -55.36 -46.08 -9.33
CA CYS L 522 -55.67 -47.12 -8.37
C CYS L 522 -55.73 -46.53 -6.96
N ILE L 523 -56.61 -47.09 -6.13
CA ILE L 523 -56.80 -46.62 -4.76
C ILE L 523 -56.96 -47.82 -3.84
N ASP L 524 -56.14 -47.90 -2.79
CA ASP L 524 -56.33 -48.90 -1.75
C ASP L 524 -57.12 -48.34 -0.58
N GLU L 525 -57.89 -49.22 0.05
CA GLU L 525 -58.51 -49.01 1.36
C GLU L 525 -59.39 -47.76 1.36
N PHE L 526 -60.47 -47.85 0.58
CA PHE L 526 -61.28 -46.69 0.28
C PHE L 526 -62.11 -46.26 1.48
N ASP L 527 -62.33 -47.15 2.44
CA ASP L 527 -63.16 -46.83 3.60
C ASP L 527 -62.44 -45.91 4.59
N LYS L 528 -61.12 -46.00 4.65
CA LYS L 528 -60.37 -45.26 5.67
C LYS L 528 -60.07 -43.83 5.24
N MET L 529 -60.62 -43.39 4.12
CA MET L 529 -60.35 -42.04 3.65
C MET L 529 -61.07 -41.01 4.50
N ASP L 530 -60.42 -39.88 4.69
CA ASP L 530 -61.05 -38.71 5.29
C ASP L 530 -62.18 -38.22 4.39
N GLU L 531 -63.16 -37.57 5.01
CA GLU L 531 -64.41 -37.25 4.31
C GLU L 531 -64.22 -36.14 3.27
N SER L 532 -63.20 -35.30 3.43
CA SER L 532 -62.90 -34.31 2.39
C SER L 532 -62.43 -34.98 1.11
N ASP L 533 -61.66 -36.05 1.25
CA ASP L 533 -61.23 -36.83 0.11
C ASP L 533 -62.41 -37.50 -0.58
N ARG L 534 -63.42 -37.89 0.18
CA ARG L 534 -64.63 -38.45 -0.42
C ARG L 534 -65.31 -37.44 -1.33
N THR L 535 -65.39 -36.17 -0.90
CA THR L 535 -66.02 -35.17 -1.75
C THR L 535 -65.14 -34.82 -2.94
N ALA L 536 -63.82 -34.97 -2.80
CA ALA L 536 -62.97 -34.83 -3.96
C ALA L 536 -63.23 -35.91 -4.98
N ILE L 537 -63.38 -37.16 -4.54
CA ILE L 537 -63.67 -38.25 -5.45
C ILE L 537 -65.04 -38.08 -6.10
N HIS L 538 -66.02 -37.63 -5.31
CA HIS L 538 -67.34 -37.36 -5.87
C HIS L 538 -67.30 -36.21 -6.87
N GLU L 539 -66.37 -35.28 -6.71
CA GLU L 539 -66.21 -34.26 -7.74
C GLU L 539 -65.49 -34.80 -8.96
N VAL L 540 -64.73 -35.88 -8.82
CA VAL L 540 -64.13 -36.49 -10.01
C VAL L 540 -65.17 -37.33 -10.74
N MET L 541 -66.22 -37.75 -10.03
CA MET L 541 -67.26 -38.55 -10.67
C MET L 541 -68.10 -37.73 -11.65
N GLU L 542 -68.31 -36.45 -11.37
CA GLU L 542 -68.66 -35.52 -12.43
C GLU L 542 -67.38 -35.16 -13.18
N GLN L 543 -67.50 -34.98 -14.48
CA GLN L 543 -66.30 -34.94 -15.30
C GLN L 543 -65.60 -33.59 -15.17
N GLN L 544 -64.27 -33.63 -15.33
CA GLN L 544 -63.33 -32.54 -15.56
C GLN L 544 -63.00 -31.74 -14.31
N THR L 545 -63.70 -31.92 -13.20
CA THR L 545 -63.80 -30.82 -12.26
C THR L 545 -63.20 -31.17 -10.91
N ILE L 546 -62.27 -30.35 -10.46
CA ILE L 546 -61.98 -30.17 -9.04
C ILE L 546 -61.92 -28.67 -8.80
N SER L 547 -62.69 -28.18 -7.84
CA SER L 547 -62.75 -26.75 -7.58
C SER L 547 -62.24 -26.45 -6.19
N ILE L 548 -61.42 -25.40 -6.09
CA ILE L 548 -60.71 -25.05 -4.87
C ILE L 548 -61.02 -23.59 -4.56
N SER L 549 -61.34 -23.30 -3.31
CA SER L 549 -61.49 -21.92 -2.83
C SER L 549 -60.67 -21.71 -1.57
N LYS L 550 -59.42 -22.17 -1.56
CA LYS L 550 -58.58 -21.98 -0.39
C LYS L 550 -57.92 -20.60 -0.41
N ALA L 551 -56.88 -20.44 0.41
CA ALA L 551 -56.37 -19.12 0.75
C ALA L 551 -55.67 -18.40 -0.38
N GLY L 552 -55.31 -19.09 -1.47
CA GLY L 552 -54.67 -18.39 -2.56
C GLY L 552 -55.06 -18.88 -3.94
N ILE L 553 -56.14 -19.65 -4.01
CA ILE L 553 -56.53 -20.35 -5.22
C ILE L 553 -58.02 -20.13 -5.44
N ASN L 554 -58.39 -19.84 -6.69
CA ASN L 554 -59.78 -19.80 -7.09
C ASN L 554 -60.04 -20.63 -8.33
N THR L 555 -59.15 -21.55 -8.64
CA THR L 555 -59.10 -22.14 -9.97
C THR L 555 -60.05 -23.33 -10.09
N THR L 556 -60.20 -23.80 -11.32
CA THR L 556 -60.93 -25.04 -11.62
C THR L 556 -60.03 -25.86 -12.54
N LEU L 557 -59.19 -26.69 -11.95
CA LEU L 557 -58.29 -27.51 -12.74
C LEU L 557 -59.02 -28.69 -13.36
N ASN L 558 -58.37 -29.32 -14.32
CA ASN L 558 -58.95 -30.40 -15.10
C ASN L 558 -58.42 -31.75 -14.68
N ALA L 559 -59.26 -32.77 -14.79
CA ALA L 559 -58.86 -34.15 -14.52
C ALA L 559 -59.79 -35.07 -15.30
N ARG L 560 -59.21 -35.85 -16.20
CA ARG L 560 -59.97 -36.77 -17.05
C ARG L 560 -59.71 -38.22 -16.69
N THR L 561 -59.62 -38.47 -15.39
CA THR L 561 -59.04 -39.71 -14.90
C THR L 561 -60.08 -40.84 -14.93
N SER L 562 -59.62 -42.03 -14.57
CA SER L 562 -60.46 -43.20 -14.38
C SER L 562 -60.14 -43.74 -13.01
N ILE L 563 -61.14 -44.16 -12.25
CA ILE L 563 -60.92 -44.57 -10.88
C ILE L 563 -61.25 -46.04 -10.75
N LEU L 564 -60.31 -46.80 -10.19
CA LEU L 564 -60.54 -48.16 -9.73
C LEU L 564 -60.36 -48.15 -8.23
N ALA L 565 -61.31 -48.71 -7.49
CA ALA L 565 -61.25 -48.69 -6.04
C ALA L 565 -61.23 -50.12 -5.51
N ALA L 566 -60.94 -50.24 -4.22
CA ALA L 566 -60.94 -51.56 -3.58
C ALA L 566 -61.31 -51.37 -2.10
N ALA L 567 -62.59 -51.54 -1.81
CA ALA L 567 -63.08 -51.36 -0.45
C ALA L 567 -63.34 -52.70 0.20
N ASN L 568 -63.11 -52.75 1.48
CA ASN L 568 -63.33 -53.93 2.28
C ASN L 568 -64.71 -53.90 2.91
N PRO L 569 -65.31 -55.04 3.18
CA PRO L 569 -66.61 -55.03 3.87
C PRO L 569 -66.48 -54.73 5.35
N LEU L 570 -67.61 -54.69 6.05
CA LEU L 570 -67.60 -54.58 7.49
C LEU L 570 -67.06 -55.89 8.09
N TYR L 571 -66.48 -55.77 9.29
CA TYR L 571 -65.91 -56.92 9.98
C TYR L 571 -66.99 -57.93 10.34
N GLY L 572 -66.67 -59.23 10.24
CA GLY L 572 -65.41 -59.71 9.67
C GLY L 572 -65.49 -59.92 8.17
N ARG L 573 -66.41 -60.78 7.76
CA ARG L 573 -66.69 -61.04 6.35
C ARG L 573 -68.05 -61.70 6.22
N TYR L 574 -68.82 -61.24 5.22
CA TYR L 574 -69.91 -61.94 4.54
C TYR L 574 -70.86 -62.72 5.45
N ASN L 575 -71.68 -62.02 6.21
CA ASN L 575 -72.75 -62.68 6.91
C ASN L 575 -74.01 -62.60 6.07
N PRO L 576 -74.52 -63.72 5.54
CA PRO L 576 -75.82 -63.68 4.85
C PRO L 576 -76.99 -63.38 5.77
N ARG L 577 -76.81 -63.48 7.08
CA ARG L 577 -77.74 -62.87 8.01
C ARG L 577 -77.78 -61.36 7.81
N LEU L 578 -76.61 -60.72 7.74
CA LEU L 578 -76.54 -59.30 7.51
C LEU L 578 -76.96 -58.95 6.09
N SER L 579 -77.57 -57.79 5.95
CA SER L 579 -78.09 -57.31 4.70
C SER L 579 -76.95 -56.72 3.86
N PRO L 580 -77.13 -56.60 2.55
CA PRO L 580 -76.28 -55.70 1.77
C PRO L 580 -76.47 -54.27 2.26
N LEU L 581 -75.36 -53.52 2.21
CA LEU L 581 -75.14 -52.14 2.68
C LEU L 581 -75.10 -52.08 4.21
N ASP L 582 -75.39 -53.18 4.89
CA ASP L 582 -75.06 -53.29 6.30
C ASP L 582 -73.57 -53.62 6.45
N ASN L 583 -73.09 -54.56 5.66
CA ASN L 583 -71.67 -54.87 5.62
C ASN L 583 -70.87 -53.94 4.72
N ILE L 584 -71.49 -52.90 4.18
CA ILE L 584 -70.83 -51.92 3.33
C ILE L 584 -70.86 -50.58 4.05
N ASN L 585 -69.70 -49.94 4.17
CA ASN L 585 -69.60 -48.65 4.86
C ASN L 585 -69.75 -47.47 3.91
N LEU L 586 -70.47 -47.64 2.81
CA LEU L 586 -70.57 -46.60 1.81
C LEU L 586 -72.02 -46.38 1.42
N PRO L 587 -72.42 -45.15 1.13
CA PRO L 587 -73.81 -44.90 0.73
C PRO L 587 -74.07 -45.40 -0.69
N ALA L 588 -75.34 -45.68 -0.96
CA ALA L 588 -75.74 -46.22 -2.25
C ALA L 588 -75.71 -45.20 -3.38
N ALA L 589 -75.55 -43.92 -3.06
CA ALA L 589 -75.25 -42.93 -4.10
C ALA L 589 -73.91 -43.22 -4.74
N LEU L 590 -72.91 -43.47 -3.91
CA LEU L 590 -71.59 -43.87 -4.40
C LEU L 590 -71.64 -45.23 -5.06
N LEU L 591 -72.58 -46.09 -4.65
CA LEU L 591 -72.83 -47.32 -5.39
C LEU L 591 -73.49 -47.04 -6.74
N SER L 592 -74.21 -45.94 -6.84
CA SER L 592 -74.84 -45.60 -8.11
C SER L 592 -73.87 -44.91 -9.05
N ARG L 593 -72.83 -44.29 -8.51
CA ARG L 593 -71.84 -43.65 -9.37
C ARG L 593 -70.92 -44.66 -10.02
N PHE L 594 -70.76 -45.81 -9.40
CA PHE L 594 -70.07 -46.92 -10.04
C PHE L 594 -71.08 -47.64 -10.90
N ASP L 595 -70.83 -47.68 -12.20
CA ASP L 595 -71.72 -48.42 -13.07
C ASP L 595 -71.51 -49.92 -12.96
N ILE L 596 -70.30 -50.34 -12.59
CA ILE L 596 -69.99 -51.76 -12.44
C ILE L 596 -69.50 -51.97 -11.03
N LEU L 597 -70.16 -52.86 -10.29
CA LEU L 597 -69.75 -53.20 -8.94
C LEU L 597 -69.55 -54.70 -8.86
N PHE L 598 -68.52 -55.12 -8.13
CA PHE L 598 -68.19 -56.52 -7.97
C PHE L 598 -68.25 -56.93 -6.51
N LEU L 599 -68.13 -58.24 -6.30
CA LEU L 599 -67.87 -58.78 -4.98
C LEU L 599 -67.20 -60.13 -5.15
N MET L 600 -66.16 -60.36 -4.37
CA MET L 600 -65.36 -61.58 -4.44
C MET L 600 -65.59 -62.34 -3.15
N LEU L 601 -66.34 -63.44 -3.23
CA LEU L 601 -66.67 -64.25 -2.07
C LEU L 601 -65.46 -65.07 -1.65
N ASP L 602 -65.59 -65.70 -0.48
CA ASP L 602 -64.57 -66.65 0.02
C ASP L 602 -65.31 -67.78 0.73
N ILE L 603 -65.63 -68.83 0.00
CA ILE L 603 -66.34 -70.00 0.52
C ILE L 603 -65.46 -71.22 0.31
N PRO L 604 -65.22 -72.02 1.34
CA PRO L 604 -64.41 -73.25 1.19
C PRO L 604 -65.12 -74.27 0.32
N SER L 605 -64.40 -74.78 -0.68
CA SER L 605 -64.96 -75.69 -1.65
C SER L 605 -63.92 -76.74 -1.98
N ARG L 606 -64.35 -77.99 -2.13
CA ARG L 606 -63.40 -79.11 -2.17
C ARG L 606 -62.64 -79.18 -3.50
N ASP L 607 -63.29 -78.90 -4.62
CA ASP L 607 -62.71 -79.28 -5.90
C ASP L 607 -61.62 -78.32 -6.36
N ASP L 608 -61.77 -77.01 -6.11
CA ASP L 608 -60.81 -76.05 -6.63
C ASP L 608 -59.49 -76.05 -5.88
N ASP L 609 -59.43 -76.65 -4.69
CA ASP L 609 -58.26 -76.51 -3.83
C ASP L 609 -57.06 -77.24 -4.41
N GLU L 610 -57.29 -78.34 -5.11
CA GLU L 610 -56.17 -79.08 -5.68
C GLU L 610 -55.60 -78.34 -6.88
N LYS L 611 -56.48 -77.74 -7.68
CA LYS L 611 -56.01 -76.94 -8.82
C LYS L 611 -55.25 -75.72 -8.33
N LEU L 612 -55.71 -75.13 -7.23
CA LEU L 612 -55.04 -73.97 -6.68
C LEU L 612 -53.69 -74.33 -6.08
N ALA L 613 -53.62 -75.47 -5.39
CA ALA L 613 -52.36 -75.89 -4.77
C ALA L 613 -51.34 -76.28 -5.82
N GLU L 614 -51.75 -77.01 -6.85
CA GLU L 614 -50.84 -77.35 -7.95
C GLU L 614 -50.43 -76.12 -8.73
N HIS L 615 -51.31 -75.12 -8.77
CA HIS L 615 -51.01 -73.86 -9.42
C HIS L 615 -49.91 -73.10 -8.69
N VAL L 616 -50.09 -72.87 -7.39
CA VAL L 616 -49.14 -72.07 -6.62
C VAL L 616 -47.83 -72.81 -6.42
N THR L 617 -47.90 -74.07 -6.00
CA THR L 617 -46.67 -74.85 -5.82
C THR L 617 -45.99 -75.12 -7.15
N TYR L 618 -46.76 -75.18 -8.24
CA TYR L 618 -46.12 -75.22 -9.55
C TYR L 618 -45.36 -73.94 -9.83
N VAL L 619 -45.79 -72.79 -9.29
CA VAL L 619 -44.85 -71.68 -9.15
C VAL L 619 -44.68 -71.39 -7.67
N HIS L 620 -43.82 -72.19 -7.07
CA HIS L 620 -42.71 -71.80 -6.24
C HIS L 620 -41.66 -72.77 -6.73
N MET L 621 -42.14 -73.81 -7.41
CA MET L 621 -41.27 -74.80 -8.01
C MET L 621 -40.49 -74.23 -9.19
N HIS L 622 -41.10 -73.30 -9.93
CA HIS L 622 -40.52 -72.71 -11.12
C HIS L 622 -40.83 -71.23 -11.06
N ASN L 623 -40.71 -70.54 -12.20
CA ASN L 623 -41.07 -69.15 -12.25
C ASN L 623 -42.09 -68.80 -13.32
N LYS L 624 -42.66 -69.79 -14.01
CA LYS L 624 -43.69 -69.53 -15.02
C LYS L 624 -44.86 -70.50 -14.83
N GLN L 625 -46.07 -69.96 -14.82
CA GLN L 625 -47.28 -70.75 -14.60
C GLN L 625 -47.86 -71.52 -15.80
N PRO L 626 -48.21 -70.90 -16.92
CA PRO L 626 -49.17 -71.53 -17.82
C PRO L 626 -48.58 -72.68 -18.63
N ASP L 627 -49.43 -73.66 -18.93
CA ASP L 627 -49.04 -74.79 -19.75
C ASP L 627 -50.27 -75.41 -20.37
N LEU L 628 -50.10 -75.94 -21.58
CA LEU L 628 -51.06 -76.82 -22.26
C LEU L 628 -52.43 -76.16 -22.41
N ASP L 629 -52.52 -75.18 -23.31
CA ASP L 629 -51.56 -74.86 -24.39
C ASP L 629 -51.63 -73.37 -24.69
N PHE L 630 -50.73 -72.61 -24.07
CA PHE L 630 -50.88 -71.17 -24.04
C PHE L 630 -49.55 -70.53 -23.68
N THR L 631 -49.26 -69.40 -24.32
CA THR L 631 -48.17 -68.58 -23.87
C THR L 631 -48.69 -67.20 -23.51
N PRO L 632 -48.13 -66.58 -22.47
CA PRO L 632 -48.54 -65.22 -22.13
C PRO L 632 -47.98 -64.20 -23.11
N VAL L 633 -48.82 -63.25 -23.49
CA VAL L 633 -48.40 -62.17 -24.36
C VAL L 633 -47.52 -61.21 -23.57
N GLU L 634 -46.38 -60.85 -24.16
CA GLU L 634 -45.49 -59.88 -23.53
C GLU L 634 -46.18 -58.51 -23.47
N PRO L 635 -45.95 -57.75 -22.39
CA PRO L 635 -46.77 -56.54 -22.17
C PRO L 635 -46.48 -55.41 -23.13
N SER L 636 -45.29 -55.37 -23.74
CA SER L 636 -45.00 -54.30 -24.69
C SER L 636 -45.81 -54.47 -25.96
N LYS L 637 -45.92 -55.69 -26.48
CA LYS L 637 -46.73 -55.93 -27.65
C LYS L 637 -48.20 -55.73 -27.35
N MET L 638 -48.61 -56.01 -26.11
CA MET L 638 -49.98 -55.80 -25.71
C MET L 638 -50.34 -54.32 -25.67
N ARG L 639 -49.43 -53.50 -25.12
CA ARG L 639 -49.63 -52.05 -25.16
C ARG L 639 -49.59 -51.52 -26.58
N GLU L 640 -48.88 -52.19 -27.47
CA GLU L 640 -48.98 -51.79 -28.87
C GLU L 640 -50.35 -52.13 -29.45
N TYR L 641 -50.94 -53.24 -29.02
CA TYR L 641 -52.25 -53.61 -29.53
C TYR L 641 -53.33 -52.67 -29.02
N ILE L 642 -53.39 -52.45 -27.71
CA ILE L 642 -54.41 -51.59 -27.12
C ILE L 642 -54.19 -50.15 -27.52
N ALA L 643 -52.92 -49.73 -27.62
CA ALA L 643 -52.62 -48.40 -28.13
C ALA L 643 -53.02 -48.25 -29.59
N TYR L 644 -53.01 -49.34 -30.35
CA TYR L 644 -53.55 -49.27 -31.70
C TYR L 644 -55.07 -49.24 -31.69
N ALA L 645 -55.70 -49.81 -30.67
CA ALA L 645 -57.14 -50.03 -30.73
C ALA L 645 -57.96 -48.77 -30.49
N LYS L 646 -57.36 -47.71 -29.95
CA LYS L 646 -58.14 -46.57 -29.50
C LYS L 646 -58.38 -45.53 -30.58
N THR L 647 -58.20 -45.89 -31.84
CA THR L 647 -58.36 -44.92 -32.92
C THR L 647 -59.46 -45.33 -33.86
N LYS L 648 -60.60 -45.75 -33.32
CA LYS L 648 -61.65 -46.35 -34.15
C LYS L 648 -62.94 -45.56 -34.17
N ARG L 649 -63.51 -45.24 -32.99
CA ARG L 649 -64.80 -44.55 -32.81
C ARG L 649 -65.93 -45.27 -33.54
N PRO L 650 -66.45 -46.36 -33.00
CA PRO L 650 -67.53 -47.09 -33.69
C PRO L 650 -68.84 -46.33 -33.64
N VAL L 651 -69.78 -46.78 -34.49
CA VAL L 651 -71.06 -46.12 -34.70
C VAL L 651 -72.18 -47.15 -34.55
N MET L 652 -73.18 -46.82 -33.73
CA MET L 652 -74.29 -47.74 -33.47
C MET L 652 -75.33 -47.64 -34.59
N SER L 653 -76.45 -48.34 -34.41
CA SER L 653 -77.42 -48.56 -35.48
C SER L 653 -78.81 -48.65 -34.86
N GLU L 654 -79.75 -49.23 -35.60
CA GLU L 654 -81.16 -49.18 -35.26
C GLU L 654 -81.70 -50.45 -34.62
N ALA L 655 -81.16 -51.63 -34.95
CA ALA L 655 -81.63 -52.85 -34.29
C ALA L 655 -81.14 -52.92 -32.87
N VAL L 656 -79.91 -52.43 -32.63
CA VAL L 656 -79.39 -52.34 -31.28
C VAL L 656 -80.15 -51.31 -30.46
N ASN L 657 -80.80 -50.34 -31.11
CA ASN L 657 -81.70 -49.43 -30.41
C ASN L 657 -82.86 -50.19 -29.79
N ASP L 658 -83.51 -51.04 -30.59
CA ASP L 658 -84.62 -51.86 -30.10
C ASP L 658 -84.16 -52.79 -28.99
N TYR L 659 -83.01 -53.42 -29.17
CA TYR L 659 -82.58 -54.42 -28.20
C TYR L 659 -82.16 -53.78 -26.87
N VAL L 660 -81.48 -52.64 -26.94
CA VAL L 660 -81.09 -51.92 -25.72
C VAL L 660 -82.32 -51.37 -24.99
N VAL L 661 -83.29 -50.85 -25.75
CA VAL L 661 -84.51 -50.31 -25.14
C VAL L 661 -85.29 -51.41 -24.42
N GLN L 662 -85.49 -52.55 -25.09
CA GLN L 662 -86.29 -53.61 -24.48
C GLN L 662 -85.57 -54.24 -23.29
N ALA L 663 -84.25 -54.35 -23.36
CA ALA L 663 -83.51 -54.85 -22.20
C ALA L 663 -83.58 -53.90 -21.02
N TYR L 664 -83.58 -52.59 -21.29
CA TYR L 664 -83.74 -51.62 -20.22
C TYR L 664 -85.13 -51.66 -19.63
N ILE L 665 -86.14 -51.98 -20.44
CA ILE L 665 -87.49 -52.20 -19.92
C ILE L 665 -87.51 -53.44 -19.02
N ARG L 666 -86.73 -54.46 -19.36
CA ARG L 666 -86.65 -55.66 -18.51
C ARG L 666 -86.05 -55.31 -17.16
N LEU L 667 -84.87 -54.69 -17.16
CA LEU L 667 -84.17 -54.43 -15.90
C LEU L 667 -84.90 -53.43 -15.03
N ARG L 668 -85.43 -52.37 -15.66
CA ARG L 668 -86.25 -51.40 -14.95
C ARG L 668 -87.52 -52.05 -14.41
N GLN L 669 -88.06 -53.02 -15.15
CA GLN L 669 -89.33 -53.62 -14.80
C GLN L 669 -89.19 -54.53 -13.58
N ASP L 670 -88.23 -55.45 -13.62
CA ASP L 670 -88.13 -56.39 -12.50
C ASP L 670 -87.34 -55.83 -11.32
N SER L 671 -86.56 -54.77 -11.52
CA SER L 671 -85.77 -54.25 -10.43
C SER L 671 -86.61 -53.53 -9.38
N LYS L 672 -87.79 -53.02 -9.75
CA LYS L 672 -88.61 -52.21 -8.87
C LYS L 672 -89.83 -52.95 -8.35
N ARG L 673 -89.89 -54.27 -8.48
CA ARG L 673 -90.97 -55.04 -7.91
C ARG L 673 -90.58 -55.70 -6.60
N GLU L 674 -89.39 -55.38 -6.07
CA GLU L 674 -88.95 -55.95 -4.80
C GLU L 674 -89.00 -54.90 -3.69
N MET L 675 -88.29 -53.77 -3.90
CA MET L 675 -88.34 -52.58 -3.05
C MET L 675 -87.90 -52.85 -1.61
N ASP L 676 -86.95 -53.77 -1.43
CA ASP L 676 -86.58 -54.21 -0.10
C ASP L 676 -85.10 -54.01 0.14
N SER L 677 -84.71 -54.13 1.41
CA SER L 677 -83.31 -54.11 1.82
C SER L 677 -82.70 -55.51 1.86
N LYS L 678 -83.20 -56.41 1.01
CA LYS L 678 -82.80 -57.81 0.95
C LYS L 678 -81.57 -57.90 0.04
N PHE L 679 -81.21 -59.10 -0.42
CA PHE L 679 -80.05 -59.31 -1.30
C PHE L 679 -80.24 -58.62 -2.65
N SER L 680 -81.47 -58.26 -3.00
CA SER L 680 -81.74 -57.41 -4.15
C SER L 680 -81.11 -56.03 -3.96
N PHE L 681 -80.67 -55.45 -5.06
CA PHE L 681 -80.12 -54.10 -5.07
C PHE L 681 -80.99 -53.19 -5.91
N GLY L 682 -81.70 -52.29 -5.26
CA GLY L 682 -82.55 -51.33 -5.94
C GLY L 682 -81.76 -50.06 -6.21
N GLN L 683 -82.14 -49.33 -7.27
CA GLN L 683 -83.32 -49.62 -8.09
C GLN L 683 -83.02 -49.59 -9.58
N ALA L 684 -81.77 -49.90 -9.96
CA ALA L 684 -81.28 -49.95 -11.34
C ALA L 684 -81.48 -48.62 -12.06
N THR L 685 -80.71 -47.63 -11.60
CA THR L 685 -80.72 -46.26 -12.11
C THR L 685 -80.37 -46.21 -13.61
N PRO L 686 -80.74 -45.11 -14.30
CA PRO L 686 -80.36 -45.01 -15.73
C PRO L 686 -78.86 -44.81 -15.98
N ARG L 687 -78.05 -44.62 -14.94
CA ARG L 687 -76.61 -44.71 -15.09
C ARG L 687 -76.17 -46.10 -15.52
N THR L 688 -76.95 -47.13 -15.18
CA THR L 688 -76.70 -48.45 -15.74
C THR L 688 -77.01 -48.50 -17.22
N LEU L 689 -77.98 -47.70 -17.68
CA LEU L 689 -78.30 -47.70 -19.09
C LEU L 689 -77.21 -47.01 -19.89
N LEU L 690 -76.76 -45.84 -19.41
CA LEU L 690 -75.65 -45.17 -20.05
C LEU L 690 -74.36 -45.98 -19.93
N GLY L 691 -74.18 -46.67 -18.82
CA GLY L 691 -73.00 -47.51 -18.64
C GLY L 691 -73.04 -48.74 -19.52
N ILE L 692 -74.22 -49.23 -19.87
CA ILE L 692 -74.27 -50.44 -20.68
C ILE L 692 -74.18 -50.13 -22.17
N ILE L 693 -74.66 -48.95 -22.59
CA ILE L 693 -74.33 -48.47 -23.93
C ILE L 693 -72.84 -48.20 -24.04
N ARG L 694 -72.26 -47.66 -22.97
CA ARG L 694 -70.84 -47.36 -22.98
C ARG L 694 -69.98 -48.62 -22.97
N LEU L 695 -70.43 -49.69 -22.30
CA LEU L 695 -69.71 -50.96 -22.38
C LEU L 695 -69.85 -51.61 -23.75
N SER L 696 -71.02 -51.44 -24.38
CA SER L 696 -71.14 -51.93 -25.75
C SER L 696 -70.19 -51.21 -26.69
N GLN L 697 -70.09 -49.89 -26.55
CA GLN L 697 -69.18 -49.11 -27.38
C GLN L 697 -67.72 -49.42 -27.06
N ALA L 698 -67.45 -49.91 -25.84
CA ALA L 698 -66.09 -50.32 -25.53
C ALA L 698 -65.76 -51.68 -26.12
N LEU L 699 -66.70 -52.63 -26.08
CA LEU L 699 -66.45 -53.95 -26.64
C LEU L 699 -66.39 -53.93 -28.15
N ALA L 700 -67.04 -52.95 -28.78
CA ALA L 700 -67.01 -52.88 -30.24
C ALA L 700 -65.64 -52.53 -30.79
N LYS L 701 -64.80 -51.88 -30.00
CA LYS L 701 -63.51 -51.43 -30.49
C LYS L 701 -62.50 -52.57 -30.58
N LEU L 702 -62.61 -53.58 -29.73
CA LEU L 702 -61.65 -54.67 -29.77
C LEU L 702 -61.90 -55.62 -30.94
N ARG L 703 -63.03 -55.49 -31.63
CA ARG L 703 -63.18 -56.16 -32.91
C ARG L 703 -62.54 -55.35 -34.03
N LEU L 704 -62.26 -54.06 -33.77
CA LEU L 704 -61.59 -53.13 -34.69
C LEU L 704 -62.40 -52.98 -35.97
N ALA L 705 -63.70 -52.73 -35.82
CA ALA L 705 -64.62 -53.02 -36.90
C ALA L 705 -65.59 -51.90 -37.26
N ASP L 706 -66.00 -51.04 -36.31
CA ASP L 706 -67.14 -50.11 -36.46
C ASP L 706 -68.41 -50.87 -36.89
N MET L 707 -68.60 -52.03 -36.27
CA MET L 707 -69.62 -53.01 -36.65
C MET L 707 -70.38 -53.47 -35.40
N VAL L 708 -70.98 -52.52 -34.68
CA VAL L 708 -71.74 -52.81 -33.47
C VAL L 708 -72.88 -53.77 -33.78
N ASP L 709 -72.86 -54.94 -33.13
CA ASP L 709 -73.76 -56.06 -33.43
C ASP L 709 -74.45 -56.55 -32.16
N ILE L 710 -75.10 -57.71 -32.26
CA ILE L 710 -75.87 -58.22 -31.14
C ILE L 710 -75.03 -59.06 -30.17
N ASP L 711 -73.90 -59.59 -30.63
CA ASP L 711 -73.01 -60.30 -29.71
C ASP L 711 -72.33 -59.32 -28.77
N ASP L 712 -72.15 -58.09 -29.25
CA ASP L 712 -71.68 -56.97 -28.44
C ASP L 712 -72.59 -56.75 -27.24
N VAL L 713 -73.84 -56.37 -27.50
CA VAL L 713 -74.73 -55.96 -26.42
C VAL L 713 -75.13 -57.17 -25.59
N GLU L 714 -75.17 -58.35 -26.21
CA GLU L 714 -75.43 -59.55 -25.43
C GLU L 714 -74.29 -59.86 -24.47
N GLU L 715 -73.05 -59.64 -24.92
CA GLU L 715 -71.89 -59.78 -24.04
C GLU L 715 -71.95 -58.80 -22.88
N ALA L 716 -72.40 -57.57 -23.16
CA ALA L 716 -72.50 -56.55 -22.12
C ALA L 716 -73.55 -56.92 -21.08
N LEU L 717 -74.73 -57.37 -21.52
CA LEU L 717 -75.74 -57.81 -20.56
C LEU L 717 -75.30 -59.03 -19.77
N ARG L 718 -74.46 -59.88 -20.38
CA ARG L 718 -73.90 -61.00 -19.63
C ARG L 718 -73.00 -60.52 -18.51
N LEU L 719 -72.11 -59.56 -18.79
CA LEU L 719 -71.27 -59.04 -17.71
C LEU L 719 -72.04 -58.22 -16.70
N VAL L 720 -73.21 -57.69 -17.05
CA VAL L 720 -74.00 -57.01 -16.04
C VAL L 720 -74.67 -58.01 -15.11
N ARG L 721 -75.34 -59.04 -15.66
CA ARG L 721 -76.06 -59.95 -14.78
C ARG L 721 -75.13 -60.91 -14.04
N VAL L 722 -73.93 -61.15 -14.55
CA VAL L 722 -72.97 -62.00 -13.86
C VAL L 722 -72.07 -61.17 -12.95
N SER L 723 -71.91 -59.88 -13.27
CA SER L 723 -71.11 -58.92 -12.52
C SER L 723 -71.48 -58.85 -11.05
N LYS L 724 -72.69 -58.41 -10.78
CA LYS L 724 -73.25 -58.51 -9.45
C LYS L 724 -73.91 -59.88 -9.29
N GLU L 725 -74.66 -60.03 -8.19
CA GLU L 725 -75.49 -61.20 -7.92
C GLU L 725 -74.68 -62.49 -7.86
N SER L 726 -73.51 -62.40 -7.24
CA SER L 726 -72.70 -63.59 -7.02
C SER L 726 -72.78 -64.08 -5.57
N LEU L 727 -73.58 -63.44 -4.73
CA LEU L 727 -73.65 -63.74 -3.31
C LEU L 727 -74.69 -64.80 -2.97
N TYR L 728 -75.09 -65.62 -3.94
CA TYR L 728 -76.17 -66.58 -3.71
C TYR L 728 -75.70 -67.80 -2.94
N GLN L 729 -74.47 -68.25 -3.18
CA GLN L 729 -73.96 -69.43 -2.50
C GLN L 729 -73.63 -69.13 -1.05
#